data_7LJ1
#
_entry.id   7LJ1
#
_cell.length_a   330.834
_cell.length_b   109.937
_cell.length_c   260.143
_cell.angle_alpha   90.00
_cell.angle_beta   122.34
_cell.angle_gamma   90.00
#
_symmetry.space_group_name_H-M   'C 1 2 1'
#
loop_
_entity.id
_entity.type
_entity.pdbx_description
1 polymer Peroxiredoxin-1
2 polymer Sulfiredoxin-1
3 non-polymer 1,2-ETHANEDIOL
4 non-polymer 'PHOSPHATE ION'
5 non-polymer DI(HYDROXYETHYL)ETHER
6 non-polymer GLYCEROL
7 non-polymer "ADENOSINE-5'-TRIPHOSPHATE"
8 water water
#
loop_
_entity_poly.entity_id
_entity_poly.type
_entity_poly.pdbx_seq_one_letter_code
_entity_poly.pdbx_strand_id
1 'polypeptide(L)'
;MSSGNAKIGHPAPNFKATAVMPDGQFKDISLSDYKGKYVVFFFYPLDFTFVCPTEIIAFSDRAEEFKKLNSQVIGASVDS
HFVHLAWVNTPKKQGGLGPMNIPLVSDPKRTIAQDYGVLKADEGISFRGLFIIDDKGILRQITVNDLPVGRSVDETLRLV
QAFQFTDKHGEVSPAGWKPGSDTIKPDVQKSKEYFSKQK
;
A,B,C,D,E,F,G,H,I,J,K,L,M,N,O,P,Q,R,S,T
2 'polypeptide(L)'
;GPMSIHSGRIAAVHNVPLSVLIRPLPSVLDPAKVQSLVDTIREDPDSVPPIDVLWIKGAQGGDYFYSFGGCHRYAAYQQL
QRETIPAKLVQSTLSDLRVYLGASTPDLQ
;
a,b,c,d,e,f,g,h,i,j,k,l,m,n,o,p,q,r,s,t
#
# COMPACT_ATOMS: atom_id res chain seq x y z
N SER A 2 7.30 -15.48 83.23
CA SER A 2 6.57 -14.77 84.36
C SER A 2 6.08 -15.78 85.41
N SER A 3 4.88 -16.35 85.23
CA SER A 3 4.31 -17.50 86.01
C SER A 3 3.13 -18.11 85.24
N GLY A 4 3.41 -18.90 84.19
CA GLY A 4 2.42 -19.66 83.38
C GLY A 4 1.58 -18.77 82.49
N ASN A 5 1.35 -17.50 82.86
CA ASN A 5 0.27 -16.62 82.34
C ASN A 5 -0.02 -15.43 83.25
N ALA A 6 0.39 -15.50 84.51
CA ALA A 6 0.31 -14.43 85.52
C ALA A 6 1.60 -13.62 85.46
N LYS A 7 1.50 -12.35 85.08
CA LYS A 7 2.66 -11.47 84.86
C LYS A 7 2.57 -10.35 85.88
N ILE A 8 3.67 -10.10 86.61
CA ILE A 8 3.77 -8.94 87.54
C ILE A 8 3.47 -7.68 86.74
N GLY A 9 2.60 -6.83 87.26
CA GLY A 9 2.30 -5.51 86.67
C GLY A 9 1.18 -5.55 85.65
N HIS A 10 0.82 -6.72 85.12
CA HIS A 10 -0.36 -6.90 84.22
C HIS A 10 -1.53 -7.38 85.08
N PRO A 11 -2.78 -7.33 84.57
CA PRO A 11 -3.93 -7.78 85.37
C PRO A 11 -3.85 -9.28 85.67
N ALA A 12 -4.08 -9.66 86.92
CA ALA A 12 -4.08 -11.08 87.36
C ALA A 12 -5.06 -11.84 86.50
N PRO A 13 -4.76 -13.09 86.07
CA PRO A 13 -5.71 -13.89 85.30
C PRO A 13 -7.01 -14.03 86.09
N ASN A 14 -8.14 -13.71 85.44
CA ASN A 14 -9.49 -13.84 86.04
C ASN A 14 -9.81 -15.34 86.09
N PHE A 15 -10.51 -15.77 87.14
CA PHE A 15 -11.17 -17.09 87.22
C PHE A 15 -12.63 -16.85 87.57
N LYS A 16 -13.52 -17.71 87.08
CA LYS A 16 -14.84 -17.94 87.69
C LYS A 16 -14.82 -19.37 88.22
N ALA A 17 -15.19 -19.58 89.47
CA ALA A 17 -15.16 -20.91 90.12
C ALA A 17 -16.19 -20.99 91.26
N THR A 18 -16.67 -22.19 91.55
CA THR A 18 -17.52 -22.47 92.72
C THR A 18 -16.62 -22.48 93.95
N ALA A 19 -16.97 -21.71 94.97
CA ALA A 19 -16.23 -21.67 96.24
C ALA A 19 -17.16 -22.13 97.37
N VAL A 20 -16.58 -22.68 98.42
CA VAL A 20 -17.26 -22.86 99.73
C VAL A 20 -16.96 -21.62 100.54
N MET A 21 -17.98 -20.78 100.75
CA MET A 21 -17.89 -19.54 101.55
C MET A 21 -17.81 -19.91 103.03
N PRO A 22 -17.48 -18.94 103.91
CA PRO A 22 -17.26 -19.27 105.33
C PRO A 22 -18.55 -19.65 106.05
N ASP A 23 -19.71 -19.20 105.52
CA ASP A 23 -21.06 -19.53 106.06
C ASP A 23 -21.46 -20.98 105.70
N GLY A 24 -20.69 -21.70 104.88
CA GLY A 24 -20.96 -23.10 104.51
C GLY A 24 -21.86 -23.25 103.28
N GLN A 25 -22.15 -22.15 102.57
CA GLN A 25 -22.91 -22.13 101.30
C GLN A 25 -21.92 -22.25 100.14
N PHE A 26 -22.41 -22.68 98.96
CA PHE A 26 -21.68 -22.63 97.67
C PHE A 26 -22.08 -21.37 96.90
N LYS A 27 -21.09 -20.59 96.49
CA LYS A 27 -21.29 -19.37 95.66
C LYS A 27 -20.36 -19.45 94.45
N ASP A 28 -20.79 -18.90 93.32
CA ASP A 28 -19.94 -18.82 92.10
C ASP A 28 -19.25 -17.46 92.13
N ILE A 29 -17.95 -17.40 92.44
CA ILE A 29 -17.21 -16.12 92.57
C ILE A 29 -16.20 -15.98 91.44
N SER A 30 -15.82 -14.74 91.14
CA SER A 30 -14.76 -14.36 90.17
C SER A 30 -13.75 -13.47 90.87
N LEU A 31 -12.48 -13.50 90.47
CA LEU A 31 -11.44 -12.60 91.03
C LEU A 31 -11.92 -11.16 90.83
N SER A 32 -12.50 -10.87 89.66
CA SER A 32 -13.01 -9.53 89.28
C SER A 32 -14.11 -9.06 90.25
N ASP A 33 -14.80 -9.99 90.92
CA ASP A 33 -15.80 -9.62 91.96
C ASP A 33 -15.12 -8.78 93.05
N TYR A 34 -13.79 -8.86 93.22
CA TYR A 34 -13.07 -8.29 94.39
C TYR A 34 -12.27 -7.03 93.99
N LYS A 35 -12.47 -6.46 92.79
CA LYS A 35 -11.92 -5.13 92.44
C LYS A 35 -12.36 -4.17 93.55
N GLY A 36 -11.46 -3.27 93.96
CA GLY A 36 -11.68 -2.35 95.10
C GLY A 36 -11.03 -2.89 96.36
N LYS A 37 -10.71 -4.18 96.40
CA LYS A 37 -9.99 -4.80 97.55
C LYS A 37 -8.69 -5.40 97.00
N TYR A 38 -7.64 -5.39 97.83
CA TYR A 38 -6.43 -6.22 97.66
C TYR A 38 -6.88 -7.68 97.83
N VAL A 39 -6.29 -8.60 97.08
CA VAL A 39 -6.60 -10.05 97.19
C VAL A 39 -5.28 -10.79 97.45
N VAL A 40 -5.27 -11.57 98.52
CA VAL A 40 -4.24 -12.63 98.74
C VAL A 40 -4.88 -13.94 98.27
N PHE A 41 -4.50 -14.40 97.08
CA PHE A 41 -5.01 -15.64 96.45
C PHE A 41 -3.93 -16.71 96.62
N PHE A 42 -4.22 -17.78 97.37
CA PHE A 42 -3.20 -18.82 97.66
C PHE A 42 -3.75 -20.20 97.32
N PHE A 43 -2.95 -20.98 96.61
CA PHE A 43 -3.18 -22.39 96.30
C PHE A 43 -2.53 -23.25 97.37
N TYR A 44 -3.15 -24.40 97.68
CA TYR A 44 -2.54 -25.51 98.45
C TYR A 44 -2.77 -26.79 97.64
N PRO A 45 -1.95 -27.84 97.84
CA PRO A 45 -1.98 -28.99 96.94
C PRO A 45 -3.32 -29.72 96.96
N LEU A 46 -3.69 -30.29 98.12
CA LEU A 46 -4.82 -31.25 98.27
C LEU A 46 -5.53 -31.13 99.61
N ASP A 47 -6.86 -31.25 99.58
CA ASP A 47 -7.72 -31.51 100.76
C ASP A 47 -7.48 -32.94 101.24
N PHE A 48 -7.66 -33.14 102.55
CA PHE A 48 -7.78 -34.44 103.26
C PHE A 48 -6.45 -35.21 103.26
N THR A 49 -5.32 -34.51 103.12
CA THR A 49 -3.99 -35.15 103.31
C THR A 49 -3.78 -35.38 104.81
N PHE A 50 -2.67 -36.02 105.17
CA PHE A 50 -2.39 -36.46 106.56
C PHE A 50 -1.70 -35.33 107.33
N VAL A 51 -1.45 -34.19 106.68
CA VAL A 51 -0.72 -33.04 107.30
C VAL A 51 -1.71 -32.25 108.15
N CYS A 52 -1.30 -31.80 109.35
CA CYS A 52 -2.02 -30.78 110.13
C CYS A 52 -2.11 -29.55 109.22
N PRO A 53 -3.32 -29.10 108.80
CA PRO A 53 -3.43 -28.00 107.84
C PRO A 53 -3.23 -26.61 108.49
N THR A 54 -2.16 -26.45 109.27
CA THR A 54 -1.96 -25.30 110.20
C THR A 54 -1.82 -24.02 109.37
N GLU A 55 -1.21 -24.13 108.19
CA GLU A 55 -0.99 -23.00 107.25
C GLU A 55 -2.34 -22.39 106.86
N ILE A 56 -3.27 -23.20 106.34
CA ILE A 56 -4.61 -22.69 105.92
C ILE A 56 -5.30 -22.09 107.14
N ILE A 57 -5.18 -22.74 108.28
CA ILE A 57 -5.91 -22.32 109.52
C ILE A 57 -5.38 -20.95 109.95
N ALA A 58 -4.07 -20.77 110.01
CA ALA A 58 -3.41 -19.47 110.28
C ALA A 58 -4.06 -18.34 109.47
N PHE A 59 -4.22 -18.52 108.16
CA PHE A 59 -4.82 -17.48 107.27
C PHE A 59 -6.28 -17.28 107.67
N SER A 60 -7.00 -18.35 107.98
CA SER A 60 -8.43 -18.27 108.39
C SER A 60 -8.52 -17.54 109.74
N ASP A 61 -7.77 -18.02 110.73
CA ASP A 61 -7.70 -17.44 112.09
C ASP A 61 -7.42 -15.94 111.98
N ARG A 62 -6.44 -15.52 111.17
CA ARG A 62 -5.99 -14.11 111.18
C ARG A 62 -6.64 -13.34 110.04
N ALA A 63 -7.79 -13.80 109.54
CA ALA A 63 -8.49 -13.15 108.41
C ALA A 63 -8.89 -11.72 108.79
N GLU A 64 -9.14 -11.46 110.07
CA GLU A 64 -9.53 -10.13 110.59
C GLU A 64 -8.44 -9.12 110.18
N GLU A 65 -7.16 -9.50 110.31
CA GLU A 65 -6.01 -8.60 110.11
C GLU A 65 -5.93 -8.19 108.64
N PHE A 66 -6.38 -9.06 107.74
CA PHE A 66 -6.44 -8.79 106.28
C PHE A 66 -7.65 -7.92 105.99
N LYS A 67 -8.78 -8.15 106.66
CA LYS A 67 -10.00 -7.33 106.45
C LYS A 67 -9.68 -5.90 106.89
N LYS A 68 -8.98 -5.74 108.02
CA LYS A 68 -8.48 -4.42 108.53
C LYS A 68 -7.69 -3.72 107.44
N LEU A 69 -6.92 -4.44 106.60
CA LEU A 69 -6.09 -3.84 105.52
C LEU A 69 -6.88 -3.79 104.21
N ASN A 70 -8.20 -3.93 104.27
CA ASN A 70 -9.12 -3.86 103.10
C ASN A 70 -8.65 -4.86 102.03
N SER A 71 -8.29 -6.07 102.45
CA SER A 71 -7.86 -7.17 101.55
C SER A 71 -8.62 -8.45 101.90
N GLN A 72 -8.92 -9.26 100.89
CA GLN A 72 -9.61 -10.56 101.00
C GLN A 72 -8.63 -11.71 100.77
N VAL A 73 -8.51 -12.63 101.73
CA VAL A 73 -7.77 -13.90 101.52
C VAL A 73 -8.70 -14.92 100.88
N ILE A 74 -8.22 -15.58 99.82
CA ILE A 74 -8.95 -16.67 99.11
C ILE A 74 -7.99 -17.86 98.95
N GLY A 75 -8.41 -19.03 99.43
CA GLY A 75 -7.70 -20.32 99.25
C GLY A 75 -8.24 -21.07 98.04
N ALA A 76 -7.43 -21.96 97.47
CA ALA A 76 -7.81 -22.74 96.27
C ALA A 76 -7.04 -24.06 96.25
N SER A 77 -7.70 -25.11 95.73
CA SER A 77 -7.06 -26.38 95.33
C SER A 77 -7.89 -27.00 94.22
N VAL A 78 -7.41 -28.10 93.65
CA VAL A 78 -8.05 -28.76 92.49
C VAL A 78 -9.23 -29.65 92.97
N ASP A 79 -9.44 -29.79 94.27
CA ASP A 79 -10.51 -30.64 94.86
C ASP A 79 -11.85 -29.99 94.53
N SER A 80 -12.92 -30.79 94.33
CA SER A 80 -14.31 -30.32 94.09
C SER A 80 -14.80 -29.50 95.28
N HIS A 81 -15.80 -28.66 95.06
CA HIS A 81 -16.43 -27.86 96.15
C HIS A 81 -17.06 -28.82 97.16
N PHE A 82 -17.56 -29.96 96.71
CA PHE A 82 -18.15 -31.00 97.61
C PHE A 82 -17.10 -31.43 98.62
N VAL A 83 -15.86 -31.57 98.16
CA VAL A 83 -14.72 -32.05 98.97
C VAL A 83 -14.36 -30.95 99.97
N HIS A 84 -14.21 -29.71 99.50
CA HIS A 84 -13.91 -28.54 100.36
C HIS A 84 -14.91 -28.54 101.52
N LEU A 85 -16.21 -28.65 101.20
CA LEU A 85 -17.29 -28.61 102.21
C LEU A 85 -17.07 -29.74 103.21
N ALA A 86 -16.88 -30.96 102.72
CA ALA A 86 -16.63 -32.15 103.57
C ALA A 86 -15.43 -31.91 104.49
N TRP A 87 -14.38 -31.28 103.99
CA TRP A 87 -13.12 -31.07 104.74
C TRP A 87 -13.36 -30.05 105.86
N VAL A 88 -14.13 -29.01 105.56
CA VAL A 88 -14.54 -27.96 106.53
C VAL A 88 -15.32 -28.62 107.66
N ASN A 89 -16.30 -29.47 107.31
CA ASN A 89 -17.26 -30.09 108.25
C ASN A 89 -16.65 -31.32 108.92
N THR A 90 -15.42 -31.68 108.57
CA THR A 90 -14.64 -32.70 109.32
C THR A 90 -13.86 -31.96 110.40
N PRO A 91 -14.08 -32.27 111.70
CA PRO A 91 -13.39 -31.57 112.77
C PRO A 91 -11.87 -31.82 112.77
N LYS A 92 -11.09 -30.83 113.23
CA LYS A 92 -9.61 -30.89 113.22
C LYS A 92 -9.15 -32.18 113.90
N LYS A 93 -9.76 -32.49 115.06
CA LYS A 93 -9.44 -33.66 115.93
C LYS A 93 -9.34 -34.95 115.10
N GLN A 94 -10.04 -35.04 113.97
CA GLN A 94 -10.05 -36.24 113.09
C GLN A 94 -9.28 -36.01 111.78
N GLY A 95 -8.40 -34.99 111.73
CA GLY A 95 -7.56 -34.67 110.57
C GLY A 95 -8.34 -33.95 109.47
N GLY A 96 -9.39 -33.21 109.87
CA GLY A 96 -10.11 -32.27 109.00
C GLY A 96 -9.56 -30.86 109.17
N LEU A 97 -10.30 -29.88 108.66
CA LEU A 97 -9.87 -28.45 108.54
C LEU A 97 -10.59 -27.60 109.59
N GLY A 98 -11.82 -27.98 109.93
CA GLY A 98 -12.67 -27.17 110.82
C GLY A 98 -13.25 -26.01 110.06
N PRO A 99 -14.02 -25.12 110.71
CA PRO A 99 -14.72 -24.04 110.02
C PRO A 99 -13.69 -23.00 109.57
N MET A 100 -14.05 -22.22 108.56
CA MET A 100 -13.14 -21.30 107.84
C MET A 100 -13.74 -19.90 107.83
N ASN A 101 -12.90 -18.87 107.92
CA ASN A 101 -13.28 -17.44 107.78
C ASN A 101 -12.93 -16.95 106.39
N ILE A 102 -12.39 -17.83 105.54
CA ILE A 102 -12.00 -17.48 104.14
C ILE A 102 -12.74 -18.42 103.19
N PRO A 103 -13.08 -17.95 101.98
CA PRO A 103 -13.65 -18.82 100.97
C PRO A 103 -12.58 -19.76 100.41
N LEU A 104 -12.99 -20.97 100.03
CA LEU A 104 -12.12 -21.98 99.39
C LEU A 104 -12.62 -22.22 97.97
N VAL A 105 -11.79 -21.86 96.99
CA VAL A 105 -12.10 -22.00 95.54
C VAL A 105 -11.76 -23.43 95.10
N SER A 106 -12.62 -23.97 94.27
CA SER A 106 -12.52 -25.31 93.65
C SER A 106 -12.07 -25.13 92.20
N ASP A 107 -10.98 -25.79 91.81
CA ASP A 107 -10.38 -25.70 90.44
C ASP A 107 -10.27 -27.09 89.83
N PRO A 108 -11.40 -27.74 89.45
CA PRO A 108 -11.36 -29.15 89.04
C PRO A 108 -10.81 -29.29 87.62
N LYS A 109 -10.96 -28.27 86.78
CA LYS A 109 -10.44 -28.31 85.38
C LYS A 109 -8.95 -27.99 85.38
N ARG A 110 -8.34 -27.56 86.50
CA ARG A 110 -6.89 -27.25 86.69
C ARG A 110 -6.46 -26.07 85.81
N THR A 111 -7.46 -25.31 85.30
CA THR A 111 -7.20 -24.14 84.41
C THR A 111 -6.64 -22.98 85.22
N ILE A 112 -7.13 -22.80 86.45
CA ILE A 112 -6.73 -21.68 87.34
C ILE A 112 -5.30 -21.94 87.78
N ALA A 113 -5.01 -23.15 88.27
CA ALA A 113 -3.65 -23.57 88.65
C ALA A 113 -2.70 -23.35 87.47
N GLN A 114 -3.15 -23.64 86.26
CA GLN A 114 -2.29 -23.54 85.06
C GLN A 114 -2.05 -22.07 84.71
N ASP A 115 -3.10 -21.26 84.76
CA ASP A 115 -3.01 -19.80 84.50
C ASP A 115 -2.00 -19.16 85.45
N TYR A 116 -1.97 -19.55 86.73
CA TYR A 116 -1.07 -18.96 87.76
C TYR A 116 0.28 -19.70 87.80
N GLY A 117 0.42 -20.73 86.96
CA GLY A 117 1.69 -21.39 86.66
C GLY A 117 2.17 -22.24 87.83
N VAL A 118 1.22 -22.82 88.57
CA VAL A 118 1.53 -23.57 89.81
C VAL A 118 0.99 -25.00 89.70
N LEU A 119 0.56 -25.44 88.52
CA LEU A 119 0.09 -26.83 88.31
C LEU A 119 1.32 -27.73 88.19
N LYS A 120 1.46 -28.69 89.11
CA LYS A 120 2.43 -29.81 89.05
C LYS A 120 1.80 -30.86 88.13
N ALA A 121 2.25 -30.91 86.87
CA ALA A 121 1.58 -31.60 85.74
C ALA A 121 1.36 -33.08 86.09
N ASP A 122 2.43 -33.72 86.59
CA ASP A 122 2.53 -35.20 86.73
C ASP A 122 1.55 -35.71 87.79
N GLU A 123 1.20 -34.92 88.82
CA GLU A 123 0.30 -35.35 89.91
C GLU A 123 -1.06 -34.66 89.81
N GLY A 124 -1.20 -33.64 88.96
CA GLY A 124 -2.45 -32.89 88.71
C GLY A 124 -2.91 -32.07 89.90
N ILE A 125 -1.99 -31.40 90.58
CA ILE A 125 -2.24 -30.62 91.83
C ILE A 125 -1.41 -29.33 91.80
N SER A 126 -1.87 -28.31 92.53
CA SER A 126 -1.19 -27.01 92.73
C SER A 126 0.05 -27.19 93.62
N PHE A 127 1.15 -26.52 93.31
CA PHE A 127 2.21 -26.20 94.28
C PHE A 127 1.64 -25.23 95.32
N ARG A 128 2.45 -24.89 96.33
CA ARG A 128 2.09 -23.91 97.40
C ARG A 128 2.34 -22.51 96.84
N GLY A 129 1.44 -22.03 95.98
CA GLY A 129 1.54 -20.70 95.33
C GLY A 129 0.71 -19.67 96.07
N LEU A 130 1.24 -18.46 96.21
CA LEU A 130 0.51 -17.30 96.79
C LEU A 130 0.75 -16.08 95.89
N PHE A 131 -0.33 -15.36 95.62
CA PHE A 131 -0.33 -14.20 94.71
C PHE A 131 -0.99 -13.01 95.40
N ILE A 132 -0.33 -11.85 95.37
CA ILE A 132 -0.94 -10.60 95.88
C ILE A 132 -1.38 -9.76 94.68
N ILE A 133 -2.65 -9.37 94.71
CA ILE A 133 -3.37 -8.66 93.62
C ILE A 133 -3.98 -7.39 94.20
N ASP A 134 -3.74 -6.23 93.58
CA ASP A 134 -4.10 -4.91 94.16
C ASP A 134 -5.58 -4.60 93.86
N ASP A 135 -6.08 -3.51 94.45
CA ASP A 135 -7.49 -3.04 94.36
C ASP A 135 -7.90 -2.83 92.89
N LYS A 136 -6.95 -2.68 91.96
CA LYS A 136 -7.24 -2.46 90.52
C LYS A 136 -7.11 -3.78 89.75
N GLY A 137 -6.85 -4.90 90.44
CA GLY A 137 -6.79 -6.25 89.83
C GLY A 137 -5.45 -6.53 89.16
N ILE A 138 -4.39 -5.83 89.56
CA ILE A 138 -3.03 -5.98 88.98
C ILE A 138 -2.20 -6.88 89.91
N LEU A 139 -1.49 -7.84 89.33
CA LEU A 139 -0.63 -8.78 90.08
C LEU A 139 0.62 -8.03 90.55
N ARG A 140 0.93 -8.11 91.84
CA ARG A 140 2.05 -7.35 92.45
C ARG A 140 3.13 -8.29 92.97
N GLN A 141 2.76 -9.50 93.37
CA GLN A 141 3.70 -10.43 94.05
C GLN A 141 3.41 -11.88 93.65
N ILE A 142 4.46 -12.65 93.44
CA ILE A 142 4.40 -14.12 93.18
C ILE A 142 5.26 -14.82 94.23
N THR A 143 4.65 -15.70 95.02
CA THR A 143 5.33 -16.64 95.93
C THR A 143 4.95 -18.06 95.52
N VAL A 144 5.93 -18.94 95.27
CA VAL A 144 5.66 -20.38 94.99
C VAL A 144 6.67 -21.25 95.72
N ASN A 145 6.19 -22.04 96.68
CA ASN A 145 7.00 -22.99 97.49
C ASN A 145 6.77 -24.41 96.96
N ASP A 146 7.84 -25.23 96.90
CA ASP A 146 7.72 -26.71 96.80
C ASP A 146 6.84 -27.17 97.95
N LEU A 147 6.30 -28.38 97.85
CA LEU A 147 5.16 -28.88 98.66
C LEU A 147 5.46 -28.87 100.16
N PRO A 148 6.65 -29.25 100.65
CA PRO A 148 6.84 -29.40 102.09
C PRO A 148 6.99 -28.14 102.94
N VAL A 149 6.99 -26.94 102.36
CA VAL A 149 7.31 -25.69 103.12
C VAL A 149 6.16 -24.70 103.00
N GLY A 150 5.65 -24.23 104.15
CA GLY A 150 4.44 -23.39 104.22
C GLY A 150 4.76 -21.91 104.10
N ARG A 151 3.72 -21.10 104.11
CA ARG A 151 3.78 -19.63 103.94
C ARG A 151 3.49 -18.96 105.27
N SER A 152 4.12 -17.82 105.54
CA SER A 152 3.97 -17.03 106.80
C SER A 152 2.82 -16.02 106.64
N VAL A 153 1.90 -15.95 107.58
CA VAL A 153 0.84 -14.91 107.55
C VAL A 153 1.52 -13.55 107.73
N ASP A 154 2.55 -13.47 108.58
CA ASP A 154 3.24 -12.19 108.87
C ASP A 154 3.88 -11.66 107.59
N GLU A 155 4.66 -12.48 106.89
CA GLU A 155 5.34 -12.05 105.64
C GLU A 155 4.29 -11.61 104.62
N THR A 156 3.15 -12.29 104.58
CA THR A 156 2.06 -11.90 103.65
C THR A 156 1.54 -10.52 104.05
N LEU A 157 1.27 -10.28 105.34
CA LEU A 157 0.79 -8.94 105.80
C LEU A 157 1.86 -7.89 105.47
N ARG A 158 3.14 -8.17 105.71
CA ARG A 158 4.25 -7.22 105.40
C ARG A 158 4.12 -6.74 103.94
N LEU A 159 3.97 -7.69 103.01
CA LEU A 159 3.87 -7.41 101.56
C LEU A 159 2.62 -6.58 101.30
N VAL A 160 1.46 -6.97 101.83
CA VAL A 160 0.19 -6.24 101.56
C VAL A 160 0.35 -4.80 102.05
N GLN A 161 0.89 -4.59 103.25
CA GLN A 161 1.04 -3.22 103.84
C GLN A 161 2.01 -2.42 102.96
N ALA A 162 3.10 -3.04 102.52
CA ALA A 162 4.17 -2.38 101.72
C ALA A 162 3.60 -1.93 100.36
N PHE A 163 2.87 -2.79 99.67
CA PHE A 163 2.26 -2.44 98.37
C PHE A 163 1.24 -1.33 98.58
N GLN A 164 0.50 -1.39 99.68
CA GLN A 164 -0.58 -0.41 99.99
C GLN A 164 0.06 0.94 100.32
N PHE A 165 1.15 0.93 101.10
CA PHE A 165 1.96 2.14 101.42
C PHE A 165 2.31 2.86 100.11
N THR A 166 2.90 2.15 99.16
CA THR A 166 3.41 2.73 97.90
C THR A 166 2.23 3.20 97.04
N ASP A 167 1.17 2.40 96.98
CA ASP A 167 -0.13 2.75 96.33
C ASP A 167 -0.62 4.11 96.87
N LYS A 168 -0.60 4.30 98.20
CA LYS A 168 -1.20 5.48 98.87
C LYS A 168 -0.39 6.74 98.55
N HIS A 169 0.96 6.71 98.57
CA HIS A 169 1.83 7.88 98.28
C HIS A 169 1.92 8.09 96.75
N GLY A 170 0.91 7.62 96.01
CA GLY A 170 0.69 8.00 94.60
C GLY A 170 -0.64 8.72 94.42
N GLU A 171 -1.37 8.99 95.51
CA GLU A 171 -2.49 9.97 95.57
C GLU A 171 -1.87 11.32 95.96
N VAL A 172 -1.30 12.03 94.99
CA VAL A 172 -0.53 13.28 95.23
C VAL A 172 -1.08 14.38 94.31
N SER A 173 -1.12 15.62 94.81
CA SER A 173 -1.44 16.87 94.07
C SER A 173 -0.14 17.50 93.58
N PRO A 174 -0.16 18.27 92.47
CA PRO A 174 1.03 19.02 92.05
C PRO A 174 1.60 19.80 93.24
N ALA A 175 2.91 20.07 93.20
CA ALA A 175 3.61 20.79 94.28
C ALA A 175 3.20 22.28 94.12
N GLY A 176 2.89 22.90 95.25
CA GLY A 176 2.66 24.37 95.32
C GLY A 176 3.95 25.16 95.19
N TRP A 177 5.11 24.49 95.05
CA TRP A 177 6.46 25.05 95.28
C TRP A 177 7.29 24.94 94.00
N LYS A 178 8.20 25.87 93.77
CA LYS A 178 9.15 25.86 92.63
C LYS A 178 10.51 26.33 93.12
N PRO A 179 11.61 25.79 92.59
CA PRO A 179 12.95 26.26 92.96
C PRO A 179 13.24 27.59 92.25
N GLY A 180 14.33 28.26 92.62
CA GLY A 180 14.80 29.47 91.95
C GLY A 180 15.80 30.18 92.83
N SER A 181 16.11 31.44 92.50
CA SER A 181 17.05 32.29 93.28
C SER A 181 16.68 32.23 94.76
N ASP A 182 15.38 32.37 95.08
CA ASP A 182 14.86 32.56 96.47
C ASP A 182 15.02 31.30 97.32
N THR A 183 15.19 30.12 96.71
CA THR A 183 15.21 28.81 97.42
C THR A 183 16.65 28.25 97.52
N ILE A 184 17.64 28.85 96.86
CA ILE A 184 19.04 28.35 96.86
C ILE A 184 19.68 28.62 98.23
N LYS A 185 20.38 27.61 98.78
CA LYS A 185 21.20 27.72 100.01
C LYS A 185 22.61 28.09 99.57
N PRO A 186 23.19 29.21 100.07
CA PRO A 186 24.62 29.49 99.87
C PRO A 186 25.56 28.61 100.70
N PRO B 2 -15.93 -39.86 117.24
CA PRO B 2 -14.58 -39.57 117.77
C PRO B 2 -13.47 -40.55 117.36
N MET B 3 -13.18 -40.70 116.04
CA MET B 3 -12.10 -41.58 115.51
C MET B 3 -11.17 -40.77 114.56
N SER B 4 -11.27 -41.03 113.23
CA SER B 4 -10.41 -40.53 112.11
C SER B 4 -10.98 -40.85 110.71
N ILE B 5 -10.89 -39.90 109.78
CA ILE B 5 -11.26 -40.07 108.33
C ILE B 5 -10.00 -40.30 107.49
N HIS B 6 -8.91 -40.80 108.07
CA HIS B 6 -7.72 -41.34 107.33
C HIS B 6 -7.58 -42.85 107.55
N SER B 7 -8.15 -43.40 108.62
CA SER B 7 -7.96 -44.81 109.06
C SER B 7 -9.23 -45.39 109.67
N GLY B 8 -10.43 -44.93 109.28
CA GLY B 8 -11.72 -45.52 109.70
C GLY B 8 -11.83 -46.94 109.13
N ALA B 11 -8.55 -50.69 111.20
CA ALA B 11 -9.08 -51.45 112.37
C ALA B 11 -8.04 -51.54 113.48
N ALA B 12 -6.84 -52.04 113.14
CA ALA B 12 -5.69 -52.27 114.04
C ALA B 12 -5.07 -50.95 114.51
N VAL B 13 -5.07 -50.73 115.83
CA VAL B 13 -4.27 -49.67 116.52
C VAL B 13 -3.00 -50.31 117.09
N HIS B 14 -1.83 -49.72 116.83
CA HIS B 14 -0.53 -50.21 117.32
C HIS B 14 0.10 -49.21 118.29
N ASN B 15 1.02 -49.71 119.11
CA ASN B 15 1.87 -48.91 120.00
C ASN B 15 3.19 -48.71 119.27
N VAL B 16 3.29 -47.60 118.54
CA VAL B 16 4.45 -47.30 117.66
C VAL B 16 5.46 -46.53 118.49
N PRO B 17 6.70 -47.05 118.61
CA PRO B 17 7.75 -46.31 119.28
C PRO B 17 8.02 -44.95 118.61
N LEU B 18 7.96 -43.86 119.38
CA LEU B 18 8.22 -42.47 118.92
C LEU B 18 9.53 -42.43 118.14
N SER B 19 10.50 -43.29 118.48
CA SER B 19 11.85 -43.29 117.89
C SER B 19 11.90 -43.89 116.48
N VAL B 20 10.82 -44.46 115.94
CA VAL B 20 10.82 -45.02 114.55
C VAL B 20 9.98 -44.14 113.61
N LEU B 21 9.11 -43.29 114.17
CA LEU B 21 8.33 -42.29 113.40
C LEU B 21 9.30 -41.27 112.81
N ILE B 22 9.26 -41.09 111.48
CA ILE B 22 9.91 -40.01 110.72
C ILE B 22 8.93 -38.85 110.64
N ARG B 23 9.25 -37.70 111.24
CA ARG B 23 8.43 -36.46 111.14
C ARG B 23 9.26 -35.41 110.42
N PRO B 24 9.17 -35.33 109.08
CA PRO B 24 10.09 -34.49 108.31
C PRO B 24 9.57 -33.07 108.05
N LEU B 25 8.34 -32.78 108.46
CA LEU B 25 7.74 -31.44 108.32
C LEU B 25 7.84 -30.70 109.64
N PRO B 26 8.39 -29.47 109.67
CA PRO B 26 8.51 -28.74 110.93
C PRO B 26 7.12 -28.44 111.48
N SER B 27 6.96 -28.48 112.82
CA SER B 27 5.68 -28.26 113.52
C SER B 27 5.68 -26.86 114.13
N VAL B 28 4.61 -26.08 113.92
CA VAL B 28 4.33 -24.81 114.65
C VAL B 28 3.27 -25.14 115.71
N LEU B 29 3.72 -25.44 116.93
CA LEU B 29 2.91 -25.95 118.05
C LEU B 29 2.51 -24.80 118.98
N ASP B 30 1.22 -24.69 119.31
CA ASP B 30 0.69 -23.70 120.29
C ASP B 30 0.80 -24.32 121.69
N PRO B 31 1.85 -24.01 122.50
CA PRO B 31 2.16 -24.81 123.70
C PRO B 31 1.00 -24.92 124.70
N ALA B 32 -0.02 -24.06 124.58
CA ALA B 32 -1.30 -24.15 125.31
C ALA B 32 -2.01 -25.48 124.97
N LYS B 33 -2.16 -25.77 123.68
CA LYS B 33 -2.84 -27.00 123.17
C LYS B 33 -2.01 -28.24 123.53
N VAL B 34 -0.68 -28.14 123.51
CA VAL B 34 0.25 -29.25 123.91
C VAL B 34 0.01 -29.58 125.38
N GLN B 35 0.20 -28.59 126.27
CA GLN B 35 0.02 -28.71 127.75
C GLN B 35 -1.37 -29.29 128.04
N SER B 36 -2.41 -28.79 127.35
CA SER B 36 -3.82 -29.24 127.47
C SER B 36 -3.94 -30.74 127.19
N LEU B 37 -3.36 -31.22 126.08
CA LEU B 37 -3.39 -32.65 125.66
C LEU B 37 -2.56 -33.50 126.63
N VAL B 38 -1.42 -33.00 127.10
CA VAL B 38 -0.52 -33.71 128.07
C VAL B 38 -1.36 -34.16 129.26
N ASP B 39 -2.28 -33.31 129.72
CA ASP B 39 -3.15 -33.56 130.89
C ASP B 39 -4.20 -34.60 130.51
N THR B 40 -4.86 -34.44 129.36
CA THR B 40 -5.91 -35.37 128.84
C THR B 40 -5.32 -36.77 128.63
N ILE B 41 -4.00 -36.89 128.39
CA ILE B 41 -3.31 -38.20 128.17
C ILE B 41 -3.13 -38.92 129.52
N ARG B 42 -2.69 -38.21 130.56
CA ARG B 42 -2.51 -38.73 131.94
C ARG B 42 -3.88 -39.05 132.54
N GLU B 43 -4.85 -38.12 132.41
CA GLU B 43 -6.21 -38.23 133.02
C GLU B 43 -7.05 -39.26 132.25
N ASP B 44 -7.13 -39.17 130.91
CA ASP B 44 -8.08 -39.98 130.10
C ASP B 44 -7.43 -40.37 128.77
N PRO B 45 -6.49 -41.36 128.73
CA PRO B 45 -5.92 -41.84 127.47
C PRO B 45 -6.92 -42.09 126.34
N ASP B 46 -8.11 -42.64 126.61
CA ASP B 46 -9.07 -43.04 125.55
C ASP B 46 -9.77 -41.82 124.94
N SER B 47 -9.57 -40.62 125.47
CA SER B 47 -10.02 -39.34 124.84
C SER B 47 -9.28 -39.13 123.51
N VAL B 48 -7.95 -39.33 123.51
CA VAL B 48 -6.98 -38.90 122.45
C VAL B 48 -6.97 -39.95 121.34
N PRO B 49 -7.46 -39.64 120.12
CA PRO B 49 -7.36 -40.60 119.01
C PRO B 49 -5.92 -41.05 118.79
N PRO B 50 -5.71 -42.22 118.14
CA PRO B 50 -4.38 -42.60 117.69
C PRO B 50 -4.02 -41.74 116.46
N ILE B 51 -2.73 -41.49 116.24
CA ILE B 51 -2.24 -40.71 115.06
C ILE B 51 -2.26 -41.61 113.83
N ASP B 52 -2.26 -41.02 112.64
CA ASP B 52 -2.22 -41.76 111.35
C ASP B 52 -0.78 -41.76 110.86
N VAL B 53 -0.14 -42.92 110.79
CA VAL B 53 1.24 -42.99 110.25
C VAL B 53 1.18 -43.75 108.92
N LEU B 54 1.92 -43.27 107.93
CA LEU B 54 2.06 -43.90 106.60
C LEU B 54 3.19 -44.91 106.70
N TRP B 55 2.90 -46.16 106.36
CA TRP B 55 3.89 -47.25 106.27
C TRP B 55 4.26 -47.43 104.81
N ILE B 56 5.49 -47.10 104.45
CA ILE B 56 5.98 -47.07 103.05
C ILE B 56 7.18 -48.01 102.95
N LYS B 57 7.16 -48.89 101.95
CA LYS B 57 8.23 -49.87 101.63
C LYS B 57 9.19 -49.20 100.64
N GLY B 58 10.50 -49.27 100.88
CA GLY B 58 11.56 -48.81 99.95
C GLY B 58 11.70 -49.74 98.75
N ALA B 59 12.65 -49.45 97.86
CA ALA B 59 12.87 -50.18 96.59
C ALA B 59 13.40 -51.59 96.86
N GLN B 60 14.09 -51.80 97.99
CA GLN B 60 14.63 -53.11 98.43
C GLN B 60 13.84 -53.63 99.63
N GLY B 61 12.62 -53.14 99.87
CA GLY B 61 11.69 -53.70 100.88
C GLY B 61 11.90 -53.13 102.28
N GLY B 62 12.85 -52.22 102.49
CA GLY B 62 13.06 -51.52 103.78
C GLY B 62 11.78 -50.84 104.25
N ASP B 63 11.45 -50.93 105.54
CA ASP B 63 10.20 -50.32 106.10
C ASP B 63 10.50 -48.90 106.60
N TYR B 64 9.62 -47.95 106.30
CA TYR B 64 9.67 -46.55 106.81
C TYR B 64 8.29 -46.13 107.31
N PHE B 65 8.24 -45.50 108.48
CA PHE B 65 7.00 -45.05 109.14
C PHE B 65 7.02 -43.53 109.26
N TYR B 66 6.14 -42.87 108.50
CA TYR B 66 6.09 -41.40 108.32
C TYR B 66 4.88 -40.87 109.12
N SER B 67 5.11 -39.90 110.00
CA SER B 67 4.03 -39.15 110.72
C SER B 67 4.04 -37.70 110.24
N PHE B 68 2.96 -37.28 109.59
CA PHE B 68 2.77 -35.91 109.04
C PHE B 68 1.73 -35.16 109.87
N GLY B 69 0.92 -35.90 110.62
CA GLY B 69 -0.27 -35.40 111.34
C GLY B 69 -0.11 -35.63 112.82
N GLY B 70 -1.17 -35.34 113.59
CA GLY B 70 -1.16 -35.36 115.07
C GLY B 70 0.02 -34.60 115.63
N CYS B 71 0.29 -33.41 115.10
CA CYS B 71 1.46 -32.55 115.44
C CYS B 71 1.45 -32.29 116.96
N HIS B 72 0.28 -31.89 117.50
CA HIS B 72 0.09 -31.59 118.94
C HIS B 72 0.14 -32.88 119.76
N ARG B 73 -0.64 -33.89 119.40
CA ARG B 73 -0.63 -35.22 120.06
C ARG B 73 0.79 -35.76 120.16
N TYR B 74 1.57 -35.77 119.07
CA TYR B 74 2.96 -36.29 119.07
C TYR B 74 3.77 -35.51 120.10
N ALA B 75 3.66 -34.19 120.10
CA ALA B 75 4.42 -33.27 120.96
C ALA B 75 4.13 -33.58 122.44
N ALA B 76 2.87 -33.87 122.75
CA ALA B 76 2.37 -34.22 124.10
C ALA B 76 3.06 -35.50 124.60
N TYR B 77 2.97 -36.60 123.84
CA TYR B 77 3.63 -37.90 124.19
C TYR B 77 5.15 -37.70 124.26
N GLN B 78 5.71 -36.75 123.51
CA GLN B 78 7.18 -36.47 123.55
C GLN B 78 7.54 -35.80 124.88
N GLN B 79 6.73 -34.84 125.34
CA GLN B 79 6.88 -34.13 126.64
C GLN B 79 6.84 -35.16 127.78
N LEU B 80 5.86 -36.07 127.77
CA LEU B 80 5.69 -37.18 128.76
C LEU B 80 6.76 -38.26 128.56
N GLN B 81 7.83 -37.97 127.82
CA GLN B 81 8.94 -38.90 127.44
C GLN B 81 8.45 -40.36 127.35
N ARG B 82 7.28 -40.60 126.76
CA ARG B 82 6.72 -41.95 126.50
C ARG B 82 7.57 -42.66 125.45
N GLU B 83 7.61 -44.01 125.50
CA GLU B 83 8.38 -44.85 124.55
C GLU B 83 7.55 -45.01 123.27
N THR B 84 6.23 -45.13 123.40
CA THR B 84 5.30 -45.37 122.26
C THR B 84 4.08 -44.43 122.30
N ILE B 85 3.43 -44.32 121.14
CA ILE B 85 2.17 -43.58 120.90
C ILE B 85 1.19 -44.51 120.20
N PRO B 86 -0.09 -44.54 120.62
CA PRO B 86 -1.15 -45.18 119.84
C PRO B 86 -1.22 -44.59 118.43
N ALA B 87 -1.22 -45.46 117.41
CA ALA B 87 -1.24 -45.06 115.98
C ALA B 87 -1.95 -46.12 115.12
N LYS B 88 -2.70 -45.68 114.11
CA LYS B 88 -3.20 -46.54 113.02
C LYS B 88 -2.23 -46.45 111.85
N LEU B 89 -1.78 -47.60 111.34
CA LEU B 89 -0.89 -47.68 110.16
C LEU B 89 -1.72 -47.71 108.88
N VAL B 90 -1.31 -46.93 107.88
CA VAL B 90 -1.89 -46.91 106.51
C VAL B 90 -0.75 -47.22 105.55
N GLN B 91 -0.81 -48.39 104.91
CA GLN B 91 0.20 -48.80 103.92
C GLN B 91 0.05 -47.85 102.73
N SER B 92 1.13 -47.35 102.17
CA SER B 92 1.11 -46.34 101.09
C SER B 92 2.31 -46.52 100.18
N THR B 93 2.39 -45.73 99.11
CA THR B 93 3.37 -45.88 98.01
C THR B 93 4.42 -44.77 98.13
N LEU B 94 5.54 -44.92 97.46
CA LEU B 94 6.58 -43.87 97.36
C LEU B 94 5.98 -42.64 96.63
N SER B 95 4.98 -42.85 95.79
CA SER B 95 4.33 -41.78 94.97
C SER B 95 3.39 -40.94 95.86
N ASP B 96 2.75 -41.55 96.85
CA ASP B 96 1.97 -40.83 97.90
C ASP B 96 2.96 -39.90 98.64
N LEU B 97 4.14 -40.40 99.00
CA LEU B 97 5.11 -39.65 99.84
C LEU B 97 5.57 -38.38 99.12
N ARG B 98 5.61 -38.42 97.79
CA ARG B 98 6.14 -37.30 96.96
C ARG B 98 5.22 -36.08 97.07
N VAL B 99 3.94 -36.28 97.35
CA VAL B 99 2.92 -35.21 97.55
C VAL B 99 3.26 -34.40 98.80
N TYR B 100 3.87 -35.04 99.80
CA TYR B 100 4.15 -34.41 101.11
C TYR B 100 5.52 -33.71 101.08
N LEU B 101 6.51 -34.30 100.38
CA LEU B 101 7.94 -33.94 100.53
C LEU B 101 8.51 -33.26 99.26
N GLY B 102 7.85 -33.42 98.12
CA GLY B 102 8.34 -32.85 96.85
C GLY B 102 9.76 -33.27 96.58
N ALA B 103 10.66 -32.30 96.41
CA ALA B 103 12.06 -32.56 96.02
C ALA B 103 12.88 -32.95 97.26
N SER B 104 12.27 -32.97 98.44
CA SER B 104 12.87 -33.53 99.69
C SER B 104 12.61 -35.04 99.79
N THR B 105 11.73 -35.59 98.96
CA THR B 105 11.43 -37.05 98.92
C THR B 105 12.73 -37.80 98.73
N PRO B 106 13.13 -38.70 99.67
CA PRO B 106 14.36 -39.45 99.52
C PRO B 106 14.16 -40.71 98.66
N ASP B 107 15.27 -41.29 98.20
CA ASP B 107 15.28 -42.49 97.35
C ASP B 107 15.29 -43.72 98.27
N LEU B 108 14.12 -44.08 98.80
CA LEU B 108 14.00 -45.07 99.90
C LEU B 108 14.40 -46.45 99.40
N GLN B 109 15.29 -47.12 100.15
CA GLN B 109 15.74 -48.52 99.91
C GLN B 109 15.07 -49.44 100.95
N SER C 2 5.31 -21.99 85.04
CA SER C 2 6.27 -22.11 86.19
C SER C 2 6.89 -20.74 86.54
N SER C 3 8.01 -20.37 85.90
CA SER C 3 8.65 -19.02 85.93
C SER C 3 9.66 -18.89 84.76
N GLY C 4 9.14 -18.68 83.54
CA GLY C 4 9.91 -18.42 82.30
C GLY C 4 10.63 -19.66 81.78
N ASN C 5 10.97 -20.63 82.66
CA ASN C 5 11.99 -21.70 82.41
C ASN C 5 12.49 -22.34 83.71
N ALA C 6 12.31 -21.67 84.84
CA ALA C 6 12.64 -22.15 86.20
C ALA C 6 11.41 -22.84 86.77
N LYS C 7 11.51 -24.13 87.01
CA LYS C 7 10.36 -24.96 87.47
C LYS C 7 10.69 -25.47 88.87
N ILE C 8 9.79 -25.29 89.82
CA ILE C 8 9.90 -25.88 91.18
C ILE C 8 10.09 -27.39 91.01
N GLY C 9 11.09 -27.95 91.68
CA GLY C 9 11.32 -29.40 91.73
C GLY C 9 12.22 -29.88 90.61
N HIS C 10 12.42 -29.12 89.53
CA HIS C 10 13.39 -29.44 88.45
C HIS C 10 14.68 -28.67 88.74
N PRO C 11 15.82 -29.01 88.08
CA PRO C 11 17.08 -28.31 88.34
C PRO C 11 16.99 -26.85 87.91
N ALA C 12 17.44 -25.94 88.77
CA ALA C 12 17.44 -24.48 88.50
C ALA C 12 18.21 -24.25 87.21
N PRO C 13 17.77 -23.32 86.32
CA PRO C 13 18.51 -23.03 85.10
C PRO C 13 19.93 -22.60 85.46
N ASN C 14 20.91 -23.24 84.83
CA ASN C 14 22.34 -22.91 85.00
C ASN C 14 22.60 -21.58 84.28
N PHE C 15 23.47 -20.76 84.86
CA PHE C 15 24.08 -19.58 84.18
C PHE C 15 25.59 -19.70 84.32
N LYS C 16 26.32 -19.23 83.33
CA LYS C 16 27.75 -18.84 83.48
C LYS C 16 27.77 -17.34 83.26
N ALA C 17 28.37 -16.57 84.17
CA ALA C 17 28.37 -15.09 84.12
C ALA C 17 29.59 -14.55 84.88
N THR C 18 30.04 -13.36 84.48
CA THR C 18 31.11 -12.62 85.20
C THR C 18 30.47 -11.99 86.42
N ALA C 19 31.05 -12.22 87.60
CA ALA C 19 30.58 -11.64 88.87
C ALA C 19 31.69 -10.78 89.46
N VAL C 20 31.30 -9.77 90.23
CA VAL C 20 32.21 -9.03 91.13
C VAL C 20 32.13 -9.74 92.48
N MET C 21 33.22 -10.43 92.84
CA MET C 21 33.36 -11.15 94.13
C MET C 21 33.54 -10.14 95.25
N PRO C 22 33.44 -10.55 96.53
CA PRO C 22 33.47 -9.60 97.65
C PRO C 22 34.86 -8.98 97.83
N ASP C 23 35.92 -9.67 97.38
CA ASP C 23 37.33 -9.18 97.43
C ASP C 23 37.58 -8.11 96.36
N GLY C 24 36.64 -7.82 95.47
CA GLY C 24 36.76 -6.79 94.41
C GLY C 24 37.41 -7.30 93.11
N GLN C 25 37.58 -8.61 92.99
CA GLN C 25 38.08 -9.29 91.76
C GLN C 25 36.88 -9.64 90.86
N PHE C 26 37.11 -9.83 89.57
CA PHE C 26 36.15 -10.42 88.61
C PHE C 26 36.46 -11.90 88.45
N LYS C 27 35.44 -12.74 88.64
CA LYS C 27 35.52 -14.21 88.45
C LYS C 27 34.37 -14.63 87.54
N ASP C 28 34.58 -15.67 86.74
CA ASP C 28 33.52 -16.29 85.91
C ASP C 28 32.92 -17.43 86.72
N ILE C 29 31.71 -17.26 87.26
CA ILE C 29 31.06 -18.29 88.11
C ILE C 29 29.87 -18.90 87.37
N SER C 30 29.50 -20.11 87.76
CA SER C 30 28.29 -20.85 87.31
C SER C 30 27.48 -21.26 88.53
N LEU C 31 26.15 -21.34 88.41
CA LEU C 31 25.30 -21.84 89.50
C LEU C 31 25.77 -23.23 89.91
N SER C 32 26.13 -24.05 88.92
CA SER C 32 26.61 -25.44 89.11
C SER C 32 27.90 -25.46 89.96
N ASP C 33 28.67 -24.37 89.97
CA ASP C 33 29.86 -24.26 90.85
C ASP C 33 29.45 -24.47 92.31
N TYR C 34 28.19 -24.24 92.68
CA TYR C 34 27.73 -24.17 94.09
C TYR C 34 26.92 -25.42 94.49
N LYS C 35 26.93 -26.49 93.68
CA LYS C 35 26.42 -27.82 94.12
C LYS C 35 27.10 -28.14 95.45
N GLY C 36 26.36 -28.71 96.39
CA GLY C 36 26.82 -28.98 97.75
C GLY C 36 26.42 -27.89 98.72
N LYS C 37 26.04 -26.72 98.21
CA LYS C 37 25.52 -25.60 99.04
C LYS C 37 24.11 -25.26 98.55
N TYR C 38 23.24 -24.84 99.48
CA TYR C 38 21.98 -24.12 99.19
C TYR C 38 22.38 -22.76 98.60
N VAL C 39 21.63 -22.27 97.63
CA VAL C 39 21.88 -20.95 96.99
C VAL C 39 20.61 -20.11 97.12
N VAL C 40 20.74 -18.93 97.69
CA VAL C 40 19.74 -17.84 97.58
C VAL C 40 20.21 -16.93 96.45
N PHE C 41 19.60 -17.06 95.27
CA PHE C 41 19.91 -16.27 94.06
C PHE C 41 18.84 -15.19 93.90
N PHE C 42 19.22 -13.92 93.99
CA PHE C 42 18.24 -12.82 93.97
C PHE C 42 18.65 -11.77 92.94
N PHE C 43 17.68 -11.38 92.11
CA PHE C 43 17.78 -10.27 91.14
C PHE C 43 17.33 -8.98 91.80
N TYR C 44 17.94 -7.87 91.42
CA TYR C 44 17.45 -6.49 91.70
C TYR C 44 17.46 -5.75 90.38
N PRO C 45 16.65 -4.68 90.21
CA PRO C 45 16.45 -4.06 88.90
C PRO C 45 17.73 -3.49 88.31
N LEU C 46 18.30 -2.46 88.97
CA LEU C 46 19.39 -1.62 88.43
C LEU C 46 20.36 -1.13 89.51
N ASP C 47 21.65 -1.11 89.17
CA ASP C 47 22.71 -0.39 89.90
C ASP C 47 22.51 1.12 89.70
N PHE C 48 22.94 1.90 90.71
CA PHE C 48 23.15 3.37 90.69
C PHE C 48 21.82 4.11 90.61
N THR C 49 20.71 3.50 91.02
CA THR C 49 19.41 4.22 91.15
C THR C 49 19.49 5.10 92.40
N PHE C 50 18.46 5.90 92.61
CA PHE C 50 18.41 6.95 93.66
C PHE C 50 17.92 6.34 94.98
N VAL C 51 17.62 5.04 95.01
CA VAL C 51 17.07 4.35 96.21
C VAL C 51 18.24 4.02 97.13
N CYS C 52 18.08 4.20 98.45
CA CYS C 52 19.00 3.63 99.48
C CYS C 52 18.97 2.13 99.24
N PRO C 53 20.10 1.48 98.87
CA PRO C 53 20.07 0.05 98.52
C PRO C 53 20.06 -0.87 99.75
N THR C 54 19.17 -0.60 100.71
CA THR C 54 19.20 -1.19 102.08
C THR C 54 18.94 -2.69 101.98
N GLU C 55 18.12 -3.10 101.02
CA GLU C 55 17.76 -4.51 100.77
C GLU C 55 19.03 -5.32 100.45
N ILE C 56 19.80 -4.89 99.46
CA ILE C 56 21.05 -5.61 99.06
C ILE C 56 21.99 -5.62 100.25
N ILE C 57 22.08 -4.51 100.98
CA ILE C 57 23.05 -4.36 102.10
C ILE C 57 22.68 -5.34 103.21
N ALA C 58 21.40 -5.41 103.60
CA ALA C 58 20.86 -6.39 104.56
C ALA C 58 21.39 -7.80 104.24
N PHE C 59 21.28 -8.26 103.00
CA PHE C 59 21.74 -9.61 102.61
C PHE C 59 23.26 -9.69 102.77
N SER C 60 23.99 -8.64 102.40
CA SER C 60 25.47 -8.59 102.51
C SER C 60 25.85 -8.63 104.00
N ASP C 61 25.29 -7.70 104.77
CA ASP C 61 25.52 -7.58 106.24
C ASP C 61 25.28 -8.94 106.90
N ARG C 62 24.19 -9.63 106.58
CA ARG C 62 23.80 -10.86 107.33
C ARG C 62 24.25 -12.11 106.57
N ALA C 63 25.25 -12.00 105.70
CA ALA C 63 25.75 -13.12 104.88
C ALA C 63 26.28 -14.23 105.79
N GLU C 64 26.79 -13.87 106.97
CA GLU C 64 27.35 -14.83 107.96
C GLU C 64 26.26 -15.86 108.29
N GLU C 65 25.02 -15.40 108.48
CA GLU C 65 23.89 -16.24 108.96
C GLU C 65 23.54 -17.29 107.88
N PHE C 66 23.76 -16.96 106.61
CA PHE C 66 23.55 -17.87 105.46
C PHE C 66 24.73 -18.84 105.38
N LYS C 67 25.95 -18.37 105.62
CA LYS C 67 27.16 -19.24 105.58
C LYS C 67 27.00 -20.29 106.69
N LYS C 68 26.54 -19.88 107.88
CA LYS C 68 26.22 -20.79 109.02
C LYS C 68 25.27 -21.89 108.57
N LEU C 69 24.32 -21.60 107.67
CA LEU C 69 23.31 -22.59 107.17
C LEU C 69 23.84 -23.28 105.90
N ASN C 70 25.15 -23.18 105.63
CA ASN C 70 25.80 -23.82 104.47
C ASN C 70 25.10 -23.41 103.18
N SER C 71 24.76 -22.13 103.04
CA SER C 71 24.10 -21.56 101.85
C SER C 71 24.85 -20.30 101.41
N GLN C 72 24.90 -20.07 100.10
CA GLN C 72 25.54 -18.90 99.45
C GLN C 72 24.47 -17.94 98.92
N VAL C 73 24.52 -16.68 99.34
CA VAL C 73 23.68 -15.61 98.72
C VAL C 73 24.41 -15.06 97.50
N ILE C 74 23.72 -14.94 96.37
CA ILE C 74 24.24 -14.34 95.11
C ILE C 74 23.22 -13.31 94.61
N GLY C 75 23.67 -12.08 94.39
CA GLY C 75 22.89 -10.98 93.78
C GLY C 75 23.14 -10.91 92.29
N ALA C 76 22.20 -10.35 91.53
CA ALA C 76 22.29 -10.22 90.06
C ALA C 76 21.47 -9.03 89.58
N SER C 77 21.97 -8.38 88.52
CA SER C 77 21.21 -7.41 87.72
C SER C 77 21.78 -7.42 86.30
N VAL C 78 21.14 -6.66 85.39
CA VAL C 78 21.51 -6.64 83.96
C VAL C 78 22.71 -5.71 83.72
N ASP C 79 23.17 -5.00 84.75
CA ASP C 79 24.30 -4.02 84.65
C ASP C 79 25.58 -4.83 84.40
N SER C 80 26.54 -4.28 83.65
CA SER C 80 27.88 -4.88 83.38
C SER C 80 28.64 -5.08 84.69
N HIS C 81 29.61 -5.98 84.68
CA HIS C 81 30.48 -6.22 85.87
C HIS C 81 31.26 -4.94 86.18
N PHE C 82 31.61 -4.16 85.17
CA PHE C 82 32.31 -2.86 85.35
C PHE C 82 31.46 -1.96 86.24
N VAL C 83 30.16 -1.98 86.01
CA VAL C 83 29.18 -1.11 86.72
C VAL C 83 29.07 -1.62 88.16
N HIS C 84 28.88 -2.93 88.35
CA HIS C 84 28.82 -3.54 89.71
C HIS C 84 30.04 -3.07 90.51
N LEU C 85 31.23 -3.18 89.92
CA LEU C 85 32.50 -2.82 90.61
C LEU C 85 32.43 -1.34 90.99
N ALA C 86 32.08 -0.48 90.04
CA ALA C 86 31.98 0.98 90.27
C ALA C 86 31.00 1.26 91.41
N TRP C 87 29.89 0.53 91.47
CA TRP C 87 28.82 0.78 92.47
C TRP C 87 29.32 0.38 93.86
N VAL C 88 30.05 -0.74 93.93
CA VAL C 88 30.69 -1.25 95.18
C VAL C 88 31.67 -0.19 95.68
N ASN C 89 32.52 0.33 94.81
CA ASN C 89 33.63 1.26 95.14
C ASN C 89 33.11 2.70 95.25
N THR C 90 31.82 2.93 95.04
CA THR C 90 31.18 4.22 95.38
C THR C 90 30.66 4.10 96.82
N PRO C 91 31.13 4.94 97.76
CA PRO C 91 30.70 4.82 99.17
C PRO C 91 29.20 5.14 99.33
N LYS C 92 28.56 4.53 100.32
CA LYS C 92 27.10 4.69 100.58
C LYS C 92 26.78 6.19 100.68
N LYS C 93 27.61 6.94 101.41
CA LYS C 93 27.45 8.40 101.71
C LYS C 93 27.14 9.17 100.41
N GLN C 94 27.59 8.69 99.25
CA GLN C 94 27.40 9.37 97.93
C GLN C 94 26.38 8.62 97.05
N GLY C 95 25.54 7.76 97.65
CA GLY C 95 24.48 7.00 96.95
C GLY C 95 25.03 5.81 96.17
N GLY C 96 26.14 5.26 96.65
CA GLY C 96 26.70 3.98 96.18
C GLY C 96 26.24 2.85 97.09
N LEU C 97 26.90 1.69 96.97
CA LEU C 97 26.52 0.41 97.61
C LEU C 97 27.46 0.11 98.78
N GLY C 98 28.73 0.51 98.64
CA GLY C 98 29.77 0.16 99.61
C GLY C 98 30.22 -1.26 99.38
N PRO C 99 31.17 -1.79 100.19
CA PRO C 99 31.74 -3.10 99.95
C PRO C 99 30.69 -4.16 100.28
N MET C 100 30.84 -5.35 99.69
CA MET C 100 29.85 -6.44 99.71
C MET C 100 30.49 -7.73 100.22
N ASN C 101 29.72 -8.54 100.95
CA ASN C 101 30.14 -9.89 101.41
C ASN C 101 29.56 -10.96 100.48
N ILE C 102 28.84 -10.54 99.45
CA ILE C 102 28.19 -11.46 98.47
C ILE C 102 28.68 -11.11 97.08
N PRO C 103 28.78 -12.11 96.19
CA PRO C 103 29.11 -11.84 94.79
C PRO C 103 27.91 -11.22 94.09
N LEU C 104 28.18 -10.34 93.12
CA LEU C 104 27.16 -9.69 92.27
C LEU C 104 27.35 -10.16 90.83
N VAL C 105 26.37 -10.88 90.31
CA VAL C 105 26.38 -11.45 88.94
C VAL C 105 25.90 -10.38 87.95
N SER C 106 26.56 -10.31 86.80
CA SER C 106 26.27 -9.41 85.68
C SER C 106 25.54 -10.22 84.60
N ASP C 107 24.37 -9.76 84.16
CA ASP C 107 23.52 -10.43 83.14
C ASP C 107 23.24 -9.47 81.99
N PRO C 108 24.24 -9.12 81.14
CA PRO C 108 24.05 -8.08 80.15
C PRO C 108 23.22 -8.57 78.95
N LYS C 109 23.25 -9.87 78.68
CA LYS C 109 22.47 -10.48 77.56
C LYS C 109 21.00 -10.65 78.00
N ARG C 110 20.70 -10.46 79.29
CA ARG C 110 19.33 -10.56 79.86
C ARG C 110 18.79 -12.01 79.73
N THR C 111 19.65 -12.97 79.44
CA THR C 111 19.29 -14.41 79.26
C THR C 111 18.97 -15.04 80.62
N ILE C 112 19.70 -14.66 81.66
CA ILE C 112 19.53 -15.23 83.03
C ILE C 112 18.21 -14.73 83.58
N ALA C 113 17.96 -13.43 83.50
CA ALA C 113 16.68 -12.81 83.90
C ALA C 113 15.54 -13.50 83.17
N GLN C 114 15.72 -13.82 81.89
CA GLN C 114 14.65 -14.42 81.08
C GLN C 114 14.44 -15.87 81.49
N ASP C 115 15.51 -16.63 81.71
CA ASP C 115 15.46 -18.03 82.18
C ASP C 115 14.67 -18.11 83.50
N TYR C 116 14.86 -17.17 84.42
CA TYR C 116 14.21 -17.17 85.77
C TYR C 116 12.86 -16.44 85.70
N GLY C 117 12.52 -15.91 84.53
CA GLY C 117 11.17 -15.40 84.20
C GLY C 117 10.90 -14.09 84.90
N VAL C 118 11.93 -13.28 85.11
CA VAL C 118 11.84 -12.03 85.91
C VAL C 118 12.29 -10.84 85.07
N LEU C 119 12.45 -11.01 83.76
CA LEU C 119 12.79 -9.90 82.84
C LEU C 119 11.53 -9.09 82.58
N LYS C 120 11.53 -7.81 82.96
CA LYS C 120 10.52 -6.79 82.58
C LYS C 120 10.90 -6.33 81.17
N ALA C 121 10.20 -6.85 80.16
CA ALA C 121 10.59 -6.79 78.73
C ALA C 121 10.78 -5.33 78.30
N ASP C 122 9.81 -4.49 78.66
CA ASP C 122 9.65 -3.10 78.14
C ASP C 122 10.79 -2.21 78.61
N GLU C 123 11.42 -2.45 79.78
CA GLU C 123 12.50 -1.60 80.32
C GLU C 123 13.85 -2.32 80.25
N GLY C 124 13.86 -3.64 79.98
CA GLY C 124 15.07 -4.48 79.86
C GLY C 124 15.80 -4.66 81.19
N ILE C 125 15.05 -4.87 82.28
CA ILE C 125 15.59 -5.01 83.67
C ILE C 125 14.84 -6.13 84.41
N SER C 126 15.48 -6.72 85.41
CA SER C 126 14.92 -7.75 86.33
C SER C 126 13.87 -7.12 87.25
N PHE C 127 12.77 -7.81 87.51
CA PHE C 127 11.94 -7.57 88.71
C PHE C 127 12.75 -7.97 89.95
N ARG C 128 12.16 -7.77 91.14
CA ARG C 128 12.76 -8.16 92.43
C ARG C 128 12.47 -9.65 92.65
N GLY C 129 13.21 -10.51 91.95
CA GLY C 129 13.03 -11.97 92.03
C GLY C 129 14.05 -12.60 92.97
N LEU C 130 13.61 -13.58 93.75
CA LEU C 130 14.50 -14.37 94.64
C LEU C 130 14.14 -15.85 94.49
N PHE C 131 15.17 -16.67 94.37
CA PHE C 131 15.06 -18.12 94.12
C PHE C 131 15.89 -18.88 95.15
N ILE C 132 15.30 -19.88 95.78
CA ILE C 132 16.05 -20.79 96.69
C ILE C 132 16.31 -22.11 95.96
N ILE C 133 17.57 -22.52 95.92
CA ILE C 133 18.09 -23.68 95.17
C ILE C 133 18.86 -24.57 96.14
N ASP C 134 18.56 -25.86 96.19
CA ASP C 134 19.09 -26.78 97.24
C ASP C 134 20.49 -27.26 96.83
N ASP C 135 21.15 -27.98 97.74
CA ASP C 135 22.54 -28.51 97.61
C ASP C 135 22.66 -29.38 96.36
N LYS C 136 21.56 -29.91 95.82
CA LYS C 136 21.58 -30.78 94.60
C LYS C 136 21.25 -29.96 93.35
N GLY C 137 21.06 -28.64 93.49
CA GLY C 137 20.81 -27.73 92.35
C GLY C 137 19.36 -27.72 91.88
N ILE C 138 18.44 -28.11 92.77
CA ILE C 138 16.98 -28.18 92.46
C ILE C 138 16.31 -26.91 93.01
N LEU C 139 15.45 -26.30 92.20
CA LEU C 139 14.72 -25.07 92.58
C LEU C 139 13.63 -25.46 93.57
N ARG C 140 13.55 -24.77 94.71
CA ARG C 140 12.62 -25.12 95.80
C ARG C 140 11.61 -23.99 96.04
N GLN C 141 11.99 -22.74 95.76
CA GLN C 141 11.17 -21.57 96.10
C GLN C 141 11.31 -20.49 95.01
N ILE C 142 10.20 -19.84 94.68
CA ILE C 142 10.14 -18.67 93.76
C ILE C 142 9.46 -17.53 94.51
N THR C 143 10.17 -16.40 94.66
CA THR C 143 9.63 -15.12 95.16
C THR C 143 9.86 -14.06 94.08
N VAL C 144 8.82 -13.35 93.64
CA VAL C 144 8.96 -12.22 92.69
C VAL C 144 8.08 -11.06 93.13
N ASN C 145 8.69 -9.92 93.48
CA ASN C 145 8.01 -8.68 93.92
C ASN C 145 8.05 -7.67 92.77
N ASP C 146 6.96 -6.93 92.55
CA ASP C 146 6.97 -5.68 91.75
C ASP C 146 8.04 -4.77 92.35
N LEU C 147 8.50 -3.79 91.58
CA LEU C 147 9.76 -3.04 91.82
C LEU C 147 9.78 -2.33 93.18
N PRO C 148 8.70 -1.69 93.66
CA PRO C 148 8.79 -0.89 94.88
C PRO C 148 8.89 -1.59 96.23
N VAL C 149 8.83 -2.92 96.29
CA VAL C 149 8.71 -3.66 97.59
C VAL C 149 9.86 -4.66 97.71
N GLY C 150 10.60 -4.58 98.81
CA GLY C 150 11.83 -5.34 99.03
C GLY C 150 11.56 -6.68 99.69
N ARG C 151 12.63 -7.46 99.86
CA ARG C 151 12.59 -8.84 100.38
C ARG C 151 13.18 -8.83 101.79
N SER C 152 12.67 -9.69 102.68
CA SER C 152 13.09 -9.81 104.09
C SER C 152 14.22 -10.84 104.22
N VAL C 153 15.32 -10.51 104.88
CA VAL C 153 16.38 -11.50 105.13
C VAL C 153 15.82 -12.59 106.06
N ASP C 154 14.98 -12.21 107.02
CA ASP C 154 14.42 -13.18 108.01
C ASP C 154 13.57 -14.22 107.26
N GLU C 155 12.63 -13.77 106.42
CA GLU C 155 11.74 -14.69 105.68
C GLU C 155 12.60 -15.60 104.80
N THR C 156 13.68 -15.08 104.22
CA THR C 156 14.59 -15.90 103.38
C THR C 156 15.23 -16.96 104.27
N LEU C 157 15.76 -16.60 105.45
CA LEU C 157 16.37 -17.59 106.38
C LEU C 157 15.32 -18.62 106.78
N ARG C 158 14.09 -18.20 107.11
CA ARG C 158 13.00 -19.14 107.50
C ARG C 158 12.86 -20.23 106.44
N LEU C 159 12.78 -19.83 105.16
CA LEU C 159 12.61 -20.75 104.02
C LEU C 159 13.82 -21.68 103.94
N VAL C 160 15.04 -21.15 103.99
CA VAL C 160 16.26 -21.98 103.84
C VAL C 160 16.28 -23.03 104.97
N GLN C 161 15.99 -22.63 106.22
CA GLN C 161 16.02 -23.55 107.39
C GLN C 161 14.94 -24.62 107.19
N ALA C 162 13.76 -24.22 106.75
CA ALA C 162 12.59 -25.13 106.57
C ALA C 162 12.90 -26.19 105.50
N PHE C 163 13.43 -25.78 104.35
CA PHE C 163 13.79 -26.72 103.27
C PHE C 163 14.89 -27.66 103.76
N GLN C 164 15.83 -27.13 104.54
CA GLN C 164 17.00 -27.90 105.04
C GLN C 164 16.51 -28.92 106.08
N PHE C 165 15.60 -28.50 106.96
CA PHE C 165 14.95 -29.38 107.96
C PHE C 165 14.39 -30.61 107.24
N THR C 166 13.57 -30.39 106.21
CA THR C 166 12.85 -31.47 105.50
C THR C 166 13.84 -32.34 104.74
N ASP C 167 14.83 -31.71 104.09
CA ASP C 167 15.97 -32.37 103.41
C ASP C 167 16.64 -33.36 104.39
N LYS C 168 16.92 -32.91 105.62
CA LYS C 168 17.71 -33.69 106.62
C LYS C 168 16.93 -34.92 107.09
N HIS C 169 15.62 -34.81 107.38
CA HIS C 169 14.76 -35.94 107.86
C HIS C 169 14.35 -36.81 106.66
N GLY C 170 15.15 -36.79 105.58
CA GLY C 170 15.07 -37.76 104.47
C GLY C 170 16.36 -38.55 104.35
N GLU C 171 17.32 -38.34 105.26
CA GLU C 171 18.49 -39.24 105.48
C GLU C 171 18.08 -40.27 106.52
N VAL C 172 17.36 -41.32 106.11
CA VAL C 172 16.71 -42.26 107.06
C VAL C 172 17.10 -43.69 106.71
N SER C 173 17.32 -44.53 107.73
CA SER C 173 17.60 -45.99 107.64
C SER C 173 16.30 -46.75 107.80
N PRO C 174 16.16 -47.98 107.25
CA PRO C 174 15.02 -48.83 107.55
C PRO C 174 14.74 -48.89 109.06
N ALA C 175 13.48 -49.11 109.42
CA ALA C 175 12.94 -48.89 110.78
C ALA C 175 13.51 -49.90 111.78
N GLY C 176 13.72 -51.17 111.38
CA GLY C 176 14.09 -52.25 112.29
C GLY C 176 12.93 -52.69 113.18
N TRP C 177 11.74 -52.11 113.01
CA TRP C 177 10.51 -52.40 113.78
C TRP C 177 9.43 -52.84 112.79
N LYS C 178 8.53 -53.73 113.21
CA LYS C 178 7.38 -54.19 112.39
C LYS C 178 6.18 -54.31 113.31
N PRO C 179 4.96 -54.02 112.82
CA PRO C 179 3.75 -54.20 113.61
C PRO C 179 3.38 -55.70 113.65
N GLY C 180 2.42 -56.08 114.48
CA GLY C 180 1.88 -57.45 114.54
C GLY C 180 1.10 -57.62 115.83
N SER C 181 0.79 -58.87 116.18
CA SER C 181 0.05 -59.22 117.42
C SER C 181 0.67 -58.49 118.62
N ASP C 182 2.01 -58.52 118.72
CA ASP C 182 2.78 -58.08 119.91
C ASP C 182 2.72 -56.56 120.09
N THR C 183 2.40 -55.79 119.05
CA THR C 183 2.44 -54.31 119.05
C THR C 183 1.04 -53.69 119.15
N ILE C 184 -0.03 -54.48 119.05
CA ILE C 184 -1.43 -53.96 119.02
C ILE C 184 -1.84 -53.43 120.40
N LYS C 185 -2.48 -52.25 120.41
CA LYS C 185 -3.09 -51.62 121.61
C LYS C 185 -4.53 -52.11 121.73
N PRO C 186 -4.90 -52.74 122.88
CA PRO C 186 -6.28 -53.17 123.11
C PRO C 186 -7.25 -52.02 123.43
N SER D 2 -16.00 -39.68 73.01
CA SER D 2 -17.48 -39.86 73.24
C SER D 2 -17.97 -41.18 72.60
N SER D 3 -18.38 -41.15 71.31
CA SER D 3 -18.70 -42.33 70.46
C SER D 3 -18.74 -41.91 68.98
N GLY D 4 -17.56 -41.72 68.37
CA GLY D 4 -17.38 -41.41 66.93
C GLY D 4 -17.77 -39.97 66.59
N ASN D 5 -18.72 -39.38 67.31
CA ASN D 5 -19.52 -38.18 66.87
C ASN D 5 -20.81 -38.01 67.70
N ALA D 6 -21.26 -39.07 68.36
CA ALA D 6 -22.41 -39.09 69.29
C ALA D 6 -21.91 -38.80 70.69
N LYS D 7 -22.33 -37.67 71.25
CA LYS D 7 -21.83 -37.19 72.56
C LYS D 7 -23.01 -37.18 73.51
N ILE D 8 -22.84 -37.79 74.68
CA ILE D 8 -23.84 -37.73 75.78
C ILE D 8 -24.12 -36.25 76.06
N GLY D 9 -25.39 -35.87 76.14
CA GLY D 9 -25.81 -34.52 76.53
C GLY D 9 -25.90 -33.55 75.36
N HIS D 10 -25.29 -33.85 74.22
CA HIS D 10 -25.44 -33.06 72.96
C HIS D 10 -26.52 -33.74 72.11
N PRO D 11 -27.05 -33.06 71.07
CA PRO D 11 -28.08 -33.67 70.23
C PRO D 11 -27.53 -34.90 69.48
N ALA D 12 -28.26 -35.99 69.49
CA ALA D 12 -27.89 -37.24 68.78
C ALA D 12 -27.68 -36.90 67.32
N PRO D 13 -26.66 -37.47 66.63
CA PRO D 13 -26.44 -37.23 65.21
C PRO D 13 -27.71 -37.58 64.44
N ASN D 14 -28.17 -36.64 63.61
CA ASN D 14 -29.34 -36.85 62.72
C ASN D 14 -28.89 -37.79 61.60
N PHE D 15 -29.79 -38.66 61.17
CA PHE D 15 -29.67 -39.44 59.92
C PHE D 15 -30.94 -39.22 59.12
N LYS D 16 -30.82 -39.22 57.80
CA LYS D 16 -31.96 -39.48 56.89
C LYS D 16 -31.63 -40.80 56.18
N ALA D 17 -32.54 -41.76 56.18
CA ALA D 17 -32.32 -43.11 55.62
C ALA D 17 -33.64 -43.75 55.21
N THR D 18 -33.60 -44.65 54.23
CA THR D 18 -34.76 -45.47 53.83
C THR D 18 -34.94 -46.57 54.88
N ALA D 19 -36.15 -46.70 55.42
CA ALA D 19 -36.49 -47.75 56.40
C ALA D 19 -37.59 -48.62 55.83
N VAL D 20 -37.64 -49.88 56.27
CA VAL D 20 -38.79 -50.78 56.09
C VAL D 20 -39.66 -50.61 57.33
N MET D 21 -40.82 -49.97 57.15
CA MET D 21 -41.81 -49.75 58.23
C MET D 21 -42.51 -51.06 58.55
N PRO D 22 -43.26 -51.14 59.68
CA PRO D 22 -43.86 -52.42 60.11
C PRO D 22 -44.99 -52.86 59.17
N ASP D 23 -45.61 -51.92 58.44
CA ASP D 23 -46.67 -52.21 57.43
C ASP D 23 -46.08 -52.82 56.14
N GLY D 24 -44.75 -52.90 56.00
CA GLY D 24 -44.07 -53.48 54.81
C GLY D 24 -43.83 -52.49 53.68
N GLN D 25 -44.05 -51.19 53.92
CA GLN D 25 -43.77 -50.09 52.98
C GLN D 25 -42.34 -49.58 53.21
N PHE D 26 -41.75 -48.92 52.22
CA PHE D 26 -40.49 -48.14 52.34
C PHE D 26 -40.83 -46.66 52.56
N LYS D 27 -40.26 -46.07 53.60
CA LYS D 27 -40.42 -44.64 53.96
C LYS D 27 -39.02 -44.05 54.14
N ASP D 28 -38.84 -42.78 53.80
CA ASP D 28 -37.57 -42.05 54.08
C ASP D 28 -37.75 -41.34 55.44
N ILE D 29 -37.13 -41.85 56.51
CA ILE D 29 -37.29 -41.28 57.87
C ILE D 29 -36.00 -40.61 58.31
N SER D 30 -36.14 -39.67 59.25
CA SER D 30 -35.04 -38.97 59.94
C SER D 30 -35.22 -39.14 61.45
N LEU D 31 -34.14 -39.15 62.21
CA LEU D 31 -34.22 -39.20 63.70
C LEU D 31 -35.06 -38.01 64.16
N SER D 32 -34.85 -36.85 63.54
CA SER D 32 -35.55 -35.58 63.84
C SER D 32 -37.07 -35.74 63.65
N ASP D 33 -37.52 -36.66 62.81
CA ASP D 33 -38.97 -36.95 62.64
C ASP D 33 -39.56 -37.35 63.99
N TYR D 34 -38.77 -37.83 64.96
CA TYR D 34 -39.27 -38.45 66.22
C TYR D 34 -39.07 -37.52 67.43
N LYS D 35 -38.73 -36.24 67.22
CA LYS D 35 -38.77 -35.24 68.33
C LYS D 35 -40.16 -35.31 68.95
N GLY D 36 -40.24 -35.22 70.27
CA GLY D 36 -41.48 -35.40 71.04
C GLY D 36 -41.60 -36.80 71.59
N LYS D 37 -40.83 -37.75 71.06
CA LYS D 37 -40.77 -39.14 71.58
C LYS D 37 -39.33 -39.43 72.00
N TYR D 38 -39.17 -40.25 73.04
CA TYR D 38 -37.91 -40.95 73.36
C TYR D 38 -37.65 -41.94 72.21
N VAL D 39 -36.40 -42.13 71.85
CA VAL D 39 -36.01 -43.10 70.77
C VAL D 39 -34.98 -44.06 71.37
N VAL D 40 -35.27 -45.34 71.25
CA VAL D 40 -34.26 -46.42 71.41
C VAL D 40 -33.81 -46.79 70.01
N PHE D 41 -32.63 -46.31 69.60
CA PHE D 41 -32.02 -46.55 68.27
C PHE D 41 -30.94 -47.61 68.45
N PHE D 42 -31.11 -48.79 67.83
CA PHE D 42 -30.17 -49.91 68.04
C PHE D 42 -29.72 -50.45 66.68
N PHE D 43 -28.40 -50.62 66.57
CA PHE D 43 -27.73 -51.28 65.43
C PHE D 43 -27.58 -52.77 65.73
N TYR D 44 -27.68 -53.60 64.69
CA TYR D 44 -27.26 -55.02 64.72
C TYR D 44 -26.36 -55.23 63.51
N PRO D 45 -25.46 -56.24 63.52
CA PRO D 45 -24.43 -56.36 62.50
C PRO D 45 -25.02 -56.55 61.09
N LEU D 46 -25.71 -57.68 60.87
CA LEU D 46 -26.12 -58.15 59.51
C LEU D 46 -27.46 -58.88 59.52
N ASP D 47 -28.27 -58.64 58.49
CA ASP D 47 -29.46 -59.45 58.12
C ASP D 47 -28.99 -60.79 57.57
N PHE D 48 -29.82 -61.82 57.76
CA PHE D 48 -29.79 -63.15 57.10
C PHE D 48 -28.59 -63.97 57.60
N THR D 49 -28.05 -63.67 58.80
CA THR D 49 -27.02 -64.55 59.41
C THR D 49 -27.69 -65.82 59.93
N PHE D 50 -26.90 -66.76 60.43
CA PHE D 50 -27.35 -68.11 60.80
C PHE D 50 -27.85 -68.11 62.25
N VAL D 51 -27.82 -66.95 62.93
CA VAL D 51 -28.25 -66.82 64.35
C VAL D 51 -29.77 -66.70 64.38
N CYS D 52 -30.44 -67.36 65.33
CA CYS D 52 -31.86 -67.08 65.69
C CYS D 52 -31.90 -65.61 66.07
N PRO D 53 -32.62 -64.73 65.34
CA PRO D 53 -32.58 -63.30 65.62
C PRO D 53 -33.44 -62.88 66.82
N THR D 54 -33.29 -63.57 67.96
CA THR D 54 -34.23 -63.51 69.11
C THR D 54 -34.18 -62.11 69.72
N GLU D 55 -33.01 -61.47 69.69
CA GLU D 55 -32.78 -60.11 70.22
C GLU D 55 -33.71 -59.11 69.50
N ILE D 56 -33.65 -59.07 68.17
CA ILE D 56 -34.49 -58.13 67.37
C ILE D 56 -35.95 -58.45 67.63
N ILE D 57 -36.30 -59.73 67.70
CA ILE D 57 -37.72 -60.17 67.84
C ILE D 57 -38.26 -59.71 69.19
N ALA D 58 -37.49 -59.93 70.28
CA ALA D 58 -37.82 -59.43 71.63
C ALA D 58 -38.23 -57.95 71.59
N PHE D 59 -37.46 -57.10 70.93
CA PHE D 59 -37.76 -55.64 70.85
C PHE D 59 -39.06 -55.45 70.06
N SER D 60 -39.25 -56.21 68.98
CA SER D 60 -40.47 -56.11 68.13
C SER D 60 -41.67 -56.58 68.95
N ASP D 61 -41.58 -57.78 69.51
CA ASP D 61 -42.64 -58.39 70.36
C ASP D 61 -43.04 -57.41 71.46
N ARG D 62 -42.10 -56.78 72.14
CA ARG D 62 -42.43 -55.96 73.34
C ARG D 62 -42.50 -54.48 72.97
N ALA D 63 -42.73 -54.15 71.70
CA ALA D 63 -42.76 -52.76 71.21
C ALA D 63 -43.89 -52.00 71.91
N GLU D 64 -44.96 -52.69 72.29
CA GLU D 64 -46.13 -52.07 72.98
C GLU D 64 -45.64 -51.38 74.26
N GLU D 65 -44.73 -52.02 74.99
CA GLU D 65 -44.26 -51.55 76.32
C GLU D 65 -43.46 -50.24 76.15
N PHE D 66 -42.81 -50.07 75.00
CA PHE D 66 -42.07 -48.84 74.63
C PHE D 66 -43.07 -47.77 74.18
N LYS D 67 -44.11 -48.15 73.43
CA LYS D 67 -45.15 -47.19 72.98
C LYS D 67 -45.85 -46.62 74.21
N LYS D 68 -46.16 -47.48 75.19
CA LYS D 68 -46.74 -47.08 76.51
C LYS D 68 -45.87 -46.02 77.17
N LEU D 69 -44.53 -46.08 77.01
CA LEU D 69 -43.58 -45.09 77.62
C LEU D 69 -43.32 -43.94 76.64
N ASN D 70 -44.15 -43.79 75.61
CA ASN D 70 -44.06 -42.71 74.61
C ASN D 70 -42.65 -42.70 73.99
N SER D 71 -42.13 -43.87 73.66
CA SER D 71 -40.81 -44.05 73.02
C SER D 71 -40.94 -44.98 71.81
N GLN D 72 -40.15 -44.70 70.77
CA GLN D 72 -40.08 -45.48 69.51
C GLN D 72 -38.79 -46.28 69.46
N VAL D 73 -38.88 -47.60 69.30
CA VAL D 73 -37.70 -48.46 69.01
C VAL D 73 -37.46 -48.44 67.50
N ILE D 74 -36.21 -48.22 67.09
CA ILE D 74 -35.76 -48.26 65.67
C ILE D 74 -34.51 -49.13 65.59
N GLY D 75 -34.56 -50.15 64.72
CA GLY D 75 -33.41 -51.02 64.39
C GLY D 75 -32.68 -50.51 63.14
N ALA D 76 -31.41 -50.85 63.01
CA ALA D 76 -30.57 -50.42 61.87
C ALA D 76 -29.47 -51.45 61.63
N SER D 77 -29.11 -51.62 60.35
CA SER D 77 -27.90 -52.32 59.90
C SER D 77 -27.47 -51.74 58.57
N VAL D 78 -26.33 -52.19 58.06
CA VAL D 78 -25.74 -51.66 56.80
C VAL D 78 -26.40 -52.30 55.58
N ASP D 79 -27.28 -53.27 55.77
CA ASP D 79 -27.97 -54.01 54.67
C ASP D 79 -28.92 -53.03 53.99
N SER D 80 -29.14 -53.18 52.67
CA SER D 80 -30.10 -52.36 51.86
C SER D 80 -31.52 -52.56 52.39
N HIS D 81 -32.41 -51.62 52.10
CA HIS D 81 -33.84 -51.72 52.49
C HIS D 81 -34.46 -52.93 51.79
N PHE D 82 -34.00 -53.26 50.59
CA PHE D 82 -34.49 -54.44 49.83
C PHE D 82 -34.24 -55.69 50.67
N VAL D 83 -33.09 -55.73 51.33
CA VAL D 83 -32.65 -56.90 52.14
C VAL D 83 -33.52 -56.95 53.39
N HIS D 84 -33.67 -55.83 54.08
CA HIS D 84 -34.54 -55.74 55.30
C HIS D 84 -35.91 -56.34 54.95
N LEU D 85 -36.49 -55.88 53.84
CA LEU D 85 -37.85 -56.31 53.42
C LEU D 85 -37.84 -57.82 53.21
N ALA D 86 -36.87 -58.33 52.46
CA ALA D 86 -36.74 -59.78 52.18
C ALA D 86 -36.63 -60.55 53.48
N TRP D 87 -35.91 -60.02 54.47
CA TRP D 87 -35.66 -60.73 55.76
C TRP D 87 -36.95 -60.80 56.56
N VAL D 88 -37.72 -59.71 56.55
CA VAL D 88 -39.05 -59.61 57.21
C VAL D 88 -39.98 -60.66 56.59
N ASN D 89 -40.02 -60.72 55.27
CA ASN D 89 -40.97 -61.58 54.50
C ASN D 89 -40.43 -63.02 54.39
N THR D 90 -39.27 -63.31 54.95
CA THR D 90 -38.81 -64.70 55.15
C THR D 90 -39.28 -65.16 56.52
N PRO D 91 -40.12 -66.21 56.62
CA PRO D 91 -40.63 -66.64 57.92
C PRO D 91 -39.52 -67.19 58.84
N LYS D 92 -39.69 -67.04 60.15
CA LYS D 92 -38.71 -67.46 61.19
C LYS D 92 -38.31 -68.91 60.92
N LYS D 93 -39.31 -69.78 60.68
CA LYS D 93 -39.16 -71.25 60.48
C LYS D 93 -38.02 -71.55 59.49
N GLN D 94 -37.74 -70.64 58.55
CA GLN D 94 -36.70 -70.81 57.49
C GLN D 94 -35.46 -69.94 57.76
N GLY D 95 -35.28 -69.44 58.98
CA GLY D 95 -34.13 -68.61 59.41
C GLY D 95 -34.26 -67.17 58.92
N GLY D 96 -35.49 -66.70 58.76
CA GLY D 96 -35.82 -65.28 58.54
C GLY D 96 -36.17 -64.62 59.85
N LEU D 97 -36.78 -63.43 59.77
CA LEU D 97 -37.05 -62.52 60.91
C LEU D 97 -38.54 -62.55 61.27
N GLY D 98 -39.39 -62.72 60.26
CA GLY D 98 -40.84 -62.64 60.43
C GLY D 98 -41.25 -61.19 60.47
N PRO D 99 -42.55 -60.90 60.68
CA PRO D 99 -43.05 -59.53 60.60
C PRO D 99 -42.56 -58.77 61.83
N MET D 100 -42.49 -57.44 61.71
CA MET D 100 -41.86 -56.55 62.70
C MET D 100 -42.87 -55.47 63.11
N ASN D 101 -42.82 -55.07 64.38
CA ASN D 101 -43.61 -53.93 64.92
C ASN D 101 -42.71 -52.69 65.00
N ILE D 102 -41.45 -52.81 64.59
CA ILE D 102 -40.47 -51.69 64.61
C ILE D 102 -39.94 -51.46 63.20
N PRO D 103 -39.63 -50.20 62.86
CA PRO D 103 -39.02 -49.89 61.58
C PRO D 103 -37.55 -50.36 61.59
N LEU D 104 -37.05 -50.77 60.43
CA LEU D 104 -35.64 -51.18 60.23
C LEU D 104 -34.99 -50.20 59.26
N VAL D 105 -34.01 -49.46 59.76
CA VAL D 105 -33.24 -48.43 58.98
C VAL D 105 -32.12 -49.13 58.22
N SER D 106 -31.93 -48.69 56.98
CA SER D 106 -30.89 -49.16 56.05
C SER D 106 -29.77 -48.11 56.02
N ASP D 107 -28.53 -48.51 56.28
CA ASP D 107 -27.34 -47.62 56.31
C ASP D 107 -26.27 -48.13 55.34
N PRO D 108 -26.49 -48.05 54.01
CA PRO D 108 -25.58 -48.68 53.05
C PRO D 108 -24.29 -47.88 52.89
N LYS D 109 -24.33 -46.57 53.13
CA LYS D 109 -23.13 -45.70 53.03
C LYS D 109 -22.27 -45.84 54.30
N ARG D 110 -22.78 -46.52 55.33
CA ARG D 110 -22.09 -46.78 56.62
C ARG D 110 -21.80 -45.45 57.36
N THR D 111 -22.44 -44.35 56.96
CA THR D 111 -22.24 -43.00 57.56
C THR D 111 -22.90 -42.94 58.94
N ILE D 112 -24.06 -43.58 59.10
CA ILE D 112 -24.85 -43.57 60.36
C ILE D 112 -24.07 -44.39 61.40
N ALA D 113 -23.65 -45.59 61.03
CA ALA D 113 -22.81 -46.44 61.89
C ALA D 113 -21.56 -45.65 62.32
N GLN D 114 -20.97 -44.88 61.41
CA GLN D 114 -19.72 -44.14 61.70
C GLN D 114 -20.02 -42.98 62.65
N ASP D 115 -21.10 -42.25 62.40
CA ASP D 115 -21.54 -41.11 63.26
C ASP D 115 -21.74 -41.60 64.70
N TYR D 116 -22.33 -42.79 64.90
CA TYR D 116 -22.64 -43.34 66.25
C TYR D 116 -21.45 -44.15 66.78
N GLY D 117 -20.38 -44.25 65.99
CA GLY D 117 -19.07 -44.76 66.40
C GLY D 117 -19.08 -46.26 66.61
N VAL D 118 -19.90 -46.96 65.84
CA VAL D 118 -20.14 -48.42 66.02
C VAL D 118 -19.81 -49.15 64.71
N LEU D 119 -19.16 -48.51 63.76
CA LEU D 119 -18.70 -49.17 62.51
C LEU D 119 -17.44 -49.96 62.82
N LYS D 120 -17.48 -51.29 62.67
CA LYS D 120 -16.31 -52.18 62.65
C LYS D 120 -15.69 -52.07 61.26
N ALA D 121 -14.60 -51.30 61.15
CA ALA D 121 -14.03 -50.82 59.87
C ALA D 121 -13.72 -52.00 58.95
N ASP D 122 -13.06 -53.03 59.51
CA ASP D 122 -12.42 -54.13 58.77
C ASP D 122 -13.49 -55.01 58.11
N GLU D 123 -14.71 -55.13 58.65
CA GLU D 123 -15.78 -55.99 58.09
C GLU D 123 -16.89 -55.16 57.46
N GLY D 124 -16.91 -53.84 57.69
CA GLY D 124 -17.90 -52.89 57.15
C GLY D 124 -19.32 -53.11 57.69
N ILE D 125 -19.43 -53.36 58.99
CA ILE D 125 -20.70 -53.69 59.70
C ILE D 125 -20.72 -53.00 61.07
N SER D 126 -21.92 -52.72 61.58
CA SER D 126 -22.18 -52.17 62.94
C SER D 126 -21.85 -53.21 64.00
N PHE D 127 -21.24 -52.78 65.12
CA PHE D 127 -21.28 -53.52 66.38
C PHE D 127 -22.72 -53.52 66.90
N ARG D 128 -22.96 -54.20 68.02
CA ARG D 128 -24.29 -54.25 68.69
C ARG D 128 -24.42 -53.00 69.56
N GLY D 129 -24.69 -51.86 68.92
CA GLY D 129 -24.81 -50.56 69.57
C GLY D 129 -26.26 -50.22 69.83
N LEU D 130 -26.55 -49.63 71.00
CA LEU D 130 -27.90 -49.12 71.36
C LEU D 130 -27.73 -47.75 71.98
N PHE D 131 -28.59 -46.82 71.56
CA PHE D 131 -28.55 -45.40 71.96
C PHE D 131 -29.93 -44.98 72.43
N ILE D 132 -30.00 -44.35 73.60
CA ILE D 132 -31.27 -43.76 74.10
C ILE D 132 -31.22 -42.25 73.90
N ILE D 133 -32.24 -41.73 73.23
CA ILE D 133 -32.36 -40.32 72.78
C ILE D 133 -33.68 -39.76 73.29
N ASP D 134 -33.66 -38.62 73.97
CA ASP D 134 -34.84 -38.09 74.70
C ASP D 134 -35.76 -37.34 73.73
N ASP D 135 -36.94 -36.93 74.21
CA ASP D 135 -38.01 -36.24 73.44
C ASP D 135 -37.46 -34.96 72.78
N LYS D 136 -36.35 -34.40 73.27
CA LYS D 136 -35.76 -33.15 72.72
C LYS D 136 -34.60 -33.50 71.75
N GLY D 137 -34.35 -34.78 71.50
CA GLY D 137 -33.33 -35.24 70.54
C GLY D 137 -31.93 -35.25 71.10
N ILE D 138 -31.80 -35.31 72.43
CA ILE D 138 -30.50 -35.31 73.15
C ILE D 138 -30.11 -36.74 73.50
N LEU D 139 -28.87 -37.12 73.25
CA LEU D 139 -28.35 -38.47 73.54
C LEU D 139 -28.15 -38.59 75.05
N ARG D 140 -28.70 -39.64 75.65
CA ARG D 140 -28.68 -39.83 77.13
C ARG D 140 -27.88 -41.06 77.51
N GLN D 141 -27.81 -42.07 76.65
CA GLN D 141 -27.20 -43.38 76.99
C GLN D 141 -26.51 -43.96 75.75
N ILE D 142 -25.34 -44.56 75.98
CA ILE D 142 -24.57 -45.31 74.96
C ILE D 142 -24.34 -46.72 75.48
N THR D 143 -24.83 -47.73 74.76
CA THR D 143 -24.52 -49.16 74.98
C THR D 143 -23.88 -49.70 73.70
N VAL D 144 -22.70 -50.31 73.80
CA VAL D 144 -22.06 -50.99 72.63
C VAL D 144 -21.46 -52.32 73.08
N ASN D 145 -22.00 -53.42 72.56
CA ASN D 145 -21.54 -54.81 72.85
C ASN D 145 -20.73 -55.30 71.64
N ASP D 146 -19.62 -56.01 71.89
CA ASP D 146 -18.96 -56.88 70.87
C ASP D 146 -20.04 -57.83 70.33
N LEU D 147 -19.80 -58.42 69.17
CA LEU D 147 -20.81 -59.07 68.31
C LEU D 147 -21.53 -60.23 69.02
N PRO D 148 -20.87 -61.10 69.80
CA PRO D 148 -21.54 -62.27 70.34
C PRO D 148 -22.53 -62.10 71.50
N VAL D 149 -22.72 -60.90 72.03
CA VAL D 149 -23.54 -60.68 73.26
C VAL D 149 -24.67 -59.69 72.98
N GLY D 150 -25.90 -60.10 73.26
CA GLY D 150 -27.11 -59.35 72.90
C GLY D 150 -27.53 -58.39 73.99
N ARG D 151 -28.61 -57.66 73.75
CA ARG D 151 -29.12 -56.59 74.63
C ARG D 151 -30.41 -57.08 75.28
N SER D 152 -30.68 -56.64 76.51
CA SER D 152 -31.91 -56.98 77.28
C SER D 152 -33.00 -55.95 77.01
N VAL D 153 -34.21 -56.38 76.68
CA VAL D 153 -35.35 -55.43 76.56
C VAL D 153 -35.64 -54.82 77.93
N ASP D 154 -35.53 -55.61 79.01
CA ASP D 154 -35.82 -55.13 80.38
C ASP D 154 -34.85 -54.00 80.74
N GLU D 155 -33.55 -54.22 80.57
CA GLU D 155 -32.52 -53.20 80.91
C GLU D 155 -32.79 -51.93 80.09
N THR D 156 -33.20 -52.08 78.83
CA THR D 156 -33.52 -50.93 77.97
C THR D 156 -34.71 -50.18 78.57
N LEU D 157 -35.78 -50.89 78.94
CA LEU D 157 -36.98 -50.24 79.56
C LEU D 157 -36.54 -49.56 80.86
N ARG D 158 -35.73 -50.20 81.70
CA ARG D 158 -35.25 -49.60 82.97
C ARG D 158 -34.65 -48.22 82.70
N LEU D 159 -33.75 -48.14 81.71
CA LEU D 159 -33.05 -46.88 81.35
C LEU D 159 -34.08 -45.87 80.85
N VAL D 160 -34.98 -46.24 79.95
CA VAL D 160 -35.97 -45.28 79.39
C VAL D 160 -36.81 -44.72 80.54
N GLN D 161 -37.30 -45.58 81.45
CA GLN D 161 -38.17 -45.15 82.58
C GLN D 161 -37.37 -44.21 83.48
N ALA D 162 -36.11 -44.55 83.76
CA ALA D 162 -35.22 -43.78 84.67
C ALA D 162 -34.97 -42.38 84.11
N PHE D 163 -34.64 -42.27 82.83
CA PHE D 163 -34.39 -40.97 82.17
C PHE D 163 -35.67 -40.17 82.18
N GLN D 164 -36.81 -40.83 81.96
CA GLN D 164 -38.13 -40.17 81.86
C GLN D 164 -38.54 -39.67 83.26
N PHE D 165 -38.30 -40.48 84.29
CA PHE D 165 -38.54 -40.11 85.71
C PHE D 165 -37.84 -38.78 86.00
N THR D 166 -36.54 -38.69 85.69
CA THR D 166 -35.70 -37.52 86.02
C THR D 166 -36.15 -36.32 85.17
N ASP D 167 -36.42 -36.56 83.89
CA ASP D 167 -37.01 -35.57 82.94
C ASP D 167 -38.28 -34.96 83.57
N LYS D 168 -39.17 -35.78 84.11
CA LYS D 168 -40.51 -35.37 84.59
C LYS D 168 -40.38 -34.49 85.84
N HIS D 169 -39.52 -34.83 86.81
CA HIS D 169 -39.31 -34.04 88.06
C HIS D 169 -38.39 -32.83 87.76
N GLY D 170 -38.37 -32.39 86.51
CA GLY D 170 -37.77 -31.09 86.11
C GLY D 170 -38.83 -30.18 85.50
N GLU D 171 -40.09 -30.62 85.44
CA GLU D 171 -41.26 -29.77 85.10
C GLU D 171 -41.82 -29.31 86.45
N VAL D 172 -41.22 -28.31 87.09
CA VAL D 172 -41.52 -27.95 88.50
C VAL D 172 -41.82 -26.45 88.58
N SER D 173 -42.83 -26.10 89.39
CA SER D 173 -43.15 -24.71 89.81
C SER D 173 -42.43 -24.42 91.12
N PRO D 174 -42.10 -23.14 91.41
CA PRO D 174 -41.60 -22.77 92.73
C PRO D 174 -42.48 -23.38 93.84
N ALA D 175 -41.88 -23.61 95.00
CA ALA D 175 -42.42 -24.45 96.09
C ALA D 175 -43.67 -23.82 96.73
N GLY D 176 -43.75 -22.49 96.86
CA GLY D 176 -44.82 -21.82 97.62
C GLY D 176 -44.64 -21.98 99.13
N TRP D 177 -43.51 -22.55 99.53
CA TRP D 177 -43.01 -22.65 100.93
C TRP D 177 -41.68 -21.91 101.02
N LYS D 178 -41.41 -21.32 102.18
CA LYS D 178 -40.14 -20.61 102.51
C LYS D 178 -39.81 -20.92 103.96
N PRO D 179 -38.52 -21.03 104.33
CA PRO D 179 -38.13 -21.25 105.72
C PRO D 179 -38.26 -19.92 106.49
N GLY D 180 -38.20 -19.97 107.83
CA GLY D 180 -38.51 -18.80 108.66
C GLY D 180 -38.70 -19.21 110.10
N SER D 181 -39.05 -18.28 110.98
CA SER D 181 -39.32 -18.54 112.42
C SER D 181 -40.23 -19.77 112.57
N ASP D 182 -41.31 -19.80 111.79
CA ASP D 182 -42.45 -20.76 111.93
C ASP D 182 -42.03 -22.18 111.53
N THR D 183 -40.95 -22.36 110.77
CA THR D 183 -40.53 -23.66 110.20
C THR D 183 -39.33 -24.25 110.98
N ILE D 184 -38.69 -23.49 111.87
CA ILE D 184 -37.46 -23.93 112.59
C ILE D 184 -37.81 -24.99 113.63
N LYS D 185 -37.03 -26.07 113.70
CA LYS D 185 -37.09 -27.10 114.77
C LYS D 185 -36.11 -26.67 115.86
N PRO D 186 -36.59 -26.41 117.11
CA PRO D 186 -35.70 -25.93 118.18
C PRO D 186 -34.94 -27.10 118.86
N ASP D 187 -34.11 -26.86 119.89
CA ASP D 187 -33.30 -27.90 120.58
C ASP D 187 -34.11 -28.70 121.63
N VAL D 188 -34.00 -30.06 121.56
CA VAL D 188 -34.76 -31.10 122.31
C VAL D 188 -33.82 -32.27 122.60
N MET E 1 -13.56 -42.08 66.44
CA MET E 1 -14.69 -43.05 66.66
C MET E 1 -14.56 -43.71 68.06
N SER E 2 -15.51 -44.60 68.38
CA SER E 2 -15.49 -45.72 69.38
C SER E 2 -15.89 -45.21 70.77
N SER E 3 -14.92 -44.77 71.59
CA SER E 3 -15.12 -44.08 72.90
C SER E 3 -13.81 -43.38 73.34
N GLY E 4 -13.50 -42.23 72.72
CA GLY E 4 -12.35 -41.36 73.06
C GLY E 4 -11.01 -41.95 72.66
N ASN E 5 -10.89 -43.29 72.60
CA ASN E 5 -9.60 -44.04 72.59
C ASN E 5 -9.77 -45.52 72.96
N ALA E 6 -10.89 -45.87 73.60
CA ALA E 6 -11.30 -47.23 73.96
C ALA E 6 -12.14 -47.79 72.82
N LYS E 7 -11.64 -48.83 72.16
CA LYS E 7 -12.25 -49.41 70.96
C LYS E 7 -12.66 -50.84 71.31
N ILE E 8 -13.91 -51.19 71.03
CA ILE E 8 -14.41 -52.59 71.16
C ILE E 8 -13.48 -53.47 70.33
N GLY E 9 -13.01 -54.57 70.92
CA GLY E 9 -12.22 -55.58 70.20
C GLY E 9 -10.73 -55.29 70.23
N HIS E 10 -10.29 -54.08 70.51
CA HIS E 10 -8.87 -53.73 70.72
C HIS E 10 -8.56 -53.78 72.23
N PRO E 11 -7.28 -53.81 72.64
CA PRO E 11 -6.95 -53.83 74.07
C PRO E 11 -7.41 -52.56 74.77
N ALA E 12 -8.07 -52.69 75.92
CA ALA E 12 -8.56 -51.56 76.73
C ALA E 12 -7.38 -50.66 77.04
N PRO E 13 -7.53 -49.32 77.01
CA PRO E 13 -6.45 -48.40 77.37
C PRO E 13 -5.95 -48.73 78.79
N ASN E 14 -4.65 -48.93 78.92
CA ASN E 14 -3.99 -49.20 80.22
C ASN E 14 -3.97 -47.89 81.00
N PHE E 15 -4.15 -47.97 82.32
CA PHE E 15 -3.88 -46.87 83.27
C PHE E 15 -2.95 -47.41 84.35
N LYS E 16 -2.09 -46.56 84.87
CA LYS E 16 -1.48 -46.75 86.21
C LYS E 16 -2.03 -45.62 87.08
N ALA E 17 -2.56 -45.94 88.26
CA ALA E 17 -3.17 -44.95 89.16
C ALA E 17 -3.11 -45.43 90.62
N THR E 18 -3.09 -44.51 91.56
CA THR E 18 -3.20 -44.80 93.00
C THR E 18 -4.66 -45.11 93.29
N ALA E 19 -4.91 -46.26 93.93
CA ALA E 19 -6.28 -46.67 94.34
C ALA E 19 -6.33 -46.80 95.84
N VAL E 20 -7.52 -46.62 96.41
CA VAL E 20 -7.84 -47.02 97.80
C VAL E 20 -8.40 -48.43 97.72
N MET E 21 -7.61 -49.40 98.20
CA MET E 21 -8.00 -50.83 98.23
C MET E 21 -9.04 -51.04 99.35
N PRO E 22 -9.70 -52.21 99.39
CA PRO E 22 -10.78 -52.44 100.34
C PRO E 22 -10.28 -52.52 101.79
N ASP E 23 -9.01 -52.87 101.98
CA ASP E 23 -8.36 -52.95 103.33
C ASP E 23 -8.04 -51.54 103.86
N GLY E 24 -8.23 -50.47 103.07
CA GLY E 24 -8.00 -49.07 103.49
C GLY E 24 -6.57 -48.60 103.25
N GLN E 25 -5.75 -49.39 102.55
CA GLN E 25 -4.37 -49.03 102.13
C GLN E 25 -4.41 -48.34 100.77
N PHE E 26 -3.37 -47.58 100.42
CA PHE E 26 -3.11 -47.05 99.06
C PHE E 26 -2.15 -47.98 98.33
N LYS E 27 -2.53 -48.42 97.14
CA LYS E 27 -1.69 -49.25 96.24
C LYS E 27 -1.66 -48.59 94.87
N ASP E 28 -0.55 -48.73 94.14
CA ASP E 28 -0.44 -48.26 92.74
C ASP E 28 -0.81 -49.43 91.84
N ILE E 29 -2.00 -49.42 91.22
CA ILE E 29 -2.48 -50.54 90.37
C ILE E 29 -2.50 -50.11 88.91
N SER E 30 -2.42 -51.10 88.01
CA SER E 30 -2.57 -50.95 86.54
C SER E 30 -3.66 -51.90 86.08
N LEU E 31 -4.39 -51.56 85.01
CA LEU E 31 -5.39 -52.48 84.42
C LEU E 31 -4.70 -53.78 84.05
N SER E 32 -3.48 -53.68 83.52
CA SER E 32 -2.64 -54.84 83.09
C SER E 32 -2.33 -55.76 84.28
N ASP E 33 -2.36 -55.25 85.50
CA ASP E 33 -2.19 -56.10 86.71
C ASP E 33 -3.27 -57.19 86.73
N TYR E 34 -4.40 -57.01 86.05
CA TYR E 34 -5.59 -57.89 86.18
C TYR E 34 -5.77 -58.78 84.95
N LYS E 35 -4.78 -58.90 84.06
CA LYS E 35 -4.78 -59.93 82.97
C LYS E 35 -5.00 -61.27 83.66
N GLY E 36 -5.80 -62.13 83.06
CA GLY E 36 -6.23 -63.42 83.63
C GLY E 36 -7.59 -63.30 84.30
N LYS E 37 -8.04 -62.09 84.59
CA LYS E 37 -9.40 -61.84 85.14
C LYS E 37 -10.15 -60.93 84.18
N TYR E 38 -11.47 -61.13 84.12
CA TYR E 38 -12.43 -60.13 83.55
C TYR E 38 -12.41 -58.92 84.48
N VAL E 39 -12.52 -57.72 83.92
CA VAL E 39 -12.57 -56.46 84.71
C VAL E 39 -13.85 -55.72 84.34
N VAL E 40 -14.64 -55.39 85.34
CA VAL E 40 -15.72 -54.38 85.24
C VAL E 40 -15.14 -53.09 85.79
N PHE E 41 -14.76 -52.17 84.91
CA PHE E 41 -14.16 -50.85 85.25
C PHE E 41 -15.25 -49.80 85.08
N PHE E 42 -15.65 -49.13 86.16
CA PHE E 42 -16.77 -48.16 86.11
C PHE E 42 -16.34 -46.84 86.74
N PHE E 43 -16.63 -45.76 86.02
CA PHE E 43 -16.46 -44.35 86.47
C PHE E 43 -17.76 -43.88 87.12
N TYR E 44 -17.63 -43.03 88.14
CA TYR E 44 -18.74 -42.22 88.69
C TYR E 44 -18.24 -40.78 88.76
N PRO E 45 -19.15 -39.77 88.75
CA PRO E 45 -18.73 -38.38 88.58
C PRO E 45 -17.82 -37.90 89.71
N LEU E 46 -18.34 -37.84 90.94
CA LEU E 46 -17.68 -37.17 92.10
C LEU E 46 -17.98 -37.88 93.43
N ASP E 47 -16.95 -37.93 94.29
CA ASP E 47 -17.07 -38.25 95.73
C ASP E 47 -17.76 -37.08 96.44
N PHE E 48 -18.47 -37.41 97.53
CA PHE E 48 -19.00 -36.49 98.57
C PHE E 48 -20.13 -35.62 98.03
N THR E 49 -20.82 -36.03 96.97
CA THR E 49 -22.05 -35.34 96.51
C THR E 49 -23.18 -35.69 97.46
N PHE E 50 -24.36 -35.10 97.26
CA PHE E 50 -25.49 -35.19 98.21
C PHE E 50 -26.34 -36.42 97.85
N VAL E 51 -25.95 -37.21 96.84
CA VAL E 51 -26.71 -38.40 96.40
C VAL E 51 -26.39 -39.57 97.32
N CYS E 52 -27.38 -40.37 97.73
CA CYS E 52 -27.14 -41.69 98.37
C CYS E 52 -26.33 -42.49 97.35
N PRO E 53 -25.09 -42.90 97.63
CA PRO E 53 -24.27 -43.57 96.62
C PRO E 53 -24.62 -45.07 96.45
N THR E 54 -25.90 -45.37 96.27
CA THR E 54 -26.46 -46.75 96.36
C THR E 54 -25.88 -47.61 95.24
N GLU E 55 -25.63 -47.00 94.09
CA GLU E 55 -25.05 -47.65 92.89
C GLU E 55 -23.68 -48.25 93.24
N ILE E 56 -22.77 -47.43 93.76
CA ILE E 56 -21.39 -47.89 94.12
C ILE E 56 -21.54 -48.99 95.17
N ILE E 57 -22.43 -48.81 96.13
CA ILE E 57 -22.57 -49.75 97.27
C ILE E 57 -23.05 -51.11 96.76
N ALA E 58 -24.08 -51.12 95.91
CA ALA E 58 -24.57 -52.34 95.22
C ALA E 58 -23.39 -53.15 94.64
N PHE E 59 -22.47 -52.52 93.91
CA PHE E 59 -21.32 -53.22 93.29
C PHE E 59 -20.40 -53.74 94.40
N SER E 60 -20.20 -52.96 95.46
CA SER E 60 -19.35 -53.37 96.61
C SER E 60 -20.01 -54.55 97.33
N ASP E 61 -21.26 -54.38 97.72
CA ASP E 61 -22.09 -55.41 98.40
C ASP E 61 -22.01 -56.72 97.60
N ARG E 62 -22.19 -56.68 96.29
CA ARG E 62 -22.33 -57.93 95.49
C ARG E 62 -21.01 -58.29 94.82
N ALA E 63 -19.88 -57.83 95.37
CA ALA E 63 -18.54 -58.07 94.78
C ALA E 63 -18.25 -59.58 94.77
N GLU E 64 -18.80 -60.32 95.73
CA GLU E 64 -18.63 -61.79 95.85
C GLU E 64 -19.05 -62.45 94.52
N GLU E 65 -20.17 -62.00 93.96
CA GLU E 65 -20.80 -62.61 92.76
C GLU E 65 -19.89 -62.42 91.54
N PHE E 66 -19.12 -61.33 91.53
CA PHE E 66 -18.13 -61.03 90.47
C PHE E 66 -16.87 -61.87 90.70
N LYS E 67 -16.45 -62.04 91.96
CA LYS E 67 -15.26 -62.85 92.29
C LYS E 67 -15.55 -64.30 91.88
N LYS E 68 -16.77 -64.80 92.14
CA LYS E 68 -17.25 -66.14 91.72
C LYS E 68 -17.08 -66.28 90.20
N LEU E 69 -17.27 -65.22 89.41
CA LEU E 69 -17.15 -65.26 87.93
C LEU E 69 -15.71 -64.90 87.51
N ASN E 70 -14.76 -64.95 88.43
CA ASN E 70 -13.33 -64.67 88.18
C ASN E 70 -13.18 -63.30 87.50
N SER E 71 -13.91 -62.30 87.99
CA SER E 71 -13.86 -60.91 87.49
C SER E 71 -13.69 -59.94 88.66
N GLN E 72 -12.95 -58.86 88.42
CA GLN E 72 -12.69 -57.78 89.42
C GLN E 72 -13.48 -56.52 89.05
N VAL E 73 -14.29 -56.03 89.97
CA VAL E 73 -14.95 -54.69 89.83
C VAL E 73 -13.97 -53.64 90.34
N ILE E 74 -13.78 -52.57 89.56
CA ILE E 74 -12.94 -51.39 89.92
C ILE E 74 -13.75 -50.12 89.65
N GLY E 75 -13.90 -49.27 90.67
CA GLY E 75 -14.52 -47.94 90.58
C GLY E 75 -13.45 -46.87 90.34
N ALA E 76 -13.85 -45.74 89.77
CA ALA E 76 -12.93 -44.62 89.46
C ALA E 76 -13.70 -43.30 89.45
N SER E 77 -13.02 -42.23 89.88
CA SER E 77 -13.45 -40.83 89.69
C SER E 77 -12.21 -39.95 89.67
N VAL E 78 -12.40 -38.67 89.39
CA VAL E 78 -11.28 -37.70 89.24
C VAL E 78 -10.79 -37.22 90.62
N ASP E 79 -11.46 -37.61 91.69
CA ASP E 79 -11.13 -37.17 93.08
C ASP E 79 -9.79 -37.82 93.46
N SER E 80 -8.95 -37.15 94.28
CA SER E 80 -7.66 -37.68 94.81
C SER E 80 -7.91 -38.94 95.63
N HIS E 81 -6.87 -39.77 95.80
CA HIS E 81 -6.96 -40.98 96.64
C HIS E 81 -7.25 -40.57 98.09
N PHE E 82 -6.74 -39.42 98.51
CA PHE E 82 -6.99 -38.89 99.88
C PHE E 82 -8.49 -38.73 100.08
N VAL E 83 -9.18 -38.26 99.04
CA VAL E 83 -10.63 -37.98 99.07
C VAL E 83 -11.38 -39.32 99.11
N HIS E 84 -11.01 -40.25 98.24
CA HIS E 84 -11.60 -41.62 98.22
C HIS E 84 -11.55 -42.18 99.64
N LEU E 85 -10.38 -42.12 100.27
CA LEU E 85 -10.17 -42.69 101.62
C LEU E 85 -11.11 -41.99 102.59
N ALA E 86 -11.14 -40.66 102.58
CA ALA E 86 -12.02 -39.85 103.45
C ALA E 86 -13.48 -40.26 103.26
N TRP E 87 -13.89 -40.52 102.02
CA TRP E 87 -15.30 -40.82 101.69
C TRP E 87 -15.67 -42.21 102.24
N VAL E 88 -14.73 -43.15 102.12
CA VAL E 88 -14.87 -44.54 102.66
C VAL E 88 -15.06 -44.45 104.18
N ASN E 89 -14.20 -43.67 104.85
CA ASN E 89 -14.13 -43.58 106.33
C ASN E 89 -15.19 -42.62 106.85
N THR E 90 -15.98 -42.00 105.98
CA THR E 90 -17.20 -41.25 106.40
C THR E 90 -18.36 -42.24 106.38
N PRO E 91 -19.04 -42.48 107.52
CA PRO E 91 -20.15 -43.45 107.55
C PRO E 91 -21.34 -42.99 106.71
N LYS E 92 -22.10 -43.94 106.16
CA LYS E 92 -23.26 -43.68 105.26
C LYS E 92 -24.20 -42.69 105.95
N LYS E 93 -24.49 -42.91 107.23
CA LYS E 93 -25.44 -42.12 108.07
C LYS E 93 -25.18 -40.62 107.92
N GLN E 94 -23.94 -40.21 107.62
CA GLN E 94 -23.52 -38.79 107.50
C GLN E 94 -23.26 -38.41 106.04
N GLY E 95 -23.77 -39.18 105.07
CA GLY E 95 -23.65 -38.92 103.61
C GLY E 95 -22.28 -39.29 103.08
N GLY E 96 -21.63 -40.27 103.70
CA GLY E 96 -20.41 -40.92 103.20
C GLY E 96 -20.77 -42.19 102.46
N LEU E 97 -19.74 -43.01 102.20
CA LEU E 97 -19.79 -44.23 101.34
C LEU E 97 -19.78 -45.49 102.20
N GLY E 98 -19.08 -45.44 103.33
CA GLY E 98 -18.87 -46.61 104.19
C GLY E 98 -17.78 -47.47 103.58
N PRO E 99 -17.46 -48.63 104.19
CA PRO E 99 -16.33 -49.45 103.77
C PRO E 99 -16.69 -50.11 102.43
N MET E 100 -15.67 -50.49 101.66
CA MET E 100 -15.81 -50.96 100.25
C MET E 100 -15.12 -52.31 100.10
N ASN E 101 -15.70 -53.19 99.27
CA ASN E 101 -15.11 -54.50 98.89
C ASN E 101 -14.44 -54.37 97.53
N ILE E 102 -14.45 -53.19 96.92
CA ILE E 102 -13.82 -52.92 95.60
C ILE E 102 -12.81 -51.80 95.75
N PRO E 103 -11.74 -51.82 94.94
CA PRO E 103 -10.79 -50.72 94.90
C PRO E 103 -11.42 -49.50 94.20
N LEU E 104 -11.04 -48.30 94.64
CA LEU E 104 -11.45 -47.03 94.03
C LEU E 104 -10.22 -46.33 93.45
N VAL E 105 -10.19 -46.20 92.13
CA VAL E 105 -9.07 -45.57 91.38
C VAL E 105 -9.25 -44.06 91.38
N SER E 106 -8.14 -43.36 91.56
CA SER E 106 -8.04 -41.88 91.55
C SER E 106 -7.47 -41.45 90.20
N ASP E 107 -8.15 -40.56 89.49
CA ASP E 107 -7.77 -40.05 88.14
C ASP E 107 -7.67 -38.52 88.17
N PRO E 108 -6.66 -37.93 88.85
CA PRO E 108 -6.64 -36.49 89.05
C PRO E 108 -6.20 -35.76 87.78
N LYS E 109 -5.41 -36.41 86.92
CA LYS E 109 -4.95 -35.82 85.64
C LYS E 109 -6.07 -35.89 84.59
N ARG E 110 -7.14 -36.63 84.88
CA ARG E 110 -8.33 -36.78 83.99
C ARG E 110 -7.94 -37.49 82.68
N THR E 111 -6.77 -38.12 82.63
CA THR E 111 -6.24 -38.84 81.44
C THR E 111 -7.01 -40.14 81.22
N ILE E 112 -7.37 -40.82 82.30
CA ILE E 112 -8.06 -42.14 82.27
C ILE E 112 -9.48 -41.89 81.76
N ALA E 113 -10.18 -40.93 82.35
CA ALA E 113 -11.53 -40.51 81.93
C ALA E 113 -11.49 -40.15 80.44
N GLN E 114 -10.43 -39.48 79.99
CA GLN E 114 -10.33 -39.01 78.60
C GLN E 114 -10.09 -40.21 77.67
N ASP E 115 -9.19 -41.10 78.06
CA ASP E 115 -8.88 -42.34 77.29
C ASP E 115 -10.16 -43.16 77.08
N TYR E 116 -11.04 -43.27 78.09
CA TYR E 116 -12.28 -44.09 78.02
C TYR E 116 -13.45 -43.24 77.47
N GLY E 117 -13.18 -41.98 77.19
CA GLY E 117 -14.07 -41.08 76.41
C GLY E 117 -15.27 -40.67 77.22
N VAL E 118 -15.11 -40.54 78.54
CA VAL E 118 -16.23 -40.29 79.49
C VAL E 118 -15.95 -39.01 80.29
N LEU E 119 -14.95 -38.22 79.89
CA LEU E 119 -14.66 -36.92 80.53
C LEU E 119 -15.67 -35.89 80.01
N LYS E 120 -16.50 -35.35 80.90
CA LYS E 120 -17.37 -34.16 80.64
C LYS E 120 -16.47 -32.94 80.79
N ALA E 121 -16.04 -32.37 79.65
CA ALA E 121 -14.94 -31.38 79.55
C ALA E 121 -15.23 -30.18 80.46
N ASP E 122 -16.45 -29.66 80.36
CA ASP E 122 -16.86 -28.35 80.93
C ASP E 122 -16.85 -28.40 82.47
N GLU E 123 -17.07 -29.55 83.10
CA GLU E 123 -17.12 -29.68 84.59
C GLU E 123 -15.89 -30.42 85.12
N GLY E 124 -15.10 -31.06 84.24
CA GLY E 124 -13.87 -31.80 84.58
C GLY E 124 -14.12 -33.05 85.40
N ILE E 125 -15.18 -33.82 85.04
CA ILE E 125 -15.63 -35.02 85.78
C ILE E 125 -16.05 -36.11 84.77
N SER E 126 -16.00 -37.36 85.20
CA SER E 126 -16.47 -38.55 84.44
C SER E 126 -18.00 -38.57 84.35
N PHE E 127 -18.55 -38.93 83.20
CA PHE E 127 -19.93 -39.46 83.09
C PHE E 127 -20.00 -40.80 83.80
N ARG E 128 -21.19 -41.40 83.87
CA ARG E 128 -21.42 -42.74 84.47
C ARG E 128 -21.07 -43.79 83.42
N GLY E 129 -19.77 -44.02 83.22
CA GLY E 129 -19.26 -44.98 82.23
C GLY E 129 -18.91 -46.30 82.88
N LEU E 130 -19.23 -47.41 82.21
CA LEU E 130 -18.85 -48.78 82.63
C LEU E 130 -18.30 -49.52 81.43
N PHE E 131 -17.20 -50.22 81.64
CA PHE E 131 -16.46 -50.94 80.59
C PHE E 131 -16.20 -52.38 81.04
N ILE E 132 -16.52 -53.34 80.19
CA ILE E 132 -16.19 -54.77 80.45
C ILE E 132 -14.97 -55.14 79.61
N ILE E 133 -13.96 -55.68 80.28
CA ILE E 133 -12.62 -56.01 79.71
C ILE E 133 -12.33 -57.47 80.05
N ASP E 134 -11.96 -58.28 79.04
CA ASP E 134 -11.84 -59.74 79.19
C ASP E 134 -10.48 -60.10 79.80
N ASP E 135 -10.30 -61.39 80.12
CA ASP E 135 -9.09 -61.96 80.76
C ASP E 135 -7.83 -61.66 79.92
N LYS E 136 -7.97 -61.34 78.64
CA LYS E 136 -6.82 -61.04 77.74
C LYS E 136 -6.63 -59.52 77.61
N GLY E 137 -7.42 -58.72 78.32
CA GLY E 137 -7.28 -57.25 78.35
C GLY E 137 -7.95 -56.56 77.16
N ILE E 138 -8.91 -57.22 76.52
CA ILE E 138 -9.63 -56.70 75.33
C ILE E 138 -10.97 -56.11 75.77
N LEU E 139 -11.29 -54.93 75.28
CA LEU E 139 -12.57 -54.23 75.60
C LEU E 139 -13.69 -54.94 74.86
N ARG E 140 -14.75 -55.31 75.59
CA ARG E 140 -15.87 -56.10 75.02
C ARG E 140 -17.17 -55.30 75.06
N GLN E 141 -17.31 -54.37 76.00
CA GLN E 141 -18.60 -53.66 76.23
C GLN E 141 -18.33 -52.22 76.66
N ILE E 142 -19.15 -51.30 76.15
CA ILE E 142 -19.16 -49.87 76.54
C ILE E 142 -20.56 -49.51 76.98
N THR E 143 -20.71 -49.08 78.23
CA THR E 143 -21.94 -48.47 78.79
C THR E 143 -21.59 -47.05 79.26
N VAL E 144 -22.31 -46.03 78.80
CA VAL E 144 -22.15 -44.63 79.29
C VAL E 144 -23.52 -43.99 79.48
N ASN E 145 -23.86 -43.66 80.72
CA ASN E 145 -25.15 -43.02 81.12
C ASN E 145 -24.88 -41.55 81.41
N ASP E 146 -25.79 -40.66 80.99
CA ASP E 146 -25.84 -39.27 81.51
C ASP E 146 -25.96 -39.38 83.04
N LEU E 147 -25.65 -38.30 83.74
CA LEU E 147 -25.33 -38.28 85.19
C LEU E 147 -26.48 -38.82 86.05
N PRO E 148 -27.77 -38.51 85.78
CA PRO E 148 -28.83 -38.89 86.71
C PRO E 148 -29.29 -40.36 86.76
N VAL E 149 -28.75 -41.25 85.91
CA VAL E 149 -29.27 -42.64 85.79
C VAL E 149 -28.14 -43.63 86.07
N GLY E 150 -28.38 -44.55 87.01
CA GLY E 150 -27.38 -45.49 87.51
C GLY E 150 -27.34 -46.77 86.71
N ARG E 151 -26.41 -47.66 87.09
CA ARG E 151 -26.13 -48.93 86.40
C ARG E 151 -26.65 -50.08 87.25
N SER E 152 -27.11 -51.15 86.62
CA SER E 152 -27.67 -52.37 87.30
C SER E 152 -26.54 -53.39 87.52
N VAL E 153 -26.40 -53.91 88.73
CA VAL E 153 -25.43 -55.00 89.00
C VAL E 153 -25.85 -56.24 88.19
N ASP E 154 -27.16 -56.50 88.11
CA ASP E 154 -27.67 -57.70 87.39
C ASP E 154 -27.28 -57.63 85.92
N GLU E 155 -27.57 -56.50 85.25
CA GLU E 155 -27.25 -56.35 83.81
C GLU E 155 -25.74 -56.50 83.62
N THR E 156 -24.94 -56.00 84.55
CA THR E 156 -23.46 -56.14 84.46
C THR E 156 -23.11 -57.62 84.55
N LEU E 157 -23.67 -58.36 85.52
CA LEU E 157 -23.39 -59.82 85.65
C LEU E 157 -23.84 -60.53 84.37
N ARG E 158 -25.02 -60.21 83.83
CA ARG E 158 -25.53 -60.83 82.58
C ARG E 158 -24.45 -60.73 81.49
N LEU E 159 -23.91 -59.53 81.28
CA LEU E 159 -22.89 -59.27 80.24
C LEU E 159 -21.63 -60.08 80.55
N VAL E 160 -21.14 -60.05 81.77
CA VAL E 160 -19.88 -60.77 82.10
C VAL E 160 -20.08 -62.27 81.83
N GLN E 161 -21.21 -62.85 82.25
CA GLN E 161 -21.48 -64.31 82.07
C GLN E 161 -21.55 -64.62 80.57
N ALA E 162 -22.22 -63.75 79.81
CA ALA E 162 -22.45 -63.94 78.36
C ALA E 162 -21.12 -63.92 77.61
N PHE E 163 -20.26 -62.93 77.88
CA PHE E 163 -18.94 -62.82 77.23
C PHE E 163 -18.09 -64.04 77.62
N GLN E 164 -18.20 -64.48 78.87
CA GLN E 164 -17.39 -65.59 79.41
C GLN E 164 -17.85 -66.91 78.75
N PHE E 165 -19.17 -67.08 78.60
CA PHE E 165 -19.77 -68.24 77.91
C PHE E 165 -19.12 -68.37 76.53
N THR E 166 -19.14 -67.30 75.75
CA THR E 166 -18.67 -67.30 74.34
C THR E 166 -17.15 -67.51 74.31
N ASP E 167 -16.43 -66.85 75.21
CA ASP E 167 -14.98 -67.03 75.44
C ASP E 167 -14.67 -68.51 75.64
N LYS E 168 -15.43 -69.20 76.48
CA LYS E 168 -15.14 -70.60 76.90
C LYS E 168 -15.33 -71.56 75.73
N HIS E 169 -16.40 -71.43 74.92
CA HIS E 169 -16.67 -72.31 73.75
C HIS E 169 -15.80 -71.89 72.56
N GLY E 170 -14.68 -71.22 72.82
CA GLY E 170 -13.63 -70.93 71.84
C GLY E 170 -12.29 -71.54 72.27
N GLU E 171 -12.29 -72.33 73.36
CA GLU E 171 -11.15 -73.19 73.76
C GLU E 171 -11.38 -74.55 73.10
N VAL E 172 -11.02 -74.66 71.81
CA VAL E 172 -11.43 -75.85 70.99
C VAL E 172 -10.18 -76.45 70.34
N SER E 173 -10.14 -77.79 70.29
CA SER E 173 -9.17 -78.60 69.51
C SER E 173 -9.78 -78.91 68.15
N PRO E 174 -8.98 -79.14 67.09
CA PRO E 174 -9.52 -79.61 65.81
C PRO E 174 -10.48 -80.79 66.04
N ALA E 175 -11.45 -80.96 65.13
CA ALA E 175 -12.52 -81.96 65.33
C ALA E 175 -11.89 -83.32 64.96
N GLY E 176 -12.12 -84.31 65.81
CA GLY E 176 -11.73 -85.72 65.56
C GLY E 176 -12.64 -86.35 64.51
N TRP E 177 -13.62 -85.63 63.96
CA TRP E 177 -14.79 -86.18 63.23
C TRP E 177 -14.80 -85.62 61.81
N LYS E 178 -15.26 -86.43 60.85
CA LYS E 178 -15.37 -86.00 59.44
C LYS E 178 -16.66 -86.56 58.88
N PRO E 179 -17.35 -85.83 57.98
CA PRO E 179 -18.55 -86.36 57.32
C PRO E 179 -18.11 -87.32 56.21
N GLY E 180 -19.03 -88.02 55.58
CA GLY E 180 -18.80 -88.86 54.37
C GLY E 180 -19.28 -88.39 52.96
N SER E 181 -20.08 -87.31 52.89
CA SER E 181 -20.83 -86.81 51.69
C SER E 181 -22.35 -86.99 51.87
N SER F 2 22.93 -4.00 54.33
CA SER F 2 23.12 -2.55 54.66
C SER F 2 23.86 -2.38 56.00
N SER F 3 23.12 -2.33 57.13
CA SER F 3 23.64 -2.36 58.53
C SER F 3 22.49 -2.69 59.51
N GLY F 4 22.08 -3.96 59.56
CA GLY F 4 21.07 -4.51 60.50
C GLY F 4 19.65 -4.08 60.15
N ASN F 5 19.47 -2.91 59.51
CA ASN F 5 18.19 -2.16 59.43
C ASN F 5 18.39 -0.69 59.04
N ALA F 6 19.60 -0.16 59.19
CA ALA F 6 20.03 1.19 58.79
C ALA F 6 20.58 1.11 57.37
N LYS F 7 19.91 1.76 56.43
CA LYS F 7 20.25 1.68 54.99
C LYS F 7 20.67 3.08 54.55
N ILE F 8 21.83 3.18 53.90
CA ILE F 8 22.30 4.46 53.28
C ILE F 8 21.20 4.94 52.34
N GLY F 9 20.83 6.22 52.45
CA GLY F 9 19.89 6.86 51.52
C GLY F 9 18.43 6.73 51.97
N HIS F 10 18.11 5.79 52.87
CA HIS F 10 16.76 5.69 53.48
C HIS F 10 16.79 6.40 54.82
N PRO F 11 15.62 6.71 55.44
CA PRO F 11 15.60 7.40 56.73
C PRO F 11 16.23 6.55 57.83
N ALA F 12 17.13 7.15 58.63
CA ALA F 12 17.80 6.48 59.75
C ALA F 12 16.74 5.89 60.67
N PRO F 13 16.94 4.68 61.23
CA PRO F 13 15.98 4.11 62.18
C PRO F 13 15.78 5.07 63.35
N ASN F 14 14.53 5.39 63.65
CA ASN F 14 14.16 6.24 64.80
C ASN F 14 14.38 5.43 66.08
N PHE F 15 14.83 6.09 67.14
CA PHE F 15 14.81 5.56 68.51
C PHE F 15 14.10 6.59 69.39
N LYS F 16 13.40 6.13 70.41
CA LYS F 16 13.08 6.93 71.62
C LYS F 16 13.85 6.28 72.77
N ALA F 17 14.61 7.06 73.53
CA ALA F 17 15.43 6.55 74.66
C ALA F 17 15.64 7.64 75.71
N THR F 18 15.85 7.24 76.95
CA THR F 18 16.25 8.15 78.05
C THR F 18 17.73 8.47 77.86
N ALA F 19 18.06 9.76 77.85
CA ALA F 19 19.45 10.24 77.73
C ALA F 19 19.82 11.04 78.97
N VAL F 20 21.10 11.06 79.30
CA VAL F 20 21.69 12.03 80.25
C VAL F 20 22.15 13.21 79.42
N MET F 21 21.44 14.33 79.54
CA MET F 21 21.77 15.61 78.85
C MET F 21 23.01 16.23 79.51
N PRO F 22 23.63 17.25 78.87
CA PRO F 22 24.89 17.79 79.38
C PRO F 22 24.72 18.55 80.70
N ASP F 23 23.51 19.04 80.98
CA ASP F 23 23.15 19.75 82.25
C ASP F 23 23.01 18.76 83.41
N GLY F 24 23.06 17.44 83.17
CA GLY F 24 22.96 16.40 84.23
C GLY F 24 21.52 15.98 84.54
N GLN F 25 20.56 16.40 83.73
CA GLN F 25 19.12 15.99 83.81
C GLN F 25 18.92 14.75 82.92
N PHE F 26 17.86 13.98 83.19
CA PHE F 26 17.35 12.90 82.30
C PHE F 26 16.21 13.45 81.44
N LYS F 27 16.31 13.26 80.13
CA LYS F 27 15.27 13.65 79.15
C LYS F 27 14.98 12.44 78.27
N ASP F 28 13.73 12.31 77.81
CA ASP F 28 13.36 11.25 76.82
C ASP F 28 13.48 11.87 75.43
N ILE F 29 14.50 11.53 74.65
CA ILE F 29 14.75 12.13 73.32
C ILE F 29 14.52 11.08 72.22
N SER F 30 14.22 11.56 71.02
CA SER F 30 14.07 10.75 69.79
C SER F 30 15.00 11.32 68.71
N LEU F 31 15.50 10.48 67.80
CA LEU F 31 16.32 10.96 66.66
C LEU F 31 15.51 12.01 65.89
N SER F 32 14.21 11.75 65.71
CA SER F 32 13.26 12.63 64.98
C SER F 32 13.18 14.01 65.65
N ASP F 33 13.47 14.12 66.94
CA ASP F 33 13.52 15.43 67.63
C ASP F 33 14.55 16.33 66.92
N TYR F 34 15.52 15.79 66.19
CA TYR F 34 16.67 16.56 65.65
C TYR F 34 16.56 16.78 64.13
N LYS F 35 15.40 16.53 63.52
CA LYS F 35 15.15 16.95 62.10
C LYS F 35 15.46 18.45 62.04
N GLY F 36 16.09 18.89 60.95
CA GLY F 36 16.57 20.27 60.80
C GLY F 36 18.03 20.39 61.14
N LYS F 37 18.59 19.41 61.86
CA LYS F 37 20.04 19.37 62.17
C LYS F 37 20.60 18.07 61.60
N TYR F 38 21.87 18.12 61.17
CA TYR F 38 22.72 16.93 60.93
C TYR F 38 22.95 16.27 62.30
N VAL F 39 22.98 14.95 62.35
CA VAL F 39 23.24 14.19 63.60
C VAL F 39 24.43 13.28 63.37
N VAL F 40 25.43 13.40 64.22
CA VAL F 40 26.50 12.38 64.38
C VAL F 40 26.09 11.51 65.57
N PHE F 41 25.56 10.33 65.31
CA PHE F 41 25.11 9.34 66.32
C PHE F 41 26.17 8.26 66.44
N PHE F 42 26.82 8.15 67.60
CA PHE F 42 27.93 7.19 67.78
C PHE F 42 27.68 6.31 69.01
N PHE F 43 27.85 5.01 68.83
CA PHE F 43 27.83 3.99 69.89
C PHE F 43 29.26 3.78 70.41
N TYR F 44 29.38 3.48 71.70
CA TYR F 44 30.62 2.95 72.32
C TYR F 44 30.20 1.73 73.14
N PRO F 45 31.12 0.78 73.41
CA PRO F 45 30.74 -0.51 73.98
C PRO F 45 30.09 -0.36 75.36
N LEU F 46 30.88 0.11 76.35
CA LEU F 46 30.51 0.07 77.80
C LEU F 46 31.04 1.28 78.57
N ASP F 47 30.23 1.78 79.50
CA ASP F 47 30.62 2.70 80.58
C ASP F 47 31.49 1.95 81.59
N PHE F 48 32.40 2.67 82.24
CA PHE F 48 33.17 2.31 83.45
C PHE F 48 34.20 1.20 83.15
N THR F 49 34.62 1.04 81.91
CA THR F 49 35.74 0.12 81.57
C THR F 49 37.05 0.78 82.01
N PHE F 50 38.17 0.08 81.85
CA PHE F 50 39.48 0.49 82.37
C PHE F 50 40.19 1.38 81.34
N VAL F 51 39.56 1.67 80.21
CA VAL F 51 40.16 2.48 79.12
C VAL F 51 39.99 3.96 79.48
N CYS F 52 41.02 4.79 79.26
CA CYS F 52 40.88 6.27 79.26
C CYS F 52 39.84 6.57 78.18
N PRO F 53 38.67 7.14 78.50
CA PRO F 53 37.62 7.36 77.48
C PRO F 53 37.87 8.57 76.58
N THR F 54 39.09 8.68 76.03
CA THR F 54 39.60 9.91 75.36
C THR F 54 38.77 10.19 74.10
N GLU F 55 38.30 9.15 73.44
CA GLU F 55 37.46 9.21 72.22
C GLU F 55 36.17 9.98 72.52
N ILE F 56 35.41 9.57 73.54
CA ILE F 56 34.14 10.24 73.90
C ILE F 56 34.46 11.68 74.29
N ILE F 57 35.54 11.90 75.02
CA ILE F 57 35.89 13.25 75.55
C ILE F 57 36.20 14.18 74.37
N ALA F 58 37.01 13.73 73.42
CA ALA F 58 37.31 14.47 72.16
C ALA F 58 36.01 15.01 71.54
N PHE F 59 34.98 14.18 71.37
CA PHE F 59 33.70 14.61 70.75
C PHE F 59 33.03 15.63 71.66
N SER F 60 33.07 15.43 72.97
CA SER F 60 32.46 16.37 73.95
C SER F 60 33.21 17.70 73.90
N ASP F 61 34.53 17.65 74.07
CA ASP F 61 35.43 18.82 74.03
C ASP F 61 35.17 19.62 72.74
N ARG F 62 35.07 18.99 71.59
CA ARG F 62 35.00 19.71 70.30
C ARG F 62 33.56 19.84 69.82
N ALA F 63 32.58 19.75 70.72
CA ALA F 63 31.14 19.79 70.38
C ALA F 63 30.81 21.14 69.72
N GLU F 64 31.54 22.21 70.09
CA GLU F 64 31.33 23.57 69.54
C GLU F 64 31.45 23.50 68.00
N GLU F 65 32.44 22.75 67.51
CA GLU F 65 32.78 22.71 66.06
C GLU F 65 31.65 22.05 65.28
N PHE F 66 30.92 21.14 65.93
CA PHE F 66 29.73 20.46 65.34
C PHE F 66 28.53 21.40 65.40
N LYS F 67 28.38 22.15 66.49
CA LYS F 67 27.27 23.12 66.65
C LYS F 67 27.42 24.19 65.55
N LYS F 68 28.65 24.66 65.32
CA LYS F 68 29.00 25.63 64.23
C LYS F 68 28.51 25.06 62.89
N LEU F 69 28.55 23.75 62.66
CA LEU F 69 28.12 23.13 61.38
C LEU F 69 26.64 22.71 61.47
N ASN F 70 25.90 23.24 62.44
CA ASN F 70 24.45 22.99 62.63
C ASN F 70 24.21 21.47 62.72
N SER F 71 25.04 20.76 63.46
CA SER F 71 24.93 19.30 63.69
C SER F 71 25.04 19.00 65.19
N GLN F 72 24.31 17.99 65.64
CA GLN F 72 24.29 17.52 67.05
C GLN F 72 25.03 16.17 67.15
N VAL F 73 26.03 16.09 68.02
CA VAL F 73 26.68 14.80 68.37
C VAL F 73 25.86 14.15 69.49
N ILE F 74 25.54 12.87 69.34
CA ILE F 74 24.85 12.03 70.37
C ILE F 74 25.64 10.73 70.55
N GLY F 75 26.02 10.43 71.79
CA GLY F 75 26.65 9.16 72.21
C GLY F 75 25.63 8.17 72.71
N ALA F 76 25.94 6.87 72.65
CA ALA F 76 25.03 5.80 73.08
C ALA F 76 25.82 4.57 73.52
N SER F 77 25.30 3.87 74.52
CA SER F 77 25.72 2.50 74.91
C SER F 77 24.54 1.79 75.54
N VAL F 78 24.72 0.51 75.84
CA VAL F 78 23.62 -0.35 76.38
C VAL F 78 23.46 -0.12 77.90
N ASP F 79 24.32 0.67 78.52
CA ASP F 79 24.30 0.95 79.99
C ASP F 79 23.05 1.77 80.29
N SER F 80 22.43 1.60 81.47
CA SER F 80 21.26 2.39 81.95
C SER F 80 21.64 3.87 82.05
N HIS F 81 20.63 4.74 82.03
CA HIS F 81 20.84 6.20 82.18
C HIS F 81 21.44 6.46 83.57
N PHE F 82 21.08 5.66 84.57
CA PHE F 82 21.63 5.80 85.95
C PHE F 82 23.16 5.65 85.89
N VAL F 83 23.61 4.73 85.05
CA VAL F 83 25.06 4.40 84.91
C VAL F 83 25.73 5.56 84.19
N HIS F 84 25.16 6.02 83.08
CA HIS F 84 25.69 7.19 82.32
C HIS F 84 25.91 8.34 83.30
N LEU F 85 24.90 8.65 84.11
CA LEU F 85 24.95 9.77 85.07
C LEU F 85 26.12 9.54 86.04
N ALA F 86 26.19 8.35 86.63
CA ALA F 86 27.26 7.98 87.58
C ALA F 86 28.63 8.15 86.91
N TRP F 87 28.75 7.79 85.64
CA TRP F 87 30.05 7.82 84.92
C TRP F 87 30.48 9.28 84.68
N VAL F 88 29.51 10.13 84.35
CA VAL F 88 29.70 11.59 84.15
C VAL F 88 30.21 12.20 85.46
N ASN F 89 29.54 11.87 86.58
CA ASN F 89 29.79 12.46 87.91
C ASN F 89 30.98 11.77 88.60
N THR F 90 31.59 10.78 87.96
CA THR F 90 32.88 10.23 88.41
C THR F 90 33.99 11.01 87.71
N PRO F 91 34.88 11.71 88.44
CA PRO F 91 35.93 12.51 87.80
C PRO F 91 36.93 11.65 87.03
N LYS F 92 37.52 12.21 85.96
CA LYS F 92 38.47 11.50 85.07
C LYS F 92 39.57 10.88 85.92
N LYS F 93 40.12 11.66 86.88
CA LYS F 93 41.25 11.29 87.76
C LYS F 93 41.03 9.90 88.38
N GLN F 94 39.78 9.46 88.56
CA GLN F 94 39.43 8.16 89.18
C GLN F 94 38.89 7.15 88.14
N GLY F 95 39.16 7.39 86.85
CA GLY F 95 38.73 6.51 85.73
C GLY F 95 37.26 6.67 85.38
N GLY F 96 36.71 7.85 85.62
CA GLY F 96 35.38 8.26 85.13
C GLY F 96 35.50 9.03 83.85
N LEU F 97 34.42 9.72 83.46
CA LEU F 97 34.23 10.38 82.14
C LEU F 97 34.35 11.90 82.30
N GLY F 98 33.92 12.41 83.45
CA GLY F 98 33.84 13.87 83.69
C GLY F 98 32.62 14.42 82.99
N PRO F 99 32.40 15.76 83.05
CA PRO F 99 31.17 16.35 82.53
C PRO F 99 31.22 16.30 81.01
N MET F 100 30.04 16.35 80.38
CA MET F 100 29.85 16.13 78.93
C MET F 100 29.10 17.31 78.32
N ASN F 101 29.44 17.68 77.09
CA ASN F 101 28.74 18.70 76.28
C ASN F 101 27.80 18.03 75.29
N ILE F 102 27.73 16.69 75.31
CA ILE F 102 26.86 15.91 74.40
C ILE F 102 25.94 15.04 75.25
N PRO F 103 24.71 14.77 74.76
CA PRO F 103 23.83 13.84 75.45
C PRO F 103 24.32 12.41 75.26
N LEU F 104 24.09 11.56 76.27
CA LEU F 104 24.44 10.12 76.24
C LEU F 104 23.14 9.32 76.31
N VAL F 105 22.84 8.59 75.23
CA VAL F 105 21.61 7.77 75.09
C VAL F 105 21.87 6.41 75.75
N SER F 106 20.85 5.93 76.45
CA SER F 106 20.80 4.62 77.14
C SER F 106 19.97 3.66 76.28
N ASP F 107 20.52 2.51 75.93
CA ASP F 107 19.88 1.47 75.09
C ASP F 107 19.84 0.14 75.83
N PRO F 108 19.04 -0.01 76.90
CA PRO F 108 19.11 -1.21 77.74
C PRO F 108 18.43 -2.41 77.07
N LYS F 109 17.47 -2.17 76.19
CA LYS F 109 16.77 -3.25 75.46
C LYS F 109 17.62 -3.73 74.28
N ARG F 110 18.71 -3.02 73.96
CA ARG F 110 19.67 -3.37 72.87
C ARG F 110 18.98 -3.31 71.50
N THR F 111 17.80 -2.68 71.42
CA THR F 111 17.01 -2.56 70.16
C THR F 111 17.66 -1.55 69.22
N ILE F 112 18.20 -0.47 69.77
CA ILE F 112 18.83 0.63 68.99
C ILE F 112 20.12 0.09 68.37
N ALA F 113 20.96 -0.53 69.19
CA ALA F 113 22.21 -1.18 68.72
C ALA F 113 21.87 -2.18 67.61
N GLN F 114 20.76 -2.91 67.74
CA GLN F 114 20.38 -3.95 66.76
C GLN F 114 19.90 -3.29 65.48
N ASP F 115 19.08 -2.26 65.59
CA ASP F 115 18.56 -1.48 64.42
C ASP F 115 19.73 -0.94 63.60
N TYR F 116 20.80 -0.44 64.23
CA TYR F 116 21.97 0.17 63.54
C TYR F 116 23.02 -0.90 63.21
N GLY F 117 22.74 -2.16 63.60
CA GLY F 117 23.49 -3.34 63.16
C GLY F 117 24.86 -3.42 63.80
N VAL F 118 24.98 -2.93 65.03
CA VAL F 118 26.28 -2.80 65.74
C VAL F 118 26.24 -3.56 67.06
N LEU F 119 25.21 -4.38 67.29
CA LEU F 119 25.13 -5.23 68.50
C LEU F 119 26.04 -6.43 68.31
N LYS F 120 27.06 -6.56 69.16
CA LYS F 120 27.90 -7.78 69.31
C LYS F 120 27.09 -8.75 70.18
N ALA F 121 26.45 -9.74 69.54
CA ALA F 121 25.39 -10.60 70.13
C ALA F 121 25.91 -11.27 71.41
N ASP F 122 27.10 -11.86 71.32
CA ASP F 122 27.68 -12.78 72.33
C ASP F 122 27.98 -12.04 73.64
N GLU F 123 28.29 -10.73 73.62
CA GLU F 123 28.65 -9.96 74.84
C GLU F 123 27.53 -8.98 75.21
N GLY F 124 26.56 -8.76 74.31
CA GLY F 124 25.39 -7.88 74.52
C GLY F 124 25.77 -6.41 74.61
N ILE F 125 26.68 -5.96 73.74
CA ILE F 125 27.25 -4.57 73.73
C ILE F 125 27.40 -4.09 72.29
N SER F 126 27.38 -2.78 72.07
CA SER F 126 27.62 -2.09 70.79
C SER F 126 29.11 -2.23 70.40
N PHE F 127 29.38 -2.45 69.11
CA PHE F 127 30.70 -2.13 68.50
C PHE F 127 30.86 -0.61 68.50
N ARG F 128 32.02 -0.14 68.04
CA ARG F 128 32.33 1.32 67.89
C ARG F 128 31.71 1.80 66.57
N GLY F 129 30.40 1.99 66.57
CA GLY F 129 29.65 2.43 65.37
C GLY F 129 29.41 3.92 65.40
N LEU F 130 29.53 4.57 64.24
CA LEU F 130 29.21 6.01 64.07
C LEU F 130 28.39 6.15 62.78
N PHE F 131 27.34 6.95 62.87
CA PHE F 131 26.36 7.17 61.78
C PHE F 131 26.16 8.66 61.56
N ILE F 132 26.26 9.11 60.32
CA ILE F 132 25.94 10.52 59.96
C ILE F 132 24.56 10.55 59.31
N ILE F 133 23.69 11.40 59.85
CA ILE F 133 22.26 11.52 59.47
C ILE F 133 21.99 12.99 59.14
N ASP F 134 21.40 13.27 57.98
CA ASP F 134 21.26 14.65 57.45
C ASP F 134 20.04 15.33 58.09
N ASP F 135 19.88 16.63 57.83
CA ASP F 135 18.82 17.51 58.37
C ASP F 135 17.43 16.95 58.04
N LYS F 136 17.30 16.07 57.03
CA LYS F 136 16.00 15.49 56.63
C LYS F 136 15.84 14.08 57.23
N GLY F 137 16.79 13.64 58.06
CA GLY F 137 16.72 12.36 58.80
C GLY F 137 17.13 11.16 57.95
N ILE F 138 17.92 11.39 56.90
CA ILE F 138 18.39 10.33 55.96
C ILE F 138 19.81 9.93 56.35
N LEU F 139 20.06 8.63 56.39
CA LEU F 139 21.39 8.08 56.74
C LEU F 139 22.33 8.29 55.55
N ARG F 140 23.50 8.88 55.80
CA ARG F 140 24.44 9.26 54.73
C ARG F 140 25.75 8.47 54.85
N GLN F 141 26.12 8.06 56.07
CA GLN F 141 27.44 7.45 56.33
C GLN F 141 27.32 6.40 57.41
N ILE F 142 28.03 5.28 57.23
CA ILE F 142 28.16 4.19 58.22
C ILE F 142 29.66 3.97 58.48
N THR F 143 30.07 4.14 59.74
CA THR F 143 31.42 3.78 60.24
C THR F 143 31.24 2.76 61.36
N VAL F 144 31.88 1.60 61.28
CA VAL F 144 31.88 0.61 62.39
C VAL F 144 33.29 0.04 62.56
N ASN F 145 33.90 0.31 63.73
CA ASN F 145 35.25 -0.18 64.11
C ASN F 145 35.08 -1.34 65.09
N ASP F 146 35.90 -2.38 64.94
CA ASP F 146 36.14 -3.39 66.01
C ASP F 146 36.55 -2.62 67.26
N LEU F 147 36.45 -3.25 68.42
CA LEU F 147 36.46 -2.60 69.76
C LEU F 147 37.75 -1.81 70.02
N PRO F 148 38.95 -2.29 69.66
CA PRO F 148 40.18 -1.61 70.06
C PRO F 148 40.57 -0.30 69.36
N VAL F 149 39.83 0.15 68.35
CA VAL F 149 40.28 1.29 67.50
C VAL F 149 39.21 2.38 67.51
N GLY F 150 39.62 3.60 67.86
CA GLY F 150 38.71 4.73 68.06
C GLY F 150 38.45 5.51 66.79
N ARG F 151 37.59 6.51 66.90
CA ARG F 151 37.12 7.33 65.76
C ARG F 151 37.74 8.72 65.88
N SER F 152 38.04 9.35 64.74
CA SER F 152 38.67 10.70 64.65
C SER F 152 37.59 11.78 64.62
N VAL F 153 37.70 12.80 65.46
CA VAL F 153 36.75 13.94 65.38
C VAL F 153 36.97 14.65 64.05
N ASP F 154 38.20 14.76 63.59
CA ASP F 154 38.54 15.46 62.33
C ASP F 154 37.85 14.76 61.15
N GLU F 155 38.02 13.45 61.02
CA GLU F 155 37.42 12.68 59.91
C GLU F 155 35.90 12.82 59.98
N THR F 156 35.32 12.86 61.18
CA THR F 156 33.86 13.02 61.33
C THR F 156 33.48 14.41 60.81
N LEU F 157 34.20 15.47 61.19
CA LEU F 157 33.91 16.84 60.69
C LEU F 157 34.05 16.86 59.17
N ARG F 158 35.11 16.26 58.62
CA ARG F 158 35.32 16.22 57.15
C ARG F 158 34.06 15.69 56.45
N LEU F 159 33.53 14.57 56.93
CA LEU F 159 32.32 13.92 56.35
C LEU F 159 31.12 14.86 56.50
N VAL F 160 30.89 15.44 57.67
CA VAL F 160 29.70 16.31 57.88
C VAL F 160 29.80 17.50 56.90
N GLN F 161 30.98 18.14 56.78
CA GLN F 161 31.16 19.32 55.90
C GLN F 161 30.92 18.89 54.45
N ALA F 162 31.44 17.74 54.05
CA ALA F 162 31.35 17.21 52.67
C ALA F 162 29.89 16.94 52.29
N PHE F 163 29.14 16.28 53.15
CA PHE F 163 27.71 15.98 52.91
C PHE F 163 26.94 17.30 52.83
N GLN F 164 27.29 18.25 53.69
CA GLN F 164 26.58 19.56 53.79
C GLN F 164 26.89 20.38 52.52
N PHE F 165 28.14 20.36 52.07
CA PHE F 165 28.58 21.01 50.81
C PHE F 165 27.66 20.55 49.67
N THR F 166 27.53 19.24 49.50
CA THR F 166 26.79 18.62 48.36
C THR F 166 25.29 18.92 48.53
N ASP F 167 24.78 18.80 49.75
CA ASP F 167 23.39 19.19 50.14
C ASP F 167 23.11 20.63 49.66
N LYS F 168 24.03 21.57 49.92
CA LYS F 168 23.82 23.01 49.67
C LYS F 168 23.76 23.30 48.16
N HIS F 169 24.65 22.71 47.34
CA HIS F 169 24.69 22.93 45.87
C HIS F 169 23.60 22.07 45.18
N GLY F 170 22.55 21.73 45.93
CA GLY F 170 21.31 21.14 45.38
C GLY F 170 20.11 22.04 45.65
N GLU F 171 20.34 23.22 46.28
CA GLU F 171 19.34 24.30 46.37
C GLU F 171 19.61 25.22 45.18
N VAL F 172 19.14 24.86 43.98
CA VAL F 172 19.50 25.55 42.71
C VAL F 172 18.21 25.89 41.96
N SER F 173 18.19 27.08 41.34
CA SER F 173 17.10 27.59 40.48
C SER F 173 17.45 27.29 39.03
N PRO F 174 16.47 27.14 38.12
CA PRO F 174 16.76 27.03 36.69
C PRO F 174 17.74 28.14 36.24
N ALA F 175 18.52 27.87 35.20
CA ALA F 175 19.76 28.62 34.89
C ALA F 175 19.44 30.03 34.37
N GLY F 176 18.36 30.21 33.61
CA GLY F 176 18.06 31.50 32.94
C GLY F 176 18.98 31.74 31.74
N TRP F 177 19.84 30.77 31.42
CA TRP F 177 20.69 30.74 30.20
C TRP F 177 20.32 29.49 29.39
N LYS F 178 20.45 29.56 28.07
CA LYS F 178 20.20 28.40 27.16
C LYS F 178 21.26 28.41 26.08
N PRO F 179 21.71 27.24 25.60
CA PRO F 179 22.65 27.19 24.49
C PRO F 179 21.90 27.43 23.17
N GLY F 180 22.61 27.65 22.08
CA GLY F 180 22.02 27.80 20.74
C GLY F 180 23.04 28.37 19.79
N SER F 181 22.59 28.84 18.63
CA SER F 181 23.45 29.46 17.59
C SER F 181 24.36 30.52 18.26
N ASP F 182 23.77 31.37 19.11
CA ASP F 182 24.42 32.61 19.67
C ASP F 182 25.54 32.26 20.65
N THR F 183 25.55 31.04 21.22
CA THR F 183 26.50 30.62 22.29
C THR F 183 27.60 29.71 21.75
N ILE F 184 27.52 29.24 20.51
CA ILE F 184 28.50 28.28 19.91
C ILE F 184 29.82 29.02 19.64
N LYS F 185 30.95 28.39 19.98
CA LYS F 185 32.32 28.86 19.68
C LYS F 185 32.71 28.27 18.32
N PRO F 186 33.10 29.11 17.35
CA PRO F 186 33.78 28.60 16.14
C PRO F 186 35.23 28.17 16.38
N SER G 2 24.68 -6.35 60.46
CA SER G 2 26.16 -6.14 60.29
C SER G 2 26.45 -5.29 59.03
N SER G 3 26.60 -5.94 57.85
CA SER G 3 26.71 -5.31 56.51
C SER G 3 26.46 -6.35 55.41
N GLY G 4 25.18 -6.74 55.20
CA GLY G 4 24.71 -7.65 54.13
C GLY G 4 25.10 -9.10 54.40
N ASN G 5 26.20 -9.36 55.12
CA ASN G 5 26.92 -10.67 55.15
C ASN G 5 28.35 -10.52 55.70
N ALA G 6 28.90 -9.31 55.69
CA ALA G 6 30.21 -8.94 56.25
C ALA G 6 30.01 -8.52 57.70
N LYS G 7 30.58 -9.28 58.63
CA LYS G 7 30.38 -9.08 60.08
C LYS G 7 31.74 -8.72 60.66
N ILE G 8 31.80 -7.64 61.44
CA ILE G 8 33.02 -7.27 62.21
C ILE G 8 33.39 -8.46 63.07
N GLY G 9 34.67 -8.85 63.05
CA GLY G 9 35.21 -9.90 63.93
C GLY G 9 35.09 -11.30 63.34
N HIS G 10 34.23 -11.52 62.34
CA HIS G 10 34.16 -12.79 61.59
C HIS G 10 35.01 -12.67 60.33
N PRO G 11 35.36 -13.78 59.64
CA PRO G 11 36.16 -13.70 58.42
C PRO G 11 35.43 -12.95 57.31
N ALA G 12 36.11 -12.00 56.66
CA ALA G 12 35.54 -11.20 55.56
C ALA G 12 35.03 -12.16 54.50
N PRO G 13 33.87 -11.89 53.86
CA PRO G 13 33.37 -12.74 52.78
C PRO G 13 34.43 -12.85 51.68
N ASN G 14 34.74 -14.08 51.31
CA ASN G 14 35.70 -14.38 50.20
C ASN G 14 35.01 -14.03 48.89
N PHE G 15 35.77 -13.52 47.93
CA PHE G 15 35.37 -13.42 46.51
C PHE G 15 36.47 -14.06 45.67
N LYS G 16 36.10 -14.67 44.56
CA LYS G 16 37.00 -14.92 43.42
C LYS G 16 36.49 -14.04 42.27
N ALA G 17 37.35 -13.26 41.64
CA ALA G 17 36.98 -12.30 40.58
C ALA G 17 38.16 -12.01 39.67
N THR G 18 37.89 -11.66 38.42
CA THR G 18 38.93 -11.19 37.46
C THR G 18 39.25 -9.75 37.82
N ALA G 19 40.54 -9.45 38.00
CA ALA G 19 41.02 -8.08 38.29
C ALA G 19 41.95 -7.62 37.17
N VAL G 20 42.02 -6.32 36.95
CA VAL G 20 43.09 -5.66 36.16
C VAL G 20 44.19 -5.30 37.13
N MET G 21 45.31 -6.02 37.07
CA MET G 21 46.51 -5.79 37.91
C MET G 21 47.22 -4.51 37.41
N PRO G 22 48.19 -3.98 38.19
CA PRO G 22 48.79 -2.69 37.85
C PRO G 22 49.67 -2.78 36.61
N ASP G 23 50.19 -3.97 36.29
CA ASP G 23 51.03 -4.24 35.09
C ASP G 23 50.17 -4.27 33.81
N GLY G 24 48.83 -4.20 33.91
CA GLY G 24 47.92 -4.18 32.75
C GLY G 24 47.48 -5.56 32.30
N GLN G 25 47.79 -6.61 33.07
CA GLN G 25 47.37 -8.01 32.83
C GLN G 25 46.03 -8.25 33.55
N PHE G 26 45.29 -9.27 33.12
CA PHE G 26 44.12 -9.84 33.83
C PHE G 26 44.57 -11.05 34.64
N LYS G 27 44.26 -11.06 35.93
CA LYS G 27 44.52 -12.20 36.84
C LYS G 27 43.21 -12.55 37.55
N ASP G 28 43.00 -13.83 37.87
CA ASP G 28 41.86 -14.27 38.70
C ASP G 28 42.33 -14.30 40.15
N ILE G 29 41.90 -13.34 40.98
CA ILE G 29 42.37 -13.23 42.39
C ILE G 29 41.22 -13.55 43.33
N SER G 30 41.56 -13.96 44.55
CA SER G 30 40.65 -14.18 45.69
C SER G 30 41.12 -13.35 46.87
N LEU G 31 40.22 -12.91 47.74
CA LEU G 31 40.60 -12.19 48.98
C LEU G 31 41.55 -13.08 49.78
N SER G 32 41.26 -14.38 49.83
CA SER G 32 42.06 -15.39 50.57
C SER G 32 43.49 -15.45 50.01
N ASP G 33 43.72 -15.06 48.76
CA ASP G 33 45.10 -14.97 48.20
C ASP G 33 45.95 -14.04 49.07
N TYR G 34 45.35 -13.12 49.83
CA TYR G 34 46.08 -12.02 50.52
C TYR G 34 46.17 -12.25 52.04
N LYS G 35 45.84 -13.45 52.53
CA LYS G 35 46.14 -13.83 53.93
C LYS G 35 47.64 -13.56 54.15
N GLY G 36 47.99 -13.05 55.32
CA GLY G 36 49.36 -12.61 55.65
C GLY G 36 49.53 -11.13 55.46
N LYS G 37 48.64 -10.48 54.71
CA LYS G 37 48.63 -9.01 54.52
C LYS G 37 47.30 -8.47 55.03
N TYR G 38 47.33 -7.25 55.58
CA TYR G 38 46.13 -6.40 55.78
C TYR G 38 45.61 -6.04 54.40
N VAL G 39 44.29 -5.97 54.24
CA VAL G 39 43.66 -5.59 52.94
C VAL G 39 42.73 -4.42 53.21
N VAL G 40 42.95 -3.34 52.45
CA VAL G 40 41.96 -2.25 52.29
C VAL G 40 41.21 -2.53 51.00
N PHE G 41 40.00 -3.06 51.11
CA PHE G 41 39.11 -3.42 49.97
C PHE G 41 38.05 -2.34 49.84
N PHE G 42 38.04 -1.59 48.74
CA PHE G 42 37.12 -0.43 48.59
C PHE G 42 36.37 -0.54 47.27
N PHE G 43 35.06 -0.36 47.35
CA PHE G 43 34.13 -0.27 46.20
C PHE G 43 33.99 1.20 45.79
N TYR G 44 33.83 1.43 44.49
CA TYR G 44 33.36 2.72 43.92
C TYR G 44 32.22 2.39 42.96
N PRO G 45 31.31 3.35 42.66
CA PRO G 45 30.08 3.04 41.95
C PRO G 45 30.35 2.51 40.52
N LEU G 46 30.93 3.36 39.66
CA LEU G 46 31.04 3.13 38.19
C LEU G 46 32.33 3.71 37.60
N ASP G 47 32.92 2.97 36.66
CA ASP G 47 33.96 3.45 35.72
C ASP G 47 33.32 4.42 34.72
N PHE G 48 34.14 5.37 34.23
CA PHE G 48 33.91 6.25 33.06
C PHE G 48 32.80 7.26 33.33
N THR G 49 32.50 7.59 34.60
CA THR G 49 31.56 8.69 34.92
C THR G 49 32.26 10.01 34.68
N PHE G 50 31.56 11.12 34.85
CA PHE G 50 32.04 12.49 34.51
C PHE G 50 32.83 13.06 35.69
N VAL G 51 32.98 12.33 36.79
CA VAL G 51 33.69 12.80 38.00
C VAL G 51 35.19 12.61 37.79
N CYS G 52 36.01 13.61 38.17
CA CYS G 52 37.48 13.45 38.29
C CYS G 52 37.66 12.31 39.30
N PRO G 53 38.27 11.17 38.93
CA PRO G 53 38.39 10.03 39.83
C PRO G 53 39.52 10.19 40.88
N THR G 54 39.57 11.33 41.56
CA THR G 54 40.72 11.77 42.38
C THR G 54 40.89 10.83 43.57
N GLU G 55 39.77 10.32 44.09
CA GLU G 55 39.73 9.38 45.23
C GLU G 55 40.51 8.11 44.88
N ILE G 56 40.17 7.46 43.78
CA ILE G 56 40.86 6.20 43.34
C ILE G 56 42.35 6.53 43.13
N ILE G 57 42.64 7.66 42.52
CA ILE G 57 44.04 8.03 42.15
C ILE G 57 44.86 8.22 43.43
N ALA G 58 44.33 8.96 44.41
CA ALA G 58 44.94 9.12 45.75
C ALA G 58 45.41 7.77 46.31
N PHE G 59 44.55 6.75 46.30
CA PHE G 59 44.89 5.41 46.84
C PHE G 59 46.00 4.79 45.98
N SER G 60 45.93 4.95 44.65
CA SER G 60 46.95 4.41 43.72
C SER G 60 48.28 5.13 43.97
N ASP G 61 48.26 6.47 43.90
CA ASP G 61 49.43 7.34 44.13
C ASP G 61 50.11 6.94 45.45
N ARG G 62 49.36 6.76 46.53
CA ARG G 62 49.97 6.58 47.87
C ARG G 62 50.02 5.09 48.23
N ALA G 63 50.00 4.21 47.24
CA ALA G 63 49.99 2.74 47.45
C ALA G 63 51.27 2.33 48.19
N GLU G 64 52.38 3.06 47.98
CA GLU G 64 53.68 2.79 48.63
C GLU G 64 53.48 2.77 50.15
N GLU G 65 52.71 3.72 50.67
CA GLU G 65 52.53 3.94 52.14
C GLU G 65 51.79 2.75 52.75
N PHE G 66 50.93 2.10 51.97
CA PHE G 66 50.18 0.89 52.38
C PHE G 66 51.11 -0.32 52.28
N LYS G 67 51.95 -0.39 51.25
CA LYS G 67 52.91 -1.50 51.09
C LYS G 67 53.88 -1.47 52.28
N LYS G 68 54.35 -0.28 52.67
CA LYS G 68 55.21 -0.05 53.86
C LYS G 68 54.53 -0.65 55.11
N LEU G 69 53.19 -0.59 55.22
CA LEU G 69 52.45 -1.13 56.38
C LEU G 69 52.02 -2.58 56.13
N ASN G 70 52.64 -3.25 55.14
CA ASN G 70 52.38 -4.66 54.79
C ASN G 70 50.86 -4.86 54.56
N SER G 71 50.24 -3.95 53.83
CA SER G 71 48.80 -4.01 53.48
C SER G 71 48.63 -3.76 51.98
N GLN G 72 47.65 -4.42 51.38
CA GLN G 72 47.30 -4.32 49.94
C GLN G 72 45.98 -3.55 49.77
N VAL G 73 45.99 -2.46 49.00
CA VAL G 73 44.75 -1.77 48.59
C VAL G 73 44.20 -2.45 47.35
N ILE G 74 42.90 -2.76 47.34
CA ILE G 74 42.17 -3.35 46.18
C ILE G 74 40.89 -2.52 45.95
N GLY G 75 40.72 -2.03 44.74
CA GLY G 75 39.50 -1.33 44.27
C GLY G 75 38.54 -2.31 43.58
N ALA G 76 37.25 -2.00 43.57
CA ALA G 76 36.21 -2.85 42.95
C ALA G 76 35.02 -2.00 42.48
N SER G 77 34.42 -2.41 41.36
CA SER G 77 33.10 -1.93 40.90
C SER G 77 32.45 -3.03 40.08
N VAL G 78 31.21 -2.81 39.66
CA VAL G 78 30.39 -3.82 38.94
C VAL G 78 30.76 -3.87 37.45
N ASP G 79 31.63 -2.97 36.99
CA ASP G 79 32.05 -2.86 35.56
C ASP G 79 32.90 -4.10 35.24
N SER G 80 32.84 -4.60 33.98
CA SER G 80 33.66 -5.73 33.48
C SER G 80 35.15 -5.39 33.57
N HIS G 81 35.99 -6.41 33.58
CA HIS G 81 37.46 -6.23 33.58
C HIS G 81 37.88 -5.52 32.29
N PHE G 82 37.18 -5.78 31.19
CA PHE G 82 37.45 -5.11 29.89
C PHE G 82 37.32 -3.60 30.08
N VAL G 83 36.33 -3.18 30.85
CA VAL G 83 36.00 -1.75 31.09
C VAL G 83 37.10 -1.16 31.97
N HIS G 84 37.43 -1.84 33.07
CA HIS G 84 38.52 -1.41 33.99
C HIS G 84 39.77 -1.13 33.13
N LEU G 85 40.15 -2.08 32.28
CA LEU G 85 41.36 -1.96 31.44
C LEU G 85 41.24 -0.72 30.56
N ALA G 86 40.13 -0.57 29.87
CA ALA G 86 39.85 0.58 28.98
C ALA G 86 39.98 1.89 29.77
N TRP G 87 39.51 1.91 31.01
CA TRP G 87 39.49 3.14 31.85
C TRP G 87 40.92 3.50 32.25
N VAL G 88 41.71 2.49 32.59
CA VAL G 88 43.15 2.63 32.93
C VAL G 88 43.88 3.22 31.73
N ASN G 89 43.65 2.68 30.55
CA ASN G 89 44.39 3.03 29.29
C ASN G 89 43.77 4.28 28.65
N THR G 90 42.74 4.85 29.24
CA THR G 90 42.24 6.19 28.85
C THR G 90 42.98 7.21 29.72
N PRO G 91 43.76 8.15 29.12
CA PRO G 91 44.53 9.11 29.92
C PRO G 91 43.63 10.07 30.70
N LYS G 92 44.10 10.55 31.86
CA LYS G 92 43.32 11.43 32.76
C LYS G 92 42.80 12.63 31.95
N LYS G 93 43.68 13.22 31.12
CA LYS G 93 43.43 14.43 30.29
C LYS G 93 42.09 14.31 29.56
N GLN G 94 41.64 13.09 29.24
CA GLN G 94 40.39 12.82 28.48
C GLN G 94 39.29 12.23 29.37
N GLY G 95 39.40 12.38 30.70
CA GLY G 95 38.41 11.89 31.69
C GLY G 95 38.50 10.40 31.93
N GLY G 96 39.70 9.84 31.75
CA GLY G 96 40.03 8.46 32.14
C GLY G 96 40.69 8.45 33.51
N LEU G 97 41.31 7.32 33.86
CA LEU G 97 41.84 7.01 35.21
C LEU G 97 43.37 7.10 35.21
N GLY G 98 43.98 6.75 34.07
CA GLY G 98 45.43 6.66 33.96
C GLY G 98 45.91 5.36 34.59
N PRO G 99 47.24 5.11 34.64
CA PRO G 99 47.77 3.84 35.11
C PRO G 99 47.57 3.76 36.62
N MET G 100 47.54 2.54 37.15
CA MET G 100 47.16 2.24 38.56
C MET G 100 48.27 1.41 39.20
N ASN G 101 48.51 1.64 40.49
CA ASN G 101 49.45 0.86 41.34
C ASN G 101 48.65 -0.15 42.17
N ILE G 102 47.33 -0.19 42.00
CA ILE G 102 46.43 -1.11 42.75
C ILE G 102 45.65 -1.94 41.74
N PRO G 103 45.31 -3.20 42.09
CA PRO G 103 44.44 -4.00 41.26
C PRO G 103 42.99 -3.48 41.35
N LEU G 104 42.24 -3.61 40.25
CA LEU G 104 40.81 -3.24 40.17
C LEU G 104 40.00 -4.51 39.91
N VAL G 105 39.18 -4.88 40.88
CA VAL G 105 38.32 -6.09 40.84
C VAL G 105 37.04 -5.77 40.07
N SER G 106 36.62 -6.72 39.25
CA SER G 106 35.38 -6.68 38.43
C SER G 106 34.34 -7.56 39.12
N ASP G 107 33.16 -7.02 39.40
CA ASP G 107 32.03 -7.72 40.10
C ASP G 107 30.78 -7.65 39.23
N PRO G 108 30.71 -8.36 38.08
CA PRO G 108 29.62 -8.20 37.14
C PRO G 108 28.35 -8.89 37.64
N LYS G 109 28.48 -9.94 38.46
CA LYS G 109 27.34 -10.68 39.02
C LYS G 109 26.75 -9.91 40.21
N ARG G 110 27.44 -8.86 40.69
CA ARG G 110 27.00 -7.98 41.80
C ARG G 110 26.91 -8.78 43.12
N THR G 111 27.51 -9.98 43.17
CA THR G 111 27.50 -10.89 44.35
C THR G 111 28.42 -10.34 45.44
N ILE G 112 29.56 -9.77 45.04
CA ILE G 112 30.59 -9.24 45.97
C ILE G 112 30.01 -8.00 46.64
N ALA G 113 29.47 -7.07 45.86
CA ALA G 113 28.80 -5.87 46.38
C ALA G 113 27.70 -6.29 47.36
N GLN G 114 26.97 -7.35 47.05
CA GLN G 114 25.84 -7.80 47.90
C GLN G 114 26.36 -8.41 49.19
N ASP G 115 27.40 -9.24 49.11
CA ASP G 115 28.05 -9.86 50.29
C ASP G 115 28.53 -8.78 51.26
N TYR G 116 29.09 -7.66 50.76
CA TYR G 116 29.66 -6.57 51.61
C TYR G 116 28.57 -5.54 51.93
N GLY G 117 27.36 -5.75 51.42
CA GLY G 117 26.14 -5.02 51.81
C GLY G 117 26.15 -3.60 51.29
N VAL G 118 26.75 -3.38 50.12
CA VAL G 118 26.96 -2.03 49.55
C VAL G 118 26.33 -1.96 48.16
N LEU G 119 25.52 -2.95 47.76
CA LEU G 119 24.81 -2.93 46.47
C LEU G 119 23.59 -2.01 46.62
N LYS G 120 23.55 -0.93 45.85
CA LYS G 120 22.35 -0.06 45.65
C LYS G 120 21.47 -0.78 44.63
N ALA G 121 20.43 -1.47 45.10
CA ALA G 121 19.65 -2.47 44.34
C ALA G 121 19.10 -1.84 43.06
N ASP G 122 18.49 -0.66 43.20
CA ASP G 122 17.66 0.01 42.16
C ASP G 122 18.53 0.44 40.96
N GLU G 123 19.81 0.74 41.15
CA GLU G 123 20.71 1.20 40.03
C GLU G 123 21.74 0.13 39.66
N GLY G 124 21.87 -0.94 40.48
CA GLY G 124 22.76 -2.09 40.26
C GLY G 124 24.23 -1.74 40.35
N ILE G 125 24.61 -0.91 41.34
CA ILE G 125 25.98 -0.37 41.54
C ILE G 125 26.31 -0.35 43.03
N SER G 126 27.60 -0.41 43.36
CA SER G 126 28.16 -0.29 44.73
C SER G 126 28.01 1.14 45.24
N PHE G 127 27.66 1.33 46.50
CA PHE G 127 27.95 2.56 47.26
C PHE G 127 29.47 2.71 47.41
N ARG G 128 29.91 3.81 48.02
CA ARG G 128 31.35 4.08 48.33
C ARG G 128 31.69 3.34 49.63
N GLY G 129 31.87 2.03 49.54
CA GLY G 129 32.19 1.17 50.70
C GLY G 129 33.67 0.90 50.79
N LEU G 130 34.22 0.91 52.00
CA LEU G 130 35.63 0.55 52.28
C LEU G 130 35.66 -0.37 53.49
N PHE G 131 36.44 -1.44 53.37
CA PHE G 131 36.54 -2.51 54.40
C PHE G 131 38.00 -2.76 54.72
N ILE G 132 38.33 -2.78 56.02
CA ILE G 132 39.69 -3.17 56.46
C ILE G 132 39.64 -4.59 56.99
N ILE G 133 40.53 -5.43 56.45
CA ILE G 133 40.59 -6.89 56.70
C ILE G 133 42.02 -7.22 57.15
N ASP G 134 42.19 -7.92 58.26
CA ASP G 134 43.52 -8.13 58.90
C ASP G 134 44.24 -9.30 58.20
N ASP G 135 45.50 -9.52 58.57
CA ASP G 135 46.43 -10.54 58.02
C ASP G 135 45.82 -11.95 58.18
N LYS G 136 44.84 -12.15 59.07
CA LYS G 136 44.20 -13.48 59.29
C LYS G 136 42.86 -13.54 58.52
N GLY G 137 42.52 -12.51 57.76
CA GLY G 137 41.30 -12.48 56.92
C GLY G 137 40.04 -12.13 57.68
N ILE G 138 40.18 -11.45 58.83
CA ILE G 138 39.05 -11.05 59.71
C ILE G 138 38.70 -9.59 59.43
N LEU G 139 37.42 -9.30 59.28
CA LEU G 139 36.91 -7.93 59.02
C LEU G 139 37.04 -7.11 60.30
N ARG G 140 37.65 -5.94 60.22
CA ARG G 140 37.94 -5.10 61.40
C ARG G 140 37.19 -3.77 61.33
N GLN G 141 36.90 -3.28 60.13
CA GLN G 141 36.34 -1.93 59.95
C GLN G 141 35.38 -1.93 58.75
N ILE G 142 34.27 -1.21 58.90
CA ILE G 142 33.27 -0.96 57.82
C ILE G 142 33.10 0.54 57.67
N THR G 143 33.40 1.07 56.48
CA THR G 143 33.10 2.46 56.07
C THR G 143 32.19 2.41 54.84
N VAL G 144 31.03 3.05 54.88
CA VAL G 144 30.13 3.16 53.69
C VAL G 144 29.60 4.59 53.59
N ASN G 145 29.98 5.30 52.52
CA ASN G 145 29.54 6.68 52.22
C ASN G 145 28.47 6.63 51.13
N ASP G 146 27.42 7.46 51.25
CA ASP G 146 26.54 7.80 50.11
C ASP G 146 27.44 8.32 48.98
N LEU G 147 26.91 8.30 47.75
CA LEU G 147 27.70 8.40 46.50
C LEU G 147 28.53 9.68 46.41
N PRO G 148 28.02 10.87 46.82
CA PRO G 148 28.76 12.12 46.58
C PRO G 148 29.99 12.42 47.46
N VAL G 149 30.34 11.59 48.43
CA VAL G 149 31.38 11.90 49.44
C VAL G 149 32.47 10.83 49.43
N GLY G 150 33.71 11.26 49.24
CA GLY G 150 34.86 10.36 49.04
C GLY G 150 35.51 9.98 50.36
N ARG G 151 36.53 9.12 50.25
CA ARG G 151 37.25 8.55 51.41
C ARG G 151 38.64 9.18 51.48
N SER G 152 39.17 9.35 52.69
CA SER G 152 40.50 9.94 52.96
C SER G 152 41.56 8.83 52.99
N VAL G 153 42.67 9.00 52.27
CA VAL G 153 43.78 8.02 52.37
C VAL G 153 44.36 8.08 53.78
N ASP G 154 44.44 9.29 54.36
CA ASP G 154 45.04 9.48 55.70
C ASP G 154 44.22 8.70 56.74
N GLU G 155 42.90 8.90 56.76
CA GLU G 155 42.02 8.22 57.75
C GLU G 155 42.15 6.70 57.55
N THR G 156 42.28 6.23 56.32
CA THR G 156 42.45 4.79 56.05
C THR G 156 43.78 4.33 56.66
N LEU G 157 44.87 5.06 56.44
CA LEU G 157 46.19 4.69 57.04
C LEU G 157 46.06 4.71 58.57
N ARG G 158 45.42 5.72 59.16
CA ARG G 158 45.24 5.81 60.63
C ARG G 158 44.65 4.49 61.16
N LEU G 159 43.56 4.03 60.52
CA LEU G 159 42.85 2.80 60.93
C LEU G 159 43.79 1.59 60.77
N VAL G 160 44.47 1.46 59.62
CA VAL G 160 45.33 0.27 59.39
C VAL G 160 46.42 0.26 60.47
N GLN G 161 47.07 1.40 60.76
CA GLN G 161 48.18 1.48 61.76
C GLN G 161 47.62 1.10 63.13
N ALA G 162 46.43 1.62 63.48
CA ALA G 162 45.79 1.41 64.80
C ALA G 162 45.48 -0.07 65.01
N PHE G 163 44.87 -0.72 64.02
CA PHE G 163 44.53 -2.16 64.12
C PHE G 163 45.83 -2.96 64.22
N GLN G 164 46.87 -2.55 63.49
CA GLN G 164 48.15 -3.27 63.43
C GLN G 164 48.86 -3.11 64.77
N PHE G 165 48.84 -1.91 65.35
CA PHE G 165 49.39 -1.61 66.69
C PHE G 165 48.82 -2.62 67.69
N THR G 166 47.50 -2.74 67.74
CA THR G 166 46.80 -3.58 68.74
C THR G 166 47.11 -5.06 68.47
N ASP G 167 47.07 -5.45 67.19
CA ASP G 167 47.46 -6.80 66.71
C ASP G 167 48.86 -7.15 67.25
N LYS G 168 49.83 -6.22 67.14
CA LYS G 168 51.26 -6.47 67.46
C LYS G 168 51.45 -6.68 68.96
N HIS G 169 50.82 -5.87 69.84
CA HIS G 169 50.93 -5.99 71.32
C HIS G 169 50.02 -7.13 71.82
N GLY G 170 49.73 -8.10 70.96
CA GLY G 170 49.13 -9.39 71.35
C GLY G 170 50.05 -10.55 71.00
N GLU G 171 51.25 -10.26 70.47
CA GLU G 171 52.38 -11.24 70.36
C GLU G 171 53.21 -11.05 71.63
N VAL G 172 52.78 -11.63 72.75
CA VAL G 172 53.38 -11.43 74.09
C VAL G 172 53.63 -12.80 74.72
N SER G 173 54.74 -12.94 75.45
CA SER G 173 55.09 -14.16 76.24
C SER G 173 54.59 -13.99 77.67
N PRO G 174 54.21 -15.07 78.38
CA PRO G 174 53.88 -14.95 79.81
C PRO G 174 54.97 -14.16 80.55
N ALA G 175 54.59 -13.48 81.65
CA ALA G 175 55.49 -12.47 82.26
C ALA G 175 56.57 -13.22 83.08
N TRP G 177 57.82 -11.88 85.54
CA TRP G 177 57.64 -11.04 86.75
C TRP G 177 56.47 -11.60 87.56
N LYS G 178 56.54 -11.50 88.89
CA LYS G 178 55.45 -11.91 89.82
C LYS G 178 55.41 -10.89 90.94
N PRO G 179 54.22 -10.58 91.49
CA PRO G 179 54.13 -9.68 92.65
C PRO G 179 54.53 -10.44 93.92
N GLY G 180 54.76 -9.74 95.03
CA GLY G 180 55.33 -10.36 96.24
C GLY G 180 55.81 -9.31 97.20
N SER G 181 56.43 -9.71 98.30
CA SER G 181 56.99 -8.79 99.33
C SER G 181 57.79 -7.67 98.64
N ASP G 182 58.67 -8.05 97.71
CA ASP G 182 59.71 -7.17 97.10
C ASP G 182 59.07 -6.11 96.18
N THR G 183 57.84 -6.31 95.72
CA THR G 183 57.17 -5.43 94.71
C THR G 183 56.12 -4.52 95.38
N ILE G 184 55.77 -4.73 96.65
CA ILE G 184 54.68 -3.98 97.34
C ILE G 184 55.16 -2.56 97.65
N LYS G 185 54.34 -1.55 97.38
CA LYS G 185 54.54 -0.14 97.84
C LYS G 185 53.84 0.01 99.20
N PRO G 186 54.59 0.35 100.28
CA PRO G 186 54.00 0.34 101.62
C PRO G 186 53.26 1.66 101.90
N ASP G 187 52.55 1.76 103.04
CA ASP G 187 52.08 3.05 103.63
C ASP G 187 50.63 3.30 103.19
N SER H 2 -14.19 -43.55 38.23
CA SER H 2 -15.24 -43.47 37.16
C SER H 2 -14.63 -43.75 35.77
N SER H 3 -14.13 -42.71 35.09
CA SER H 3 -13.31 -42.78 33.84
C SER H 3 -12.57 -41.45 33.62
N GLY H 4 -11.49 -41.21 34.39
CA GLY H 4 -10.58 -40.05 34.27
C GLY H 4 -11.22 -38.74 34.75
N ASN H 5 -12.55 -38.62 34.71
CA ASN H 5 -13.30 -37.33 34.79
C ASN H 5 -14.74 -37.46 34.27
N ALA H 6 -15.02 -38.49 33.48
CA ALA H 6 -16.35 -38.85 32.94
C ALA H 6 -17.03 -39.79 33.91
N LYS H 7 -18.13 -39.35 34.50
CA LYS H 7 -18.83 -40.12 35.57
C LYS H 7 -20.22 -40.48 35.01
N ILE H 8 -20.58 -41.76 35.09
CA ILE H 8 -21.95 -42.21 34.76
C ILE H 8 -22.93 -41.41 35.61
N GLY H 9 -23.97 -40.86 34.98
CA GLY H 9 -25.07 -40.17 35.67
C GLY H 9 -24.79 -38.69 35.86
N HIS H 10 -23.56 -38.22 35.74
CA HIS H 10 -23.21 -36.77 35.75
C HIS H 10 -23.11 -36.30 34.32
N PRO H 11 -23.09 -34.97 34.05
CA PRO H 11 -22.99 -34.47 32.67
C PRO H 11 -21.63 -34.85 32.06
N ALA H 12 -21.66 -35.37 30.83
CA ALA H 12 -20.43 -35.78 30.10
C ALA H 12 -19.50 -34.59 30.03
N PRO H 13 -18.17 -34.75 30.17
CA PRO H 13 -17.24 -33.64 30.04
C PRO H 13 -17.42 -32.98 28.68
N ASN H 14 -17.60 -31.66 28.69
CA ASN H 14 -17.76 -30.86 27.44
C ASN H 14 -16.37 -30.77 26.81
N PHE H 15 -16.33 -30.79 25.48
CA PHE H 15 -15.15 -30.43 24.68
C PHE H 15 -15.60 -29.37 23.68
N LYS H 16 -14.70 -28.44 23.35
CA LYS H 16 -14.74 -27.67 22.10
C LYS H 16 -13.52 -28.13 21.28
N ALA H 17 -13.73 -28.52 20.02
CA ALA H 17 -12.67 -29.04 19.16
C ALA H 17 -13.00 -28.82 17.69
N THR H 18 -11.97 -28.71 16.86
CA THR H 18 -12.12 -28.64 15.39
C THR H 18 -12.43 -30.05 14.89
N ALA H 19 -13.49 -30.21 14.13
CA ALA H 19 -13.87 -31.50 13.52
C ALA H 19 -13.86 -31.36 12.00
N VAL H 20 -13.61 -32.47 11.31
CA VAL H 20 -13.89 -32.62 9.86
C VAL H 20 -15.30 -33.18 9.74
N MET H 21 -16.23 -32.35 9.29
CA MET H 21 -17.65 -32.72 9.06
C MET H 21 -17.74 -33.58 7.80
N PRO H 22 -18.91 -34.22 7.56
CA PRO H 22 -19.01 -35.19 6.47
C PRO H 22 -18.95 -34.52 5.08
N ASP H 23 -19.30 -33.25 5.01
CA ASP H 23 -19.28 -32.43 3.76
C ASP H 23 -17.83 -32.04 3.41
N GLY H 24 -16.83 -32.33 4.25
CA GLY H 24 -15.41 -32.04 3.99
C GLY H 24 -14.97 -30.66 4.47
N GLN H 25 -15.84 -29.95 5.21
CA GLN H 25 -15.54 -28.65 5.83
C GLN H 25 -14.97 -28.89 7.24
N PHE H 26 -14.25 -27.90 7.78
CA PHE H 26 -13.83 -27.80 9.19
C PHE H 26 -14.83 -26.92 9.94
N LYS H 27 -15.36 -27.45 11.05
CA LYS H 27 -16.27 -26.71 11.96
C LYS H 27 -15.70 -26.83 13.38
N ASP H 28 -15.90 -25.81 14.21
CA ASP H 28 -15.59 -25.87 15.66
C ASP H 28 -16.87 -26.32 16.37
N ILE H 29 -16.91 -27.57 16.85
CA ILE H 29 -18.11 -28.13 17.51
C ILE H 29 -17.82 -28.32 19.00
N SER H 30 -18.91 -28.33 19.79
CA SER H 30 -18.90 -28.66 21.24
C SER H 30 -19.90 -29.80 21.47
N LEU H 31 -19.65 -30.66 22.44
CA LEU H 31 -20.62 -31.72 22.82
C LEU H 31 -21.97 -31.07 23.15
N SER H 32 -21.92 -29.94 23.83
CA SER H 32 -23.11 -29.15 24.26
C SER H 32 -23.92 -28.69 23.03
N ASP H 33 -23.29 -28.56 21.86
CA ASP H 33 -24.02 -28.23 20.60
C ASP H 33 -25.09 -29.29 20.34
N TYR H 34 -24.97 -30.51 20.88
CA TYR H 34 -25.83 -31.66 20.51
C TYR H 34 -26.85 -31.99 21.61
N LYS H 35 -27.04 -31.12 22.62
CA LYS H 35 -28.18 -31.25 23.55
C LYS H 35 -29.45 -31.37 22.71
N GLY H 36 -30.37 -32.24 23.12
CA GLY H 36 -31.58 -32.59 22.38
C GLY H 36 -31.40 -33.86 21.58
N LYS H 37 -30.17 -34.28 21.34
CA LYS H 37 -29.85 -35.56 20.67
C LYS H 37 -29.03 -36.42 21.61
N TYR H 38 -29.21 -37.74 21.51
CA TYR H 38 -28.28 -38.76 22.05
C TYR H 38 -26.98 -38.63 21.25
N VAL H 39 -25.84 -38.82 21.90
CA VAL H 39 -24.51 -38.80 21.23
C VAL H 39 -23.81 -40.11 21.52
N VAL H 40 -23.37 -40.79 20.49
CA VAL H 40 -22.36 -41.87 20.57
C VAL H 40 -21.03 -41.24 20.22
N PHE H 41 -20.20 -40.96 21.22
CA PHE H 41 -18.85 -40.36 21.08
C PHE H 41 -17.82 -41.47 21.23
N PHE H 42 -17.05 -41.75 20.18
CA PHE H 42 -16.07 -42.86 20.20
C PHE H 42 -14.69 -42.36 19.76
N PHE H 43 -13.69 -42.75 20.54
CA PHE H 43 -12.25 -42.54 20.25
C PHE H 43 -11.72 -43.75 19.50
N TYR H 44 -10.77 -43.53 18.59
CA TYR H 44 -9.90 -44.57 18.00
C TYR H 44 -8.46 -44.08 18.14
N PRO H 45 -7.46 -44.98 18.13
CA PRO H 45 -6.09 -44.61 18.48
C PRO H 45 -5.50 -43.57 17.53
N LEU H 46 -5.32 -43.95 16.25
CA LEU H 46 -4.55 -43.17 15.25
C LEU H 46 -5.12 -43.29 13.83
N ASP H 47 -5.09 -42.17 13.10
CA ASP H 47 -5.26 -42.11 11.62
C ASP H 47 -4.03 -42.72 10.96
N PHE H 48 -4.24 -43.29 9.77
CA PHE H 48 -3.23 -43.70 8.75
C PHE H 48 -2.40 -44.89 9.24
N THR H 49 -2.91 -45.69 10.19
CA THR H 49 -2.22 -46.96 10.58
C THR H 49 -2.47 -47.99 9.48
N PHE H 50 -1.88 -49.17 9.62
CA PHE H 50 -1.89 -50.24 8.60
C PHE H 50 -3.14 -51.10 8.78
N VAL H 51 -4.01 -50.79 9.73
CA VAL H 51 -5.26 -51.56 9.99
C VAL H 51 -6.32 -51.12 8.98
N CYS H 52 -7.07 -52.08 8.42
CA CYS H 52 -8.31 -51.78 7.65
C CYS H 52 -9.22 -51.07 8.63
N PRO H 53 -9.60 -49.79 8.40
CA PRO H 53 -10.41 -49.06 9.36
C PRO H 53 -11.90 -49.44 9.34
N THR H 54 -12.22 -50.73 9.36
CA THR H 54 -13.56 -51.28 9.07
C THR H 54 -14.54 -50.82 10.15
N GLU H 55 -14.04 -50.70 11.39
CA GLU H 55 -14.83 -50.26 12.57
C GLU H 55 -15.38 -48.86 12.32
N ILE H 56 -14.53 -47.90 11.99
CA ILE H 56 -14.96 -46.50 11.75
C ILE H 56 -15.95 -46.50 10.57
N ILE H 57 -15.67 -47.27 9.54
CA ILE H 57 -16.49 -47.29 8.30
C ILE H 57 -17.90 -47.81 8.64
N ALA H 58 -17.98 -48.92 9.37
CA ALA H 58 -19.26 -49.49 9.86
C ALA H 58 -20.13 -48.39 10.50
N PHE H 59 -19.58 -47.58 11.39
CA PHE H 59 -20.34 -46.50 12.07
C PHE H 59 -20.76 -45.46 11.04
N SER H 60 -19.89 -45.13 10.09
CA SER H 60 -20.19 -44.13 9.02
C SER H 60 -21.30 -44.71 8.12
N ASP H 61 -21.08 -45.91 7.59
CA ASP H 61 -22.04 -46.62 6.71
C ASP H 61 -23.42 -46.65 7.39
N ARG H 62 -23.50 -46.98 8.67
CA ARG H 62 -24.81 -47.22 9.32
C ARG H 62 -25.26 -45.99 10.10
N ALA H 63 -24.75 -44.81 9.75
CA ALA H 63 -25.05 -43.55 10.46
C ALA H 63 -26.54 -43.25 10.37
N GLU H 64 -27.19 -43.69 9.28
CA GLU H 64 -28.65 -43.47 9.05
C GLU H 64 -29.43 -44.06 10.22
N GLU H 65 -29.03 -45.24 10.69
CA GLU H 65 -29.74 -46.01 11.74
C GLU H 65 -29.68 -45.26 13.07
N PHE H 66 -28.62 -44.50 13.29
CA PHE H 66 -28.44 -43.64 14.49
C PHE H 66 -29.25 -42.36 14.32
N LYS H 67 -29.30 -41.80 13.11
CA LYS H 67 -30.10 -40.57 12.83
C LYS H 67 -31.58 -40.91 13.07
N LYS H 68 -32.02 -42.08 12.61
CA LYS H 68 -33.40 -42.62 12.84
C LYS H 68 -33.69 -42.63 14.35
N LEU H 69 -32.71 -42.91 15.21
CA LEU H 69 -32.89 -42.97 16.69
C LEU H 69 -32.59 -41.60 17.31
N ASN H 70 -32.57 -40.54 16.50
CA ASN H 70 -32.35 -39.14 16.95
C ASN H 70 -31.04 -39.07 17.77
N SER H 71 -29.99 -39.72 17.28
CA SER H 71 -28.66 -39.72 17.92
C SER H 71 -27.59 -39.42 16.87
N GLN H 72 -26.53 -38.71 17.29
CA GLN H 72 -25.36 -38.35 16.46
C GLN H 72 -24.14 -39.19 16.86
N VAL H 73 -23.54 -39.88 15.90
CA VAL H 73 -22.22 -40.56 16.09
C VAL H 73 -21.13 -39.54 15.82
N ILE H 74 -20.15 -39.44 16.72
CA ILE H 74 -18.94 -38.58 16.58
C ILE H 74 -17.71 -39.44 16.87
N GLY H 75 -16.76 -39.47 15.94
CA GLY H 75 -15.44 -40.09 16.08
C GLY H 75 -14.39 -39.09 16.54
N ALA H 76 -13.31 -39.56 17.15
CA ALA H 76 -12.23 -38.70 17.69
C ALA H 76 -10.91 -39.47 17.73
N SER H 77 -9.82 -38.76 17.49
CA SER H 77 -8.44 -39.21 17.76
C SER H 77 -7.57 -37.98 18.03
N VAL H 78 -6.32 -38.20 18.40
CA VAL H 78 -5.37 -37.11 18.77
C VAL H 78 -4.78 -36.47 17.51
N ASP H 79 -5.06 -37.01 16.32
CA ASP H 79 -4.50 -36.51 15.03
C ASP H 79 -5.12 -35.13 14.76
N SER H 80 -4.39 -34.22 14.11
CA SER H 80 -4.87 -32.87 13.68
C SER H 80 -6.04 -33.02 12.73
N HIS H 81 -6.86 -31.98 12.61
CA HIS H 81 -7.99 -31.96 11.65
C HIS H 81 -7.45 -32.07 10.22
N PHE H 82 -6.27 -31.52 9.97
CA PHE H 82 -5.61 -31.61 8.63
C PHE H 82 -5.41 -33.09 8.28
N VAL H 83 -5.04 -33.89 9.27
CA VAL H 83 -4.74 -35.33 9.10
C VAL H 83 -6.06 -36.06 8.84
N HIS H 84 -7.08 -35.80 9.66
CA HIS H 84 -8.43 -36.39 9.48
C HIS H 84 -8.87 -36.17 8.03
N LEU H 85 -8.78 -34.92 7.56
CA LEU H 85 -9.21 -34.56 6.18
C LEU H 85 -8.41 -35.38 5.17
N ALA H 86 -7.09 -35.41 5.31
CA ALA H 86 -6.20 -36.18 4.42
C ALA H 86 -6.60 -37.66 4.41
N TRP H 87 -6.96 -38.21 5.56
CA TRP H 87 -7.29 -39.65 5.70
C TRP H 87 -8.61 -39.95 4.98
N VAL H 88 -9.58 -39.04 5.11
CA VAL H 88 -10.89 -39.11 4.44
C VAL H 88 -10.66 -39.11 2.93
N ASN H 89 -9.83 -38.20 2.43
CA ASN H 89 -9.60 -37.96 0.99
C ASN H 89 -8.56 -38.95 0.44
N THR H 90 -8.04 -39.83 1.27
CA THR H 90 -7.23 -40.99 0.81
C THR H 90 -8.19 -42.15 0.57
N PRO H 91 -8.28 -42.69 -0.67
CA PRO H 91 -9.22 -43.75 -0.97
C PRO H 91 -8.88 -45.05 -0.22
N LYS H 92 -9.91 -45.85 0.10
CA LYS H 92 -9.77 -47.09 0.90
C LYS H 92 -8.71 -47.97 0.23
N LYS H 93 -8.79 -48.11 -1.10
CA LYS H 93 -7.94 -48.96 -1.96
C LYS H 93 -6.45 -48.78 -1.60
N GLN H 94 -6.06 -47.60 -1.10
CA GLN H 94 -4.65 -47.26 -0.76
C GLN H 94 -4.44 -47.20 0.76
N GLY H 95 -5.35 -47.79 1.56
CA GLY H 95 -5.25 -47.85 3.03
C GLY H 95 -5.65 -46.53 3.68
N GLY H 96 -6.53 -45.77 3.03
CA GLY H 96 -7.22 -44.60 3.60
C GLY H 96 -8.56 -44.99 4.17
N LEU H 97 -9.40 -44.00 4.46
CA LEU H 97 -10.69 -44.13 5.18
C LEU H 97 -11.87 -44.00 4.23
N GLY H 98 -11.71 -43.18 3.19
CA GLY H 98 -12.80 -42.86 2.26
C GLY H 98 -13.73 -41.85 2.91
N PRO H 99 -14.83 -41.46 2.24
CA PRO H 99 -15.67 -40.37 2.71
C PRO H 99 -16.46 -40.85 3.94
N MET H 100 -16.88 -39.91 4.78
CA MET H 100 -17.48 -40.20 6.11
C MET H 100 -18.85 -39.52 6.20
N ASN H 101 -19.80 -40.18 6.87
CA ASN H 101 -21.15 -39.65 7.19
C ASN H 101 -21.17 -39.15 8.62
N ILE H 102 -20.04 -39.24 9.34
CA ILE H 102 -19.91 -38.78 10.74
C ILE H 102 -18.79 -37.75 10.82
N PRO H 103 -18.90 -36.78 11.74
CA PRO H 103 -17.81 -35.86 12.01
C PRO H 103 -16.66 -36.58 12.74
N LEU H 104 -15.43 -36.16 12.47
CA LEU H 104 -14.20 -36.67 13.12
C LEU H 104 -13.57 -35.51 13.91
N VAL H 105 -13.56 -35.64 15.23
CA VAL H 105 -13.03 -34.64 16.17
C VAL H 105 -11.52 -34.83 16.29
N SER H 106 -10.80 -33.72 16.32
CA SER H 106 -9.35 -33.61 16.48
C SER H 106 -9.05 -33.20 17.91
N ASP H 107 -8.23 -33.97 18.62
CA ASP H 107 -7.86 -33.73 20.04
C ASP H 107 -6.33 -33.64 20.17
N PRO H 108 -5.68 -32.57 19.67
CA PRO H 108 -4.24 -32.53 19.60
C PRO H 108 -3.62 -32.26 20.98
N LYS H 109 -4.36 -31.58 21.87
CA LYS H 109 -3.88 -31.27 23.23
C LYS H 109 -4.06 -32.50 24.13
N ARG H 110 -4.67 -33.63 23.67
CA ARG H 110 -4.94 -34.90 24.40
C ARG H 110 -5.78 -34.62 25.66
N THR H 111 -6.45 -33.41 25.78
CA THR H 111 -7.27 -33.02 26.96
C THR H 111 -8.60 -33.80 26.96
N ILE H 112 -9.17 -34.02 25.78
CA ILE H 112 -10.48 -34.72 25.62
C ILE H 112 -10.27 -36.19 25.96
N ALA H 113 -9.26 -36.80 25.39
CA ALA H 113 -8.87 -38.20 25.69
C ALA H 113 -8.67 -38.34 27.19
N GLN H 114 -8.05 -37.36 27.83
CA GLN H 114 -7.71 -37.42 29.27
C GLN H 114 -8.99 -37.27 30.09
N ASP H 115 -9.85 -36.32 29.73
CA ASP H 115 -11.16 -36.10 30.40
C ASP H 115 -11.98 -37.39 30.38
N TYR H 116 -11.99 -38.15 29.28
CA TYR H 116 -12.80 -39.38 29.11
C TYR H 116 -12.02 -40.60 29.60
N GLY H 117 -10.78 -40.38 30.05
CA GLY H 117 -9.97 -41.38 30.78
C GLY H 117 -9.48 -42.48 29.87
N VAL H 118 -9.22 -42.16 28.61
CA VAL H 118 -8.87 -43.16 27.57
C VAL H 118 -7.51 -42.80 26.94
N LEU H 119 -6.77 -41.86 27.52
CA LEU H 119 -5.40 -41.52 27.03
C LEU H 119 -4.43 -42.59 27.52
N LYS H 120 -3.80 -43.30 26.59
CA LYS H 120 -2.64 -44.20 26.83
C LYS H 120 -1.41 -43.30 26.92
N ALA H 121 -0.95 -43.03 28.14
CA ALA H 121 0.02 -41.95 28.49
C ALA H 121 1.30 -42.13 27.67
N ASP H 122 1.82 -43.37 27.65
CA ASP H 122 3.18 -43.70 27.16
C ASP H 122 3.28 -43.49 25.64
N GLU H 123 2.19 -43.62 24.87
CA GLU H 123 2.23 -43.46 23.39
C GLU H 123 1.54 -42.17 22.96
N GLY H 124 0.80 -41.51 23.86
CA GLY H 124 0.07 -40.24 23.61
C GLY H 124 -1.10 -40.40 22.64
N ILE H 125 -1.87 -41.48 22.79
CA ILE H 125 -3.01 -41.85 21.91
C ILE H 125 -4.18 -42.38 22.74
N SER H 126 -5.39 -42.28 22.22
CA SER H 126 -6.66 -42.82 22.81
C SER H 126 -6.66 -44.36 22.73
N PHE H 127 -7.13 -45.03 23.75
CA PHE H 127 -7.67 -46.41 23.65
C PHE H 127 -8.95 -46.38 22.80
N ARG H 128 -9.53 -47.56 22.55
CA ARG H 128 -10.80 -47.72 21.79
C ARG H 128 -11.95 -47.48 22.77
N GLY H 129 -12.21 -46.21 23.09
CA GLY H 129 -13.27 -45.81 24.04
C GLY H 129 -14.52 -45.39 23.31
N LEU H 130 -15.68 -45.76 23.84
CA LEU H 130 -17.01 -45.33 23.31
C LEU H 130 -17.88 -44.92 24.50
N PHE H 131 -18.57 -43.79 24.35
CA PHE H 131 -19.40 -43.17 25.40
C PHE H 131 -20.77 -42.85 24.84
N ILE H 132 -21.81 -43.24 25.55
CA ILE H 132 -23.21 -42.88 25.19
C ILE H 132 -23.69 -41.78 26.11
N ILE H 133 -24.16 -40.69 25.52
CA ILE H 133 -24.55 -39.42 26.21
C ILE H 133 -25.97 -39.09 25.78
N ASP H 134 -26.88 -38.85 26.73
CA ASP H 134 -28.33 -38.72 26.46
C ASP H 134 -28.63 -37.28 25.99
N ASP H 135 -29.88 -37.05 25.56
CA ASP H 135 -30.41 -35.78 25.02
C ASP H 135 -30.19 -34.63 26.02
N LYS H 136 -30.00 -34.92 27.31
CA LYS H 136 -29.80 -33.88 28.36
C LYS H 136 -28.30 -33.72 28.66
N GLY H 137 -27.43 -34.42 27.95
CA GLY H 137 -25.96 -34.29 28.06
C GLY H 137 -25.39 -35.08 29.23
N ILE H 138 -26.10 -36.11 29.68
CA ILE H 138 -25.69 -36.98 30.82
C ILE H 138 -25.06 -38.25 30.29
N LEU H 139 -23.92 -38.64 30.85
CA LEU H 139 -23.18 -39.86 30.45
C LEU H 139 -23.95 -41.07 30.96
N ARG H 140 -24.24 -42.04 30.09
CA ARG H 140 -25.08 -43.21 30.42
C ARG H 140 -24.28 -44.50 30.32
N GLN H 141 -23.27 -44.55 29.46
CA GLN H 141 -22.54 -45.81 29.16
C GLN H 141 -21.05 -45.50 28.91
N ILE H 142 -20.18 -46.36 29.42
CA ILE H 142 -18.72 -46.32 29.18
C ILE H 142 -18.31 -47.68 28.62
N THR H 143 -17.73 -47.68 27.41
CA THR H 143 -17.08 -48.84 26.79
C THR H 143 -15.62 -48.46 26.51
N VAL H 144 -14.66 -49.24 26.99
CA VAL H 144 -13.21 -49.04 26.64
C VAL H 144 -12.55 -50.37 26.34
N ASN H 145 -12.10 -50.58 25.10
CA ASN H 145 -11.40 -51.79 24.62
C ASN H 145 -9.91 -51.49 24.52
N ASP H 146 -9.06 -52.44 24.91
CA ASP H 146 -7.63 -52.47 24.51
C ASP H 146 -7.58 -52.39 22.99
N LEU H 147 -6.43 -52.03 22.44
CA LEU H 147 -6.26 -51.56 21.05
C LEU H 147 -6.71 -52.60 20.01
N PRO H 148 -6.42 -53.90 20.15
CA PRO H 148 -6.68 -54.85 19.08
C PRO H 148 -8.15 -55.29 18.83
N VAL H 149 -9.12 -54.85 19.64
CA VAL H 149 -10.52 -55.36 19.55
C VAL H 149 -11.49 -54.21 19.31
N GLY H 150 -12.30 -54.33 18.27
CA GLY H 150 -13.17 -53.24 17.80
C GLY H 150 -14.53 -53.30 18.47
N ARG H 151 -15.38 -52.32 18.12
CA ARG H 151 -16.72 -52.13 18.73
C ARG H 151 -17.76 -52.52 17.70
N SER H 152 -18.89 -53.06 18.16
CA SER H 152 -20.04 -53.53 17.32
C SER H 152 -21.02 -52.37 17.13
N VAL H 153 -21.42 -52.10 15.89
CA VAL H 153 -22.49 -51.09 15.64
C VAL H 153 -23.80 -51.60 16.27
N ASP H 154 -24.05 -52.90 16.18
CA ASP H 154 -25.30 -53.51 16.69
C ASP H 154 -25.39 -53.30 18.20
N GLU H 155 -24.34 -53.66 18.94
CA GLU H 155 -24.33 -53.52 20.43
C GLU H 155 -24.52 -52.04 20.77
N THR H 156 -23.94 -51.13 20.00
CA THR H 156 -24.09 -49.68 20.25
C THR H 156 -25.57 -49.32 20.05
N LEU H 157 -26.20 -49.76 18.95
CA LEU H 157 -27.64 -49.46 18.71
C LEU H 157 -28.47 -50.07 19.85
N ARG H 158 -28.19 -51.30 20.27
CA ARG H 158 -28.93 -51.94 21.39
C ARG H 158 -28.95 -51.01 22.61
N LEU H 159 -27.79 -50.50 22.99
CA LEU H 159 -27.62 -49.60 24.17
C LEU H 159 -28.42 -48.32 23.93
N VAL H 160 -28.28 -47.68 22.77
CA VAL H 160 -28.99 -46.39 22.52
C VAL H 160 -30.50 -46.63 22.63
N GLN H 161 -31.02 -47.71 22.03
CA GLN H 161 -32.49 -48.01 22.03
C GLN H 161 -32.93 -48.25 23.48
N ALA H 162 -32.14 -49.00 24.25
CA ALA H 162 -32.46 -49.39 25.64
C ALA H 162 -32.53 -48.15 26.53
N PHE H 163 -31.55 -47.26 26.43
CA PHE H 163 -31.52 -46.02 27.24
C PHE H 163 -32.71 -45.15 26.84
N GLN H 164 -33.03 -45.12 25.54
CA GLN H 164 -34.10 -44.27 24.99
C GLN H 164 -35.46 -44.83 25.44
N PHE H 165 -35.62 -46.15 25.42
CA PHE H 165 -36.83 -46.85 25.93
C PHE H 165 -37.12 -46.36 27.35
N THR H 166 -36.12 -46.44 28.23
CA THR H 166 -36.29 -46.14 29.68
C THR H 166 -36.55 -44.63 29.83
N ASP H 167 -35.80 -43.81 29.10
CA ASP H 167 -35.99 -42.34 29.00
C ASP H 167 -37.46 -42.03 28.67
N LYS H 168 -38.03 -42.71 27.69
CA LYS H 168 -39.39 -42.42 27.12
C LYS H 168 -40.48 -42.75 28.15
N HIS H 169 -40.40 -43.88 28.88
CA HIS H 169 -41.40 -44.27 29.91
C HIS H 169 -41.12 -43.50 31.21
N GLY H 170 -40.48 -42.34 31.12
CA GLY H 170 -40.38 -41.36 32.21
C GLY H 170 -40.99 -40.03 31.80
N GLU H 171 -41.64 -39.95 30.63
CA GLU H 171 -42.53 -38.84 30.23
C GLU H 171 -43.94 -39.22 30.69
N VAL H 172 -44.24 -39.00 31.98
CA VAL H 172 -45.48 -39.54 32.61
C VAL H 172 -46.21 -38.39 33.31
N SER H 173 -47.54 -38.39 33.20
CA SER H 173 -48.50 -37.51 33.91
C SER H 173 -48.96 -38.25 35.18
N PRO H 174 -49.43 -37.53 36.22
CA PRO H 174 -50.10 -38.18 37.34
C PRO H 174 -51.17 -39.18 36.86
N ALA H 175 -51.44 -40.20 37.65
CA ALA H 175 -52.11 -41.44 37.21
C ALA H 175 -53.58 -41.21 36.90
N GLY H 176 -54.28 -40.35 37.66
CA GLY H 176 -55.73 -40.17 37.52
C GLY H 176 -56.51 -41.34 38.09
N TRP H 177 -55.83 -42.35 38.67
CA TRP H 177 -56.44 -43.49 39.37
C TRP H 177 -55.94 -43.50 40.81
N LYS H 178 -56.75 -43.97 41.77
CA LYS H 178 -56.37 -44.11 43.19
C LYS H 178 -56.98 -45.40 43.71
N PRO H 179 -56.29 -46.12 44.61
CA PRO H 179 -56.86 -47.31 45.23
C PRO H 179 -57.86 -46.91 46.31
N GLY H 180 -58.62 -47.85 46.84
CA GLY H 180 -59.40 -47.68 48.09
C GLY H 180 -60.03 -49.00 48.46
N SER H 181 -61.01 -49.00 49.37
CA SER H 181 -61.74 -50.22 49.80
C SER H 181 -62.18 -51.03 48.58
N ASP H 182 -62.76 -50.35 47.57
CA ASP H 182 -63.46 -50.97 46.42
C ASP H 182 -62.48 -51.69 45.48
N THR H 183 -61.21 -51.29 45.37
CA THR H 183 -60.23 -51.88 44.41
C THR H 183 -59.21 -52.72 45.19
N SER I 2 -8.74 -43.55 33.91
CA SER I 2 -8.91 -44.98 33.45
C SER I 2 -10.27 -45.53 33.89
N SER I 3 -10.36 -46.10 35.09
CA SER I 3 -11.62 -46.51 35.80
C SER I 3 -11.33 -46.70 37.29
N GLY I 4 -11.21 -45.58 38.04
CA GLY I 4 -11.02 -45.54 39.50
C GLY I 4 -9.64 -46.00 39.94
N ASN I 5 -8.96 -46.88 39.16
CA ASN I 5 -7.80 -47.70 39.62
C ASN I 5 -7.56 -48.89 38.67
N ALA I 6 -8.55 -49.29 37.88
CA ALA I 6 -8.48 -50.34 36.85
C ALA I 6 -8.08 -49.70 35.53
N LYS I 7 -6.91 -50.05 35.03
CA LYS I 7 -6.32 -49.43 33.82
C LYS I 7 -6.21 -50.50 32.76
N ILE I 8 -6.73 -50.22 31.56
CA ILE I 8 -6.58 -51.13 30.39
C ILE I 8 -5.09 -51.39 30.20
N GLY I 9 -4.70 -52.65 30.03
CA GLY I 9 -3.32 -53.04 29.70
C GLY I 9 -2.46 -53.27 30.92
N HIS I 10 -2.85 -52.77 32.10
CA HIS I 10 -2.16 -53.05 33.39
C HIS I 10 -2.89 -54.19 34.08
N PRO I 11 -2.32 -54.83 35.11
CA PRO I 11 -2.99 -55.93 35.80
C PRO I 11 -4.26 -55.44 36.51
N ALA I 12 -5.36 -56.18 36.34
CA ALA I 12 -6.66 -55.88 36.99
C ALA I 12 -6.44 -55.79 38.48
N PRO I 13 -7.06 -54.85 39.21
CA PRO I 13 -6.95 -54.79 40.66
C PRO I 13 -7.38 -56.11 41.28
N ASN I 14 -6.53 -56.70 42.11
CA ASN I 14 -6.81 -57.97 42.84
C ASN I 14 -7.83 -57.64 43.93
N PHE I 15 -8.73 -58.57 44.18
CA PHE I 15 -9.62 -58.56 45.38
C PHE I 15 -9.47 -59.92 46.05
N LYS I 16 -9.57 -59.94 47.37
CA LYS I 16 -9.93 -61.15 48.14
C LYS I 16 -11.30 -60.85 48.76
N ALA I 17 -12.28 -61.74 48.58
CA ALA I 17 -13.65 -61.52 49.06
C ALA I 17 -14.36 -62.86 49.29
N THR I 18 -15.33 -62.86 50.21
CA THR I 18 -16.19 -64.03 50.47
C THR I 18 -17.21 -64.10 49.36
N ALA I 19 -17.31 -65.26 48.71
CA ALA I 19 -18.28 -65.48 47.61
C ALA I 19 -19.20 -66.61 48.01
N VAL I 20 -20.41 -66.60 47.46
CA VAL I 20 -21.34 -67.77 47.45
C VAL I 20 -21.06 -68.51 46.16
N MET I 21 -20.44 -69.69 46.28
CA MET I 21 -20.13 -70.58 45.14
C MET I 21 -21.42 -71.23 44.63
N PRO I 22 -21.38 -71.88 43.45
CA PRO I 22 -22.60 -72.43 42.86
C PRO I 22 -23.15 -73.63 43.65
N ASP I 23 -22.30 -74.32 44.40
CA ASP I 23 -22.68 -75.47 45.28
C ASP I 23 -23.39 -74.98 46.55
N GLY I 24 -23.47 -73.67 46.80
CA GLY I 24 -24.16 -73.10 47.99
C GLY I 24 -23.26 -72.97 49.22
N GLN I 25 -21.95 -73.19 49.07
CA GLN I 25 -20.93 -73.01 50.13
C GLN I 25 -20.40 -71.56 50.08
N PHE I 26 -19.82 -71.07 51.18
CA PHE I 26 -19.02 -69.83 51.24
C PHE I 26 -17.54 -70.16 51.11
N LYS I 27 -16.86 -69.52 50.18
CA LYS I 27 -15.40 -69.66 49.95
C LYS I 27 -14.79 -68.27 49.91
N ASP I 28 -13.54 -68.12 50.34
CA ASP I 28 -12.78 -66.85 50.17
C ASP I 28 -12.00 -66.98 48.85
N ILE I 29 -12.41 -66.26 47.81
CA ILE I 29 -11.72 -66.31 46.49
C ILE I 29 -10.98 -64.99 46.22
N SER I 30 -9.96 -65.08 45.37
CA SER I 30 -9.19 -63.91 44.86
C SER I 30 -9.21 -63.95 43.33
N LEU I 31 -9.14 -62.79 42.67
CA LEU I 31 -9.03 -62.73 41.20
C LEU I 31 -7.81 -63.53 40.76
N SER I 32 -6.72 -63.41 41.51
CA SER I 32 -5.43 -64.09 41.26
C SER I 32 -5.60 -65.61 41.29
N ASP I 33 -6.61 -66.13 41.98
CA ASP I 33 -6.93 -67.59 41.98
C ASP I 33 -7.19 -68.04 40.54
N TYR I 34 -7.56 -67.14 39.62
CA TYR I 34 -8.07 -67.51 38.27
C TYR I 34 -7.03 -67.20 37.18
N LYS I 35 -5.77 -66.91 37.52
CA LYS I 35 -4.68 -66.82 36.52
C LYS I 35 -4.70 -68.12 35.73
N GLY I 36 -4.49 -68.03 34.41
CA GLY I 36 -4.59 -69.19 33.50
C GLY I 36 -5.95 -69.23 32.82
N LYS I 37 -6.94 -68.52 33.36
CA LYS I 37 -8.28 -68.40 32.74
C LYS I 37 -8.53 -66.91 32.46
N TYR I 38 -9.27 -66.63 31.39
CA TYR I 38 -9.94 -65.34 31.13
C TYR I 38 -11.02 -65.20 32.22
N VAL I 39 -11.26 -63.99 32.70
CA VAL I 39 -12.29 -63.70 33.74
C VAL I 39 -13.22 -62.62 33.19
N VAL I 40 -14.51 -62.91 33.17
CA VAL I 40 -15.58 -61.90 33.02
C VAL I 40 -16.07 -61.58 34.42
N PHE I 41 -15.63 -60.45 34.98
CA PHE I 41 -16.01 -59.96 36.33
C PHE I 41 -17.05 -58.87 36.15
N PHE I 42 -18.26 -59.08 36.65
CA PHE I 42 -19.38 -58.11 36.46
C PHE I 42 -20.03 -57.78 37.80
N PHE I 43 -20.22 -56.48 38.03
CA PHE I 43 -20.97 -55.92 39.16
C PHE I 43 -22.42 -55.74 38.75
N TYR I 44 -23.34 -55.91 39.71
CA TYR I 44 -24.76 -55.48 39.60
C TYR I 44 -25.08 -54.70 40.86
N PRO I 45 -26.10 -53.80 40.84
CA PRO I 45 -26.30 -52.86 41.93
C PRO I 45 -26.61 -53.56 43.26
N LEU I 46 -27.76 -54.25 43.33
CA LEU I 46 -28.34 -54.76 44.59
C LEU I 46 -29.07 -56.11 44.40
N ASP I 47 -28.90 -56.99 45.39
CA ASP I 47 -29.75 -58.18 45.59
C ASP I 47 -31.14 -57.75 46.07
N PHE I 48 -32.15 -58.55 45.73
CA PHE I 48 -33.53 -58.56 46.26
C PHE I 48 -34.31 -57.31 45.81
N THR I 49 -33.92 -56.68 44.69
CA THR I 49 -34.74 -55.58 44.10
C THR I 49 -35.97 -56.20 43.43
N PHE I 50 -36.86 -55.38 42.90
CA PHE I 50 -38.18 -55.80 42.38
C PHE I 50 -38.05 -56.21 40.91
N VAL I 51 -36.83 -56.12 40.34
CA VAL I 51 -36.59 -56.42 38.90
C VAL I 51 -36.45 -57.93 38.74
N CYS I 52 -37.03 -58.51 37.69
CA CYS I 52 -36.70 -59.89 37.23
C CYS I 52 -35.20 -59.89 36.97
N PRO I 53 -34.39 -60.68 37.70
CA PRO I 53 -32.93 -60.62 37.56
C PRO I 53 -32.39 -61.37 36.33
N THR I 54 -32.99 -61.10 35.15
CA THR I 54 -32.81 -61.92 33.93
C THR I 54 -31.36 -61.81 33.45
N GLU I 55 -30.74 -60.64 33.66
CA GLU I 55 -29.35 -60.36 33.26
C GLU I 55 -28.41 -61.34 33.97
N ILE I 56 -28.48 -61.40 35.30
CA ILE I 56 -27.60 -62.32 36.08
C ILE I 56 -27.88 -63.75 35.65
N ILE I 57 -29.14 -64.10 35.44
CA ILE I 57 -29.54 -65.49 35.14
C ILE I 57 -28.96 -65.87 33.77
N ALA I 58 -29.09 -65.02 32.75
CA ALA I 58 -28.47 -65.20 31.43
C ALA I 58 -27.00 -65.62 31.56
N PHE I 59 -26.21 -64.92 32.35
CA PHE I 59 -24.77 -65.23 32.54
C PHE I 59 -24.63 -66.59 33.23
N SER I 60 -25.49 -66.89 34.21
CA SER I 60 -25.47 -68.19 34.94
C SER I 60 -25.84 -69.31 33.97
N ASP I 61 -27.00 -69.16 33.30
CA ASP I 61 -27.52 -70.12 32.30
C ASP I 61 -26.44 -70.42 31.28
N ARG I 62 -25.75 -69.42 30.74
CA ARG I 62 -24.83 -69.62 29.59
C ARG I 62 -23.39 -69.71 30.08
N ALA I 63 -23.18 -70.08 31.34
CA ALA I 63 -21.84 -70.19 31.95
C ALA I 63 -21.04 -71.27 31.19
N GLU I 64 -21.72 -72.29 30.66
CA GLU I 64 -21.07 -73.40 29.92
C GLU I 64 -20.28 -72.81 28.75
N GLU I 65 -20.85 -71.82 28.06
CA GLU I 65 -20.28 -71.23 26.82
C GLU I 65 -19.00 -70.48 27.15
N PHE I 66 -18.89 -69.95 28.37
CA PHE I 66 -17.68 -69.26 28.88
C PHE I 66 -16.66 -70.30 29.30
N LYS I 67 -17.09 -71.41 29.91
CA LYS I 67 -16.17 -72.50 30.34
C LYS I 67 -15.53 -73.08 29.08
N LYS I 68 -16.32 -73.29 28.02
CA LYS I 68 -15.85 -73.75 26.68
C LYS I 68 -14.73 -72.82 26.18
N LEU I 69 -14.79 -71.51 26.46
CA LEU I 69 -13.76 -70.52 26.02
C LEU I 69 -12.69 -70.36 27.09
N ASN I 70 -12.61 -71.29 28.04
CA ASN I 70 -11.58 -71.30 29.13
C ASN I 70 -11.62 -69.96 29.88
N SER I 71 -12.81 -69.47 30.18
CA SER I 71 -13.05 -68.23 30.94
C SER I 71 -14.06 -68.47 32.07
N GLN I 72 -13.89 -67.78 33.20
CA GLN I 72 -14.76 -67.85 34.40
C GLN I 72 -15.58 -66.57 34.53
N VAL I 73 -16.91 -66.68 34.59
CA VAL I 73 -17.79 -65.54 34.93
C VAL I 73 -17.89 -65.44 36.45
N ILE I 74 -17.71 -64.23 36.99
CA ILE I 74 -17.89 -63.92 38.43
C ILE I 74 -18.79 -62.67 38.56
N GLY I 75 -19.86 -62.78 39.33
CA GLY I 75 -20.76 -61.67 39.69
C GLY I 75 -20.39 -61.06 41.01
N ALA I 76 -20.77 -59.81 41.25
CA ALA I 76 -20.43 -59.07 42.49
C ALA I 76 -21.48 -57.99 42.76
N SER I 77 -21.73 -57.75 44.03
CA SER I 77 -22.47 -56.58 44.54
C SER I 77 -22.01 -56.27 45.96
N VAL I 78 -22.48 -55.18 46.51
CA VAL I 78 -22.06 -54.70 47.85
C VAL I 78 -22.82 -55.45 48.96
N ASP I 79 -23.79 -56.31 48.61
CA ASP I 79 -24.61 -57.07 49.58
C ASP I 79 -23.68 -58.10 50.25
N SER I 80 -23.93 -58.43 51.53
CA SER I 80 -23.20 -59.47 52.31
C SER I 80 -23.35 -60.83 51.65
N HIS I 81 -22.45 -61.75 51.95
CA HIS I 81 -22.52 -63.14 51.43
C HIS I 81 -23.79 -63.80 51.97
N PHE I 82 -24.20 -63.44 53.18
CA PHE I 82 -25.46 -63.97 53.79
C PHE I 82 -26.64 -63.65 52.88
N VAL I 83 -26.62 -62.44 52.32
CA VAL I 83 -27.72 -61.92 51.47
C VAL I 83 -27.67 -62.67 50.14
N HIS I 84 -26.49 -62.77 49.52
CA HIS I 84 -26.31 -63.53 48.25
C HIS I 84 -26.93 -64.93 48.43
N LEU I 85 -26.58 -65.61 49.51
CA LEU I 85 -27.05 -66.99 49.79
C LEU I 85 -28.56 -66.98 49.86
N ALA I 86 -29.14 -66.07 50.64
CA ALA I 86 -30.59 -65.94 50.82
C ALA I 86 -31.25 -65.71 49.45
N TRP I 87 -30.64 -64.93 48.58
CA TRP I 87 -31.23 -64.55 47.28
C TRP I 87 -31.24 -65.77 46.36
N VAL I 88 -30.16 -66.55 46.40
CA VAL I 88 -30.01 -67.81 45.62
C VAL I 88 -31.10 -68.78 46.06
N ASN I 89 -31.29 -68.94 47.37
CA ASN I 89 -32.20 -69.94 47.98
C ASN I 89 -33.64 -69.40 48.01
N THR I 90 -33.87 -68.18 47.54
CA THR I 90 -35.24 -67.68 47.29
C THR I 90 -35.61 -68.04 45.86
N PRO I 91 -36.66 -68.84 45.62
CA PRO I 91 -37.01 -69.26 44.26
C PRO I 91 -37.46 -68.08 43.40
N LYS I 92 -37.23 -68.16 42.08
CA LYS I 92 -37.54 -67.09 41.11
C LYS I 92 -39.01 -66.67 41.29
N LYS I 93 -39.91 -67.67 41.39
CA LYS I 93 -41.38 -67.52 41.51
C LYS I 93 -41.74 -66.45 42.54
N GLN I 94 -40.90 -66.23 43.57
CA GLN I 94 -41.15 -65.27 44.68
C GLN I 94 -40.24 -64.04 44.57
N GLY I 95 -39.64 -63.78 43.40
CA GLY I 95 -38.77 -62.62 43.13
C GLY I 95 -37.37 -62.81 43.70
N GLY I 96 -36.92 -64.06 43.80
CA GLY I 96 -35.53 -64.42 44.11
C GLY I 96 -34.76 -64.68 42.82
N LEU I 97 -33.59 -65.29 42.95
CA LEU I 97 -32.57 -65.46 41.88
C LEU I 97 -32.56 -66.91 41.40
N GLY I 98 -32.83 -67.84 42.31
CA GLY I 98 -32.73 -69.28 42.03
C GLY I 98 -31.27 -69.69 42.06
N PRO I 99 -30.95 -70.96 41.75
CA PRO I 99 -29.59 -71.47 41.88
C PRO I 99 -28.74 -70.87 40.76
N MET I 100 -27.43 -70.83 40.98
CA MET I 100 -26.44 -70.13 40.12
C MET I 100 -25.34 -71.09 39.72
N ASN I 101 -24.81 -70.93 38.50
CA ASN I 101 -23.64 -71.69 37.99
C ASN I 101 -22.38 -70.84 38.12
N ILE I 102 -22.51 -69.62 38.65
CA ILE I 102 -21.38 -68.67 38.80
C ILE I 102 -21.27 -68.29 40.27
N PRO I 103 -20.05 -68.01 40.74
CA PRO I 103 -19.87 -67.50 42.10
C PRO I 103 -20.34 -66.03 42.16
N LEU I 104 -20.87 -65.63 43.31
CA LEU I 104 -21.31 -64.25 43.59
C LEU I 104 -20.44 -63.68 44.71
N VAL I 105 -19.64 -62.67 44.36
CA VAL I 105 -18.69 -62.00 45.28
C VAL I 105 -19.45 -60.95 46.09
N SER I 106 -19.12 -60.87 47.36
CA SER I 106 -19.66 -59.92 48.35
C SER I 106 -18.60 -58.83 48.58
N ASP I 107 -18.98 -57.57 48.40
CA ASP I 107 -18.09 -56.39 48.54
C ASP I 107 -18.68 -55.41 49.56
N PRO I 108 -18.70 -55.74 50.86
CA PRO I 108 -19.42 -54.93 51.84
C PRO I 108 -18.65 -53.65 52.18
N LYS I 109 -17.32 -53.68 52.06
CA LYS I 109 -16.47 -52.51 52.36
C LYS I 109 -16.47 -51.56 51.15
N ARG I 110 -17.04 -51.97 50.02
CA ARG I 110 -17.18 -51.16 48.78
C ARG I 110 -15.81 -50.82 48.19
N THR I 111 -14.75 -51.50 48.62
CA THR I 111 -13.36 -51.28 48.16
C THR I 111 -13.18 -51.80 46.74
N ILE I 112 -13.82 -52.93 46.42
CA ILE I 112 -13.70 -53.59 45.08
C ILE I 112 -14.42 -52.71 44.06
N ALA I 113 -15.64 -52.31 44.37
CA ALA I 113 -16.43 -51.38 43.52
C ALA I 113 -15.62 -50.11 43.28
N GLN I 114 -14.92 -49.63 44.30
CA GLN I 114 -14.16 -48.36 44.20
C GLN I 114 -12.91 -48.58 43.33
N ASP I 115 -12.20 -49.69 43.53
CA ASP I 115 -11.01 -50.05 42.72
C ASP I 115 -11.38 -50.11 41.24
N TYR I 116 -12.56 -50.66 40.88
CA TYR I 116 -12.99 -50.84 39.47
C TYR I 116 -13.75 -49.60 39.00
N GLY I 117 -13.92 -48.62 39.88
CA GLY I 117 -14.40 -47.27 39.55
C GLY I 117 -15.88 -47.27 39.21
N VAL I 118 -16.65 -48.13 39.85
CA VAL I 118 -18.08 -48.36 39.53
C VAL I 118 -18.94 -48.13 40.77
N LEU I 119 -18.36 -47.58 41.84
CA LEU I 119 -19.13 -47.23 43.07
C LEU I 119 -19.90 -45.93 42.80
N LYS I 120 -21.23 -45.99 42.85
CA LYS I 120 -22.15 -44.82 42.90
C LYS I 120 -22.14 -44.32 44.34
N ALA I 121 -21.38 -43.24 44.60
CA ALA I 121 -21.00 -42.77 45.95
C ALA I 121 -22.26 -42.55 46.81
N ASP I 122 -23.23 -41.84 46.23
CA ASP I 122 -24.40 -41.26 46.95
C ASP I 122 -25.33 -42.38 47.44
N GLU I 123 -25.39 -43.54 46.77
CA GLU I 123 -26.32 -44.65 47.18
C GLU I 123 -25.54 -45.82 47.76
N GLY I 124 -24.21 -45.84 47.63
CA GLY I 124 -23.30 -46.87 48.17
C GLY I 124 -23.46 -48.23 47.48
N ILE I 125 -23.60 -48.23 46.15
CA ILE I 125 -23.87 -49.42 45.31
C ILE I 125 -23.06 -49.33 44.01
N SER I 126 -22.77 -50.47 43.40
CA SER I 126 -22.10 -50.62 42.08
C SER I 126 -23.04 -50.17 40.97
N PHE I 127 -22.53 -49.47 39.97
CA PHE I 127 -23.16 -49.39 38.63
C PHE I 127 -23.09 -50.78 37.98
N ARG I 128 -23.68 -50.92 36.79
CA ARG I 128 -23.66 -52.17 36.00
C ARG I 128 -22.33 -52.23 35.24
N GLY I 129 -21.26 -52.56 35.95
CA GLY I 129 -19.90 -52.64 35.41
C GLY I 129 -19.53 -54.06 35.03
N LEU I 130 -18.85 -54.23 33.91
CA LEU I 130 -18.31 -55.54 33.46
C LEU I 130 -16.87 -55.33 32.97
N PHE I 131 -15.99 -56.23 33.38
CA PHE I 131 -14.55 -56.17 33.10
C PHE I 131 -14.08 -57.50 32.54
N ILE I 132 -13.35 -57.45 31.42
CA ILE I 132 -12.73 -58.67 30.85
C ILE I 132 -11.24 -58.63 31.18
N ILE I 133 -10.77 -59.72 31.78
CA ILE I 133 -9.38 -59.88 32.31
C ILE I 133 -8.80 -61.15 31.70
N ASP I 134 -7.60 -61.08 31.13
CA ASP I 134 -7.00 -62.18 30.33
C ASP I 134 -6.34 -63.19 31.27
N ASP I 135 -5.88 -64.33 30.71
CA ASP I 135 -5.26 -65.47 31.43
C ASP I 135 -4.05 -65.00 32.24
N LYS I 136 -3.45 -63.85 31.90
CA LYS I 136 -2.25 -63.32 32.61
C LYS I 136 -2.67 -62.26 33.65
N GLY I 137 -3.96 -62.03 33.81
CA GLY I 137 -4.51 -61.11 34.84
C GLY I 137 -4.47 -59.65 34.41
N ILE I 138 -4.43 -59.40 33.11
CA ILE I 138 -4.37 -58.03 32.53
C ILE I 138 -5.77 -57.61 32.09
N LEU I 139 -6.16 -56.39 32.44
CA LEU I 139 -7.49 -55.82 32.09
C LEU I 139 -7.50 -55.51 30.60
N ARG I 140 -8.49 -55.98 29.87
CA ARG I 140 -8.56 -55.82 28.41
C ARG I 140 -9.78 -54.97 28.01
N GLN I 141 -10.84 -54.99 28.80
CA GLN I 141 -12.12 -54.34 28.43
C GLN I 141 -12.81 -53.77 29.66
N ILE I 142 -13.39 -52.59 29.51
CA ILE I 142 -14.23 -51.92 30.55
C ILE I 142 -15.59 -51.61 29.92
N THR I 143 -16.65 -52.17 30.50
CA THR I 143 -18.05 -51.84 30.20
C THR I 143 -18.71 -51.31 31.48
N VAL I 144 -19.33 -50.13 31.44
CA VAL I 144 -20.11 -49.60 32.60
C VAL I 144 -21.39 -48.96 32.10
N ASN I 145 -22.54 -49.54 32.47
CA ASN I 145 -23.89 -49.04 32.11
C ASN I 145 -24.50 -48.35 33.32
N ASP I 146 -25.19 -47.21 33.11
CA ASP I 146 -26.15 -46.66 34.09
C ASP I 146 -27.14 -47.77 34.44
N LEU I 147 -27.83 -47.62 35.56
CA LEU I 147 -28.55 -48.71 36.27
C LEU I 147 -29.63 -49.36 35.40
N PRO I 148 -30.44 -48.62 34.61
CA PRO I 148 -31.57 -49.24 33.92
C PRO I 148 -31.30 -50.12 32.68
N VAL I 149 -30.05 -50.25 32.24
CA VAL I 149 -29.73 -50.95 30.96
C VAL I 149 -28.75 -52.09 31.22
N GLY I 150 -29.12 -53.30 30.80
CA GLY I 150 -28.39 -54.54 31.10
C GLY I 150 -27.33 -54.84 30.06
N ARG I 151 -26.58 -55.92 30.27
CA ARG I 151 -25.45 -56.33 29.43
C ARG I 151 -25.84 -57.57 28.63
N SER I 152 -25.31 -57.71 27.42
CA SER I 152 -25.58 -58.84 26.50
C SER I 152 -24.57 -59.97 26.75
N VAL I 153 -25.03 -61.21 26.92
CA VAL I 153 -24.09 -62.35 27.03
C VAL I 153 -23.36 -62.51 25.70
N ASP I 154 -24.06 -62.28 24.58
CA ASP I 154 -23.48 -62.46 23.22
C ASP I 154 -22.32 -61.47 23.04
N GLU I 155 -22.55 -60.19 23.31
CA GLU I 155 -21.50 -59.15 23.13
C GLU I 155 -20.31 -59.49 24.04
N THR I 156 -20.57 -60.01 25.24
CA THR I 156 -19.48 -60.42 26.16
C THR I 156 -18.70 -61.56 25.52
N LEU I 157 -19.37 -62.59 24.99
CA LEU I 157 -18.67 -63.73 24.31
C LEU I 157 -17.88 -63.18 23.12
N ARG I 158 -18.46 -62.29 22.30
CA ARG I 158 -17.75 -61.69 21.13
C ARG I 158 -16.40 -61.14 21.57
N LEU I 159 -16.40 -60.33 22.65
CA LEU I 159 -15.19 -59.68 23.18
C LEU I 159 -14.21 -60.76 23.65
N VAL I 160 -14.66 -61.74 24.43
CA VAL I 160 -13.73 -62.77 24.98
C VAL I 160 -13.08 -63.52 23.80
N GLN I 161 -13.86 -63.91 22.77
CA GLN I 161 -13.33 -64.66 21.61
C GLN I 161 -12.33 -63.78 20.86
N ALA I 162 -12.65 -62.51 20.68
CA ALA I 162 -11.81 -61.54 19.93
C ALA I 162 -10.46 -61.34 20.63
N PHE I 163 -10.46 -61.14 21.93
CA PHE I 163 -9.21 -60.96 22.73
C PHE I 163 -8.40 -62.25 22.65
N GLN I 164 -9.09 -63.40 22.69
CA GLN I 164 -8.42 -64.73 22.71
C GLN I 164 -7.82 -64.99 21.32
N PHE I 165 -8.54 -64.64 20.26
CA PHE I 165 -8.07 -64.72 18.85
C PHE I 165 -6.71 -64.00 18.75
N THR I 166 -6.65 -62.75 19.20
CA THR I 166 -5.45 -61.88 19.05
C THR I 166 -4.33 -62.43 19.93
N ASP I 167 -4.66 -62.85 21.16
CA ASP I 167 -3.75 -63.54 22.11
C ASP I 167 -3.07 -64.73 21.39
N LYS I 168 -3.87 -65.56 20.69
CA LYS I 168 -3.41 -66.85 20.09
C LYS I 168 -2.44 -66.57 18.92
N HIS I 169 -2.72 -65.60 18.03
CA HIS I 169 -1.85 -65.25 16.87
C HIS I 169 -0.67 -64.39 17.34
N GLY I 170 -0.30 -64.51 18.62
CA GLY I 170 0.97 -63.99 19.16
C GLY I 170 1.84 -65.11 19.69
N GLU I 171 1.41 -66.36 19.53
CA GLU I 171 2.27 -67.58 19.67
C GLU I 171 2.86 -67.87 18.29
N VAL I 172 3.92 -67.16 17.89
CA VAL I 172 4.46 -67.20 16.50
C VAL I 172 5.96 -67.48 16.54
N SER I 173 6.43 -68.31 15.60
CA SER I 173 7.86 -68.68 15.41
C SER I 173 8.47 -67.77 14.37
N PRO I 174 9.80 -67.51 14.39
CA PRO I 174 10.46 -66.80 13.28
C PRO I 174 10.03 -67.40 11.93
N ALA I 175 10.07 -66.57 10.88
CA ALA I 175 9.45 -66.85 9.57
C ALA I 175 10.18 -67.97 8.82
N GLY I 176 11.51 -68.07 8.94
CA GLY I 176 12.32 -68.99 8.13
C GLY I 176 12.44 -68.55 6.68
N TRP I 177 11.89 -67.39 6.34
CA TRP I 177 11.91 -66.75 5.00
C TRP I 177 12.57 -65.37 5.14
N LYS I 178 13.26 -64.90 4.09
CA LYS I 178 13.90 -63.56 4.05
C LYS I 178 13.69 -63.00 2.65
N PRO I 179 13.50 -61.68 2.49
CA PRO I 179 13.39 -61.06 1.18
C PRO I 179 14.78 -60.95 0.55
N GLY I 180 14.85 -60.61 -0.73
CA GLY I 180 16.10 -60.34 -1.44
C GLY I 180 15.86 -60.33 -2.93
N SER I 181 16.92 -60.39 -3.73
CA SER I 181 16.84 -60.41 -5.21
C SER I 181 15.83 -61.47 -5.66
N ASP I 182 15.88 -62.67 -5.07
CA ASP I 182 15.14 -63.88 -5.52
C ASP I 182 13.64 -63.76 -5.27
N THR I 183 13.20 -62.86 -4.37
CA THR I 183 11.78 -62.73 -3.93
C THR I 183 11.11 -61.51 -4.57
N ILE I 184 11.82 -60.63 -5.28
CA ILE I 184 11.17 -59.52 -6.03
C ILE I 184 10.57 -60.11 -7.31
N SER J 2 9.88 -21.06 26.44
CA SER J 2 9.87 -20.00 25.37
C SER J 2 11.24 -19.32 25.24
N SER J 3 11.52 -18.27 26.03
CA SER J 3 12.85 -17.62 26.19
C SER J 3 12.86 -16.76 27.47
N GLY J 4 12.98 -17.41 28.64
CA GLY J 4 13.11 -16.78 29.97
C GLY J 4 11.82 -16.13 30.45
N ASN J 5 10.95 -15.69 29.54
CA ASN J 5 9.84 -14.71 29.81
C ASN J 5 9.31 -14.05 28.52
N ALA J 6 10.10 -14.10 27.45
CA ALA J 6 9.73 -13.62 26.09
C ALA J 6 9.12 -14.79 25.33
N LYS J 7 7.84 -14.69 24.99
CA LYS J 7 7.06 -15.77 24.37
C LYS J 7 6.66 -15.26 22.98
N ILE J 8 6.92 -16.06 21.95
CA ILE J 8 6.45 -15.79 20.57
C ILE J 8 4.94 -15.61 20.64
N GLY J 9 4.41 -14.54 20.04
CA GLY J 9 2.98 -14.31 19.91
C GLY J 9 2.39 -13.55 21.08
N HIS J 10 3.06 -13.47 22.23
CA HIS J 10 2.66 -12.61 23.37
C HIS J 10 3.43 -11.29 23.28
N PRO J 11 3.02 -10.23 24.01
CA PRO J 11 3.72 -8.95 23.95
C PRO J 11 5.15 -9.08 24.50
N ALA J 12 6.13 -8.57 23.76
CA ALA J 12 7.56 -8.59 24.15
C ALA J 12 7.68 -7.95 25.52
N PRO J 13 8.52 -8.50 26.43
CA PRO J 13 8.70 -7.89 27.76
C PRO J 13 9.15 -6.45 27.60
N ASN J 14 8.44 -5.53 28.25
CA ASN J 14 8.77 -4.08 28.23
C ASN J 14 10.00 -3.90 29.11
N PHE J 15 10.89 -2.98 28.71
CA PHE J 15 12.00 -2.47 29.53
C PHE J 15 11.90 -0.95 29.55
N LYS J 16 12.28 -0.34 30.65
CA LYS J 16 12.68 1.08 30.70
C LYS J 16 14.16 1.08 31.06
N ALA J 17 15.00 1.77 30.29
CA ALA J 17 16.46 1.74 30.45
C ALA J 17 17.09 3.01 29.87
N THR J 18 18.23 3.42 30.42
CA THR J 18 19.02 4.55 29.90
C THR J 18 19.75 4.06 28.67
N ALA J 19 19.63 4.78 27.56
CA ALA J 19 20.33 4.45 26.30
C ALA J 19 21.25 5.61 25.94
N VAL J 20 22.32 5.31 25.22
CA VAL J 20 23.13 6.31 24.49
C VAL J 20 22.54 6.38 23.08
N MET J 21 21.88 7.50 22.78
CA MET J 21 21.27 7.79 21.47
C MET J 21 22.38 8.11 20.46
N PRO J 22 22.07 8.14 19.15
CA PRO J 22 23.11 8.29 18.14
C PRO J 22 23.74 9.69 18.15
N ASP J 23 23.02 10.70 18.66
CA ASP J 23 23.52 12.09 18.81
C ASP J 23 24.51 12.21 19.99
N GLY J 24 24.72 11.17 20.79
CA GLY J 24 25.66 11.16 21.92
C GLY J 24 25.05 11.65 23.24
N GLN J 25 23.74 11.83 23.28
CA GLN J 25 22.96 12.19 24.50
C GLN J 25 22.52 10.90 25.21
N PHE J 26 22.19 10.98 26.50
CA PHE J 26 21.50 9.95 27.29
C PHE J 26 20.01 10.24 27.33
N LYS J 27 19.19 9.26 26.95
CA LYS J 27 17.71 9.33 27.04
C LYS J 27 17.23 8.10 27.80
N ASP J 28 16.12 8.23 28.53
CA ASP J 28 15.44 7.07 29.18
C ASP J 28 14.38 6.58 28.20
N ILE J 29 14.59 5.44 27.55
CA ILE J 29 13.64 4.89 26.54
C ILE J 29 12.96 3.63 27.08
N SER J 30 11.79 3.32 26.54
CA SER J 30 11.03 2.07 26.78
C SER J 30 10.73 1.40 25.45
N LEU J 31 10.63 0.08 25.42
CA LEU J 31 10.23 -0.66 24.19
C LEU J 31 8.88 -0.11 23.72
N SER J 32 7.99 0.14 24.67
CA SER J 32 6.61 0.66 24.42
C SER J 32 6.67 2.03 23.74
N ASP J 33 7.75 2.78 23.88
CA ASP J 33 7.94 4.06 23.15
C ASP J 33 7.86 3.81 21.64
N TYR J 34 8.11 2.59 21.16
CA TYR J 34 8.29 2.28 19.73
C TYR J 34 7.07 1.54 19.15
N LYS J 35 5.94 1.48 19.86
CA LYS J 35 4.65 1.00 19.27
C LYS J 35 4.44 1.81 17.98
N GLY J 36 3.96 1.14 16.93
CA GLY J 36 3.80 1.75 15.60
C GLY J 36 4.97 1.43 14.71
N LYS J 37 6.10 1.02 15.27
CA LYS J 37 7.29 0.58 14.49
C LYS J 37 7.59 -0.87 14.85
N TYR J 38 8.12 -1.61 13.89
CA TYR J 38 8.82 -2.89 14.09
C TYR J 38 10.11 -2.58 14.86
N VAL J 39 10.52 -3.45 15.77
CA VAL J 39 11.78 -3.27 16.54
C VAL J 39 12.63 -4.52 16.35
N VAL J 40 13.86 -4.32 15.90
CA VAL J 40 14.93 -5.34 15.99
C VAL J 40 15.74 -4.99 17.24
N PHE J 41 15.53 -5.73 18.32
CA PHE J 41 16.20 -5.57 19.62
C PHE J 41 17.26 -6.65 19.74
N PHE J 42 18.54 -6.27 19.80
CA PHE J 42 19.64 -7.26 19.81
C PHE J 42 20.58 -6.96 20.98
N PHE J 43 20.91 -8.03 21.72
CA PHE J 43 21.92 -8.03 22.79
C PHE J 43 23.27 -8.43 22.21
N TYR J 44 24.35 -7.87 22.75
CA TYR J 44 25.74 -8.34 22.55
C TYR J 44 26.36 -8.48 23.93
N PRO J 45 27.40 -9.32 24.10
CA PRO J 45 27.89 -9.67 25.44
C PRO J 45 28.42 -8.46 26.20
N LEU J 46 29.49 -7.84 25.70
CA LEU J 46 30.30 -6.82 26.43
C LEU J 46 30.87 -5.74 25.50
N ASP J 47 30.86 -4.50 25.99
CA ASP J 47 31.65 -3.36 25.43
C ASP J 47 33.13 -3.59 25.74
N PHE J 48 33.99 -3.07 24.86
CA PHE J 48 35.44 -2.88 25.04
C PHE J 48 36.18 -4.21 25.04
N THR J 49 35.61 -5.27 24.45
CA THR J 49 36.35 -6.55 24.23
C THR J 49 37.33 -6.33 23.10
N PHE J 50 38.16 -7.34 22.83
CA PHE J 50 39.32 -7.24 21.90
C PHE J 50 38.84 -7.57 20.48
N VAL J 51 37.55 -7.87 20.29
CA VAL J 51 36.98 -8.26 18.97
C VAL J 51 36.70 -6.99 18.18
N CYS J 52 37.01 -6.97 16.87
CA CYS J 52 36.51 -5.95 15.93
C CYS J 52 34.99 -5.99 16.01
N PRO J 53 34.31 -4.94 16.48
CA PRO J 53 32.85 -4.99 16.67
C PRO J 53 32.05 -4.85 15.35
N THR J 54 32.42 -5.62 14.32
CA THR J 54 31.96 -5.42 12.92
C THR J 54 30.45 -5.70 12.84
N GLU J 55 29.96 -6.63 13.66
CA GLU J 55 28.54 -7.01 13.77
C GLU J 55 27.70 -5.78 14.14
N ILE J 56 28.03 -5.12 15.24
CA ILE J 56 27.28 -3.92 15.73
C ILE J 56 27.37 -2.85 14.64
N ILE J 57 28.53 -2.68 14.03
CA ILE J 57 28.78 -1.59 13.05
C ILE J 57 27.90 -1.83 11.82
N ALA J 58 27.87 -3.06 11.29
CA ALA J 58 26.98 -3.48 10.18
C ALA J 58 25.54 -2.99 10.43
N PHE J 59 24.98 -3.23 11.61
CA PHE J 59 23.59 -2.82 11.94
C PHE J 59 23.52 -1.29 11.95
N SER J 60 24.53 -0.61 12.49
CA SER J 60 24.58 0.87 12.55
C SER J 60 24.67 1.41 11.12
N ASP J 61 25.66 0.95 10.37
CA ASP J 61 25.91 1.34 8.96
C ASP J 61 24.60 1.18 8.16
N ARG J 62 23.90 0.07 8.29
CA ARG J 62 22.74 -0.23 7.40
C ARG J 62 21.42 0.13 8.10
N ALA J 63 21.46 1.03 9.09
CA ALA J 63 20.26 1.43 9.85
C ALA J 63 19.25 2.07 8.92
N GLU J 64 19.70 2.73 7.84
CA GLU J 64 18.82 3.39 6.84
C GLU J 64 17.83 2.35 6.29
N GLU J 65 18.30 1.15 6.00
CA GLU J 65 17.51 0.08 5.34
C GLU J 65 16.40 -0.39 6.26
N PHE J 66 16.61 -0.30 7.58
CA PHE J 66 15.61 -0.65 8.62
C PHE J 66 14.61 0.51 8.75
N LYS J 67 15.10 1.75 8.68
CA LYS J 67 14.22 2.95 8.78
C LYS J 67 13.27 2.92 7.58
N LYS J 68 13.78 2.60 6.38
CA LYS J 68 12.98 2.42 5.14
C LYS J 68 11.86 1.42 5.39
N LEU J 69 12.08 0.37 6.20
CA LEU J 69 11.05 -0.68 6.49
C LEU J 69 10.25 -0.30 7.74
N ASN J 70 10.32 0.96 8.17
CA ASN J 70 9.57 1.50 9.33
C ASN J 70 9.87 0.63 10.57
N SER J 71 11.13 0.28 10.77
CA SER J 71 11.60 -0.51 11.93
C SER J 71 12.82 0.17 12.56
N GLN J 72 12.93 0.08 13.89
CA GLN J 72 14.03 0.64 14.71
C GLN J 72 14.94 -0.48 15.20
N VAL J 73 16.24 -0.39 14.89
CA VAL J 73 17.26 -1.30 15.49
C VAL J 73 17.69 -0.70 16.83
N ILE J 74 17.72 -1.52 17.88
CA ILE J 74 18.20 -1.15 19.23
C ILE J 74 19.18 -2.23 19.70
N GLY J 75 20.40 -1.81 20.07
CA GLY J 75 21.44 -2.66 20.68
C GLY J 75 21.37 -2.58 22.20
N ALA J 76 21.89 -3.61 22.88
CA ALA J 76 21.86 -3.69 24.36
C ALA J 76 23.02 -4.55 24.85
N SER J 77 23.56 -4.19 26.01
CA SER J 77 24.46 -5.03 26.82
C SER J 77 24.32 -4.62 28.29
N VAL J 78 24.98 -5.35 29.17
CA VAL J 78 24.88 -5.14 30.64
C VAL J 78 25.78 -3.98 31.08
N ASP J 79 26.59 -3.42 30.17
CA ASP J 79 27.55 -2.32 30.48
C ASP J 79 26.72 -1.06 30.80
N SER J 80 27.20 -0.19 31.70
CA SER J 80 26.58 1.11 32.05
C SER J 80 26.49 2.01 30.82
N HIS J 81 25.60 2.98 30.83
CA HIS J 81 25.47 3.97 29.74
C HIS J 81 26.76 4.76 29.63
N PHE J 82 27.45 5.00 30.75
CA PHE J 82 28.75 5.71 30.76
C PHE J 82 29.74 4.96 29.88
N VAL J 83 29.69 3.63 29.96
CA VAL J 83 30.63 2.73 29.23
C VAL J 83 30.26 2.79 27.75
N HIS J 84 28.97 2.62 27.42
CA HIS J 84 28.49 2.72 26.02
C HIS J 84 29.04 4.00 25.40
N LEU J 85 28.85 5.13 26.10
CA LEU J 85 29.28 6.46 25.59
C LEU J 85 30.79 6.44 25.35
N ALA J 86 31.56 5.97 26.32
CA ALA J 86 33.03 5.88 26.22
C ALA J 86 33.42 5.03 25.01
N TRP J 87 32.69 3.94 24.75
CA TRP J 87 33.03 2.99 23.67
C TRP J 87 32.76 3.64 22.31
N VAL J 88 31.66 4.39 22.22
CA VAL J 88 31.27 5.16 21.01
C VAL J 88 32.36 6.18 20.71
N ASN J 89 32.80 6.92 21.74
CA ASN J 89 33.76 8.05 21.61
C ASN J 89 35.20 7.53 21.56
N THR J 90 35.41 6.23 21.65
CA THR J 90 36.73 5.61 21.37
C THR J 90 36.76 5.26 19.88
N PRO J 91 37.70 5.82 19.09
CA PRO J 91 37.74 5.56 17.66
C PRO J 91 38.07 4.09 17.34
N LYS J 92 37.56 3.60 16.22
CA LYS J 92 37.71 2.18 15.79
C LYS J 92 39.20 1.83 15.80
N LYS J 93 40.04 2.72 15.25
CA LYS J 93 41.51 2.58 15.09
C LYS J 93 42.15 2.07 16.40
N GLN J 94 41.56 2.38 17.56
CA GLN J 94 42.09 1.99 18.90
C GLN J 94 41.26 0.88 19.55
N GLY J 95 40.43 0.15 18.77
CA GLY J 95 39.59 -0.97 19.25
C GLY J 95 38.35 -0.48 19.98
N GLY J 96 37.87 0.72 19.61
CA GLY J 96 36.55 1.25 20.02
C GLY J 96 35.51 0.93 18.97
N LEU J 97 34.35 1.57 19.08
CA LEU J 97 33.12 1.29 18.28
C LEU J 97 32.90 2.36 17.21
N GLY J 98 33.31 3.59 17.51
CA GLY J 98 33.04 4.74 16.63
C GLY J 98 31.60 5.18 16.80
N PRO J 99 31.14 6.20 16.05
CA PRO J 99 29.81 6.76 16.24
C PRO J 99 28.78 5.76 15.72
N MET J 100 27.55 5.87 16.24
CA MET J 100 26.45 4.88 16.01
C MET J 100 25.22 5.58 15.46
N ASN J 101 24.48 4.92 14.59
CA ASN J 101 23.18 5.39 14.04
C ASN J 101 22.03 4.71 14.80
N ILE J 102 22.36 3.86 15.78
CA ILE J 102 21.35 3.13 16.60
C ILE J 102 21.57 3.47 18.06
N PRO J 103 20.50 3.48 18.86
CA PRO J 103 20.63 3.64 20.30
C PRO J 103 21.21 2.36 20.92
N LEU J 104 22.00 2.52 21.99
CA LEU J 104 22.58 1.40 22.76
C LEU J 104 21.99 1.44 24.17
N VAL J 105 21.23 0.41 24.51
CA VAL J 105 20.53 0.27 25.81
C VAL J 105 21.52 -0.32 26.82
N SER J 106 21.47 0.21 28.03
CA SER J 106 22.27 -0.19 29.20
C SER J 106 21.36 -1.03 30.11
N ASP J 107 21.78 -2.24 30.46
CA ASP J 107 21.03 -3.18 31.32
C ASP J 107 21.89 -3.59 32.52
N PRO J 108 22.16 -2.68 33.49
CA PRO J 108 23.11 -2.98 34.55
C PRO J 108 22.51 -3.91 35.61
N LYS J 109 21.18 -3.91 35.76
CA LYS J 109 20.49 -4.80 36.72
C LYS J 109 20.35 -6.20 36.13
N ARG J 110 20.65 -6.38 34.84
CA ARG J 110 20.60 -7.68 34.12
C ARG J 110 19.15 -8.22 34.06
N THR J 111 18.16 -7.37 34.35
CA THR J 111 16.72 -7.75 34.36
C THR J 111 16.22 -7.94 32.93
N ILE J 112 16.68 -7.10 31.99
CA ILE J 112 16.24 -7.13 30.58
C ILE J 112 16.81 -8.39 29.94
N ALA J 113 18.10 -8.65 30.11
CA ALA J 113 18.76 -9.87 29.62
C ALA J 113 18.01 -11.08 30.16
N GLN J 114 17.58 -11.03 31.42
CA GLN J 114 16.93 -12.18 32.08
C GLN J 114 15.52 -12.36 31.51
N ASP J 115 14.77 -11.27 31.34
CA ASP J 115 13.42 -11.28 30.74
C ASP J 115 13.47 -11.92 29.34
N TYR J 116 14.49 -11.63 28.53
CA TYR J 116 14.62 -12.12 27.13
C TYR J 116 15.35 -13.46 27.11
N GLY J 117 15.77 -13.94 28.28
CA GLY J 117 16.28 -15.31 28.50
C GLY J 117 17.63 -15.52 27.90
N VAL J 118 18.45 -14.48 27.88
CA VAL J 118 19.77 -14.47 27.19
C VAL J 118 20.87 -14.12 28.18
N LEU J 119 20.57 -14.09 29.49
CA LEU J 119 21.58 -13.86 30.54
C LEU J 119 22.35 -15.16 30.76
N LYS J 120 23.66 -15.14 30.48
CA LYS J 120 24.63 -16.21 30.85
C LYS J 120 24.97 -15.98 32.32
N ALA J 121 24.35 -16.76 33.22
CA ALA J 121 24.29 -16.52 34.67
C ALA J 121 25.70 -16.38 35.25
N ASP J 122 26.57 -17.32 34.89
CA ASP J 122 27.90 -17.54 35.53
C ASP J 122 28.84 -16.36 35.24
N GLU J 123 28.70 -15.65 34.11
CA GLU J 123 29.60 -14.52 33.75
C GLU J 123 28.88 -13.18 33.87
N GLY J 124 27.54 -13.18 34.04
CA GLY J 124 26.70 -11.98 34.20
C GLY J 124 26.64 -11.12 32.94
N ILE J 125 26.50 -11.75 31.76
CA ILE J 125 26.50 -11.07 30.44
C ILE J 125 25.44 -11.72 29.52
N SER J 126 24.95 -10.97 28.54
CA SER J 126 24.01 -11.44 27.48
C SER J 126 24.74 -12.38 26.51
N PHE J 127 24.08 -13.44 26.07
CA PHE J 127 24.41 -14.13 24.80
C PHE J 127 24.13 -13.20 23.63
N ARG J 128 24.44 -13.64 22.41
CA ARG J 128 24.16 -12.89 21.16
C ARG J 128 22.69 -13.15 20.77
N GLY J 129 21.78 -12.50 21.47
CA GLY J 129 20.33 -12.65 21.24
C GLY J 129 19.79 -11.53 20.36
N LEU J 130 18.88 -11.87 19.45
CA LEU J 130 18.16 -10.88 18.59
C LEU J 130 16.68 -11.25 18.59
N PHE J 131 15.85 -10.23 18.75
CA PHE J 131 14.38 -10.38 18.86
C PHE J 131 13.70 -9.43 17.89
N ILE J 132 12.76 -9.93 17.11
CA ILE J 132 11.92 -9.09 16.21
C ILE J 132 10.56 -8.92 16.86
N ILE J 133 10.14 -7.66 16.99
CA ILE J 133 8.92 -7.23 17.71
C ILE J 133 8.12 -6.34 16.75
N ASP J 134 6.82 -6.63 16.56
CA ASP J 134 6.00 -5.99 15.50
C ASP J 134 5.48 -4.64 16.02
N ASP J 135 4.83 -3.88 15.12
CA ASP J 135 4.28 -2.52 15.36
C ASP J 135 3.30 -2.53 16.54
N LYS J 136 2.74 -3.68 16.92
CA LYS J 136 1.76 -3.80 18.04
C LYS J 136 2.48 -4.28 19.32
N GLY J 137 3.81 -4.45 19.28
CA GLY J 137 4.63 -4.82 20.44
C GLY J 137 4.60 -6.31 20.74
N ILE J 138 4.30 -7.13 19.75
CA ILE J 138 4.22 -8.62 19.87
C ILE J 138 5.52 -9.23 19.37
N LEU J 139 6.07 -10.17 20.13
CA LEU J 139 7.33 -10.87 19.77
C LEU J 139 7.03 -11.84 18.64
N ARG J 140 7.81 -11.78 17.56
CA ARG J 140 7.57 -12.58 16.34
C ARG J 140 8.72 -13.55 16.10
N GLN J 141 9.93 -13.22 16.53
CA GLN J 141 11.15 -14.01 16.20
C GLN J 141 12.12 -13.99 17.37
N ILE J 142 12.75 -15.12 17.63
CA ILE J 142 13.83 -15.31 18.62
C ILE J 142 15.04 -15.89 17.90
N THR J 143 16.16 -15.18 17.92
CA THR J 143 17.49 -15.66 17.49
C THR J 143 18.44 -15.55 18.68
N VAL J 144 19.12 -16.64 19.06
CA VAL J 144 20.15 -16.63 20.13
C VAL J 144 21.35 -17.47 19.69
N ASN J 145 22.51 -16.82 19.50
CA ASN J 145 23.79 -17.47 19.11
C ASN J 145 24.68 -17.56 20.35
N ASP J 146 25.40 -18.67 20.52
CA ASP J 146 26.58 -18.74 21.41
C ASP J 146 27.53 -17.62 20.99
N LEU J 147 28.45 -17.26 21.89
CA LEU J 147 29.22 -15.99 21.86
C LEU J 147 30.05 -15.83 20.58
N PRO J 148 30.71 -16.87 20.04
CA PRO J 148 31.63 -16.67 18.91
C PRO J 148 31.03 -16.42 17.52
N VAL J 149 29.70 -16.46 17.34
CA VAL J 149 29.10 -16.39 15.97
C VAL J 149 28.11 -15.23 15.91
N GLY J 150 28.28 -14.35 14.93
CA GLY J 150 27.51 -13.09 14.80
C GLY J 150 26.25 -13.28 13.98
N ARG J 151 25.49 -12.20 13.84
CA ARG J 151 24.17 -12.18 13.18
C ARG J 151 24.29 -11.43 11.86
N SER J 152 23.52 -11.82 10.85
CA SER J 152 23.53 -11.25 9.48
C SER J 152 22.51 -10.11 9.40
N VAL J 153 22.91 -8.94 8.89
CA VAL J 153 21.94 -7.83 8.67
C VAL J 153 20.92 -8.29 7.62
N ASP J 154 21.37 -9.01 6.60
CA ASP J 154 20.50 -9.45 5.48
C ASP J 154 19.40 -10.38 6.03
N GLU J 155 19.77 -11.40 6.78
CA GLU J 155 18.80 -12.36 7.35
C GLU J 155 17.81 -11.60 8.23
N THR J 156 18.28 -10.60 8.97
CA THR J 156 17.39 -9.79 9.83
C THR J 156 16.40 -9.04 8.94
N LEU J 157 16.87 -8.39 7.86
CA LEU J 157 15.96 -7.66 6.93
C LEU J 157 14.96 -8.66 6.33
N ARG J 158 15.42 -9.85 5.90
CA ARG J 158 14.51 -10.87 5.32
C ARG J 158 13.34 -11.12 6.26
N LEU J 159 13.63 -11.35 7.54
CA LEU J 159 12.61 -11.65 8.58
C LEU J 159 11.67 -10.45 8.72
N VAL J 160 12.21 -9.23 8.86
CA VAL J 160 11.35 -8.04 9.08
C VAL J 160 10.41 -7.89 7.87
N GLN J 161 10.91 -8.04 6.63
CA GLN J 161 10.09 -7.87 5.40
C GLN J 161 9.00 -8.94 5.39
N ALA J 162 9.37 -10.19 5.73
CA ALA J 162 8.46 -11.36 5.70
C ALA J 162 7.31 -11.16 6.70
N PHE J 163 7.63 -10.77 7.93
CA PHE J 163 6.60 -10.54 8.97
C PHE J 163 5.70 -9.39 8.53
N GLN J 164 6.28 -8.36 7.92
CA GLN J 164 5.55 -7.14 7.50
C GLN J 164 4.61 -7.50 6.34
N PHE J 165 5.11 -8.31 5.39
CA PHE J 165 4.30 -8.83 4.26
C PHE J 165 3.02 -9.47 4.82
N THR J 166 3.16 -10.40 5.75
CA THR J 166 2.04 -11.20 6.29
C THR J 166 1.11 -10.28 7.10
N ASP J 167 1.68 -9.39 7.90
CA ASP J 167 0.97 -8.33 8.65
C ASP J 167 0.07 -7.54 7.68
N LYS J 168 0.60 -7.12 6.53
CA LYS J 168 -0.09 -6.20 5.58
C LYS J 168 -1.30 -6.92 4.93
N HIS J 169 -1.16 -8.19 4.49
CA HIS J 169 -2.26 -8.95 3.85
C HIS J 169 -3.22 -9.49 4.91
N GLY J 170 -3.27 -8.84 6.08
CA GLY J 170 -4.30 -9.06 7.10
C GLY J 170 -5.08 -7.77 7.39
N GLU J 171 -4.85 -6.72 6.58
CA GLU J 171 -5.71 -5.52 6.56
C GLU J 171 -6.84 -5.74 5.56
N VAL J 172 -7.89 -6.47 5.95
CA VAL J 172 -8.89 -7.01 4.96
C VAL J 172 -10.30 -6.63 5.38
N SER J 173 -11.12 -6.23 4.40
CA SER J 173 -12.58 -5.96 4.54
C SER J 173 -13.35 -7.21 4.15
N PRO J 174 -14.59 -7.41 4.63
CA PRO J 174 -15.45 -8.49 4.11
C PRO J 174 -15.48 -8.47 2.57
N ALA J 175 -15.70 -9.64 1.97
CA ALA J 175 -15.38 -9.91 0.55
C ALA J 175 -16.32 -9.17 -0.40
N GLY J 176 -17.61 -9.04 -0.04
CA GLY J 176 -18.64 -8.47 -0.94
C GLY J 176 -19.02 -9.43 -2.06
N TRP J 177 -18.44 -10.64 -2.06
CA TRP J 177 -18.76 -11.75 -3.01
C TRP J 177 -19.24 -12.95 -2.19
N LYS J 178 -20.10 -13.81 -2.75
CA LYS J 178 -20.57 -15.04 -2.08
C LYS J 178 -20.63 -16.15 -3.13
N PRO J 179 -20.32 -17.40 -2.76
CA PRO J 179 -20.47 -18.53 -3.66
C PRO J 179 -21.94 -18.91 -3.77
N GLY J 180 -22.31 -19.76 -4.73
CA GLY J 180 -23.69 -20.22 -4.92
C GLY J 180 -23.84 -20.84 -6.28
N SER J 181 -25.10 -21.06 -6.70
CA SER J 181 -25.41 -21.66 -8.03
C SER J 181 -24.63 -20.91 -9.11
N ASP J 182 -24.62 -19.57 -9.06
CA ASP J 182 -24.12 -18.68 -10.15
C ASP J 182 -22.59 -18.76 -10.29
N THR J 183 -21.88 -19.22 -9.26
CA THR J 183 -20.39 -19.23 -9.20
C THR J 183 -19.82 -20.63 -9.45
N ILE J 184 -20.64 -21.68 -9.47
CA ILE J 184 -20.18 -23.10 -9.66
C ILE J 184 -19.80 -23.28 -11.14
N LYS J 185 -18.67 -23.94 -11.38
CA LYS J 185 -18.19 -24.37 -12.72
C LYS J 185 -18.77 -25.75 -13.00
N PRO J 186 -19.56 -25.93 -14.07
CA PRO J 186 -20.27 -27.19 -14.31
C PRO J 186 -19.36 -28.28 -14.91
N ASP J 187 -19.82 -29.54 -14.89
CA ASP J 187 -18.95 -30.74 -15.06
C ASP J 187 -18.43 -30.74 -16.50
N VAL J 188 -17.32 -31.42 -16.77
CA VAL J 188 -16.81 -31.59 -18.17
C VAL J 188 -17.99 -32.09 -19.04
N GLN J 189 -17.94 -31.88 -20.36
CA GLN J 189 -19.00 -32.32 -21.30
C GLN J 189 -18.46 -33.36 -22.30
N LYS J 190 -19.38 -34.11 -22.90
CA LYS J 190 -19.07 -35.02 -24.05
C LYS J 190 -18.81 -34.11 -25.27
N SER J 191 -17.91 -34.50 -26.17
CA SER J 191 -17.55 -33.71 -27.38
C SER J 191 -18.20 -34.29 -28.65
N LYS J 192 -18.81 -33.41 -29.45
CA LYS J 192 -19.66 -33.70 -30.64
C LYS J 192 -18.87 -34.56 -31.64
N SER K 2 16.12 -19.44 28.96
CA SER K 2 16.92 -20.02 27.81
C SER K 2 16.00 -20.37 26.64
N SER K 3 15.44 -21.59 26.61
CA SER K 3 14.36 -22.05 25.68
C SER K 3 13.71 -23.33 26.23
N GLY K 4 12.84 -23.19 27.24
CA GLY K 4 12.03 -24.27 27.85
C GLY K 4 12.86 -25.22 28.70
N ASN K 5 14.16 -25.39 28.40
CA ASN K 5 15.00 -26.54 28.85
C ASN K 5 16.27 -26.71 28.00
N ALA K 6 16.29 -26.12 26.80
CA ALA K 6 17.44 -26.08 25.88
C ALA K 6 18.23 -24.81 26.17
N LYS K 7 19.45 -24.96 26.63
CA LYS K 7 20.30 -23.84 27.08
C LYS K 7 21.51 -23.78 26.14
N ILE K 8 21.79 -22.61 25.58
CA ILE K 8 23.01 -22.37 24.78
C ILE K 8 24.22 -22.76 25.65
N GLY K 9 25.13 -23.56 25.09
CA GLY K 9 26.39 -23.90 25.74
C GLY K 9 26.28 -25.16 26.61
N HIS K 10 25.08 -25.58 27.00
CA HIS K 10 24.86 -26.88 27.70
C HIS K 10 24.48 -27.92 26.68
N PRO K 11 24.50 -29.24 27.01
CA PRO K 11 24.15 -30.28 26.04
C PRO K 11 22.67 -30.16 25.64
N ALA K 12 22.39 -30.23 24.35
CA ALA K 12 21.01 -30.16 23.79
C ALA K 12 20.20 -31.26 24.45
N PRO K 13 18.92 -31.02 24.81
CA PRO K 13 18.08 -32.06 25.40
C PRO K 13 18.03 -33.26 24.45
N ASN K 14 18.33 -34.45 24.98
CA ASN K 14 18.27 -35.71 24.21
C ASN K 14 16.79 -36.04 24.00
N PHE K 15 16.46 -36.60 22.84
CA PHE K 15 15.15 -37.24 22.58
C PHE K 15 15.44 -38.64 22.06
N LYS K 16 14.57 -39.58 22.38
CA LYS K 16 14.41 -40.84 21.62
C LYS K 16 13.02 -40.77 21.00
N ALA K 17 12.89 -40.99 19.70
CA ALA K 17 11.62 -40.87 18.97
C ALA K 17 11.65 -41.74 17.71
N THR K 18 10.48 -42.18 17.25
CA THR K 18 10.32 -42.90 15.97
C THR K 18 10.39 -41.84 14.87
N ALA K 19 11.25 -42.06 13.87
CA ALA K 19 11.37 -41.18 12.70
C ALA K 19 11.01 -41.96 11.44
N VAL K 20 10.53 -41.27 10.42
CA VAL K 20 10.47 -41.78 9.03
C VAL K 20 11.76 -41.37 8.36
N MET K 21 12.64 -42.35 8.10
CA MET K 21 13.94 -42.15 7.41
C MET K 21 13.69 -41.90 5.93
N PRO K 22 14.70 -41.45 5.17
CA PRO K 22 14.47 -41.05 3.77
C PRO K 22 14.17 -42.24 2.86
N ASP K 23 14.58 -43.45 3.26
CA ASP K 23 14.30 -44.72 2.53
C ASP K 23 12.84 -45.16 2.73
N GLY K 24 12.06 -44.50 3.60
CA GLY K 24 10.63 -44.83 3.86
C GLY K 24 10.42 -45.87 4.94
N GLN K 25 11.48 -46.23 5.68
CA GLN K 25 11.44 -47.16 6.85
C GLN K 25 11.19 -46.32 8.11
N PHE K 26 10.71 -46.96 9.17
CA PHE K 26 10.65 -46.41 10.55
C PHE K 26 11.86 -46.89 11.35
N LYS K 27 12.60 -45.96 11.94
CA LYS K 27 13.74 -46.23 12.83
C LYS K 27 13.50 -45.48 14.15
N ASP K 28 13.95 -46.05 15.27
CA ASP K 28 13.94 -45.36 16.58
C ASP K 28 15.29 -44.66 16.73
N ILE K 29 15.35 -43.34 16.60
CA ILE K 29 16.63 -42.57 16.66
C ILE K 29 16.66 -41.72 17.92
N SER K 30 17.88 -41.39 18.34
CA SER K 30 18.17 -40.44 19.46
C SER K 30 19.10 -39.35 18.94
N LEU K 31 19.01 -38.14 19.48
CA LEU K 31 19.95 -37.05 19.14
C LEU K 31 21.38 -37.53 19.38
N SER K 32 21.59 -38.25 20.49
CA SER K 32 22.89 -38.81 20.91
C SER K 32 23.44 -39.78 19.86
N ASP K 33 22.59 -40.38 19.03
CA ASP K 33 23.05 -41.24 17.90
C ASP K 33 23.95 -40.43 16.98
N TYR K 34 23.86 -39.09 16.97
CA TYR K 34 24.52 -38.23 15.95
C TYR K 34 25.73 -37.48 16.54
N LYS K 35 26.20 -37.84 17.74
CA LYS K 35 27.50 -37.32 18.27
C LYS K 35 28.54 -37.59 17.19
N GLY K 36 29.46 -36.66 16.98
CA GLY K 36 30.46 -36.72 15.90
C GLY K 36 30.01 -35.92 14.68
N LYS K 37 28.72 -35.61 14.58
CA LYS K 37 28.18 -34.74 13.51
C LYS K 37 27.52 -33.53 14.16
N TYR K 38 27.58 -32.39 13.46
CA TYR K 38 26.71 -31.22 13.71
C TYR K 38 25.28 -31.64 13.36
N VAL K 39 24.30 -31.17 14.11
CA VAL K 39 22.87 -31.46 13.84
C VAL K 39 22.12 -30.14 13.69
N VAL K 40 21.43 -29.99 12.58
CA VAL K 40 20.39 -28.95 12.40
C VAL K 40 19.06 -29.63 12.67
N PHE K 41 18.50 -29.42 13.85
CA PHE K 41 17.21 -30.00 14.31
C PHE K 41 16.14 -28.92 14.19
N PHE K 42 15.15 -29.12 13.33
CA PHE K 42 14.13 -28.07 13.08
C PHE K 42 12.73 -28.67 13.23
N PHE K 43 11.88 -27.96 13.97
CA PHE K 43 10.44 -28.24 14.14
C PHE K 43 9.67 -27.47 13.07
N TYR K 44 8.57 -28.06 12.59
CA TYR K 44 7.51 -27.36 11.81
C TYR K 44 6.19 -27.69 12.47
N PRO K 45 5.14 -26.86 12.29
CA PRO K 45 3.91 -27.00 13.08
C PRO K 45 3.21 -28.34 12.83
N LEU K 46 2.74 -28.56 11.59
CA LEU K 46 1.81 -29.68 11.24
C LEU K 46 2.04 -30.23 9.84
N ASP K 47 1.94 -31.54 9.71
CA ASP K 47 1.78 -32.27 8.42
C ASP K 47 0.39 -31.98 7.85
N PHE K 48 0.29 -32.01 6.53
CA PHE K 48 -0.95 -32.06 5.70
C PHE K 48 -1.71 -30.74 5.76
N THR K 49 -1.05 -29.63 6.09
CA THR K 49 -1.68 -28.28 5.99
C THR K 49 -1.80 -27.90 4.52
N PHE K 50 -2.44 -26.78 4.26
CA PHE K 50 -2.80 -26.34 2.88
C PHE K 50 -1.63 -25.55 2.27
N VAL K 51 -0.54 -25.37 3.02
CA VAL K 51 0.63 -24.55 2.57
C VAL K 51 1.50 -25.43 1.69
N CYS K 52 2.03 -24.89 0.59
CA CYS K 52 3.16 -25.51 -0.18
C CYS K 52 4.28 -25.70 0.82
N PRO K 53 4.73 -26.94 1.12
CA PRO K 53 5.75 -27.14 2.15
C PRO K 53 7.18 -26.85 1.66
N THR K 54 7.38 -25.69 1.03
CA THR K 54 8.61 -25.36 0.26
C THR K 54 9.81 -25.29 1.22
N GLU K 55 9.58 -24.84 2.44
CA GLU K 55 10.61 -24.71 3.50
C GLU K 55 11.21 -26.09 3.78
N ILE K 56 10.39 -27.07 4.10
CA ILE K 56 10.89 -28.45 4.41
C ILE K 56 11.62 -28.99 3.17
N ILE K 57 11.07 -28.74 1.98
CA ILE K 57 11.62 -29.30 0.72
C ILE K 57 13.01 -28.69 0.47
N ALA K 58 13.15 -27.38 0.60
CA ALA K 58 14.46 -26.67 0.53
C ALA K 58 15.52 -27.41 1.35
N PHE K 59 15.25 -27.74 2.61
CA PHE K 59 16.21 -28.44 3.49
C PHE K 59 16.48 -29.83 2.94
N SER K 60 15.45 -30.52 2.45
CA SER K 60 15.58 -31.89 1.87
C SER K 60 16.43 -31.80 0.60
N ASP K 61 16.01 -30.94 -0.34
CA ASP K 61 16.71 -30.70 -1.63
C ASP K 61 18.19 -30.42 -1.36
N ARG K 62 18.52 -29.55 -0.41
CA ARG K 62 19.93 -29.09 -0.24
C ARG K 62 20.61 -29.87 0.88
N ALA K 63 20.13 -31.07 1.20
CA ALA K 63 20.69 -31.90 2.29
C ALA K 63 22.16 -32.24 1.98
N GLU K 64 22.51 -32.34 0.70
CA GLU K 64 23.89 -32.65 0.23
C GLU K 64 24.86 -31.63 0.85
N GLU K 65 24.48 -30.35 0.85
CA GLU K 65 25.34 -29.23 1.26
C GLU K 65 25.63 -29.33 2.76
N PHE K 66 24.70 -29.90 3.52
CA PHE K 66 24.85 -30.14 4.98
C PHE K 66 25.72 -31.37 5.19
N LYS K 67 25.55 -32.41 4.36
CA LYS K 67 26.37 -33.65 4.47
C LYS K 67 27.83 -33.27 4.20
N LYS K 68 28.07 -32.42 3.18
CA LYS K 68 29.42 -31.88 2.85
C LYS K 68 30.02 -31.21 4.10
N LEU K 69 29.23 -30.57 4.95
CA LEU K 69 29.73 -29.87 6.18
C LEU K 69 29.67 -30.82 7.38
N ASN K 70 29.56 -32.12 7.13
CA ASN K 70 29.54 -33.18 8.18
C ASN K 70 28.45 -32.86 9.21
N SER K 71 27.28 -32.46 8.75
CA SER K 71 26.11 -32.15 9.61
C SER K 71 24.87 -32.86 9.06
N GLN K 72 23.98 -33.30 9.97
CA GLN K 72 22.71 -33.98 9.66
C GLN K 72 21.53 -33.04 9.92
N VAL K 73 20.69 -32.81 8.91
CA VAL K 73 19.40 -32.10 9.09
C VAL K 73 18.34 -33.10 9.54
N ILE K 74 17.60 -32.78 10.59
CA ILE K 74 16.46 -33.58 11.12
C ILE K 74 15.25 -32.66 11.29
N GLY K 75 14.12 -33.02 10.69
CA GLY K 75 12.82 -32.35 10.84
C GLY K 75 11.98 -33.03 11.91
N ALA K 76 11.03 -32.30 12.50
CA ALA K 76 10.16 -32.83 13.57
C ALA K 76 8.84 -32.08 13.58
N SER K 77 7.77 -32.80 13.94
CA SER K 77 6.45 -32.22 14.31
C SER K 77 5.75 -33.18 15.26
N VAL K 78 4.61 -32.77 15.77
CA VAL K 78 3.84 -33.54 16.78
C VAL K 78 3.02 -34.66 16.11
N ASP K 79 3.00 -34.73 14.77
CA ASP K 79 2.21 -35.73 14.01
C ASP K 79 2.87 -37.09 14.23
N SER K 80 2.07 -38.19 14.25
CA SER K 80 2.56 -39.59 14.37
C SER K 80 3.46 -39.94 13.19
N HIS K 81 4.30 -40.95 13.35
CA HIS K 81 5.19 -41.43 12.27
C HIS K 81 4.33 -41.95 11.13
N PHE K 82 3.16 -42.52 11.42
CA PHE K 82 2.21 -43.01 10.39
C PHE K 82 1.83 -41.84 9.47
N VAL K 83 1.64 -40.67 10.07
CA VAL K 83 1.20 -39.45 9.35
C VAL K 83 2.37 -38.96 8.49
N HIS K 84 3.57 -38.86 9.08
CA HIS K 84 4.79 -38.46 8.35
C HIS K 84 4.91 -39.32 7.09
N LEU K 85 4.79 -40.64 7.24
CA LEU K 85 4.93 -41.59 6.13
C LEU K 85 3.88 -41.28 5.07
N ALA K 86 2.62 -41.15 5.48
CA ALA K 86 1.50 -40.81 4.58
C ALA K 86 1.79 -39.51 3.82
N TRP K 87 2.36 -38.53 4.49
CA TRP K 87 2.61 -37.19 3.90
C TRP K 87 3.72 -37.29 2.84
N VAL K 88 4.74 -38.09 3.13
CA VAL K 88 5.87 -38.36 2.21
C VAL K 88 5.32 -39.04 0.96
N ASN K 89 4.47 -40.04 1.13
CA ASN K 89 3.94 -40.90 0.03
C ASN K 89 2.74 -40.23 -0.64
N THR K 90 2.34 -39.05 -0.20
CA THR K 90 1.38 -38.21 -0.95
C THR K 90 2.19 -37.30 -1.86
N PRO K 91 2.02 -37.38 -3.20
CA PRO K 91 2.81 -36.54 -4.12
C PRO K 91 2.50 -35.05 -3.97
N LYS K 92 3.49 -34.19 -4.24
CA LYS K 92 3.37 -32.72 -4.09
C LYS K 92 2.12 -32.25 -4.83
N LYS K 93 1.93 -32.73 -6.06
CA LYS K 93 0.82 -32.36 -7.00
C LYS K 93 -0.53 -32.38 -6.27
N GLN K 94 -0.69 -33.20 -5.23
CA GLN K 94 -1.96 -33.36 -4.46
C GLN K 94 -1.86 -32.73 -3.07
N GLY K 95 -0.89 -31.84 -2.84
CA GLY K 95 -0.69 -31.12 -1.56
C GLY K 95 -0.03 -31.99 -0.50
N GLY K 96 0.78 -32.96 -0.93
CA GLY K 96 1.67 -33.75 -0.08
C GLY K 96 3.06 -33.15 -0.08
N LEU K 97 4.04 -33.92 0.42
CA LEU K 97 5.43 -33.50 0.69
C LEU K 97 6.38 -34.07 -0.36
N GLY K 98 6.07 -35.28 -0.85
CA GLY K 98 6.95 -36.00 -1.76
C GLY K 98 8.06 -36.65 -0.96
N PRO K 99 9.01 -37.33 -1.63
CA PRO K 99 10.06 -38.07 -0.92
C PRO K 99 11.04 -37.06 -0.30
N MET K 100 11.75 -37.50 0.73
CA MET K 100 12.60 -36.65 1.59
C MET K 100 14.00 -37.24 1.66
N ASN K 101 15.02 -36.37 1.76
CA ASN K 101 16.45 -36.78 1.96
C ASN K 101 16.81 -36.62 3.44
N ILE K 102 15.86 -36.19 4.27
CA ILE K 102 16.08 -35.98 5.72
C ILE K 102 15.08 -36.83 6.49
N PRO K 103 15.47 -37.31 7.69
CA PRO K 103 14.53 -38.02 8.55
C PRO K 103 13.53 -37.02 9.16
N LEU K 104 12.29 -37.49 9.39
CA LEU K 104 11.22 -36.71 10.05
C LEU K 104 10.87 -37.39 11.36
N VAL K 105 11.16 -36.68 12.46
CA VAL K 105 10.91 -37.15 13.85
C VAL K 105 9.45 -36.89 14.20
N SER K 106 8.86 -37.86 14.89
CA SER K 106 7.47 -37.84 15.40
C SER K 106 7.53 -37.56 16.90
N ASP K 107 6.83 -36.53 17.36
CA ASP K 107 6.78 -36.10 18.78
C ASP K 107 5.33 -36.08 19.27
N PRO K 108 4.67 -37.24 19.44
CA PRO K 108 3.24 -37.25 19.74
C PRO K 108 2.96 -36.89 21.19
N LYS K 109 3.91 -37.12 22.10
CA LYS K 109 3.77 -36.80 23.54
C LYS K 109 4.05 -35.31 23.74
N ARG K 110 4.56 -34.60 22.72
CA ARG K 110 4.85 -33.14 22.75
C ARG K 110 5.94 -32.83 23.78
N THR K 111 6.68 -33.83 24.24
CA THR K 111 7.77 -33.70 25.26
C THR K 111 9.00 -33.04 24.62
N ILE K 112 9.29 -33.37 23.36
CA ILE K 112 10.49 -32.86 22.63
C ILE K 112 10.25 -31.37 22.34
N ALA K 113 9.08 -31.04 21.79
CA ALA K 113 8.67 -29.64 21.53
C ALA K 113 8.78 -28.85 22.85
N GLN K 114 8.38 -29.44 23.96
CA GLN K 114 8.36 -28.75 25.27
C GLN K 114 9.80 -28.55 25.76
N ASP K 115 10.63 -29.58 25.66
CA ASP K 115 12.07 -29.52 26.04
C ASP K 115 12.77 -28.39 25.28
N TYR K 116 12.48 -28.20 23.99
CA TYR K 116 13.14 -27.19 23.12
C TYR K 116 12.39 -25.85 23.20
N GLY K 117 11.30 -25.82 23.96
CA GLY K 117 10.58 -24.59 24.36
C GLY K 117 9.83 -23.98 23.20
N VAL K 118 9.33 -24.82 22.29
CA VAL K 118 8.69 -24.37 21.03
C VAL K 118 7.28 -24.93 20.94
N LEU K 119 6.75 -25.50 22.02
CA LEU K 119 5.34 -25.98 22.06
C LEU K 119 4.42 -24.79 22.25
N LYS K 120 3.56 -24.52 21.27
CA LYS K 120 2.42 -23.57 21.37
C LYS K 120 1.30 -24.32 22.11
N ALA K 121 1.14 -24.04 23.40
CA ALA K 121 0.36 -24.84 24.36
C ALA K 121 -1.08 -24.99 23.88
N ASP K 122 -1.68 -23.88 23.47
CA ASP K 122 -3.13 -23.73 23.20
C ASP K 122 -3.55 -24.55 21.97
N GLU K 123 -2.67 -24.78 21.00
CA GLU K 123 -3.00 -25.54 19.76
C GLU K 123 -2.33 -26.92 19.74
N GLY K 124 -1.38 -27.16 20.67
CA GLY K 124 -0.65 -28.43 20.83
C GLY K 124 0.28 -28.75 19.66
N ILE K 125 1.00 -27.74 19.16
CA ILE K 125 1.88 -27.83 17.96
C ILE K 125 3.16 -27.03 18.21
N SER K 126 4.24 -27.39 17.53
CA SER K 126 5.55 -26.70 17.51
C SER K 126 5.43 -25.36 16.77
N PHE K 127 6.07 -24.31 17.28
CA PHE K 127 6.45 -23.14 16.47
C PHE K 127 7.50 -23.56 15.44
N ARG K 128 7.92 -22.64 14.58
CA ARG K 128 8.98 -22.86 13.55
C ARG K 128 10.33 -22.67 14.25
N GLY K 129 10.74 -23.67 15.03
CA GLY K 129 11.99 -23.65 15.79
C GLY K 129 13.09 -24.39 15.07
N LEU K 130 14.31 -23.84 15.08
CA LEU K 130 15.51 -24.50 14.53
C LEU K 130 16.65 -24.37 15.54
N PHE K 131 17.36 -25.46 15.74
CA PHE K 131 18.44 -25.58 16.74
C PHE K 131 19.69 -26.14 16.06
N ILE K 132 20.83 -25.50 16.29
CA ILE K 132 22.14 -26.02 15.81
C ILE K 132 22.87 -26.61 17.01
N ILE K 133 23.29 -27.87 16.84
CA ILE K 133 23.91 -28.71 17.91
C ILE K 133 25.24 -29.24 17.35
N ASP K 134 26.33 -29.06 18.09
CA ASP K 134 27.70 -29.34 17.58
C ASP K 134 28.00 -30.84 17.71
N ASP K 135 29.15 -31.26 17.16
CA ASP K 135 29.63 -32.66 17.11
C ASP K 135 29.74 -33.24 18.54
N LYS K 136 29.79 -32.42 19.58
CA LYS K 136 29.91 -32.89 20.98
C LYS K 136 28.52 -32.87 21.66
N GLY K 137 27.47 -32.53 20.92
CA GLY K 137 26.07 -32.54 21.42
C GLY K 137 25.70 -31.30 22.23
N ILE K 138 26.42 -30.20 22.02
CA ILE K 138 26.20 -28.92 22.75
C ILE K 138 25.37 -27.99 21.86
N LEU K 139 24.36 -27.36 22.45
CA LEU K 139 23.47 -26.43 21.74
C LEU K 139 24.22 -25.13 21.49
N ARG K 140 24.25 -24.65 20.25
CA ARG K 140 25.04 -23.47 19.85
C ARG K 140 24.13 -22.33 19.39
N GLN K 141 22.97 -22.65 18.85
CA GLN K 141 22.09 -21.64 18.21
C GLN K 141 20.62 -22.00 18.45
N ILE K 142 19.82 -20.98 18.71
CA ILE K 142 18.34 -21.08 18.84
C ILE K 142 17.72 -20.09 17.85
N THR K 143 16.91 -20.61 16.92
CA THR K 143 16.05 -19.82 16.02
C THR K 143 14.60 -20.25 16.26
N VAL K 144 13.70 -19.32 16.56
CA VAL K 144 12.24 -19.62 16.69
C VAL K 144 11.43 -18.52 16.01
N ASN K 145 10.73 -18.87 14.93
CA ASN K 145 9.84 -17.95 14.15
C ASN K 145 8.39 -18.24 14.53
N ASP K 146 7.56 -17.21 14.68
CA ASP K 146 6.07 -17.34 14.64
C ASP K 146 5.72 -18.06 13.34
N LEU K 147 4.51 -18.61 13.29
CA LEU K 147 4.09 -19.64 12.31
C LEU K 147 4.21 -19.17 10.86
N PRO K 148 3.85 -17.92 10.49
CA PRO K 148 3.84 -17.54 9.08
C PRO K 148 5.16 -17.29 8.35
N VAL K 149 6.31 -17.37 9.02
CA VAL K 149 7.61 -16.96 8.42
C VAL K 149 8.59 -18.12 8.47
N GLY K 150 9.16 -18.48 7.32
CA GLY K 150 10.01 -19.67 7.16
C GLY K 150 11.47 -19.38 7.43
N ARG K 151 12.29 -20.42 7.34
CA ARG K 151 13.74 -20.38 7.64
C ARG K 151 14.51 -20.47 6.34
N SER K 152 15.67 -19.80 6.27
CA SER K 152 16.58 -19.79 5.09
C SER K 152 17.58 -20.94 5.19
N VAL K 153 17.74 -21.74 4.14
CA VAL K 153 18.79 -22.79 4.14
C VAL K 153 20.15 -22.11 4.16
N ASP K 154 20.29 -20.98 3.46
CA ASP K 154 21.59 -20.25 3.36
C ASP K 154 22.01 -19.78 4.76
N GLU K 155 21.12 -19.09 5.47
CA GLU K 155 21.44 -18.58 6.83
C GLU K 155 21.81 -19.75 7.73
N THR K 156 21.13 -20.88 7.60
CA THR K 156 21.45 -22.09 8.40
C THR K 156 22.86 -22.55 8.05
N LEU K 157 23.21 -22.65 6.78
CA LEU K 157 24.59 -23.06 6.36
C LEU K 157 25.60 -22.05 6.91
N ARG K 158 25.32 -20.74 6.81
CA ARG K 158 26.24 -19.70 7.33
C ARG K 158 26.59 -20.01 8.80
N LEU K 159 25.57 -20.26 9.61
CA LEU K 159 25.73 -20.54 11.06
C LEU K 159 26.55 -21.82 11.24
N VAL K 160 26.22 -22.90 10.53
CA VAL K 160 26.95 -24.19 10.71
C VAL K 160 28.43 -23.97 10.37
N GLN K 161 28.74 -23.28 9.26
CA GLN K 161 30.14 -23.05 8.82
C GLN K 161 30.85 -22.20 9.88
N ALA K 162 30.19 -21.17 10.39
CA ALA K 162 30.75 -20.22 11.38
C ALA K 162 31.10 -20.94 12.68
N PHE K 163 30.19 -21.75 13.19
CA PHE K 163 30.43 -22.51 14.45
C PHE K 163 31.56 -23.50 14.21
N GLN K 164 31.61 -24.10 13.02
CA GLN K 164 32.63 -25.13 12.68
C GLN K 164 34.00 -24.46 12.56
N PHE K 165 34.05 -23.28 11.93
CA PHE K 165 35.27 -22.44 11.82
C PHE K 165 35.87 -22.25 13.22
N THR K 166 35.07 -21.78 14.16
CA THR K 166 35.53 -21.41 15.54
C THR K 166 35.93 -22.69 16.28
N ASP K 167 35.12 -23.75 16.14
CA ASP K 167 35.42 -25.11 16.67
C ASP K 167 36.81 -25.55 16.21
N LYS K 168 37.14 -25.37 14.94
CA LYS K 168 38.38 -25.91 14.31
C LYS K 168 39.61 -25.16 14.87
N HIS K 169 39.57 -23.83 14.99
CA HIS K 169 40.71 -23.01 15.51
C HIS K 169 40.75 -23.09 17.05
N GLY K 170 40.21 -24.16 17.62
CA GLY K 170 40.39 -24.54 19.03
C GLY K 170 41.08 -25.89 19.16
N GLU K 171 41.47 -26.51 18.04
CA GLU K 171 42.40 -27.67 18.00
C GLU K 171 43.81 -27.10 17.86
N VAL K 172 44.41 -26.66 18.96
CA VAL K 172 45.69 -25.89 18.93
C VAL K 172 46.70 -26.53 19.88
N SER K 173 47.97 -26.54 19.48
CA SER K 173 49.13 -27.05 20.25
C SER K 173 49.78 -25.87 20.98
N PRO K 174 50.47 -26.09 22.13
CA PRO K 174 51.28 -25.04 22.74
C PRO K 174 52.17 -24.34 21.70
N ALA K 175 52.50 -23.08 21.96
CA ALA K 175 53.02 -22.12 20.96
C ALA K 175 54.43 -22.49 20.49
N GLY K 176 55.30 -23.02 21.38
CA GLY K 176 56.71 -23.28 21.07
C GLY K 176 57.52 -21.99 20.99
N TRP K 177 56.90 -20.83 21.24
CA TRP K 177 57.49 -19.48 21.13
C TRP K 177 57.33 -18.79 22.48
N LYS K 178 58.26 -17.92 22.84
CA LYS K 178 58.20 -17.12 24.09
C LYS K 178 58.72 -15.73 23.77
N PRO K 179 58.18 -14.67 24.41
CA PRO K 179 58.70 -13.31 24.21
C PRO K 179 60.00 -13.13 25.01
N SER K 181 63.71 -10.83 25.19
CA SER K 181 64.73 -9.86 24.69
C SER K 181 64.81 -9.93 23.16
N ASP K 182 64.88 -11.16 22.61
CA ASP K 182 65.15 -11.45 21.17
C ASP K 182 63.97 -11.01 20.28
N THR K 183 62.77 -10.86 20.84
CA THR K 183 61.50 -10.63 20.12
C THR K 183 61.04 -9.17 20.24
N ILE K 184 61.68 -8.34 21.08
CA ILE K 184 61.25 -6.93 21.33
C ILE K 184 61.54 -6.07 20.10
N LYS K 185 60.58 -5.23 19.71
CA LYS K 185 60.72 -4.20 18.64
C LYS K 185 61.25 -2.92 19.28
N PRO K 186 62.41 -2.39 18.82
CA PRO K 186 62.92 -1.12 19.32
C PRO K 186 62.19 0.10 18.74
N SER L 2 10.79 43.93 -35.09
CA SER L 2 10.54 45.05 -34.10
C SER L 2 10.46 44.49 -32.67
N SER L 3 9.28 44.09 -32.21
CA SER L 3 9.02 43.35 -30.94
C SER L 3 7.60 42.72 -30.98
N GLY L 4 7.45 41.62 -31.73
CA GLY L 4 6.23 40.80 -31.83
C GLY L 4 5.12 41.50 -32.62
N ASN L 5 5.08 42.84 -32.64
CA ASN L 5 3.90 43.66 -33.02
C ASN L 5 4.02 45.11 -32.53
N ALA L 6 4.88 45.36 -31.54
CA ALA L 6 5.21 46.70 -31.00
C ALA L 6 6.40 47.25 -31.79
N LYS L 7 6.19 48.33 -32.51
CA LYS L 7 7.21 48.92 -33.42
C LYS L 7 7.53 50.30 -32.87
N ILE L 8 8.83 50.59 -32.69
CA ILE L 8 9.30 51.94 -32.31
C ILE L 8 8.76 52.92 -33.35
N GLY L 9 8.17 54.02 -32.89
CA GLY L 9 7.72 55.12 -33.75
C GLY L 9 6.29 54.94 -34.25
N HIS L 10 5.73 53.73 -34.19
CA HIS L 10 4.29 53.47 -34.48
C HIS L 10 3.51 53.47 -33.18
N PRO L 11 2.17 53.56 -33.19
CA PRO L 11 1.38 53.56 -31.96
C PRO L 11 1.53 52.21 -31.21
N ALA L 12 1.80 52.27 -29.91
CA ALA L 12 1.93 51.08 -29.05
C ALA L 12 0.66 50.25 -29.19
N PRO L 13 0.76 48.90 -29.24
CA PRO L 13 -0.43 48.05 -29.30
C PRO L 13 -1.34 48.35 -28.13
N ASN L 14 -2.61 48.62 -28.41
CA ASN L 14 -3.64 48.88 -27.37
C ASN L 14 -3.96 47.54 -26.71
N PHE L 15 -4.22 47.56 -25.41
CA PHE L 15 -4.84 46.44 -24.66
C PHE L 15 -6.04 47.00 -23.91
N LYS L 16 -7.06 46.18 -23.74
CA LYS L 16 -8.08 46.36 -22.70
C LYS L 16 -7.92 45.17 -21.75
N ALA L 17 -7.79 45.41 -20.45
CA ALA L 17 -7.53 44.35 -19.45
C ALA L 17 -8.03 44.78 -18.07
N THR L 18 -8.39 43.80 -17.25
CA THR L 18 -8.76 44.02 -15.84
C THR L 18 -7.46 44.25 -15.06
N ALA L 19 -7.39 45.33 -14.30
CA ALA L 19 -6.24 45.66 -13.45
C ALA L 19 -6.68 45.70 -11.99
N VAL L 20 -5.76 45.44 -11.08
CA VAL L 20 -5.89 45.78 -9.64
C VAL L 20 -5.29 47.17 -9.47
N MET L 21 -6.14 48.17 -9.24
CA MET L 21 -5.72 49.56 -9.00
C MET L 21 -5.10 49.67 -7.60
N PRO L 22 -4.46 50.82 -7.29
CA PRO L 22 -3.73 50.94 -6.02
C PRO L 22 -4.67 50.99 -4.81
N ASP L 23 -5.93 51.41 -5.02
CA ASP L 23 -6.98 51.47 -3.96
C ASP L 23 -7.51 50.06 -3.64
N GLY L 24 -7.11 49.01 -4.37
CA GLY L 24 -7.53 47.62 -4.13
C GLY L 24 -8.81 47.22 -4.85
N GLN L 25 -9.29 48.07 -5.76
CA GLN L 25 -10.51 47.83 -6.59
C GLN L 25 -10.05 47.18 -7.91
N PHE L 26 -10.94 46.49 -8.62
CA PHE L 26 -10.77 46.02 -10.00
C PHE L 26 -11.39 47.03 -10.97
N LYS L 27 -10.62 47.48 -11.95
CA LYS L 27 -11.09 48.40 -13.02
C LYS L 27 -10.69 47.80 -14.36
N ASP L 28 -11.48 48.03 -15.41
CA ASP L 28 -11.13 47.63 -16.79
C ASP L 28 -10.44 48.83 -17.43
N ILE L 29 -9.13 48.80 -17.63
CA ILE L 29 -8.36 49.93 -18.23
C ILE L 29 -7.88 49.56 -19.63
N SER L 30 -7.61 50.58 -20.43
CA SER L 30 -6.98 50.48 -21.78
C SER L 30 -5.76 51.39 -21.82
N LEU L 31 -4.74 51.04 -22.59
CA LEU L 31 -3.56 51.92 -22.78
C LEU L 31 -4.03 53.28 -23.29
N SER L 32 -5.01 53.26 -24.21
CA SER L 32 -5.59 54.47 -24.82
C SER L 32 -6.24 55.37 -23.76
N ASP L 33 -6.66 54.82 -22.62
CA ASP L 33 -7.19 55.64 -21.50
C ASP L 33 -6.12 56.66 -21.07
N TYR L 34 -4.84 56.44 -21.34
CA TYR L 34 -3.72 57.25 -20.77
C TYR L 34 -3.09 58.17 -21.83
N LYS L 35 -3.74 58.36 -23.00
CA LYS L 35 -3.31 59.43 -23.96
C LYS L 35 -3.27 60.73 -23.16
N GLY L 36 -2.26 61.56 -23.43
CA GLY L 36 -2.00 62.80 -22.66
C GLY L 36 -0.95 62.60 -21.61
N LYS L 37 -0.67 61.35 -21.24
CA LYS L 37 0.42 61.00 -20.29
C LYS L 37 1.40 60.08 -21.00
N TYR L 38 2.68 60.19 -20.64
CA TYR L 38 3.72 59.17 -20.92
C TYR L 38 3.35 57.93 -20.11
N VAL L 39 3.58 56.74 -20.66
CA VAL L 39 3.31 55.46 -19.96
C VAL L 39 4.59 54.65 -19.92
N VAL L 40 5.00 54.24 -18.73
CA VAL L 40 6.00 53.16 -18.53
C VAL L 40 5.21 51.89 -18.26
N PHE L 41 5.09 51.03 -19.27
CA PHE L 41 4.37 49.73 -19.21
C PHE L 41 5.40 48.63 -19.06
N PHE L 42 5.40 47.90 -17.96
CA PHE L 42 6.42 46.86 -17.69
C PHE L 42 5.74 45.53 -17.32
N PHE L 43 6.21 44.47 -17.96
CA PHE L 43 5.84 43.07 -17.66
C PHE L 43 6.83 42.50 -16.65
N TYR L 44 6.34 41.62 -15.78
CA TYR L 44 7.18 40.72 -14.94
C TYR L 44 6.64 39.31 -15.12
N PRO L 45 7.44 38.26 -14.89
CA PRO L 45 7.06 36.90 -15.25
C PRO L 45 5.80 36.42 -14.52
N LEU L 46 5.89 36.30 -13.18
CA LEU L 46 4.88 35.60 -12.34
C LEU L 46 4.74 36.25 -10.96
N ASP L 47 3.49 36.33 -10.49
CA ASP L 47 3.13 36.57 -9.07
C ASP L 47 3.51 35.34 -8.24
N PHE L 48 3.82 35.58 -6.96
CA PHE L 48 3.96 34.61 -5.85
C PHE L 48 5.18 33.71 -6.05
N THR L 49 6.19 34.14 -6.80
CA THR L 49 7.48 33.39 -6.87
C THR L 49 8.24 33.63 -5.56
N PHE L 50 9.37 32.94 -5.41
CA PHE L 50 10.17 32.93 -4.16
C PHE L 50 11.14 34.11 -4.15
N VAL L 51 11.13 34.95 -5.17
CA VAL L 51 12.05 36.11 -5.29
C VAL L 51 11.48 37.26 -4.47
N CYS L 52 12.34 37.98 -3.72
CA CYS L 52 11.98 39.30 -3.12
C CYS L 52 11.56 40.18 -4.29
N PRO L 53 10.30 40.64 -4.38
CA PRO L 53 9.86 41.42 -5.55
C PRO L 53 10.31 42.89 -5.52
N THR L 54 11.59 43.12 -5.26
CA THR L 54 12.14 44.47 -4.92
C THR L 54 12.00 45.40 -6.12
N GLU L 55 12.12 44.83 -7.33
CA GLU L 55 11.98 45.55 -8.62
C GLU L 55 10.61 46.21 -8.71
N ILE L 56 9.54 45.42 -8.56
CA ILE L 56 8.15 45.95 -8.64
C ILE L 56 7.97 47.00 -7.55
N ILE L 57 8.49 46.75 -6.36
CA ILE L 57 8.29 47.64 -5.18
C ILE L 57 8.97 48.98 -5.46
N ALA L 58 10.21 48.97 -5.94
CA ALA L 58 10.95 50.18 -6.38
C ALA L 58 10.07 51.06 -7.26
N PHE L 59 9.43 50.51 -8.28
CA PHE L 59 8.57 51.29 -9.21
C PHE L 59 7.37 51.82 -8.44
N SER L 60 6.78 51.03 -7.54
CA SER L 60 5.62 51.45 -6.72
C SER L 60 6.05 52.57 -5.78
N ASP L 61 7.11 52.31 -4.99
CA ASP L 61 7.70 53.29 -4.03
C ASP L 61 7.96 54.62 -4.74
N ARG L 62 8.55 54.60 -5.92
CA ARG L 62 9.03 55.85 -6.57
C ARG L 62 8.01 56.31 -7.62
N ALA L 63 6.76 55.90 -7.51
CA ALA L 63 5.69 56.25 -8.48
C ALA L 63 5.50 57.77 -8.49
N GLU L 64 5.77 58.45 -7.36
CA GLU L 64 5.61 59.91 -7.23
C GLU L 64 6.49 60.60 -8.30
N GLU L 65 7.71 60.09 -8.48
CA GLU L 65 8.73 60.70 -9.36
C GLU L 65 8.28 60.63 -10.82
N PHE L 66 7.50 59.60 -11.16
CA PHE L 66 6.90 59.41 -12.50
C PHE L 66 5.68 60.33 -12.65
N LYS L 67 4.88 60.48 -11.59
CA LYS L 67 3.69 61.37 -11.61
C LYS L 67 4.19 62.80 -11.83
N LYS L 68 5.27 63.20 -11.14
CA LYS L 68 5.94 64.52 -11.31
C LYS L 68 6.30 64.73 -12.78
N LEU L 69 6.68 63.69 -13.53
CA LEU L 69 7.06 63.79 -14.97
C LEU L 69 5.83 63.55 -15.86
N ASN L 70 4.63 63.63 -15.30
CA ASN L 70 3.35 63.47 -16.04
C ASN L 70 3.35 62.14 -16.80
N SER L 71 3.81 61.07 -16.14
CA SER L 71 3.83 59.71 -16.70
C SER L 71 3.23 58.72 -15.70
N GLN L 72 2.55 57.69 -16.20
CA GLN L 72 1.91 56.61 -15.41
C GLN L 72 2.72 55.31 -15.56
N VAL L 73 3.15 54.72 -14.45
CA VAL L 73 3.75 53.37 -14.44
C VAL L 73 2.61 52.34 -14.35
N ILE L 74 2.64 51.33 -15.19
CA ILE L 74 1.68 50.19 -15.19
C ILE L 74 2.49 48.88 -15.24
N GLY L 75 2.24 47.98 -14.29
CA GLY L 75 2.80 46.61 -14.25
C GLY L 75 1.84 45.61 -14.87
N ALA L 76 2.35 44.47 -15.31
CA ALA L 76 1.54 43.42 -15.98
C ALA L 76 2.22 42.06 -15.81
N SER L 77 1.40 41.03 -15.68
CA SER L 77 1.81 39.61 -15.81
C SER L 77 0.61 38.80 -16.29
N VAL L 78 0.83 37.52 -16.57
CA VAL L 78 -0.21 36.62 -17.12
C VAL L 78 -1.14 36.12 -16.01
N ASP L 79 -0.86 36.42 -14.74
CA ASP L 79 -1.65 35.95 -13.57
C ASP L 79 -3.00 36.66 -13.62
N SER L 80 -4.09 36.01 -13.16
CA SER L 80 -5.45 36.59 -13.04
C SER L 80 -5.44 37.80 -12.12
N HIS L 81 -6.43 38.67 -12.25
CA HIS L 81 -6.58 39.85 -11.36
C HIS L 81 -6.82 39.36 -9.93
N PHE L 82 -7.48 38.22 -9.76
CA PHE L 82 -7.71 37.62 -8.42
C PHE L 82 -6.36 37.36 -7.75
N VAL L 83 -5.40 36.90 -8.53
CA VAL L 83 -4.05 36.53 -8.04
C VAL L 83 -3.31 37.81 -7.68
N HIS L 84 -3.32 38.81 -8.58
CA HIS L 84 -2.70 40.13 -8.30
C HIS L 84 -3.20 40.64 -6.96
N LEU L 85 -4.52 40.63 -6.75
CA LEU L 85 -5.14 41.14 -5.51
C LEU L 85 -4.60 40.35 -4.32
N ALA L 86 -4.62 39.03 -4.40
CA ALA L 86 -4.11 38.13 -3.33
C ALA L 86 -2.64 38.46 -3.02
N TRP L 87 -1.85 38.75 -4.04
CA TRP L 87 -0.39 38.99 -3.88
C TRP L 87 -0.17 40.34 -3.17
N VAL L 88 -0.98 41.33 -3.52
CA VAL L 88 -0.98 42.68 -2.90
C VAL L 88 -1.31 42.53 -1.42
N ASN L 89 -2.36 41.77 -1.10
CA ASN L 89 -2.91 41.62 0.28
C ASN L 89 -2.11 40.58 1.06
N THR L 90 -1.10 39.96 0.46
CA THR L 90 -0.11 39.14 1.20
C THR L 90 1.03 40.06 1.62
N PRO L 91 1.31 40.23 2.93
CA PRO L 91 2.37 41.14 3.37
C PRO L 91 3.77 40.67 2.94
N LYS L 92 4.69 41.62 2.72
CA LYS L 92 6.06 41.35 2.24
C LYS L 92 6.70 40.29 3.13
N LYS L 93 6.55 40.45 4.46
CA LYS L 93 7.16 39.59 5.52
C LYS L 93 6.92 38.10 5.21
N GLN L 94 5.85 37.75 4.49
CA GLN L 94 5.48 36.36 4.14
C GLN L 94 5.73 36.04 2.67
N GLY L 95 6.53 36.85 1.97
CA GLY L 95 6.90 36.67 0.55
C GLY L 95 5.78 37.10 -0.39
N GLY L 96 4.96 38.06 0.06
CA GLY L 96 3.98 38.77 -0.78
C GLY L 96 4.58 40.07 -1.30
N LEU L 97 3.72 40.94 -1.83
CA LEU L 97 4.09 42.18 -2.56
C LEU L 97 3.84 43.42 -1.70
N GLY L 98 2.80 43.35 -0.86
CA GLY L 98 2.36 44.50 -0.07
C GLY L 98 1.55 45.43 -0.95
N PRO L 99 1.09 46.59 -0.42
CA PRO L 99 0.21 47.48 -1.17
C PRO L 99 1.03 48.17 -2.26
N MET L 100 0.35 48.63 -3.31
CA MET L 100 0.97 49.15 -4.56
C MET L 100 0.44 50.55 -4.84
N ASN L 101 1.29 51.42 -5.39
CA ASN L 101 0.91 52.78 -5.87
C ASN L 101 0.71 52.76 -7.39
N ILE L 102 0.87 51.59 -8.02
CA ILE L 102 0.71 51.42 -9.49
C ILE L 102 -0.35 50.37 -9.73
N PRO L 103 -1.10 50.49 -10.85
CA PRO L 103 -2.03 49.44 -11.24
C PRO L 103 -1.25 48.21 -11.76
N LEU L 104 -1.80 47.01 -11.52
CA LEU L 104 -1.25 45.74 -12.03
C LEU L 104 -2.24 45.14 -13.02
N VAL L 105 -1.85 45.06 -14.28
CA VAL L 105 -2.67 44.52 -15.39
C VAL L 105 -2.56 43.00 -15.40
N SER L 106 -3.70 42.36 -15.65
CA SER L 106 -3.86 40.89 -15.75
C SER L 106 -3.98 40.55 -17.25
N ASP L 107 -3.13 39.65 -17.74
CA ASP L 107 -3.09 39.22 -19.16
C ASP L 107 -3.26 37.70 -19.25
N PRO L 108 -4.44 37.14 -18.97
CA PRO L 108 -4.59 35.69 -18.87
C PRO L 108 -4.64 35.04 -20.25
N LYS L 109 -5.06 35.77 -21.28
CA LYS L 109 -5.13 35.23 -22.66
C LYS L 109 -3.73 35.31 -23.28
N ARG L 110 -2.76 35.94 -22.60
CA ARG L 110 -1.35 36.06 -23.05
C ARG L 110 -1.26 36.85 -24.38
N THR L 111 -2.31 37.56 -24.79
CA THR L 111 -2.37 38.34 -26.06
C THR L 111 -1.52 39.60 -25.93
N ILE L 112 -1.52 40.23 -24.75
CA ILE L 112 -0.79 41.50 -24.50
C ILE L 112 0.71 41.19 -24.52
N ALA L 113 1.12 40.16 -23.78
CA ALA L 113 2.52 39.69 -23.77
C ALA L 113 2.96 39.39 -25.20
N GLN L 114 2.08 38.80 -26.01
CA GLN L 114 2.43 38.39 -27.39
C GLN L 114 2.54 39.63 -28.27
N ASP L 115 1.61 40.56 -28.15
CA ASP L 115 1.62 41.85 -28.90
C ASP L 115 2.94 42.59 -28.65
N TYR L 116 3.44 42.61 -27.41
CA TYR L 116 4.67 43.35 -27.01
C TYR L 116 5.91 42.46 -27.20
N GLY L 117 5.71 41.22 -27.63
CA GLY L 117 6.76 40.31 -28.10
C GLY L 117 7.62 39.81 -26.97
N VAL L 118 7.02 39.63 -25.79
CA VAL L 118 7.75 39.28 -24.55
C VAL L 118 7.18 37.98 -23.97
N LEU L 119 6.33 37.27 -24.70
CA LEU L 119 5.79 35.96 -24.25
C LEU L 119 6.85 34.90 -24.47
N LYS L 120 7.32 34.26 -23.40
CA LYS L 120 8.15 33.03 -23.42
C LYS L 120 7.19 31.86 -23.66
N ALA L 121 7.11 31.38 -24.89
CA ALA L 121 6.04 30.49 -25.40
C ALA L 121 5.96 29.23 -24.53
N ASP L 122 7.13 28.62 -24.27
CA ASP L 122 7.27 27.26 -23.69
C ASP L 122 6.78 27.25 -22.23
N GLU L 123 6.86 28.36 -21.49
CA GLU L 123 6.44 28.42 -20.06
C GLU L 123 5.15 29.22 -19.88
N GLY L 124 4.71 29.94 -20.92
CA GLY L 124 3.46 30.74 -20.94
C GLY L 124 3.51 31.95 -20.02
N ILE L 125 4.63 32.65 -19.99
CA ILE L 125 4.89 33.81 -19.06
C ILE L 125 5.66 34.90 -19.82
N SER L 126 5.54 36.15 -19.38
CA SER L 126 6.27 37.33 -19.88
C SER L 126 7.75 37.25 -19.47
N PHE L 127 8.66 37.63 -20.35
CA PHE L 127 10.02 38.07 -19.97
C PHE L 127 9.89 39.39 -19.21
N ARG L 128 11.03 39.91 -18.71
CA ARG L 128 11.10 41.21 -18.00
C ARG L 128 11.17 42.32 -19.04
N GLY L 129 10.03 42.63 -19.65
CA GLY L 129 9.90 43.65 -20.70
C GLY L 129 9.43 44.98 -20.13
N LEU L 130 9.98 46.08 -20.61
CA LEU L 130 9.56 47.45 -20.26
C LEU L 130 9.47 48.28 -21.53
N PHE L 131 8.39 49.04 -21.65
CA PHE L 131 8.07 49.85 -22.84
C PHE L 131 7.75 51.28 -22.41
N ILE L 132 8.37 52.25 -23.06
CA ILE L 132 8.04 53.69 -22.84
C ILE L 132 7.20 54.17 -24.03
N ILE L 133 6.04 54.75 -23.70
CA ILE L 133 5.00 55.18 -24.66
C ILE L 133 4.68 56.64 -24.38
N ASP L 134 4.70 57.51 -25.39
CA ASP L 134 4.62 58.98 -25.22
C ASP L 134 3.14 59.40 -25.07
N ASP L 135 2.91 60.67 -24.76
CA ASP L 135 1.59 61.30 -24.52
C ASP L 135 0.67 61.10 -25.74
N LYS L 136 1.20 60.81 -26.93
CA LYS L 136 0.38 60.61 -28.16
C LYS L 136 0.18 59.10 -28.42
N GLY L 137 0.66 58.24 -27.53
CA GLY L 137 0.46 56.78 -27.62
C GLY L 137 1.44 56.10 -28.56
N ILE L 138 2.59 56.73 -28.82
CA ILE L 138 3.64 56.20 -29.73
C ILE L 138 4.73 55.53 -28.91
N LEU L 139 5.15 54.33 -29.33
CA LEU L 139 6.19 53.55 -28.65
C LEU L 139 7.53 54.22 -28.92
N ARG L 140 8.31 54.48 -27.88
CA ARG L 140 9.60 55.22 -27.99
C ARG L 140 10.77 54.33 -27.59
N GLN L 141 10.55 53.37 -26.70
CA GLN L 141 11.65 52.57 -26.10
C GLN L 141 11.19 51.14 -25.85
N ILE L 142 12.07 50.17 -26.13
CA ILE L 142 11.89 48.74 -25.83
C ILE L 142 13.05 48.28 -24.97
N THR L 143 12.77 47.79 -23.76
CA THR L 143 13.72 47.10 -22.87
C THR L 143 13.19 45.69 -22.60
N VAL L 144 13.97 44.65 -22.85
CA VAL L 144 13.60 43.25 -22.52
C VAL L 144 14.81 42.52 -21.92
N ASN L 145 14.70 42.13 -20.64
CA ASN L 145 15.73 41.38 -19.89
C ASN L 145 15.30 39.91 -19.79
N ASP L 146 16.25 38.98 -19.93
CA ASP L 146 16.08 37.57 -19.48
C ASP L 146 15.66 37.61 -18.02
N LEU L 147 15.09 36.52 -17.53
CA LEU L 147 14.31 36.46 -16.26
C LEU L 147 15.12 36.88 -15.05
N PRO L 148 16.40 36.51 -14.88
CA PRO L 148 17.11 36.77 -13.62
C PRO L 148 17.58 38.20 -13.34
N VAL L 149 17.42 39.16 -14.27
CA VAL L 149 18.03 40.50 -14.14
C VAL L 149 16.95 41.58 -14.20
N GLY L 150 16.90 42.44 -13.19
CA GLY L 150 15.85 43.44 -13.02
C GLY L 150 16.14 44.74 -13.72
N ARG L 151 15.20 45.67 -13.64
CA ARG L 151 15.25 46.97 -14.34
C ARG L 151 15.49 48.06 -13.29
N SER L 152 16.20 49.12 -13.68
CA SER L 152 16.54 50.28 -12.81
C SER L 152 15.44 51.35 -12.90
N VAL L 153 14.94 51.84 -11.78
CA VAL L 153 13.97 52.97 -11.81
C VAL L 153 14.69 54.20 -12.35
N ASP L 154 15.96 54.38 -11.98
CA ASP L 154 16.75 55.57 -12.41
C ASP L 154 16.87 55.59 -13.93
N GLU L 155 17.32 54.48 -14.53
CA GLU L 155 17.49 54.39 -16.00
C GLU L 155 16.14 54.64 -16.68
N THR L 156 15.05 54.16 -16.09
CA THR L 156 13.70 54.39 -16.66
C THR L 156 13.41 55.90 -16.61
N LEU L 157 13.64 56.56 -15.48
CA LEU L 157 13.41 58.04 -15.37
C LEU L 157 14.31 58.76 -16.38
N ARG L 158 15.58 58.37 -16.51
CA ARG L 158 16.50 59.01 -17.49
C ARG L 158 15.85 59.02 -18.88
N LEU L 159 15.35 57.87 -19.32
CA LEU L 159 14.72 57.71 -20.65
C LEU L 159 13.47 58.60 -20.73
N VAL L 160 12.59 58.56 -19.73
CA VAL L 160 11.33 59.36 -19.79
C VAL L 160 11.70 60.85 -19.91
N GLN L 161 12.67 61.34 -19.11
CA GLN L 161 13.06 62.77 -19.11
C GLN L 161 13.64 63.10 -20.49
N ALA L 162 14.48 62.23 -21.04
CA ALA L 162 15.18 62.43 -22.34
C ALA L 162 14.16 62.53 -23.48
N PHE L 163 13.20 61.62 -23.53
CA PHE L 163 12.15 61.63 -24.58
C PHE L 163 11.31 62.90 -24.43
N GLN L 164 11.04 63.30 -23.19
CA GLN L 164 10.18 64.46 -22.88
C GLN L 164 10.92 65.74 -23.27
N PHE L 165 12.22 65.81 -22.98
CA PHE L 165 13.12 66.93 -23.37
C PHE L 165 12.96 67.16 -24.88
N THR L 166 13.15 66.11 -25.68
CA THR L 166 13.17 66.19 -27.16
C THR L 166 11.77 66.54 -27.66
N ASP L 167 10.74 65.92 -27.09
CA ASP L 167 9.31 66.22 -27.34
C ASP L 167 9.08 67.73 -27.16
N LYS L 168 9.57 68.32 -26.08
CA LYS L 168 9.29 69.73 -25.68
C LYS L 168 9.96 70.70 -26.68
N HIS L 169 11.20 70.49 -27.10
CA HIS L 169 11.93 71.37 -28.06
C HIS L 169 11.47 71.06 -29.50
N GLY L 170 10.26 70.54 -29.65
CA GLY L 170 9.55 70.45 -30.93
C GLY L 170 8.25 71.26 -30.91
N GLU L 171 7.97 71.95 -29.81
CA GLU L 171 6.93 73.03 -29.72
C GLU L 171 7.65 74.34 -30.04
N VAL L 172 7.85 74.64 -31.33
CA VAL L 172 8.70 75.77 -31.78
C VAL L 172 7.93 76.63 -32.77
N SER L 173 8.10 77.95 -32.66
CA SER L 173 7.52 78.99 -33.53
C SER L 173 8.53 79.35 -34.62
N PRO L 174 8.08 79.85 -35.81
CA PRO L 174 9.01 80.39 -36.79
C PRO L 174 10.01 81.35 -36.15
N ALA L 175 11.20 81.47 -36.74
CA ALA L 175 12.38 82.12 -36.12
C ALA L 175 12.19 83.64 -35.99
N GLY L 176 11.52 84.29 -36.94
CA GLY L 176 11.41 85.76 -37.00
C GLY L 176 12.71 86.41 -37.45
N TRP L 177 13.74 85.61 -37.76
CA TRP L 177 15.08 86.04 -38.23
C TRP L 177 15.33 85.39 -39.59
N LYS L 178 16.10 86.03 -40.47
CA LYS L 178 16.49 85.48 -41.79
C LYS L 178 17.94 85.87 -42.05
N PRO L 179 18.73 85.01 -42.70
CA PRO L 179 20.11 85.35 -43.07
C PRO L 179 20.09 86.30 -44.28
N GLY L 180 21.23 86.88 -44.63
CA GLY L 180 21.38 87.70 -45.83
C GLY L 180 22.64 88.52 -45.73
N SER L 181 22.77 89.54 -46.58
CA SER L 181 23.93 90.46 -46.61
C SER L 181 24.22 90.94 -45.18
N ASP L 182 23.18 91.37 -44.45
CA ASP L 182 23.29 92.11 -43.16
C ASP L 182 23.79 91.18 -42.03
N THR L 183 23.69 89.85 -42.18
CA THR L 183 24.01 88.86 -41.11
C THR L 183 25.36 88.18 -41.37
N ILE L 184 26.02 88.39 -42.51
CA ILE L 184 27.41 87.89 -42.73
C ILE L 184 28.36 88.79 -41.92
N SER M 2 9.48 38.80 -30.45
CA SER M 2 10.81 38.86 -29.75
C SER M 2 11.57 40.15 -30.13
N SER M 3 12.36 40.12 -31.21
CA SER M 3 13.00 41.29 -31.87
C SER M 3 13.48 40.90 -33.28
N GLY M 4 12.54 40.80 -34.24
CA GLY M 4 12.79 40.53 -35.67
C GLY M 4 13.21 39.10 -35.95
N ASN M 5 13.85 38.41 -34.97
CA ASN M 5 14.66 37.17 -35.18
C ASN M 5 15.61 36.89 -34.01
N ALA M 6 15.90 37.90 -33.19
CA ALA M 6 16.71 37.82 -31.95
C ALA M 6 15.76 37.54 -30.80
N LYS M 7 15.90 36.38 -30.17
CA LYS M 7 14.99 35.91 -29.11
C LYS M 7 15.81 35.80 -27.83
N ILE M 8 15.33 36.41 -26.74
CA ILE M 8 15.94 36.27 -25.40
C ILE M 8 16.03 34.78 -25.09
N GLY M 9 17.20 34.32 -24.64
CA GLY M 9 17.39 32.93 -24.19
C GLY M 9 17.80 31.99 -25.30
N HIS M 10 17.60 32.35 -26.57
CA HIS M 10 18.09 31.56 -27.74
C HIS M 10 19.42 32.17 -28.18
N PRO M 11 20.23 31.47 -29.01
CA PRO M 11 21.51 32.03 -29.47
C PRO M 11 21.30 33.29 -30.33
N ALA M 12 22.04 34.34 -30.03
CA ALA M 12 21.97 35.62 -30.77
C ALA M 12 22.21 35.32 -32.24
N PRO M 13 21.49 35.97 -33.18
CA PRO M 13 21.72 35.76 -34.61
C PRO M 13 23.18 36.06 -34.94
N ASN M 14 23.87 35.11 -35.60
CA ASN M 14 25.27 35.27 -36.02
C ASN M 14 25.28 36.25 -37.20
N PHE M 15 26.32 37.07 -37.28
CA PHE M 15 26.65 37.88 -38.47
C PHE M 15 28.10 37.58 -38.83
N LYS M 16 28.41 37.61 -40.12
CA LYS M 16 29.80 37.85 -40.60
C LYS M 16 29.76 39.19 -41.31
N ALA M 17 30.67 40.10 -40.98
CA ALA M 17 30.70 41.47 -41.53
C ALA M 17 32.11 42.04 -41.47
N THR M 18 32.42 42.95 -42.40
CA THR M 18 33.69 43.71 -42.41
C THR M 18 33.57 44.78 -41.34
N ALA M 19 34.55 44.85 -40.43
CA ALA M 19 34.60 45.87 -39.38
C ALA M 19 35.86 46.70 -39.54
N VAL M 20 35.80 47.95 -39.09
CA VAL M 20 37.00 48.79 -38.86
C VAL M 20 37.43 48.56 -37.41
N MET M 21 38.54 47.86 -37.23
CA MET M 21 39.12 47.57 -35.89
C MET M 21 39.74 48.85 -35.33
N PRO M 22 40.11 48.86 -34.02
CA PRO M 22 40.60 50.08 -33.39
C PRO M 22 41.98 50.51 -33.92
N ASP M 23 42.76 49.57 -34.45
CA ASP M 23 44.09 49.82 -35.05
C ASP M 23 43.96 50.47 -36.44
N GLY M 24 42.75 50.61 -36.99
CA GLY M 24 42.49 51.26 -38.31
C GLY M 24 42.60 50.30 -39.49
N GLN M 25 42.69 48.98 -39.24
CA GLN M 25 42.67 47.90 -40.25
C GLN M 25 41.21 47.47 -40.49
N PHE M 26 40.94 46.84 -41.63
CA PHE M 26 39.69 46.11 -41.92
C PHE M 26 39.89 44.62 -41.65
N LYS M 27 39.00 44.04 -40.84
CA LYS M 27 38.98 42.60 -40.53
C LYS M 27 37.56 42.07 -40.79
N ASP M 28 37.44 40.81 -41.19
CA ASP M 28 36.12 40.14 -41.34
C ASP M 28 35.84 39.42 -40.02
N ILE M 29 34.92 39.93 -39.20
CA ILE M 29 34.60 39.33 -37.88
C ILE M 29 33.22 38.70 -37.92
N SER M 30 33.01 37.74 -37.02
CA SER M 30 31.70 37.08 -36.75
C SER M 30 31.40 37.20 -35.26
N LEU M 31 30.13 37.27 -34.88
CA LEU M 31 29.73 37.28 -33.45
C LEU M 31 30.32 36.03 -32.79
N SER M 32 30.25 34.90 -33.49
CA SER M 32 30.75 33.59 -33.01
C SER M 32 32.26 33.65 -32.72
N ASP M 33 33.00 34.55 -33.34
CA ASP M 33 34.44 34.76 -33.02
C ASP M 33 34.60 35.09 -31.54
N TYR M 34 33.57 35.59 -30.87
CA TYR M 34 33.68 36.16 -29.49
C TYR M 34 33.05 35.22 -28.44
N LYS M 35 32.74 33.96 -28.78
CA LYS M 35 32.38 32.94 -27.77
C LYS M 35 33.47 32.93 -26.72
N GLY M 36 33.12 32.82 -25.44
CA GLY M 36 34.04 32.91 -24.31
C GLY M 36 34.04 34.30 -23.71
N LYS M 37 33.54 35.30 -24.44
CA LYS M 37 33.39 36.68 -23.92
C LYS M 37 31.90 37.07 -24.00
N TYR M 38 31.47 37.89 -23.05
CA TYR M 38 30.20 38.67 -23.13
C TYR M 38 30.39 39.68 -24.25
N VAL M 39 29.32 39.95 -25.01
CA VAL M 39 29.35 40.96 -26.11
C VAL M 39 28.24 41.96 -25.85
N VAL M 40 28.60 43.23 -25.82
CA VAL M 40 27.65 44.36 -25.95
C VAL M 40 27.69 44.79 -27.41
N PHE M 41 26.69 44.39 -28.18
CA PHE M 41 26.53 44.72 -29.62
C PHE M 41 25.51 45.84 -29.75
N PHE M 42 25.92 47.01 -30.23
CA PHE M 42 25.02 48.18 -30.30
C PHE M 42 25.04 48.78 -31.71
N PHE M 43 23.85 49.02 -32.23
CA PHE M 43 23.59 49.74 -33.50
C PHE M 43 23.43 51.22 -33.22
N TYR M 44 23.88 52.06 -34.15
CA TYR M 44 23.55 53.50 -34.21
C TYR M 44 23.08 53.78 -35.64
N PRO M 45 22.28 54.84 -35.86
CA PRO M 45 21.62 55.03 -37.15
C PRO M 45 22.61 55.21 -38.31
N LEU M 46 23.40 56.30 -38.27
CA LEU M 46 24.23 56.77 -39.41
C LEU M 46 25.54 57.41 -38.96
N ASP M 47 26.61 57.13 -39.71
CA ASP M 47 27.89 57.89 -39.67
C ASP M 47 27.66 59.27 -40.30
N PHE M 48 28.44 60.25 -39.85
CA PHE M 48 28.66 61.59 -40.45
C PHE M 48 27.40 62.46 -40.33
N THR M 49 26.51 62.18 -39.37
CA THR M 49 25.38 63.10 -39.08
C THR M 49 25.92 64.31 -38.33
N PHE M 50 25.06 65.28 -38.07
CA PHE M 50 25.44 66.60 -37.49
C PHE M 50 25.46 66.51 -35.96
N VAL M 51 25.15 65.34 -35.39
CA VAL M 51 25.09 65.14 -33.92
C VAL M 51 26.52 64.92 -33.41
N CYS M 52 26.89 65.54 -32.27
CA CYS M 52 28.11 65.18 -31.50
C CYS M 52 27.97 63.70 -31.18
N PRO M 53 28.85 62.81 -31.67
CA PRO M 53 28.69 61.38 -31.46
C PRO M 53 29.12 60.90 -30.06
N THR M 54 28.66 61.59 -29.01
CA THR M 54 29.19 61.47 -27.63
C THR M 54 28.89 60.07 -27.09
N GLU M 55 27.75 59.50 -27.50
CA GLU M 55 27.31 58.15 -27.11
C GLU M 55 28.35 57.11 -27.55
N ILE M 56 28.71 57.09 -28.82
CA ILE M 56 29.71 56.11 -29.35
C ILE M 56 31.03 56.34 -28.63
N ILE M 57 31.40 57.60 -28.42
CA ILE M 57 32.72 57.94 -27.83
C ILE M 57 32.77 57.43 -26.39
N ALA M 58 31.72 57.67 -25.59
CA ALA M 58 31.58 57.15 -24.22
C ALA M 58 31.91 55.64 -24.19
N PHE M 59 31.34 54.83 -25.07
CA PHE M 59 31.58 53.37 -25.10
C PHE M 59 33.04 53.11 -25.46
N SER M 60 33.61 53.88 -26.41
CA SER M 60 35.03 53.73 -26.82
C SER M 60 35.93 54.11 -25.65
N ASP M 61 35.72 55.32 -25.10
CA ASP M 61 36.48 55.85 -23.95
C ASP M 61 36.49 54.82 -22.82
N ARG M 62 35.33 54.22 -22.48
CA ARG M 62 35.23 53.38 -21.27
C ARG M 62 35.33 51.90 -21.64
N ALA M 63 35.93 51.57 -22.78
CA ALA M 63 36.06 50.19 -23.28
C ALA M 63 36.88 49.36 -22.28
N GLU M 64 37.81 49.99 -21.55
CA GLU M 64 38.67 49.31 -20.55
C GLU M 64 37.77 48.62 -19.52
N GLU M 65 36.71 49.30 -19.09
CA GLU M 65 35.81 48.84 -17.99
C GLU M 65 35.05 47.59 -18.44
N PHE M 66 34.79 47.45 -19.74
CA PHE M 66 34.15 46.27 -20.36
C PHE M 66 35.18 45.15 -20.49
N LYS M 67 36.42 45.49 -20.87
CA LYS M 67 37.50 44.48 -21.01
C LYS M 67 37.75 43.86 -19.61
N LYS M 68 37.77 44.69 -18.57
CA LYS M 68 37.89 44.25 -17.14
C LYS M 68 36.79 43.23 -16.84
N LEU M 69 35.59 43.35 -17.39
CA LEU M 69 34.46 42.41 -17.15
C LEU M 69 34.45 41.30 -18.20
N ASN M 70 35.57 41.10 -18.91
CA ASN M 70 35.74 40.04 -19.92
C ASN M 70 34.60 40.12 -20.95
N SER M 71 34.27 41.34 -21.40
CA SER M 71 33.23 41.58 -22.42
C SER M 71 33.78 42.52 -23.50
N GLN M 72 33.34 42.31 -24.74
CA GLN M 72 33.72 43.12 -25.93
C GLN M 72 32.54 44.00 -26.36
N VAL M 73 32.76 45.30 -26.45
CA VAL M 73 31.78 46.24 -27.06
C VAL M 73 32.03 46.27 -28.57
N ILE M 74 30.96 46.12 -29.36
CA ILE M 74 30.98 46.22 -30.85
C ILE M 74 29.87 47.18 -31.28
N GLY M 75 30.23 48.21 -32.06
CA GLY M 75 29.30 49.15 -32.69
C GLY M 75 28.97 48.72 -34.11
N ALA M 76 27.83 49.15 -34.64
CA ALA M 76 27.37 48.79 -36.00
C ALA M 76 26.46 49.88 -36.56
N SER M 77 26.53 50.07 -37.86
CA SER M 77 25.55 50.85 -38.65
C SER M 77 25.54 50.30 -40.08
N VAL M 78 24.62 50.81 -40.90
CA VAL M 78 24.43 50.32 -42.30
C VAL M 78 25.48 50.95 -43.23
N ASP M 79 26.30 51.88 -42.75
CA ASP M 79 27.33 52.59 -43.56
C ASP M 79 28.41 51.57 -43.93
N SER M 80 29.04 51.71 -45.10
CA SER M 80 30.16 50.87 -45.58
C SER M 80 31.35 50.98 -44.63
N HIS M 81 32.24 49.99 -44.65
CA HIS M 81 33.48 50.03 -43.84
C HIS M 81 34.34 51.20 -44.27
N PHE M 82 34.30 51.56 -45.54
CA PHE M 82 35.06 52.73 -46.08
C PHE M 82 34.62 53.99 -45.34
N VAL M 83 33.31 54.08 -45.08
CA VAL M 83 32.70 55.26 -44.42
C VAL M 83 33.12 55.26 -42.95
N HIS M 84 32.99 54.12 -42.27
CA HIS M 84 33.43 53.98 -40.86
C HIS M 84 34.86 54.50 -40.74
N LEU M 85 35.74 54.02 -41.62
CA LEU M 85 37.18 54.40 -41.58
C LEU M 85 37.30 55.92 -41.75
N ALA M 86 36.64 56.48 -42.75
CA ALA M 86 36.65 57.93 -43.02
C ALA M 86 36.17 58.71 -41.79
N TRP M 87 35.15 58.19 -41.10
CA TRP M 87 34.53 58.89 -39.94
C TRP M 87 35.52 58.89 -38.76
N VAL M 88 36.21 57.77 -38.57
CA VAL M 88 37.25 57.59 -37.51
C VAL M 88 38.36 58.60 -37.78
N ASN M 89 38.84 58.69 -39.03
CA ASN M 89 40.01 59.51 -39.43
C ASN M 89 39.60 60.96 -39.66
N THR M 90 38.32 61.30 -39.48
CA THR M 90 37.88 62.71 -39.41
C THR M 90 37.92 63.14 -37.95
N PRO M 91 38.73 64.17 -37.60
CA PRO M 91 38.85 64.59 -36.20
C PRO M 91 37.54 65.14 -35.64
N LYS M 92 37.31 64.99 -34.33
CA LYS M 92 36.07 65.42 -33.64
C LYS M 92 35.81 66.89 -33.97
N LYS M 93 36.87 67.73 -33.90
CA LYS M 93 36.85 69.20 -34.11
C LYS M 93 36.06 69.55 -35.39
N GLN M 94 36.03 68.67 -36.38
CA GLN M 94 35.34 68.90 -37.68
C GLN M 94 34.06 68.07 -37.81
N GLY M 95 33.52 67.57 -36.70
CA GLY M 95 32.26 66.77 -36.67
C GLY M 95 32.48 65.34 -37.12
N GLY M 96 33.69 64.82 -36.93
CA GLY M 96 34.02 63.39 -37.08
C GLY M 96 33.93 62.68 -35.73
N LEU M 97 34.47 61.47 -35.66
CA LEU M 97 34.34 60.51 -34.54
C LEU M 97 35.64 60.44 -33.74
N GLY M 98 36.77 60.59 -34.42
CA GLY M 98 38.09 60.43 -33.82
C GLY M 98 38.40 58.95 -33.68
N PRO M 99 39.56 58.57 -33.11
CA PRO M 99 39.99 57.18 -33.07
C PRO M 99 39.10 56.43 -32.06
N MET M 100 39.02 55.11 -32.23
CA MET M 100 38.07 54.23 -31.50
C MET M 100 38.83 53.09 -30.83
N ASN M 101 38.38 52.67 -29.66
CA ASN M 101 38.90 51.49 -28.91
C ASN M 101 37.98 50.29 -29.14
N ILE M 102 36.92 50.47 -29.94
CA ILE M 102 35.94 49.39 -30.25
C ILE M 102 35.90 49.21 -31.76
N PRO M 103 35.64 47.98 -32.23
CA PRO M 103 35.43 47.74 -33.65
C PRO M 103 34.06 48.30 -34.07
N LEU M 104 33.97 48.78 -35.31
CA LEU M 104 32.71 49.27 -35.93
C LEU M 104 32.34 48.34 -37.10
N VAL M 105 31.24 47.64 -36.95
CA VAL M 105 30.71 46.67 -37.96
C VAL M 105 29.93 47.45 -39.02
N SER M 106 30.11 47.04 -40.26
CA SER M 106 29.45 47.58 -41.47
C SER M 106 28.35 46.58 -41.88
N ASP M 107 27.12 47.04 -42.01
CA ASP M 107 25.94 46.22 -42.38
C ASP M 107 25.27 46.79 -43.63
N PRO M 108 25.89 46.70 -44.83
CA PRO M 108 25.38 47.41 -46.00
C PRO M 108 24.16 46.70 -46.59
N LYS M 109 24.05 45.38 -46.40
CA LYS M 109 22.91 44.58 -46.92
C LYS M 109 21.72 44.72 -45.96
N ARG M 110 21.84 45.40 -44.79
CA ARG M 110 20.78 45.69 -43.77
C ARG M 110 20.22 44.38 -43.20
N THR M 111 20.94 43.20 -43.42
CA THR M 111 20.49 41.86 -42.96
C THR M 111 20.67 41.75 -41.44
N ILE M 112 21.75 42.33 -40.90
CA ILE M 112 22.09 42.26 -39.46
C ILE M 112 21.07 43.11 -38.71
N ALA M 113 20.84 44.34 -39.15
CA ALA M 113 19.82 45.24 -38.57
C ALA M 113 18.47 44.54 -38.58
N GLN M 114 18.16 43.80 -39.65
CA GLN M 114 16.84 43.14 -39.80
C GLN M 114 16.75 41.95 -38.85
N ASP M 115 17.81 41.15 -38.76
CA ASP M 115 17.89 39.99 -37.85
C ASP M 115 17.66 40.45 -36.40
N TYR M 116 18.22 41.59 -35.98
CA TYR M 116 18.12 42.11 -34.60
C TYR M 116 16.87 42.99 -34.44
N GLY M 117 16.12 43.16 -35.53
CA GLY M 117 14.77 43.76 -35.52
C GLY M 117 14.80 45.24 -35.26
N VAL M 118 15.86 45.91 -35.73
CA VAL M 118 16.10 47.34 -35.45
C VAL M 118 16.22 48.12 -36.76
N LEU M 119 15.89 47.51 -37.90
CA LEU M 119 15.88 48.20 -39.21
C LEU M 119 14.62 49.07 -39.30
N LYS M 120 14.79 50.38 -39.41
CA LYS M 120 13.71 51.36 -39.74
C LYS M 120 13.56 51.30 -41.26
N ALA M 121 12.53 50.60 -41.74
CA ALA M 121 12.36 50.16 -43.14
C ALA M 121 12.42 51.37 -44.08
N ASP M 122 11.67 52.42 -43.74
CA ASP M 122 11.36 53.59 -44.60
C ASP M 122 12.63 54.41 -44.88
N GLU M 123 13.62 54.44 -43.98
CA GLU M 123 14.86 55.24 -44.16
C GLU M 123 16.07 54.35 -44.42
N GLY M 124 15.93 53.03 -44.22
CA GLY M 124 16.99 52.02 -44.46
C GLY M 124 18.16 52.14 -43.48
N ILE M 125 17.87 52.38 -42.20
CA ILE M 125 18.89 52.62 -41.12
C ILE M 125 18.44 51.92 -39.83
N SER M 126 19.39 51.58 -38.96
CA SER M 126 19.19 51.00 -37.62
C SER M 126 18.57 52.04 -36.67
N PHE M 127 17.63 51.63 -35.83
CA PHE M 127 17.31 52.35 -34.57
C PHE M 127 18.50 52.25 -33.63
N ARG M 128 18.41 52.89 -32.46
CA ARG M 128 19.45 52.85 -31.40
C ARG M 128 19.24 51.56 -30.59
N GLY M 129 19.64 50.44 -31.16
CA GLY M 129 19.49 49.11 -30.53
C GLY M 129 20.77 48.68 -29.83
N LEU M 130 20.64 48.06 -28.67
CA LEU M 130 21.78 47.47 -27.91
C LEU M 130 21.36 46.08 -27.42
N PHE M 131 22.26 45.13 -27.58
CA PHE M 131 22.03 43.70 -27.27
C PHE M 131 23.17 43.19 -26.40
N ILE M 132 22.83 42.53 -25.30
CA ILE M 132 23.84 41.85 -24.44
C ILE M 132 23.77 40.36 -24.71
N ILE M 133 24.93 39.78 -25.04
CA ILE M 133 25.09 38.37 -25.48
C ILE M 133 26.15 37.73 -24.58
N ASP M 134 25.86 36.57 -23.98
CA ASP M 134 26.72 35.96 -22.94
C ASP M 134 27.86 35.17 -23.60
N ASP M 135 28.79 34.69 -22.78
CA ASP M 135 30.01 33.95 -23.18
C ASP M 135 29.64 32.71 -24.01
N LYS M 136 28.41 32.22 -23.93
CA LYS M 136 27.96 31.02 -24.68
C LYS M 136 27.19 31.44 -25.95
N GLY M 137 27.10 32.73 -26.23
CA GLY M 137 26.47 33.28 -27.45
C GLY M 137 24.95 33.36 -27.36
N ILE M 138 24.41 33.42 -26.14
CA ILE M 138 22.94 33.48 -25.88
C ILE M 138 22.55 34.93 -25.62
N LEU M 139 21.47 35.38 -26.24
CA LEU M 139 20.96 36.76 -26.09
C LEU M 139 20.31 36.87 -24.71
N ARG M 140 20.68 37.88 -23.94
CA ARG M 140 20.21 38.05 -22.54
C ARG M 140 19.41 39.33 -22.39
N GLN M 141 19.68 40.35 -23.20
CA GLN M 141 19.06 41.68 -23.03
C GLN M 141 18.81 42.32 -24.39
N ILE M 142 17.68 42.99 -24.51
CA ILE M 142 17.30 43.81 -25.71
C ILE M 142 16.98 45.22 -25.22
N THR M 143 17.72 46.20 -25.73
CA THR M 143 17.44 47.65 -25.56
C THR M 143 17.27 48.26 -26.95
N VAL M 144 16.15 48.94 -27.22
CA VAL M 144 15.94 49.68 -28.49
C VAL M 144 15.30 51.04 -28.19
N ASN M 145 16.02 52.12 -28.48
CA ASN M 145 15.58 53.52 -28.30
C ASN M 145 15.21 54.10 -29.67
N ASP M 146 14.13 54.88 -29.74
CA ASP M 146 13.88 55.81 -30.87
C ASP M 146 15.11 56.69 -31.02
N LEU M 147 15.27 57.31 -32.19
CA LEU M 147 16.54 57.90 -32.67
C LEU M 147 17.08 58.99 -31.75
N PRO M 148 16.26 59.90 -31.17
CA PRO M 148 16.83 61.02 -30.42
C PRO M 148 17.41 60.77 -29.03
N VAL M 149 17.34 59.55 -28.49
CA VAL M 149 17.71 59.30 -27.06
C VAL M 149 18.79 58.22 -26.99
N GLY M 150 19.89 58.54 -26.32
CA GLY M 150 21.10 57.69 -26.31
C GLY M 150 21.08 56.70 -25.18
N ARG M 151 22.14 55.87 -25.11
CA ARG M 151 22.27 54.77 -24.15
C ARG M 151 23.33 55.14 -23.12
N SER M 152 23.16 54.69 -21.87
CA SER M 152 24.09 54.96 -20.75
C SER M 152 25.18 53.86 -20.69
N VAL M 153 26.44 54.23 -20.60
CA VAL M 153 27.51 53.21 -20.41
C VAL M 153 27.32 52.56 -19.04
N ASP M 154 26.92 53.34 -18.03
CA ASP M 154 26.75 52.83 -16.64
C ASP M 154 25.66 51.74 -16.63
N GLU M 155 24.48 52.04 -17.19
CA GLU M 155 23.36 51.07 -17.22
C GLU M 155 23.81 49.81 -17.97
N THR M 156 24.60 49.96 -19.02
CA THR M 156 25.11 48.80 -19.79
C THR M 156 26.02 47.98 -18.87
N LEU M 157 26.96 48.62 -18.15
CA LEU M 157 27.86 47.88 -17.21
C LEU M 157 27.00 47.19 -16.14
N ARG M 158 26.00 47.88 -15.58
CA ARG M 158 25.11 47.27 -14.55
C ARG M 158 24.56 45.93 -15.05
N LEU M 159 24.02 45.93 -16.27
CA LEU M 159 23.41 44.73 -16.90
C LEU M 159 24.49 43.66 -17.07
N VAL M 160 25.65 44.00 -17.63
CA VAL M 160 26.71 42.98 -17.88
C VAL M 160 27.11 42.34 -16.54
N GLN M 161 27.31 43.15 -15.49
CA GLN M 161 27.76 42.64 -14.15
C GLN M 161 26.67 41.73 -13.60
N ALA M 162 25.39 42.14 -13.72
CA ALA M 162 24.23 41.42 -13.17
C ALA M 162 24.10 40.05 -13.84
N PHE M 163 24.18 39.99 -15.17
CA PHE M 163 24.07 38.71 -15.91
C PHE M 163 25.25 37.82 -15.53
N GLN M 164 26.43 38.43 -15.37
CA GLN M 164 27.69 37.67 -15.07
C GLN M 164 27.60 37.12 -13.65
N PHE M 165 27.09 37.92 -12.71
CA PHE M 165 26.85 37.50 -11.30
C PHE M 165 26.03 36.21 -11.31
N THR M 166 24.89 36.21 -12.00
CA THR M 166 23.93 35.08 -12.00
C THR M 166 24.56 33.88 -12.72
N ASP M 167 25.24 34.13 -13.84
CA ASP M 167 26.03 33.13 -14.60
C ASP M 167 27.00 32.42 -13.64
N LYS M 168 27.73 33.17 -12.81
CA LYS M 168 28.82 32.65 -11.95
C LYS M 168 28.25 31.74 -10.85
N HIS M 169 27.15 32.11 -10.19
CA HIS M 169 26.52 31.32 -9.11
C HIS M 169 25.68 30.19 -9.72
N GLY M 170 26.02 29.76 -10.93
CA GLY M 170 25.52 28.52 -11.55
C GLY M 170 26.65 27.56 -11.84
N GLU M 171 27.88 27.91 -11.46
CA GLU M 171 29.04 26.97 -11.39
C GLU M 171 29.06 26.40 -9.98
N VAL M 172 28.23 25.39 -9.71
CA VAL M 172 27.97 24.90 -8.31
C VAL M 172 28.19 23.39 -8.25
N SER M 173 28.79 22.94 -7.15
CA SER M 173 29.06 21.51 -6.82
C SER M 173 27.92 20.99 -5.96
N PRO M 174 27.61 19.67 -5.98
CA PRO M 174 26.66 19.09 -5.02
C PRO M 174 26.96 19.56 -3.59
N ALA M 175 25.92 19.61 -2.76
CA ALA M 175 25.93 20.31 -1.45
C ALA M 175 26.83 19.59 -0.44
N GLY M 176 26.89 18.25 -0.46
CA GLY M 176 27.57 17.45 0.57
C GLY M 176 26.82 17.43 1.89
N TRP M 177 25.66 18.08 1.96
CA TRP M 177 24.82 18.25 3.17
C TRP M 177 23.43 17.68 2.87
N LYS M 178 22.77 17.12 3.89
CA LYS M 178 21.40 16.58 3.77
C LYS M 178 20.67 16.93 5.06
N PRO M 179 19.34 17.20 4.99
CA PRO M 179 18.56 17.45 6.20
C PRO M 179 18.24 16.12 6.89
N ASP M 182 19.26 15.24 12.67
CA ASP M 182 20.41 15.97 13.27
C ASP M 182 20.36 17.47 12.94
N THR M 183 19.62 17.87 11.91
CA THR M 183 19.57 19.28 11.40
C THR M 183 18.28 19.98 11.84
N ILE M 184 17.30 19.29 12.43
CA ILE M 184 16.00 19.88 12.86
C ILE M 184 16.24 20.73 14.10
N SER N 2 -14.79 22.04 -27.76
CA SER N 2 -16.09 22.11 -26.97
C SER N 2 -16.80 20.76 -27.00
N SER N 3 -17.66 20.51 -28.00
CA SER N 3 -18.32 19.20 -28.28
C SER N 3 -18.88 19.17 -29.71
N GLY N 4 -18.00 19.01 -30.72
CA GLY N 4 -18.33 18.86 -32.15
C GLY N 4 -18.82 20.16 -32.78
N ASN N 5 -19.41 21.08 -32.00
CA ASN N 5 -20.26 22.21 -32.49
C ASN N 5 -21.15 22.79 -31.38
N ALA N 6 -21.37 22.04 -30.31
CA ALA N 6 -22.10 22.45 -29.08
C ALA N 6 -21.10 23.06 -28.10
N LYS N 7 -21.24 24.34 -27.82
CA LYS N 7 -20.31 25.09 -26.96
C LYS N 7 -21.06 25.55 -25.72
N ILE N 8 -20.50 25.27 -24.54
CA ILE N 8 -21.04 25.77 -23.26
C ILE N 8 -21.14 27.29 -23.37
N GLY N 9 -22.29 27.85 -22.99
CA GLY N 9 -22.50 29.30 -22.92
C GLY N 9 -22.99 29.90 -24.22
N HIS N 10 -22.85 29.21 -25.36
CA HIS N 10 -23.41 29.63 -26.67
C HIS N 10 -24.74 28.91 -26.86
N PRO N 11 -25.60 29.32 -27.81
CA PRO N 11 -26.89 28.65 -28.02
C PRO N 11 -26.68 27.21 -28.49
N ALA N 12 -27.40 26.26 -27.88
CA ALA N 12 -27.34 24.83 -28.25
C ALA N 12 -27.66 24.72 -29.74
N PRO N 13 -26.97 23.84 -30.51
CA PRO N 13 -27.29 23.65 -31.92
C PRO N 13 -28.77 23.27 -32.06
N ASN N 14 -29.49 23.99 -32.92
CA ASN N 14 -30.91 23.70 -33.21
C ASN N 14 -30.96 22.44 -34.08
N PHE N 15 -31.97 21.61 -33.87
CA PHE N 15 -32.34 20.51 -34.78
C PHE N 15 -33.81 20.67 -35.11
N LYS N 16 -34.21 20.28 -36.31
CA LYS N 16 -35.60 19.91 -36.64
C LYS N 16 -35.57 18.42 -36.96
N ALA N 17 -36.43 17.63 -36.33
CA ALA N 17 -36.45 16.16 -36.48
C ALA N 17 -37.84 15.61 -36.18
N THR N 18 -38.19 14.49 -36.82
CA THR N 18 -39.44 13.75 -36.55
C THR N 18 -39.25 13.01 -35.22
N ALA N 19 -40.18 13.18 -34.30
CA ALA N 19 -40.16 12.51 -32.99
C ALA N 19 -41.41 11.66 -32.85
N VAL N 20 -41.30 10.58 -32.06
CA VAL N 20 -42.47 9.83 -31.54
C VAL N 20 -42.80 10.45 -30.20
N MET N 21 -43.92 11.17 -30.14
CA MET N 21 -44.44 11.81 -28.90
C MET N 21 -45.01 10.74 -27.99
N PRO N 22 -45.31 11.07 -26.71
CA PRO N 22 -45.73 10.07 -25.74
C PRO N 22 -47.12 9.49 -26.04
N ASP N 23 -47.95 10.25 -26.77
CA ASP N 23 -49.32 9.84 -27.19
C ASP N 23 -49.25 8.84 -28.36
N GLY N 24 -48.06 8.56 -28.94
CA GLY N 24 -47.88 7.60 -30.04
C GLY N 24 -48.06 8.20 -31.43
N GLN N 25 -48.17 9.53 -31.53
CA GLN N 25 -48.20 10.30 -32.80
C GLN N 25 -46.77 10.65 -33.23
N PHE N 26 -46.58 10.94 -34.51
CA PHE N 26 -45.36 11.57 -35.08
C PHE N 26 -45.58 13.08 -35.18
N LYS N 27 -44.66 13.85 -34.63
CA LYS N 27 -44.63 15.33 -34.73
C LYS N 27 -43.24 15.74 -35.23
N ASP N 28 -43.16 16.83 -35.98
CA ASP N 28 -41.86 17.45 -36.38
C ASP N 28 -41.54 18.51 -35.33
N ILE N 29 -40.57 18.26 -34.45
CA ILE N 29 -40.21 19.21 -33.36
C ILE N 29 -38.84 19.81 -33.63
N SER N 30 -38.60 20.99 -33.07
CA SER N 30 -37.31 21.72 -33.06
C SER N 30 -36.93 22.02 -31.61
N LEU N 31 -35.63 22.06 -31.30
CA LEU N 31 -35.17 22.45 -29.95
C LEU N 31 -35.74 23.83 -29.62
N SER N 32 -35.75 24.73 -30.60
CA SER N 32 -36.25 26.12 -30.48
C SER N 32 -37.74 26.13 -30.11
N ASP N 33 -38.49 25.07 -30.40
CA ASP N 33 -39.91 24.94 -29.97
C ASP N 33 -39.98 25.03 -28.45
N TYR N 34 -38.90 24.73 -27.72
CA TYR N 34 -38.93 24.56 -26.23
C TYR N 34 -38.28 25.75 -25.52
N LYS N 35 -38.01 26.88 -26.21
CA LYS N 35 -37.65 28.15 -25.54
C LYS N 35 -38.70 28.42 -24.47
N GLY N 36 -38.27 28.91 -23.31
CA GLY N 36 -39.14 29.11 -22.14
C GLY N 36 -39.07 27.94 -21.18
N LYS N 37 -38.59 26.78 -21.63
CA LYS N 37 -38.35 25.61 -20.76
C LYS N 37 -36.88 25.24 -20.80
N TYR N 38 -36.37 24.72 -19.68
CA TYR N 38 -35.10 23.97 -19.61
C TYR N 38 -35.30 22.68 -20.40
N VAL N 39 -34.28 22.22 -21.11
CA VAL N 39 -34.34 20.96 -21.90
C VAL N 39 -33.19 20.06 -21.44
N VAL N 40 -33.54 18.84 -21.04
CA VAL N 40 -32.56 17.74 -20.90
C VAL N 40 -32.66 16.92 -22.18
N PHE N 41 -31.71 17.10 -23.09
CA PHE N 41 -31.64 16.40 -24.40
C PHE N 41 -30.59 15.29 -24.28
N PHE N 42 -30.99 14.04 -24.40
CA PHE N 42 -30.08 12.90 -24.19
C PHE N 42 -30.15 11.94 -25.37
N PHE N 43 -28.98 11.55 -25.87
CA PHE N 43 -28.78 10.52 -26.91
C PHE N 43 -28.58 9.17 -26.23
N TYR N 44 -29.07 8.10 -26.86
CA TYR N 44 -28.71 6.70 -26.56
C TYR N 44 -28.31 6.05 -27.88
N PRO N 45 -27.50 4.96 -27.85
CA PRO N 45 -26.90 4.43 -29.07
C PRO N 45 -27.96 3.94 -30.08
N LEU N 46 -28.71 2.90 -29.70
CA LEU N 46 -29.58 2.12 -30.62
C LEU N 46 -30.86 1.61 -29.94
N ASP N 47 -31.97 1.65 -30.67
CA ASP N 47 -33.22 0.92 -30.36
C ASP N 47 -32.99 -0.58 -30.60
N PHE N 48 -33.74 -1.39 -29.85
CA PHE N 48 -33.96 -2.85 -30.05
C PHE N 48 -32.69 -3.65 -29.76
N THR N 49 -31.74 -3.12 -28.97
CA THR N 49 -30.58 -3.92 -28.50
C THR N 49 -31.07 -4.88 -27.42
N PHE N 50 -30.20 -5.74 -26.92
CA PHE N 50 -30.53 -6.84 -26.00
C PHE N 50 -30.49 -6.34 -24.54
N VAL N 51 -30.19 -5.06 -24.34
CA VAL N 51 -30.05 -4.46 -22.97
C VAL N 51 -31.44 -4.14 -22.45
N CYS N 52 -31.72 -4.42 -21.17
CA CYS N 52 -32.91 -3.86 -20.45
C CYS N 52 -32.77 -2.34 -20.55
N PRO N 53 -33.68 -1.62 -21.22
CA PRO N 53 -33.52 -0.17 -21.42
C PRO N 53 -33.88 0.67 -20.19
N THR N 54 -33.34 0.30 -19.02
CA THR N 54 -33.78 0.80 -17.68
C THR N 54 -33.47 2.30 -17.59
N GLU N 55 -32.38 2.73 -18.21
CA GLU N 55 -31.93 4.14 -18.23
C GLU N 55 -33.02 5.02 -18.87
N ILE N 56 -33.43 4.68 -20.09
CA ILE N 56 -34.48 5.47 -20.81
C ILE N 56 -35.76 5.45 -19.97
N ILE N 57 -36.10 4.30 -19.39
CA ILE N 57 -37.37 4.12 -18.65
C ILE N 57 -37.36 5.01 -17.40
N ALA N 58 -36.27 5.00 -16.64
CA ALA N 58 -36.05 5.90 -15.48
C ALA N 58 -36.42 7.35 -15.84
N PHE N 59 -35.92 7.87 -16.96
CA PHE N 59 -36.20 9.27 -17.37
C PHE N 59 -37.69 9.39 -17.71
N SER N 60 -38.29 8.40 -18.37
CA SER N 60 -39.73 8.40 -18.72
C SER N 60 -40.55 8.36 -17.44
N ASP N 61 -40.30 7.36 -16.59
CA ASP N 61 -40.97 7.16 -15.29
C ASP N 61 -40.93 8.47 -14.49
N ARG N 62 -39.79 9.14 -14.40
CA ARG N 62 -39.64 10.31 -13.49
C ARG N 62 -39.79 11.61 -14.26
N ALA N 63 -40.47 11.59 -15.41
CA ALA N 63 -40.66 12.78 -16.26
C ALA N 63 -41.44 13.85 -15.49
N GLU N 64 -42.31 13.43 -14.56
CA GLU N 64 -43.14 14.36 -13.73
C GLU N 64 -42.20 15.33 -12.99
N GLU N 65 -41.10 14.81 -12.46
CA GLU N 65 -40.17 15.56 -11.59
C GLU N 65 -39.48 16.65 -12.41
N PHE N 66 -39.29 16.41 -13.71
CA PHE N 66 -38.70 17.39 -14.65
C PHE N 66 -39.77 18.41 -15.04
N LYS N 67 -41.01 17.98 -15.23
CA LYS N 67 -42.13 18.90 -15.58
C LYS N 67 -42.32 19.87 -14.42
N LYS N 68 -42.27 19.37 -13.17
CA LYS N 68 -42.33 20.19 -11.93
C LYS N 68 -41.25 21.27 -11.96
N LEU N 69 -40.07 21.00 -12.54
CA LEU N 69 -38.94 21.98 -12.62
C LEU N 69 -39.02 22.78 -13.93
N ASN N 70 -40.17 22.74 -14.61
CA ASN N 70 -40.42 23.48 -15.87
C ASN N 70 -39.32 23.14 -16.89
N SER N 71 -38.99 21.85 -17.00
CA SER N 71 -37.99 21.33 -17.97
C SER N 71 -38.59 20.13 -18.72
N GLN N 72 -38.22 19.98 -19.99
CA GLN N 72 -38.66 18.89 -20.89
C GLN N 72 -37.48 17.92 -21.12
N VAL N 73 -37.67 16.64 -20.84
CA VAL N 73 -36.70 15.58 -21.22
C VAL N 73 -37.02 15.14 -22.66
N ILE N 74 -36.00 15.07 -23.51
CA ILE N 74 -36.10 14.55 -24.91
C ILE N 74 -34.98 13.54 -25.13
N GLY N 75 -35.35 12.33 -25.57
CA GLY N 75 -34.44 11.25 -25.97
C GLY N 75 -34.21 11.28 -27.47
N ALA N 76 -33.08 10.73 -27.93
CA ALA N 76 -32.69 10.70 -29.36
C ALA N 76 -31.79 9.51 -29.65
N SER N 77 -31.93 8.96 -30.86
CA SER N 77 -30.98 8.00 -31.46
C SER N 77 -31.07 8.12 -32.98
N VAL N 78 -30.20 7.41 -33.67
CA VAL N 78 -30.08 7.48 -35.15
C VAL N 78 -31.16 6.61 -35.82
N ASP N 79 -31.94 5.86 -35.05
CA ASP N 79 -32.99 4.94 -35.57
C ASP N 79 -34.11 5.81 -36.17
N SER N 80 -34.80 5.35 -37.22
CA SER N 80 -35.96 6.02 -37.85
C SER N 80 -37.10 6.17 -36.84
N HIS N 81 -38.01 7.10 -37.08
CA HIS N 81 -39.20 7.30 -36.22
C HIS N 81 -40.05 6.04 -36.26
N PHE N 82 -40.08 5.35 -37.39
CA PHE N 82 -40.84 4.08 -37.53
C PHE N 82 -40.34 3.07 -36.50
N VAL N 83 -39.02 3.05 -36.29
CA VAL N 83 -38.34 2.11 -35.38
C VAL N 83 -38.68 2.51 -33.94
N HIS N 84 -38.54 3.79 -33.61
CA HIS N 84 -38.90 4.32 -32.27
C HIS N 84 -40.31 3.84 -31.93
N LEU N 85 -41.27 4.05 -32.85
CA LEU N 85 -42.68 3.69 -32.63
C LEU N 85 -42.78 2.19 -32.37
N ALA N 86 -42.15 1.38 -33.21
CA ALA N 86 -42.16 -0.10 -33.07
C ALA N 86 -41.59 -0.49 -31.71
N TRP N 87 -40.55 0.20 -31.24
CA TRP N 87 -39.86 -0.15 -29.97
C TRP N 87 -40.77 0.16 -28.79
N VAL N 88 -41.48 1.30 -28.87
CA VAL N 88 -42.47 1.74 -27.85
C VAL N 88 -43.57 0.70 -27.76
N ASN N 89 -44.10 0.27 -28.91
CA ASN N 89 -45.27 -0.64 -29.01
C ASN N 89 -44.83 -2.11 -28.85
N THR N 90 -43.55 -2.37 -28.66
CA THR N 90 -43.06 -3.71 -28.24
C THR N 90 -43.03 -3.70 -26.70
N PRO N 91 -43.79 -4.60 -26.03
CA PRO N 91 -43.82 -4.61 -24.56
C PRO N 91 -42.47 -4.99 -23.96
N LYS N 92 -42.18 -4.47 -22.75
CA LYS N 92 -40.88 -4.69 -22.06
C LYS N 92 -40.61 -6.20 -21.98
N LYS N 93 -41.64 -6.98 -21.61
CA LYS N 93 -41.60 -8.46 -21.40
C LYS N 93 -40.88 -9.15 -22.57
N GLN N 94 -40.92 -8.57 -23.78
CA GLN N 94 -40.32 -9.16 -25.01
C GLN N 94 -39.07 -8.39 -25.44
N GLY N 95 -38.46 -7.60 -24.55
CA GLY N 95 -37.23 -6.82 -24.81
C GLY N 95 -37.50 -5.57 -25.64
N GLY N 96 -38.71 -5.02 -25.51
CA GLY N 96 -39.08 -3.68 -26.02
C GLY N 96 -38.92 -2.63 -24.94
N LEU N 97 -39.49 -1.44 -25.17
CA LEU N 97 -39.31 -0.22 -24.36
C LEU N 97 -40.58 0.06 -23.54
N GLY N 98 -41.73 -0.30 -24.08
CA GLY N 98 -43.03 0.02 -23.47
C GLY N 98 -43.37 1.47 -23.73
N PRO N 99 -44.50 1.98 -23.21
CA PRO N 99 -44.95 3.33 -23.52
C PRO N 99 -44.03 4.32 -22.80
N MET N 100 -43.98 5.55 -23.32
CA MET N 100 -43.01 6.60 -22.91
C MET N 100 -43.77 7.87 -22.53
N ASN N 101 -43.26 8.61 -21.54
CA ASN N 101 -43.77 9.93 -21.13
C ASN N 101 -42.88 11.02 -21.74
N ILE N 102 -41.87 10.65 -22.51
CA ILE N 102 -40.93 11.60 -23.18
C ILE N 102 -40.96 11.36 -24.67
N PRO N 103 -40.77 12.42 -25.47
CA PRO N 103 -40.63 12.26 -26.91
C PRO N 103 -39.28 11.62 -27.25
N LEU N 104 -39.25 10.83 -28.32
CA LEU N 104 -38.01 10.21 -28.86
C LEU N 104 -37.74 10.78 -30.24
N VAL N 105 -36.63 11.50 -30.36
CA VAL N 105 -36.19 12.14 -31.63
C VAL N 105 -35.45 11.12 -32.47
N SER N 106 -35.71 11.17 -33.77
CA SER N 106 -35.09 10.32 -34.82
C SER N 106 -34.05 11.18 -35.55
N ASP N 107 -32.80 10.72 -35.62
CA ASP N 107 -31.66 11.41 -36.26
C ASP N 107 -31.04 10.51 -37.33
N PRO N 108 -31.72 10.25 -38.47
CA PRO N 108 -31.26 9.25 -39.42
C PRO N 108 -30.07 9.76 -40.25
N LYS N 109 -29.98 11.08 -40.43
CA LYS N 109 -28.88 11.69 -41.20
C LYS N 109 -27.63 11.82 -40.32
N ARG N 110 -27.75 11.55 -39.03
CA ARG N 110 -26.64 11.58 -38.03
C ARG N 110 -26.06 12.99 -37.90
N THR N 111 -26.78 14.02 -38.38
CA THR N 111 -26.34 15.44 -38.34
C THR N 111 -26.43 15.97 -36.90
N ILE N 112 -27.48 15.58 -36.17
CA ILE N 112 -27.75 16.05 -34.79
C ILE N 112 -26.68 15.46 -33.87
N ALA N 113 -26.44 14.15 -33.97
CA ALA N 113 -25.37 13.45 -33.22
C ALA N 113 -24.04 14.15 -33.50
N GLN N 114 -23.80 14.55 -34.75
CA GLN N 114 -22.50 15.16 -35.14
C GLN N 114 -22.41 16.57 -34.56
N ASP N 115 -23.47 17.35 -34.66
CA ASP N 115 -23.54 18.72 -34.09
C ASP N 115 -23.23 18.69 -32.58
N TYR N 116 -23.72 17.69 -31.84
CA TYR N 116 -23.55 17.58 -30.36
C TYR N 116 -22.27 16.81 -30.04
N GLY N 117 -21.57 16.34 -31.07
CA GLY N 117 -20.21 15.79 -30.98
C GLY N 117 -20.19 14.44 -30.32
N VAL N 118 -21.24 13.65 -30.52
CA VAL N 118 -21.44 12.35 -29.84
C VAL N 118 -21.61 11.24 -30.87
N LEU N 119 -21.35 11.50 -32.15
CA LEU N 119 -21.39 10.46 -33.21
C LEU N 119 -20.12 9.63 -33.11
N LYS N 120 -20.25 8.33 -32.84
CA LYS N 120 -19.19 7.31 -32.96
C LYS N 120 -19.12 6.95 -34.46
N ALA N 121 -18.14 7.51 -35.17
CA ALA N 121 -18.07 7.55 -36.65
C ALA N 121 -18.15 6.13 -37.21
N ASP N 122 -17.35 5.23 -36.64
CA ASP N 122 -17.05 3.87 -37.19
C ASP N 122 -18.30 2.99 -37.15
N GLU N 123 -19.23 3.20 -36.20
CA GLU N 123 -20.45 2.34 -36.05
C GLU N 123 -21.71 3.11 -36.47
N GLY N 124 -21.61 4.43 -36.66
CA GLY N 124 -22.71 5.32 -37.11
C GLY N 124 -23.81 5.46 -36.06
N ILE N 125 -23.44 5.60 -34.79
CA ILE N 125 -24.38 5.67 -33.63
C ILE N 125 -23.89 6.71 -32.63
N SER N 126 -24.81 7.27 -31.84
CA SER N 126 -24.55 8.21 -30.72
C SER N 126 -23.88 7.47 -29.56
N PHE N 127 -22.90 8.11 -28.91
CA PHE N 127 -22.50 7.77 -27.53
C PHE N 127 -23.64 8.13 -26.59
N ARG N 128 -23.49 7.83 -25.30
CA ARG N 128 -24.47 8.16 -24.24
C ARG N 128 -24.24 9.61 -23.83
N GLY N 129 -24.70 10.54 -24.66
CA GLY N 129 -24.54 11.99 -24.44
C GLY N 129 -25.79 12.59 -23.83
N LEU N 130 -25.61 13.51 -22.88
CA LEU N 130 -26.72 14.27 -22.26
C LEU N 130 -26.31 15.73 -22.19
N PHE N 131 -27.25 16.60 -22.57
CA PHE N 131 -27.02 18.06 -22.66
C PHE N 131 -28.13 18.80 -21.91
N ILE N 132 -27.74 19.73 -21.06
CA ILE N 132 -28.73 20.61 -20.35
C ILE N 132 -28.70 21.97 -21.03
N ILE N 133 -29.90 22.42 -21.43
CA ILE N 133 -30.12 23.66 -22.23
C ILE N 133 -31.15 24.50 -21.48
N ASP N 134 -30.85 25.78 -21.24
CA ASP N 134 -31.67 26.65 -20.36
C ASP N 134 -32.86 27.20 -21.14
N ASP N 135 -33.77 27.89 -20.44
CA ASP N 135 -35.03 28.47 -20.97
C ASP N 135 -34.73 29.43 -22.14
N LYS N 136 -33.50 29.95 -22.25
CA LYS N 136 -33.12 30.90 -23.33
C LYS N 136 -32.42 30.15 -24.48
N GLY N 137 -32.30 28.82 -24.40
CA GLY N 137 -31.72 27.98 -25.46
C GLY N 137 -30.19 27.94 -25.43
N ILE N 138 -29.60 28.23 -24.28
CA ILE N 138 -28.11 28.26 -24.10
C ILE N 138 -27.69 26.94 -23.46
N LEU N 139 -26.62 26.36 -23.99
CA LEU N 139 -26.06 25.07 -23.50
C LEU N 139 -25.34 25.36 -22.18
N ARG N 140 -25.65 24.60 -21.14
CA ARG N 140 -25.11 24.83 -19.78
C ARG N 140 -24.25 23.66 -19.32
N GLN N 141 -24.54 22.45 -19.81
CA GLN N 141 -23.89 21.22 -19.31
C GLN N 141 -23.70 20.22 -20.45
N ILE N 142 -22.55 19.55 -20.47
CA ILE N 142 -22.22 18.45 -21.40
C ILE N 142 -21.84 17.23 -20.57
N THR N 143 -22.59 16.13 -20.73
CA THR N 143 -22.25 14.80 -20.18
C THR N 143 -22.15 13.83 -21.35
N VAL N 144 -21.02 13.11 -21.49
CA VAL N 144 -20.87 12.04 -22.51
C VAL N 144 -20.20 10.82 -21.88
N ASN N 145 -20.91 9.70 -21.83
CA ASN N 145 -20.42 8.40 -21.29
C ASN N 145 -20.12 7.47 -22.47
N ASP N 146 -19.03 6.70 -22.38
CA ASP N 146 -18.83 5.50 -23.24
C ASP N 146 -20.05 4.61 -23.06
N LEU N 147 -20.26 3.69 -24.00
CA LEU N 147 -21.53 2.98 -24.23
C LEU N 147 -21.99 2.19 -23.01
N PRO N 148 -21.13 1.48 -22.26
CA PRO N 148 -21.61 0.61 -21.18
C PRO N 148 -22.11 1.24 -19.88
N VAL N 149 -22.05 2.56 -19.72
CA VAL N 149 -22.35 3.22 -18.41
C VAL N 149 -23.46 4.24 -18.58
N GLY N 150 -24.50 4.11 -17.77
CA GLY N 150 -25.74 4.90 -17.90
C GLY N 150 -25.69 6.18 -17.11
N ARG N 151 -26.75 6.97 -17.21
CA ARG N 151 -26.87 8.31 -16.58
C ARG N 151 -27.84 8.22 -15.41
N SER N 152 -27.61 9.02 -14.37
CA SER N 152 -28.47 9.08 -13.15
C SER N 152 -29.57 10.14 -13.34
N VAL N 153 -30.83 9.78 -13.08
CA VAL N 153 -31.90 10.80 -13.13
C VAL N 153 -31.66 11.83 -12.01
N ASP N 154 -31.18 11.37 -10.84
CA ASP N 154 -30.95 12.26 -9.67
C ASP N 154 -29.90 13.31 -10.03
N GLU N 155 -28.74 12.89 -10.55
CA GLU N 155 -27.64 13.82 -10.91
C GLU N 155 -28.16 14.80 -11.96
N THR N 156 -29.00 14.35 -12.88
CA THR N 156 -29.57 15.26 -13.91
C THR N 156 -30.46 16.29 -13.21
N LEU N 157 -31.34 15.86 -12.30
CA LEU N 157 -32.21 16.83 -11.56
C LEU N 157 -31.32 17.79 -10.77
N ARG N 158 -30.27 17.30 -10.08
CA ARG N 158 -29.35 18.16 -9.30
C ARG N 158 -28.86 19.32 -10.18
N LEU N 159 -28.37 18.99 -11.38
CA LEU N 159 -27.81 19.99 -12.33
C LEU N 159 -28.93 20.96 -12.74
N VAL N 160 -30.10 20.47 -13.13
CA VAL N 160 -31.18 21.37 -13.60
C VAL N 160 -31.55 22.34 -12.45
N GLN N 161 -31.69 21.85 -11.22
CA GLN N 161 -32.08 22.69 -10.05
C GLN N 161 -30.99 23.73 -9.81
N ALA N 162 -29.72 23.31 -9.88
CA ALA N 162 -28.55 24.18 -9.61
C ALA N 162 -28.48 25.32 -10.64
N PHE N 163 -28.62 25.01 -11.92
CA PHE N 163 -28.60 26.02 -12.99
C PHE N 163 -29.78 26.97 -12.80
N GLN N 164 -30.94 26.43 -12.41
CA GLN N 164 -32.19 27.21 -12.26
C GLN N 164 -32.05 28.15 -11.07
N PHE N 165 -31.47 27.64 -9.96
CA PHE N 165 -31.18 28.44 -8.75
C PHE N 165 -30.38 29.69 -9.16
N THR N 166 -29.28 29.50 -9.88
CA THR N 166 -28.35 30.59 -10.24
C THR N 166 -29.03 31.53 -11.23
N ASP N 167 -29.76 30.99 -12.21
CA ASP N 167 -30.61 31.73 -13.17
C ASP N 167 -31.55 32.68 -12.39
N LYS N 168 -32.21 32.18 -11.34
CA LYS N 168 -33.26 32.93 -10.62
C LYS N 168 -32.65 34.10 -9.84
N HIS N 169 -31.52 33.92 -9.15
CA HIS N 169 -30.85 34.98 -8.34
C HIS N 169 -30.03 35.89 -9.28
N GLY N 170 -30.43 35.97 -10.55
CA GLY N 170 -29.96 37.00 -11.50
C GLY N 170 -31.11 37.87 -11.97
N GLU N 171 -32.32 37.64 -11.46
CA GLU N 171 -33.48 38.59 -11.58
C GLU N 171 -33.43 39.51 -10.36
N VAL N 172 -32.58 40.53 -10.37
CA VAL N 172 -32.28 41.37 -9.18
C VAL N 172 -32.44 42.85 -9.53
N SER N 173 -32.99 43.64 -8.60
CA SER N 173 -33.22 45.09 -8.70
C SER N 173 -32.04 45.84 -8.09
N PRO N 174 -31.76 47.09 -8.49
CA PRO N 174 -30.77 47.91 -7.80
C PRO N 174 -30.99 47.88 -6.27
N ALA N 175 -29.91 48.06 -5.52
CA ALA N 175 -29.84 47.70 -4.08
C ALA N 175 -30.70 48.66 -3.22
N GLY N 176 -30.75 49.95 -3.55
CA GLY N 176 -31.39 50.97 -2.71
C GLY N 176 -30.56 51.30 -1.47
N TRP N 177 -29.37 50.69 -1.34
CA TRP N 177 -28.39 50.92 -0.24
C TRP N 177 -27.08 51.41 -0.85
N LYS N 178 -26.33 52.24 -0.14
CA LYS N 178 -24.99 52.72 -0.56
C LYS N 178 -24.10 52.77 0.68
N PRO N 179 -22.77 52.63 0.51
CA PRO N 179 -21.81 53.09 1.51
C PRO N 179 -21.22 54.48 1.21
N SER O 2 -16.02 15.83 -30.59
CA SER O 2 -15.72 15.04 -29.35
C SER O 2 -15.60 15.98 -28.13
N SER O 3 -14.40 16.50 -27.84
CA SER O 3 -14.11 17.56 -26.84
C SER O 3 -12.71 18.17 -27.09
N GLY O 4 -12.60 19.03 -28.11
CA GLY O 4 -11.39 19.78 -28.48
C GLY O 4 -10.30 18.90 -29.10
N ASN O 5 -10.24 17.61 -28.75
CA ASN O 5 -9.07 16.71 -28.95
C ASN O 5 -9.15 15.45 -28.08
N ALA O 6 -9.97 15.47 -27.03
CA ALA O 6 -10.26 14.33 -26.14
C ALA O 6 -11.47 13.59 -26.69
N LYS O 7 -11.27 12.34 -27.10
CA LYS O 7 -12.31 11.53 -27.78
C LYS O 7 -12.62 10.35 -26.87
N ILE O 8 -13.89 10.12 -26.58
CA ILE O 8 -14.35 8.92 -25.83
C ILE O 8 -13.82 7.69 -26.57
N GLY O 9 -13.20 6.76 -25.86
CA GLY O 9 -12.77 5.47 -26.41
C GLY O 9 -11.36 5.52 -26.99
N HIS O 10 -10.81 6.71 -27.27
CA HIS O 10 -9.39 6.86 -27.69
C HIS O 10 -8.57 7.22 -26.47
N PRO O 11 -7.21 7.13 -26.52
CA PRO O 11 -6.38 7.48 -25.37
C PRO O 11 -6.51 8.96 -25.01
N ALA O 12 -6.72 9.26 -23.73
CA ALA O 12 -6.84 10.63 -23.21
C ALA O 12 -5.60 11.41 -23.62
N PRO O 13 -5.71 12.70 -24.03
CA PRO O 13 -4.54 13.50 -24.39
C PRO O 13 -3.57 13.53 -23.21
N ASN O 14 -2.31 13.19 -23.47
CA ASN O 14 -1.24 13.22 -22.45
C ASN O 14 -0.91 14.69 -22.17
N PHE O 15 -0.59 15.00 -20.93
CA PHE O 15 0.04 16.29 -20.54
C PHE O 15 1.29 15.95 -19.73
N LYS O 16 2.31 16.78 -19.84
CA LYS O 16 3.37 16.91 -18.83
C LYS O 16 3.22 18.31 -18.23
N ALA O 17 3.15 18.43 -16.92
CA ALA O 17 2.92 19.72 -16.23
C ALA O 17 3.50 19.68 -14.81
N THR O 18 3.87 20.85 -14.30
CA THR O 18 4.30 21.01 -12.89
C THR O 18 3.04 20.99 -12.03
N ALA O 19 3.02 20.14 -11.00
CA ALA O 19 1.90 20.06 -10.05
C ALA O 19 2.41 20.40 -8.66
N VAL O 20 1.52 20.91 -7.81
CA VAL O 20 1.72 20.98 -6.34
C VAL O 20 1.14 19.70 -5.77
N MET O 21 2.02 18.80 -5.31
CA MET O 21 1.64 17.51 -4.68
C MET O 21 1.08 17.79 -3.28
N PRO O 22 0.46 16.77 -2.62
CA PRO O 22 -0.21 17.00 -1.36
C PRO O 22 0.78 17.29 -0.22
N ASP O 23 2.02 16.84 -0.35
CA ASP O 23 3.12 17.06 0.64
C ASP O 23 3.65 18.51 0.54
N GLY O 24 3.21 19.32 -0.43
CA GLY O 24 3.62 20.73 -0.59
C GLY O 24 4.88 20.90 -1.45
N GLN O 25 5.35 19.83 -2.10
CA GLN O 25 6.49 19.85 -3.05
C GLN O 25 5.96 20.12 -4.47
N PHE O 26 6.83 20.58 -5.36
CA PHE O 26 6.57 20.65 -6.83
C PHE O 26 7.17 19.43 -7.51
N LYS O 27 6.37 18.72 -8.30
CA LYS O 27 6.79 17.56 -9.10
C LYS O 27 6.34 17.77 -10.54
N ASP O 28 7.10 17.27 -11.51
CA ASP O 28 6.69 17.27 -12.94
C ASP O 28 6.00 15.95 -13.22
N ILE O 29 4.67 15.94 -13.36
CA ILE O 29 3.88 14.69 -13.59
C ILE O 29 3.32 14.67 -15.00
N SER O 30 3.03 13.46 -15.50
CA SER O 30 2.35 13.20 -16.78
C SER O 30 1.13 12.31 -16.51
N LEU O 31 0.08 12.43 -17.31
CA LEU O 31 -1.10 11.54 -17.20
C LEU O 31 -0.63 10.09 -17.34
N SER O 32 0.31 9.86 -18.27
CA SER O 32 0.88 8.52 -18.56
C SER O 32 1.58 7.94 -17.32
N ASP O 33 2.03 8.78 -16.39
CA ASP O 33 2.61 8.30 -15.10
C ASP O 33 1.58 7.43 -14.37
N TYR O 34 0.28 7.57 -14.65
CA TYR O 34 -0.80 6.96 -13.84
C TYR O 34 -1.45 5.77 -14.58
N LYS O 35 -0.85 5.25 -15.66
CA LYS O 35 -1.28 3.96 -16.27
C LYS O 35 -1.30 2.93 -15.14
N GLY O 36 -2.30 2.06 -15.13
CA GLY O 36 -2.53 1.08 -14.06
C GLY O 36 -3.54 1.58 -13.05
N LYS O 37 -3.81 2.88 -13.04
CA LYS O 37 -4.85 3.48 -12.16
C LYS O 37 -5.88 4.18 -13.05
N TYR O 38 -7.13 4.17 -12.61
CA TYR O 38 -8.20 5.07 -13.10
C TYR O 38 -7.81 6.49 -12.68
N VAL O 39 -8.08 7.48 -13.52
CA VAL O 39 -7.80 8.91 -13.21
C VAL O 39 -9.09 9.69 -13.35
N VAL O 40 -9.45 10.40 -12.30
CA VAL O 40 -10.45 11.49 -12.35
C VAL O 40 -9.67 12.79 -12.48
N PHE O 41 -9.60 13.34 -13.69
CA PHE O 41 -8.89 14.62 -14.01
C PHE O 41 -9.93 15.72 -14.13
N PHE O 42 -9.89 16.72 -13.25
CA PHE O 42 -10.92 17.78 -13.23
C PHE O 42 -10.24 19.15 -13.25
N PHE O 43 -10.75 20.00 -14.14
CA PHE O 43 -10.39 21.44 -14.27
C PHE O 43 -11.34 22.27 -13.40
N TYR O 44 -10.83 23.34 -12.83
CA TYR O 44 -11.63 24.42 -12.22
C TYR O 44 -11.12 25.74 -12.79
N PRO O 45 -11.93 26.82 -12.81
CA PRO O 45 -11.58 28.02 -13.56
C PRO O 45 -10.31 28.68 -13.04
N LEU O 46 -10.34 29.17 -11.78
CA LEU O 46 -9.29 30.05 -11.20
C LEU O 46 -9.09 29.80 -9.71
N ASP O 47 -7.82 29.86 -9.28
CA ASP O 47 -7.40 29.99 -7.86
C ASP O 47 -7.75 31.40 -7.38
N PHE O 48 -8.02 31.50 -6.07
CA PHE O 48 -8.12 32.75 -5.26
C PHE O 48 -9.36 33.54 -5.64
N THR O 49 -10.40 32.91 -6.22
CA THR O 49 -11.70 33.60 -6.43
C THR O 49 -12.40 33.70 -5.09
N PHE O 50 -13.53 34.41 -5.07
CA PHE O 50 -14.30 34.78 -3.87
C PHE O 50 -15.26 33.66 -3.53
N VAL O 51 -15.29 32.56 -4.30
CA VAL O 51 -16.21 31.41 -4.06
C VAL O 51 -15.58 30.53 -2.98
N CYS O 52 -16.38 30.03 -2.02
CA CYS O 52 -15.98 28.95 -1.10
C CYS O 52 -15.59 27.78 -1.99
N PRO O 53 -14.32 27.32 -1.98
CA PRO O 53 -13.89 26.26 -2.89
C PRO O 53 -14.32 24.86 -2.43
N THR O 54 -15.60 24.68 -2.06
CA THR O 54 -16.13 23.49 -1.35
C THR O 54 -16.01 22.27 -2.27
N GLU O 55 -16.17 22.48 -3.58
CA GLU O 55 -16.08 21.44 -4.62
C GLU O 55 -14.69 20.78 -4.57
N ILE O 56 -13.63 21.58 -4.69
CA ILE O 56 -12.24 21.06 -4.68
C ILE O 56 -12.00 20.35 -3.35
N ILE O 57 -12.49 20.93 -2.25
CA ILE O 57 -12.22 20.39 -0.88
C ILE O 57 -12.89 19.02 -0.76
N ALA O 58 -14.15 18.90 -1.16
CA ALA O 58 -14.90 17.61 -1.21
C ALA O 58 -14.04 16.52 -1.87
N PHE O 59 -13.45 16.78 -3.03
CA PHE O 59 -12.62 15.78 -3.74
C PHE O 59 -11.38 15.47 -2.90
N SER O 60 -10.77 16.47 -2.29
CA SER O 60 -9.56 16.29 -1.44
C SER O 60 -9.95 15.47 -0.21
N ASP O 61 -10.97 15.93 0.52
CA ASP O 61 -11.50 15.27 1.74
C ASP O 61 -11.78 13.79 1.44
N ARG O 62 -12.43 13.48 0.32
CA ARG O 62 -12.91 12.10 0.07
C ARG O 62 -11.94 11.37 -0.86
N ALA O 63 -10.68 11.80 -0.92
CA ALA O 63 -9.66 11.19 -1.81
C ALA O 63 -9.46 9.72 -1.42
N GLU O 64 -9.64 9.38 -0.15
CA GLU O 64 -9.47 7.98 0.36
C GLU O 64 -10.40 7.05 -0.44
N GLU O 65 -11.63 7.49 -0.70
CA GLU O 65 -12.68 6.66 -1.34
C GLU O 65 -12.28 6.35 -2.78
N PHE O 66 -11.54 7.25 -3.42
CA PHE O 66 -11.00 7.07 -4.79
C PHE O 66 -9.78 6.15 -4.74
N LYS O 67 -8.93 6.29 -3.72
CA LYS O 67 -7.73 5.44 -3.56
C LYS O 67 -8.21 4.00 -3.36
N LYS O 68 -9.25 3.80 -2.54
CA LYS O 68 -9.91 2.47 -2.32
C LYS O 68 -10.32 1.87 -3.66
N LEU O 69 -10.75 2.68 -4.64
CA LEU O 69 -11.19 2.20 -5.99
C LEU O 69 -10.02 2.20 -6.97
N ASN O 70 -8.78 2.27 -6.46
CA ASN O 70 -7.54 2.24 -7.26
C ASN O 70 -7.60 3.33 -8.35
N SER O 71 -8.04 4.51 -7.99
CA SER O 71 -8.12 5.68 -8.90
C SER O 71 -7.50 6.91 -8.22
N GLN O 72 -6.86 7.77 -9.02
CA GLN O 72 -6.21 9.03 -8.59
C GLN O 72 -7.03 10.23 -9.05
N VAL O 73 -7.43 11.09 -8.12
CA VAL O 73 -8.04 12.41 -8.45
C VAL O 73 -6.91 13.41 -8.69
N ILE O 74 -6.99 14.16 -9.78
CA ILE O 74 -6.04 15.27 -10.13
C ILE O 74 -6.86 16.50 -10.51
N GLY O 75 -6.59 17.63 -9.83
CA GLY O 75 -7.16 18.96 -10.13
C GLY O 75 -6.24 19.75 -11.03
N ALA O 76 -6.79 20.72 -11.77
CA ALA O 76 -6.02 21.55 -12.72
C ALA O 76 -6.71 22.90 -12.92
N SER O 77 -5.89 23.94 -13.12
CA SER O 77 -6.33 25.27 -13.60
C SER O 77 -5.16 25.91 -14.32
N VAL O 78 -5.40 27.07 -14.92
CA VAL O 78 -4.38 27.78 -15.76
C VAL O 78 -3.41 28.57 -14.86
N ASP O 79 -3.65 28.61 -13.54
CA ASP O 79 -2.82 29.38 -12.58
C ASP O 79 -1.45 28.68 -12.49
N SER O 80 -0.37 29.44 -12.26
CA SER O 80 1.02 28.92 -12.06
C SER O 80 1.05 27.99 -10.84
N HIS O 81 2.05 27.13 -10.78
CA HIS O 81 2.25 26.24 -9.61
C HIS O 81 2.53 27.08 -8.37
N PHE O 82 3.18 28.24 -8.54
CA PHE O 82 3.46 29.18 -7.43
C PHE O 82 2.14 29.61 -6.79
N VAL O 83 1.14 29.83 -7.63
CA VAL O 83 -0.20 30.32 -7.20
C VAL O 83 -0.90 29.17 -6.48
N HIS O 84 -0.91 27.98 -7.07
CA HIS O 84 -1.50 26.77 -6.43
C HIS O 84 -0.94 26.65 -5.01
N LEU O 85 0.38 26.72 -4.88
CA LEU O 85 1.06 26.55 -3.58
C LEU O 85 0.55 27.63 -2.63
N ALA O 86 0.56 28.88 -3.05
CA ALA O 86 0.09 30.03 -2.24
C ALA O 86 -1.36 29.79 -1.79
N TRP O 87 -2.19 29.23 -2.66
CA TRP O 87 -3.64 29.05 -2.38
C TRP O 87 -3.81 27.94 -1.33
N VAL O 88 -3.01 26.89 -1.43
CA VAL O 88 -2.97 25.75 -0.47
C VAL O 88 -2.58 26.29 0.90
N ASN O 89 -1.52 27.11 0.96
CA ASN O 89 -0.91 27.63 2.22
C ASN O 89 -1.69 28.85 2.72
N THR O 90 -2.73 29.28 2.03
CA THR O 90 -3.70 30.27 2.57
C THR O 90 -4.80 29.49 3.28
N PRO O 91 -5.01 29.69 4.60
CA PRO O 91 -6.02 28.92 5.33
C PRO O 91 -7.44 29.24 4.85
N LYS O 92 -8.35 28.25 4.95
CA LYS O 92 -9.75 28.38 4.46
C LYS O 92 -10.38 29.63 5.09
N LYS O 93 -10.16 29.83 6.41
CA LYS O 93 -10.72 30.92 7.23
C LYS O 93 -10.55 32.28 6.52
N GLN O 94 -9.51 32.44 5.68
CA GLN O 94 -9.20 33.71 4.97
C GLN O 94 -9.53 33.61 3.48
N GLY O 95 -10.35 32.64 3.05
CA GLY O 95 -10.79 32.44 1.66
C GLY O 95 -9.70 31.78 0.81
N GLY O 96 -8.84 30.98 1.44
CA GLY O 96 -7.88 30.08 0.77
C GLY O 96 -8.48 28.70 0.63
N LEU O 97 -7.63 27.72 0.31
CA LEU O 97 -8.00 26.33 -0.03
C LEU O 97 -7.71 25.37 1.13
N GLY O 98 -6.64 25.66 1.86
CA GLY O 98 -6.15 24.76 2.92
C GLY O 98 -5.38 23.62 2.28
N PRO O 99 -4.88 22.65 3.08
CA PRO O 99 -4.01 21.60 2.57
C PRO O 99 -4.86 20.64 1.74
N MET O 100 -4.20 19.93 0.82
CA MET O 100 -4.86 19.08 -0.22
C MET O 100 -4.32 17.66 -0.14
N ASN O 101 -5.17 16.67 -0.39
CA ASN O 101 -4.81 15.23 -0.51
C ASN O 101 -4.70 14.85 -1.98
N ILE O 102 -4.90 15.81 -2.89
CA ILE O 102 -4.80 15.58 -4.36
C ILE O 102 -3.77 16.54 -4.93
N PRO O 103 -3.08 16.14 -6.00
CA PRO O 103 -2.18 17.03 -6.71
C PRO O 103 -2.98 18.08 -7.50
N LEU O 104 -2.44 19.29 -7.62
CA LEU O 104 -3.02 20.38 -8.42
C LEU O 104 -2.07 20.69 -9.58
N VAL O 105 -2.54 20.43 -10.80
CA VAL O 105 -1.77 20.64 -12.06
C VAL O 105 -1.90 22.10 -12.47
N SER O 106 -0.79 22.66 -12.93
CA SER O 106 -0.64 24.03 -13.45
C SER O 106 -0.59 23.96 -14.97
N ASP O 107 -1.47 24.69 -15.65
CA ASP O 107 -1.57 24.73 -17.13
C ASP O 107 -1.42 26.16 -17.64
N PRO O 108 -0.23 26.78 -17.57
CA PRO O 108 -0.08 28.20 -17.86
C PRO O 108 -0.11 28.44 -19.38
N LYS O 109 0.29 27.46 -20.19
CA LYS O 109 0.28 27.60 -21.66
C LYS O 109 -1.15 27.37 -22.19
N ARG O 110 -2.09 26.94 -21.34
CA ARG O 110 -3.52 26.70 -21.68
C ARG O 110 -3.65 25.59 -22.73
N THR O 111 -2.61 24.80 -22.96
CA THR O 111 -2.58 23.70 -23.96
C THR O 111 -3.41 22.52 -23.46
N ILE O 112 -3.36 22.24 -22.17
CA ILE O 112 -4.07 21.09 -21.54
C ILE O 112 -5.57 21.39 -21.59
N ALA O 113 -5.96 22.57 -21.14
CA ALA O 113 -7.37 23.04 -21.18
C ALA O 113 -7.87 22.93 -22.63
N GLN O 114 -7.03 23.29 -23.59
CA GLN O 114 -7.44 23.30 -25.02
C GLN O 114 -7.57 21.88 -25.53
N ASP O 115 -6.62 21.00 -25.20
CA ASP O 115 -6.66 19.57 -25.58
C ASP O 115 -7.95 18.92 -25.08
N TYR O 116 -8.41 19.24 -23.86
CA TYR O 116 -9.61 18.63 -23.23
C TYR O 116 -10.87 19.44 -23.60
N GLY O 117 -10.69 20.52 -24.36
CA GLY O 117 -11.76 21.27 -25.02
C GLY O 117 -12.58 22.07 -24.02
N VAL O 118 -11.94 22.54 -22.96
CA VAL O 118 -12.62 23.23 -21.83
C VAL O 118 -12.04 24.62 -21.63
N LEU O 119 -11.23 25.11 -22.57
CA LEU O 119 -10.69 26.49 -22.51
C LEU O 119 -11.78 27.45 -22.97
N LYS O 120 -12.21 28.34 -22.09
CA LYS O 120 -13.05 29.54 -22.41
C LYS O 120 -12.10 30.59 -22.99
N ALA O 121 -12.08 30.72 -24.32
CA ALA O 121 -11.04 31.43 -25.10
C ALA O 121 -10.93 32.89 -24.61
N ASP O 122 -12.09 33.55 -24.47
CA ASP O 122 -12.22 35.02 -24.27
C ASP O 122 -11.67 35.42 -22.90
N GLU O 123 -11.70 34.56 -21.87
CA GLU O 123 -11.22 34.88 -20.50
C GLU O 123 -9.92 34.15 -20.17
N GLY O 124 -9.52 33.17 -21.00
CA GLY O 124 -8.26 32.40 -20.85
C GLY O 124 -8.26 31.48 -19.64
N ILE O 125 -9.39 30.82 -19.36
CA ILE O 125 -9.59 29.96 -18.15
C ILE O 125 -10.39 28.70 -18.55
N SER O 126 -10.24 27.62 -17.80
CA SER O 126 -10.97 26.34 -17.93
C SER O 126 -12.43 26.53 -17.49
N PHE O 127 -13.38 25.92 -18.20
CA PHE O 127 -14.71 25.60 -17.66
C PHE O 127 -14.55 24.54 -16.56
N ARG O 128 -15.66 24.17 -15.90
CA ARG O 128 -15.69 23.12 -14.86
C ARG O 128 -15.78 21.76 -15.56
N GLY O 129 -14.66 21.31 -16.10
CA GLY O 129 -14.56 20.04 -16.85
C GLY O 129 -14.04 18.93 -15.95
N LEU O 130 -14.61 17.73 -16.08
CA LEU O 130 -14.15 16.50 -15.40
C LEU O 130 -14.11 15.36 -16.41
N PHE O 131 -13.02 14.60 -16.37
CA PHE O 131 -12.74 13.50 -17.32
C PHE O 131 -12.37 12.25 -16.54
N ILE O 132 -13.00 11.13 -16.88
CA ILE O 132 -12.64 9.81 -16.30
C ILE O 132 -11.85 9.03 -17.33
N ILE O 133 -10.68 8.56 -16.91
CA ILE O 133 -9.66 7.90 -17.75
C ILE O 133 -9.31 6.57 -17.09
N ASP O 134 -9.37 5.46 -17.84
CA ASP O 134 -9.27 4.09 -17.28
C ASP O 134 -7.78 3.73 -17.09
N ASP O 135 -7.54 2.59 -16.45
CA ASP O 135 -6.20 2.04 -16.11
C ASP O 135 -5.33 1.90 -17.37
N LYS O 136 -5.91 1.86 -18.56
CA LYS O 136 -5.15 1.71 -19.83
C LYS O 136 -4.97 3.09 -20.50
N GLY O 137 -5.42 4.17 -19.87
CA GLY O 137 -5.25 5.55 -20.36
C GLY O 137 -6.27 5.95 -21.41
N ILE O 138 -7.42 5.28 -21.44
CA ILE O 138 -8.52 5.53 -22.42
C ILE O 138 -9.57 6.41 -21.76
N LEU O 139 -10.02 7.44 -22.47
CA LEU O 139 -11.05 8.38 -21.98
C LEU O 139 -12.39 7.66 -22.01
N ARG O 140 -13.13 7.69 -20.91
CA ARG O 140 -14.40 6.94 -20.77
C ARG O 140 -15.58 7.89 -20.56
N GLN O 141 -15.32 9.06 -19.97
CA GLN O 141 -16.39 9.99 -19.56
C GLN O 141 -15.94 11.44 -19.74
N ILE O 142 -16.86 12.28 -20.23
CA ILE O 142 -16.68 13.75 -20.34
C ILE O 142 -17.82 14.42 -19.58
N THR O 143 -17.49 15.22 -18.58
CA THR O 143 -18.41 16.13 -17.86
C THR O 143 -17.88 17.55 -18.01
N VAL O 144 -18.69 18.49 -18.50
CA VAL O 144 -18.33 19.93 -18.57
C VAL O 144 -19.51 20.79 -18.15
N ASN O 145 -19.36 21.49 -17.03
CA ASN O 145 -20.40 22.41 -16.47
C ASN O 145 -20.00 23.85 -16.79
N ASP O 146 -20.97 24.69 -17.15
CA ASP O 146 -20.81 26.18 -17.11
C ASP O 146 -20.36 26.53 -15.69
N LEU O 147 -19.77 27.73 -15.53
CA LEU O 147 -18.95 28.13 -14.36
C LEU O 147 -19.73 28.03 -13.04
N PRO O 148 -21.01 28.44 -12.94
CA PRO O 148 -21.67 28.51 -11.64
C PRO O 148 -22.13 27.20 -10.98
N VAL O 149 -21.95 26.05 -11.61
CA VAL O 149 -22.52 24.76 -11.09
C VAL O 149 -21.40 23.74 -10.91
N GLY O 150 -21.30 23.20 -9.69
CA GLY O 150 -20.19 22.32 -9.28
C GLY O 150 -20.48 20.86 -9.58
N ARG O 151 -19.52 20.00 -9.26
CA ARG O 151 -19.55 18.55 -9.56
C ARG O 151 -19.75 17.80 -8.26
N SER O 152 -20.46 16.66 -8.30
CA SER O 152 -20.74 15.78 -7.14
C SER O 152 -19.64 14.74 -6.99
N VAL O 153 -19.08 14.58 -5.80
CA VAL O 153 -18.10 13.48 -5.56
C VAL O 153 -18.84 12.14 -5.70
N ASP O 154 -20.10 12.06 -5.26
CA ASP O 154 -20.88 10.80 -5.31
C ASP O 154 -21.07 10.38 -6.77
N GLU O 155 -21.54 11.28 -7.63
CA GLU O 155 -21.78 10.97 -9.06
C GLU O 155 -20.44 10.54 -9.69
N THR O 156 -19.33 11.16 -9.31
CA THR O 156 -18.00 10.79 -9.83
C THR O 156 -17.68 9.37 -9.39
N LEU O 157 -17.88 9.02 -8.12
CA LEU O 157 -17.62 7.64 -7.62
C LEU O 157 -18.54 6.68 -8.38
N ARG O 158 -19.82 7.01 -8.55
CA ARG O 158 -20.77 6.13 -9.29
C ARG O 158 -20.18 5.75 -10.65
N LEU O 159 -19.71 6.74 -11.40
CA LEU O 159 -19.12 6.55 -12.76
C LEU O 159 -17.88 5.66 -12.65
N VAL O 160 -16.96 5.97 -11.74
CA VAL O 160 -15.71 5.18 -11.63
C VAL O 160 -16.07 3.71 -11.33
N GLN O 161 -16.98 3.45 -10.40
CA GLN O 161 -17.36 2.06 -9.99
C GLN O 161 -17.99 1.37 -11.20
N ALA O 162 -18.87 2.08 -11.93
CA ALA O 162 -19.61 1.53 -13.08
C ALA O 162 -18.65 1.12 -14.19
N PHE O 163 -17.71 1.99 -14.55
CA PHE O 163 -16.71 1.71 -15.60
C PHE O 163 -15.85 0.54 -15.15
N GLN O 164 -15.51 0.49 -13.87
CA GLN O 164 -14.61 -0.55 -13.30
C GLN O 164 -15.35 -1.89 -13.32
N PHE O 165 -16.63 -1.89 -12.95
CA PHE O 165 -17.51 -3.09 -13.00
C PHE O 165 -17.41 -3.71 -14.40
N THR O 166 -17.66 -2.90 -15.44
CA THR O 166 -17.74 -3.37 -16.84
C THR O 166 -16.35 -3.81 -17.30
N ASP O 167 -15.32 -3.04 -16.96
CA ASP O 167 -13.89 -3.38 -17.18
C ASP O 167 -13.58 -4.75 -16.63
N LYS O 168 -14.03 -5.07 -15.41
CA LYS O 168 -13.65 -6.31 -14.67
C LYS O 168 -14.29 -7.53 -15.37
N HIS O 169 -15.56 -7.47 -15.77
CA HIS O 169 -16.27 -8.60 -16.44
C HIS O 169 -15.86 -8.64 -17.94
N GLY O 170 -14.71 -8.11 -18.27
CA GLY O 170 -14.06 -8.25 -19.59
C GLY O 170 -12.70 -8.86 -19.46
N GLU O 171 -12.29 -9.26 -18.24
CA GLU O 171 -11.07 -10.08 -18.00
C GLU O 171 -11.55 -11.53 -18.02
N VAL O 172 -11.76 -12.13 -19.20
CA VAL O 172 -12.65 -13.34 -19.29
C VAL O 172 -11.88 -14.52 -19.92
N SER O 173 -12.06 -15.68 -19.29
CA SER O 173 -11.62 -17.01 -19.78
C SER O 173 -12.78 -17.61 -20.55
N PRO O 174 -12.51 -18.47 -21.58
CA PRO O 174 -13.59 -19.23 -22.20
C PRO O 174 -14.46 -19.90 -21.14
N ALA O 175 -15.72 -20.17 -21.48
CA ALA O 175 -16.74 -20.77 -20.59
C ALA O 175 -16.38 -22.21 -20.19
N GLY O 176 -15.73 -23.00 -21.07
CA GLY O 176 -15.49 -24.44 -20.83
C GLY O 176 -16.78 -25.27 -20.96
N TRP O 177 -17.86 -24.63 -21.36
CA TRP O 177 -19.22 -25.16 -21.58
C TRP O 177 -19.60 -24.89 -23.02
N LYS O 178 -20.38 -25.78 -23.62
CA LYS O 178 -20.89 -25.66 -25.00
C LYS O 178 -22.31 -26.20 -24.99
N PRO O 179 -23.23 -25.63 -25.81
CA PRO O 179 -24.58 -26.17 -25.93
C PRO O 179 -24.56 -27.44 -26.79
N GLY O 180 -25.62 -28.24 -26.79
CA GLY O 180 -25.56 -29.60 -27.37
C GLY O 180 -26.77 -30.38 -26.96
N SER O 181 -26.86 -31.64 -27.38
CA SER O 181 -27.96 -32.57 -27.01
C SER O 181 -28.24 -32.50 -25.51
N ASP O 182 -27.18 -32.57 -24.70
CA ASP O 182 -27.21 -32.75 -23.21
C ASP O 182 -27.75 -31.49 -22.52
N THR O 183 -27.72 -30.33 -23.16
CA THR O 183 -28.07 -29.01 -22.55
C THR O 183 -29.47 -28.53 -23.00
N ILE O 184 -30.09 -29.18 -23.98
CA ILE O 184 -31.41 -28.76 -24.53
C ILE O 184 -32.50 -29.10 -23.51
N LYS O 185 -33.45 -28.17 -23.30
CA LYS O 185 -34.67 -28.36 -22.49
C LYS O 185 -35.76 -28.95 -23.38
N PRO O 186 -36.31 -30.15 -23.02
CA PRO O 186 -37.32 -30.81 -23.84
C PRO O 186 -38.72 -30.22 -23.62
N SER P 2 15.38 43.23 -69.85
CA SER P 2 15.69 44.68 -70.12
C SER P 2 16.83 45.16 -69.21
N SER P 3 16.52 45.65 -67.99
CA SER P 3 17.49 45.98 -66.91
C SER P 3 16.75 46.12 -65.57
N GLY P 4 16.36 44.99 -64.95
CA GLY P 4 15.73 44.90 -63.62
C GLY P 4 14.28 45.38 -63.62
N ASN P 5 13.91 46.31 -64.52
CA ASN P 5 12.69 47.16 -64.43
C ASN P 5 12.77 48.41 -65.33
N ALA P 6 13.98 48.78 -65.75
CA ALA P 6 14.26 49.88 -66.70
C ALA P 6 14.28 49.30 -68.11
N LYS P 7 13.33 49.71 -68.94
CA LYS P 7 13.13 49.16 -70.30
C LYS P 7 13.40 50.27 -71.29
N ILE P 8 14.25 50.01 -72.29
CA ILE P 8 14.49 50.96 -73.41
C ILE P 8 13.14 51.27 -74.04
N GLY P 9 12.85 52.55 -74.26
CA GLY P 9 11.65 53.00 -74.99
C GLY P 9 10.46 53.21 -74.07
N HIS P 10 10.45 52.65 -72.86
CA HIS P 10 9.41 52.91 -71.83
C HIS P 10 9.92 54.00 -70.90
N PRO P 11 9.05 54.63 -70.07
CA PRO P 11 9.50 55.69 -69.17
C PRO P 11 10.48 55.14 -68.13
N ALA P 12 11.60 55.83 -67.92
CA ALA P 12 12.62 55.47 -66.91
C ALA P 12 11.93 55.34 -65.56
N PRO P 13 12.29 54.34 -64.72
CA PRO P 13 11.71 54.22 -63.39
C PRO P 13 11.95 55.50 -62.60
N ASN P 14 10.89 56.06 -62.03
CA ASN P 14 10.96 57.27 -61.20
C ASN P 14 11.58 56.88 -59.86
N PHE P 15 12.37 57.79 -59.29
CA PHE P 15 12.83 57.72 -57.89
C PHE P 15 12.50 59.05 -57.23
N LYS P 16 12.20 59.04 -55.95
CA LYS P 16 12.31 60.22 -55.07
C LYS P 16 13.41 59.89 -54.06
N ALA P 17 14.40 60.76 -53.89
CA ALA P 17 15.56 60.53 -53.02
C ALA P 17 16.17 61.86 -52.57
N THR P 18 16.81 61.85 -51.40
CA THR P 18 17.59 63.02 -50.89
C THR P 18 18.89 63.06 -51.67
N ALA P 19 19.22 64.23 -52.24
CA ALA P 19 20.49 64.44 -52.95
C ALA P 19 21.27 65.54 -52.26
N VAL P 20 22.59 65.50 -52.39
CA VAL P 20 23.49 66.64 -52.08
C VAL P 20 23.65 67.42 -53.38
N MET P 21 23.05 68.61 -53.42
CA MET P 21 23.13 69.53 -54.59
C MET P 21 24.53 70.17 -54.63
N PRO P 22 24.89 70.84 -55.73
CA PRO P 22 26.25 71.35 -55.89
C PRO P 22 26.56 72.51 -54.94
N ASP P 23 25.53 73.22 -54.48
CA ASP P 23 25.64 74.34 -53.51
C ASP P 23 25.90 73.82 -52.08
N GLY P 24 25.86 72.49 -51.85
CA GLY P 24 26.14 71.88 -50.53
C GLY P 24 24.90 71.74 -49.65
N GLN P 25 23.71 72.02 -50.19
CA GLN P 25 22.40 71.84 -49.51
C GLN P 25 21.89 70.42 -49.78
N PHE P 26 20.98 69.93 -48.95
CA PHE P 26 20.17 68.71 -49.18
C PHE P 26 18.81 69.10 -49.77
N LYS P 27 18.45 68.50 -50.89
CA LYS P 27 17.13 68.68 -51.54
C LYS P 27 16.53 67.29 -51.79
N ASP P 28 15.20 67.19 -51.74
CA ASP P 28 14.48 65.94 -52.09
C ASP P 28 14.10 66.04 -53.56
N ILE P 29 14.78 65.32 -54.45
CA ILE P 29 14.55 65.41 -55.92
C ILE P 29 13.91 64.12 -56.42
N SER P 30 13.21 64.21 -57.55
CA SER P 30 12.64 63.09 -58.32
C SER P 30 13.16 63.17 -59.75
N LEU P 31 13.30 62.04 -60.44
CA LEU P 31 13.70 62.02 -61.86
C LEU P 31 12.70 62.86 -62.66
N SER P 32 11.41 62.74 -62.31
CA SER P 32 10.29 63.45 -62.96
C SER P 32 10.45 64.97 -62.80
N ASP P 33 11.18 65.44 -61.79
CA ASP P 33 11.49 66.89 -61.64
C ASP P 33 12.22 67.40 -62.89
N TYR P 34 12.87 66.52 -63.67
CA TYR P 34 13.80 66.92 -64.77
C TYR P 34 13.17 66.68 -66.16
N LYS P 35 11.86 66.41 -66.24
CA LYS P 35 11.15 66.40 -67.55
C LYS P 35 11.44 67.75 -68.20
N GLY P 36 11.66 67.77 -69.51
CA GLY P 36 12.07 68.94 -70.28
C GLY P 36 13.56 68.97 -70.50
N LYS P 37 14.32 68.21 -69.71
CA LYS P 37 15.79 68.06 -69.91
C LYS P 37 16.09 66.59 -70.16
N TYR P 38 17.13 66.33 -70.96
CA TYR P 38 17.82 65.02 -71.04
C TYR P 38 18.50 64.80 -69.70
N VAL P 39 18.53 63.56 -69.21
CA VAL P 39 19.19 63.20 -67.93
C VAL P 39 20.21 62.10 -68.22
N VAL P 40 21.45 62.34 -67.83
CA VAL P 40 22.47 61.28 -67.68
C VAL P 40 22.49 60.91 -66.21
N PHE P 41 21.87 59.78 -65.86
CA PHE P 41 21.78 59.23 -64.48
C PHE P 41 22.79 58.11 -64.36
N PHE P 42 23.80 58.27 -63.50
CA PHE P 42 24.89 57.26 -63.38
C PHE P 42 25.07 56.88 -61.92
N PHE P 43 25.15 55.56 -61.69
CA PHE P 43 25.48 54.93 -60.40
C PHE P 43 26.98 54.71 -60.33
N TYR P 44 27.56 54.83 -59.13
CA TYR P 44 28.92 54.36 -58.80
C TYR P 44 28.80 53.53 -57.52
N PRO P 45 29.74 52.60 -57.25
CA PRO P 45 29.55 51.63 -56.18
C PRO P 45 29.44 52.29 -54.80
N LEU P 46 30.52 52.95 -54.35
CA LEU P 46 30.69 53.43 -52.95
C LEU P 46 31.49 54.74 -52.88
N ASP P 47 31.07 55.63 -51.97
CA ASP P 47 31.84 56.80 -51.49
C ASP P 47 33.00 56.29 -50.62
N PHE P 48 34.08 57.08 -50.61
CA PHE P 48 35.23 57.02 -49.67
C PHE P 48 36.06 55.75 -49.89
N THR P 49 36.02 55.14 -51.07
CA THR P 49 36.93 54.01 -51.41
C THR P 49 38.32 54.57 -51.67
N PHE P 50 39.28 53.68 -51.93
CA PHE P 50 40.72 54.05 -52.03
C PHE P 50 41.03 54.46 -53.48
N VAL P 51 40.05 54.45 -54.38
CA VAL P 51 40.24 54.79 -55.82
C VAL P 51 40.23 56.30 -55.95
N CYS P 52 41.12 56.87 -56.77
CA CYS P 52 41.04 58.28 -57.23
C CYS P 52 39.69 58.38 -57.94
N PRO P 53 38.73 59.20 -57.46
CA PRO P 53 37.40 59.23 -58.07
C PRO P 53 37.35 60.06 -59.36
N THR P 54 38.28 59.80 -60.30
CA THR P 54 38.55 60.67 -61.48
C THR P 54 37.32 60.66 -62.40
N GLU P 55 36.63 59.51 -62.45
CA GLU P 55 35.41 59.32 -63.27
C GLU P 55 34.34 60.34 -62.85
N ILE P 56 33.98 60.36 -61.58
CA ILE P 56 32.93 61.28 -61.04
C ILE P 56 33.39 62.71 -61.30
N ILE P 57 34.66 63.00 -61.09
CA ILE P 57 35.20 64.39 -61.20
C ILE P 57 35.09 64.85 -62.66
N ALA P 58 35.51 64.02 -63.61
CA ALA P 58 35.36 64.28 -65.06
C ALA P 58 33.93 64.76 -65.37
N PHE P 59 32.91 64.06 -64.90
CA PHE P 59 31.49 64.43 -65.17
C PHE P 59 31.19 65.78 -64.52
N SER P 60 31.69 66.01 -63.30
CA SER P 60 31.47 67.28 -62.57
C SER P 60 32.18 68.41 -63.32
N ASP P 61 33.47 68.24 -63.57
CA ASP P 61 34.32 69.21 -64.31
C ASP P 61 33.65 69.58 -65.62
N ARG P 62 33.14 68.63 -66.39
CA ARG P 62 32.65 68.92 -67.77
C ARG P 62 31.13 69.06 -67.77
N ALA P 63 30.53 69.39 -66.63
CA ALA P 63 29.06 69.52 -66.48
C ALA P 63 28.57 70.64 -67.39
N GLU P 64 29.40 71.66 -67.68
CA GLU P 64 29.07 72.79 -68.57
C GLU P 64 28.60 72.24 -69.93
N GLU P 65 29.34 71.25 -70.44
CA GLU P 65 29.15 70.71 -71.81
C GLU P 65 27.79 70.00 -71.89
N PHE P 66 27.33 69.44 -70.77
CA PHE P 66 26.00 68.77 -70.66
C PHE P 66 24.92 69.86 -70.54
N LYS P 67 25.18 70.93 -69.78
CA LYS P 67 24.21 72.03 -69.61
C LYS P 67 23.98 72.67 -70.98
N LYS P 68 25.06 72.88 -71.77
CA LYS P 68 25.01 73.38 -73.16
C LYS P 68 24.06 72.51 -73.99
N LEU P 69 24.00 71.20 -73.75
CA LEU P 69 23.13 70.25 -74.52
C LEU P 69 21.77 70.10 -73.82
N ASN P 70 21.45 71.01 -72.90
CA ASN P 70 20.15 71.02 -72.17
C ASN P 70 19.92 69.65 -71.50
N SER P 71 20.96 69.11 -70.88
CA SER P 71 20.90 67.82 -70.16
C SER P 71 21.53 67.98 -68.76
N GLN P 72 20.98 67.27 -67.78
CA GLN P 72 21.44 67.25 -66.37
C GLN P 72 22.14 65.93 -66.07
N VAL P 73 23.38 65.98 -65.61
CA VAL P 73 24.09 64.79 -65.06
C VAL P 73 23.71 64.64 -63.59
N ILE P 74 23.33 63.43 -63.18
CA ILE P 74 23.01 63.06 -61.77
C ILE P 74 23.79 61.79 -61.41
N GLY P 75 24.58 61.85 -60.34
CA GLY P 75 25.30 60.70 -59.75
C GLY P 75 24.48 60.06 -58.63
N ALA P 76 24.72 58.79 -58.35
CA ALA P 76 24.00 58.05 -57.29
C ALA P 76 24.88 56.92 -56.75
N SER P 77 24.73 56.65 -55.46
CA SER P 77 25.24 55.43 -54.80
C SER P 77 24.35 55.13 -53.60
N VAL P 78 24.60 54.01 -52.94
CA VAL P 78 23.76 53.52 -51.81
C VAL P 78 24.14 54.24 -50.51
N ASP P 79 25.19 55.06 -50.52
CA ASP P 79 25.69 55.79 -49.31
C ASP P 79 24.63 56.83 -48.93
N SER P 80 24.48 57.13 -47.62
CA SER P 80 23.57 58.19 -47.09
C SER P 80 23.96 59.56 -47.65
N HIS P 81 23.03 60.50 -47.64
CA HIS P 81 23.30 61.89 -48.07
C HIS P 81 24.35 62.51 -47.16
N PHE P 82 24.36 62.14 -45.88
CA PHE P 82 25.36 62.62 -44.90
C PHE P 82 26.76 62.26 -45.40
N VAL P 83 26.89 61.07 -45.97
CA VAL P 83 28.19 60.51 -46.44
C VAL P 83 28.58 61.28 -47.70
N HIS P 84 27.66 61.43 -48.65
CA HIS P 84 27.89 62.21 -49.89
C HIS P 84 28.47 63.58 -49.50
N LEU P 85 27.81 64.26 -48.56
CA LEU P 85 28.22 65.62 -48.13
C LEU P 85 29.64 65.56 -47.57
N ALA P 86 29.90 64.62 -46.67
CA ALA P 86 31.23 64.43 -46.05
C ALA P 86 32.29 64.20 -47.14
N TRP P 87 31.95 63.44 -48.18
CA TRP P 87 32.91 63.07 -49.24
C TRP P 87 33.24 64.30 -50.09
N VAL P 88 32.22 65.12 -50.36
CA VAL P 88 32.35 66.40 -51.12
C VAL P 88 33.29 67.32 -50.34
N ASN P 89 33.06 67.46 -49.03
CA ASN P 89 33.77 68.41 -48.14
C ASN P 89 35.11 67.82 -47.68
N THR P 90 35.45 66.61 -48.09
CA THR P 90 36.82 66.07 -47.94
C THR P 90 37.62 66.44 -49.18
N PRO P 91 38.71 67.20 -49.08
CA PRO P 91 39.48 67.63 -50.25
C PRO P 91 40.14 66.44 -50.96
N LYS P 92 40.33 66.55 -52.28
CA LYS P 92 40.91 65.48 -53.14
C LYS P 92 42.23 65.03 -52.52
N LYS P 93 43.08 65.99 -52.11
CA LYS P 93 44.45 65.78 -51.56
C LYS P 93 44.43 64.68 -50.47
N GLN P 94 43.30 64.48 -49.78
CA GLN P 94 43.16 63.48 -48.69
C GLN P 94 42.30 62.28 -49.10
N GLY P 95 42.11 62.07 -50.41
CA GLY P 95 41.32 60.95 -50.98
C GLY P 95 39.82 61.18 -50.86
N GLY P 96 39.40 62.44 -50.84
CA GLY P 96 37.99 62.85 -50.96
C GLY P 96 37.65 63.17 -52.40
N LEU P 97 36.51 63.81 -52.61
CA LEU P 97 35.89 64.07 -53.94
C LEU P 97 36.06 65.53 -54.36
N GLY P 98 36.07 66.42 -53.38
CA GLY P 98 36.11 67.87 -53.64
C GLY P 98 34.72 68.34 -54.05
N PRO P 99 34.54 69.63 -54.38
CA PRO P 99 33.22 70.19 -54.64
C PRO P 99 32.72 69.65 -55.98
N MET P 100 31.40 69.64 -56.17
CA MET P 100 30.71 68.97 -57.30
C MET P 100 29.81 69.99 -58.00
N ASN P 101 29.71 69.89 -59.33
CA ASN P 101 28.79 70.69 -60.17
C ASN P 101 27.55 69.87 -60.50
N ILE P 102 27.48 68.63 -60.00
CA ILE P 102 26.33 67.72 -60.23
C ILE P 102 25.76 67.30 -58.87
N PRO P 103 24.44 67.05 -58.81
CA PRO P 103 23.83 66.50 -57.61
C PRO P 103 24.23 65.03 -57.44
N LEU P 104 24.36 64.59 -56.18
CA LEU P 104 24.64 63.18 -55.82
C LEU P 104 23.43 62.62 -55.06
N VAL P 105 22.76 61.64 -55.66
CA VAL P 105 21.55 60.98 -55.11
C VAL P 105 21.99 59.88 -54.14
N SER P 106 21.27 59.79 -53.03
CA SER P 106 21.45 58.80 -51.95
C SER P 106 20.36 57.73 -52.10
N ASP P 107 20.74 56.46 -52.18
CA ASP P 107 19.82 55.31 -52.38
C ASP P 107 20.02 54.29 -51.26
N PRO P 108 19.64 54.60 -50.00
CA PRO P 108 19.98 53.73 -48.87
C PRO P 108 19.09 52.48 -48.84
N LYS P 109 17.87 52.56 -49.38
CA LYS P 109 16.97 51.39 -49.42
C LYS P 109 17.36 50.45 -50.57
N ARG P 110 18.27 50.87 -51.45
CA ARG P 110 18.79 50.08 -52.60
C ARG P 110 17.65 49.79 -53.61
N THR P 111 16.53 50.50 -53.51
CA THR P 111 15.34 50.33 -54.39
C THR P 111 15.63 50.89 -55.78
N ILE P 112 16.35 52.02 -55.85
CA ILE P 112 16.68 52.72 -57.12
C ILE P 112 17.66 51.84 -57.90
N ALA P 113 18.73 51.39 -57.25
CA ALA P 113 19.70 50.46 -57.84
C ALA P 113 18.97 49.23 -58.37
N GLN P 114 17.99 48.74 -57.63
CA GLN P 114 17.27 47.49 -58.01
C GLN P 114 16.37 47.77 -59.22
N ASP P 115 15.66 48.89 -59.22
CA ASP P 115 14.79 49.31 -60.35
C ASP P 115 15.60 49.41 -61.64
N TYR P 116 16.84 49.93 -61.59
CA TYR P 116 17.70 50.14 -62.77
C TYR P 116 18.55 48.88 -63.05
N GLY P 117 18.41 47.87 -62.20
CA GLY P 117 18.93 46.51 -62.42
C GLY P 117 20.44 46.46 -62.27
N VAL P 118 20.98 47.29 -61.38
CA VAL P 118 22.45 47.47 -61.21
C VAL P 118 22.84 47.18 -59.77
N LEU P 119 21.95 46.61 -58.96
CA LEU P 119 22.28 46.21 -57.56
C LEU P 119 23.05 44.90 -57.62
N LYS P 120 24.30 44.91 -57.15
CA LYS P 120 25.10 43.70 -56.82
C LYS P 120 24.60 43.20 -55.46
N ALA P 121 23.76 42.17 -55.45
CA ALA P 121 22.96 41.72 -54.29
C ALA P 121 23.87 41.42 -53.10
N ASP P 122 24.94 40.67 -53.36
CA ASP P 122 25.80 40.03 -52.33
C ASP P 122 26.58 41.09 -51.56
N GLU P 123 26.91 42.24 -52.16
CA GLU P 123 27.72 43.30 -51.50
C GLU P 123 26.85 44.52 -51.15
N GLY P 124 25.62 44.59 -51.67
CA GLY P 124 24.63 45.66 -51.40
C GLY P 124 25.04 47.01 -51.99
N ILE P 125 25.59 47.01 -53.20
CA ILE P 125 26.14 48.22 -53.89
C ILE P 125 25.77 48.16 -55.38
N SER P 126 25.71 49.34 -56.02
CA SER P 126 25.49 49.54 -57.46
C SER P 126 26.72 49.09 -58.25
N PHE P 127 26.52 48.43 -59.39
CA PHE P 127 27.54 48.36 -60.46
C PHE P 127 27.73 49.76 -61.04
N ARG P 128 28.66 49.91 -61.99
CA ARG P 128 28.93 51.18 -62.70
C ARG P 128 27.92 51.30 -63.84
N GLY P 129 26.68 51.67 -63.49
CA GLY P 129 25.57 51.79 -64.45
C GLY P 129 25.38 53.25 -64.85
N LEU P 130 25.10 53.47 -66.14
CA LEU P 130 24.77 54.82 -66.68
C LEU P 130 23.56 54.68 -67.59
N PHE P 131 22.62 55.59 -67.44
CA PHE P 131 21.33 55.58 -68.16
C PHE P 131 21.09 56.95 -68.77
N ILE P 132 20.75 56.96 -70.07
CA ILE P 132 20.36 58.23 -70.75
C ILE P 132 18.84 58.25 -70.90
N ILE P 133 18.24 59.33 -70.42
CA ILE P 133 16.77 59.52 -70.33
C ILE P 133 16.42 60.84 -71.03
N ASP P 134 15.46 60.83 -71.95
CA ASP P 134 15.19 61.98 -72.85
C ASP P 134 14.27 62.99 -72.12
N ASP P 135 14.06 64.14 -72.74
CA ASP P 135 13.26 65.29 -72.22
C ASP P 135 11.83 64.84 -71.86
N LYS P 136 11.35 63.72 -72.40
CA LYS P 136 9.98 63.22 -72.13
C LYS P 136 10.02 62.11 -71.05
N GLY P 137 11.19 61.83 -70.49
CA GLY P 137 11.37 60.85 -69.38
C GLY P 137 11.44 59.41 -69.87
N ILE P 138 11.79 59.20 -71.13
CA ILE P 138 11.88 57.85 -71.75
C ILE P 138 13.34 57.39 -71.74
N LEU P 139 13.58 56.14 -71.35
CA LEU P 139 14.93 55.56 -71.30
C LEU P 139 15.38 55.28 -72.72
N ARG P 140 16.59 55.74 -73.09
CA ARG P 140 17.10 55.63 -74.48
C ARG P 140 18.35 54.75 -74.52
N GLN P 141 19.12 54.70 -73.44
CA GLN P 141 20.43 54.02 -73.43
C GLN P 141 20.68 53.36 -72.07
N ILE P 142 21.26 52.17 -72.08
CA ILE P 142 21.71 51.44 -70.87
C ILE P 142 23.20 51.11 -71.06
N THR P 143 24.03 51.60 -70.15
CA THR P 143 25.46 51.22 -70.02
C THR P 143 25.65 50.65 -68.61
N VAL P 144 26.20 49.44 -68.50
CA VAL P 144 26.56 48.85 -67.18
C VAL P 144 27.93 48.17 -67.29
N ASN P 145 28.91 48.70 -66.54
CA ASN P 145 30.29 48.15 -66.48
C ASN P 145 30.45 47.39 -65.16
N ASP P 146 31.14 46.25 -65.19
CA ASP P 146 31.70 45.63 -63.94
C ASP P 146 32.55 46.69 -63.25
N LEU P 147 32.84 46.49 -61.97
CA LEU P 147 33.33 47.53 -61.04
C LEU P 147 34.64 48.16 -61.49
N PRO P 148 35.64 47.43 -62.01
CA PRO P 148 36.95 48.02 -62.28
C PRO P 148 37.10 48.96 -63.50
N VAL P 149 36.06 49.16 -64.30
CA VAL P 149 36.18 49.92 -65.59
C VAL P 149 35.22 51.10 -65.60
N GLY P 150 35.75 52.29 -65.83
CA GLY P 150 34.99 53.56 -65.73
C GLY P 150 34.34 53.94 -67.04
N ARG P 151 33.63 55.05 -67.02
CA ARG P 151 32.82 55.55 -68.16
C ARG P 151 33.53 56.78 -68.75
N SER P 152 33.41 56.99 -70.06
CA SER P 152 33.99 58.14 -70.80
C SER P 152 32.98 59.29 -70.84
N VAL P 153 33.39 60.50 -70.49
CA VAL P 153 32.49 61.68 -70.63
C VAL P 153 32.24 61.90 -72.13
N ASP P 154 33.24 61.69 -72.97
CA ASP P 154 33.11 61.92 -74.43
C ASP P 154 32.04 60.98 -75.01
N GLU P 155 32.14 59.68 -74.73
CA GLU P 155 31.18 58.68 -75.25
C GLU P 155 29.78 59.05 -74.75
N THR P 156 29.66 59.53 -73.52
CA THR P 156 28.34 59.94 -72.96
C THR P 156 27.83 61.13 -73.78
N LEU P 157 28.66 62.14 -74.03
CA LEU P 157 28.23 63.32 -74.85
C LEU P 157 27.84 62.84 -76.25
N ARG P 158 28.64 61.95 -76.87
CA ARG P 158 28.31 61.42 -78.22
C ARG P 158 26.87 60.89 -78.24
N LEU P 159 26.51 60.06 -77.27
CA LEU P 159 25.18 59.43 -77.15
C LEU P 159 24.12 60.53 -76.97
N VAL P 160 24.33 61.48 -76.05
CA VAL P 160 23.31 62.53 -75.79
C VAL P 160 23.09 63.32 -77.09
N GLN P 161 24.15 63.72 -77.79
CA GLN P 161 24.05 64.53 -79.04
C GLN P 161 23.30 63.71 -80.09
N ALA P 162 23.62 62.43 -80.21
CA ALA P 162 23.04 61.52 -81.23
C ALA P 162 21.54 61.36 -80.99
N PHE P 163 21.12 61.11 -79.76
CA PHE P 163 19.69 60.95 -79.41
C PHE P 163 18.97 62.27 -79.68
N GLN P 164 19.63 63.38 -79.36
CA GLN P 164 19.04 64.73 -79.49
C GLN P 164 18.91 65.07 -80.97
N PHE P 165 19.91 64.74 -81.78
CA PHE P 165 19.89 64.91 -83.25
C PHE P 165 18.62 64.25 -83.80
N THR P 166 18.40 62.98 -83.47
CA THR P 166 17.28 62.17 -84.02
C THR P 166 15.95 62.74 -83.49
N ASP P 167 15.90 63.08 -82.19
CA ASP P 167 14.76 63.76 -81.54
C ASP P 167 14.38 65.01 -82.34
N LYS P 168 15.36 65.83 -82.72
CA LYS P 168 15.15 67.16 -83.34
C LYS P 168 14.56 67.00 -84.75
N HIS P 169 15.06 66.07 -85.58
CA HIS P 169 14.57 65.83 -86.97
C HIS P 169 13.27 64.98 -86.91
N GLY P 170 12.55 65.05 -85.80
CA GLY P 170 11.17 64.56 -85.67
C GLY P 170 10.20 65.68 -85.35
N GLU P 171 10.71 66.92 -85.21
CA GLU P 171 9.88 68.15 -85.17
C GLU P 171 9.89 68.69 -86.60
N VAL P 172 9.11 68.11 -87.50
CA VAL P 172 9.17 68.38 -88.95
C VAL P 172 7.75 68.67 -89.44
N SER P 173 7.67 69.67 -90.34
CA SER P 173 6.43 70.06 -91.06
C SER P 173 6.42 69.30 -92.39
N PRO P 174 5.22 69.01 -92.97
CA PRO P 174 5.15 68.46 -94.31
C PRO P 174 6.04 69.27 -95.28
N ALA P 175 6.50 68.61 -96.34
CA ALA P 175 7.62 69.08 -97.18
C ALA P 175 7.25 70.32 -98.00
N GLY P 176 5.98 70.49 -98.42
CA GLY P 176 5.58 71.57 -99.36
C GLY P 176 6.06 71.29 -100.78
N TRP P 177 6.60 70.10 -100.99
CA TRP P 177 6.97 69.46 -102.29
C TRP P 177 6.17 68.18 -102.43
N LYS P 178 5.85 67.81 -103.66
CA LYS P 178 5.13 66.56 -104.03
C LYS P 178 5.75 66.05 -105.32
N PRO P 179 5.85 64.73 -105.54
CA PRO P 179 6.36 64.20 -106.80
C PRO P 179 5.27 64.31 -107.87
N GLY P 180 5.62 64.12 -109.15
CA GLY P 180 4.68 64.43 -110.25
C GLY P 180 5.41 64.51 -111.56
N SER P 181 4.72 64.84 -112.64
CA SER P 181 5.29 64.99 -114.01
C SER P 181 6.60 65.80 -113.93
N ASP P 182 6.57 66.93 -113.23
CA ASP P 182 7.61 67.98 -113.23
C ASP P 182 8.87 67.51 -112.51
N THR P 183 8.78 66.49 -111.65
CA THR P 183 9.91 66.02 -110.78
C THR P 183 10.56 64.74 -111.33
N ILE P 184 9.95 64.07 -112.32
CA ILE P 184 10.43 62.75 -112.81
C ILE P 184 11.72 62.94 -113.62
N LYS P 185 12.73 62.10 -113.39
CA LYS P 185 13.97 62.01 -114.22
C LYS P 185 13.72 60.95 -115.27
N PRO P 186 13.84 61.23 -116.58
CA PRO P 186 14.11 60.16 -117.56
C PRO P 186 15.58 59.67 -117.48
N ASP P 187 15.96 58.60 -118.19
CA ASP P 187 17.25 57.86 -117.96
C ASP P 187 18.05 57.54 -119.25
N VAL P 188 19.34 57.18 -119.09
CA VAL P 188 20.24 56.48 -120.09
C VAL P 188 21.00 55.39 -119.35
N SER Q 2 18.95 42.76 -64.26
CA SER Q 2 20.30 42.66 -64.96
C SER Q 2 20.15 43.00 -66.45
N SER Q 3 19.85 42.00 -67.31
CA SER Q 3 19.51 42.17 -68.75
C SER Q 3 18.85 40.87 -69.28
N GLY Q 4 17.58 40.64 -68.93
CA GLY Q 4 16.74 39.52 -69.42
C GLY Q 4 17.14 38.18 -68.83
N ASN Q 5 18.42 38.00 -68.45
CA ASN Q 5 19.07 36.67 -68.22
C ASN Q 5 20.61 36.77 -68.23
N ALA Q 6 21.15 37.83 -68.82
CA ALA Q 6 22.59 38.16 -68.85
C ALA Q 6 22.92 39.03 -67.65
N LYS Q 7 23.74 38.52 -66.75
CA LYS Q 7 24.07 39.20 -65.47
C LYS Q 7 25.56 39.52 -65.50
N ILE Q 8 25.91 40.77 -65.22
CA ILE Q 8 27.32 41.20 -65.04
C ILE Q 8 27.95 40.30 -63.98
N GLY Q 9 29.12 39.74 -64.28
CA GLY Q 9 29.92 38.97 -63.31
C GLY Q 9 29.59 37.50 -63.33
N HIS Q 10 28.43 37.09 -63.87
CA HIS Q 10 28.05 35.67 -64.05
C HIS Q 10 28.40 35.27 -65.49
N PRO Q 11 28.43 33.97 -65.83
CA PRO Q 11 28.76 33.55 -67.20
C PRO Q 11 27.69 34.04 -68.20
N ALA Q 12 28.14 34.62 -69.30
CA ALA Q 12 27.25 35.08 -70.40
C ALA Q 12 26.38 33.92 -70.84
N PRO Q 13 25.09 34.14 -71.15
CA PRO Q 13 24.24 33.06 -71.67
C PRO Q 13 24.86 32.48 -72.94
N ASN Q 14 25.02 31.16 -72.98
CA ASN Q 14 25.51 30.43 -74.17
C ASN Q 14 24.40 30.46 -75.23
N PHE Q 15 24.80 30.55 -76.49
CA PHE Q 15 23.92 30.28 -77.66
C PHE Q 15 24.63 29.28 -78.55
N LYS Q 16 23.87 28.42 -79.22
CA LYS Q 16 24.31 27.72 -80.44
C LYS Q 16 23.44 28.28 -81.57
N ALA Q 17 24.06 28.72 -82.67
CA ALA Q 17 23.35 29.32 -83.82
C ALA Q 17 24.14 29.16 -85.11
N THR Q 18 23.45 29.13 -86.24
CA THR Q 18 24.06 29.13 -87.58
C THR Q 18 24.54 30.55 -87.87
N ALA Q 19 25.81 30.69 -88.24
CA ALA Q 19 26.41 31.99 -88.60
C ALA Q 19 26.88 31.95 -90.03
N VAL Q 20 26.92 33.11 -90.68
CA VAL Q 20 27.66 33.34 -91.95
C VAL Q 20 29.05 33.80 -91.55
N MET Q 21 30.05 32.95 -91.74
CA MET Q 21 31.47 33.24 -91.46
C MET Q 21 32.00 34.18 -92.54
N PRO Q 22 33.19 34.77 -92.35
CA PRO Q 22 33.70 35.79 -93.26
C PRO Q 22 34.08 35.22 -94.63
N ASP Q 23 34.39 33.92 -94.69
CA ASP Q 23 34.73 33.19 -95.95
C ASP Q 23 33.47 32.92 -96.78
N GLY Q 24 32.26 33.21 -96.28
CA GLY Q 24 30.98 33.02 -97.00
C GLY Q 24 30.37 31.64 -96.81
N GLN Q 25 30.91 30.83 -95.89
CA GLN Q 25 30.39 29.50 -95.50
C GLN Q 25 29.40 29.68 -94.35
N PHE Q 26 28.51 28.71 -94.16
CA PHE Q 26 27.64 28.55 -92.96
C PHE Q 26 28.30 27.57 -91.97
N LYS Q 27 28.46 28.00 -90.73
CA LYS Q 27 29.01 27.18 -89.63
C LYS Q 27 28.06 27.26 -88.44
N ASP Q 28 27.96 26.21 -87.65
CA ASP Q 28 27.15 26.20 -86.40
C ASP Q 28 28.13 26.56 -85.26
N ILE Q 29 28.07 27.77 -84.72
CA ILE Q 29 29.01 28.23 -83.66
C ILE Q 29 28.26 28.39 -82.34
N SER Q 30 29.02 28.32 -81.24
CA SER Q 30 28.55 28.57 -79.86
C SER Q 30 29.44 29.63 -79.22
N LEU Q 31 28.91 30.42 -78.29
CA LEU Q 31 29.72 31.41 -77.53
C LEU Q 31 30.86 30.66 -76.85
N SER Q 32 30.57 29.48 -76.30
CA SER Q 32 31.52 28.61 -75.58
C SER Q 32 32.68 28.19 -76.50
N ASP Q 33 32.48 28.18 -77.82
CA ASP Q 33 33.56 27.90 -78.78
C ASP Q 33 34.70 28.91 -78.58
N TYR Q 34 34.44 30.09 -78.01
CA TYR Q 34 35.41 31.22 -77.97
C TYR Q 34 36.00 31.43 -76.57
N LYS Q 35 35.81 30.48 -75.63
CA LYS Q 35 36.55 30.52 -74.34
C LYS Q 35 38.03 30.62 -74.67
N GLY Q 36 38.79 31.42 -73.92
CA GLY Q 36 40.19 31.73 -74.21
C GLY Q 36 40.33 33.04 -74.94
N LYS Q 37 39.26 33.55 -75.53
CA LYS Q 37 39.23 34.89 -76.19
C LYS Q 37 38.17 35.73 -75.50
N TYR Q 38 38.41 37.04 -75.46
CA TYR Q 38 37.39 38.07 -75.18
C TYR Q 38 36.43 38.06 -76.37
N VAL Q 39 35.13 38.27 -76.12
CA VAL Q 39 34.11 38.33 -77.19
C VAL Q 39 33.37 39.67 -77.08
N VAL Q 40 33.35 40.42 -78.17
CA VAL Q 40 32.41 41.54 -78.36
C VAL Q 40 31.24 41.00 -79.17
N PHE Q 41 30.12 40.71 -78.51
CA PHE Q 41 28.88 40.18 -79.11
C PHE Q 41 27.89 41.32 -79.26
N PHE Q 42 27.52 41.68 -80.48
CA PHE Q 42 26.63 42.85 -80.71
C PHE Q 42 25.46 42.45 -81.61
N PHE Q 43 24.26 42.84 -81.18
CA PHE Q 43 23.00 42.71 -81.93
C PHE Q 43 22.77 43.99 -82.73
N TYR Q 44 22.17 43.85 -83.91
CA TYR Q 44 21.57 44.98 -84.68
C TYR Q 44 20.16 44.55 -85.07
N PRO Q 45 19.24 45.50 -85.34
CA PRO Q 45 17.83 45.17 -85.47
C PRO Q 45 17.55 44.22 -86.64
N LEU Q 46 17.82 44.68 -87.88
CA LEU Q 46 17.40 44.00 -89.14
C LEU Q 46 18.41 44.19 -90.27
N ASP Q 47 18.60 43.11 -91.05
CA ASP Q 47 19.26 43.14 -92.39
C ASP Q 47 18.34 43.84 -93.38
N PHE Q 48 18.95 44.47 -94.39
CA PHE Q 48 18.35 44.99 -95.64
C PHE Q 48 17.43 46.19 -95.35
N THR Q 49 17.62 46.91 -94.25
CA THR Q 49 16.90 48.19 -94.02
C THR Q 49 17.53 49.25 -94.92
N PHE Q 50 17.00 50.47 -94.92
CA PHE Q 50 17.39 51.54 -95.86
C PHE Q 50 18.55 52.34 -95.25
N VAL Q 51 19.04 51.97 -94.06
CA VAL Q 51 20.14 52.68 -93.36
C VAL Q 51 21.47 52.22 -93.97
N CYS Q 52 22.41 53.16 -94.21
CA CYS Q 52 23.83 52.82 -94.51
C CYS Q 52 24.31 52.02 -93.31
N PRO Q 53 24.69 50.74 -93.46
CA PRO Q 53 25.10 49.92 -92.33
C PRO Q 53 26.53 50.21 -91.82
N THR Q 54 26.85 51.48 -91.62
CA THR Q 54 28.24 51.98 -91.40
C THR Q 54 28.79 51.41 -90.08
N GLU Q 55 27.90 51.25 -89.11
CA GLU Q 55 28.22 50.70 -87.77
C GLU Q 55 28.79 49.29 -87.91
N ILE Q 56 28.05 48.39 -88.57
CA ILE Q 56 28.50 46.97 -88.76
C ILE Q 56 29.80 46.99 -89.54
N ILE Q 57 29.92 47.84 -90.55
CA ILE Q 57 31.11 47.87 -91.44
C ILE Q 57 32.33 48.29 -90.63
N ALA Q 58 32.22 49.36 -89.83
CA ALA Q 58 33.27 49.81 -88.90
C ALA Q 58 33.84 48.63 -88.10
N PHE Q 59 32.99 47.80 -87.49
CA PHE Q 59 33.44 46.64 -86.68
C PHE Q 59 34.15 45.64 -87.59
N SER Q 60 33.63 45.42 -88.80
CA SER Q 60 34.25 44.48 -89.78
C SER Q 60 35.61 45.04 -90.21
N ASP Q 61 35.63 46.28 -90.69
CA ASP Q 61 36.84 47.00 -91.14
C ASP Q 61 37.91 46.91 -90.06
N ARG Q 62 37.57 47.17 -88.79
CA ARG Q 62 38.59 47.30 -87.73
C ARG Q 62 38.70 46.01 -86.93
N ALA Q 63 38.30 44.87 -87.51
CA ALA Q 63 38.32 43.57 -86.83
C ALA Q 63 39.75 43.21 -86.44
N GLU Q 64 40.74 43.67 -87.22
CA GLU Q 64 42.18 43.36 -86.97
C GLU Q 64 42.55 43.88 -85.57
N GLU Q 65 42.05 45.06 -85.20
CA GLU Q 65 42.41 45.75 -83.93
C GLU Q 65 41.88 44.95 -82.75
N PHE Q 66 40.77 44.22 -82.94
CA PHE Q 66 40.18 43.31 -81.92
C PHE Q 66 40.98 42.01 -81.87
N LYS Q 67 41.41 41.51 -83.03
CA LYS Q 67 42.21 40.26 -83.11
C LYS Q 67 43.54 40.51 -82.38
N LYS Q 68 44.15 41.69 -82.59
CA LYS Q 68 45.38 42.14 -81.88
C LYS Q 68 45.16 42.07 -80.36
N LEU Q 69 43.94 42.35 -79.86
CA LEU Q 69 43.63 42.33 -78.41
C LEU Q 69 43.10 40.93 -78.02
N ASN Q 70 43.32 39.93 -78.84
CA ASN Q 70 42.91 38.52 -78.59
C ASN Q 70 41.41 38.47 -78.27
N SER Q 71 40.60 39.20 -79.02
CA SER Q 71 39.12 39.24 -78.88
C SER Q 71 38.46 39.03 -80.24
N GLN Q 72 37.32 38.35 -80.24
CA GLN Q 72 36.48 38.07 -81.45
C GLN Q 72 35.23 38.94 -81.43
N VAL Q 73 35.00 39.73 -82.49
CA VAL Q 73 33.72 40.46 -82.70
C VAL Q 73 32.75 39.50 -83.40
N ILE Q 74 31.52 39.41 -82.87
CA ILE Q 74 30.40 38.63 -83.47
C ILE Q 74 29.17 39.53 -83.54
N GLY Q 75 28.59 39.65 -84.74
CA GLY Q 75 27.31 40.34 -84.99
C GLY Q 75 26.15 39.37 -84.97
N ALA Q 76 24.94 39.86 -84.70
CA ALA Q 76 23.72 39.02 -84.63
C ALA Q 76 22.49 39.86 -84.97
N SER Q 77 21.52 39.22 -85.61
CA SER Q 77 20.14 39.72 -85.77
C SER Q 77 19.20 38.53 -85.90
N VAL Q 78 17.90 38.79 -85.93
CA VAL Q 78 16.85 37.75 -85.97
C VAL Q 78 16.67 37.20 -87.39
N ASP Q 79 17.34 37.80 -88.40
CA ASP Q 79 17.22 37.41 -89.83
C ASP Q 79 17.86 36.02 -89.97
N SER Q 80 17.34 35.19 -90.89
CA SER Q 80 17.88 33.84 -91.23
C SER Q 80 19.31 33.98 -91.75
N HIS Q 81 20.09 32.89 -91.67
CA HIS Q 81 21.46 32.87 -92.21
C HIS Q 81 21.42 33.09 -93.72
N PHE Q 82 20.37 32.62 -94.39
CA PHE Q 82 20.19 32.83 -95.84
C PHE Q 82 20.19 34.33 -96.15
N VAL Q 83 19.54 35.09 -95.27
CA VAL Q 83 19.36 36.56 -95.43
C VAL Q 83 20.72 37.22 -95.19
N HIS Q 84 21.40 36.86 -94.10
CA HIS Q 84 22.76 37.38 -93.79
C HIS Q 84 23.63 37.21 -95.03
N LEU Q 85 23.65 36.01 -95.61
CA LEU Q 85 24.49 35.69 -96.78
C LEU Q 85 24.11 36.62 -97.93
N ALA Q 86 22.82 36.71 -98.23
CA ALA Q 86 22.30 37.58 -99.31
C ALA Q 86 22.74 39.03 -99.08
N TRP Q 87 22.73 39.50 -97.84
CA TRP Q 87 23.04 40.90 -97.49
C TRP Q 87 24.53 41.16 -97.71
N VAL Q 88 25.37 40.19 -97.33
CA VAL Q 88 26.84 40.22 -97.53
C VAL Q 88 27.12 40.31 -99.02
N ASN Q 89 26.47 39.47 -99.83
CA ASN Q 89 26.73 39.33 -101.29
C ASN Q 89 25.97 40.40 -102.07
N THR Q 90 25.22 41.27 -101.41
CA THR Q 90 24.68 42.50 -102.03
C THR Q 90 25.71 43.61 -101.83
N PRO Q 91 26.26 44.20 -102.91
CA PRO Q 91 27.29 45.24 -102.77
C PRO Q 91 26.76 46.51 -102.10
N LYS Q 92 27.61 47.22 -101.38
CA LYS Q 92 27.25 48.46 -100.62
C LYS Q 92 26.51 49.41 -101.56
N LYS Q 93 27.05 49.60 -102.78
CA LYS Q 93 26.55 50.54 -103.83
C LYS Q 93 25.04 50.37 -104.02
N GLN Q 94 24.48 49.20 -103.77
CA GLN Q 94 23.03 48.89 -103.95
C GLN Q 94 22.30 48.77 -102.61
N GLY Q 95 22.88 49.29 -101.51
CA GLY Q 95 22.29 49.27 -100.15
C GLY Q 95 22.40 47.92 -99.48
N GLY Q 96 23.44 47.16 -99.84
CA GLY Q 96 23.85 45.93 -99.14
C GLY Q 96 24.94 46.23 -98.14
N LEU Q 97 25.59 45.18 -97.65
CA LEU Q 97 26.57 45.20 -96.53
C LEU Q 97 28.00 45.06 -97.06
N GLY Q 98 28.16 44.31 -98.14
CA GLY Q 98 29.49 43.98 -98.69
C GLY Q 98 30.11 42.88 -97.85
N PRO Q 99 31.35 42.45 -98.16
CA PRO Q 99 31.96 41.31 -97.50
C PRO Q 99 32.31 41.71 -96.07
N MET Q 100 32.42 40.70 -95.19
CA MET Q 100 32.56 40.89 -93.73
C MET Q 100 33.80 40.15 -93.24
N ASN Q 101 34.50 40.70 -92.25
CA ASN Q 101 35.64 40.08 -91.54
C ASN Q 101 35.16 39.49 -90.21
N ILE Q 102 33.87 39.61 -89.92
CA ILE Q 102 33.26 39.08 -88.66
C ILE Q 102 32.14 38.12 -89.02
N PRO Q 103 31.91 37.10 -88.19
CA PRO Q 103 30.78 36.21 -88.37
C PRO Q 103 29.46 36.95 -88.01
N LEU Q 104 28.38 36.61 -88.70
CA LEU Q 104 27.03 37.15 -88.44
C LEU Q 104 26.14 35.99 -87.99
N VAL Q 105 25.70 36.06 -86.74
CA VAL Q 105 24.85 35.02 -86.10
C VAL Q 105 23.39 35.28 -86.47
N SER Q 106 22.67 34.21 -86.75
CA SER Q 106 21.23 34.18 -87.10
C SER Q 106 20.47 33.70 -85.86
N ASP Q 107 19.49 34.48 -85.41
CA ASP Q 107 18.66 34.19 -84.19
C ASP Q 107 17.17 34.16 -84.58
N PRO Q 108 16.69 33.17 -85.34
CA PRO Q 108 15.34 33.20 -85.87
C PRO Q 108 14.30 32.87 -84.79
N LYS Q 109 14.68 32.10 -83.78
CA LYS Q 109 13.78 31.74 -82.66
C LYS Q 109 13.69 32.91 -81.67
N ARG Q 110 14.53 33.93 -81.81
CA ARG Q 110 14.55 35.14 -80.95
C ARG Q 110 14.90 34.79 -79.49
N THR Q 111 15.44 33.59 -79.25
CA THR Q 111 15.82 33.09 -77.90
C THR Q 111 17.08 33.81 -77.42
N ILE Q 112 18.02 34.07 -78.33
CA ILE Q 112 19.33 34.70 -78.00
C ILE Q 112 19.06 36.15 -77.63
N ALA Q 113 18.30 36.86 -78.46
CA ALA Q 113 17.89 38.26 -78.19
C ALA Q 113 17.20 38.31 -76.83
N GLN Q 114 16.38 37.32 -76.51
CA GLN Q 114 15.58 37.31 -75.25
C GLN Q 114 16.52 37.06 -74.07
N ASP Q 115 17.44 36.10 -74.19
CA ASP Q 115 18.44 35.78 -73.16
C ASP Q 115 19.26 37.03 -72.81
N TYR Q 116 19.65 37.84 -73.79
CA TYR Q 116 20.51 39.04 -73.60
C TYR Q 116 19.63 40.27 -73.30
N GLY Q 117 18.32 40.09 -73.31
CA GLY Q 117 17.34 41.07 -72.81
C GLY Q 117 17.20 42.25 -73.75
N VAL Q 118 17.36 42.01 -75.05
CA VAL Q 118 17.40 43.08 -76.07
C VAL Q 118 16.32 42.82 -77.13
N LEU Q 119 15.40 41.89 -76.89
CA LEU Q 119 14.26 41.65 -77.80
C LEU Q 119 13.21 42.73 -77.59
N LYS Q 120 12.94 43.53 -78.62
CA LYS Q 120 11.78 44.46 -78.70
C LYS Q 120 10.57 43.62 -79.09
N ALA Q 121 9.73 43.27 -78.11
CA ALA Q 121 8.70 42.22 -78.20
C ALA Q 121 7.75 42.50 -79.37
N ASP Q 122 7.29 43.76 -79.46
CA ASP Q 122 6.17 44.19 -80.34
C ASP Q 122 6.58 44.09 -81.82
N GLU Q 123 7.86 44.23 -82.17
CA GLU Q 123 8.33 44.19 -83.59
C GLU Q 123 9.11 42.90 -83.88
N GLY Q 124 9.48 42.14 -82.84
CA GLY Q 124 10.21 40.86 -82.94
C GLY Q 124 11.64 41.02 -83.46
N ILE Q 125 12.35 42.04 -82.97
CA ILE Q 125 13.72 42.41 -83.42
C ILE Q 125 14.56 42.83 -82.20
N SER Q 126 15.88 42.68 -82.31
CA SER Q 126 16.89 43.12 -81.32
C SER Q 126 16.97 44.65 -81.28
N PHE Q 127 17.11 45.24 -80.11
CA PHE Q 127 17.66 46.59 -79.93
C PHE Q 127 19.15 46.55 -80.32
N ARG Q 128 19.81 47.71 -80.29
CA ARG Q 128 21.26 47.85 -80.59
C ARG Q 128 22.02 47.50 -79.30
N GLY Q 129 22.12 46.22 -79.00
CA GLY Q 129 22.79 45.71 -77.80
C GLY Q 129 24.20 45.27 -78.11
N LEU Q 130 25.14 45.57 -77.20
CA LEU Q 130 26.54 45.10 -77.29
C LEU Q 130 26.96 44.59 -75.91
N PHE Q 131 27.62 43.45 -75.91
CA PHE Q 131 28.05 42.74 -74.68
C PHE Q 131 29.53 42.40 -74.78
N ILE Q 132 30.29 42.73 -73.74
CA ILE Q 132 31.71 42.32 -73.65
C ILE Q 132 31.81 41.14 -72.68
N ILE Q 133 32.42 40.06 -73.15
CA ILE Q 133 32.52 38.75 -72.45
C ILE Q 133 34.00 38.36 -72.40
N ASP Q 134 34.53 38.01 -71.23
CA ASP Q 134 35.99 37.81 -71.02
C ASP Q 134 36.38 36.40 -71.45
N ASP Q 135 37.68 36.12 -71.46
CA ASP Q 135 38.32 34.84 -71.89
C ASP Q 135 37.75 33.67 -71.09
N LYS Q 136 37.15 33.90 -69.92
CA LYS Q 136 36.59 32.82 -69.06
C LYS Q 136 35.06 32.73 -69.27
N GLY Q 137 34.51 33.51 -70.19
CA GLY Q 137 33.08 33.45 -70.56
C GLY Q 137 32.18 34.22 -69.61
N ILE Q 138 32.73 35.18 -68.88
CA ILE Q 138 32.01 36.00 -67.87
C ILE Q 138 31.63 37.34 -68.52
N LEU Q 139 30.38 37.75 -68.32
CA LEU Q 139 29.87 39.02 -68.87
C LEU Q 139 30.45 40.17 -68.06
N ARG Q 140 31.04 41.16 -68.73
CA ARG Q 140 31.74 42.27 -68.06
C ARG Q 140 31.05 43.61 -68.34
N GLN Q 141 30.37 43.74 -69.47
CA GLN Q 141 29.81 45.03 -69.92
C GLN Q 141 28.50 44.79 -70.66
N ILE Q 142 27.52 45.66 -70.41
CA ILE Q 142 26.22 45.71 -71.12
C ILE Q 142 26.05 47.11 -71.70
N THR Q 143 25.92 47.20 -73.02
CA THR Q 143 25.53 48.42 -73.75
C THR Q 143 24.25 48.11 -74.53
N VAL Q 144 23.19 48.90 -74.34
CA VAL Q 144 21.94 48.78 -75.14
C VAL Q 144 21.45 50.17 -75.53
N ASN Q 145 21.45 50.46 -76.84
CA ASN Q 145 20.98 51.73 -77.42
C ASN Q 145 19.60 51.52 -78.03
N ASP Q 146 18.69 52.49 -77.86
CA ASP Q 146 17.48 52.59 -78.71
C ASP Q 146 17.93 52.60 -80.17
N LEU Q 147 17.02 52.30 -81.10
CA LEU Q 147 17.32 51.90 -82.49
C LEU Q 147 18.10 52.97 -83.25
N PRO Q 148 17.80 54.29 -83.13
CA PRO Q 148 18.45 55.29 -83.98
C PRO Q 148 19.91 55.67 -83.70
N VAL Q 149 20.54 55.14 -82.67
CA VAL Q 149 21.91 55.59 -82.24
C VAL Q 149 22.87 54.41 -82.23
N GLY Q 150 23.98 54.55 -82.96
CA GLY Q 150 24.94 53.46 -83.18
C GLY Q 150 26.01 53.41 -82.09
N ARG Q 151 26.90 52.44 -82.23
CA ARG Q 151 27.97 52.15 -81.25
C ARG Q 151 29.31 52.56 -81.86
N SER Q 152 30.24 53.03 -81.01
CA SER Q 152 31.61 53.45 -81.40
C SER Q 152 32.56 52.27 -81.34
N VAL Q 153 33.34 52.03 -82.39
CA VAL Q 153 34.40 50.98 -82.32
C VAL Q 153 35.44 51.41 -81.29
N ASP Q 154 35.75 52.71 -81.22
CA ASP Q 154 36.78 53.21 -80.27
C ASP Q 154 36.35 52.93 -78.83
N GLU Q 155 35.13 53.31 -78.46
CA GLU Q 155 34.62 53.10 -77.09
C GLU Q 155 34.64 51.60 -76.78
N THR Q 156 34.32 50.74 -77.76
CA THR Q 156 34.34 49.29 -77.56
C THR Q 156 35.79 48.86 -77.29
N LEU Q 157 36.76 49.32 -78.07
CA LEU Q 157 38.19 48.97 -77.85
C LEU Q 157 38.61 49.49 -76.47
N ARG Q 158 38.25 50.71 -76.09
CA ARG Q 158 38.60 51.26 -74.75
C ARG Q 158 38.20 50.28 -73.65
N LEU Q 159 36.94 49.80 -73.70
CA LEU Q 159 36.39 48.86 -72.70
C LEU Q 159 37.18 47.55 -72.74
N VAL Q 160 37.41 46.97 -73.92
CA VAL Q 160 38.12 45.67 -74.01
C VAL Q 160 39.51 45.82 -73.40
N GLN Q 161 40.25 46.90 -73.72
CA GLN Q 161 41.63 47.13 -73.23
C GLN Q 161 41.56 47.28 -71.71
N ALA Q 162 40.60 48.04 -71.20
CA ALA Q 162 40.44 48.34 -69.75
C ALA Q 162 40.18 47.05 -68.97
N PHE Q 163 39.26 46.22 -69.43
CA PHE Q 163 38.94 44.94 -68.75
C PHE Q 163 40.17 44.05 -68.79
N GLN Q 164 40.89 44.06 -69.91
CA GLN Q 164 42.07 43.18 -70.11
C GLN Q 164 43.20 43.65 -69.21
N PHE Q 165 43.41 44.97 -69.11
CA PHE Q 165 44.40 45.60 -68.20
C PHE Q 165 44.18 45.05 -66.79
N THR Q 166 42.95 45.14 -66.28
CA THR Q 166 42.62 44.76 -64.88
C THR Q 166 42.77 43.24 -64.72
N ASP Q 167 42.30 42.48 -65.71
CA ASP Q 167 42.47 41.00 -65.80
C ASP Q 167 43.97 40.66 -65.62
N LYS Q 168 44.85 41.36 -66.34
CA LYS Q 168 46.30 41.03 -66.41
C LYS Q 168 46.99 41.30 -65.06
N HIS Q 169 46.70 42.41 -64.38
CA HIS Q 169 47.31 42.77 -63.06
C HIS Q 169 46.59 42.00 -61.94
N GLY Q 170 46.02 40.85 -62.28
CA GLY Q 170 45.56 39.84 -61.29
C GLY Q 170 46.31 38.53 -61.47
N GLU Q 171 47.27 38.47 -62.40
CA GLU Q 171 48.30 37.40 -62.47
C GLU Q 171 49.49 37.88 -61.65
N VAL Q 172 49.43 37.74 -60.33
CA VAL Q 172 50.42 38.36 -59.38
C VAL Q 172 50.94 37.28 -58.43
N SER Q 173 52.24 37.31 -58.16
CA SER Q 173 52.97 36.44 -57.21
C SER Q 173 53.06 37.14 -55.87
N PRO Q 174 53.20 36.41 -54.74
CA PRO Q 174 53.49 37.04 -53.45
C PRO Q 174 54.65 38.04 -53.58
N ALA Q 175 54.67 39.05 -52.72
CA ALA Q 175 55.46 40.30 -52.90
C ALA Q 175 56.96 40.03 -52.74
N GLY Q 176 57.38 39.14 -51.83
CA GLY Q 176 58.80 38.93 -51.48
C GLY Q 176 59.35 40.07 -50.64
N TRP Q 177 58.50 41.05 -50.28
CA TRP Q 177 58.82 42.18 -49.37
C TRP Q 177 57.88 42.10 -48.16
N LYS Q 178 58.35 42.53 -46.98
CA LYS Q 178 57.52 42.57 -45.75
C LYS Q 178 57.83 43.86 -45.01
N PRO Q 179 56.83 44.47 -44.35
CA PRO Q 179 57.07 45.66 -43.53
C PRO Q 179 57.71 45.24 -42.20
N GLY Q 180 58.18 46.20 -41.42
CA GLY Q 180 58.73 45.97 -40.08
C GLY Q 180 59.31 47.26 -39.56
N SER Q 181 60.03 47.18 -38.44
CA SER Q 181 60.83 48.31 -37.89
C SER Q 181 61.71 48.91 -39.00
N ASP Q 182 62.36 48.05 -39.79
CA ASP Q 182 63.41 48.34 -40.78
C ASP Q 182 62.84 49.16 -41.98
N THR Q 183 61.53 49.10 -42.23
CA THR Q 183 60.88 49.74 -43.40
C THR Q 183 60.12 51.02 -43.02
N ILE Q 184 59.99 51.38 -41.74
CA ILE Q 184 59.37 52.69 -41.35
C ILE Q 184 60.37 53.81 -41.63
N SER R 2 -26.18 8.00 -58.86
CA SER R 2 -27.52 7.84 -59.48
C SER R 2 -27.43 7.03 -60.80
N SER R 3 -27.20 7.69 -61.94
CA SER R 3 -26.89 7.09 -63.28
C SER R 3 -26.28 8.16 -64.20
N GLY R 4 -25.00 8.51 -63.99
CA GLY R 4 -24.21 9.43 -64.82
C GLY R 4 -24.63 10.88 -64.67
N ASN R 5 -25.90 11.16 -64.32
CA ASN R 5 -26.57 12.48 -64.48
C ASN R 5 -28.11 12.36 -64.41
N ALA R 6 -28.64 11.16 -64.62
CA ALA R 6 -30.08 10.83 -64.50
C ALA R 6 -30.35 10.36 -63.07
N LYS R 7 -31.15 11.11 -62.34
CA LYS R 7 -31.42 10.88 -60.90
C LYS R 7 -32.89 10.53 -60.77
N ILE R 8 -33.20 9.43 -60.09
CA ILE R 8 -34.61 9.05 -59.78
C ILE R 8 -35.23 10.22 -59.01
N GLY R 9 -36.43 10.63 -59.42
CA GLY R 9 -37.21 11.66 -58.71
C GLY R 9 -36.90 13.07 -59.19
N HIS R 10 -35.78 13.31 -59.86
CA HIS R 10 -35.46 14.61 -60.50
C HIS R 10 -35.86 14.53 -61.97
N PRO R 11 -35.95 15.67 -62.69
CA PRO R 11 -36.34 15.64 -64.11
C PRO R 11 -35.31 14.90 -64.96
N ALA R 12 -35.76 14.00 -65.81
CA ALA R 12 -34.90 13.22 -66.73
C ALA R 12 -34.07 14.19 -67.55
N PRO R 13 -32.77 13.91 -67.82
CA PRO R 13 -31.95 14.79 -68.64
C PRO R 13 -32.61 14.96 -70.01
N ASN R 14 -32.79 16.22 -70.43
CA ASN R 14 -33.36 16.55 -71.76
C ASN R 14 -32.30 16.23 -72.81
N PHE R 15 -32.73 15.75 -73.97
CA PHE R 15 -31.90 15.67 -75.19
C PHE R 15 -32.68 16.36 -76.31
N LYS R 16 -31.97 17.00 -77.23
CA LYS R 16 -32.47 17.28 -78.60
C LYS R 16 -31.62 16.42 -79.53
N ALA R 17 -32.25 15.64 -80.41
CA ALA R 17 -31.54 14.73 -81.34
C ALA R 17 -32.38 14.47 -82.59
N THR R 18 -31.71 14.17 -83.69
CA THR R 18 -32.35 13.76 -84.96
C THR R 18 -32.81 12.31 -84.78
N ALA R 19 -34.08 12.03 -85.06
CA ALA R 19 -34.65 10.68 -84.98
C ALA R 19 -35.17 10.28 -86.35
N VAL R 20 -35.20 8.98 -86.61
CA VAL R 20 -35.95 8.37 -87.73
C VAL R 20 -37.32 8.02 -87.17
N MET R 21 -38.33 8.76 -87.60
CA MET R 21 -39.75 8.53 -87.20
C MET R 21 -40.28 7.28 -87.90
N PRO R 22 -41.46 6.77 -87.51
CA PRO R 22 -41.96 5.51 -88.05
C PRO R 22 -42.38 5.64 -89.52
N ASP R 23 -42.71 6.86 -89.97
CA ASP R 23 -43.07 7.16 -91.39
C ASP R 23 -41.82 7.18 -92.29
N GLY R 24 -40.61 7.08 -91.74
CA GLY R 24 -39.35 7.09 -92.52
C GLY R 24 -38.78 8.49 -92.81
N GLN R 25 -39.33 9.51 -92.17
CA GLN R 25 -38.85 10.92 -92.22
C GLN R 25 -37.82 11.13 -91.09
N PHE R 26 -36.96 12.14 -91.22
CA PHE R 26 -36.09 12.65 -90.14
C PHE R 26 -36.75 13.85 -89.47
N LYS R 27 -36.89 13.81 -88.15
CA LYS R 27 -37.42 14.91 -87.33
C LYS R 27 -36.43 15.21 -86.20
N ASP R 28 -36.34 16.46 -85.76
CA ASP R 28 -35.52 16.85 -84.59
C ASP R 28 -36.44 16.82 -83.38
N ILE R 29 -36.33 15.82 -82.50
CA ILE R 29 -37.23 15.68 -81.32
C ILE R 29 -36.44 15.96 -80.04
N SER R 30 -37.16 16.35 -78.99
CA SER R 30 -36.64 16.54 -77.61
C SER R 30 -37.48 15.71 -76.65
N LEU R 31 -36.91 15.23 -75.56
CA LEU R 31 -37.66 14.50 -74.51
C LEU R 31 -38.81 15.39 -74.04
N SER R 32 -38.52 16.68 -73.87
CA SER R 32 -39.49 17.71 -73.40
C SER R 32 -40.68 17.82 -74.36
N ASP R 33 -40.52 17.45 -75.63
CA ASP R 33 -41.65 17.40 -76.59
C ASP R 33 -42.75 16.48 -76.06
N TYR R 34 -42.44 15.52 -75.17
CA TYR R 34 -43.37 14.43 -74.78
C TYR R 34 -43.92 14.65 -73.36
N LYS R 35 -43.74 15.83 -72.75
CA LYS R 35 -44.45 16.18 -71.48
C LYS R 35 -45.93 15.95 -71.73
N GLY R 36 -46.64 15.41 -70.73
CA GLY R 36 -48.05 15.00 -70.85
C GLY R 36 -48.18 13.52 -71.15
N LYS R 37 -47.10 12.87 -71.61
CA LYS R 37 -47.07 11.41 -71.82
C LYS R 37 -45.95 10.82 -70.95
N TYR R 38 -46.16 9.59 -70.48
CA TYR R 38 -45.10 8.71 -69.95
C TYR R 38 -44.17 8.38 -71.13
N VAL R 39 -42.88 8.27 -70.89
CA VAL R 39 -41.88 7.91 -71.93
C VAL R 39 -41.10 6.70 -71.44
N VAL R 40 -41.08 5.66 -72.26
CA VAL R 40 -40.11 4.54 -72.13
C VAL R 40 -38.99 4.83 -73.12
N PHE R 41 -37.87 5.34 -72.62
CA PHE R 41 -36.66 5.69 -73.42
C PHE R 41 -35.64 4.57 -73.24
N PHE R 42 -35.30 3.86 -74.31
CA PHE R 42 -34.38 2.69 -74.22
C PHE R 42 -33.26 2.82 -75.24
N PHE R 43 -32.04 2.60 -74.76
CA PHE R 43 -30.81 2.50 -75.57
C PHE R 43 -30.57 1.04 -75.96
N TYR R 44 -30.02 0.81 -77.15
CA TYR R 44 -29.43 -0.48 -77.58
C TYR R 44 -28.04 -0.17 -78.12
N PRO R 45 -27.11 -1.16 -78.13
CA PRO R 45 -25.70 -0.88 -78.42
C PRO R 45 -25.49 -0.31 -79.82
N LEU R 46 -25.79 -1.11 -80.86
CA LEU R 46 -25.40 -0.85 -82.27
C LEU R 46 -26.44 -1.35 -83.28
N ASP R 47 -26.67 -0.56 -84.33
CA ASP R 47 -27.34 -0.98 -85.57
C ASP R 47 -26.44 -1.95 -86.35
N PHE R 48 -27.06 -2.84 -87.11
CA PHE R 48 -26.48 -3.69 -88.18
C PHE R 48 -25.55 -4.76 -87.62
N THR R 49 -25.71 -5.14 -86.36
CA THR R 49 -24.98 -6.30 -85.77
C THR R 49 -25.61 -7.58 -86.31
N PHE R 50 -25.04 -8.73 -85.96
CA PHE R 50 -25.43 -10.05 -86.52
C PHE R 50 -26.58 -10.64 -85.69
N VAL R 51 -27.04 -9.94 -84.66
CA VAL R 51 -28.12 -10.45 -83.76
C VAL R 51 -29.47 -10.21 -84.42
N CYS R 52 -30.39 -11.19 -84.35
CA CYS R 52 -31.83 -10.96 -84.69
C CYS R 52 -32.29 -9.86 -83.74
N PRO R 53 -32.70 -8.68 -84.22
CA PRO R 53 -33.06 -7.57 -83.32
C PRO R 53 -34.44 -7.70 -82.68
N THR R 54 -34.74 -8.87 -82.11
CA THR R 54 -36.12 -9.28 -81.70
C THR R 54 -36.59 -8.38 -80.55
N GLU R 55 -35.67 -7.94 -79.70
CA GLU R 55 -35.95 -7.04 -78.56
C GLU R 55 -36.55 -5.72 -79.08
N ILE R 56 -35.87 -5.05 -80.00
CA ILE R 56 -36.36 -3.75 -80.57
C ILE R 56 -37.71 -4.01 -81.24
N ILE R 57 -37.84 -5.12 -81.96
CA ILE R 57 -39.06 -5.42 -82.76
C ILE R 57 -40.24 -5.62 -81.80
N ALA R 58 -40.06 -6.40 -80.74
CA ALA R 58 -41.08 -6.58 -79.66
C ALA R 58 -41.65 -5.22 -79.22
N PHE R 59 -40.81 -4.23 -78.93
CA PHE R 59 -41.27 -2.91 -78.47
C PHE R 59 -42.03 -2.22 -79.62
N SER R 60 -41.56 -2.35 -80.86
CA SER R 60 -42.21 -1.75 -82.04
C SER R 60 -43.57 -2.43 -82.24
N ASP R 61 -43.57 -3.75 -82.34
CA ASP R 61 -44.78 -4.59 -82.52
C ASP R 61 -45.83 -4.21 -81.46
N ARG R 62 -45.44 -4.08 -80.20
CA ARG R 62 -46.43 -3.92 -79.09
C ARG R 62 -46.55 -2.45 -78.71
N ALA R 63 -46.21 -1.54 -79.62
CA ALA R 63 -46.25 -0.07 -79.36
C ALA R 63 -47.69 0.35 -79.05
N GLU R 64 -48.68 -0.35 -79.62
CA GLU R 64 -50.12 -0.07 -79.40
C GLU R 64 -50.41 -0.10 -77.89
N GLU R 65 -49.85 -1.09 -77.19
CA GLU R 65 -50.15 -1.36 -75.76
C GLU R 65 -49.61 -0.21 -74.91
N PHE R 66 -48.54 0.44 -75.35
CA PHE R 66 -47.95 1.63 -74.68
C PHE R 66 -48.78 2.87 -75.02
N LYS R 67 -49.27 2.98 -76.26
CA LYS R 67 -50.12 4.12 -76.66
C LYS R 67 -51.40 4.07 -75.82
N LYS R 68 -51.98 2.88 -75.64
CA LYS R 68 -53.17 2.63 -74.77
C LYS R 68 -52.90 3.17 -73.37
N LEU R 69 -51.67 3.08 -72.86
CA LEU R 69 -51.30 3.56 -71.50
C LEU R 69 -50.81 5.01 -71.55
N ASN R 70 -51.08 5.71 -72.65
CA ASN R 70 -50.72 7.14 -72.84
C ASN R 70 -49.21 7.31 -72.60
N SER R 71 -48.40 6.41 -73.13
CA SER R 71 -46.92 6.45 -73.06
C SER R 71 -46.30 6.24 -74.45
N GLN R 72 -45.17 6.89 -74.70
CA GLN R 72 -44.40 6.82 -75.96
C GLN R 72 -43.12 6.01 -75.74
N VAL R 73 -42.90 4.96 -76.53
CA VAL R 73 -41.60 4.23 -76.56
C VAL R 73 -40.67 4.96 -77.54
N ILE R 74 -39.44 5.21 -77.12
CA ILE R 74 -38.36 5.81 -77.97
C ILE R 74 -37.09 4.96 -77.81
N GLY R 75 -36.55 4.50 -78.94
CA GLY R 75 -35.26 3.77 -79.02
C GLY R 75 -34.13 4.73 -79.35
N ALA R 76 -32.90 4.36 -78.99
CA ALA R 76 -31.69 5.19 -79.21
C ALA R 76 -30.45 4.31 -79.32
N SER R 77 -29.51 4.74 -80.16
CA SER R 77 -28.13 4.22 -80.22
C SER R 77 -27.21 5.34 -80.71
N VAL R 78 -25.91 5.08 -80.71
CA VAL R 78 -24.89 6.11 -81.09
C VAL R 78 -24.76 6.19 -82.61
N ASP R 79 -25.44 5.32 -83.36
CA ASP R 79 -25.38 5.26 -84.85
C ASP R 79 -26.05 6.54 -85.39
N SER R 80 -25.58 7.07 -86.53
CA SER R 80 -26.16 8.25 -87.23
C SER R 80 -27.60 7.96 -87.63
N HIS R 81 -28.39 9.01 -87.86
CA HIS R 81 -29.77 8.87 -88.34
C HIS R 81 -29.77 8.20 -89.72
N PHE R 82 -28.74 8.46 -90.52
CA PHE R 82 -28.59 7.84 -91.86
C PHE R 82 -28.56 6.32 -91.71
N VAL R 83 -27.87 5.86 -90.67
CA VAL R 83 -27.68 4.41 -90.39
C VAL R 83 -29.02 3.84 -89.94
N HIS R 84 -29.67 4.49 -88.98
CA HIS R 84 -31.01 4.07 -88.47
C HIS R 84 -31.92 3.85 -89.68
N LEU R 85 -31.98 4.83 -90.58
CA LEU R 85 -32.87 4.77 -91.77
C LEU R 85 -32.50 3.55 -92.61
N ALA R 86 -31.21 3.38 -92.91
CA ALA R 86 -30.71 2.24 -93.71
C ALA R 86 -31.12 0.92 -93.04
N TRP R 87 -31.05 0.85 -91.72
CA TRP R 87 -31.33 -0.40 -90.97
C TRP R 87 -32.82 -0.73 -91.04
N VAL R 88 -33.66 0.30 -90.94
CA VAL R 88 -35.13 0.19 -91.06
C VAL R 88 -35.47 -0.34 -92.46
N ASN R 89 -34.87 0.24 -93.49
CA ASN R 89 -35.17 -0.07 -94.91
C ASN R 89 -34.43 -1.32 -95.37
N THR R 90 -33.64 -1.95 -94.51
CA THR R 90 -33.09 -3.30 -94.76
C THR R 90 -34.09 -4.31 -94.20
N PRO R 91 -34.66 -5.21 -95.02
CA PRO R 91 -35.65 -6.18 -94.52
C PRO R 91 -35.04 -7.18 -93.55
N LYS R 92 -35.83 -7.68 -92.60
CA LYS R 92 -35.39 -8.64 -91.54
C LYS R 92 -34.65 -9.80 -92.21
N LYS R 93 -35.24 -10.35 -93.28
CA LYS R 93 -34.75 -11.53 -94.04
C LYS R 93 -33.24 -11.40 -94.33
N GLN R 94 -32.71 -10.18 -94.45
CA GLN R 94 -31.30 -9.90 -94.79
C GLN R 94 -30.52 -9.37 -93.57
N GLY R 95 -31.04 -9.56 -92.35
CA GLY R 95 -30.40 -9.13 -91.09
C GLY R 95 -30.55 -7.64 -90.83
N GLY R 96 -31.62 -7.06 -91.34
CA GLY R 96 -32.05 -5.69 -91.03
C GLY R 96 -33.10 -5.70 -89.94
N LEU R 97 -33.78 -4.57 -89.74
CA LEU R 97 -34.71 -4.27 -88.63
C LEU R 97 -36.16 -4.31 -89.12
N GLY R 98 -36.38 -3.92 -90.37
CA GLY R 98 -37.72 -3.79 -90.93
C GLY R 98 -38.34 -2.50 -90.44
N PRO R 99 -39.61 -2.21 -90.81
CA PRO R 99 -40.23 -0.93 -90.49
C PRO R 99 -40.53 -0.91 -88.99
N MET R 100 -40.65 0.30 -88.43
CA MET R 100 -40.75 0.55 -86.97
C MET R 100 -42.00 1.37 -86.68
N ASN R 101 -42.63 1.13 -85.53
CA ASN R 101 -43.77 1.94 -85.01
C ASN R 101 -43.27 2.92 -83.97
N ILE R 102 -41.97 2.93 -83.69
CA ILE R 102 -41.34 3.82 -82.67
C ILE R 102 -40.26 4.63 -83.35
N PRO R 103 -40.03 5.86 -82.87
CA PRO R 103 -38.91 6.66 -83.35
C PRO R 103 -37.58 6.09 -82.83
N LEU R 104 -36.53 6.21 -83.62
CA LEU R 104 -35.15 5.81 -83.26
C LEU R 104 -34.28 7.06 -83.21
N VAL R 105 -33.80 7.39 -82.01
CA VAL R 105 -32.95 8.57 -81.75
C VAL R 105 -31.49 8.22 -82.07
N SER R 106 -30.81 9.18 -82.69
CA SER R 106 -29.39 9.12 -83.08
C SER R 106 -28.59 9.96 -82.07
N ASP R 107 -27.58 9.36 -81.44
CA ASP R 107 -26.73 10.01 -80.41
C ASP R 107 -25.25 9.93 -80.84
N PRO R 108 -24.81 10.67 -81.88
CA PRO R 108 -23.48 10.48 -82.42
C PRO R 108 -22.42 11.14 -81.52
N LYS R 109 -22.78 12.17 -80.77
CA LYS R 109 -21.85 12.87 -79.84
C LYS R 109 -21.70 12.06 -78.56
N ARG R 110 -22.53 11.02 -78.35
CA ARG R 110 -22.50 10.11 -77.17
C ARG R 110 -22.82 10.89 -75.89
N THR R 111 -23.37 12.10 -75.99
CA THR R 111 -23.71 12.98 -74.85
C THR R 111 -24.95 12.44 -74.14
N ILE R 112 -25.91 11.92 -74.89
CA ILE R 112 -27.20 11.40 -74.34
C ILE R 112 -26.89 10.12 -73.56
N ALA R 113 -26.15 9.20 -74.17
CA ALA R 113 -25.70 7.96 -73.51
C ALA R 113 -24.96 8.33 -72.22
N GLN R 114 -24.15 9.37 -72.25
CA GLN R 114 -23.33 9.77 -71.08
C GLN R 114 -24.23 10.36 -70.00
N ASP R 115 -25.16 11.23 -70.38
CA ASP R 115 -26.15 11.84 -69.45
C ASP R 115 -26.93 10.74 -68.71
N TYR R 116 -27.32 9.66 -69.39
CA TYR R 116 -28.15 8.56 -68.81
C TYR R 116 -27.24 7.49 -68.18
N GLY R 117 -25.92 7.68 -68.29
CA GLY R 117 -24.90 6.90 -67.57
C GLY R 117 -24.78 5.50 -68.11
N VAL R 118 -24.98 5.33 -69.42
CA VAL R 118 -25.05 4.01 -70.08
C VAL R 118 -24.02 3.94 -71.20
N LEU R 119 -23.10 4.90 -71.29
CA LEU R 119 -21.99 4.88 -72.27
C LEU R 119 -20.94 3.90 -71.77
N LYS R 120 -20.68 2.82 -72.53
CA LYS R 120 -19.51 1.93 -72.37
C LYS R 120 -18.32 2.64 -73.02
N ALA R 121 -17.46 3.25 -72.19
CA ALA R 121 -16.43 4.23 -72.61
C ALA R 121 -15.52 3.60 -73.67
N ASP R 122 -15.05 2.39 -73.39
CA ASP R 122 -13.95 1.70 -74.13
C ASP R 122 -14.40 1.35 -75.55
N GLU R 123 -15.69 1.11 -75.82
CA GLU R 123 -16.19 0.72 -77.16
C GLU R 123 -16.98 1.86 -77.82
N GLY R 124 -17.33 2.91 -77.05
CA GLY R 124 -18.06 4.10 -77.52
C GLY R 124 -19.51 3.80 -77.92
N ILE R 125 -20.20 2.97 -77.14
CA ILE R 125 -21.57 2.46 -77.41
C ILE R 125 -22.38 2.43 -76.11
N SER R 126 -23.71 2.51 -76.21
CA SER R 126 -24.68 2.39 -75.10
C SER R 126 -24.72 0.94 -74.61
N PHE R 127 -24.81 0.73 -73.30
CA PHE R 127 -25.33 -0.53 -72.73
C PHE R 127 -26.81 -0.64 -73.07
N ARG R 128 -27.45 -1.75 -72.66
CA ARG R 128 -28.91 -1.98 -72.83
C ARG R 128 -29.63 -1.27 -71.68
N GLY R 129 -29.74 0.04 -71.78
CA GLY R 129 -30.37 0.90 -70.75
C GLY R 129 -31.81 1.21 -71.11
N LEU R 130 -32.70 1.20 -70.12
CA LEU R 130 -34.12 1.59 -70.28
C LEU R 130 -34.51 2.49 -69.11
N PHE R 131 -35.20 3.58 -69.42
CA PHE R 131 -35.60 4.62 -68.45
C PHE R 131 -37.08 4.89 -68.59
N ILE R 132 -37.80 4.89 -67.46
CA ILE R 132 -39.23 5.28 -67.44
C ILE R 132 -39.34 6.69 -66.88
N ILE R 133 -40.00 7.56 -67.65
CA ILE R 133 -40.12 9.02 -67.37
C ILE R 133 -41.61 9.37 -67.38
N ASP R 134 -42.11 10.05 -66.34
CA ASP R 134 -43.56 10.27 -66.13
C ASP R 134 -44.02 11.47 -66.97
N ASP R 135 -45.34 11.71 -67.00
CA ASP R 135 -46.02 12.78 -67.78
C ASP R 135 -45.46 14.16 -67.38
N LYS R 136 -44.82 14.30 -66.23
CA LYS R 136 -44.26 15.60 -65.76
C LYS R 136 -42.75 15.66 -66.07
N GLY R 137 -42.19 14.64 -66.73
CA GLY R 137 -40.78 14.61 -67.16
C GLY R 137 -39.83 14.19 -66.06
N ILE R 138 -40.32 13.49 -65.04
CA ILE R 138 -39.53 13.03 -63.87
C ILE R 138 -39.12 11.57 -64.09
N LEU R 139 -37.86 11.26 -63.83
CA LEU R 139 -37.32 9.89 -63.97
C LEU R 139 -37.86 9.04 -62.83
N ARG R 140 -38.43 7.88 -63.14
CA ARG R 140 -39.08 7.01 -62.13
C ARG R 140 -38.37 5.67 -62.02
N GLN R 141 -37.72 5.21 -63.09
CA GLN R 141 -37.13 3.86 -63.14
C GLN R 141 -35.85 3.88 -63.98
N ILE R 142 -34.85 3.13 -63.52
CA ILE R 142 -33.57 2.90 -64.25
C ILE R 142 -33.38 1.39 -64.39
N THR R 143 -33.30 0.91 -65.62
CA THR R 143 -32.91 -0.48 -65.96
C THR R 143 -31.66 -0.41 -66.85
N VAL R 144 -30.58 -1.10 -66.48
CA VAL R 144 -29.36 -1.20 -67.34
C VAL R 144 -28.85 -2.64 -67.31
N ASN R 145 -28.87 -3.31 -68.46
CA ASN R 145 -28.39 -4.70 -68.65
C ASN R 145 -27.04 -4.65 -69.37
N ASP R 146 -26.08 -5.49 -68.98
CA ASP R 146 -24.90 -5.82 -69.82
C ASP R 146 -25.42 -6.30 -71.17
N LEU R 147 -24.57 -6.30 -72.17
CA LEU R 147 -24.93 -6.37 -73.61
C LEU R 147 -25.72 -7.64 -73.96
N PRO R 148 -25.37 -8.83 -73.44
CA PRO R 148 -26.01 -10.06 -73.93
C PRO R 148 -27.45 -10.37 -73.47
N VAL R 149 -28.05 -9.55 -72.61
CA VAL R 149 -29.39 -9.88 -72.02
C VAL R 149 -30.38 -8.76 -72.33
N GLY R 150 -31.52 -9.13 -72.91
CA GLY R 150 -32.52 -8.18 -73.41
C GLY R 150 -33.54 -7.81 -72.36
N ARG R 151 -34.47 -6.93 -72.73
CA ARG R 151 -35.50 -6.37 -71.84
C ARG R 151 -36.84 -6.97 -72.22
N SER R 152 -37.74 -7.15 -71.24
CA SER R 152 -39.10 -7.69 -71.42
C SER R 152 -40.08 -6.56 -71.69
N VAL R 153 -40.91 -6.66 -72.73
CA VAL R 153 -41.99 -5.66 -72.96
C VAL R 153 -42.98 -5.76 -71.80
N ASP R 154 -43.26 -6.98 -71.32
CA ASP R 154 -44.25 -7.19 -70.23
C ASP R 154 -43.78 -6.47 -68.96
N GLU R 155 -42.55 -6.70 -68.54
CA GLU R 155 -42.00 -6.07 -67.31
C GLU R 155 -42.03 -4.55 -67.48
N THR R 156 -41.76 -4.04 -68.68
CA THR R 156 -41.81 -2.58 -68.93
C THR R 156 -43.26 -2.11 -68.74
N LEU R 157 -44.24 -2.80 -69.33
CA LEU R 157 -45.67 -2.41 -69.16
C LEU R 157 -46.03 -2.47 -67.67
N ARG R 158 -45.63 -3.52 -66.94
CA ARG R 158 -45.90 -3.67 -65.49
C ARG R 158 -45.48 -2.39 -64.76
N LEU R 159 -44.25 -1.93 -65.01
CA LEU R 159 -43.69 -0.73 -64.36
C LEU R 159 -44.52 0.51 -64.76
N VAL R 160 -44.80 0.70 -66.04
CA VAL R 160 -45.56 1.90 -66.50
C VAL R 160 -46.93 1.91 -65.80
N GLN R 161 -47.63 0.78 -65.76
CA GLN R 161 -48.99 0.69 -65.16
C GLN R 161 -48.88 1.00 -63.66
N ALA R 162 -47.86 0.44 -62.99
CA ALA R 162 -47.65 0.59 -61.53
C ALA R 162 -47.40 2.07 -61.18
N PHE R 163 -46.52 2.73 -61.92
CA PHE R 163 -46.21 4.17 -61.68
C PHE R 163 -47.47 4.99 -61.93
N GLN R 164 -48.24 4.62 -62.96
CA GLN R 164 -49.46 5.37 -63.36
C GLN R 164 -50.54 5.18 -62.29
N PHE R 165 -50.69 3.94 -61.79
CA PHE R 165 -51.61 3.59 -60.68
C PHE R 165 -51.35 4.56 -59.51
N THR R 166 -50.11 4.66 -59.07
CA THR R 166 -49.73 5.45 -57.86
C THR R 166 -49.92 6.93 -58.15
N ASP R 167 -49.52 7.38 -59.35
CA ASP R 167 -49.76 8.75 -59.86
C ASP R 167 -51.26 9.10 -59.71
N LYS R 168 -52.14 8.20 -60.15
CA LYS R 168 -53.61 8.45 -60.22
C LYS R 168 -54.21 8.59 -58.81
N HIS R 169 -53.86 7.72 -57.85
CA HIS R 169 -54.37 7.76 -56.45
C HIS R 169 -53.64 8.84 -55.65
N GLY R 170 -53.13 9.86 -56.34
CA GLY R 170 -52.67 11.13 -55.72
C GLY R 170 -53.50 12.31 -56.23
N GLU R 171 -54.51 12.06 -57.05
CA GLU R 171 -55.64 13.01 -57.34
C GLU R 171 -56.73 12.72 -56.32
N VAL R 172 -56.60 13.25 -55.12
CA VAL R 172 -57.51 12.93 -53.96
C VAL R 172 -57.98 14.24 -53.34
N SER R 173 -59.26 14.28 -52.92
CA SER R 173 -59.93 15.43 -52.26
C SER R 173 -59.85 15.23 -50.75
N PRO R 174 -59.86 16.33 -49.95
CA PRO R 174 -59.99 16.20 -48.50
C PRO R 174 -61.14 15.24 -48.12
N ALA R 175 -61.02 14.60 -46.97
CA ALA R 175 -61.78 13.38 -46.60
C ALA R 175 -63.26 13.69 -46.36
N GLY R 176 -63.59 14.84 -45.76
CA GLY R 176 -64.97 15.15 -45.34
C GLY R 176 -65.40 14.34 -44.12
N TRP R 177 -64.50 13.53 -43.55
CA TRP R 177 -64.70 12.74 -42.31
C TRP R 177 -63.66 13.18 -41.28
N LYS R 178 -63.99 13.13 -39.99
CA LYS R 178 -63.06 13.45 -38.88
C LYS R 178 -63.31 12.45 -37.76
N PRO R 179 -62.26 12.03 -37.03
CA PRO R 179 -62.44 11.16 -35.87
C PRO R 179 -62.96 11.98 -34.68
N GLY R 180 -63.39 11.32 -33.62
CA GLY R 180 -63.81 11.98 -32.38
C GLY R 180 -64.56 10.99 -31.50
N SER R 181 -65.27 11.49 -30.49
CA SER R 181 -66.08 10.66 -29.56
C SER R 181 -66.97 9.70 -30.37
N ASP R 182 -67.62 10.20 -31.41
CA ASP R 182 -68.71 9.50 -32.17
C ASP R 182 -68.13 8.34 -33.00
N THR R 183 -66.83 8.33 -33.30
CA THR R 183 -66.18 7.34 -34.21
C THR R 183 -65.39 6.29 -33.43
N ILE R 184 -65.19 6.45 -32.12
CA ILE R 184 -64.35 5.53 -31.28
C ILE R 184 -65.12 4.21 -31.08
N LYS R 185 -64.38 3.09 -31.13
CA LYS R 185 -64.71 1.77 -30.53
C LYS R 185 -64.54 1.81 -29.00
N SER S 2 -22.66 5.95 -64.29
CA SER S 2 -22.95 4.48 -64.11
C SER S 2 -24.05 4.28 -63.06
N SER S 3 -23.69 4.16 -61.77
CA SER S 3 -24.60 4.17 -60.59
C SER S 3 -23.79 4.46 -59.31
N GLY S 4 -23.41 5.74 -59.09
CA GLY S 4 -22.73 6.24 -57.88
C GLY S 4 -21.28 5.80 -57.80
N ASN S 5 -20.91 4.65 -58.40
CA ASN S 5 -19.66 3.89 -58.11
C ASN S 5 -19.75 2.42 -58.60
N ALA S 6 -20.95 1.91 -58.82
CA ALA S 6 -21.24 0.58 -59.38
C ALA S 6 -21.34 0.69 -60.90
N LYS S 7 -20.42 0.04 -61.60
CA LYS S 7 -20.31 0.17 -63.08
C LYS S 7 -20.58 -1.22 -63.65
N ILE S 8 -21.50 -1.29 -64.62
CA ILE S 8 -21.77 -2.54 -65.39
C ILE S 8 -20.44 -2.99 -65.98
N GLY S 9 -20.11 -4.28 -65.81
CA GLY S 9 -18.94 -4.90 -66.43
C GLY S 9 -17.69 -4.80 -65.57
N HIS S 10 -17.65 -3.91 -64.58
CA HIS S 10 -16.55 -3.84 -63.58
C HIS S 10 -16.98 -4.63 -62.35
N PRO S 11 -16.05 -4.97 -61.42
CA PRO S 11 -16.42 -5.71 -60.21
C PRO S 11 -17.35 -4.87 -59.33
N ALA S 12 -18.44 -5.47 -58.86
CA ALA S 12 -19.43 -4.80 -57.98
C ALA S 12 -18.69 -4.26 -56.76
N PRO S 13 -19.02 -3.05 -56.26
CA PRO S 13 -18.40 -2.51 -55.07
C PRO S 13 -18.56 -3.49 -53.91
N ASN S 14 -17.43 -3.81 -53.27
CA ASN S 14 -17.41 -4.70 -52.08
C ASN S 14 -17.99 -3.93 -50.91
N PHE S 15 -18.73 -4.61 -50.03
CA PHE S 15 -19.13 -4.13 -48.70
C PHE S 15 -18.71 -5.20 -47.69
N LYS S 16 -18.34 -4.78 -46.49
CA LYS S 16 -18.36 -5.64 -45.28
C LYS S 16 -19.42 -5.03 -44.37
N ALA S 17 -20.36 -5.81 -43.86
CA ALA S 17 -21.49 -5.33 -43.05
C ALA S 17 -22.04 -6.46 -42.17
N THR S 18 -22.64 -6.10 -41.03
CA THR S 18 -23.35 -7.05 -40.16
C THR S 18 -24.70 -7.37 -40.81
N ALA S 19 -25.01 -8.64 -40.97
CA ALA S 19 -26.30 -9.09 -41.50
C ALA S 19 -27.02 -9.94 -40.46
N VAL S 20 -28.34 -9.96 -40.52
CA VAL S 20 -29.19 -10.98 -39.83
C VAL S 20 -29.39 -12.12 -40.82
N MET S 21 -28.74 -13.25 -40.55
CA MET S 21 -28.86 -14.49 -41.36
C MET S 21 -30.22 -15.14 -41.12
N PRO S 22 -30.62 -16.12 -41.95
CA PRO S 22 -31.97 -16.67 -41.87
C PRO S 22 -32.18 -17.49 -40.59
N ASP S 23 -31.11 -18.02 -40.00
CA ASP S 23 -31.12 -18.79 -38.73
C ASP S 23 -31.33 -17.87 -37.52
N GLY S 24 -31.34 -16.54 -37.70
CA GLY S 24 -31.57 -15.57 -36.61
C GLY S 24 -30.30 -15.14 -35.90
N GLN S 25 -29.12 -15.53 -36.41
CA GLN S 25 -27.79 -15.13 -35.89
C GLN S 25 -27.34 -13.84 -36.61
N PHE S 26 -26.42 -13.10 -36.01
CA PHE S 26 -25.67 -11.99 -36.64
C PHE S 26 -24.32 -12.51 -37.15
N LYS S 27 -24.02 -12.27 -38.41
CA LYS S 27 -22.74 -12.62 -39.05
C LYS S 27 -22.20 -11.37 -39.75
N ASP S 28 -20.87 -11.22 -39.81
CA ASP S 28 -20.21 -10.13 -40.58
C ASP S 28 -19.91 -10.70 -41.97
N ILE S 29 -20.65 -10.31 -42.99
CA ILE S 29 -20.50 -10.85 -44.38
C ILE S 29 -19.94 -9.77 -45.29
N SER S 30 -19.30 -10.22 -46.38
CA SER S 30 -18.81 -9.37 -47.49
C SER S 30 -19.40 -9.90 -48.79
N LEU S 31 -19.60 -9.03 -49.78
CA LEU S 31 -20.07 -9.46 -51.11
C LEU S 31 -19.09 -10.49 -51.66
N SER S 32 -17.79 -10.24 -51.46
CA SER S 32 -16.68 -11.12 -51.92
C SER S 32 -16.80 -12.52 -51.30
N ASP S 33 -17.46 -12.67 -50.15
CA ASP S 33 -17.71 -14.00 -49.55
C ASP S 33 -18.49 -14.87 -50.54
N TYR S 34 -19.21 -14.30 -51.51
CA TYR S 34 -20.17 -15.03 -52.37
C TYR S 34 -19.63 -15.22 -53.79
N LYS S 35 -18.33 -14.98 -54.04
CA LYS S 35 -17.68 -15.38 -55.31
C LYS S 35 -17.97 -16.87 -55.50
N GLY S 36 -18.25 -17.28 -56.74
CA GLY S 36 -18.68 -18.65 -57.07
C GLY S 36 -20.18 -18.76 -57.19
N LYS S 37 -20.92 -17.79 -56.64
CA LYS S 37 -22.40 -17.71 -56.77
C LYS S 37 -22.74 -16.39 -57.46
N TYR S 38 -23.82 -16.42 -58.24
CA TYR S 38 -24.55 -15.21 -58.69
C TYR S 38 -25.18 -14.59 -57.44
N VAL S 39 -25.22 -13.27 -57.36
CA VAL S 39 -25.82 -12.53 -56.21
C VAL S 39 -26.88 -11.59 -56.76
N VAL S 40 -28.08 -11.70 -56.24
CA VAL S 40 -29.14 -10.68 -56.37
C VAL S 40 -29.10 -9.86 -55.09
N PHE S 41 -28.50 -8.67 -55.14
CA PHE S 41 -28.36 -7.73 -54.01
C PHE S 41 -29.40 -6.64 -54.16
N PHE S 42 -30.35 -6.54 -53.25
CA PHE S 42 -31.47 -5.56 -53.37
C PHE S 42 -31.59 -4.74 -52.10
N PHE S 43 -31.69 -3.43 -52.28
CA PHE S 43 -31.99 -2.43 -51.22
C PHE S 43 -33.49 -2.20 -51.13
N TYR S 44 -33.99 -1.96 -49.93
CA TYR S 44 -35.36 -1.43 -49.68
C TYR S 44 -35.20 -0.25 -48.72
N PRO S 45 -36.15 0.70 -48.69
CA PRO S 45 -35.95 1.97 -47.98
C PRO S 45 -35.74 1.78 -46.48
N LEU S 46 -36.76 1.27 -45.79
CA LEU S 46 -36.84 1.23 -44.30
C LEU S 46 -37.60 0.00 -43.77
N ASP S 47 -37.10 -0.57 -42.67
CA ASP S 47 -37.82 -1.55 -41.80
C ASP S 47 -38.95 -0.83 -41.08
N PHE S 48 -40.02 -1.59 -40.78
CA PHE S 48 -41.12 -1.26 -39.84
C PHE S 48 -41.97 -0.09 -40.37
N THR S 49 -41.99 0.16 -41.68
CA THR S 49 -42.92 1.14 -42.29
C THR S 49 -44.31 0.51 -42.32
N PHE S 50 -45.30 1.27 -42.80
CA PHE S 50 -46.73 0.89 -42.74
C PHE S 50 -47.08 0.06 -43.97
N VAL S 51 -46.13 -0.19 -44.87
CA VAL S 51 -46.36 -0.98 -46.12
C VAL S 51 -46.30 -2.47 -45.77
N CYS S 52 -47.23 -3.27 -46.31
CA CYS S 52 -47.13 -4.75 -46.30
C CYS S 52 -45.83 -5.06 -47.02
N PRO S 53 -44.82 -5.68 -46.36
CA PRO S 53 -43.54 -5.93 -47.00
C PRO S 53 -43.53 -7.12 -47.98
N THR S 54 -44.53 -7.17 -48.88
CA THR S 54 -44.84 -8.36 -49.71
C THR S 54 -43.67 -8.65 -50.66
N GLU S 55 -43.00 -7.59 -51.11
CA GLU S 55 -41.84 -7.66 -52.03
C GLU S 55 -40.72 -8.46 -51.38
N ILE S 56 -40.30 -8.09 -50.18
CA ILE S 56 -39.19 -8.79 -49.45
C ILE S 56 -39.64 -10.24 -49.23
N ILE S 57 -40.89 -10.45 -48.86
CA ILE S 57 -41.40 -11.81 -48.51
C ILE S 57 -41.35 -12.71 -49.74
N ALA S 58 -41.84 -12.21 -50.89
CA ALA S 58 -41.77 -12.90 -52.19
C ALA S 58 -40.34 -13.44 -52.43
N PHE S 59 -39.30 -12.61 -52.26
CA PHE S 59 -37.90 -13.03 -52.49
C PHE S 59 -37.53 -14.11 -51.48
N SER S 60 -37.95 -13.96 -50.22
CA SER S 60 -37.66 -14.95 -49.15
C SER S 60 -38.37 -16.26 -49.47
N ASP S 61 -39.68 -16.19 -49.69
CA ASP S 61 -40.54 -17.35 -50.02
C ASP S 61 -39.92 -18.10 -51.21
N ARG S 62 -39.50 -17.42 -52.26
CA ARG S 62 -39.07 -18.11 -53.51
C ARG S 62 -37.54 -18.23 -53.55
N ALA S 63 -36.87 -18.18 -52.40
CA ALA S 63 -35.40 -18.24 -52.32
C ALA S 63 -34.90 -19.58 -52.88
N GLU S 64 -35.70 -20.63 -52.77
CA GLU S 64 -35.37 -21.99 -53.29
C GLU S 64 -35.03 -21.87 -54.78
N GLU S 65 -35.82 -21.10 -55.53
CA GLU S 65 -35.71 -21.00 -57.00
C GLU S 65 -34.39 -20.33 -57.38
N PHE S 66 -33.88 -19.44 -56.52
CA PHE S 66 -32.57 -18.77 -56.70
C PHE S 66 -31.45 -19.73 -56.31
N LYS S 67 -31.63 -20.53 -55.24
CA LYS S 67 -30.62 -21.52 -54.80
C LYS S 67 -30.45 -22.54 -55.93
N LYS S 68 -31.56 -22.99 -56.54
CA LYS S 68 -31.57 -23.90 -57.72
C LYS S 68 -30.69 -23.32 -58.83
N LEU S 69 -30.66 -21.99 -59.01
CA LEU S 69 -29.85 -21.32 -60.07
C LEU S 69 -28.48 -20.94 -59.53
N ASN S 70 -28.07 -21.52 -58.40
CA ASN S 70 -26.75 -21.28 -57.76
C ASN S 70 -26.53 -19.77 -57.57
N SER S 71 -27.55 -19.08 -57.09
CA SER S 71 -27.50 -17.62 -56.79
C SER S 71 -28.05 -17.36 -55.40
N GLN S 72 -27.47 -16.36 -54.71
CA GLN S 72 -27.86 -15.92 -53.36
C GLN S 72 -28.57 -14.58 -53.43
N VAL S 73 -29.79 -14.50 -52.89
CA VAL S 73 -30.51 -13.21 -52.71
C VAL S 73 -30.06 -12.61 -51.38
N ILE S 74 -29.70 -11.33 -51.37
CA ILE S 74 -29.33 -10.54 -50.17
C ILE S 74 -30.12 -9.23 -50.18
N GLY S 75 -30.85 -8.97 -49.09
CA GLY S 75 -31.56 -7.70 -48.84
C GLY S 75 -30.73 -6.75 -48.02
N ALA S 76 -30.99 -5.44 -48.13
CA ALA S 76 -30.25 -4.40 -47.40
C ALA S 76 -31.13 -3.17 -47.16
N SER S 77 -30.93 -2.52 -46.03
CA SER S 77 -31.44 -1.16 -45.74
C SER S 77 -30.51 -0.49 -44.74
N VAL S 78 -30.76 0.78 -44.44
CA VAL S 78 -29.88 1.60 -43.57
C VAL S 78 -30.16 1.30 -42.09
N ASP S 79 -31.19 0.50 -41.78
CA ASP S 79 -31.60 0.17 -40.39
C ASP S 79 -30.49 -0.69 -39.76
N SER S 80 -30.28 -0.58 -38.44
CA SER S 80 -29.31 -1.41 -37.66
C SER S 80 -29.69 -2.89 -37.75
N HIS S 81 -28.73 -3.77 -37.52
CA HIS S 81 -28.97 -5.23 -37.49
C HIS S 81 -29.96 -5.56 -36.36
N PHE S 82 -29.91 -4.80 -35.27
CA PHE S 82 -30.86 -4.99 -34.13
C PHE S 82 -32.29 -4.83 -34.64
N VAL S 83 -32.49 -3.85 -35.54
CA VAL S 83 -33.81 -3.50 -36.09
C VAL S 83 -34.25 -4.63 -37.03
N HIS S 84 -33.36 -5.04 -37.94
CA HIS S 84 -33.64 -6.17 -38.87
C HIS S 84 -34.15 -7.36 -38.04
N LEU S 85 -33.42 -7.72 -36.98
CA LEU S 85 -33.76 -8.89 -36.15
C LEU S 85 -35.16 -8.67 -35.55
N ALA S 86 -35.41 -7.52 -34.97
CA ALA S 86 -36.72 -7.17 -34.36
C ALA S 86 -37.82 -7.29 -35.41
N TRP S 87 -37.56 -6.88 -36.65
CA TRP S 87 -38.58 -6.87 -37.72
C TRP S 87 -38.92 -8.30 -38.12
N VAL S 88 -37.89 -9.15 -38.19
CA VAL S 88 -38.02 -10.61 -38.49
C VAL S 88 -38.89 -11.25 -37.41
N ASN S 89 -38.60 -10.97 -36.15
CA ASN S 89 -39.24 -11.61 -34.97
C ASN S 89 -40.56 -10.92 -34.63
N THR S 90 -40.96 -9.91 -35.39
CA THR S 90 -42.33 -9.34 -35.33
C THR S 90 -43.18 -10.11 -36.33
N PRO S 91 -44.26 -10.78 -35.91
CA PRO S 91 -45.07 -11.58 -36.84
C PRO S 91 -45.80 -10.69 -37.86
N LYS S 92 -46.06 -11.23 -39.06
CA LYS S 92 -46.68 -10.49 -40.18
C LYS S 92 -48.00 -9.88 -39.68
N LYS S 93 -48.80 -10.66 -38.94
CA LYS S 93 -50.15 -10.30 -38.41
C LYS S 93 -50.11 -8.92 -37.74
N GLN S 94 -48.96 -8.50 -37.19
CA GLN S 94 -48.80 -7.20 -36.48
C GLN S 94 -47.98 -6.20 -37.30
N GLY S 95 -47.85 -6.41 -38.62
CA GLY S 95 -47.13 -5.51 -39.55
C GLY S 95 -45.62 -5.67 -39.46
N GLY S 96 -45.16 -6.86 -39.07
CA GLY S 96 -43.75 -7.26 -39.13
C GLY S 96 -43.48 -8.01 -40.42
N LEU S 97 -42.32 -8.66 -40.49
CA LEU S 97 -41.75 -9.30 -41.71
C LEU S 97 -41.90 -10.82 -41.65
N GLY S 98 -41.83 -11.37 -40.45
CA GLY S 98 -41.84 -12.83 -40.24
C GLY S 98 -40.45 -13.38 -40.57
N PRO S 99 -40.26 -14.70 -40.50
CA PRO S 99 -38.94 -15.31 -40.65
C PRO S 99 -38.51 -15.19 -42.11
N MET S 100 -37.19 -15.21 -42.35
CA MET S 100 -36.58 -14.92 -43.66
C MET S 100 -35.68 -16.09 -44.07
N ASN S 101 -35.65 -16.40 -45.37
CA ASN S 101 -34.75 -17.40 -45.98
C ASN S 101 -33.54 -16.70 -46.61
N ILE S 102 -33.48 -15.37 -46.50
CA ILE S 102 -32.39 -14.55 -47.07
C ILE S 102 -31.76 -13.73 -45.95
N PRO S 103 -30.46 -13.44 -46.05
CA PRO S 103 -29.80 -12.55 -45.12
C PRO S 103 -30.25 -11.10 -45.37
N LEU S 104 -30.32 -10.29 -44.31
CA LEU S 104 -30.63 -8.85 -44.38
C LEU S 104 -29.41 -8.07 -43.90
N VAL S 105 -28.81 -7.31 -44.81
CA VAL S 105 -27.59 -6.49 -44.55
C VAL S 105 -28.02 -5.17 -43.93
N SER S 106 -27.26 -4.72 -42.95
CA SER S 106 -27.42 -3.45 -42.23
C SER S 106 -26.37 -2.46 -42.75
N ASP S 107 -26.79 -1.28 -43.21
CA ASP S 107 -25.92 -0.23 -43.80
C ASP S 107 -26.10 1.08 -43.02
N PRO S 108 -25.65 1.19 -41.76
CA PRO S 108 -25.95 2.35 -40.93
C PRO S 108 -25.11 3.55 -41.34
N LYS S 109 -23.92 3.33 -41.90
CA LYS S 109 -23.04 4.45 -42.36
C LYS S 109 -23.52 4.97 -43.71
N ARG S 110 -24.46 4.29 -44.36
CA ARG S 110 -25.06 4.68 -45.67
C ARG S 110 -24.00 4.66 -46.78
N THR S 111 -22.85 4.03 -46.55
CA THR S 111 -21.71 3.93 -47.50
C THR S 111 -22.06 2.95 -48.63
N ILE S 112 -22.76 1.87 -48.31
CA ILE S 112 -23.12 0.80 -49.28
C ILE S 112 -24.16 1.39 -50.23
N ALA S 113 -25.21 2.00 -49.68
CA ALA S 113 -26.25 2.69 -50.47
C ALA S 113 -25.59 3.70 -51.41
N GLN S 114 -24.57 4.40 -50.92
CA GLN S 114 -23.92 5.48 -51.70
C GLN S 114 -23.07 4.85 -52.81
N ASP S 115 -22.33 3.80 -52.49
CA ASP S 115 -21.50 3.07 -53.48
C ASP S 115 -22.37 2.57 -54.63
N TYR S 116 -23.58 2.07 -54.36
CA TYR S 116 -24.50 1.48 -55.38
C TYR S 116 -25.40 2.58 -55.98
N GLY S 117 -25.24 3.81 -55.48
CA GLY S 117 -25.83 5.03 -56.09
C GLY S 117 -27.32 5.11 -55.88
N VAL S 118 -27.80 4.59 -54.76
CA VAL S 118 -29.25 4.46 -54.46
C VAL S 118 -29.58 5.16 -53.17
N LEU S 119 -28.66 5.96 -52.61
CA LEU S 119 -28.94 6.77 -51.39
C LEU S 119 -29.75 7.99 -51.79
N LYS S 120 -30.97 8.11 -51.28
CA LYS S 120 -31.81 9.34 -51.32
C LYS S 120 -31.29 10.26 -50.22
N ALA S 121 -30.49 11.26 -50.59
CA ALA S 121 -29.64 12.07 -49.70
C ALA S 121 -30.50 12.71 -48.60
N ASP S 122 -31.61 13.32 -49.02
CA ASP S 122 -32.44 14.22 -48.19
C ASP S 122 -33.14 13.44 -47.06
N GLU S 123 -33.43 12.15 -47.21
CA GLU S 123 -34.12 11.34 -46.17
C GLU S 123 -33.17 10.33 -45.52
N GLY S 124 -32.00 10.12 -46.11
CA GLY S 124 -30.95 9.19 -45.61
C GLY S 124 -31.36 7.73 -45.70
N ILE S 125 -31.99 7.33 -46.82
CA ILE S 125 -32.53 5.96 -47.05
C ILE S 125 -32.25 5.54 -48.50
N SER S 126 -32.18 4.24 -48.75
CA SER S 126 -32.03 3.61 -50.08
C SER S 126 -33.31 3.77 -50.90
N PHE S 127 -33.19 4.05 -52.20
CA PHE S 127 -34.25 3.76 -53.18
C PHE S 127 -34.42 2.25 -53.30
N ARG S 128 -35.39 1.81 -54.11
CA ARG S 128 -35.66 0.38 -54.37
C ARG S 128 -34.69 -0.08 -55.46
N GLY S 129 -33.43 -0.29 -55.09
CA GLY S 129 -32.37 -0.71 -56.03
C GLY S 129 -32.15 -2.22 -55.98
N LEU S 130 -31.93 -2.83 -57.14
CA LEU S 130 -31.59 -4.26 -57.25
C LEU S 130 -30.42 -4.39 -58.25
N PHE S 131 -29.45 -5.20 -57.88
CA PHE S 131 -28.20 -5.41 -58.64
C PHE S 131 -27.97 -6.90 -58.82
N ILE S 132 -27.69 -7.31 -60.06
CA ILE S 132 -27.29 -8.71 -60.35
C ILE S 132 -25.78 -8.75 -60.57
N ILE S 133 -25.12 -9.63 -59.82
CA ILE S 133 -23.64 -9.77 -59.76
C ILE S 133 -23.29 -11.23 -60.04
N ASP S 134 -22.37 -11.49 -60.98
CA ASP S 134 -22.11 -12.86 -61.50
C ASP S 134 -21.14 -13.58 -60.55
N ASP S 135 -20.92 -14.88 -60.79
CA ASP S 135 -20.07 -15.79 -59.99
C ASP S 135 -18.64 -15.24 -59.87
N LYS S 136 -18.21 -14.34 -60.73
CA LYS S 136 -16.84 -13.75 -60.70
C LYS S 136 -16.87 -12.37 -60.02
N GLY S 137 -18.02 -11.95 -59.51
CA GLY S 137 -18.16 -10.68 -58.75
C GLY S 137 -18.29 -9.45 -59.65
N ILE S 138 -18.72 -9.64 -60.90
CA ILE S 138 -18.88 -8.55 -61.90
C ILE S 138 -20.34 -8.14 -61.95
N LEU S 139 -20.59 -6.83 -61.93
CA LEU S 139 -21.97 -6.26 -61.98
C LEU S 139 -22.50 -6.45 -63.39
N ARG S 140 -23.69 -7.01 -63.54
CA ARG S 140 -24.27 -7.33 -64.85
C ARG S 140 -25.56 -6.53 -65.09
N GLN S 141 -26.27 -6.16 -64.04
CA GLN S 141 -27.60 -5.53 -64.16
C GLN S 141 -27.80 -4.49 -63.05
N ILE S 142 -28.41 -3.37 -63.40
CA ILE S 142 -28.83 -2.29 -62.46
C ILE S 142 -30.33 -2.07 -62.65
N THR S 143 -31.11 -2.27 -61.58
CA THR S 143 -32.54 -1.89 -61.50
C THR S 143 -32.68 -0.90 -60.33
N VAL S 144 -33.26 0.27 -60.56
CA VAL S 144 -33.58 1.24 -59.48
C VAL S 144 -34.98 1.83 -59.71
N ASN S 145 -35.90 1.54 -58.78
CA ASN S 145 -37.30 2.03 -58.80
C ASN S 145 -37.42 3.17 -57.78
N ASP S 146 -38.14 4.24 -58.13
CA ASP S 146 -38.67 5.21 -57.14
C ASP S 146 -39.48 4.41 -56.12
N LEU S 147 -39.72 4.99 -54.95
CA LEU S 147 -40.13 4.28 -53.71
C LEU S 147 -41.42 3.51 -53.87
N PRO S 148 -42.48 4.03 -54.53
CA PRO S 148 -43.78 3.35 -54.51
C PRO S 148 -43.97 2.09 -55.38
N VAL S 149 -42.97 1.66 -56.15
CA VAL S 149 -43.13 0.54 -57.11
C VAL S 149 -42.11 -0.56 -56.80
N GLY S 150 -42.59 -1.77 -56.63
CA GLY S 150 -41.78 -2.93 -56.18
C GLY S 150 -41.18 -3.68 -57.35
N ARG S 151 -40.43 -4.72 -57.01
CA ARG S 151 -39.66 -5.53 -57.98
C ARG S 151 -40.33 -6.89 -58.11
N SER S 152 -40.27 -7.49 -59.31
CA SER S 152 -40.87 -8.81 -59.63
C SER S 152 -39.83 -9.91 -59.38
N VAL S 153 -40.19 -10.96 -58.65
CA VAL S 153 -39.27 -12.11 -58.48
C VAL S 153 -39.08 -12.78 -59.85
N ASP S 154 -40.14 -12.85 -60.65
CA ASP S 154 -40.08 -13.50 -61.98
C ASP S 154 -39.07 -12.77 -62.88
N GLU S 155 -39.19 -11.46 -63.00
CA GLU S 155 -38.28 -10.67 -63.86
C GLU S 155 -36.84 -10.83 -63.35
N THR S 156 -36.65 -10.91 -62.04
CA THR S 156 -35.29 -11.12 -61.47
C THR S 156 -34.79 -12.50 -61.90
N LEU S 157 -35.61 -13.55 -61.79
CA LEU S 157 -35.19 -14.91 -62.23
C LEU S 157 -34.89 -14.88 -63.73
N ARG S 158 -35.73 -14.24 -64.55
CA ARG S 158 -35.50 -14.14 -66.01
C ARG S 158 -34.08 -13.63 -66.29
N LEU S 159 -33.71 -12.53 -65.63
CA LEU S 159 -32.37 -11.90 -65.79
C LEU S 159 -31.28 -12.88 -65.35
N VAL S 160 -31.41 -13.49 -64.17
CA VAL S 160 -30.35 -14.39 -63.65
C VAL S 160 -30.18 -15.55 -64.65
N GLN S 161 -31.26 -16.15 -65.14
CA GLN S 161 -31.19 -17.31 -66.08
C GLN S 161 -30.53 -16.84 -67.37
N ALA S 162 -30.90 -15.68 -67.88
CA ALA S 162 -30.39 -15.11 -69.16
C ALA S 162 -28.89 -14.86 -69.07
N PHE S 163 -28.41 -14.23 -68.00
CA PHE S 163 -26.97 -13.96 -67.80
C PHE S 163 -26.24 -15.29 -67.69
N GLN S 164 -26.84 -16.26 -67.01
CA GLN S 164 -26.22 -17.58 -66.75
C GLN S 164 -26.15 -18.36 -68.05
N PHE S 165 -27.20 -18.31 -68.87
CA PHE S 165 -27.26 -18.92 -70.21
C PHE S 165 -26.04 -18.46 -71.02
N THR S 166 -25.84 -17.15 -71.10
CA THR S 166 -24.77 -16.54 -71.94
C THR S 166 -23.41 -16.88 -71.35
N ASP S 167 -23.28 -16.80 -70.02
CA ASP S 167 -22.08 -17.24 -69.25
C ASP S 167 -21.72 -18.68 -69.66
N LYS S 168 -22.69 -19.59 -69.70
CA LYS S 168 -22.47 -21.04 -69.90
C LYS S 168 -21.98 -21.32 -71.32
N HIS S 169 -22.55 -20.69 -72.37
CA HIS S 169 -22.13 -20.89 -73.80
C HIS S 169 -20.86 -20.08 -74.08
N GLY S 170 -20.07 -19.79 -73.04
CA GLY S 170 -18.69 -19.29 -73.17
C GLY S 170 -17.70 -20.26 -72.56
N GLU S 171 -18.16 -21.41 -72.05
CA GLU S 171 -17.31 -22.56 -71.66
C GLU S 171 -17.31 -23.48 -72.89
N VAL S 172 -16.51 -23.15 -73.91
CA VAL S 172 -16.57 -23.82 -75.24
C VAL S 172 -15.16 -24.28 -75.61
N SER S 173 -15.10 -25.49 -76.19
CA SER S 173 -13.91 -26.10 -76.82
C SER S 173 -13.94 -25.77 -78.30
N PRO S 174 -12.75 -25.74 -78.99
CA PRO S 174 -12.73 -25.64 -80.45
C PRO S 174 -13.72 -26.62 -81.07
N ALA S 175 -14.19 -26.28 -82.28
CA ALA S 175 -15.29 -26.94 -83.00
C ALA S 175 -14.92 -28.38 -83.41
N GLY S 176 -13.65 -28.67 -83.75
CA GLY S 176 -13.25 -29.97 -84.33
C GLY S 176 -13.73 -30.12 -85.77
N TRP S 177 -14.30 -29.08 -86.33
CA TRP S 177 -14.78 -28.92 -87.72
C TRP S 177 -14.03 -27.77 -88.36
N LYS S 178 -13.79 -27.86 -89.67
CA LYS S 178 -13.13 -26.80 -90.49
C LYS S 178 -13.83 -26.80 -91.84
N PRO S 179 -13.98 -25.64 -92.50
CA PRO S 179 -14.55 -25.59 -93.84
C PRO S 179 -13.52 -26.06 -94.87
N GLY S 180 -13.95 -26.32 -96.11
CA GLY S 180 -13.06 -26.84 -97.16
C GLY S 180 -13.89 -27.33 -98.33
N SER S 181 -13.25 -27.98 -99.32
CA SER S 181 -13.93 -28.54 -100.51
C SER S 181 -15.15 -29.38 -100.07
N ASP S 182 -14.96 -30.23 -99.06
CA ASP S 182 -15.93 -31.28 -98.64
C ASP S 182 -17.18 -30.66 -97.99
N THR S 183 -17.12 -29.41 -97.51
CA THR S 183 -18.20 -28.75 -96.73
C THR S 183 -18.97 -27.74 -97.58
N ILE S 184 -18.49 -27.40 -98.79
CA ILE S 184 -19.11 -26.35 -99.65
C ILE S 184 -20.42 -26.87 -100.23
N LYS S 185 -21.47 -26.05 -100.21
CA LYS S 185 -22.77 -26.33 -100.90
C LYS S 185 -22.68 -25.69 -102.28
N PRO S 186 -22.78 -26.46 -103.38
CA PRO S 186 -22.59 -25.90 -104.73
C PRO S 186 -23.88 -25.22 -105.23
N ASP S 187 -23.83 -24.54 -106.39
CA ASP S 187 -25.03 -24.02 -107.10
C ASP S 187 -25.55 -25.05 -108.10
N SER T 2 -7.47 20.86 -84.79
CA SER T 2 -7.84 21.58 -86.07
C SER T 2 -6.57 21.94 -86.87
N SER T 3 -5.98 23.11 -86.61
CA SER T 3 -4.64 23.57 -87.12
C SER T 3 -4.15 24.76 -86.27
N GLY T 4 -3.66 24.48 -85.05
CA GLY T 4 -3.04 25.45 -84.13
C GLY T 4 -4.04 26.42 -83.51
N ASN T 5 -5.17 26.70 -84.19
CA ASN T 5 -6.06 27.87 -83.92
C ASN T 5 -6.99 28.17 -85.12
N ALA T 6 -6.65 27.68 -86.30
CA ALA T 6 -7.45 27.77 -87.54
C ALA T 6 -8.35 26.55 -87.62
N LYS T 7 -9.66 26.75 -87.56
CA LYS T 7 -10.65 25.65 -87.51
C LYS T 7 -11.48 25.74 -88.78
N ILE T 8 -11.62 24.63 -89.50
CA ILE T 8 -12.53 24.54 -90.67
C ILE T 8 -13.92 24.96 -90.20
N GLY T 9 -14.57 25.85 -90.95
CA GLY T 9 -15.96 26.24 -90.71
C GLY T 9 -16.09 27.42 -89.76
N HIS T 10 -15.06 27.74 -88.97
CA HIS T 10 -15.02 28.95 -88.11
C HIS T 10 -14.28 30.05 -88.88
N PRO T 11 -14.35 31.33 -88.46
CA PRO T 11 -13.65 32.41 -89.16
C PRO T 11 -12.12 32.22 -89.08
N ALA T 12 -11.44 32.34 -90.21
CA ALA T 12 -9.97 32.23 -90.29
C ALA T 12 -9.36 33.23 -89.31
N PRO T 13 -8.28 32.88 -88.59
CA PRO T 13 -7.63 33.80 -87.68
C PRO T 13 -7.21 35.06 -88.44
N ASN T 14 -7.61 36.23 -87.93
CA ASN T 14 -7.22 37.53 -88.53
C ASN T 14 -5.75 37.76 -88.22
N PHE T 15 -5.03 38.37 -89.16
CA PHE T 15 -3.68 38.94 -88.94
C PHE T 15 -3.71 40.39 -89.40
N LYS T 16 -2.94 41.25 -88.74
CA LYS T 16 -2.49 42.53 -89.31
C LYS T 16 -0.98 42.40 -89.46
N ALA T 17 -0.44 42.71 -90.63
CA ALA T 17 0.99 42.55 -90.95
C ALA T 17 1.42 43.51 -92.06
N THR T 18 2.69 43.90 -92.07
CA THR T 18 3.29 44.67 -93.18
C THR T 18 3.53 43.70 -94.34
N ALA T 19 3.04 44.06 -95.52
CA ALA T 19 3.24 43.25 -96.75
C ALA T 19 4.01 44.09 -97.76
N VAL T 20 4.74 43.43 -98.64
CA VAL T 20 5.30 44.02 -99.89
C VAL T 20 4.25 43.76 -100.97
N MET T 21 3.57 44.81 -101.40
CA MET T 21 2.56 44.76 -102.49
C MET T 21 3.26 44.59 -103.82
N PRO T 22 2.53 44.26 -104.91
CA PRO T 22 3.16 43.94 -106.18
C PRO T 22 3.81 45.16 -106.84
N ASP T 23 3.34 46.38 -106.50
CA ASP T 23 3.91 47.65 -107.01
C ASP T 23 5.24 47.99 -106.32
N GLY T 24 5.67 47.22 -105.30
CA GLY T 24 6.95 47.43 -104.58
C GLY T 24 6.84 48.39 -103.39
N GLN T 25 5.61 48.77 -103.00
CA GLN T 25 5.31 49.59 -101.81
C GLN T 25 5.10 48.67 -100.60
N PHE T 26 5.29 49.20 -99.39
CA PHE T 26 4.89 48.55 -98.11
C PHE T 26 3.52 49.08 -97.69
N LYS T 27 2.59 48.16 -97.43
CA LYS T 27 1.24 48.47 -96.92
C LYS T 27 0.98 47.61 -95.69
N ASP T 28 0.20 48.13 -94.73
CA ASP T 28 -0.23 47.35 -93.54
C ASP T 28 -1.59 46.74 -93.88
N ILE T 29 -1.66 45.44 -94.14
CA ILE T 29 -2.92 44.75 -94.56
C ILE T 29 -3.40 43.83 -93.45
N SER T 30 -4.70 43.53 -93.45
CA SER T 30 -5.38 42.55 -92.57
C SER T 30 -6.14 41.56 -93.44
N LEU T 31 -6.29 40.32 -92.99
CA LEU T 31 -7.11 39.31 -93.71
C LEU T 31 -8.51 39.87 -93.90
N SER T 32 -9.04 40.53 -92.86
CA SER T 32 -10.39 41.14 -92.84
C SER T 32 -10.52 42.22 -93.93
N ASP T 33 -9.42 42.81 -94.38
CA ASP T 33 -9.45 43.77 -95.52
C ASP T 33 -10.04 43.08 -96.76
N TYR T 34 -10.01 41.74 -96.84
CA TYR T 34 -10.34 40.99 -98.08
C TYR T 34 -11.71 40.29 -97.99
N LYS T 35 -12.53 40.60 -96.97
CA LYS T 35 -13.95 40.14 -96.94
C LYS T 35 -14.57 40.57 -98.26
N GLY T 36 -15.41 39.71 -98.84
CA GLY T 36 -16.01 39.92 -100.18
C GLY T 36 -15.25 39.18 -101.24
N LYS T 37 -14.00 38.77 -100.96
CA LYS T 37 -13.20 37.94 -101.89
C LYS T 37 -12.84 36.64 -101.17
N TYR T 38 -12.73 35.56 -101.94
CA TYR T 38 -12.05 34.30 -101.53
C TYR T 38 -10.57 34.65 -101.38
N VAL T 39 -9.90 34.05 -100.40
CA VAL T 39 -8.44 34.26 -100.17
C VAL T 39 -7.75 32.90 -100.19
N VAL T 40 -6.73 32.78 -101.04
CA VAL T 40 -5.75 31.68 -100.93
C VAL T 40 -4.54 32.27 -100.21
N PHE T 41 -4.40 31.95 -98.92
CA PHE T 41 -3.30 32.40 -98.04
C PHE T 41 -2.30 31.27 -97.90
N PHE T 42 -1.07 31.44 -98.38
CA PHE T 42 -0.07 30.35 -98.38
C PHE T 42 1.23 30.85 -97.75
N PHE T 43 1.75 30.03 -96.84
CA PHE T 43 3.07 30.20 -96.20
C PHE T 43 4.12 29.44 -97.01
N TYR T 44 5.33 29.98 -97.06
CA TYR T 44 6.55 29.27 -97.53
C TYR T 44 7.61 29.47 -96.46
N PRO T 45 8.61 28.57 -96.35
CA PRO T 45 9.52 28.57 -95.21
C PRO T 45 10.33 29.86 -95.11
N LEU T 46 11.19 30.13 -96.11
CA LEU T 46 12.21 31.19 -96.05
C LEU T 46 12.46 31.85 -97.42
N ASP T 47 12.66 33.17 -97.41
CA ASP T 47 13.26 33.94 -98.52
C ASP T 47 14.74 33.60 -98.62
N PHE T 48 15.27 33.69 -99.85
CA PHE T 48 16.71 33.71 -100.23
C PHE T 48 17.36 32.34 -99.99
N THR T 49 16.58 31.25 -99.97
CA THR T 49 17.16 29.88 -99.94
C THR T 49 17.71 29.58 -101.34
N PHE T 50 18.33 28.41 -101.49
CA PHE T 50 19.08 28.03 -102.71
C PHE T 50 18.12 27.36 -103.70
N VAL T 51 16.84 27.23 -103.36
CA VAL T 51 15.82 26.53 -104.19
C VAL T 51 15.33 27.52 -105.25
N CYS T 52 15.16 27.07 -106.50
CA CYS T 52 14.41 27.82 -107.53
C CYS T 52 13.01 28.02 -106.96
N PRO T 53 12.56 29.27 -106.71
CA PRO T 53 11.26 29.49 -106.06
C PRO T 53 10.05 29.34 -107.01
N THR T 54 10.02 28.24 -107.76
CA THR T 54 9.11 28.06 -108.94
C THR T 54 7.65 28.02 -108.45
N GLU T 55 7.44 27.48 -107.25
CA GLU T 55 6.11 27.37 -106.61
C GLU T 55 5.52 28.76 -106.42
N ILE T 56 6.23 29.67 -105.76
CA ILE T 56 5.75 31.05 -105.51
C ILE T 56 5.49 31.72 -106.86
N ILE T 57 6.39 31.51 -107.83
CA ILE T 57 6.32 32.19 -109.15
C ILE T 57 5.06 31.73 -109.88
N ALA T 58 4.80 30.42 -109.93
CA ALA T 58 3.56 29.83 -110.49
C ALA T 58 2.33 30.58 -109.98
N PHE T 59 2.20 30.80 -108.67
CA PHE T 59 1.03 31.50 -108.08
C PHE T 59 1.02 32.95 -108.56
N SER T 60 2.19 33.60 -108.63
CA SER T 60 2.30 35.01 -109.10
C SER T 60 1.90 35.07 -110.57
N ASP T 61 2.57 34.25 -111.40
CA ASP T 61 2.32 34.15 -112.86
C ASP T 61 0.82 33.95 -113.11
N ARG T 62 0.16 33.06 -112.39
CA ARG T 62 -1.23 32.67 -112.72
C ARG T 62 -2.21 33.42 -111.81
N ALA T 63 -1.81 34.56 -111.26
CA ALA T 63 -2.66 35.35 -110.34
C ALA T 63 -3.92 35.82 -111.06
N GLU T 64 -3.84 36.03 -112.38
CA GLU T 64 -5.00 36.48 -113.21
C GLU T 64 -6.14 35.48 -113.05
N GLU T 65 -5.83 34.19 -113.05
CA GLU T 65 -6.84 33.09 -113.02
C GLU T 65 -7.59 33.11 -111.69
N PHE T 66 -6.93 33.55 -110.62
CA PHE T 66 -7.53 33.71 -109.27
C PHE T 66 -8.37 34.99 -109.25
N LYS T 67 -7.89 36.07 -109.88
CA LYS T 67 -8.65 37.35 -109.93
C LYS T 67 -9.96 37.09 -110.69
N LYS T 68 -9.89 36.33 -111.79
CA LYS T 68 -11.08 35.90 -112.59
C LYS T 68 -12.09 35.21 -111.67
N LEU T 69 -11.64 34.44 -110.66
CA LEU T 69 -12.53 33.70 -109.73
C LEU T 69 -12.84 34.56 -108.50
N ASN T 70 -12.59 35.86 -108.56
CA ASN T 70 -12.87 36.84 -107.47
C ASN T 70 -12.19 36.36 -106.18
N SER T 71 -10.95 35.91 -106.29
CA SER T 71 -10.12 35.47 -105.13
C SER T 71 -8.74 36.12 -105.19
N GLN T 72 -8.17 36.42 -104.02
CA GLN T 72 -6.83 37.04 -103.85
C GLN T 72 -5.85 36.00 -103.32
N VAL T 73 -4.72 35.80 -104.02
CA VAL T 73 -3.60 34.98 -103.49
C VAL T 73 -2.71 35.89 -102.63
N ILE T 74 -2.35 35.43 -101.44
CA ILE T 74 -1.41 36.12 -100.51
C ILE T 74 -0.36 35.12 -100.04
N GLY T 75 0.92 35.44 -100.23
CA GLY T 75 2.07 34.67 -99.73
C GLY T 75 2.55 35.23 -98.39
N ALA T 76 3.22 34.40 -97.58
CA ALA T 76 3.71 34.78 -96.25
C ALA T 76 4.94 33.94 -95.88
N SER T 77 5.86 34.55 -95.15
CA SER T 77 6.96 33.86 -94.44
C SER T 77 7.35 34.71 -93.24
N VAL T 78 8.26 34.19 -92.41
CA VAL T 78 8.68 34.85 -91.15
C VAL T 78 9.73 35.96 -91.44
N ASP T 79 10.18 36.09 -92.69
CA ASP T 79 11.22 37.07 -93.09
C ASP T 79 10.60 38.48 -92.96
N SER T 80 11.40 39.49 -92.62
CA SER T 80 10.99 40.93 -92.55
C SER T 80 10.51 41.41 -93.91
N HIS T 81 9.72 42.46 -93.95
CA HIS T 81 9.24 43.08 -95.22
C HIS T 81 10.45 43.60 -95.99
N PHE T 82 11.50 44.06 -95.30
CA PHE T 82 12.74 44.54 -95.95
C PHE T 82 13.33 43.40 -96.80
N VAL T 83 13.27 42.18 -96.26
CA VAL T 83 13.85 40.99 -96.90
C VAL T 83 12.99 40.63 -98.11
N HIS T 84 11.66 40.58 -97.93
CA HIS T 84 10.71 40.31 -99.05
C HIS T 84 11.05 41.25 -100.21
N LEU T 85 11.16 42.54 -99.92
CA LEU T 85 11.45 43.58 -100.95
C LEU T 85 12.75 43.24 -101.64
N ALA T 86 13.81 42.99 -100.87
CA ALA T 86 15.15 42.66 -101.41
C ALA T 86 15.05 41.43 -102.30
N TRP T 87 14.25 40.44 -101.92
CA TRP T 87 14.15 39.16 -102.66
C TRP T 87 13.44 39.38 -104.00
N VAL T 88 12.41 40.24 -103.99
CA VAL T 88 11.64 40.64 -105.20
C VAL T 88 12.61 41.33 -106.17
N ASN T 89 13.40 42.28 -105.66
CA ASN T 89 14.29 43.16 -106.46
C ASN T 89 15.60 42.45 -106.77
N THR T 90 15.79 41.21 -106.32
CA THR T 90 16.91 40.35 -106.78
C THR T 90 16.40 39.56 -107.97
N PRO T 91 17.01 39.69 -109.17
CA PRO T 91 16.53 38.99 -110.36
C PRO T 91 16.70 37.47 -110.23
N LYS T 92 15.80 36.71 -110.88
CA LYS T 92 15.76 35.23 -110.81
C LYS T 92 17.16 34.68 -111.16
N LYS T 93 17.77 35.22 -112.22
CA LYS T 93 19.08 34.79 -112.78
C LYS T 93 20.13 34.66 -111.66
N GLN T 94 19.99 35.41 -110.56
CA GLN T 94 20.96 35.41 -109.43
C GLN T 94 20.37 34.71 -108.19
N GLY T 95 19.32 33.90 -108.35
CA GLY T 95 18.67 33.14 -107.26
C GLY T 95 17.77 34.00 -106.39
N GLY T 96 17.21 35.06 -106.99
CA GLY T 96 16.13 35.87 -106.41
C GLY T 96 14.78 35.39 -106.89
N LEU T 97 13.74 36.20 -106.66
CA LEU T 97 12.30 35.86 -106.87
C LEU T 97 11.77 36.57 -108.12
N GLY T 98 12.29 37.77 -108.40
CA GLY T 98 11.78 38.60 -109.49
C GLY T 98 10.50 39.28 -109.04
N PRO T 99 9.85 40.08 -109.91
CA PRO T 99 8.70 40.89 -109.52
C PRO T 99 7.51 39.94 -109.31
N MET T 100 6.53 40.39 -108.51
CA MET T 100 5.41 39.56 -108.00
C MET T 100 4.10 40.25 -108.34
N ASN T 101 3.06 39.46 -108.65
CA ASN T 101 1.67 39.94 -108.86
C ASN T 101 0.85 39.73 -107.61
N ILE T 102 1.46 39.18 -106.56
CA ILE T 102 0.77 38.88 -105.27
C ILE T 102 1.51 39.61 -104.15
N PRO T 103 0.78 40.03 -103.11
CA PRO T 103 1.42 40.60 -101.93
C PRO T 103 2.13 39.51 -101.13
N LEU T 104 3.24 39.86 -100.49
CA LEU T 104 4.02 38.98 -99.60
C LEU T 104 3.94 39.53 -98.17
N VAL T 105 3.31 38.77 -97.28
CA VAL T 105 3.12 39.13 -95.86
C VAL T 105 4.38 38.75 -95.08
N SER T 106 4.78 39.62 -94.17
CA SER T 106 5.92 39.47 -93.25
C SER T 106 5.37 39.10 -91.87
N ASP T 107 5.84 37.99 -91.29
CA ASP T 107 5.39 37.48 -89.97
C ASP T 107 6.59 37.32 -89.04
N PRO T 108 7.22 38.42 -88.57
CA PRO T 108 8.47 38.31 -87.83
C PRO T 108 8.24 37.83 -86.39
N LYS T 109 7.06 38.08 -85.84
CA LYS T 109 6.70 37.66 -84.46
C LYS T 109 6.30 36.18 -84.48
N ARG T 110 6.13 35.57 -85.65
CA ARG T 110 5.79 34.13 -85.85
C ARG T 110 4.40 33.82 -85.26
N THR T 111 3.59 34.85 -84.98
CA THR T 111 2.24 34.71 -84.39
C THR T 111 1.27 34.18 -85.44
N ILE T 112 1.41 34.63 -86.69
CA ILE T 112 0.51 34.25 -87.81
C ILE T 112 0.76 32.77 -88.13
N ALA T 113 2.01 32.39 -88.30
CA ALA T 113 2.43 30.99 -88.53
C ALA T 113 1.86 30.12 -87.40
N GLN T 114 1.89 30.62 -86.16
CA GLN T 114 1.45 29.82 -85.00
C GLN T 114 -0.08 29.70 -85.00
N ASP T 115 -0.78 30.80 -85.28
CA ASP T 115 -2.26 30.82 -85.39
C ASP T 115 -2.72 29.78 -86.42
N TYR T 116 -2.03 29.65 -87.57
CA TYR T 116 -2.43 28.76 -88.68
C TYR T 116 -1.80 27.37 -88.48
N GLY T 117 -1.02 27.21 -87.41
CA GLY T 117 -0.53 25.91 -86.92
C GLY T 117 0.54 25.32 -87.82
N VAL T 118 1.34 26.18 -88.43
CA VAL T 118 2.34 25.78 -89.46
C VAL T 118 3.73 26.24 -89.03
N LEU T 119 3.90 26.70 -87.80
CA LEU T 119 5.24 27.08 -87.26
C LEU T 119 6.00 25.81 -86.90
N LYS T 120 7.12 25.56 -87.56
CA LYS T 120 8.14 24.54 -87.18
C LYS T 120 8.98 25.15 -86.06
N ALA T 121 8.68 24.78 -84.81
CA ALA T 121 9.15 25.46 -83.57
C ALA T 121 10.67 25.55 -83.56
N ASP T 122 11.33 24.43 -83.85
CA ASP T 122 12.79 24.20 -83.65
C ASP T 122 13.60 25.08 -84.60
N GLU T 123 13.10 25.45 -85.78
CA GLU T 123 13.85 26.26 -86.78
C GLU T 123 13.27 27.67 -86.88
N GLY T 124 12.09 27.92 -86.31
CA GLY T 124 11.40 29.22 -86.28
C GLY T 124 10.91 29.68 -87.66
N ILE T 125 10.36 28.75 -88.45
CA ILE T 125 9.91 28.98 -89.85
C ILE T 125 8.59 28.25 -90.11
N SER T 126 7.82 28.72 -91.08
CA SER T 126 6.55 28.11 -91.58
C SER T 126 6.84 26.82 -92.34
N PHE T 127 6.04 25.79 -92.16
CA PHE T 127 5.88 24.69 -93.15
C PHE T 127 5.25 25.26 -94.41
N ARG T 128 5.08 24.42 -95.44
CA ARG T 128 4.41 24.79 -96.72
C ARG T 128 2.91 24.64 -96.51
N GLY T 129 2.32 25.61 -95.82
CA GLY T 129 0.88 25.63 -95.51
C GLY T 129 0.11 26.48 -96.49
N LEU T 130 -1.08 26.03 -96.89
CA LEU T 130 -2.01 26.80 -97.76
C LEU T 130 -3.42 26.68 -97.17
N PHE T 131 -4.11 27.81 -97.12
CA PHE T 131 -5.45 27.93 -96.51
C PHE T 131 -6.38 28.63 -97.49
N ILE T 132 -7.56 28.03 -97.71
CA ILE T 132 -8.61 28.68 -98.53
C ILE T 132 -9.67 29.25 -97.59
N ILE T 133 -9.97 30.53 -97.76
CA ILE T 133 -10.87 31.33 -96.90
C ILE T 133 -11.92 31.99 -97.81
N ASP T 134 -13.20 31.85 -97.48
CA ASP T 134 -14.32 32.25 -98.37
C ASP T 134 -14.58 33.76 -98.22
N ASP T 135 -15.46 34.30 -99.06
CA ASP T 135 -15.83 35.74 -99.14
C ASP T 135 -16.36 36.23 -97.78
N LYS T 136 -16.78 35.35 -96.89
CA LYS T 136 -17.32 35.74 -95.54
C LYS T 136 -16.22 35.57 -94.48
N GLY T 137 -15.00 35.20 -94.87
CA GLY T 137 -13.85 35.09 -93.96
C GLY T 137 -13.83 33.78 -93.18
N ILE T 138 -14.50 32.74 -93.70
CA ILE T 138 -14.58 31.40 -93.06
C ILE T 138 -13.56 30.47 -93.70
N LEU T 139 -12.82 29.74 -92.87
CA LEU T 139 -11.78 28.79 -93.34
C LEU T 139 -12.49 27.58 -93.94
N ARG T 140 -12.11 27.17 -95.14
CA ARG T 140 -12.79 26.08 -95.88
C ARG T 140 -11.83 24.92 -96.12
N GLN T 141 -10.53 25.19 -96.22
CA GLN T 141 -9.53 24.16 -96.63
C GLN T 141 -8.21 24.40 -95.89
N ILE T 142 -7.58 23.31 -95.46
CA ILE T 142 -6.22 23.30 -94.87
C ILE T 142 -5.35 22.35 -95.68
N THR T 143 -4.27 22.86 -96.26
CA THR T 143 -3.19 22.08 -96.91
C THR T 143 -1.89 22.40 -96.18
N VAL T 144 -1.15 21.39 -95.70
CA VAL T 144 0.19 21.57 -95.09
C VAL T 144 1.13 20.47 -95.57
N ASN T 145 2.17 20.85 -96.31
CA ASN T 145 3.21 19.94 -96.86
C ASN T 145 4.48 20.08 -96.02
N ASP T 146 5.17 18.98 -95.72
CA ASP T 146 6.59 19.01 -95.27
C ASP T 146 7.37 19.79 -96.31
N LEU T 147 8.57 20.26 -95.92
CA LEU T 147 9.32 21.33 -96.62
C LEU T 147 9.65 20.98 -98.07
N PRO T 148 10.06 19.75 -98.42
CA PRO T 148 10.53 19.48 -99.78
C PRO T 148 9.50 19.38 -100.91
N VAL T 149 8.20 19.47 -100.63
CA VAL T 149 7.14 19.18 -101.65
C VAL T 149 6.23 20.38 -101.81
N GLY T 150 6.08 20.85 -103.05
CA GLY T 150 5.37 22.09 -103.38
C GLY T 150 3.89 21.87 -103.61
N ARG T 151 3.17 22.96 -103.84
CA ARG T 151 1.71 22.99 -104.01
C ARG T 151 1.40 23.26 -105.48
N SER T 152 0.30 22.68 -105.99
CA SER T 152 -0.15 22.82 -107.40
C SER T 152 -1.09 24.03 -107.52
N VAL T 153 -0.86 24.91 -108.49
CA VAL T 153 -1.80 26.02 -108.74
C VAL T 153 -3.13 25.42 -109.22
N ASP T 154 -3.08 24.36 -110.03
CA ASP T 154 -4.30 23.73 -110.59
C ASP T 154 -5.17 23.19 -109.46
N GLU T 155 -4.60 22.40 -108.55
CA GLU T 155 -5.35 21.81 -107.41
C GLU T 155 -5.94 22.94 -106.58
N THR T 156 -5.23 24.05 -106.41
CA THR T 156 -5.74 25.21 -105.64
C THR T 156 -6.94 25.78 -106.37
N LEU T 157 -6.85 25.99 -107.69
CA LEU T 157 -8.00 26.52 -108.49
C LEU T 157 -9.17 25.54 -108.38
N ARG T 158 -8.94 24.23 -108.51
CA ARG T 158 -10.01 23.20 -108.38
C ARG T 158 -10.80 23.43 -107.09
N LEU T 159 -10.09 23.57 -105.97
CA LEU T 159 -10.71 23.76 -104.63
C LEU T 159 -11.49 25.08 -104.63
N VAL T 160 -10.91 26.17 -105.09
CA VAL T 160 -11.60 27.49 -105.04
C VAL T 160 -12.89 27.40 -105.86
N GLN T 161 -12.84 26.81 -107.07
CA GLN T 161 -14.03 26.70 -107.96
C GLN T 161 -15.08 25.84 -107.27
N ALA T 162 -14.66 24.73 -106.65
CA ALA T 162 -15.57 23.76 -105.99
C ALA T 162 -16.29 24.42 -104.82
N PHE T 163 -15.57 25.13 -103.96
CA PHE T 163 -16.17 25.83 -102.79
C PHE T 163 -17.13 26.90 -103.31
N GLN T 164 -16.76 27.58 -104.39
CA GLN T 164 -17.55 28.71 -104.95
C GLN T 164 -18.83 28.14 -105.58
N PHE T 165 -18.72 27.02 -106.29
CA PHE T 165 -19.86 26.27 -106.88
C PHE T 165 -20.90 26.03 -105.78
N THR T 166 -20.49 25.44 -104.67
CA THR T 166 -21.40 25.02 -103.57
C THR T 166 -21.97 26.27 -102.89
N ASP T 167 -21.13 27.28 -102.67
CA ASP T 167 -21.52 28.62 -102.15
C ASP T 167 -22.68 29.17 -103.01
N LYS T 168 -22.55 29.11 -104.34
CA LYS T 168 -23.49 29.74 -105.30
C LYS T 168 -24.86 29.03 -105.27
N HIS T 169 -24.90 27.70 -105.24
CA HIS T 169 -26.18 26.90 -105.21
C HIS T 169 -26.74 26.89 -103.77
N GLY T 170 -26.40 27.90 -102.97
CA GLY T 170 -27.07 28.20 -101.70
C GLY T 170 -27.72 29.58 -101.72
N GLU T 171 -27.67 30.27 -102.87
CA GLU T 171 -28.52 31.47 -103.15
C GLU T 171 -29.80 30.96 -103.82
N VAL T 172 -30.76 30.49 -103.03
CA VAL T 172 -31.95 29.77 -103.56
C VAL T 172 -33.23 30.42 -103.03
N SER T 173 -34.26 30.47 -103.87
CA SER T 173 -35.65 30.91 -103.53
C SER T 173 -36.48 29.70 -103.16
N PRO T 174 -37.50 29.83 -102.29
CA PRO T 174 -38.40 28.72 -102.01
C PRO T 174 -38.89 28.08 -103.31
N ALA T 175 -39.23 26.79 -103.27
CA ALA T 175 -39.83 26.09 -104.43
C ALA T 175 -41.27 26.62 -104.55
N GLY T 176 -41.69 26.94 -105.75
CA GLY T 176 -43.09 27.28 -106.07
C GLY T 176 -44.01 26.05 -106.03
N TRP T 177 -43.48 24.86 -105.74
CA TRP T 177 -44.06 23.54 -106.08
C TRP T 177 -44.24 22.72 -104.80
N LYS T 178 -45.25 21.85 -104.75
CA LYS T 178 -45.51 20.93 -103.62
C LYS T 178 -45.94 19.60 -104.20
N PRO T 179 -45.58 18.47 -103.55
CA PRO T 179 -46.03 17.15 -103.98
C PRO T 179 -47.48 16.93 -103.56
N GLY T 180 -48.12 15.88 -104.05
CA GLY T 180 -49.46 15.48 -103.65
C GLY T 180 -50.01 14.47 -104.64
N SER T 181 -51.33 14.22 -104.59
CA SER T 181 -52.02 13.28 -105.51
C SER T 181 -51.62 13.58 -106.96
N ASP T 182 -51.62 14.86 -107.34
CA ASP T 182 -51.49 15.34 -108.75
C ASP T 182 -50.07 15.10 -109.30
N THR T 183 -49.06 14.92 -108.44
CA THR T 183 -47.64 14.82 -108.82
C THR T 183 -47.13 13.37 -108.75
N ILE T 184 -47.91 12.43 -108.22
CA ILE T 184 -47.47 11.01 -108.02
C ILE T 184 -47.40 10.29 -109.38
N LYS T 185 -46.33 9.53 -109.61
CA LYS T 185 -46.15 8.63 -110.77
C LYS T 185 -46.76 7.27 -110.45
N PRO T 186 -47.74 6.79 -111.24
CA PRO T 186 -48.42 5.53 -110.96
C PRO T 186 -47.61 4.30 -111.39
N SER U 2 -0.62 22.39 -85.04
CA SER U 2 -0.29 21.37 -86.09
C SER U 2 -1.58 20.81 -86.74
N SER U 3 -2.17 19.75 -86.15
CA SER U 3 -3.51 19.19 -86.48
C SER U 3 -3.99 18.28 -85.34
N GLY U 4 -4.45 18.88 -84.23
CA GLY U 4 -5.05 18.20 -83.06
C GLY U 4 -4.02 17.45 -82.22
N ASN U 5 -2.91 16.99 -82.82
CA ASN U 5 -2.01 15.94 -82.26
C ASN U 5 -1.11 15.31 -83.35
N ALA U 6 -1.47 15.46 -84.61
CA ALA U 6 -0.71 15.02 -85.79
C ALA U 6 0.19 16.16 -86.24
N LYS U 7 1.50 15.98 -86.16
CA LYS U 7 2.48 17.04 -86.44
C LYS U 7 3.29 16.60 -87.65
N ILE U 8 3.41 17.47 -88.66
CA ILE U 8 4.29 17.22 -89.83
C ILE U 8 5.69 16.95 -89.30
N GLY U 9 6.32 15.88 -89.79
CA GLY U 9 7.72 15.56 -89.47
C GLY U 9 7.87 14.70 -88.24
N HIS U 10 6.86 14.62 -87.36
CA HIS U 10 6.84 13.70 -86.20
C HIS U 10 6.08 12.43 -86.61
N PRO U 11 6.18 11.32 -85.85
CA PRO U 11 5.46 10.09 -86.21
C PRO U 11 3.94 10.30 -86.15
N ALA U 12 3.23 9.86 -87.18
CA ALA U 12 1.76 9.95 -87.28
C ALA U 12 1.18 9.28 -86.04
N PRO U 13 0.10 9.82 -85.42
CA PRO U 13 -0.54 9.18 -84.28
C PRO U 13 -0.97 7.77 -84.67
N ASN U 14 -0.57 6.78 -83.87
CA ASN U 14 -0.94 5.36 -84.08
C ASN U 14 -2.41 5.22 -83.68
N PHE U 15 -3.14 4.38 -84.39
CA PHE U 15 -4.48 3.90 -83.99
C PHE U 15 -4.45 2.37 -84.05
N LYS U 16 -5.20 1.73 -83.16
CA LYS U 16 -5.66 0.34 -83.36
C LYS U 16 -7.18 0.42 -83.51
N ALA U 17 -7.73 -0.19 -84.55
CA ALA U 17 -9.18 -0.11 -84.85
C ALA U 17 -9.62 -1.34 -85.65
N THR U 18 -10.89 -1.71 -85.53
CA THR U 18 -11.52 -2.76 -86.35
C THR U 18 -11.79 -2.16 -87.72
N ALA U 19 -11.34 -2.83 -88.77
CA ALA U 19 -11.58 -2.39 -90.16
C ALA U 19 -12.37 -3.48 -90.89
N VAL U 20 -13.13 -3.07 -91.90
CA VAL U 20 -13.70 -3.99 -92.91
C VAL U 20 -12.69 -4.04 -94.05
N MET U 21 -12.01 -5.18 -94.19
CA MET U 21 -11.01 -5.43 -95.26
C MET U 21 -11.75 -5.64 -96.58
N PRO U 22 -11.02 -5.63 -97.73
CA PRO U 22 -11.69 -5.67 -99.03
C PRO U 22 -12.35 -7.03 -99.31
N ASP U 23 -11.87 -8.09 -98.65
CA ASP U 23 -12.43 -9.47 -98.76
C ASP U 23 -13.74 -9.60 -97.98
N GLY U 24 -14.16 -8.58 -97.22
CA GLY U 24 -15.42 -8.59 -96.46
C GLY U 24 -15.30 -9.18 -95.05
N GLN U 25 -14.08 -9.44 -94.59
CA GLN U 25 -13.75 -9.90 -93.21
C GLN U 25 -13.53 -8.67 -92.32
N PHE U 26 -13.67 -8.84 -91.01
CA PHE U 26 -13.23 -7.86 -89.97
C PHE U 26 -11.84 -8.25 -89.46
N LYS U 27 -10.92 -7.29 -89.48
CA LYS U 27 -9.54 -7.46 -88.94
C LYS U 27 -9.26 -6.28 -88.01
N ASP U 28 -8.45 -6.51 -86.96
CA ASP U 28 -7.99 -5.43 -86.05
C ASP U 28 -6.65 -4.95 -86.60
N ILE U 29 -6.60 -3.76 -87.21
CA ILE U 29 -5.35 -3.22 -87.82
C ILE U 29 -4.84 -2.03 -87.01
N SER U 30 -3.55 -1.76 -87.12
CA SER U 30 -2.86 -0.57 -86.57
C SER U 30 -2.12 0.14 -87.69
N LEU U 31 -1.96 1.45 -87.61
CA LEU U 31 -1.15 2.21 -88.60
C LEU U 31 0.26 1.61 -88.63
N SER U 32 0.79 1.27 -87.47
CA SER U 32 2.15 0.70 -87.29
C SER U 32 2.26 -0.64 -88.03
N ASP U 33 1.16 -1.35 -88.28
CA ASP U 33 1.19 -2.58 -89.11
C ASP U 33 1.75 -2.27 -90.49
N TYR U 34 1.71 -1.02 -90.96
CA TYR U 34 2.02 -0.64 -92.37
C TYR U 34 3.39 0.07 -92.47
N LYS U 35 4.23 0.04 -91.43
CA LYS U 35 5.66 0.45 -91.56
C LYS U 35 6.24 -0.33 -92.73
N GLY U 36 7.06 0.35 -93.54
CA GLY U 36 7.62 -0.22 -94.78
C GLY U 36 6.81 0.21 -95.99
N LYS U 37 5.59 0.68 -95.80
CA LYS U 37 4.74 1.23 -96.88
C LYS U 37 4.40 2.67 -96.54
N TYR U 38 4.26 3.49 -97.58
CA TYR U 38 3.58 4.82 -97.53
C TYR U 38 2.10 4.53 -97.25
N VAL U 39 1.46 5.39 -96.46
CA VAL U 39 0.02 5.25 -96.14
C VAL U 39 -0.68 6.55 -96.53
N VAL U 40 -1.70 6.43 -97.35
CA VAL U 40 -2.71 7.51 -97.56
C VAL U 40 -3.89 7.16 -96.66
N PHE U 41 -4.01 7.85 -95.52
CA PHE U 41 -5.08 7.67 -94.52
C PHE U 41 -6.08 8.80 -94.68
N PHE U 42 -7.31 8.50 -95.07
CA PHE U 42 -8.32 9.54 -95.35
C PHE U 42 -9.61 9.25 -94.57
N PHE U 43 -10.11 10.29 -93.92
CA PHE U 43 -11.42 10.32 -93.23
C PHE U 43 -12.48 10.81 -94.20
N TYR U 44 -13.69 10.29 -94.07
CA TYR U 44 -14.92 10.85 -94.69
C TYR U 44 -15.96 10.97 -93.58
N PRO U 45 -16.97 11.86 -93.70
CA PRO U 45 -17.85 12.17 -92.59
C PRO U 45 -18.66 10.96 -92.11
N LEU U 46 -19.53 10.43 -92.98
CA LEU U 46 -20.56 9.42 -92.61
C LEU U 46 -20.84 8.42 -93.73
N ASP U 47 -21.03 7.16 -93.34
CA ASP U 47 -21.66 6.10 -94.18
C ASP U 47 -23.14 6.40 -94.36
N PHE U 48 -23.68 5.96 -95.50
CA PHE U 48 -25.13 5.86 -95.83
C PHE U 48 -25.78 7.24 -95.99
N THR U 49 -25.00 8.28 -96.28
CA THR U 49 -25.58 9.61 -96.64
C THR U 49 -26.16 9.52 -98.05
N PHE U 50 -26.81 10.58 -98.51
CA PHE U 50 -27.58 10.60 -99.77
C PHE U 50 -26.64 10.99 -100.93
N VAL U 51 -25.35 11.21 -100.65
CA VAL U 51 -24.35 11.64 -101.68
C VAL U 51 -23.88 10.39 -102.43
N CYS U 52 -23.74 10.48 -103.76
CA CYS U 52 -23.01 9.47 -104.57
C CYS U 52 -21.60 9.42 -103.98
N PRO U 53 -21.15 8.29 -103.40
CA PRO U 53 -19.84 8.26 -102.74
C PRO U 53 -18.65 8.13 -103.72
N THR U 54 -18.63 8.97 -104.75
CA THR U 54 -17.74 8.82 -105.94
C THR U 54 -16.28 8.99 -105.50
N GLU U 55 -16.05 9.84 -104.52
CA GLU U 55 -14.71 10.12 -103.94
C GLU U 55 -14.10 8.84 -103.38
N ILE U 56 -14.81 8.16 -102.49
CA ILE U 56 -14.31 6.89 -101.87
C ILE U 56 -14.08 5.88 -103.00
N ILE U 57 -14.99 5.81 -103.95
CA ILE U 57 -14.94 4.78 -105.03
C ILE U 57 -13.69 5.03 -105.89
N ALA U 58 -13.45 6.28 -106.30
CA ALA U 58 -12.22 6.70 -107.03
C ALA U 58 -10.98 6.11 -106.35
N PHE U 59 -10.82 6.26 -105.05
CA PHE U 59 -9.63 5.75 -104.32
C PHE U 59 -9.63 4.21 -104.38
N SER U 60 -10.79 3.57 -104.25
CA SER U 60 -10.91 2.09 -104.31
C SER U 60 -10.55 1.62 -105.73
N ASP U 61 -11.22 2.19 -106.72
CA ASP U 61 -11.01 1.89 -108.16
C ASP U 61 -9.52 2.00 -108.48
N ARG U 62 -8.86 3.07 -108.06
CA ARG U 62 -7.46 3.34 -108.51
C ARG U 62 -6.45 2.87 -107.46
N ALA U 63 -6.85 1.92 -106.60
CA ALA U 63 -5.98 1.40 -105.51
C ALA U 63 -4.74 0.75 -106.13
N GLU U 64 -4.85 0.19 -107.34
CA GLU U 64 -3.72 -0.48 -108.05
C GLU U 64 -2.56 0.54 -108.17
N GLU U 65 -2.87 1.79 -108.50
CA GLU U 65 -1.87 2.84 -108.81
C GLU U 65 -1.09 3.18 -107.53
N PHE U 66 -1.73 3.05 -106.38
CA PHE U 66 -1.11 3.27 -105.04
C PHE U 66 -0.26 2.04 -104.68
N LYS U 67 -0.75 0.84 -104.99
CA LYS U 67 0.00 -0.42 -104.69
C LYS U 67 1.29 -0.38 -105.52
N LYS U 68 1.21 0.04 -106.78
CA LYS U 68 2.39 0.23 -107.69
C LYS U 68 3.40 1.15 -107.01
N LEU U 69 2.99 2.16 -106.25
CA LEU U 69 3.89 3.12 -105.56
C LEU U 69 4.21 2.63 -104.15
N ASN U 70 3.97 1.35 -103.87
CA ASN U 70 4.25 0.71 -102.56
C ASN U 70 3.60 1.52 -101.43
N SER U 71 2.36 1.94 -101.62
CA SER U 71 1.57 2.70 -100.62
C SER U 71 0.19 2.05 -100.47
N GLN U 72 -0.34 2.08 -99.25
CA GLN U 72 -1.67 1.55 -98.87
C GLN U 72 -2.64 2.71 -98.62
N VAL U 73 -3.77 2.72 -99.34
CA VAL U 73 -4.89 3.65 -99.03
C VAL U 73 -5.75 3.02 -97.95
N ILE U 74 -6.09 3.80 -96.91
CA ILE U 74 -7.02 3.39 -95.82
C ILE U 74 -8.05 4.51 -95.63
N GLY U 75 -9.33 4.14 -95.70
CA GLY U 75 -10.47 5.03 -95.40
C GLY U 75 -10.92 4.87 -93.95
N ALA U 76 -11.58 5.89 -93.40
CA ALA U 76 -12.06 5.89 -92.00
C ALA U 76 -13.27 6.81 -91.85
N SER U 77 -14.17 6.43 -90.97
CA SER U 77 -15.26 7.30 -90.45
C SER U 77 -15.62 6.81 -89.04
N VAL U 78 -16.51 7.55 -88.37
CA VAL U 78 -16.90 7.26 -86.97
C VAL U 78 -17.95 6.14 -86.92
N ASP U 79 -18.43 5.65 -88.07
CA ASP U 79 -19.47 4.60 -88.16
C ASP U 79 -18.84 3.28 -87.67
N SER U 80 -19.63 2.40 -87.02
CA SER U 80 -19.21 1.05 -86.57
C SER U 80 -18.77 0.21 -87.76
N HIS U 81 -17.97 -0.82 -87.51
CA HIS U 81 -17.53 -1.77 -88.57
C HIS U 81 -18.75 -2.48 -89.15
N PHE U 82 -19.77 -2.72 -88.33
CA PHE U 82 -21.03 -3.37 -88.78
C PHE U 82 -21.65 -2.52 -89.89
N VAL U 83 -21.58 -1.19 -89.72
CA VAL U 83 -22.18 -0.21 -90.66
C VAL U 83 -21.35 -0.22 -91.93
N HIS U 84 -20.03 -0.12 -91.82
CA HIS U 84 -19.10 -0.18 -92.98
C HIS U 84 -19.47 -1.40 -93.81
N LEU U 85 -19.57 -2.56 -93.18
CA LEU U 85 -19.86 -3.84 -93.87
C LEU U 85 -21.20 -3.71 -94.60
N ALA U 86 -22.24 -3.25 -93.91
CA ALA U 86 -23.59 -3.07 -94.47
C ALA U 86 -23.51 -2.14 -95.69
N TRP U 87 -22.71 -1.09 -95.62
CA TRP U 87 -22.62 -0.07 -96.69
C TRP U 87 -21.94 -0.67 -97.93
N VAL U 88 -20.91 -1.48 -97.70
CA VAL U 88 -20.16 -2.22 -98.76
C VAL U 88 -21.15 -3.15 -99.47
N ASN U 89 -21.93 -3.91 -98.70
CA ASN U 89 -22.84 -4.98 -99.21
C ASN U 89 -24.17 -4.37 -99.69
N THR U 90 -24.34 -3.06 -99.59
CA THR U 90 -25.46 -2.36 -100.25
C THR U 90 -24.98 -1.93 -101.62
N PRO U 91 -25.62 -2.39 -102.73
CA PRO U 91 -25.15 -2.04 -104.08
C PRO U 91 -25.30 -0.54 -104.38
N LYS U 92 -24.42 -0.01 -105.23
CA LYS U 92 -24.39 1.44 -105.58
C LYS U 92 -25.79 1.86 -106.04
N LYS U 93 -26.43 1.04 -106.89
CA LYS U 93 -27.76 1.27 -107.52
C LYS U 93 -28.78 1.74 -106.46
N GLN U 94 -28.62 1.33 -105.19
CA GLN U 94 -29.55 1.65 -104.09
C GLN U 94 -28.95 2.67 -103.11
N GLY U 95 -27.90 3.40 -103.51
CA GLY U 95 -27.24 4.44 -102.70
C GLY U 95 -26.31 3.85 -101.66
N GLY U 96 -25.76 2.67 -101.94
CA GLY U 96 -24.68 2.05 -101.16
C GLY U 96 -23.34 2.37 -101.78
N LEU U 97 -22.29 1.64 -101.37
CA LEU U 97 -20.87 1.90 -101.69
C LEU U 97 -20.36 0.87 -102.70
N GLY U 98 -20.89 -0.35 -102.62
CA GLY U 98 -20.40 -1.47 -103.44
C GLY U 98 -19.11 -2.00 -102.85
N PRO U 99 -18.47 -3.00 -103.49
CA PRO U 99 -17.30 -3.65 -102.91
C PRO U 99 -16.13 -2.68 -103.00
N MET U 100 -15.13 -2.90 -102.13
CA MET U 100 -13.99 -1.96 -101.92
C MET U 100 -12.68 -2.73 -102.09
N ASN U 101 -11.66 -2.06 -102.64
CA ASN U 101 -10.27 -2.58 -102.75
C ASN U 101 -9.41 -2.02 -101.61
N ILE U 102 -10.00 -1.20 -100.74
CA ILE U 102 -9.29 -0.57 -99.60
C ILE U 102 -10.00 -0.95 -98.31
N PRO U 103 -9.25 -1.07 -97.20
CA PRO U 103 -9.87 -1.30 -95.90
C PRO U 103 -10.57 -0.01 -95.42
N LEU U 104 -11.66 -0.18 -94.68
CA LEU U 104 -12.41 0.94 -94.05
C LEU U 104 -12.32 0.80 -92.53
N VAL U 105 -11.66 1.77 -91.91
CA VAL U 105 -11.44 1.81 -90.44
C VAL U 105 -12.67 2.41 -89.78
N SER U 106 -13.04 1.82 -88.65
CA SER U 106 -14.17 2.23 -87.77
C SER U 106 -13.58 2.98 -86.57
N ASP U 107 -14.04 4.19 -86.30
CA ASP U 107 -13.56 5.06 -85.20
C ASP U 107 -14.75 5.47 -84.31
N PRO U 108 -15.36 4.56 -83.54
CA PRO U 108 -16.60 4.86 -82.83
C PRO U 108 -16.33 5.71 -81.59
N LYS U 109 -15.13 5.62 -81.00
CA LYS U 109 -14.75 6.43 -79.82
C LYS U 109 -14.37 7.84 -80.25
N ARG U 110 -14.23 8.10 -81.55
CA ARG U 110 -13.88 9.42 -82.15
C ARG U 110 -12.49 9.87 -81.70
N THR U 111 -11.68 8.96 -81.15
CA THR U 111 -10.30 9.25 -80.65
C THR U 111 -9.35 9.46 -81.83
N ILE U 112 -9.53 8.69 -82.91
CA ILE U 112 -8.64 8.74 -84.10
C ILE U 112 -8.91 10.08 -84.81
N ALA U 113 -10.18 10.40 -85.06
CA ALA U 113 -10.59 11.68 -85.66
C ALA U 113 -10.01 12.83 -84.83
N GLN U 114 -10.01 12.70 -83.50
CA GLN U 114 -9.55 13.77 -82.59
C GLN U 114 -8.03 13.89 -82.68
N ASP U 115 -7.33 12.76 -82.65
CA ASP U 115 -5.85 12.71 -82.77
C ASP U 115 -5.40 13.41 -84.07
N TYR U 116 -6.12 13.22 -85.19
CA TYR U 116 -5.75 13.78 -86.52
C TYR U 116 -6.38 15.17 -86.70
N GLY U 117 -7.14 15.62 -85.70
CA GLY U 117 -7.62 17.01 -85.57
C GLY U 117 -8.71 17.32 -86.58
N VAL U 118 -9.52 16.34 -86.92
CA VAL U 118 -10.54 16.44 -87.99
C VAL U 118 -11.92 16.12 -87.43
N LEU U 119 -12.06 16.02 -86.11
CA LEU U 119 -13.39 15.80 -85.47
C LEU U 119 -14.14 17.13 -85.45
N LYS U 120 -15.28 17.19 -86.13
CA LYS U 120 -16.27 18.29 -86.04
C LYS U 120 -17.09 18.03 -84.78
N ALA U 121 -16.77 18.74 -83.69
CA ALA U 121 -17.21 18.44 -82.30
C ALA U 121 -18.74 18.35 -82.24
N ASP U 122 -19.40 19.36 -82.82
CA ASP U 122 -20.85 19.64 -82.65
C ASP U 122 -21.69 18.53 -83.31
N GLU U 123 -21.21 17.84 -84.35
CA GLU U 123 -21.99 16.78 -85.05
C GLU U 123 -21.40 15.39 -84.78
N GLY U 124 -20.21 15.31 -84.18
CA GLY U 124 -19.51 14.06 -83.81
C GLY U 124 -19.06 13.25 -85.00
N ILE U 125 -18.52 13.90 -86.03
CA ILE U 125 -18.12 13.27 -87.33
C ILE U 125 -16.81 13.91 -87.81
N SER U 126 -16.04 13.17 -88.62
CA SER U 126 -14.79 13.63 -89.28
C SER U 126 -15.12 14.65 -90.38
N PHE U 127 -14.30 15.69 -90.51
CA PHE U 127 -14.19 16.46 -91.76
C PHE U 127 -13.57 15.56 -92.84
N ARG U 128 -13.43 16.07 -94.06
CA ARG U 128 -12.80 15.37 -95.20
C ARG U 128 -11.28 15.56 -95.07
N GLY U 129 -10.67 14.81 -94.15
CA GLY U 129 -9.22 14.89 -93.89
C GLY U 129 -8.47 13.79 -94.61
N LEU U 130 -7.29 14.11 -95.15
CA LEU U 130 -6.38 13.13 -95.78
C LEU U 130 -4.96 13.40 -95.29
N PHE U 131 -4.26 12.33 -94.94
CA PHE U 131 -2.91 12.38 -94.35
C PHE U 131 -2.00 11.44 -95.13
N ILE U 132 -0.82 11.93 -95.52
CA ILE U 132 0.21 11.08 -96.16
C ILE U 132 1.29 10.79 -95.12
N ILE U 133 1.59 9.51 -94.94
CA ILE U 133 2.50 8.96 -93.90
C ILE U 133 3.54 8.08 -94.61
N ASP U 134 4.83 8.30 -94.34
CA ASP U 134 5.92 7.66 -95.12
C ASP U 134 6.19 6.26 -94.55
N ASP U 135 7.05 5.50 -95.23
CA ASP U 135 7.44 4.09 -94.91
C ASP U 135 7.98 3.99 -93.49
N LYS U 136 8.44 5.09 -92.87
CA LYS U 136 9.00 5.09 -91.49
C LYS U 136 7.93 5.54 -90.49
N GLY U 137 6.70 5.81 -90.94
CA GLY U 137 5.57 6.17 -90.08
C GLY U 137 5.55 7.64 -89.69
N ILE U 138 6.21 8.49 -90.49
CA ILE U 138 6.30 9.96 -90.25
C ILE U 138 5.25 10.67 -91.11
N LEU U 139 4.53 11.62 -90.51
CA LEU U 139 3.48 12.40 -91.20
C LEU U 139 4.17 13.40 -92.13
N ARG U 140 3.78 13.44 -93.39
CA ARG U 140 4.44 14.28 -94.42
C ARG U 140 3.48 15.34 -94.96
N GLN U 141 2.18 15.05 -94.96
CA GLN U 141 1.17 15.93 -95.60
C GLN U 141 -0.13 15.93 -94.80
N ILE U 142 -0.75 17.11 -94.69
CA ILE U 142 -2.10 17.29 -94.08
C ILE U 142 -2.99 17.98 -95.11
N THR U 143 -4.08 17.33 -95.50
CA THR U 143 -5.18 17.92 -96.31
C THR U 143 -6.47 17.81 -95.50
N VAL U 144 -7.19 18.91 -95.28
CA VAL U 144 -8.52 18.90 -94.63
C VAL U 144 -9.48 19.83 -95.36
N ASN U 145 -10.54 19.27 -95.96
CA ASN U 145 -11.60 20.01 -96.70
C ASN U 145 -12.85 20.08 -95.82
N ASP U 146 -13.53 21.24 -95.81
CA ASP U 146 -14.93 21.34 -95.34
C ASP U 146 -15.75 20.30 -96.11
N LEU U 147 -16.92 19.95 -95.59
CA LEU U 147 -17.69 18.73 -95.94
C LEU U 147 -18.05 18.67 -97.43
N PRO U 148 -18.48 19.75 -98.09
CA PRO U 148 -18.99 19.64 -99.46
C PRO U 148 -17.99 19.44 -100.61
N VAL U 149 -16.68 19.42 -100.35
CA VAL U 149 -15.66 19.40 -101.44
C VAL U 149 -14.74 18.20 -101.27
N GLY U 150 -14.62 17.39 -102.31
CA GLY U 150 -13.90 16.12 -102.28
C GLY U 150 -12.44 16.26 -102.61
N ARG U 151 -11.72 15.14 -102.57
CA ARG U 151 -10.25 15.06 -102.76
C ARG U 151 -9.98 14.41 -104.10
N SER U 152 -8.89 14.81 -104.77
CA SER U 152 -8.45 14.29 -106.09
C SER U 152 -7.52 13.09 -105.90
N VAL U 153 -7.78 11.98 -106.58
CA VAL U 153 -6.83 10.83 -106.55
C VAL U 153 -5.52 11.27 -107.20
N ASP U 154 -5.59 12.06 -108.26
CA ASP U 154 -4.39 12.51 -109.01
C ASP U 154 -3.49 13.33 -108.09
N GLU U 155 -4.04 14.35 -107.42
CA GLU U 155 -3.26 15.22 -106.51
C GLU U 155 -2.65 14.36 -105.40
N THR U 156 -3.37 13.35 -104.92
CA THR U 156 -2.84 12.45 -103.87
C THR U 156 -1.66 11.69 -104.45
N LEU U 157 -1.77 11.11 -105.65
CA LEU U 157 -0.63 10.38 -106.28
C LEU U 157 0.52 11.35 -106.48
N ARG U 158 0.29 12.58 -106.95
CA ARG U 158 1.37 13.58 -107.16
C ARG U 158 2.19 13.72 -105.87
N LEU U 159 1.51 13.90 -104.74
CA LEU U 159 2.16 14.08 -103.41
C LEU U 159 2.94 12.81 -103.06
N VAL U 160 2.35 11.63 -103.18
CA VAL U 160 3.03 10.37 -102.79
C VAL U 160 4.30 10.23 -103.63
N GLN U 161 4.23 10.46 -104.95
CA GLN U 161 5.40 10.31 -105.87
C GLN U 161 6.47 11.31 -105.47
N ALA U 162 6.07 12.56 -105.18
CA ALA U 162 6.98 13.67 -104.84
C ALA U 162 7.74 13.36 -103.54
N PHE U 163 7.03 12.92 -102.51
CA PHE U 163 7.66 12.58 -101.20
C PHE U 163 8.61 11.39 -101.42
N GLN U 164 8.21 10.44 -102.26
CA GLN U 164 9.00 9.20 -102.51
C GLN U 164 10.26 9.57 -103.30
N PHE U 165 10.12 10.45 -104.29
CA PHE U 165 11.25 10.99 -105.09
C PHE U 165 12.32 11.53 -104.13
N THR U 166 11.93 12.40 -103.22
CA THR U 166 12.86 13.11 -102.31
C THR U 166 13.45 12.10 -101.31
N ASP U 167 12.62 11.20 -100.79
CA ASP U 167 13.02 10.05 -99.93
C ASP U 167 14.17 9.27 -100.62
N LYS U 168 14.01 8.96 -101.91
CA LYS U 168 14.93 8.07 -102.67
C LYS U 168 16.30 8.76 -102.86
N HIS U 169 16.34 10.05 -103.23
CA HIS U 169 17.61 10.81 -103.46
C HIS U 169 18.21 11.24 -102.10
N GLY U 170 17.88 10.51 -101.02
CA GLY U 170 18.56 10.60 -99.73
C GLY U 170 19.22 9.28 -99.35
N GLU U 171 19.15 8.28 -100.23
CA GLU U 171 20.00 7.06 -100.18
C GLU U 171 21.27 7.36 -100.97
N VAL U 172 22.24 8.04 -100.37
CA VAL U 172 23.43 8.57 -101.08
C VAL U 172 24.69 8.13 -100.34
N SER U 173 25.74 7.78 -101.09
CA SER U 173 27.10 7.46 -100.62
C SER U 173 27.96 8.72 -100.68
N PRO U 174 29.03 8.86 -99.86
CA PRO U 174 30.00 9.95 -100.04
C PRO U 174 30.43 10.06 -101.50
N ALA U 175 30.83 11.25 -101.92
CA ALA U 175 31.03 11.63 -103.33
C ALA U 175 32.25 10.92 -103.94
N GLY U 176 33.33 10.71 -103.19
CA GLY U 176 34.60 10.21 -103.70
C GLY U 176 35.35 11.24 -104.53
N TRP U 177 34.82 12.46 -104.63
CA TRP U 177 35.40 13.62 -105.36
C TRP U 177 35.61 14.75 -104.37
N LYS U 178 36.62 15.59 -104.58
CA LYS U 178 36.91 16.78 -103.74
C LYS U 178 37.34 17.91 -104.68
N PRO U 179 36.98 19.18 -104.37
CA PRO U 179 37.44 20.31 -105.17
C PRO U 179 38.90 20.63 -104.81
N GLY U 180 39.56 21.49 -105.58
CA GLY U 180 40.92 21.95 -105.30
C GLY U 180 41.50 22.62 -106.53
N SER U 181 42.80 22.83 -106.55
CA SER U 181 43.54 23.45 -107.69
C SER U 181 43.12 22.77 -108.99
N ASP U 182 43.09 21.42 -109.00
CA ASP U 182 42.94 20.59 -110.23
C ASP U 182 41.53 20.70 -110.82
N THR U 183 40.53 21.14 -110.05
CA THR U 183 39.10 21.17 -110.46
C THR U 183 38.64 22.59 -110.82
N ILE U 184 39.44 23.62 -110.56
CA ILE U 184 39.06 25.05 -110.79
C ILE U 184 38.99 25.34 -112.29
N LYS U 185 37.94 26.04 -112.73
CA LYS U 185 37.78 26.58 -114.10
C LYS U 185 38.42 27.97 -114.16
N PRO U 186 39.40 28.19 -115.07
CA PRO U 186 40.01 29.51 -115.24
C PRO U 186 39.12 30.50 -116.02
N MET V 3 31.41 14.53 96.01
CA MET V 3 30.08 14.89 96.61
C MET V 3 28.94 14.40 95.69
N SER V 4 28.30 13.27 96.07
CA SER V 4 27.19 12.54 95.37
C SER V 4 27.51 12.23 93.90
N ILE V 5 27.21 11.00 93.44
CA ILE V 5 27.31 10.57 92.01
C ILE V 5 25.89 10.57 91.39
N HIS V 6 24.95 11.37 91.92
CA HIS V 6 23.64 11.68 91.26
C HIS V 6 23.57 13.17 90.87
N SER V 7 24.34 14.03 91.53
CA SER V 7 24.25 15.50 91.41
C SER V 7 25.63 16.17 91.56
N GLY V 8 26.72 15.51 91.19
CA GLY V 8 28.07 16.09 91.15
C GLY V 8 28.17 17.27 90.19
N ARG V 9 27.69 17.12 88.94
CA ARG V 9 27.73 18.16 87.88
C ARG V 9 26.47 19.04 87.95
N ILE V 10 25.95 19.33 89.16
CA ILE V 10 24.79 20.25 89.44
C ILE V 10 25.19 21.23 90.54
N ALA V 11 25.34 22.52 90.20
CA ALA V 11 25.73 23.60 91.13
C ALA V 11 24.71 23.70 92.28
N ALA V 12 23.42 23.88 91.94
CA ALA V 12 22.40 24.48 92.82
C ALA V 12 21.95 23.50 93.92
N VAL V 13 22.15 23.90 95.18
CA VAL V 13 21.51 23.27 96.38
C VAL V 13 20.31 24.13 96.79
N HIS V 14 19.15 23.53 97.00
CA HIS V 14 17.90 24.23 97.41
C HIS V 14 17.49 23.80 98.81
N ASN V 15 16.69 24.66 99.46
CA ASN V 15 16.02 24.39 100.74
C ASN V 15 14.61 23.93 100.41
N VAL V 16 14.44 22.61 100.30
CA VAL V 16 13.16 22.00 99.87
C VAL V 16 12.34 21.73 101.12
N PRO V 17 11.12 22.29 101.19
CA PRO V 17 10.21 22.00 102.30
C PRO V 17 9.89 20.49 102.38
N LEU V 18 10.14 19.88 103.54
CA LEU V 18 9.85 18.43 103.81
C LEU V 18 8.43 18.09 103.37
N SER V 19 7.51 19.04 103.43
CA SER V 19 6.07 18.82 103.15
C SER V 19 5.77 18.71 101.64
N VAL V 20 6.72 18.94 100.73
CA VAL V 20 6.47 18.79 99.26
C VAL V 20 7.20 17.56 98.70
N LEU V 21 8.18 17.04 99.43
CA LEU V 21 8.87 15.76 99.09
C LEU V 21 7.87 14.62 99.21
N ILE V 22 7.71 13.86 98.12
CA ILE V 22 6.97 12.57 98.07
C ILE V 22 7.99 11.46 98.36
N ARG V 23 7.82 10.73 99.47
CA ARG V 23 8.65 9.54 99.79
C ARG V 23 7.74 8.33 99.79
N PRO V 24 7.58 7.65 98.64
CA PRO V 24 6.59 6.59 98.50
C PRO V 24 7.12 5.18 98.84
N LEU V 25 8.42 5.06 99.11
CA LEU V 25 9.04 3.78 99.48
C LEU V 25 9.21 3.76 101.00
N PRO V 26 8.75 2.69 101.69
CA PRO V 26 8.94 2.60 103.13
C PRO V 26 10.44 2.53 103.46
N SER V 27 10.85 3.14 104.57
CA SER V 27 12.25 3.23 105.06
C SER V 27 12.44 2.24 106.22
N VAL V 28 13.51 1.43 106.18
CA VAL V 28 13.95 0.59 107.34
C VAL V 28 15.15 1.32 107.98
N LEU V 29 14.89 2.13 108.99
CA LEU V 29 15.85 3.07 109.62
C LEU V 29 16.45 2.45 110.88
N ASP V 30 17.79 2.48 111.00
CA ASP V 30 18.55 2.05 112.20
C ASP V 30 18.62 3.23 113.18
N PRO V 31 17.74 3.32 114.21
CA PRO V 31 17.56 4.57 114.96
C PRO V 31 18.86 5.11 115.60
N ALA V 32 19.90 4.27 115.69
CA ALA V 32 21.27 4.66 116.09
C ALA V 32 21.83 5.70 115.09
N LYS V 33 21.76 5.39 113.79
CA LYS V 33 22.28 6.24 112.69
C LYS V 33 21.43 7.52 112.58
N VAL V 34 20.12 7.44 112.84
CA VAL V 34 19.19 8.61 112.85
C VAL V 34 19.64 9.57 113.95
N GLN V 35 19.65 9.08 115.20
CA GLN V 35 20.05 9.86 116.42
C GLN V 35 21.43 10.49 116.19
N SER V 36 22.37 9.71 115.64
CA SER V 36 23.77 10.14 115.31
C SER V 36 23.74 11.37 114.37
N LEU V 37 22.97 11.30 113.28
CA LEU V 37 22.86 12.39 112.25
C LEU V 37 22.14 13.60 112.87
N VAL V 38 21.12 13.38 113.70
CA VAL V 38 20.33 14.46 114.39
C VAL V 38 21.33 15.39 115.10
N ASP V 39 22.35 14.81 115.72
CA ASP V 39 23.39 15.55 116.51
C ASP V 39 24.30 16.29 115.52
N THR V 40 24.77 15.63 114.47
CA THR V 40 25.66 16.21 113.43
C THR V 40 24.95 17.38 112.74
N ILE V 41 23.62 17.40 112.69
CA ILE V 41 22.81 18.48 112.03
C ILE V 41 22.80 19.73 112.94
N ARG V 42 22.58 19.55 114.24
CA ARG V 42 22.58 20.64 115.26
C ARG V 42 24.01 21.19 115.42
N GLU V 43 25.00 20.29 115.54
CA GLU V 43 26.43 20.64 115.78
C GLU V 43 27.06 21.21 114.51
N ASP V 44 26.94 20.54 113.37
CA ASP V 44 27.67 20.88 112.12
C ASP V 44 26.81 20.64 110.89
N PRO V 45 25.81 21.50 110.58
CA PRO V 45 25.00 21.37 109.37
C PRO V 45 25.78 21.04 108.08
N ASP V 46 26.94 21.67 107.86
CA ASP V 46 27.69 21.55 106.58
C ASP V 46 28.39 20.19 106.46
N SER V 47 28.38 19.36 107.51
CA SER V 47 28.82 17.94 107.46
C SER V 47 27.92 17.14 106.51
N VAL V 48 26.60 17.31 106.64
CA VAL V 48 25.52 16.43 106.08
C VAL V 48 25.27 16.84 104.62
N PRO V 49 25.60 15.99 103.62
CA PRO V 49 25.29 16.31 102.22
C PRO V 49 23.81 16.64 102.04
N PRO V 50 23.47 17.37 100.96
CA PRO V 50 22.08 17.52 100.58
C PRO V 50 21.59 16.21 99.95
N ILE V 51 20.29 15.91 100.07
CA ILE V 51 19.66 14.69 99.47
C ILE V 51 19.46 14.93 97.98
N ASP V 52 19.31 13.87 97.19
CA ASP V 52 19.02 13.96 95.73
C ASP V 52 17.51 13.77 95.55
N VAL V 53 16.79 14.77 95.08
CA VAL V 53 15.34 14.60 94.80
C VAL V 53 15.13 14.67 93.27
N LEU V 54 14.24 13.83 92.76
CA LEU V 54 13.85 13.81 91.34
C LEU V 54 12.72 14.81 91.17
N TRP V 55 12.89 15.75 90.26
CA TRP V 55 11.85 16.73 89.84
C TRP V 55 11.21 16.22 88.55
N ILE V 56 9.96 15.82 88.62
CA ILE V 56 9.22 15.19 87.49
C ILE V 56 8.00 16.05 87.18
N LYS V 57 7.82 16.38 85.89
CA LYS V 57 6.65 17.12 85.37
C LYS V 57 5.57 16.12 84.97
N GLY V 58 4.32 16.35 85.38
CA GLY V 58 3.13 15.56 84.96
C GLY V 58 2.75 15.85 83.52
N ALA V 59 1.65 15.25 83.03
CA ALA V 59 1.19 15.31 81.62
C ALA V 59 0.70 16.73 81.30
N GLN V 60 0.20 17.46 82.30
CA GLN V 60 -0.29 18.86 82.17
C GLN V 60 0.70 19.83 82.84
N GLY V 61 1.95 19.44 83.06
CA GLY V 61 3.02 20.33 83.53
C GLY V 61 3.08 20.50 85.04
N GLY V 62 2.20 19.83 85.81
CA GLY V 62 2.25 19.83 87.29
C GLY V 62 3.59 19.36 87.81
N ASP V 63 4.14 20.01 88.83
CA ASP V 63 5.48 19.68 89.40
C ASP V 63 5.33 18.66 90.53
N TYR V 64 6.20 17.63 90.56
CA TYR V 64 6.28 16.63 91.65
C TYR V 64 7.75 16.41 92.04
N PHE V 65 8.02 16.38 93.35
CA PHE V 65 9.38 16.21 93.90
C PHE V 65 9.44 14.90 94.70
N TYR V 66 10.21 13.94 94.17
CA TYR V 66 10.28 12.55 94.67
C TYR V 66 11.62 12.40 95.40
N SER V 67 11.60 11.93 96.65
CA SER V 67 12.81 11.54 97.42
C SER V 67 12.77 10.04 97.68
N PHE V 68 13.74 9.32 97.10
CA PHE V 68 13.90 7.86 97.21
C PHE V 68 15.11 7.54 98.10
N GLY V 69 16.01 8.50 98.26
CA GLY V 69 17.31 8.37 98.93
C GLY V 69 17.38 9.22 100.17
N GLY V 70 18.57 9.29 100.79
CA GLY V 70 18.83 9.97 102.07
C GLY V 70 17.80 9.59 103.12
N CYS V 71 17.50 8.30 103.25
CA CYS V 71 16.46 7.74 104.13
C CYS V 71 16.73 8.20 105.57
N HIS V 72 17.98 8.06 106.03
CA HIS V 72 18.42 8.44 107.40
C HIS V 72 18.42 9.96 107.55
N ARG V 73 19.09 10.67 106.63
CA ARG V 73 19.12 12.16 106.61
C ARG V 73 17.71 12.72 106.69
N TYR V 74 16.77 12.27 105.85
CA TYR V 74 15.38 12.77 105.86
C TYR V 74 14.78 12.57 107.25
N ALA V 75 14.95 11.38 107.82
CA ALA V 75 14.37 10.98 109.13
C ALA V 75 14.87 11.93 110.22
N ALA V 76 16.16 12.28 110.17
CA ALA V 76 16.84 13.19 111.12
C ALA V 76 16.19 14.58 111.09
N TYR V 77 16.11 15.22 109.91
CA TYR V 77 15.47 16.55 109.74
C TYR V 77 13.99 16.46 110.13
N GLN V 78 13.34 15.29 109.98
CA GLN V 78 11.91 15.11 110.37
C GLN V 78 11.79 15.13 111.90
N GLN V 79 12.69 14.44 112.60
CA GLN V 79 12.76 14.40 114.10
C GLN V 79 12.93 15.84 114.63
N LEU V 80 13.87 16.61 114.06
CA LEU V 80 14.14 18.03 114.42
C LEU V 80 13.02 18.96 113.92
N GLN V 81 11.87 18.40 113.54
CA GLN V 81 10.68 19.10 112.96
C GLN V 81 11.10 20.35 112.15
N ARG V 82 12.17 20.25 111.34
CA ARG V 82 12.64 21.32 110.42
C ARG V 82 11.60 21.53 109.31
N GLU V 83 11.54 22.74 108.76
CA GLU V 83 10.57 23.13 107.69
C GLU V 83 11.15 22.66 106.35
N THR V 84 12.47 22.74 106.18
CA THR V 84 13.18 22.41 104.91
C THR V 84 14.41 21.53 105.17
N ILE V 85 14.86 20.88 104.09
CA ILE V 85 16.10 20.07 104.02
C ILE V 85 16.90 20.53 102.81
N PRO V 86 18.23 20.70 102.95
CA PRO V 86 19.11 20.89 101.80
C PRO V 86 18.98 19.71 100.82
N ALA V 87 18.79 20.03 99.54
CA ALA V 87 18.61 19.02 98.45
C ALA V 87 19.11 19.55 97.10
N LYS V 88 19.71 18.67 96.29
CA LYS V 88 20.00 18.93 94.86
C LYS V 88 18.85 18.34 94.04
N LEU V 89 18.27 19.14 93.16
CA LEU V 89 17.16 18.70 92.25
C LEU V 89 17.74 18.12 90.96
N VAL V 90 17.21 16.98 90.52
CA VAL V 90 17.57 16.33 89.22
C VAL V 90 16.28 16.19 88.41
N GLN V 91 16.16 16.90 87.32
CA GLN V 91 14.98 16.79 86.42
C GLN V 91 14.98 15.39 85.83
N SER V 92 13.83 14.73 85.79
CA SER V 92 13.67 13.37 85.24
C SER V 92 12.31 13.19 84.58
N THR V 93 12.07 12.01 84.01
CA THR V 93 10.90 11.71 83.17
C THR V 93 9.92 10.84 83.96
N LEU V 94 8.69 10.72 83.49
CA LEU V 94 7.68 9.81 84.09
C LEU V 94 8.15 8.37 83.90
N SER V 95 8.98 8.10 82.88
CA SER V 95 9.49 6.74 82.55
C SER V 95 10.59 6.33 83.53
N ASP V 96 11.40 7.28 84.01
CA ASP V 96 12.37 7.06 85.11
C ASP V 96 11.58 6.63 86.35
N LEU V 97 10.47 7.30 86.65
CA LEU V 97 9.69 7.07 87.90
C LEU V 97 9.12 5.65 87.93
N ARG V 98 8.83 5.08 86.76
CA ARG V 98 8.19 3.75 86.65
C ARG V 98 9.16 2.65 87.13
N VAL V 99 10.46 2.88 87.03
CA VAL V 99 11.54 1.96 87.51
C VAL V 99 11.48 1.83 89.03
N TYR V 100 11.05 2.88 89.72
CA TYR V 100 11.05 2.93 91.21
C TYR V 100 9.74 2.37 91.75
N LEU V 101 8.61 2.62 91.07
CA LEU V 101 7.24 2.44 91.62
C LEU V 101 6.47 1.31 90.94
N GLY V 102 6.88 0.89 89.75
CA GLY V 102 6.19 -0.16 88.99
C GLY V 102 4.71 0.16 88.85
N ALA V 103 3.84 -0.72 89.32
CA ALA V 103 2.38 -0.61 89.14
C ALA V 103 1.81 0.35 90.19
N SER V 104 2.64 0.90 91.09
CA SER V 104 2.27 1.99 92.02
C SER V 104 2.48 3.36 91.36
N THR V 105 3.18 3.42 90.22
CA THR V 105 3.41 4.67 89.45
C THR V 105 2.06 5.33 89.19
N PRO V 106 1.83 6.58 89.68
CA PRO V 106 0.56 7.26 89.42
C PRO V 106 0.55 7.96 88.07
N ASP V 107 -0.64 8.34 87.61
CA ASP V 107 -0.84 9.00 86.30
C ASP V 107 -0.71 10.52 86.52
N LEU V 108 0.52 11.01 86.60
CA LEU V 108 0.82 12.39 87.08
C LEU V 108 0.30 13.40 86.07
N GLN V 109 -0.46 14.39 86.55
CA GLN V 109 -0.98 15.53 85.77
C GLN V 109 -0.18 16.79 86.14
N MET W 3 -37.91 -76.19 53.67
CA MET W 3 -36.49 -76.01 53.28
C MET W 3 -36.00 -74.62 53.73
N SER W 4 -35.25 -74.53 54.84
CA SER W 4 -34.20 -73.53 55.25
C SER W 4 -33.66 -72.67 54.09
N ILE W 5 -33.36 -71.38 54.33
CA ILE W 5 -32.67 -70.50 53.30
C ILE W 5 -31.18 -70.37 53.65
N HIS W 6 -30.61 -71.35 54.35
CA HIS W 6 -29.13 -71.50 54.56
C HIS W 6 -28.63 -72.78 53.86
N SER W 7 -29.50 -73.76 53.60
CA SER W 7 -29.13 -75.10 53.07
C SER W 7 -30.23 -75.67 52.15
N GLY W 8 -30.98 -74.81 51.46
CA GLY W 8 -31.96 -75.22 50.43
C GLY W 8 -31.31 -75.95 49.28
N ARG W 9 -30.23 -75.42 48.71
CA ARG W 9 -29.49 -75.98 47.54
C ARG W 9 -28.44 -77.00 48.01
N ILE W 10 -28.67 -77.73 49.13
CA ILE W 10 -27.74 -78.76 49.72
C ILE W 10 -28.51 -80.05 49.99
N ALA W 11 -28.24 -81.10 49.22
CA ALA W 11 -28.86 -82.44 49.35
C ALA W 11 -28.59 -83.01 50.76
N ALA W 12 -27.31 -83.11 51.14
CA ALA W 12 -26.78 -84.07 52.14
C ALA W 12 -27.16 -83.68 53.56
N VAL W 13 -27.89 -84.55 54.25
CA VAL W 13 -28.14 -84.48 55.72
C VAL W 13 -27.19 -85.43 56.45
N HIS W 14 -26.48 -84.96 57.47
CA HIS W 14 -25.51 -85.76 58.26
C HIS W 14 -25.99 -85.91 59.71
N ASN W 15 -25.50 -86.95 60.37
CA ASN W 15 -25.72 -87.23 61.81
C ASN W 15 -24.48 -86.72 62.53
N VAL W 16 -24.54 -85.48 62.99
CA VAL W 16 -23.37 -84.80 63.61
C VAL W 16 -23.41 -85.08 65.11
N PRO W 17 -22.34 -85.68 65.66
CA PRO W 17 -22.24 -85.89 67.09
C PRO W 17 -22.32 -84.57 67.87
N LEU W 18 -23.27 -84.47 68.81
CA LEU W 18 -23.47 -83.33 69.74
C LEU W 18 -22.14 -82.98 70.39
N SER W 19 -21.22 -83.90 70.58
CA SER W 19 -19.93 -83.65 71.26
C SER W 19 -18.91 -82.92 70.38
N VAL W 20 -19.15 -82.72 69.08
CA VAL W 20 -18.18 -81.98 68.20
C VAL W 20 -18.80 -80.64 67.78
N LEU W 21 -20.13 -80.46 67.90
CA LEU W 21 -20.81 -79.18 67.69
C LEU W 21 -20.33 -78.18 68.72
N ILE W 22 -19.83 -77.05 68.23
CA ILE W 22 -19.48 -75.85 69.05
C ILE W 22 -20.70 -74.94 69.01
N ARG W 23 -21.35 -74.71 70.15
CA ARG W 23 -22.43 -73.70 70.28
C ARG W 23 -21.96 -72.63 71.24
N PRO W 24 -21.32 -71.56 70.72
CA PRO W 24 -20.61 -70.60 71.58
C PRO W 24 -21.48 -69.41 72.00
N LEU W 25 -22.70 -69.31 71.46
CA LEU W 25 -23.62 -68.20 71.81
C LEU W 25 -24.63 -68.74 72.80
N PRO W 26 -24.84 -68.08 73.96
CA PRO W 26 -25.90 -68.52 74.89
C PRO W 26 -27.26 -68.35 74.20
N SER W 27 -28.19 -69.27 74.49
CA SER W 27 -29.55 -69.38 73.93
C SER W 27 -30.57 -68.88 74.95
N VAL W 28 -31.55 -68.08 74.49
CA VAL W 28 -32.71 -67.65 75.34
C VAL W 28 -33.93 -68.48 74.92
N LEU W 29 -34.15 -69.61 75.59
CA LEU W 29 -35.06 -70.72 75.22
C LEU W 29 -36.33 -70.59 76.05
N ASP W 30 -37.50 -70.71 75.38
CA ASP W 30 -38.83 -70.82 76.05
C ASP W 30 -39.09 -72.29 76.42
N PRO W 31 -38.84 -72.74 77.69
CA PRO W 31 -38.76 -74.17 78.00
C PRO W 31 -40.02 -74.97 77.64
N ALA W 32 -41.15 -74.28 77.37
CA ALA W 32 -42.38 -74.86 76.81
C ALA W 32 -42.10 -75.45 75.43
N LYS W 33 -41.48 -74.65 74.53
CA LYS W 33 -41.15 -75.04 73.14
C LYS W 33 -40.08 -76.15 73.15
N VAL W 34 -39.14 -76.11 74.10
CA VAL W 34 -38.08 -77.16 74.26
C VAL W 34 -38.77 -78.49 74.58
N GLN W 35 -39.51 -78.53 75.70
CA GLN W 35 -40.25 -79.72 76.20
C GLN W 35 -41.14 -80.28 75.08
N SER W 36 -41.85 -79.39 74.34
CA SER W 36 -42.73 -79.73 73.21
C SER W 36 -41.95 -80.48 72.11
N LEU W 37 -40.78 -79.97 71.71
CA LEU W 37 -39.92 -80.57 70.64
C LEU W 37 -39.32 -81.88 71.15
N VAL W 38 -38.93 -81.96 72.43
CA VAL W 38 -38.33 -83.19 73.05
C VAL W 38 -39.27 -84.35 72.78
N ASP W 39 -40.59 -84.13 72.88
CA ASP W 39 -41.63 -85.16 72.71
C ASP W 39 -41.74 -85.49 71.21
N THR W 40 -41.80 -84.48 70.35
CA THR W 40 -41.90 -84.64 68.87
C THR W 40 -40.67 -85.39 68.33
N ILE W 41 -39.52 -85.35 69.02
CA ILE W 41 -38.26 -86.04 68.60
C ILE W 41 -38.37 -87.54 68.92
N ARG W 42 -38.86 -87.89 70.11
CA ARG W 42 -39.10 -89.31 70.55
C ARG W 42 -40.24 -89.91 69.71
N GLU W 43 -41.35 -89.19 69.56
CA GLU W 43 -42.59 -89.64 68.85
C GLU W 43 -42.36 -89.67 67.34
N ASP W 44 -41.85 -88.59 66.73
CA ASP W 44 -41.80 -88.43 65.25
C ASP W 44 -40.52 -87.68 64.85
N PRO W 45 -39.32 -88.33 64.88
CA PRO W 45 -38.08 -87.72 64.41
C PRO W 45 -38.19 -86.96 63.06
N ASP W 46 -38.93 -87.48 62.08
CA ASP W 46 -38.97 -86.93 60.70
C ASP W 46 -39.80 -85.63 60.66
N SER W 47 -40.48 -85.25 61.75
CA SER W 47 -41.14 -83.92 61.91
C SER W 47 -40.08 -82.81 61.88
N VAL W 48 -38.99 -82.99 62.65
CA VAL W 48 -38.01 -81.94 63.06
C VAL W 48 -36.97 -81.77 61.95
N PRO W 49 -36.93 -80.62 61.24
CA PRO W 49 -35.86 -80.38 60.26
C PRO W 49 -34.47 -80.57 60.86
N PRO W 50 -33.46 -80.82 60.02
CA PRO W 50 -32.08 -80.81 60.48
C PRO W 50 -31.64 -79.36 60.70
N ILE W 51 -30.69 -79.14 61.61
CA ILE W 51 -30.12 -77.79 61.90
C ILE W 51 -29.12 -77.41 60.79
N ASP W 52 -28.71 -76.14 60.70
CA ASP W 52 -27.60 -75.72 59.82
C ASP W 52 -26.34 -75.62 60.68
N VAL W 53 -25.32 -76.43 60.39
CA VAL W 53 -24.00 -76.21 61.05
C VAL W 53 -23.01 -75.67 60.02
N LEU W 54 -22.18 -74.72 60.44
CA LEU W 54 -21.07 -74.17 59.65
C LEU W 54 -19.86 -75.07 59.85
N TRP W 55 -19.32 -75.58 58.75
CA TRP W 55 -18.09 -76.40 58.74
C TRP W 55 -16.95 -75.48 58.32
N ILE W 56 -16.03 -75.20 59.24
CA ILE W 56 -14.94 -74.21 59.05
C ILE W 56 -13.61 -74.95 59.22
N LYS W 57 -12.71 -74.76 58.25
CA LYS W 57 -11.33 -75.31 58.27
C LYS W 57 -10.42 -74.26 58.91
N GLY W 58 -9.58 -74.67 59.87
CA GLY W 58 -8.54 -73.83 60.48
C GLY W 58 -7.39 -73.55 59.53
N ALA W 59 -6.35 -72.84 60.00
CA ALA W 59 -5.19 -72.38 59.19
C ALA W 59 -4.34 -73.58 58.76
N GLN W 60 -4.33 -74.66 59.55
CA GLN W 60 -3.60 -75.92 59.26
C GLN W 60 -4.58 -77.04 58.88
N GLY W 61 -5.80 -76.71 58.45
CA GLY W 61 -6.75 -77.68 57.89
C GLY W 61 -7.61 -78.40 58.92
N GLY W 62 -7.43 -78.13 60.21
CA GLY W 62 -8.28 -78.69 61.30
C GLY W 62 -9.75 -78.40 61.08
N ASP W 63 -10.62 -79.37 61.32
CA ASP W 63 -12.09 -79.24 61.08
C ASP W 63 -12.78 -78.74 62.36
N TYR W 64 -13.69 -77.78 62.24
CA TYR W 64 -14.55 -77.28 63.35
C TYR W 64 -16.01 -77.13 62.88
N PHE W 65 -16.96 -77.59 63.69
CA PHE W 65 -18.42 -77.57 63.35
C PHE W 65 -19.17 -76.66 64.33
N TYR W 66 -19.68 -75.56 63.82
CA TYR W 66 -20.30 -74.44 64.60
C TYR W 66 -21.82 -74.53 64.40
N SER W 67 -22.58 -74.54 65.48
CA SER W 67 -24.07 -74.38 65.45
C SER W 67 -24.45 -73.06 66.12
N PHE W 68 -25.04 -72.13 65.33
CA PHE W 68 -25.50 -70.82 65.82
C PHE W 68 -27.02 -70.77 65.82
N GLY W 69 -27.66 -71.65 65.05
CA GLY W 69 -29.13 -71.65 64.83
C GLY W 69 -29.77 -72.89 65.40
N GLY W 70 -31.04 -73.14 65.10
CA GLY W 70 -31.82 -74.29 65.63
C GLY W 70 -31.74 -74.33 67.17
N CYS W 71 -31.87 -73.18 67.82
CA CYS W 71 -31.64 -72.97 69.26
C CYS W 71 -32.49 -73.95 70.07
N HIS W 72 -33.79 -74.03 69.75
CA HIS W 72 -34.76 -74.94 70.46
C HIS W 72 -34.45 -76.40 70.13
N ARG W 73 -34.36 -76.73 68.83
CA ARG W 73 -34.00 -78.11 68.37
C ARG W 73 -32.74 -78.59 69.07
N TYR W 74 -31.65 -77.81 69.07
CA TYR W 74 -30.36 -78.22 69.69
C TYR W 74 -30.63 -78.54 71.17
N ALA W 75 -31.39 -77.67 71.88
CA ALA W 75 -31.64 -77.77 73.32
C ALA W 75 -32.36 -79.09 73.62
N ALA W 76 -33.33 -79.44 72.75
CA ALA W 76 -34.16 -80.65 72.83
C ALA W 76 -33.26 -81.90 72.76
N TYR W 77 -32.45 -82.05 71.70
CA TYR W 77 -31.52 -83.19 71.52
C TYR W 77 -30.51 -83.21 72.69
N GLN W 78 -30.18 -82.05 73.28
CA GLN W 78 -29.25 -82.00 74.43
C GLN W 78 -29.90 -82.59 75.68
N GLN W 79 -31.18 -82.25 75.93
CA GLN W 79 -32.00 -82.78 77.05
C GLN W 79 -32.08 -84.30 76.95
N LEU W 80 -32.41 -84.84 75.75
CA LEU W 80 -32.47 -86.29 75.48
C LEU W 80 -31.08 -86.93 75.43
N GLN W 81 -30.04 -86.24 75.94
CA GLN W 81 -28.61 -86.66 75.93
C GLN W 81 -28.28 -87.54 74.70
N ARG W 82 -28.78 -87.16 73.50
CA ARG W 82 -28.53 -87.86 72.23
C ARG W 82 -27.07 -87.81 71.83
N GLU W 83 -26.63 -88.81 71.07
CA GLU W 83 -25.22 -88.96 70.58
C GLU W 83 -25.07 -88.07 69.36
N THR W 84 -26.08 -87.96 68.48
CA THR W 84 -26.02 -87.14 67.24
C THR W 84 -27.31 -86.34 67.04
N ILE W 85 -27.23 -85.31 66.20
CA ILE W 85 -28.38 -84.48 65.70
C ILE W 85 -28.31 -84.46 64.17
N PRO W 86 -29.45 -84.66 63.48
CA PRO W 86 -29.53 -84.39 62.05
C PRO W 86 -29.18 -82.94 61.74
N ALA W 87 -28.27 -82.71 60.77
CA ALA W 87 -27.80 -81.38 60.33
C ALA W 87 -27.42 -81.36 58.84
N LYS W 88 -27.65 -80.23 58.18
CA LYS W 88 -27.04 -79.88 56.87
C LYS W 88 -25.75 -79.10 57.12
N LEU W 89 -24.64 -79.54 56.52
CA LEU W 89 -23.33 -78.84 56.64
C LEU W 89 -23.20 -77.77 55.57
N VAL W 90 -22.73 -76.58 55.97
CA VAL W 90 -22.42 -75.44 55.05
C VAL W 90 -20.96 -75.09 55.27
N GLN W 91 -20.13 -75.34 54.27
CA GLN W 91 -18.69 -74.97 54.33
C GLN W 91 -18.61 -73.46 54.39
N SER W 92 -17.77 -72.91 55.25
CA SER W 92 -17.61 -71.44 55.44
C SER W 92 -16.17 -71.11 55.80
N THR W 93 -15.88 -69.82 55.93
CA THR W 93 -14.51 -69.28 56.11
C THR W 93 -14.34 -68.84 57.56
N LEU W 94 -13.11 -68.63 57.99
CA LEU W 94 -12.80 -68.06 59.34
C LEU W 94 -13.33 -66.60 59.37
N SER W 95 -13.46 -65.95 58.23
CA SER W 95 -13.93 -64.53 58.12
C SER W 95 -15.45 -64.45 58.32
N ASP W 96 -16.19 -65.47 57.88
CA ASP W 96 -17.63 -65.63 58.20
C ASP W 96 -17.78 -65.72 59.73
N LEU W 97 -16.94 -66.53 60.38
CA LEU W 97 -17.06 -66.84 61.83
C LEU W 97 -16.88 -65.57 62.66
N ARG W 98 -16.08 -64.61 62.16
CA ARG W 98 -15.72 -63.37 62.91
C ARG W 98 -16.98 -62.49 63.08
N VAL W 99 -17.93 -62.58 62.15
CA VAL W 99 -19.22 -61.85 62.18
C VAL W 99 -20.05 -62.31 63.37
N TYR W 100 -19.91 -63.56 63.79
CA TYR W 100 -20.74 -64.18 64.85
C TYR W 100 -20.08 -63.94 66.21
N LEU W 101 -18.75 -64.00 66.29
CA LEU W 101 -17.99 -64.14 67.56
C LEU W 101 -17.19 -62.89 67.93
N GLY W 102 -16.91 -62.02 66.95
CA GLY W 102 -16.10 -60.81 67.20
C GLY W 102 -14.78 -61.17 67.86
N ALA W 103 -14.50 -60.62 69.03
CA ALA W 103 -13.20 -60.77 69.71
C ALA W 103 -13.19 -62.09 70.49
N SER W 104 -14.27 -62.86 70.47
CA SER W 104 -14.32 -64.26 70.98
C SER W 104 -13.87 -65.25 69.88
N THR W 105 -13.76 -64.81 68.62
CA THR W 105 -13.28 -65.63 67.48
C THR W 105 -11.94 -66.21 67.85
N PRO W 106 -11.77 -67.56 67.90
CA PRO W 106 -10.47 -68.14 68.20
C PRO W 106 -9.60 -68.25 66.93
N ASP W 107 -8.30 -68.46 67.14
CA ASP W 107 -7.29 -68.51 66.07
C ASP W 107 -7.22 -69.97 65.59
N LEU W 108 -8.17 -70.38 64.73
CA LEU W 108 -8.41 -71.82 64.45
C LEU W 108 -7.23 -72.38 63.66
N GLN W 109 -6.69 -73.52 64.12
CA GLN W 109 -5.62 -74.28 63.45
C GLN W 109 -6.24 -75.55 62.85
N PRO X 2 -21.12 -37.67 114.97
CA PRO X 2 -22.33 -36.94 115.42
C PRO X 2 -23.25 -36.34 114.32
N MET X 3 -22.70 -35.61 113.35
CA MET X 3 -23.34 -34.48 112.60
C MET X 3 -22.75 -34.40 111.18
N SER X 4 -23.52 -34.82 110.16
CA SER X 4 -23.39 -34.67 108.67
C SER X 4 -22.18 -33.86 108.19
N ILE X 5 -21.52 -34.30 107.10
CA ILE X 5 -20.41 -33.55 106.43
C ILE X 5 -20.93 -32.79 105.20
N HIS X 6 -22.23 -32.47 105.14
CA HIS X 6 -22.82 -31.50 104.17
C HIS X 6 -23.34 -30.24 104.90
N SER X 7 -23.65 -30.33 106.19
CA SER X 7 -24.36 -29.27 106.96
C SER X 7 -23.89 -29.20 108.42
N GLY X 8 -22.66 -29.58 108.73
CA GLY X 8 -22.09 -29.51 110.10
C GLY X 8 -22.06 -28.09 110.66
N ARG X 9 -21.50 -27.14 109.91
CA ARG X 9 -21.38 -25.70 110.36
C ARG X 9 -22.60 -24.93 109.82
N ILE X 10 -23.80 -25.51 109.91
CA ILE X 10 -25.14 -24.86 109.68
C ILE X 10 -26.04 -25.15 110.89
N ALA X 11 -26.34 -24.11 111.67
CA ALA X 11 -27.19 -24.19 112.89
C ALA X 11 -28.57 -24.74 112.52
N ALA X 12 -29.26 -24.08 111.58
CA ALA X 12 -30.74 -24.12 111.43
C ALA X 12 -31.20 -25.47 110.85
N VAL X 13 -32.01 -26.19 111.61
CA VAL X 13 -32.82 -27.36 111.16
C VAL X 13 -34.26 -26.88 110.95
N HIS X 14 -34.83 -27.19 109.79
CA HIS X 14 -36.22 -26.81 109.43
C HIS X 14 -37.11 -28.05 109.31
N ASN X 15 -38.40 -27.83 109.47
CA ASN X 15 -39.46 -28.84 109.27
C ASN X 15 -40.00 -28.61 107.86
N VAL X 16 -39.41 -29.32 106.89
CA VAL X 16 -39.71 -29.13 105.45
C VAL X 16 -40.85 -30.08 105.10
N PRO X 17 -41.97 -29.54 104.58
CA PRO X 17 -43.06 -30.39 104.10
C PRO X 17 -42.59 -31.33 102.99
N LEU X 18 -42.81 -32.64 103.18
CA LEU X 18 -42.43 -33.70 102.19
C LEU X 18 -42.87 -33.30 100.77
N SER X 19 -43.98 -32.58 100.67
CA SER X 19 -44.63 -32.24 99.38
C SER X 19 -43.90 -31.12 98.62
N VAL X 20 -42.87 -30.46 99.19
CA VAL X 20 -42.13 -29.37 98.47
C VAL X 20 -40.72 -29.84 98.10
N LEU X 21 -40.23 -30.92 98.73
CA LEU X 21 -38.96 -31.58 98.32
C LEU X 21 -39.13 -32.17 96.93
N ILE X 22 -38.24 -31.79 96.00
CA ILE X 22 -38.09 -32.40 94.66
C ILE X 22 -37.07 -33.54 94.79
N ARG X 23 -37.49 -34.78 94.56
CA ARG X 23 -36.58 -35.96 94.53
C ARG X 23 -36.59 -36.53 93.12
N PRO X 24 -35.69 -36.06 92.22
CA PRO X 24 -35.77 -36.40 90.82
C PRO X 24 -34.96 -37.65 90.43
N LEU X 25 -34.21 -38.22 91.37
CA LEU X 25 -33.41 -39.45 91.14
C LEU X 25 -34.18 -40.61 91.73
N PRO X 26 -34.41 -41.70 90.96
CA PRO X 26 -35.11 -42.87 91.50
C PRO X 26 -34.29 -43.48 92.64
N SER X 27 -34.95 -44.02 93.65
CA SER X 27 -34.36 -44.66 94.85
C SER X 27 -34.46 -46.20 94.72
N VAL X 28 -33.38 -46.90 95.00
CA VAL X 28 -33.37 -48.38 95.25
C VAL X 28 -33.32 -48.58 96.77
N LEU X 29 -34.50 -48.76 97.39
CA LEU X 29 -34.68 -48.83 98.87
C LEU X 29 -34.71 -50.29 99.31
N ASP X 30 -33.90 -50.64 100.32
CA ASP X 30 -33.87 -51.99 100.97
C ASP X 30 -34.92 -51.98 102.08
N PRO X 31 -36.16 -52.52 101.86
CA PRO X 31 -37.28 -52.26 102.77
C PRO X 31 -37.02 -52.66 104.23
N ALA X 32 -35.98 -53.47 104.48
CA ALA X 32 -35.46 -53.79 105.84
C ALA X 32 -34.98 -52.50 106.53
N LYS X 33 -34.15 -51.71 105.85
CA LYS X 33 -33.57 -50.44 106.38
C LYS X 33 -34.69 -49.40 106.55
N VAL X 34 -35.69 -49.38 105.66
CA VAL X 34 -36.86 -48.46 105.74
C VAL X 34 -37.62 -48.78 107.02
N GLN X 35 -38.11 -50.03 107.14
CA GLN X 35 -38.89 -50.55 108.31
C GLN X 35 -38.11 -50.27 109.60
N SER X 36 -36.81 -50.51 109.60
CA SER X 36 -35.88 -50.28 110.75
C SER X 36 -35.93 -48.80 111.19
N LEU X 37 -35.81 -47.87 110.24
CA LEU X 37 -35.82 -46.39 110.50
C LEU X 37 -37.22 -45.96 110.96
N VAL X 38 -38.28 -46.51 110.36
CA VAL X 38 -39.70 -46.20 110.71
C VAL X 38 -39.87 -46.36 112.22
N ASP X 39 -39.27 -47.40 112.79
CA ASP X 39 -39.37 -47.74 114.24
C ASP X 39 -38.55 -46.72 115.04
N THR X 40 -37.31 -46.44 114.61
CA THR X 40 -36.40 -45.47 115.29
C THR X 40 -37.03 -44.07 115.29
N ILE X 41 -37.91 -43.75 114.34
CA ILE X 41 -38.58 -42.41 114.22
C ILE X 41 -39.70 -42.31 115.27
N ARG X 42 -40.51 -43.37 115.42
CA ARG X 42 -41.61 -43.47 116.43
C ARG X 42 -41.00 -43.54 117.83
N GLU X 43 -39.99 -44.38 118.03
CA GLU X 43 -39.35 -44.65 119.35
C GLU X 43 -38.46 -43.47 119.76
N ASP X 44 -37.57 -43.00 118.88
CA ASP X 44 -36.52 -42.00 119.23
C ASP X 44 -36.28 -41.03 118.08
N PRO X 45 -37.18 -40.06 117.80
CA PRO X 45 -36.95 -39.06 116.76
C PRO X 45 -35.54 -38.45 116.71
N ASP X 46 -34.94 -38.14 117.86
CA ASP X 46 -33.64 -37.40 117.93
C ASP X 46 -32.47 -38.31 117.54
N SER X 47 -32.69 -39.61 117.35
CA SER X 47 -31.68 -40.55 116.77
C SER X 47 -31.37 -40.16 115.32
N VAL X 48 -32.42 -39.88 114.52
CA VAL X 48 -32.39 -39.78 113.03
C VAL X 48 -31.92 -38.39 112.63
N PRO X 49 -30.72 -38.22 112.02
CA PRO X 49 -30.29 -36.91 111.57
C PRO X 49 -31.33 -36.27 110.64
N PRO X 50 -31.30 -34.93 110.50
CA PRO X 50 -32.08 -34.28 109.46
C PRO X 50 -31.41 -34.53 108.10
N ILE X 51 -32.20 -34.55 107.01
CA ILE X 51 -31.69 -34.75 105.62
C ILE X 51 -31.05 -33.44 105.15
N ASP X 52 -30.19 -33.52 104.13
CA ASP X 52 -29.54 -32.32 103.54
C ASP X 52 -30.30 -31.99 102.26
N VAL X 53 -30.98 -30.85 102.19
CA VAL X 53 -31.68 -30.44 100.94
C VAL X 53 -30.95 -29.22 100.38
N LEU X 54 -30.81 -29.19 99.05
CA LEU X 54 -30.22 -28.06 98.31
C LEU X 54 -31.34 -27.06 98.05
N TRP X 55 -31.12 -25.83 98.47
CA TRP X 55 -32.01 -24.68 98.20
C TRP X 55 -31.43 -23.89 97.05
N ILE X 56 -32.12 -23.91 95.91
CA ILE X 56 -31.62 -23.28 94.65
C ILE X 56 -32.66 -22.25 94.21
N LYS X 57 -32.21 -21.04 93.91
CA LYS X 57 -33.04 -19.93 93.38
C LYS X 57 -33.04 -19.99 91.86
N GLY X 58 -34.21 -19.88 91.24
CA GLY X 58 -34.36 -19.78 89.76
C GLY X 58 -33.93 -18.42 89.24
N ALA X 59 -34.08 -18.20 87.93
CA ALA X 59 -33.63 -16.98 87.22
C ALA X 59 -34.49 -15.78 87.63
N GLN X 60 -35.74 -16.01 88.04
CA GLN X 60 -36.69 -14.96 88.52
C GLN X 60 -36.89 -15.06 90.03
N GLY X 61 -35.98 -15.74 90.76
CA GLY X 61 -35.98 -15.77 92.24
C GLY X 61 -36.88 -16.85 92.83
N GLY X 62 -37.56 -17.66 92.01
CA GLY X 62 -38.38 -18.80 92.47
C GLY X 62 -37.56 -19.76 93.31
N ASP X 63 -38.10 -20.26 94.43
CA ASP X 63 -37.37 -21.17 95.33
C ASP X 63 -37.63 -22.62 94.93
N TYR X 64 -36.58 -23.46 94.90
CA TYR X 64 -36.68 -24.92 94.68
C TYR X 64 -35.83 -25.65 95.72
N PHE X 65 -36.42 -26.70 96.30
CA PHE X 65 -35.77 -27.52 97.35
C PHE X 65 -35.59 -28.93 96.82
N TYR X 66 -34.32 -29.32 96.61
CA TYR X 66 -33.91 -30.58 95.96
C TYR X 66 -33.38 -31.50 97.06
N SER X 67 -33.91 -32.73 97.14
CA SER X 67 -33.41 -33.81 98.04
C SER X 67 -32.86 -34.94 97.17
N PHE X 68 -31.56 -35.17 97.24
CA PHE X 68 -30.82 -36.21 96.48
C PHE X 68 -30.39 -37.33 97.44
N GLY X 69 -30.37 -37.04 98.74
CA GLY X 69 -29.88 -37.92 99.80
C GLY X 69 -31.00 -38.31 100.74
N GLY X 70 -30.63 -38.94 101.86
CA GLY X 70 -31.57 -39.47 102.88
C GLY X 70 -32.67 -40.29 102.25
N CYS X 71 -32.32 -41.16 101.30
CA CYS X 71 -33.28 -41.96 100.47
C CYS X 71 -34.16 -42.78 101.40
N HIS X 72 -33.52 -43.47 102.36
CA HIS X 72 -34.18 -44.36 103.35
C HIS X 72 -34.96 -43.50 104.35
N ARG X 73 -34.32 -42.50 104.97
CA ARG X 73 -35.00 -41.56 105.90
C ARG X 73 -36.26 -40.98 105.26
N TYR X 74 -36.19 -40.45 104.03
CA TYR X 74 -37.37 -39.86 103.35
C TYR X 74 -38.47 -40.91 103.26
N ALA X 75 -38.12 -42.12 102.84
CA ALA X 75 -39.06 -43.24 102.61
C ALA X 75 -39.81 -43.57 103.90
N ALA X 76 -39.08 -43.56 105.03
CA ALA X 76 -39.58 -43.83 106.39
C ALA X 76 -40.67 -42.80 106.77
N TYR X 77 -40.33 -41.50 106.72
CA TYR X 77 -41.29 -40.40 107.02
C TYR X 77 -42.48 -40.46 106.04
N GLN X 78 -42.28 -40.97 104.81
CA GLN X 78 -43.37 -41.09 103.81
C GLN X 78 -44.34 -42.19 104.24
N GLN X 79 -43.82 -43.35 104.70
CA GLN X 79 -44.60 -44.50 105.22
C GLN X 79 -45.47 -44.03 106.41
N LEU X 80 -44.88 -43.30 107.37
CA LEU X 80 -45.57 -42.73 108.55
C LEU X 80 -46.46 -41.55 108.16
N GLN X 81 -46.76 -41.39 106.87
CA GLN X 81 -47.56 -40.27 106.27
C GLN X 81 -47.39 -38.96 107.07
N ARG X 82 -46.17 -38.63 107.48
CA ARG X 82 -45.82 -37.35 108.16
C ARG X 82 -45.95 -36.20 107.17
N GLU X 83 -46.26 -34.99 107.67
CA GLU X 83 -46.45 -33.78 106.84
C GLU X 83 -45.08 -33.18 106.51
N THR X 84 -44.14 -33.25 107.47
CA THR X 84 -42.79 -32.66 107.37
C THR X 84 -41.71 -33.65 107.81
N ILE X 85 -40.49 -33.34 107.38
CA ILE X 85 -39.22 -34.05 107.77
C ILE X 85 -38.22 -32.99 108.24
N PRO X 86 -37.51 -33.26 109.35
CA PRO X 86 -36.35 -32.46 109.73
C PRO X 86 -35.31 -32.44 108.61
N ALA X 87 -34.84 -31.25 108.23
CA ALA X 87 -33.84 -31.03 107.15
C ALA X 87 -32.98 -29.79 107.42
N LYS X 88 -31.70 -29.87 107.08
CA LYS X 88 -30.79 -28.69 107.00
C LYS X 88 -30.77 -28.23 105.55
N LEU X 89 -31.01 -26.93 105.33
CA LEU X 89 -30.99 -26.31 103.97
C LEU X 89 -29.56 -25.84 103.66
N VAL X 90 -29.08 -26.13 102.46
CA VAL X 90 -27.76 -25.68 101.95
C VAL X 90 -28.04 -24.91 100.65
N GLN X 91 -27.77 -23.61 100.67
CA GLN X 91 -27.95 -22.76 99.47
C GLN X 91 -26.95 -23.23 98.43
N SER X 92 -27.37 -23.35 97.17
CA SER X 92 -26.51 -23.80 96.07
C SER X 92 -26.89 -23.13 94.76
N THR X 93 -26.15 -23.41 93.70
CA THR X 93 -26.25 -22.70 92.39
C THR X 93 -26.94 -23.62 91.40
N LEU X 94 -27.42 -23.07 90.28
CA LEU X 94 -27.99 -23.85 89.17
C LEU X 94 -26.88 -24.73 88.56
N SER X 95 -25.61 -24.33 88.69
CA SER X 95 -24.44 -25.05 88.13
C SER X 95 -24.11 -26.28 88.98
N ASP X 96 -24.32 -26.21 90.30
CA ASP X 96 -24.25 -27.40 91.20
C ASP X 96 -25.30 -28.42 90.73
N LEU X 97 -26.53 -27.97 90.44
CA LEU X 97 -27.66 -28.87 90.11
C LEU X 97 -27.36 -29.66 88.83
N ARG X 98 -26.58 -29.09 87.92
CA ARG X 98 -26.29 -29.70 86.59
C ARG X 98 -25.45 -30.98 86.77
N VAL X 99 -24.66 -31.05 87.84
CA VAL X 99 -23.81 -32.22 88.20
C VAL X 99 -24.71 -33.41 88.54
N TYR X 100 -25.89 -33.16 89.08
CA TYR X 100 -26.81 -34.22 89.58
C TYR X 100 -27.73 -34.69 88.45
N LEU X 101 -28.16 -33.76 87.57
CA LEU X 101 -29.30 -33.99 86.63
C LEU X 101 -28.86 -34.04 85.16
N GLY X 102 -27.66 -33.53 84.85
CA GLY X 102 -27.16 -33.51 83.46
C GLY X 102 -28.17 -32.87 82.54
N ALA X 103 -28.60 -33.58 81.51
CA ALA X 103 -29.49 -33.05 80.46
C ALA X 103 -30.95 -33.05 80.94
N SER X 104 -31.21 -33.55 82.15
CA SER X 104 -32.53 -33.44 82.83
C SER X 104 -32.63 -32.11 83.60
N THR X 105 -31.51 -31.39 83.80
CA THR X 105 -31.49 -30.10 84.52
C THR X 105 -32.50 -29.15 83.88
N PRO X 106 -33.51 -28.66 84.62
CA PRO X 106 -34.48 -27.72 84.05
C PRO X 106 -33.97 -26.28 84.11
N ASP X 107 -34.60 -25.41 83.32
CA ASP X 107 -34.28 -23.96 83.26
C ASP X 107 -35.13 -23.28 84.33
N LEU X 108 -34.65 -23.31 85.57
CA LEU X 108 -35.45 -22.89 86.75
C LEU X 108 -35.74 -21.39 86.70
N GLN X 109 -37.00 -21.01 86.90
CA GLN X 109 -37.48 -19.61 86.99
C GLN X 109 -37.81 -19.28 88.47
N MET Y 3 41.81 7.31 94.84
CA MET Y 3 40.54 6.77 95.43
C MET Y 3 39.77 5.95 94.37
N SER Y 4 40.36 5.67 93.20
CA SER Y 4 39.90 4.89 92.01
C SER Y 4 38.62 4.07 92.22
N ILE Y 5 37.72 4.04 91.22
CA ILE Y 5 36.49 3.19 91.22
C ILE Y 5 36.72 1.91 90.36
N HIS Y 6 37.99 1.48 90.20
CA HIS Y 6 38.35 0.14 89.65
C HIS Y 6 39.04 -0.71 90.73
N SER Y 7 39.62 -0.09 91.76
CA SER Y 7 40.48 -0.76 92.77
C SER Y 7 40.33 -0.15 94.17
N GLY Y 8 39.18 0.44 94.49
CA GLY Y 8 38.87 0.97 95.84
C GLY Y 8 38.92 -0.11 96.91
N ARG Y 9 38.23 -1.23 96.71
CA ARG Y 9 38.14 -2.37 97.67
C ARG Y 9 39.31 -3.35 97.40
N ILE Y 10 40.52 -2.86 97.10
CA ILE Y 10 41.78 -3.69 96.97
C ILE Y 10 42.89 -3.64 98.08
N ALA Y 11 43.56 -2.56 98.47
CA ALA Y 11 44.61 -2.50 99.49
C ALA Y 11 45.99 -2.48 98.84
N ALA Y 12 46.38 -3.54 98.13
CA ALA Y 12 47.79 -3.79 97.70
C ALA Y 12 48.15 -2.90 96.50
N VAL Y 13 49.11 -2.00 96.66
CA VAL Y 13 49.76 -1.22 95.57
C VAL Y 13 51.11 -1.86 95.28
N HIS Y 14 51.42 -2.14 94.02
CA HIS Y 14 52.70 -2.77 93.59
C HIS Y 14 53.51 -1.79 92.76
N ASN Y 15 54.82 -2.01 92.72
CA ASN Y 15 55.78 -1.29 91.85
C ASN Y 15 56.00 -2.17 90.63
N VAL Y 16 55.20 -1.92 89.59
CA VAL Y 16 55.18 -2.77 88.38
C VAL Y 16 56.19 -2.19 87.40
N PRO Y 17 57.19 -2.98 86.97
CA PRO Y 17 58.12 -2.53 85.94
C PRO Y 17 57.39 -2.18 84.63
N LEU Y 18 57.60 -0.95 84.14
CA LEU Y 18 56.99 -0.43 82.90
C LEU Y 18 57.11 -1.46 81.76
N SER Y 19 58.18 -2.24 81.77
CA SER Y 19 58.54 -3.18 80.67
C SER Y 19 57.69 -4.46 80.70
N VAL Y 20 56.84 -4.70 81.71
CA VAL Y 20 56.00 -5.94 81.74
C VAL Y 20 54.52 -5.59 81.52
N LEU Y 21 54.17 -4.31 81.65
CA LEU Y 21 52.81 -3.81 81.27
C LEU Y 21 52.66 -3.94 79.76
N ILE Y 22 51.59 -4.62 79.34
CA ILE Y 22 51.13 -4.67 77.92
C ILE Y 22 50.14 -3.52 77.73
N ARG Y 23 50.47 -2.53 76.89
CA ARG Y 23 49.54 -1.43 76.53
C ARG Y 23 49.24 -1.54 75.04
N PRO Y 24 48.18 -2.30 74.66
CA PRO Y 24 47.94 -2.63 73.26
C PRO Y 24 47.04 -1.62 72.53
N LEU Y 25 46.51 -0.62 73.24
CA LEU Y 25 45.65 0.43 72.67
C LEU Y 25 46.51 1.68 72.46
N PRO Y 26 46.54 2.27 71.25
CA PRO Y 26 47.36 3.46 71.02
C PRO Y 26 46.82 4.61 71.87
N SER Y 27 47.71 5.48 72.39
CA SER Y 27 47.38 6.64 73.26
C SER Y 27 47.44 7.93 72.44
N VAL Y 28 46.39 8.77 72.52
CA VAL Y 28 46.40 10.16 71.99
C VAL Y 28 46.61 11.09 73.18
N LEU Y 29 47.87 11.45 73.46
CA LEU Y 29 48.32 12.16 74.68
C LEU Y 29 48.45 13.66 74.38
N ASP Y 30 47.88 14.50 75.25
CA ASP Y 30 47.98 15.99 75.18
C ASP Y 30 49.26 16.41 75.92
N PRO Y 31 50.41 16.66 75.24
CA PRO Y 31 51.71 16.75 75.91
C PRO Y 31 51.77 17.80 77.02
N ALA Y 32 50.81 18.72 77.08
CA ALA Y 32 50.59 19.66 78.21
C ALA Y 32 50.31 18.89 79.50
N LYS Y 33 49.36 17.95 79.45
CA LYS Y 33 48.92 17.12 80.62
C LYS Y 33 50.06 16.17 81.02
N VAL Y 34 50.83 15.65 80.05
CA VAL Y 34 52.01 14.77 80.31
C VAL Y 34 53.04 15.57 81.11
N GLN Y 35 53.52 16.68 80.54
CA GLN Y 35 54.54 17.61 81.15
C GLN Y 35 54.07 18.01 82.56
N SER Y 36 52.79 18.34 82.72
CA SER Y 36 52.15 18.74 83.99
C SER Y 36 52.31 17.63 85.04
N LEU Y 37 51.99 16.38 84.69
CA LEU Y 37 52.08 15.20 85.59
C LEU Y 37 53.55 14.88 85.91
N VAL Y 38 54.45 15.02 84.91
CA VAL Y 38 55.91 14.76 85.07
C VAL Y 38 56.42 15.58 86.27
N ASP Y 39 55.93 16.83 86.40
CA ASP Y 39 56.34 17.77 87.48
C ASP Y 39 55.74 17.30 88.80
N THR Y 40 54.44 16.96 88.82
CA THR Y 40 53.71 16.49 90.02
C THR Y 40 54.33 15.19 90.55
N ILE Y 41 55.00 14.40 89.70
CA ILE Y 41 55.66 13.11 90.08
C ILE Y 41 56.98 13.41 90.81
N ARG Y 42 57.78 14.34 90.30
CA ARG Y 42 59.06 14.80 90.91
C ARG Y 42 58.77 15.55 92.22
N GLU Y 43 57.80 16.48 92.20
CA GLU Y 43 57.44 17.36 93.35
C GLU Y 43 56.69 16.55 94.42
N ASP Y 44 55.64 15.81 94.05
CA ASP Y 44 54.71 15.16 95.01
C ASP Y 44 54.24 13.80 94.49
N PRO Y 45 55.09 12.74 94.52
CA PRO Y 45 54.66 11.40 94.11
C PRO Y 45 53.27 10.96 94.62
N ASP Y 46 52.93 11.24 95.87
CA ASP Y 46 51.70 10.71 96.53
C ASP Y 46 50.45 11.45 96.01
N SER Y 47 50.60 12.51 95.21
CA SER Y 47 49.48 13.17 94.49
C SER Y 47 48.87 12.19 93.47
N VAL Y 48 49.72 11.51 92.69
CA VAL Y 48 49.36 10.73 91.47
C VAL Y 48 48.88 9.34 91.89
N PRO Y 49 47.58 9.00 91.70
CA PRO Y 49 47.10 7.65 92.02
C PRO Y 49 47.94 6.59 91.30
N PRO Y 50 47.92 5.34 91.80
CA PRO Y 50 48.50 4.22 91.04
C PRO Y 50 47.53 3.88 89.89
N ILE Y 51 48.06 3.35 88.79
CA ILE Y 51 47.26 2.93 87.61
C ILE Y 51 46.56 1.60 87.93
N ASP Y 52 45.50 1.28 87.20
CA ASP Y 52 44.78 -0.01 87.36
C ASP Y 52 45.26 -0.93 86.25
N VAL Y 53 45.93 -2.02 86.59
CA VAL Y 53 46.35 -3.02 85.56
C VAL Y 53 45.52 -4.28 85.78
N LEU Y 54 45.09 -4.90 84.69
CA LEU Y 54 44.36 -6.18 84.68
C LEU Y 54 45.40 -7.29 84.69
N TRP Y 55 45.30 -8.18 85.68
CA TRP Y 55 46.15 -9.38 85.78
C TRP Y 55 45.32 -10.56 85.28
N ILE Y 56 45.73 -11.11 84.13
CA ILE Y 56 44.96 -12.17 83.42
C ILE Y 56 45.85 -13.39 83.30
N LYS Y 57 45.32 -14.55 83.70
CA LYS Y 57 45.99 -15.86 83.60
C LYS Y 57 45.60 -16.47 82.25
N GLY Y 58 46.58 -16.98 81.49
CA GLY Y 58 46.35 -17.73 80.24
C GLY Y 58 45.77 -19.13 80.49
N ALA Y 59 45.60 -19.92 79.43
CA ALA Y 59 44.95 -21.26 79.48
C ALA Y 59 45.84 -22.26 80.22
N GLN Y 60 47.16 -22.05 80.21
CA GLN Y 60 48.15 -22.89 80.95
C GLN Y 60 48.72 -22.13 82.17
N GLY Y 61 48.03 -21.09 82.65
CA GLY Y 61 48.39 -20.39 83.90
C GLY Y 61 49.44 -19.29 83.74
N GLY Y 62 49.95 -19.05 82.53
CA GLY Y 62 50.88 -17.93 82.24
C GLY Y 62 50.30 -16.58 82.66
N ASP Y 63 51.11 -15.72 83.27
CA ASP Y 63 50.65 -14.40 83.79
C ASP Y 63 50.83 -13.32 82.72
N TYR Y 64 49.82 -12.46 82.54
CA TYR Y 64 49.89 -11.26 81.66
C TYR Y 64 49.31 -10.04 82.39
N PHE Y 65 50.00 -8.90 82.30
CA PHE Y 65 49.58 -7.64 82.97
C PHE Y 65 49.26 -6.58 81.90
N TYR Y 66 47.99 -6.22 81.81
CA TYR Y 66 47.41 -5.35 80.76
C TYR Y 66 47.13 -3.98 81.40
N SER Y 67 47.64 -2.89 80.82
CA SER Y 67 47.31 -1.50 81.19
C SER Y 67 46.55 -0.83 80.04
N PHE Y 68 45.28 -0.49 80.29
CA PHE Y 68 44.37 0.16 79.33
C PHE Y 68 44.14 1.61 79.75
N GLY Y 69 44.41 1.93 81.01
CA GLY Y 69 44.13 3.22 81.65
C GLY Y 69 45.40 3.93 82.04
N GLY Y 70 45.27 5.06 82.76
CA GLY Y 70 46.37 5.95 83.16
C GLY Y 70 47.29 6.26 81.99
N CYS Y 71 46.72 6.62 80.86
CA CYS Y 71 47.41 6.87 79.57
C CYS Y 71 48.45 7.98 79.80
N HIS Y 72 48.05 9.08 80.44
CA HIS Y 72 48.91 10.25 80.74
C HIS Y 72 49.92 9.89 81.82
N ARG Y 73 49.47 9.33 82.94
CA ARG Y 73 50.35 8.86 84.05
C ARG Y 73 51.45 7.94 83.48
N TYR Y 74 51.12 6.93 82.69
CA TYR Y 74 52.12 6.00 82.12
C TYR Y 74 53.16 6.79 81.32
N ALA Y 75 52.69 7.71 80.47
CA ALA Y 75 53.52 8.53 79.56
C ALA Y 75 54.53 9.34 80.37
N ALA Y 76 54.08 9.90 81.50
CA ALA Y 76 54.87 10.72 82.45
C ALA Y 76 56.03 9.88 83.01
N TYR Y 77 55.74 8.73 83.64
CA TYR Y 77 56.77 7.82 84.19
C TYR Y 77 57.69 7.33 83.06
N GLN Y 78 57.20 7.24 81.82
CA GLN Y 78 58.04 6.81 80.66
C GLN Y 78 59.05 7.91 80.32
N GLN Y 79 58.61 9.18 80.31
CA GLN Y 79 59.47 10.37 80.06
C GLN Y 79 60.58 10.43 81.11
N LEU Y 80 60.24 10.26 82.40
CA LEU Y 80 61.20 10.23 83.55
C LEU Y 80 62.02 8.93 83.55
N GLN Y 81 62.04 8.19 82.44
CA GLN Y 81 62.71 6.86 82.27
C GLN Y 81 62.76 6.08 83.58
N ARG Y 82 61.68 6.06 84.37
CA ARG Y 82 61.53 5.25 85.62
C ARG Y 82 61.48 3.77 85.26
N GLU Y 83 61.92 2.91 86.19
CA GLU Y 83 61.96 1.43 86.01
C GLU Y 83 60.56 0.87 86.30
N THR Y 84 59.87 1.45 87.29
CA THR Y 84 58.53 0.98 87.76
C THR Y 84 57.54 2.14 87.91
N ILE Y 85 56.26 1.78 87.94
CA ILE Y 85 55.10 2.67 88.21
C ILE Y 85 54.25 2.04 89.30
N PRO Y 86 53.81 2.83 90.30
CA PRO Y 86 52.77 2.38 91.24
C PRO Y 86 51.51 1.94 90.50
N ALA Y 87 50.99 0.76 90.82
CA ALA Y 87 49.79 0.15 90.20
C ALA Y 87 49.02 -0.74 91.19
N LYS Y 88 47.70 -0.74 91.12
CA LYS Y 88 46.82 -1.74 91.76
C LYS Y 88 46.50 -2.81 90.73
N LEU Y 89 46.72 -4.08 91.07
CA LEU Y 89 46.41 -5.24 90.20
C LEU Y 89 44.95 -5.67 90.44
N VAL Y 90 44.21 -5.93 89.36
CA VAL Y 90 42.81 -6.43 89.40
C VAL Y 90 42.80 -7.73 88.61
N GLN Y 91 42.59 -8.85 89.29
CA GLN Y 91 42.53 -10.16 88.63
C GLN Y 91 41.29 -10.17 87.75
N SER Y 92 41.42 -10.67 86.52
CA SER Y 92 40.32 -10.68 85.54
C SER Y 92 40.43 -11.90 84.63
N THR Y 93 39.46 -12.07 83.73
CA THR Y 93 39.29 -13.29 82.91
C THR Y 93 39.71 -12.97 81.48
N LEU Y 94 39.92 -14.01 80.66
CA LEU Y 94 40.21 -13.84 79.22
C LEU Y 94 38.96 -13.24 78.54
N SER Y 95 37.77 -13.43 79.11
CA SER Y 95 36.48 -12.93 78.55
C SER Y 95 36.34 -11.42 78.79
N ASP Y 96 36.86 -10.92 79.91
CA ASP Y 96 36.97 -9.46 80.17
C ASP Y 96 37.86 -8.85 79.09
N LEU Y 97 38.99 -9.49 78.76
CA LEU Y 97 40.01 -8.95 77.83
C LEU Y 97 39.40 -8.78 76.43
N ARG Y 98 38.44 -9.62 76.07
CA ARG Y 98 37.84 -9.64 74.70
C ARG Y 98 37.04 -8.35 74.46
N VAL Y 99 36.51 -7.74 75.52
CA VAL Y 99 35.76 -6.45 75.48
C VAL Y 99 36.68 -5.32 75.03
N TYR Y 100 37.97 -5.41 75.36
CA TYR Y 100 38.95 -4.33 75.10
C TYR Y 100 39.58 -4.51 73.72
N LEU Y 101 39.82 -5.76 73.29
CA LEU Y 101 40.70 -6.08 72.14
C LEU Y 101 39.95 -6.65 70.95
N GLY Y 102 38.72 -7.15 71.16
CA GLY Y 102 37.93 -7.77 70.07
C GLY Y 102 38.72 -8.84 69.35
N ALA Y 103 38.91 -8.70 68.04
CA ALA Y 103 39.56 -9.72 67.20
C ALA Y 103 41.08 -9.61 67.31
N SER Y 104 41.59 -8.63 68.07
CA SER Y 104 43.03 -8.53 68.44
C SER Y 104 43.33 -9.37 69.70
N THR Y 105 42.30 -9.82 70.42
CA THR Y 105 42.46 -10.68 71.63
C THR Y 105 43.31 -11.88 71.28
N PRO Y 106 44.48 -12.09 71.92
CA PRO Y 106 45.31 -13.25 71.61
C PRO Y 106 44.86 -14.48 72.41
N ASP Y 107 45.32 -15.66 72.00
CA ASP Y 107 44.98 -16.95 72.65
C ASP Y 107 46.01 -17.19 73.76
N LEU Y 108 45.81 -16.56 74.91
CA LEU Y 108 46.84 -16.48 75.98
C LEU Y 108 47.04 -17.88 76.58
N GLN Y 109 48.31 -18.28 76.69
CA GLN Y 109 48.75 -19.54 77.34
C GLN Y 109 49.39 -19.20 78.70
N SER Z 4 38.30 13.97 24.33
CA SER Z 4 37.35 13.47 25.38
C SER Z 4 36.59 12.19 24.95
N ILE Z 5 36.45 11.21 25.87
CA ILE Z 5 35.64 9.97 25.68
C ILE Z 5 34.27 10.14 26.39
N HIS Z 6 33.79 11.38 26.60
CA HIS Z 6 32.38 11.66 27.00
C HIS Z 6 31.65 12.43 25.89
N SER Z 7 32.37 13.11 24.99
CA SER Z 7 31.80 14.03 23.97
C SER Z 7 32.61 14.00 22.66
N GLY Z 8 33.24 12.88 22.31
CA GLY Z 8 33.93 12.67 21.02
C GLY Z 8 33.00 12.84 19.82
N ARG Z 9 31.84 12.15 19.82
CA ARG Z 9 30.85 12.18 18.71
C ARG Z 9 29.83 13.32 18.97
N ILE Z 10 30.28 14.48 19.47
CA ILE Z 10 29.48 15.74 19.66
C ILE Z 10 30.27 16.92 19.06
N ALA Z 11 29.80 17.48 17.95
CA ALA Z 11 30.40 18.62 17.23
C ALA Z 11 30.49 19.83 18.18
N ALA Z 12 29.37 20.26 18.75
CA ALA Z 12 29.13 21.64 19.25
C ALA Z 12 29.89 21.89 20.56
N VAL Z 13 30.81 22.86 20.54
CA VAL Z 13 31.46 23.46 21.74
C VAL Z 13 30.76 24.78 22.06
N HIS Z 14 30.35 24.98 23.31
CA HIS Z 14 29.68 26.22 23.78
C HIS Z 14 30.57 26.97 24.77
N ASN Z 15 30.32 28.27 24.89
CA ASN Z 15 30.96 29.16 25.89
C ASN Z 15 29.99 29.28 27.05
N VAL Z 16 30.17 28.40 28.04
CA VAL Z 16 29.24 28.28 29.19
C VAL Z 16 29.74 29.22 30.28
N PRO Z 17 28.90 30.17 30.73
CA PRO Z 17 29.27 31.02 31.85
C PRO Z 17 29.52 30.19 33.12
N LEU Z 18 30.71 30.36 33.72
CA LEU Z 18 31.13 29.67 34.97
C LEU Z 18 30.01 29.79 36.02
N SER Z 19 29.24 30.87 36.01
CA SER Z 19 28.21 31.19 37.02
C SER Z 19 26.94 30.35 36.85
N VAL Z 20 26.78 29.56 35.79
CA VAL Z 20 25.54 28.71 35.63
C VAL Z 20 25.88 27.22 35.81
N LEU Z 21 27.16 26.87 35.76
CA LEU Z 21 27.65 25.51 36.09
C LEU Z 21 27.40 25.27 37.58
N ILE Z 22 26.68 24.19 37.91
CA ILE Z 22 26.53 23.62 39.27
C ILE Z 22 27.66 22.62 39.49
N ARG Z 23 28.57 22.89 40.42
CA ARG Z 23 29.65 21.94 40.80
C ARG Z 23 29.43 21.52 42.24
N PRO Z 24 28.67 20.43 42.48
CA PRO Z 24 28.24 20.08 43.83
C PRO Z 24 29.19 19.11 44.55
N LEU Z 25 30.21 18.62 43.86
CA LEU Z 25 31.22 17.71 44.46
C LEU Z 25 32.46 18.53 44.80
N PRO Z 26 32.96 18.48 46.06
CA PRO Z 26 34.12 19.29 46.44
C PRO Z 26 35.35 18.81 45.63
N SER Z 27 36.23 19.75 45.25
CA SER Z 27 37.45 19.46 44.43
C SER Z 27 38.69 19.44 45.34
N VAL Z 28 39.51 18.40 45.23
CA VAL Z 28 40.87 18.35 45.85
C VAL Z 28 41.88 18.62 44.74
N LEU Z 29 42.28 19.90 44.60
CA LEU Z 29 43.08 20.44 43.48
C LEU Z 29 44.56 20.51 43.89
N ASP Z 30 45.44 19.98 43.04
CA ASP Z 30 46.92 20.06 43.19
C ASP Z 30 47.39 21.40 42.57
N PRO Z 31 47.61 22.48 43.37
CA PRO Z 31 47.73 23.83 42.81
C PRO Z 31 48.86 23.97 41.77
N ALA Z 32 49.79 23.00 41.71
CA ALA Z 32 50.82 22.87 40.66
C ALA Z 32 50.14 22.70 39.30
N LYS Z 33 49.20 21.74 39.19
CA LYS Z 33 48.47 21.40 37.93
C LYS Z 33 47.57 22.58 37.55
N VAL Z 34 46.97 23.28 38.53
CA VAL Z 34 46.10 24.48 38.29
C VAL Z 34 46.97 25.56 37.64
N GLN Z 35 48.04 25.99 38.33
CA GLN Z 35 48.99 27.05 37.88
C GLN Z 35 49.51 26.69 36.48
N SER Z 36 49.86 25.42 36.26
CA SER Z 36 50.35 24.88 34.96
C SER Z 36 49.32 25.13 33.84
N LEU Z 37 48.05 24.78 34.06
CA LEU Z 37 46.95 24.95 33.09
C LEU Z 37 46.65 26.45 32.87
N VAL Z 38 46.70 27.26 33.93
CA VAL Z 38 46.46 28.74 33.86
C VAL Z 38 47.37 29.33 32.78
N ASP Z 39 48.61 28.86 32.70
CA ASP Z 39 49.64 29.34 31.74
C ASP Z 39 49.27 28.83 30.33
N THR Z 40 48.95 27.55 30.20
CA THR Z 40 48.57 26.91 28.90
C THR Z 40 47.31 27.58 28.33
N ILE Z 41 46.45 28.18 29.17
CA ILE Z 41 45.19 28.86 28.73
C ILE Z 41 45.54 30.22 28.12
N ARG Z 42 46.42 30.99 28.77
CA ARG Z 42 46.92 32.31 28.29
C ARG Z 42 47.76 32.12 27.03
N GLU Z 43 48.70 31.16 27.05
CA GLU Z 43 49.66 30.89 25.95
C GLU Z 43 48.96 30.22 24.76
N ASP Z 44 48.19 29.14 24.99
CA ASP Z 44 47.63 28.29 23.91
C ASP Z 44 46.24 27.78 24.28
N PRO Z 45 45.18 28.63 24.24
CA PRO Z 45 43.81 28.17 24.50
C PRO Z 45 43.42 26.83 23.85
N ASP Z 46 43.81 26.58 22.59
CA ASP Z 46 43.34 25.39 21.83
C ASP Z 46 44.03 24.11 22.32
N SER Z 47 45.03 24.20 23.21
CA SER Z 47 45.63 23.04 23.91
C SER Z 47 44.58 22.36 24.80
N VAL Z 48 43.83 23.16 25.58
CA VAL Z 48 42.97 22.73 26.73
C VAL Z 48 41.63 22.25 26.20
N PRO Z 49 41.29 20.94 26.29
CA PRO Z 49 39.97 20.48 25.85
C PRO Z 49 38.84 21.27 26.53
N PRO Z 50 37.64 21.29 25.93
CA PRO Z 50 36.47 21.81 26.63
C PRO Z 50 36.04 20.79 27.68
N ILE Z 51 35.41 21.25 28.78
CA ILE Z 51 34.90 20.37 29.87
C ILE Z 51 33.60 19.71 29.40
N ASP Z 52 33.21 18.62 30.04
CA ASP Z 52 31.95 17.92 29.76
C ASP Z 52 30.93 18.35 30.81
N VAL Z 53 29.86 19.04 30.42
CA VAL Z 53 28.79 19.39 31.40
C VAL Z 53 27.56 18.58 31.04
N LEU Z 54 26.85 18.09 32.05
CA LEU Z 54 25.57 17.37 31.91
C LEU Z 54 24.47 18.41 31.90
N TRP Z 55 23.66 18.41 30.85
CA TRP Z 55 22.47 19.26 30.70
C TRP Z 55 21.26 18.43 31.05
N ILE Z 56 20.61 18.75 32.17
CA ILE Z 56 19.50 17.96 32.75
C ILE Z 56 18.28 18.87 32.84
N LYS Z 57 17.15 18.39 32.32
CA LYS Z 57 15.84 19.07 32.39
C LYS Z 57 15.13 18.61 33.68
N GLY Z 58 14.56 19.55 34.42
CA GLY Z 58 13.69 19.27 35.58
C GLY Z 58 12.33 18.73 35.18
N ALA Z 59 11.44 18.52 36.16
CA ALA Z 59 10.10 17.91 35.97
C ALA Z 59 9.19 18.88 35.19
N GLN Z 60 9.44 20.19 35.29
CA GLN Z 60 8.68 21.25 34.57
C GLN Z 60 9.53 21.86 33.44
N GLY Z 61 10.60 21.18 33.00
CA GLY Z 61 11.39 21.58 31.82
C GLY Z 61 12.50 22.60 32.14
N GLY Z 62 12.64 23.03 33.40
CA GLY Z 62 13.73 23.93 33.83
C GLY Z 62 15.10 23.33 33.52
N ASP Z 63 16.03 24.15 33.03
CA ASP Z 63 17.38 23.70 32.59
C ASP Z 63 18.37 23.80 33.75
N TYR Z 64 19.19 22.76 33.93
CA TYR Z 64 20.32 22.73 34.90
C TYR Z 64 21.57 22.19 34.23
N PHE Z 65 22.71 22.86 34.47
CA PHE Z 65 24.01 22.47 33.87
C PHE Z 65 24.96 22.05 35.01
N TYR Z 66 25.32 20.78 35.04
CA TYR Z 66 26.10 20.12 36.11
C TYR Z 66 27.51 19.88 35.55
N SER Z 67 28.53 20.35 36.28
CA SER Z 67 29.96 20.04 36.00
C SER Z 67 30.53 19.20 37.14
N PHE Z 68 30.87 17.96 36.84
CA PHE Z 68 31.46 16.98 37.80
C PHE Z 68 32.95 16.79 37.49
N GLY Z 69 33.36 17.12 36.26
CA GLY Z 69 34.69 16.84 35.71
C GLY Z 69 35.40 18.13 35.39
N GLY Z 70 36.58 18.01 34.75
CA GLY Z 70 37.52 19.12 34.47
C GLY Z 70 37.77 19.96 35.72
N CYS Z 71 38.00 19.31 36.85
CA CYS Z 71 38.17 19.95 38.19
C CYS Z 71 39.29 20.99 38.11
N HIS Z 72 40.44 20.60 37.52
CA HIS Z 72 41.64 21.47 37.38
C HIS Z 72 41.36 22.56 36.33
N ARG Z 73 40.90 22.18 35.14
CA ARG Z 73 40.52 23.15 34.07
C ARG Z 73 39.56 24.21 34.62
N TYR Z 74 38.49 23.82 35.30
CA TYR Z 74 37.51 24.78 35.87
C TYR Z 74 38.22 25.75 36.80
N ALA Z 75 39.08 25.22 37.68
CA ALA Z 75 39.81 26.00 38.71
C ALA Z 75 40.69 27.05 38.03
N ALA Z 76 41.33 26.68 36.93
CA ALA Z 76 42.22 27.53 36.10
C ALA Z 76 41.43 28.73 35.56
N TYR Z 77 40.33 28.48 34.83
CA TYR Z 77 39.45 29.55 34.28
C TYR Z 77 38.88 30.39 35.43
N GLN Z 78 38.69 29.83 36.62
CA GLN Z 78 38.17 30.57 37.80
C GLN Z 78 39.25 31.56 38.30
N GLN Z 79 40.51 31.12 38.37
CA GLN Z 79 41.68 31.95 38.76
C GLN Z 79 41.81 33.14 37.80
N LEU Z 80 41.74 32.89 36.48
CA LEU Z 80 41.78 33.93 35.40
C LEU Z 80 40.48 34.74 35.36
N GLN Z 81 39.65 34.67 36.41
CA GLN Z 81 38.32 35.32 36.54
C GLN Z 81 37.63 35.48 35.18
N ARG Z 82 37.69 34.46 34.31
CA ARG Z 82 36.99 34.39 33.00
C ARG Z 82 35.47 34.30 33.25
N GLU Z 83 34.66 34.82 32.30
CA GLU Z 83 33.19 34.83 32.40
C GLU Z 83 32.67 33.46 31.95
N THR Z 84 33.33 32.85 30.95
CA THR Z 84 32.91 31.57 30.33
C THR Z 84 34.08 30.60 30.20
N ILE Z 85 33.73 29.32 30.04
CA ILE Z 85 34.65 28.19 29.76
C ILE Z 85 34.11 27.44 28.54
N PRO Z 86 34.98 27.07 27.60
CA PRO Z 86 34.62 26.11 26.54
C PRO Z 86 34.14 24.80 27.16
N ALA Z 87 32.98 24.31 26.71
CA ALA Z 87 32.34 23.06 27.21
C ALA Z 87 31.52 22.38 26.12
N LYS Z 88 31.53 21.04 26.11
CA LYS Z 88 30.58 20.22 25.31
C LYS Z 88 29.44 19.83 26.24
N LEU Z 89 28.20 20.08 25.81
CA LEU Z 89 26.98 19.72 26.59
C LEU Z 89 26.56 18.28 26.23
N VAL Z 90 26.22 17.49 27.24
CA VAL Z 90 25.68 16.12 27.10
C VAL Z 90 24.32 16.10 27.79
N GLN Z 91 23.26 15.96 27.01
CA GLN Z 91 21.88 15.89 27.57
C GLN Z 91 21.80 14.58 28.36
N SER Z 92 21.21 14.63 29.55
CA SER Z 92 21.10 13.45 30.45
C SER Z 92 19.82 13.53 31.27
N THR Z 93 19.57 12.50 32.08
CA THR Z 93 18.30 12.29 32.80
C THR Z 93 18.51 12.62 34.28
N LEU Z 94 17.43 12.80 35.01
CA LEU Z 94 17.47 12.98 36.49
C LEU Z 94 18.00 11.67 37.13
N SER Z 95 17.85 10.53 36.46
CA SER Z 95 18.28 9.20 36.97
C SER Z 95 19.80 9.05 36.83
N ASP Z 96 20.41 9.62 35.79
CA ASP Z 96 21.88 9.74 35.66
C ASP Z 96 22.40 10.54 36.85
N LEU Z 97 21.75 11.66 37.19
CA LEU Z 97 22.24 12.60 38.23
C LEU Z 97 22.28 11.90 39.60
N ARG Z 98 21.40 10.93 39.82
CA ARG Z 98 21.25 10.24 41.13
C ARG Z 98 22.51 9.41 41.44
N VAL Z 99 23.20 8.93 40.39
CA VAL Z 99 24.46 8.16 40.50
C VAL Z 99 25.56 9.04 41.09
N TYR Z 100 25.52 10.35 40.85
CA TYR Z 100 26.58 11.29 41.27
C TYR Z 100 26.28 11.82 42.68
N LEU Z 101 25.00 12.05 43.01
CA LEU Z 101 24.59 12.86 44.18
C LEU Z 101 23.90 12.02 45.27
N GLY Z 102 23.40 10.83 44.93
CA GLY Z 102 22.68 9.98 45.90
C GLY Z 102 21.56 10.74 46.57
N ALA Z 103 21.57 10.83 47.89
CA ALA Z 103 20.48 11.44 48.68
C ALA Z 103 20.66 12.95 48.71
N SER Z 104 21.69 13.49 48.07
CA SER Z 104 21.85 14.96 47.81
C SER Z 104 21.13 15.35 46.51
N THR Z 105 20.72 14.39 45.68
CA THR Z 105 19.98 14.64 44.42
C THR Z 105 18.76 15.49 44.72
N PRO Z 106 18.63 16.71 44.15
CA PRO Z 106 17.46 17.55 44.40
C PRO Z 106 16.29 17.18 43.50
N ASP Z 107 15.10 17.66 43.86
CA ASP Z 107 13.85 17.41 43.10
C ASP Z 107 13.72 18.52 42.05
N LEU Z 108 14.42 18.37 40.94
CA LEU Z 108 14.62 19.45 39.94
C LEU Z 108 13.27 19.74 39.25
N GLN Z 109 12.91 21.03 39.19
CA GLN Z 109 11.71 21.54 38.48
C GLN Z 109 12.17 22.23 37.18
N ILE AA 5 -0.25 -44.76 0.00
CA ILE AA 5 0.35 -43.83 1.03
C ILE AA 5 0.94 -44.66 2.19
N HIS AA 6 1.41 -45.88 1.92
CA HIS AA 6 2.51 -46.55 2.70
C HIS AA 6 3.35 -47.39 1.73
N ILE AA 10 8.90 -46.69 -0.11
CA ILE AA 10 9.59 -47.98 -0.42
C ILE AA 10 9.42 -48.26 -1.93
N ALA AA 11 10.51 -48.24 -2.67
CA ALA AA 11 10.63 -48.77 -4.07
C ALA AA 11 10.17 -50.23 -4.11
N ALA AA 12 10.79 -51.10 -3.30
CA ALA AA 12 10.82 -52.57 -3.46
C ALA AA 12 9.46 -53.21 -3.13
N VAL AA 13 8.87 -53.87 -4.14
CA VAL AA 13 7.70 -54.79 -3.99
C VAL AA 13 8.22 -56.23 -3.97
N HIS AA 14 7.82 -57.03 -2.99
CA HIS AA 14 8.22 -58.44 -2.84
C HIS AA 14 7.02 -59.37 -3.02
N ASN AA 15 7.32 -60.62 -3.37
CA ASN AA 15 6.33 -61.72 -3.48
C ASN AA 15 6.42 -62.50 -2.17
N VAL AA 16 5.57 -62.11 -1.22
CA VAL AA 16 5.59 -62.66 0.16
C VAL AA 16 4.66 -63.86 0.17
N PRO AA 17 5.18 -65.05 0.56
CA PRO AA 17 4.32 -66.22 0.72
C PRO AA 17 3.24 -65.98 1.79
N LEU AA 18 1.97 -66.18 1.41
CA LEU AA 18 0.79 -66.01 2.31
C LEU AA 18 1.03 -66.72 3.65
N SER AA 19 1.79 -67.81 3.64
CA SER AA 19 2.00 -68.69 4.81
C SER AA 19 3.00 -68.10 5.82
N VAL AA 20 3.67 -66.97 5.54
CA VAL AA 20 4.62 -66.36 6.52
C VAL AA 20 4.06 -65.06 7.10
N LEU AA 21 3.04 -64.49 6.46
CA LEU AA 21 2.28 -63.32 6.99
C LEU AA 21 1.56 -63.76 8.27
N ILE AA 22 1.79 -63.05 9.37
CA ILE AA 22 1.02 -63.13 10.64
C ILE AA 22 -0.12 -62.12 10.54
N ARG AA 23 -1.37 -62.57 10.55
CA ARG AA 23 -2.56 -61.70 10.57
C ARG AA 23 -3.28 -61.96 11.89
N PRO AA 24 -2.97 -61.20 12.96
CA PRO AA 24 -3.48 -61.50 14.29
C PRO AA 24 -4.79 -60.78 14.63
N LEU AA 25 -5.27 -59.91 13.75
CA LEU AA 25 -6.55 -59.18 13.92
C LEU AA 25 -7.62 -59.89 13.12
N PRO AA 26 -8.78 -60.23 13.73
CA PRO AA 26 -9.85 -60.91 13.01
C PRO AA 26 -10.37 -60.00 11.89
N SER AA 27 -10.75 -60.58 10.74
CA SER AA 27 -11.25 -59.85 9.54
C SER AA 27 -12.79 -59.94 9.47
N VAL AA 28 -13.47 -58.80 9.30
CA VAL AA 28 -14.90 -58.72 8.89
C VAL AA 28 -14.92 -58.43 7.39
N LEU AA 29 -15.03 -59.48 6.57
CA LEU AA 29 -14.93 -59.39 5.09
C LEU AA 29 -16.34 -59.33 4.47
N ASP AA 30 -16.57 -58.35 3.60
CA ASP AA 30 -17.83 -58.22 2.79
C ASP AA 30 -17.64 -59.05 1.52
N PRO AA 31 -18.15 -60.32 1.44
CA PRO AA 31 -17.74 -61.24 0.36
C PRO AA 31 -17.99 -60.71 -1.05
N ALA AA 32 -18.80 -59.66 -1.21
CA ALA AA 32 -18.97 -58.90 -2.46
C ALA AA 32 -17.64 -58.27 -2.89
N LYS AA 33 -16.97 -57.57 -1.98
CA LYS AA 33 -15.67 -56.87 -2.23
C LYS AA 33 -14.57 -57.91 -2.48
N VAL AA 34 -14.62 -59.06 -1.79
CA VAL AA 34 -13.64 -60.18 -1.98
C VAL AA 34 -13.78 -60.70 -3.41
N GLN AA 35 -14.99 -61.18 -3.78
CA GLN AA 35 -15.33 -61.73 -5.11
C GLN AA 35 -14.93 -60.71 -6.20
N SER AA 36 -15.22 -59.43 -5.99
CA SER AA 36 -14.89 -58.30 -6.90
C SER AA 36 -13.38 -58.23 -7.15
N LEU AA 37 -12.56 -58.27 -6.10
CA LEU AA 37 -11.08 -58.20 -6.17
C LEU AA 37 -10.52 -59.48 -6.82
N VAL AA 38 -11.11 -60.65 -6.50
CA VAL AA 38 -10.69 -61.97 -7.07
C VAL AA 38 -10.66 -61.86 -8.59
N ASP AA 39 -11.65 -61.17 -9.17
CA ASP AA 39 -11.81 -61.00 -10.64
C ASP AA 39 -10.74 -60.01 -11.14
N THR AA 40 -10.56 -58.88 -10.45
CA THR AA 40 -9.58 -57.83 -10.81
C THR AA 40 -8.15 -58.41 -10.76
N ILE AA 41 -7.90 -59.46 -9.96
CA ILE AA 41 -6.57 -60.10 -9.81
C ILE AA 41 -6.29 -60.99 -11.04
N ARG AA 42 -7.28 -61.78 -11.47
CA ARG AA 42 -7.20 -62.66 -12.68
C ARG AA 42 -7.14 -61.80 -13.94
N GLU AA 43 -8.01 -60.78 -14.04
CA GLU AA 43 -8.14 -59.89 -15.22
C GLU AA 43 -6.95 -58.93 -15.30
N ASP AA 44 -6.62 -58.21 -14.23
CA ASP AA 44 -5.63 -57.10 -14.25
C ASP AA 44 -4.83 -57.07 -12.93
N PRO AA 45 -3.86 -57.99 -12.72
CA PRO AA 45 -3.01 -57.96 -11.52
C PRO AA 45 -2.49 -56.58 -11.12
N ASP AA 46 -2.06 -55.75 -12.06
CA ASP AA 46 -1.38 -54.45 -11.77
C ASP AA 46 -2.38 -53.40 -11.29
N SER AA 47 -3.69 -53.67 -11.34
CA SER AA 47 -4.75 -52.81 -10.73
C SER AA 47 -4.58 -52.79 -9.21
N VAL AA 48 -4.37 -53.97 -8.60
CA VAL AA 48 -4.47 -54.23 -7.12
C VAL AA 48 -3.15 -53.83 -6.46
N PRO AA 49 -3.11 -52.78 -5.62
CA PRO AA 49 -1.87 -52.41 -4.95
C PRO AA 49 -1.29 -53.59 -4.18
N PRO AA 50 0.02 -53.57 -3.88
CA PRO AA 50 0.60 -54.55 -2.96
C PRO AA 50 0.17 -54.16 -1.54
N ILE AA 51 0.07 -55.15 -0.64
CA ILE AA 51 -0.30 -54.91 0.80
C ILE AA 51 0.93 -54.35 1.52
N ASP AA 52 0.71 -53.70 2.67
CA ASP AA 52 1.81 -53.17 3.51
C ASP AA 52 2.03 -54.16 4.64
N VAL AA 53 3.19 -54.82 4.70
CA VAL AA 53 3.51 -55.73 5.82
C VAL AA 53 4.62 -55.08 6.63
N LEU AA 54 4.49 -55.18 7.97
CA LEU AA 54 5.50 -54.69 8.92
C LEU AA 54 6.50 -55.82 9.12
N TRP AA 55 7.77 -55.51 8.88
CA TRP AA 55 8.89 -56.45 9.12
C TRP AA 55 9.55 -56.04 10.43
N ILE AA 56 9.41 -56.90 11.45
CA ILE AA 56 9.84 -56.60 12.83
C ILE AA 56 10.83 -57.68 13.25
N LYS AA 57 11.98 -57.25 13.78
CA LYS AA 57 13.04 -58.12 14.32
C LYS AA 57 12.77 -58.33 15.80
N GLY AA 58 12.83 -59.58 16.28
CA GLY AA 58 12.74 -59.95 17.71
C GLY AA 58 13.99 -59.56 18.47
N ALA AA 59 14.06 -59.89 19.77
CA ALA AA 59 15.14 -59.51 20.70
C ALA AA 59 16.44 -60.24 20.33
N GLN AA 60 16.33 -61.43 19.73
CA GLN AA 60 17.48 -62.26 19.26
C GLN AA 60 17.58 -62.24 17.73
N GLY AA 61 16.96 -61.26 17.06
CA GLY AA 61 17.11 -61.04 15.61
C GLY AA 61 16.17 -61.86 14.74
N GLY AA 62 15.30 -62.71 15.33
CA GLY AA 62 14.27 -63.47 14.59
C GLY AA 62 13.38 -62.56 13.76
N ASP AA 63 13.06 -62.95 12.52
CA ASP AA 63 12.22 -62.12 11.61
C ASP AA 63 10.74 -62.47 11.77
N TYR AA 64 9.87 -61.46 11.83
CA TYR AA 64 8.40 -61.61 11.84
C TYR AA 64 7.76 -60.63 10.85
N PHE AA 65 6.81 -61.13 10.05
CA PHE AA 65 6.11 -60.32 9.02
C PHE AA 65 4.63 -60.24 9.36
N TYR AA 66 4.19 -59.03 9.72
CA TYR AA 66 2.84 -58.76 10.26
C TYR AA 66 2.03 -58.07 9.16
N SER AA 67 0.84 -58.60 8.85
CA SER AA 67 -0.13 -57.97 7.92
C SER AA 67 -1.39 -57.60 8.71
N PHE AA 68 -1.67 -56.31 8.82
CA PHE AA 68 -2.82 -55.75 9.56
C PHE AA 68 -3.86 -55.20 8.58
N GLY AA 69 -3.42 -54.93 7.35
CA GLY AA 69 -4.20 -54.24 6.30
C GLY AA 69 -4.37 -55.16 5.12
N GLY AA 70 -4.97 -54.64 4.04
CA GLY AA 70 -5.38 -55.42 2.84
C GLY AA 70 -6.15 -56.64 3.23
N CYS AA 71 -7.10 -56.53 4.15
CA CYS AA 71 -7.96 -57.65 4.67
C CYS AA 71 -8.64 -58.32 3.47
N HIS AA 72 -9.24 -57.52 2.57
CA HIS AA 72 -9.98 -58.00 1.37
C HIS AA 72 -8.99 -58.56 0.35
N ARG AA 73 -7.95 -57.79 -0.01
CA ARG AA 73 -6.86 -58.24 -0.92
C ARG AA 73 -6.31 -59.59 -0.46
N TYR AA 74 -5.93 -59.75 0.80
CA TYR AA 74 -5.38 -61.02 1.32
C TYR AA 74 -6.37 -62.15 1.08
N ALA AA 75 -7.65 -61.91 1.40
CA ALA AA 75 -8.75 -62.91 1.30
C ALA AA 75 -8.88 -63.39 -0.15
N ALA AA 76 -8.77 -62.45 -1.09
CA ALA AA 76 -8.85 -62.68 -2.56
C ALA AA 76 -7.74 -63.64 -3.00
N TYR AA 77 -6.47 -63.32 -2.72
CA TYR AA 77 -5.31 -64.17 -3.07
C TYR AA 77 -5.44 -65.52 -2.34
N GLN AA 78 -6.10 -65.58 -1.18
CA GLN AA 78 -6.30 -66.85 -0.43
C GLN AA 78 -7.30 -67.74 -1.18
N GLN AA 79 -8.40 -67.14 -1.68
CA GLN AA 79 -9.45 -67.83 -2.49
C GLN AA 79 -8.80 -68.43 -3.75
N LEU AA 80 -7.98 -67.65 -4.47
CA LEU AA 80 -7.24 -68.09 -5.69
C LEU AA 80 -6.08 -69.03 -5.31
N GLN AA 81 -6.07 -69.58 -4.09
CA GLN AA 81 -5.01 -70.46 -3.51
C GLN AA 81 -3.63 -70.13 -4.07
N ARG AA 82 -3.29 -68.84 -4.22
CA ARG AA 82 -1.94 -68.35 -4.64
C ARG AA 82 -0.93 -68.64 -3.52
N GLU AA 83 0.34 -68.83 -3.90
CA GLU AA 83 1.45 -69.15 -2.95
C GLU AA 83 1.93 -67.85 -2.32
N THR AA 84 1.95 -66.76 -3.10
CA THR AA 84 2.46 -65.42 -2.70
C THR AA 84 1.49 -64.30 -3.06
N ILE AA 85 1.68 -63.16 -2.39
CA ILE AA 85 0.97 -61.88 -2.63
C ILE AA 85 2.03 -60.79 -2.78
N PRO AA 86 1.87 -59.89 -3.78
CA PRO AA 86 2.66 -58.66 -3.84
C PRO AA 86 2.49 -57.84 -2.55
N ALA AA 87 3.61 -57.42 -1.95
CA ALA AA 87 3.66 -56.65 -0.70
C ALA AA 87 4.87 -55.71 -0.67
N LYS AA 88 4.70 -54.52 -0.09
CA LYS AA 88 5.82 -53.62 0.30
C LYS AA 88 6.12 -53.90 1.77
N LEU AA 89 7.41 -54.18 2.08
CA LEU AA 89 7.89 -54.33 3.47
C LEU AA 89 8.23 -52.94 4.05
N VAL AA 90 7.80 -52.74 5.30
CA VAL AA 90 8.15 -51.55 6.11
C VAL AA 90 8.81 -52.07 7.38
N GLN AA 91 10.11 -51.80 7.52
CA GLN AA 91 10.86 -52.22 8.72
C GLN AA 91 10.30 -51.40 9.88
N SER AA 92 10.05 -52.02 11.03
CA SER AA 92 9.40 -51.34 12.17
C SER AA 92 9.93 -51.92 13.47
N THR AA 93 9.50 -51.35 14.60
CA THR AA 93 10.02 -51.65 15.94
C THR AA 93 8.98 -52.50 16.68
N LEU AA 94 9.38 -53.14 17.78
CA LEU AA 94 8.44 -53.86 18.65
C LEU AA 94 7.47 -52.86 19.30
N SER AA 95 7.86 -51.60 19.42
CA SER AA 95 7.04 -50.52 20.04
C SER AA 95 5.92 -50.07 19.09
N ASP AA 96 6.19 -50.09 17.78
CA ASP AA 96 5.15 -49.89 16.73
C ASP AA 96 4.10 -50.99 16.88
N LEU AA 97 4.53 -52.24 17.04
CA LEU AA 97 3.63 -53.44 17.07
C LEU AA 97 2.66 -53.33 18.26
N ARG AA 98 3.08 -52.68 19.35
CA ARG AA 98 2.30 -52.58 20.61
C ARG AA 98 1.04 -51.73 20.37
N VAL AA 99 1.09 -50.80 19.43
CA VAL AA 99 -0.04 -49.92 19.03
C VAL AA 99 -1.17 -50.77 18.43
N TYR AA 100 -0.82 -51.88 17.78
CA TYR AA 100 -1.78 -52.73 17.04
C TYR AA 100 -2.35 -53.81 17.97
N LEU AA 101 -1.54 -54.34 18.88
CA LEU AA 101 -1.83 -55.60 19.63
C LEU AA 101 -2.06 -55.37 21.12
N GLY AA 102 -1.63 -54.22 21.66
CA GLY AA 102 -1.77 -53.93 23.10
C GLY AA 102 -1.20 -55.06 23.93
N ALA AA 103 -2.02 -55.63 24.81
CA ALA AA 103 -1.60 -56.66 25.78
C ALA AA 103 -1.52 -58.03 25.10
N SER AA 104 -1.87 -58.12 23.81
CA SER AA 104 -1.67 -59.33 22.97
C SER AA 104 -0.26 -59.31 22.34
N THR AA 105 0.45 -58.18 22.40
CA THR AA 105 1.83 -58.05 21.86
C THR AA 105 2.70 -59.15 22.48
N PRO AA 106 3.30 -60.04 21.67
CA PRO AA 106 4.15 -61.10 22.21
C PRO AA 106 5.59 -60.62 22.44
N ASP AA 107 6.34 -61.39 23.21
CA ASP AA 107 7.76 -61.12 23.54
C ASP AA 107 8.62 -61.73 22.43
N LEU AA 108 8.75 -61.03 21.32
CA LEU AA 108 9.35 -61.60 20.07
C LEU AA 108 10.85 -61.85 20.29
N GLN AA 109 11.30 -63.05 19.94
CA GLN AA 109 12.74 -63.47 19.97
C GLN AA 109 13.26 -63.54 18.52
N PRO BA 2 -45.73 -70.22 48.73
CA PRO BA 2 -45.72 -69.55 47.40
C PRO BA 2 -46.27 -68.11 47.35
N MET BA 3 -45.80 -67.21 48.23
CA MET BA 3 -46.25 -65.80 48.39
C MET BA 3 -45.04 -64.83 48.51
N SER BA 4 -44.70 -64.13 47.41
CA SER BA 4 -43.78 -62.97 47.21
C SER BA 4 -43.02 -62.50 48.45
N ILE BA 5 -41.72 -62.20 48.32
CA ILE BA 5 -40.88 -61.60 49.41
C ILE BA 5 -40.72 -60.09 49.16
N HIS BA 6 -41.66 -59.44 48.47
CA HIS BA 6 -41.78 -57.96 48.38
C HIS BA 6 -43.09 -57.48 49.05
N SER BA 7 -44.09 -58.37 49.19
CA SER BA 7 -45.44 -58.01 49.69
C SER BA 7 -46.07 -59.14 50.51
N GLY BA 8 -45.26 -59.97 51.19
CA GLY BA 8 -45.76 -60.99 52.13
C GLY BA 8 -46.56 -60.40 53.29
N ARG BA 9 -46.03 -59.36 53.96
CA ARG BA 9 -46.64 -58.68 55.13
C ARG BA 9 -47.57 -57.54 54.66
N ILE BA 10 -48.27 -57.70 53.50
CA ILE BA 10 -49.25 -56.72 52.93
C ILE BA 10 -50.54 -57.46 52.56
N ALA BA 11 -51.62 -57.21 53.32
CA ALA BA 11 -52.97 -57.81 53.10
C ALA BA 11 -53.48 -57.45 51.69
N ALA BA 12 -53.55 -56.16 51.38
CA ALA BA 12 -54.48 -55.56 50.37
C ALA BA 12 -54.01 -55.86 48.95
N VAL BA 13 -54.83 -56.56 48.18
CA VAL BA 13 -54.67 -56.75 46.70
C VAL BA 13 -55.60 -55.77 45.98
N HIS BA 14 -55.06 -55.01 45.02
CA HIS BA 14 -55.82 -54.01 44.22
C HIS BA 14 -55.88 -54.44 42.75
N ASN BA 15 -56.92 -53.94 42.07
CA ASN BA 15 -57.14 -54.14 40.61
C ASN BA 15 -56.60 -52.90 39.92
N VAL BA 16 -55.35 -52.95 39.52
CA VAL BA 16 -54.64 -51.77 38.95
C VAL BA 16 -54.85 -51.80 37.45
N PRO BA 17 -55.43 -50.73 36.87
CA PRO BA 17 -55.56 -50.62 35.42
C PRO BA 17 -54.19 -50.66 34.72
N LEU BA 18 -54.02 -51.59 33.78
CA LEU BA 18 -52.78 -51.75 32.96
C LEU BA 18 -52.36 -50.42 32.37
N SER BA 19 -53.29 -49.51 32.11
CA SER BA 19 -53.02 -48.20 31.45
C SER BA 19 -52.36 -47.20 32.41
N VAL BA 20 -52.23 -47.46 33.72
CA VAL BA 20 -51.59 -46.50 34.66
C VAL BA 20 -50.25 -47.07 35.16
N LEU BA 21 -50.02 -48.39 35.01
CA LEU BA 21 -48.74 -49.04 35.29
C LEU BA 21 -47.68 -48.50 34.34
N ILE BA 22 -46.59 -47.98 34.91
CA ILE BA 22 -45.36 -47.55 34.19
C ILE BA 22 -44.43 -48.75 34.24
N ARG BA 23 -44.09 -49.34 33.08
CA ARG BA 23 -43.02 -50.35 32.96
C ARG BA 23 -41.92 -49.76 32.09
N PRO BA 24 -40.92 -49.10 32.72
CA PRO BA 24 -39.89 -48.38 31.96
C PRO BA 24 -38.67 -49.24 31.61
N LEU BA 25 -38.60 -50.47 32.12
CA LEU BA 25 -37.48 -51.40 31.83
C LEU BA 25 -37.94 -52.38 30.78
N PRO BA 26 -37.19 -52.56 29.67
CA PRO BA 26 -37.57 -53.53 28.65
C PRO BA 26 -37.56 -54.94 29.26
N SER BA 27 -38.48 -55.80 28.80
CA SER BA 27 -38.68 -57.20 29.23
C SER BA 27 -38.08 -58.16 28.19
N VAL BA 28 -37.35 -59.18 28.63
CA VAL BA 28 -36.91 -60.33 27.78
C VAL BA 28 -37.83 -61.51 28.12
N LEU BA 29 -38.92 -61.67 27.35
CA LEU BA 29 -40.03 -62.62 27.60
C LEU BA 29 -39.82 -63.89 26.77
N ASP BA 30 -39.90 -65.06 27.41
CA ASP BA 30 -39.91 -66.39 26.75
C ASP BA 30 -41.35 -66.72 26.33
N PRO BA 31 -41.78 -66.48 25.07
CA PRO BA 31 -43.21 -66.47 24.72
C PRO BA 31 -43.95 -67.77 25.06
N ALA BA 32 -43.21 -68.86 25.32
CA ALA BA 32 -43.73 -70.14 25.87
C ALA BA 32 -44.36 -69.90 27.25
N LYS BA 33 -43.64 -69.23 28.16
CA LYS BA 33 -44.06 -68.92 29.55
C LYS BA 33 -45.23 -67.93 29.52
N VAL BA 34 -45.24 -66.98 28.58
CA VAL BA 34 -46.35 -66.00 28.40
C VAL BA 34 -47.62 -66.77 28.04
N GLN BA 35 -47.58 -67.51 26.92
CA GLN BA 35 -48.72 -68.32 26.39
C GLN BA 35 -49.23 -69.25 27.50
N SER BA 36 -48.32 -69.90 28.24
CA SER BA 36 -48.61 -70.81 29.38
C SER BA 36 -49.44 -70.11 30.45
N LEU BA 37 -49.02 -68.90 30.88
CA LEU BA 37 -49.71 -68.10 31.93
C LEU BA 37 -51.05 -67.60 31.39
N VAL BA 38 -51.14 -67.20 30.12
CA VAL BA 38 -52.38 -66.71 29.47
C VAL BA 38 -53.49 -67.74 29.71
N ASP BA 39 -53.15 -69.03 29.60
CA ASP BA 39 -54.09 -70.16 29.75
C ASP BA 39 -54.45 -70.32 31.24
N THR BA 40 -53.45 -70.28 32.12
CA THR BA 40 -53.62 -70.42 33.59
C THR BA 40 -54.49 -69.26 34.12
N ILE BA 41 -54.55 -68.11 33.44
CA ILE BA 41 -55.35 -66.92 33.87
C ILE BA 41 -56.82 -67.17 33.53
N ARG BA 42 -57.11 -67.68 32.32
CA ARG BA 42 -58.48 -68.04 31.86
C ARG BA 42 -59.00 -69.24 32.66
N GLU BA 43 -58.18 -70.28 32.81
CA GLU BA 43 -58.55 -71.57 33.47
C GLU BA 43 -58.62 -71.39 34.99
N ASP BA 44 -57.60 -70.80 35.63
CA ASP BA 44 -57.47 -70.76 37.11
C ASP BA 44 -56.85 -69.43 37.56
N PRO BA 45 -57.60 -68.30 37.54
CA PRO BA 45 -57.09 -67.02 38.05
C PRO BA 45 -56.35 -67.09 39.41
N ASP BA 46 -56.79 -67.90 40.36
CA ASP BA 46 -56.24 -67.91 41.75
C ASP BA 46 -54.88 -68.63 41.78
N SER BA 47 -54.44 -69.25 40.68
CA SER BA 47 -53.07 -69.81 40.52
C SER BA 47 -52.05 -68.65 40.54
N VAL BA 48 -52.33 -67.57 39.78
CA VAL BA 48 -51.36 -66.49 39.38
C VAL BA 48 -51.27 -65.47 40.50
N PRO BA 49 -50.14 -65.34 41.21
CA PRO BA 49 -50.01 -64.29 42.23
C PRO BA 49 -50.29 -62.90 41.63
N PRO BA 50 -50.63 -61.91 42.48
CA PRO BA 50 -50.66 -60.53 42.04
C PRO BA 50 -49.21 -60.01 41.89
N ILE BA 51 -48.98 -59.05 41.01
CA ILE BA 51 -47.65 -58.42 40.78
C ILE BA 51 -47.34 -57.44 41.93
N ASP BA 52 -46.08 -57.06 42.10
CA ASP BA 52 -45.69 -56.01 43.09
C ASP BA 52 -45.53 -54.70 42.33
N VAL BA 53 -46.36 -53.70 42.61
CA VAL BA 53 -46.14 -52.36 42.01
C VAL BA 53 -45.69 -51.39 43.10
N LEU BA 54 -44.75 -50.52 42.77
CA LEU BA 54 -44.26 -49.43 43.64
C LEU BA 54 -45.18 -48.24 43.43
N TRP BA 55 -45.77 -47.76 44.51
CA TRP BA 55 -46.63 -46.54 44.52
C TRP BA 55 -45.79 -45.38 45.04
N ILE BA 56 -45.49 -44.42 44.17
CA ILE BA 56 -44.57 -43.30 44.47
C ILE BA 56 -45.35 -42.01 44.24
N LYS BA 57 -45.29 -41.09 45.21
CA LYS BA 57 -45.90 -39.74 45.14
C LYS BA 57 -44.87 -38.76 44.57
N GLY BA 58 -45.28 -37.94 43.61
CA GLY BA 58 -44.48 -36.81 43.07
C GLY BA 58 -44.36 -35.65 44.04
N ALA BA 59 -43.67 -34.58 43.63
CA ALA BA 59 -43.35 -33.40 44.48
C ALA BA 59 -44.63 -32.61 44.79
N GLN BA 60 -45.64 -32.67 43.91
CA GLN BA 60 -46.96 -32.01 44.07
C GLN BA 60 -48.06 -33.04 44.38
N GLY BA 61 -47.69 -34.24 44.85
CA GLY BA 61 -48.66 -35.25 45.33
C GLY BA 61 -49.24 -36.14 44.23
N GLY BA 62 -48.83 -35.95 42.97
CA GLY BA 62 -49.25 -36.82 41.85
C GLY BA 62 -48.90 -38.27 42.12
N ASP BA 63 -49.82 -39.20 41.80
CA ASP BA 63 -49.59 -40.65 42.06
C ASP BA 63 -48.96 -41.30 40.82
N TYR BA 64 -47.95 -42.16 41.02
CA TYR BA 64 -47.32 -42.97 39.94
C TYR BA 64 -47.16 -44.41 40.41
N PHE BA 65 -47.54 -45.35 39.54
CA PHE BA 65 -47.50 -46.80 39.83
C PHE BA 65 -46.50 -47.47 38.87
N TYR BA 66 -45.41 -47.97 39.44
CA TYR BA 66 -44.23 -48.51 38.71
C TYR BA 66 -44.27 -50.03 38.84
N SER BA 67 -44.21 -50.74 37.72
CA SER BA 67 -44.06 -52.22 37.69
C SER BA 67 -42.72 -52.58 37.06
N PHE BA 68 -41.82 -53.19 37.85
CA PHE BA 68 -40.47 -53.62 37.44
C PHE BA 68 -40.43 -55.14 37.35
N GLY BA 69 -41.37 -55.81 38.03
CA GLY BA 69 -41.40 -57.28 38.17
C GLY BA 69 -42.63 -57.86 37.49
N GLY BA 70 -42.89 -59.15 37.72
CA GLY BA 70 -44.00 -59.93 37.11
C GLY BA 70 -44.04 -59.73 35.59
N CYS BA 71 -42.86 -59.80 34.96
CA CYS BA 71 -42.62 -59.48 33.53
C CYS BA 71 -43.56 -60.34 32.67
N HIS BA 72 -43.60 -61.65 32.95
CA HIS BA 72 -44.41 -62.65 32.22
C HIS BA 72 -45.89 -62.44 32.54
N ARG BA 73 -46.25 -62.39 33.81
CA ARG BA 73 -47.65 -62.13 34.27
C ARG BA 73 -48.19 -60.87 33.58
N TYR BA 74 -47.46 -59.74 33.61
CA TYR BA 74 -47.93 -58.48 32.98
C TYR BA 74 -48.22 -58.73 31.50
N ALA BA 75 -47.30 -59.42 30.81
CA ALA BA 75 -47.36 -59.67 29.36
C ALA BA 75 -48.64 -60.46 29.03
N ALA BA 76 -48.95 -61.45 29.88
CA ALA BA 76 -50.11 -62.35 29.78
C ALA BA 76 -51.41 -61.53 29.83
N TYR BA 77 -51.62 -60.74 30.90
CA TYR BA 77 -52.81 -59.87 31.06
C TYR BA 77 -52.87 -58.87 29.90
N GLN BA 78 -51.72 -58.47 29.33
CA GLN BA 78 -51.71 -57.52 28.19
C GLN BA 78 -52.25 -58.19 26.93
N GLN BA 79 -51.83 -59.44 26.68
CA GLN BA 79 -52.29 -60.28 25.54
C GLN BA 79 -53.81 -60.46 25.62
N LEU BA 80 -54.34 -60.83 26.80
CA LEU BA 80 -55.80 -60.99 27.06
C LEU BA 80 -56.51 -59.64 27.10
N GLN BA 81 -55.88 -58.56 26.61
CA GLN BA 81 -56.38 -57.16 26.60
C GLN BA 81 -57.28 -56.89 27.83
N ARG BA 82 -56.90 -57.36 29.02
CA ARG BA 82 -57.60 -57.08 30.30
C ARG BA 82 -57.46 -55.61 30.67
N GLU BA 83 -58.42 -55.08 31.42
CA GLU BA 83 -58.47 -53.63 31.81
C GLU BA 83 -57.56 -53.45 33.03
N THR BA 84 -57.54 -54.43 33.94
CA THR BA 84 -56.78 -54.40 35.21
C THR BA 84 -56.03 -55.71 35.43
N ILE BA 85 -55.03 -55.62 36.33
CA ILE BA 85 -54.23 -56.77 36.83
C ILE BA 85 -54.26 -56.71 38.36
N PRO BA 86 -54.48 -57.86 39.03
CA PRO BA 86 -54.26 -57.96 40.46
C PRO BA 86 -52.82 -57.60 40.83
N ALA BA 87 -52.64 -56.72 41.82
CA ALA BA 87 -51.34 -56.23 42.30
C ALA BA 87 -51.39 -55.90 43.81
N LYS BA 88 -50.28 -56.16 44.50
CA LYS BA 88 -50.01 -55.62 45.86
C LYS BA 88 -49.21 -54.32 45.70
N LEU BA 89 -49.68 -53.24 46.32
CA LEU BA 89 -49.02 -51.91 46.28
C LEU BA 89 -48.01 -51.83 47.42
N VAL BA 90 -46.82 -51.31 47.10
CA VAL BA 90 -45.74 -51.02 48.08
C VAL BA 90 -45.45 -49.54 47.95
N GLN BA 91 -45.79 -48.76 48.98
CA GLN BA 91 -45.53 -47.31 48.98
C GLN BA 91 -44.01 -47.17 49.06
N SER BA 92 -43.42 -46.28 48.26
CA SER BA 92 -41.95 -46.14 48.16
C SER BA 92 -41.62 -44.69 47.90
N THR BA 93 -40.32 -44.38 47.90
CA THR BA 93 -39.79 -43.01 47.85
C THR BA 93 -39.24 -42.75 46.45
N LEU BA 94 -39.02 -41.50 46.10
CA LEU BA 94 -38.37 -41.13 44.83
C LEU BA 94 -36.92 -41.64 44.83
N SER BA 95 -36.32 -41.85 46.02
CA SER BA 95 -34.93 -42.32 46.20
C SER BA 95 -34.83 -43.82 45.91
N ASP BA 96 -35.86 -44.59 46.25
CA ASP BA 96 -35.98 -46.03 45.85
C ASP BA 96 -35.98 -46.09 44.31
N LEU BA 97 -36.75 -45.21 43.66
CA LEU BA 97 -36.96 -45.26 42.19
C LEU BA 97 -35.62 -45.03 41.47
N ARG BA 98 -34.72 -44.26 42.07
CA ARG BA 98 -33.44 -43.84 41.44
C ARG BA 98 -32.53 -45.08 41.28
N VAL BA 99 -32.67 -46.08 42.13
CA VAL BA 99 -31.91 -47.37 42.09
C VAL BA 99 -32.27 -48.13 40.81
N TYR BA 100 -33.50 -47.98 40.33
CA TYR BA 100 -34.02 -48.75 39.17
C TYR BA 100 -33.70 -48.02 37.87
N LEU BA 101 -33.77 -46.68 37.87
CA LEU BA 101 -33.83 -45.85 36.63
C LEU BA 101 -32.56 -45.00 36.43
N GLY BA 102 -31.77 -44.77 37.47
CA GLY BA 102 -30.56 -43.93 37.40
C GLY BA 102 -30.88 -42.58 36.79
N ALA BA 103 -30.24 -42.23 35.68
CA ALA BA 103 -30.35 -40.91 35.04
C ALA BA 103 -31.61 -40.87 34.17
N SER BA 104 -32.36 -41.96 34.08
CA SER BA 104 -33.72 -42.01 33.46
C SER BA 104 -34.80 -41.61 34.48
N THR BA 105 -34.47 -41.56 35.79
CA THR BA 105 -35.40 -41.16 36.87
C THR BA 105 -35.98 -39.81 36.52
N PRO BA 106 -37.32 -39.67 36.35
CA PRO BA 106 -37.92 -38.39 36.03
C PRO BA 106 -38.16 -37.54 37.27
N ASP BA 107 -38.42 -36.24 37.04
CA ASP BA 107 -38.70 -35.27 38.12
C ASP BA 107 -40.20 -35.29 38.39
N LEU BA 108 -40.66 -36.27 39.17
CA LEU BA 108 -42.11 -36.59 39.31
C LEU BA 108 -42.82 -35.44 40.03
N GLN BA 109 -43.94 -34.96 39.46
CA GLN BA 109 -44.82 -33.93 40.06
C GLN BA 109 -46.11 -34.60 40.55
N SER CA 4 45.92 2.75 21.72
CA SER CA 4 45.00 1.62 22.12
C SER CA 4 44.47 1.76 23.56
N ILE CA 5 43.19 1.48 23.79
CA ILE CA 5 42.55 1.42 25.16
C ILE CA 5 42.41 -0.06 25.59
N HIS CA 6 43.26 -0.96 25.08
CA HIS CA 6 43.41 -2.36 25.59
C HIS CA 6 44.84 -2.57 26.13
N SER CA 7 45.81 -1.73 25.76
CA SER CA 7 47.24 -1.86 26.14
C SER CA 7 47.90 -0.49 26.35
N ALA CA 11 53.18 -1.38 27.85
CA ALA CA 11 54.47 -0.69 27.55
C ALA CA 11 55.27 -1.44 26.50
N ALA CA 12 55.54 -2.72 26.71
CA ALA CA 12 56.35 -3.60 25.84
C ALA CA 12 55.61 -3.95 24.54
N VAL CA 13 56.18 -3.56 23.40
CA VAL CA 13 55.73 -4.00 22.04
C VAL CA 13 56.66 -5.12 21.56
N HIS CA 14 56.08 -6.25 21.11
CA HIS CA 14 56.85 -7.42 20.60
C HIS CA 14 56.60 -7.63 19.12
N ASN CA 15 57.52 -8.32 18.46
CA ASN CA 15 57.42 -8.76 17.05
C ASN CA 15 56.94 -10.20 17.07
N VAL CA 16 55.63 -10.37 17.00
CA VAL CA 16 54.96 -11.69 17.12
C VAL CA 16 54.86 -12.29 15.73
N PRO CA 17 55.43 -13.49 15.52
CA PRO CA 17 55.27 -14.20 14.25
C PRO CA 17 53.79 -14.47 13.95
N LEU CA 18 53.32 -14.03 12.78
CA LEU CA 18 51.92 -14.21 12.31
C LEU CA 18 51.47 -15.66 12.50
N SER CA 19 52.40 -16.61 12.40
CA SER CA 19 52.12 -18.07 12.40
C SER CA 19 51.85 -18.60 13.81
N VAL CA 20 52.00 -17.81 14.89
CA VAL CA 20 51.72 -18.32 16.28
C VAL CA 20 50.46 -17.66 16.84
N LEU CA 21 50.00 -16.56 16.23
CA LEU CA 21 48.69 -15.93 16.55
C LEU CA 21 47.58 -16.90 16.15
N ILE CA 22 46.71 -17.23 17.11
CA ILE CA 22 45.43 -17.95 16.91
C ILE CA 22 44.35 -16.92 16.64
N ARG CA 23 43.75 -16.91 15.45
CA ARG CA 23 42.61 -16.02 15.11
C ARG CA 23 41.41 -16.92 14.83
N PRO CA 24 40.59 -17.23 15.86
CA PRO CA 24 39.51 -18.21 15.70
C PRO CA 24 38.17 -17.58 15.29
N LEU CA 25 38.09 -16.24 15.22
CA LEU CA 25 36.90 -15.54 14.74
C LEU CA 25 37.08 -15.19 13.27
N PRO CA 26 36.08 -15.49 12.41
CA PRO CA 26 36.17 -15.10 11.00
C PRO CA 26 36.16 -13.56 10.90
N SER CA 27 36.89 -13.03 9.92
CA SER CA 27 37.04 -11.57 9.66
C SER CA 27 36.13 -11.12 8.50
N VAL CA 28 35.38 -10.04 8.71
CA VAL CA 28 34.63 -9.34 7.62
C VAL CA 28 35.45 -8.09 7.24
N LEU CA 29 36.31 -8.22 6.23
CA LEU CA 29 37.33 -7.20 5.84
C LEU CA 29 36.80 -6.36 4.68
N ASP CA 30 36.84 -5.03 4.79
CA ASP CA 30 36.56 -4.07 3.70
C ASP CA 30 37.84 -3.85 2.90
N PRO CA 31 38.08 -4.55 1.75
CA PRO CA 31 39.41 -4.61 1.14
C PRO CA 31 40.00 -3.24 0.79
N ALA CA 32 39.18 -2.18 0.78
CA ALA CA 32 39.61 -0.76 0.67
C ALA CA 32 40.51 -0.40 1.86
N LYS CA 33 40.04 -0.69 3.09
CA LYS CA 33 40.77 -0.38 4.36
C LYS CA 33 42.04 -1.24 4.44
N VAL CA 34 41.99 -2.49 3.96
CA VAL CA 34 43.18 -3.41 3.93
C VAL CA 34 44.25 -2.78 3.03
N GLN CA 35 43.91 -2.56 1.75
CA GLN CA 35 44.81 -1.96 0.71
C GLN CA 35 45.40 -0.65 1.26
N SER CA 36 44.56 0.19 1.88
CA SER CA 36 44.95 1.49 2.48
C SER CA 36 46.05 1.30 3.54
N LEU CA 37 45.87 0.35 4.47
CA LEU CA 37 46.82 0.05 5.56
C LEU CA 37 48.09 -0.57 4.99
N VAL CA 38 47.98 -1.44 3.97
CA VAL CA 38 49.15 -2.10 3.30
C VAL CA 38 50.14 -1.02 2.88
N ASP CA 39 49.64 0.11 2.38
CA ASP CA 39 50.48 1.24 1.89
C ASP CA 39 51.10 1.95 3.09
N THR CA 40 50.30 2.25 4.12
CA THR CA 40 50.75 2.96 5.35
C THR CA 40 51.82 2.12 6.07
N ILE CA 41 51.84 0.79 5.89
CA ILE CA 41 52.82 -0.13 6.54
C ILE CA 41 54.17 -0.03 5.82
N ARG CA 42 54.16 -0.02 4.48
CA ARG CA 42 55.38 0.12 3.62
C ARG CA 42 55.94 1.53 3.78
N GLU CA 43 55.07 2.55 3.69
CA GLU CA 43 55.48 3.99 3.74
C GLU CA 43 55.88 4.40 5.16
N ASP CA 44 55.06 4.12 6.17
CA ASP CA 44 55.26 4.64 7.55
C ASP CA 44 54.82 3.61 8.59
N PRO CA 45 55.64 2.53 8.84
CA PRO CA 45 55.33 1.55 9.88
C PRO CA 45 54.82 2.12 11.21
N ASP CA 46 55.42 3.21 11.71
CA ASP CA 46 55.11 3.72 13.09
C ASP CA 46 53.74 4.43 13.12
N SER CA 47 53.08 4.61 11.98
CA SER CA 47 51.66 5.09 11.91
C SER CA 47 50.74 4.05 12.56
N VAL CA 48 50.92 2.76 12.21
CA VAL CA 48 49.97 1.64 12.48
C VAL CA 48 50.19 1.13 13.90
N PRO CA 49 49.23 1.29 14.84
CA PRO CA 49 49.38 0.74 16.18
C PRO CA 49 49.71 -0.75 16.15
N PRO CA 50 50.33 -1.28 17.23
CA PRO CA 50 50.49 -2.72 17.35
C PRO CA 50 49.13 -3.32 17.73
N ILE CA 51 48.88 -4.58 17.35
CA ILE CA 51 47.61 -5.30 17.67
C ILE CA 51 47.67 -5.75 19.14
N ASP CA 52 46.52 -6.03 19.74
CA ASP CA 52 46.41 -6.49 21.14
C ASP CA 52 46.21 -8.00 21.11
N VAL CA 53 47.17 -8.79 21.59
CA VAL CA 53 47.00 -10.27 21.62
C VAL CA 53 46.90 -10.67 23.08
N LEU CA 54 46.02 -11.62 23.37
CA LEU CA 54 45.82 -12.23 24.71
C LEU CA 54 46.80 -13.38 24.81
N TRP CA 55 47.63 -13.35 25.84
CA TRP CA 55 48.57 -14.44 26.20
C TRP CA 55 47.94 -15.24 27.33
N ILE CA 56 47.57 -16.49 27.03
CA ILE CA 56 46.84 -17.38 27.96
C ILE CA 56 47.68 -18.63 28.17
N LYS CA 57 47.89 -19.00 29.44
CA LYS CA 57 48.60 -20.23 29.86
C LYS CA 57 47.57 -21.36 30.00
N GLY CA 58 47.85 -22.52 29.43
CA GLY CA 58 47.05 -23.76 29.61
C GLY CA 58 47.21 -24.36 31.00
N ALA CA 59 46.55 -25.50 31.26
CA ALA CA 59 46.51 -26.17 32.57
C ALA CA 59 47.88 -26.75 32.92
N GLN CA 60 48.69 -27.10 31.91
CA GLN CA 60 50.06 -27.65 32.06
C GLN CA 60 51.10 -26.61 31.63
N GLY CA 61 50.74 -25.31 31.59
CA GLY CA 61 51.70 -24.21 31.38
C GLY CA 61 51.96 -23.89 29.92
N GLY CA 62 51.35 -24.61 28.97
CA GLY CA 62 51.47 -24.34 27.54
C GLY CA 62 51.06 -22.90 27.20
N ASP CA 63 51.82 -22.21 26.33
CA ASP CA 63 51.52 -20.81 25.96
C ASP CA 63 50.62 -20.77 24.73
N TYR CA 64 49.60 -19.91 24.74
CA TYR CA 64 48.71 -19.65 23.58
C TYR CA 64 48.52 -18.14 23.39
N PHE CA 65 48.65 -17.67 22.15
CA PHE CA 65 48.54 -16.24 21.79
C PHE CA 65 47.34 -16.06 20.87
N TYR CA 66 46.31 -15.38 21.38
CA TYR CA 66 44.98 -15.22 20.74
C TYR CA 66 44.90 -13.78 20.22
N SER CA 67 44.59 -13.60 18.93
CA SER CA 67 44.29 -12.30 18.30
C SER CA 67 42.83 -12.27 17.86
N PHE CA 68 42.03 -11.40 18.49
CA PHE CA 68 40.58 -11.23 18.21
C PHE CA 68 40.35 -9.91 17.47
N GLY CA 69 41.31 -8.99 17.57
CA GLY CA 69 41.21 -7.62 17.04
C GLY CA 69 42.25 -7.38 15.98
N GLY CA 70 42.40 -6.10 15.59
CA GLY CA 70 43.25 -5.65 14.47
C GLY CA 70 43.04 -6.48 13.22
N CYS CA 71 41.77 -6.74 12.89
CA CYS CA 71 41.35 -7.62 11.78
C CYS CA 71 41.97 -7.12 10.48
N HIS CA 72 41.88 -5.80 10.23
CA HIS CA 72 42.40 -5.13 9.01
C HIS CA 72 43.94 -5.11 9.06
N ARG CA 73 44.53 -4.63 10.15
CA ARG CA 73 46.00 -4.62 10.35
C ARG CA 73 46.57 -6.01 10.11
N TYR CA 74 46.03 -7.06 10.72
CA TYR CA 74 46.55 -8.45 10.53
C TYR CA 74 46.53 -8.80 9.03
N ALA CA 75 45.41 -8.50 8.36
CA ALA CA 75 45.18 -8.85 6.94
C ALA CA 75 46.25 -8.18 6.07
N ALA CA 76 46.57 -6.92 6.39
CA ALA CA 76 47.59 -6.09 5.69
C ALA CA 76 48.96 -6.75 5.78
N TYR CA 77 49.46 -7.04 6.98
CA TYR CA 77 50.76 -7.71 7.20
C TYR CA 77 50.73 -9.10 6.55
N GLN CA 78 49.57 -9.75 6.44
CA GLN CA 78 49.44 -11.08 5.80
C GLN CA 78 49.66 -10.95 4.29
N GLN CA 79 49.05 -9.92 3.67
CA GLN CA 79 49.20 -9.60 2.21
C GLN CA 79 50.68 -9.36 1.90
N LEU CA 80 51.37 -8.53 2.70
CA LEU CA 80 52.82 -8.22 2.57
C LEU CA 80 53.68 -9.42 2.99
N GLN CA 81 53.11 -10.63 3.08
CA GLN CA 81 53.74 -11.90 3.53
C GLN CA 81 54.88 -11.63 4.56
N ARG CA 82 54.67 -10.73 5.51
CA ARG CA 82 55.61 -10.44 6.63
C ARG CA 82 55.69 -11.64 7.57
N GLU CA 83 56.82 -11.84 8.24
CA GLU CA 83 57.07 -12.95 9.18
C GLU CA 83 56.43 -12.61 10.54
N THR CA 84 56.49 -11.32 10.93
CA THR CA 84 56.01 -10.84 12.26
C THR CA 84 55.16 -9.56 12.10
N ILE CA 85 54.38 -9.28 13.15
CA ILE CA 85 53.55 -8.06 13.32
C ILE CA 85 53.86 -7.48 14.69
N PRO CA 86 54.03 -6.15 14.79
CA PRO CA 86 54.05 -5.47 16.09
C PRO CA 86 52.77 -5.75 16.88
N ALA CA 87 52.91 -6.17 18.15
CA ALA CA 87 51.79 -6.50 19.05
C ALA CA 87 52.14 -6.22 20.52
N LYS CA 88 51.16 -5.75 21.29
CA LYS CA 88 51.23 -5.66 22.76
C LYS CA 88 50.58 -6.92 23.34
N LEU CA 89 51.27 -7.63 24.22
CA LEU CA 89 50.74 -8.85 24.88
C LEU CA 89 50.01 -8.46 26.16
N VAL CA 90 48.83 -9.02 26.38
CA VAL CA 90 48.02 -8.88 27.62
C VAL CA 90 47.80 -10.27 28.20
N GLN CA 91 48.41 -10.55 29.33
CA GLN CA 91 48.28 -11.85 30.03
C GLN CA 91 46.82 -11.93 30.48
N SER CA 92 46.19 -13.07 30.30
CA SER CA 92 44.75 -13.26 30.59
C SER CA 92 44.48 -14.70 31.05
N THR CA 93 43.25 -14.96 31.43
CA THR CA 93 42.83 -16.23 32.07
C THR CA 93 42.05 -17.06 31.05
N LEU CA 94 41.87 -18.35 31.34
CA LEU CA 94 41.01 -19.23 30.51
C LEU CA 94 39.55 -18.75 30.59
N SER CA 95 39.18 -18.05 31.67
CA SER CA 95 37.80 -17.55 31.90
C SER CA 95 37.53 -16.31 31.05
N ASP CA 96 38.54 -15.48 30.80
CA ASP CA 96 38.47 -14.36 29.82
C ASP CA 96 38.18 -14.97 28.44
N LEU CA 97 38.88 -16.04 28.06
CA LEU CA 97 38.80 -16.63 26.70
C LEU CA 97 37.37 -17.13 26.44
N ARG CA 98 36.66 -17.57 27.49
CA ARG CA 98 35.32 -18.18 27.36
C ARG CA 98 34.29 -17.14 26.89
N VAL CA 99 34.53 -15.87 27.18
CA VAL CA 99 33.68 -14.72 26.75
C VAL CA 99 33.72 -14.59 25.23
N TYR CA 100 34.84 -14.95 24.61
CA TYR CA 100 35.06 -14.76 23.16
C TYR CA 100 34.56 -15.99 22.39
N LEU CA 101 34.74 -17.19 22.94
CA LEU CA 101 34.63 -18.48 22.20
C LEU CA 101 33.42 -19.31 22.65
N GLY CA 102 32.87 -19.05 23.83
CA GLY CA 102 31.73 -19.82 24.36
C GLY CA 102 32.04 -21.30 24.37
N ALA CA 103 31.23 -22.11 23.72
CA ALA CA 103 31.35 -23.58 23.72
C ALA CA 103 32.41 -24.04 22.71
N SER CA 104 33.03 -23.10 22.00
CA SER CA 104 34.22 -23.37 21.14
C SER CA 104 35.52 -23.25 21.97
N THR CA 105 35.44 -22.70 23.20
CA THR CA 105 36.61 -22.59 24.11
C THR CA 105 37.23 -23.96 24.29
N PRO CA 106 38.52 -24.17 23.93
CA PRO CA 106 39.16 -25.46 24.10
C PRO CA 106 39.71 -25.63 25.52
N ASP CA 107 40.01 -26.89 25.87
CA ASP CA 107 40.56 -27.25 27.20
C ASP CA 107 42.08 -27.16 27.09
N LEU CA 108 42.61 -25.93 27.22
CA LEU CA 108 44.03 -25.62 26.91
C LEU CA 108 44.95 -26.32 27.90
N GLN CA 109 45.96 -27.02 27.38
CA GLN CA 109 47.03 -27.69 28.17
C GLN CA 109 48.32 -26.87 28.03
N MET DA 3 -6.14 -36.55 -7.23
CA MET DA 3 -6.96 -35.29 -7.18
C MET DA 3 -7.13 -34.83 -5.73
N SER DA 4 -6.39 -33.78 -5.32
CA SER DA 4 -6.24 -33.09 -3.99
C SER DA 4 -6.71 -33.92 -2.79
N ILE DA 5 -5.91 -33.96 -1.71
CA ILE DA 5 -6.29 -34.59 -0.39
C ILE DA 5 -6.70 -33.49 0.60
N HIS DA 6 -7.18 -32.33 0.12
CA HIS DA 6 -7.85 -31.28 0.94
C HIS DA 6 -9.33 -31.15 0.50
N SER DA 7 -9.68 -31.58 -0.71
CA SER DA 7 -11.03 -31.38 -1.30
C SER DA 7 -11.42 -32.54 -2.24
N GLY DA 8 -10.93 -33.76 -2.02
CA GLY DA 8 -11.35 -34.95 -2.81
C GLY DA 8 -12.83 -35.26 -2.65
N ARG DA 9 -13.34 -35.32 -1.41
CA ARG DA 9 -14.76 -35.61 -1.06
C ARG DA 9 -15.55 -34.28 -1.02
N ILE DA 10 -15.29 -33.34 -1.94
CA ILE DA 10 -16.05 -32.05 -2.16
C ILE DA 10 -16.38 -31.94 -3.65
N ALA DA 11 -17.65 -32.09 -4.02
CA ALA DA 11 -18.16 -32.01 -5.42
C ALA DA 11 -17.81 -30.64 -6.01
N ALA DA 12 -18.23 -29.55 -5.36
CA ALA DA 12 -18.45 -28.21 -5.99
C ALA DA 12 -17.12 -27.51 -6.27
N VAL DA 13 -16.85 -27.22 -7.53
CA VAL DA 13 -15.77 -26.31 -8.01
C VAL DA 13 -16.40 -24.95 -8.34
N HIS DA 14 -15.82 -23.87 -7.81
CA HIS DA 14 -16.30 -22.48 -8.04
C HIS DA 14 -15.27 -21.69 -8.85
N ASN DA 15 -15.76 -20.64 -9.52
CA ASN DA 15 -14.93 -19.66 -10.24
C ASN DA 15 -14.75 -18.48 -9.30
N VAL DA 16 -13.65 -18.51 -8.54
CA VAL DA 16 -13.38 -17.50 -7.48
C VAL DA 16 -12.59 -16.38 -8.13
N PRO DA 17 -13.10 -15.13 -8.06
CA PRO DA 17 -12.36 -13.98 -8.55
C PRO DA 17 -11.02 -13.82 -7.80
N LEU DA 18 -9.91 -13.77 -8.54
CA LEU DA 18 -8.53 -13.56 -8.01
C LEU DA 18 -8.52 -12.35 -7.08
N SER DA 19 -9.39 -11.37 -7.28
CA SER DA 19 -9.42 -10.11 -6.49
C SER DA 19 -10.05 -10.30 -5.10
N VAL DA 20 -10.62 -11.45 -4.76
CA VAL DA 20 -11.19 -11.69 -3.38
C VAL DA 20 -10.32 -12.67 -2.60
N LEU DA 21 -9.47 -13.45 -3.28
CA LEU DA 21 -8.48 -14.35 -2.65
C LEU DA 21 -7.46 -13.52 -1.88
N ILE DA 22 -7.32 -13.81 -0.59
CA ILE DA 22 -6.25 -13.30 0.31
C ILE DA 22 -5.12 -14.32 0.26
N ARG DA 23 -3.94 -13.94 -0.25
CA ARG DA 23 -2.72 -14.79 -0.22
C ARG DA 23 -1.69 -14.09 0.65
N PRO DA 24 -1.67 -14.38 1.96
CA PRO DA 24 -0.85 -13.60 2.90
C PRO DA 24 0.55 -14.17 3.13
N LEU DA 25 0.83 -15.36 2.57
CA LEU DA 25 2.17 -16.00 2.71
C LEU DA 25 2.94 -15.75 1.42
N PRO DA 26 4.18 -15.21 1.49
CA PRO DA 26 4.97 -14.98 0.27
C PRO DA 26 5.26 -16.32 -0.42
N SER DA 27 5.31 -16.32 -1.75
CA SER DA 27 5.52 -17.48 -2.63
C SER DA 27 6.97 -17.54 -3.14
N VAL DA 28 7.59 -18.73 -3.07
CA VAL DA 28 8.92 -19.01 -3.68
C VAL DA 28 8.65 -19.80 -4.98
N LEU DA 29 8.53 -19.09 -6.11
CA LEU DA 29 8.04 -19.64 -7.41
C LEU DA 29 9.24 -19.95 -8.31
N ASP DA 30 9.31 -21.16 -8.86
CA ASP DA 30 10.29 -21.57 -9.91
C ASP DA 30 9.73 -21.17 -11.28
N PRO DA 31 10.10 -20.00 -11.87
CA PRO DA 31 9.38 -19.43 -13.01
C PRO DA 31 9.27 -20.38 -14.22
N ALA DA 32 10.07 -21.45 -14.26
CA ALA DA 32 9.96 -22.56 -15.23
C ALA DA 32 8.59 -23.25 -15.08
N LYS DA 33 8.23 -23.63 -13.84
CA LYS DA 33 6.96 -24.33 -13.52
C LYS DA 33 5.77 -23.38 -13.75
N VAL DA 34 5.93 -22.08 -13.48
CA VAL DA 34 4.88 -21.05 -13.73
C VAL DA 34 4.59 -21.00 -15.24
N GLN DA 35 5.62 -20.69 -16.04
CA GLN DA 35 5.56 -20.60 -17.52
C GLN DA 35 4.94 -21.88 -18.09
N SER DA 36 5.37 -23.04 -17.59
CA SER DA 36 4.88 -24.39 -17.99
C SER DA 36 3.35 -24.48 -17.79
N LEU DA 37 2.85 -24.11 -16.60
CA LEU DA 37 1.40 -24.15 -16.24
C LEU DA 37 0.63 -23.13 -17.07
N VAL DA 38 1.19 -21.93 -17.30
CA VAL DA 38 0.55 -20.84 -18.10
C VAL DA 38 0.11 -21.43 -19.44
N ASP DA 39 0.95 -22.27 -20.04
CA ASP DA 39 0.71 -22.89 -21.37
C ASP DA 39 -0.39 -23.95 -21.23
N THR DA 40 -0.29 -24.82 -20.21
CA THR DA 40 -1.26 -25.91 -19.95
C THR DA 40 -2.66 -25.32 -19.67
N ILE DA 41 -2.74 -24.06 -19.19
CA ILE DA 41 -4.03 -23.38 -18.86
C ILE DA 41 -4.70 -22.90 -20.17
N ARG DA 42 -3.92 -22.31 -21.08
CA ARG DA 42 -4.39 -21.85 -22.42
C ARG DA 42 -4.74 -23.06 -23.28
N GLU DA 43 -3.86 -24.07 -23.32
CA GLU DA 43 -4.00 -25.29 -24.17
C GLU DA 43 -5.10 -26.22 -23.62
N ASP DA 44 -5.06 -26.55 -22.32
CA ASP DA 44 -5.93 -27.61 -21.71
C ASP DA 44 -6.33 -27.20 -20.28
N PRO DA 45 -7.28 -26.24 -20.09
CA PRO DA 45 -7.77 -25.89 -18.76
C PRO DA 45 -8.07 -27.07 -17.81
N ASP DA 46 -8.67 -28.16 -18.31
CA ASP DA 46 -9.14 -29.28 -17.44
C ASP DA 46 -7.97 -30.14 -16.97
N SER DA 47 -6.74 -29.91 -17.45
CA SER DA 47 -5.50 -30.53 -16.93
C SER DA 47 -5.27 -30.06 -15.48
N VAL DA 48 -5.40 -28.75 -15.23
CA VAL DA 48 -4.94 -28.03 -13.99
C VAL DA 48 -6.01 -28.20 -12.90
N PRO DA 49 -5.72 -28.91 -11.79
CA PRO DA 49 -6.68 -28.98 -10.69
C PRO DA 49 -7.10 -27.61 -10.21
N PRO DA 50 -8.29 -27.50 -9.56
CA PRO DA 50 -8.68 -26.27 -8.89
C PRO DA 50 -7.85 -26.14 -7.61
N ILE DA 51 -7.61 -24.92 -7.15
CA ILE DA 51 -6.86 -24.65 -5.88
C ILE DA 51 -7.80 -24.89 -4.70
N ASP DA 52 -7.25 -25.05 -3.50
CA ASP DA 52 -8.05 -25.17 -2.25
C ASP DA 52 -8.09 -23.80 -1.58
N VAL DA 53 -9.26 -23.18 -1.47
CA VAL DA 53 -9.35 -21.91 -0.70
C VAL DA 53 -10.15 -22.18 0.58
N LEU DA 54 -9.71 -21.59 1.68
CA LEU DA 54 -10.39 -21.64 2.99
C LEU DA 54 -11.39 -20.50 3.01
N TRP DA 55 -12.65 -20.82 3.25
CA TRP DA 55 -13.75 -19.84 3.42
C TRP DA 55 -14.00 -19.68 4.91
N ILE DA 56 -13.69 -18.52 5.45
CA ILE DA 56 -13.73 -18.23 6.91
C ILE DA 56 -14.69 -17.06 7.13
N LYS DA 57 -15.62 -17.23 8.07
CA LYS DA 57 -16.60 -16.21 8.50
C LYS DA 57 -15.96 -15.40 9.65
N GLY DA 58 -16.06 -14.08 9.59
CA GLY DA 58 -15.68 -13.18 10.70
C GLY DA 58 -16.65 -13.22 11.86
N ALA DA 59 -16.42 -12.39 12.89
CA ALA DA 59 -17.21 -12.37 14.14
C ALA DA 59 -18.63 -11.84 13.87
N GLN DA 60 -18.78 -10.98 12.84
CA GLN DA 60 -20.09 -10.40 12.42
C GLN DA 60 -20.54 -11.02 11.09
N GLY DA 61 -20.02 -12.19 10.71
CA GLY DA 61 -20.49 -12.96 9.55
C GLY DA 61 -19.88 -12.54 8.22
N GLY DA 62 -18.97 -11.56 8.20
CA GLY DA 62 -18.23 -11.15 6.98
C GLY DA 62 -17.47 -12.32 6.37
N ASP DA 63 -17.49 -12.46 5.04
CA ASP DA 63 -16.84 -13.60 4.34
C ASP DA 63 -15.40 -13.25 3.96
N TYR DA 64 -14.47 -14.16 4.18
CA TYR DA 64 -13.04 -14.04 3.75
C TYR DA 64 -12.57 -15.34 3.09
N PHE DA 65 -11.88 -15.22 1.96
CA PHE DA 65 -11.39 -16.38 1.16
C PHE DA 65 -9.86 -16.35 1.13
N TYR DA 66 -9.25 -17.35 1.77
CA TYR DA 66 -7.79 -17.46 2.00
C TYR DA 66 -7.24 -18.52 1.05
N SER DA 67 -6.21 -18.19 0.29
CA SER DA 67 -5.43 -19.17 -0.53
C SER DA 67 -4.00 -19.25 0.01
N PHE DA 68 -3.62 -20.42 0.53
CA PHE DA 68 -2.28 -20.72 1.09
C PHE DA 68 -1.50 -21.63 0.14
N GLY DA 69 -2.23 -22.35 -0.72
CA GLY DA 69 -1.67 -23.40 -1.59
C GLY DA 69 -1.82 -23.04 -3.05
N GLY DA 70 -1.53 -23.99 -3.94
CA GLY DA 70 -1.53 -23.80 -5.42
C GLY DA 70 -0.73 -22.55 -5.80
N CYS DA 71 0.46 -22.39 -5.19
CA CYS DA 71 1.33 -21.20 -5.33
C CYS DA 71 1.62 -20.96 -6.81
N HIS DA 72 2.01 -22.02 -7.54
CA HIS DA 72 2.36 -21.97 -8.97
C HIS DA 72 1.10 -21.72 -9.82
N ARG DA 73 0.06 -22.53 -9.61
CA ARG DA 73 -1.24 -22.38 -10.30
C ARG DA 73 -1.74 -20.94 -10.16
N TYR DA 74 -1.78 -20.38 -8.94
CA TYR DA 74 -2.28 -19.00 -8.71
C TYR DA 74 -1.47 -18.02 -9.56
N ALA DA 75 -0.14 -18.18 -9.54
CA ALA DA 75 0.82 -17.28 -10.22
C ALA DA 75 0.53 -17.27 -11.72
N ALA DA 76 0.26 -18.47 -12.27
CA ALA DA 76 -0.04 -18.70 -13.71
C ALA DA 76 -1.31 -17.92 -14.10
N TYR DA 77 -2.44 -18.12 -13.42
CA TYR DA 77 -3.71 -17.41 -13.69
C TYR DA 77 -3.49 -15.90 -13.48
N GLN DA 78 -2.58 -15.49 -12.60
CA GLN DA 78 -2.30 -14.05 -12.39
C GLN DA 78 -1.57 -13.44 -13.59
N GLN DA 79 -0.60 -14.17 -14.14
CA GLN DA 79 0.17 -13.80 -15.36
C GLN DA 79 -0.82 -13.62 -16.54
N LEU DA 80 -1.72 -14.58 -16.75
CA LEU DA 80 -2.77 -14.54 -17.81
C LEU DA 80 -3.87 -13.51 -17.46
N GLN DA 81 -3.62 -12.61 -16.51
CA GLN DA 81 -4.56 -11.57 -15.99
C GLN DA 81 -6.02 -12.05 -16.06
N ARG DA 82 -6.28 -13.31 -15.68
CA ARG DA 82 -7.66 -13.90 -15.60
C ARG DA 82 -8.45 -13.23 -14.48
N GLU DA 83 -9.78 -13.18 -14.61
CA GLU DA 83 -10.72 -12.58 -13.62
C GLU DA 83 -10.93 -13.57 -12.48
N THR DA 84 -11.02 -14.88 -12.80
CA THR DA 84 -11.31 -15.96 -11.84
C THR DA 84 -10.36 -17.15 -12.03
N ILE DA 85 -10.29 -17.97 -10.97
CA ILE DA 85 -9.54 -19.26 -10.93
C ILE DA 85 -10.52 -20.33 -10.44
N PRO DA 86 -10.54 -21.51 -11.07
CA PRO DA 86 -11.21 -22.69 -10.51
C PRO DA 86 -10.65 -23.02 -9.12
N ALA DA 87 -11.54 -23.19 -8.13
CA ALA DA 87 -11.19 -23.48 -6.73
C ALA DA 87 -12.28 -24.31 -6.05
N LYS DA 88 -11.87 -25.23 -5.18
CA LYS DA 88 -12.78 -25.94 -4.23
C LYS DA 88 -12.74 -25.17 -2.91
N LEU DA 89 -13.91 -24.81 -2.38
CA LEU DA 89 -14.04 -24.08 -1.10
C LEU DA 89 -14.10 -25.08 0.05
N VAL DA 90 -13.35 -24.79 1.12
CA VAL DA 90 -13.36 -25.55 2.39
C VAL DA 90 -13.75 -24.55 3.48
N GLN DA 91 -14.94 -24.71 4.05
CA GLN DA 91 -15.39 -23.83 5.15
C GLN DA 91 -14.49 -24.16 6.35
N SER DA 92 -14.02 -23.15 7.07
CA SER DA 92 -13.06 -23.33 8.18
C SER DA 92 -13.31 -22.27 9.24
N THR DA 93 -12.58 -22.38 10.34
CA THR DA 93 -12.79 -21.55 11.57
C THR DA 93 -11.67 -20.51 11.63
N LEU DA 94 -11.86 -19.48 12.46
CA LEU DA 94 -10.80 -18.47 12.73
C LEU DA 94 -9.63 -19.17 13.45
N SER DA 95 -9.89 -20.28 14.14
CA SER DA 95 -8.86 -21.05 14.91
C SER DA 95 -7.98 -21.87 13.96
N ASP DA 96 -8.53 -22.37 12.86
CA ASP DA 96 -7.76 -22.99 11.75
C ASP DA 96 -6.80 -21.93 11.20
N LEU DA 97 -7.27 -20.70 10.98
CA LEU DA 97 -6.48 -19.64 10.32
C LEU DA 97 -5.25 -19.29 11.17
N ARG DA 98 -5.36 -19.43 12.49
CA ARG DA 98 -4.30 -19.03 13.45
C ARG DA 98 -3.07 -19.93 13.29
N VAL DA 99 -3.26 -21.17 12.83
CA VAL DA 99 -2.17 -22.16 12.54
C VAL DA 99 -1.29 -21.64 11.40
N TYR DA 100 -1.87 -20.88 10.47
CA TYR DA 100 -1.17 -20.43 9.24
C TYR DA 100 -0.48 -19.08 9.52
N LEU DA 101 -1.11 -18.20 10.30
CA LEU DA 101 -0.75 -16.75 10.39
C LEU DA 101 -0.16 -16.37 11.75
N GLY DA 102 -0.39 -17.17 12.79
CA GLY DA 102 0.08 -16.87 14.15
C GLY DA 102 -0.38 -15.49 14.59
N ALA DA 103 0.55 -14.62 14.95
CA ALA DA 103 0.24 -13.28 15.50
C ALA DA 103 -0.06 -12.31 14.36
N SER DA 104 0.02 -12.76 13.11
CA SER DA 104 -0.46 -12.00 11.92
C SER DA 104 -1.96 -12.24 11.68
N THR DA 105 -2.56 -13.23 12.33
CA THR DA 105 -4.01 -13.53 12.26
C THR DA 105 -4.78 -12.27 12.58
N PRO DA 106 -5.62 -11.73 11.67
CA PRO DA 106 -6.37 -10.51 11.95
C PRO DA 106 -7.68 -10.82 12.70
N ASP DA 107 -8.28 -9.78 13.28
CA ASP DA 107 -9.53 -9.89 14.07
C ASP DA 107 -10.70 -9.73 13.10
N LEU DA 108 -11.04 -10.82 12.40
CA LEU DA 108 -11.97 -10.79 11.25
C LEU DA 108 -13.38 -10.45 11.74
N GLN DA 109 -14.02 -9.46 11.09
CA GLN DA 109 -15.43 -9.06 11.33
C GLN DA 109 -16.30 -9.55 10.18
N VAL EA 13 11.00 22.72 9.80
CA VAL EA 13 12.04 23.79 9.82
C VAL EA 13 13.41 23.15 10.05
N HIS EA 14 14.38 23.45 9.20
CA HIS EA 14 15.77 22.93 9.31
C HIS EA 14 16.75 24.07 9.59
N ASN EA 15 17.91 23.71 10.15
CA ASN EA 15 19.05 24.64 10.37
C ASN EA 15 20.00 24.43 9.21
N VAL EA 16 19.83 25.25 8.17
CA VAL EA 16 20.59 25.11 6.90
C VAL EA 16 21.85 25.95 7.02
N PRO EA 17 23.04 25.33 6.87
CA PRO EA 17 24.29 26.09 6.85
C PRO EA 17 24.30 27.13 5.71
N LEU EA 18 24.53 28.39 6.06
CA LEU EA 18 24.61 29.52 5.10
C LEU EA 18 25.52 29.16 3.92
N SER EA 19 26.53 28.33 4.14
CA SER EA 19 27.56 27.97 3.14
C SER EA 19 27.06 26.98 2.09
N VAL EA 20 25.85 26.40 2.21
CA VAL EA 20 25.33 25.45 1.18
C VAL EA 20 24.18 26.09 0.37
N LEU EA 21 23.60 27.18 0.89
CA LEU EA 21 22.60 27.98 0.15
C LEU EA 21 23.28 28.63 -1.06
N ILE EA 22 22.73 28.40 -2.25
CA ILE EA 22 23.07 29.10 -3.51
C ILE EA 22 22.12 30.30 -3.63
N ARG EA 23 22.66 31.52 -3.61
CA ARG EA 23 21.89 32.76 -3.86
C ARG EA 23 22.43 33.38 -5.14
N PRO EA 24 21.86 33.04 -6.32
CA PRO EA 24 22.42 33.46 -7.59
C PRO EA 24 21.86 34.80 -8.11
N LEU EA 25 20.88 35.37 -7.41
CA LEU EA 25 20.26 36.67 -7.78
C LEU EA 25 20.88 37.76 -6.91
N PRO EA 26 21.40 38.85 -7.48
CA PRO EA 26 21.99 39.92 -6.67
C PRO EA 26 20.91 40.56 -5.80
N SER EA 27 21.26 40.96 -4.57
CA SER EA 27 20.36 41.58 -3.57
C SER EA 27 20.61 43.09 -3.53
N VAL EA 28 19.56 43.92 -3.60
CA VAL EA 28 19.61 45.38 -3.29
C VAL EA 28 19.03 45.55 -1.88
N LEU EA 29 19.90 45.57 -0.88
CA LEU EA 29 19.54 45.54 0.56
C LEU EA 29 19.54 46.97 1.13
N ASP EA 30 18.46 47.35 1.82
CA ASP EA 30 18.31 48.65 2.53
C ASP EA 30 18.93 48.50 3.93
N PRO EA 31 20.20 48.93 4.16
CA PRO EA 31 20.93 48.51 5.37
C PRO EA 31 20.24 48.87 6.68
N ALA EA 32 19.24 49.77 6.64
CA ALA EA 32 18.32 50.07 7.77
C ALA EA 32 17.56 48.81 8.18
N LYS EA 33 16.93 48.13 7.20
CA LYS EA 33 16.09 46.91 7.41
C LYS EA 33 17.00 45.75 7.84
N VAL EA 34 18.24 45.67 7.32
CA VAL EA 34 19.24 44.63 7.71
C VAL EA 34 19.56 44.81 9.20
N GLN EA 35 20.07 45.98 9.58
CA GLN EA 35 20.46 46.36 10.96
C GLN EA 35 19.27 46.09 11.91
N SER EA 36 18.06 46.48 11.51
CA SER EA 36 16.79 46.28 12.25
C SER EA 36 16.57 44.78 12.56
N LEU EA 37 16.68 43.92 11.55
CA LEU EA 37 16.49 42.44 11.67
C LEU EA 37 17.62 41.84 12.52
N VAL EA 38 18.86 42.31 12.36
CA VAL EA 38 20.04 41.82 13.13
C VAL EA 38 19.71 41.88 14.63
N ASP EA 39 19.03 42.96 15.05
CA ASP EA 39 18.66 43.21 16.47
C ASP EA 39 17.53 42.24 16.86
N THR EA 40 16.51 42.12 16.02
CA THR EA 40 15.33 41.23 16.25
C THR EA 40 15.80 39.76 16.34
N ILE EA 41 16.93 39.40 15.72
CA ILE EA 41 17.48 38.01 15.74
C ILE EA 41 18.14 37.74 17.09
N ARG EA 42 18.95 38.68 17.61
CA ARG EA 42 19.62 38.60 18.93
C ARG EA 42 18.56 38.67 20.05
N GLU EA 43 17.62 39.62 19.95
CA GLU EA 43 16.59 39.90 20.98
C GLU EA 43 15.51 38.80 20.96
N ASP EA 44 14.95 38.47 19.79
CA ASP EA 44 13.76 37.57 19.67
C ASP EA 44 13.85 36.70 18.42
N PRO EA 45 14.71 35.65 18.40
CA PRO EA 45 14.77 34.73 17.26
C PRO EA 45 13.42 34.27 16.69
N ASP EA 46 12.42 34.00 17.52
CA ASP EA 46 11.14 33.40 17.08
C ASP EA 46 10.26 34.45 16.37
N SER EA 47 10.65 35.74 16.37
CA SER EA 47 10.00 36.81 15.56
C SER EA 47 10.19 36.51 14.06
N VAL EA 48 11.42 36.15 13.66
CA VAL EA 48 11.90 36.10 12.25
C VAL EA 48 11.49 34.77 11.63
N PRO EA 49 10.57 34.75 10.64
CA PRO EA 49 10.23 33.48 9.97
C PRO EA 49 11.48 32.80 9.42
N PRO EA 50 11.40 31.47 9.19
CA PRO EA 50 12.47 30.78 8.45
C PRO EA 50 12.35 31.16 6.96
N ILE EA 51 13.46 31.15 6.23
CA ILE EA 51 13.50 31.45 4.77
C ILE EA 51 12.98 30.23 4.01
N ASP EA 52 12.54 30.42 2.77
CA ASP EA 52 12.05 29.33 1.91
C ASP EA 52 13.18 28.97 0.94
N VAL EA 53 13.75 27.77 1.04
CA VAL EA 53 14.81 27.35 0.09
C VAL EA 53 14.23 26.24 -0.78
N LEU EA 54 14.56 26.27 -2.07
CA LEU EA 54 14.18 25.24 -3.06
C LEU EA 54 15.25 24.17 -3.01
N TRP EA 55 14.84 22.93 -2.76
CA TRP EA 55 15.72 21.74 -2.80
C TRP EA 55 15.51 21.05 -4.14
N ILE EA 56 16.53 21.07 -4.98
CA ILE EA 56 16.47 20.57 -6.38
C ILE EA 56 17.52 19.48 -6.55
N LYS EA 57 17.12 18.34 -7.10
CA LYS EA 57 18.01 17.20 -7.44
C LYS EA 57 18.52 17.38 -8.87
N GLY EA 58 19.83 17.23 -9.09
CA GLY EA 58 20.45 17.22 -10.43
C GLY EA 58 20.15 15.94 -11.20
N ALA EA 59 20.74 15.78 -12.39
CA ALA EA 59 20.48 14.67 -13.34
C ALA EA 59 21.06 13.36 -12.78
N GLN EA 60 22.10 13.44 -11.94
CA GLN EA 60 22.74 12.26 -11.28
C GLN EA 60 22.40 12.24 -9.78
N GLY EA 61 21.35 12.95 -9.35
CA GLY EA 61 20.83 12.88 -7.96
C GLY EA 61 21.54 13.84 -7.00
N GLY EA 62 22.53 14.61 -7.46
CA GLY EA 62 23.22 15.62 -6.65
C GLY EA 62 22.25 16.64 -6.06
N ASP EA 63 22.43 17.01 -4.79
CA ASP EA 63 21.50 17.93 -4.08
C ASP EA 63 21.97 19.37 -4.23
N TYR EA 64 21.05 20.30 -4.52
CA TYR EA 64 21.30 21.76 -4.57
C TYR EA 64 20.21 22.51 -3.81
N PHE EA 65 20.62 23.49 -2.99
CA PHE EA 65 19.69 24.28 -2.15
C PHE EA 65 19.77 25.74 -2.59
N TYR EA 66 18.68 26.24 -3.16
CA TYR EA 66 18.59 27.58 -3.80
C TYR EA 66 17.77 28.48 -2.88
N SER EA 67 18.32 29.65 -2.53
CA SER EA 67 17.60 30.72 -1.78
C SER EA 67 17.45 31.94 -2.69
N PHE EA 68 16.21 32.28 -3.02
CA PHE EA 68 15.84 33.42 -3.89
C PHE EA 68 15.20 34.52 -3.04
N GLY EA 69 14.71 34.16 -1.86
CA GLY EA 69 13.92 35.03 -0.96
C GLY EA 69 14.65 35.26 0.34
N GLY EA 70 13.99 35.92 1.28
CA GLY EA 70 14.55 36.34 2.59
C GLY EA 70 15.87 37.06 2.39
N CYS EA 71 15.94 37.99 1.44
CA CYS EA 71 17.16 38.72 1.04
C CYS EA 71 17.73 39.44 2.28
N HIS EA 72 16.86 40.14 3.03
CA HIS EA 72 17.22 40.90 4.25
C HIS EA 72 17.57 39.93 5.38
N ARG EA 73 16.69 38.97 5.67
CA ARG EA 73 16.93 37.91 6.70
C ARG EA 73 18.29 37.26 6.46
N TYR EA 74 18.58 36.79 5.25
CA TYR EA 74 19.88 36.11 4.94
C TYR EA 74 21.02 37.06 5.31
N ALA EA 75 20.94 38.32 4.89
CA ALA EA 75 21.99 39.35 5.07
C ALA EA 75 22.28 39.53 6.57
N ALA EA 76 21.21 39.55 7.37
CA ALA EA 76 21.25 39.71 8.85
C ALA EA 76 22.05 38.56 9.48
N TYR EA 77 21.66 37.30 9.24
CA TYR EA 77 22.37 36.10 9.75
C TYR EA 77 23.82 36.09 9.22
N GLN EA 78 24.08 36.66 8.04
CA GLN EA 78 25.45 36.72 7.47
C GLN EA 78 26.31 37.71 8.27
N GLN EA 79 25.74 38.88 8.62
CA GLN EA 79 26.40 39.92 9.46
C GLN EA 79 26.77 39.31 10.82
N LEU EA 80 25.84 38.61 11.48
CA LEU EA 80 26.03 37.91 12.78
C LEU EA 80 26.92 36.67 12.61
N GLN EA 81 27.63 36.54 11.48
CA GLN EA 81 28.49 35.38 11.09
C GLN EA 81 27.98 34.07 11.69
N ARG EA 82 26.66 33.83 11.66
CA ARG EA 82 26.00 32.56 12.11
C ARG EA 82 26.41 31.43 11.13
N GLU EA 83 26.43 30.19 11.61
CA GLU EA 83 26.81 28.99 10.82
C GLU EA 83 25.59 28.55 10.01
N THR EA 84 24.39 28.66 10.60
CA THR EA 84 23.11 28.21 10.01
C THR EA 84 22.02 29.27 10.13
N ILE EA 85 20.98 29.11 9.30
CA ILE EA 85 19.73 29.92 9.29
C ILE EA 85 18.55 28.96 9.32
N PRO EA 86 17.52 29.23 10.15
CA PRO EA 86 16.25 28.53 10.06
C PRO EA 86 15.64 28.67 8.65
N ALA EA 87 15.25 27.54 8.05
CA ALA EA 87 14.69 27.48 6.68
C ALA EA 87 13.68 26.33 6.55
N LYS EA 88 12.61 26.54 5.78
CA LYS EA 88 11.69 25.47 5.31
C LYS EA 88 12.16 25.06 3.92
N LEU EA 89 12.37 23.76 3.70
CA LEU EA 89 12.78 23.21 2.39
C LEU EA 89 11.52 22.89 1.57
N VAL EA 90 11.53 23.26 0.29
CA VAL EA 90 10.46 22.92 -0.69
C VAL EA 90 11.15 22.17 -1.83
N GLN EA 91 10.84 20.88 -1.96
CA GLN EA 91 11.39 20.06 -3.06
C GLN EA 91 10.80 20.62 -4.36
N SER EA 92 11.63 20.77 -5.39
CA SER EA 92 11.21 21.39 -6.67
C SER EA 92 11.99 20.76 -7.82
N THR EA 93 11.66 21.15 -9.04
CA THR EA 93 12.17 20.53 -10.29
C THR EA 93 13.18 21.47 -10.93
N LEU EA 94 13.98 20.96 -11.86
CA LEU EA 94 14.92 21.80 -12.64
C LEU EA 94 14.11 22.78 -13.52
N SER EA 95 12.86 22.46 -13.83
CA SER EA 95 11.96 23.29 -14.68
C SER EA 95 11.43 24.49 -13.88
N ASP EA 96 11.19 24.32 -12.58
CA ASP EA 96 10.88 25.43 -11.65
C ASP EA 96 12.07 26.41 -11.66
N LEU EA 97 13.30 25.89 -11.57
CA LEU EA 97 14.52 26.72 -11.44
C LEU EA 97 14.70 27.61 -12.68
N ARG EA 98 14.23 27.16 -13.83
CA ARG EA 98 14.43 27.86 -15.14
C ARG EA 98 13.64 29.18 -15.13
N VAL EA 99 12.55 29.25 -14.38
CA VAL EA 99 11.69 30.46 -14.22
C VAL EA 99 12.50 31.58 -13.52
N TYR EA 100 13.43 31.20 -12.65
CA TYR EA 100 14.20 32.16 -11.82
C TYR EA 100 15.45 32.60 -12.55
N LEU EA 101 16.10 31.70 -13.30
CA LEU EA 101 17.49 31.87 -13.80
C LEU EA 101 17.56 32.03 -15.33
N GLY EA 102 16.53 31.63 -16.05
CA GLY EA 102 16.51 31.70 -17.52
C GLY EA 102 17.75 31.03 -18.10
N ALA EA 103 18.54 31.77 -18.88
CA ALA EA 103 19.70 31.22 -19.61
C ALA EA 103 20.90 31.13 -18.67
N SER EA 104 20.76 31.54 -17.41
CA SER EA 104 21.76 31.30 -16.33
C SER EA 104 21.53 29.94 -15.66
N THR EA 105 20.39 29.29 -15.91
CA THR EA 105 20.07 27.95 -15.36
C THR EA 105 21.20 26.99 -15.70
N PRO EA 106 21.90 26.39 -14.73
CA PRO EA 106 22.98 25.45 -15.03
C PRO EA 106 22.46 24.04 -15.29
N ASP EA 107 23.30 23.19 -15.86
CA ASP EA 107 23.00 21.77 -16.16
C ASP EA 107 23.36 20.95 -14.92
N LEU EA 108 22.45 20.93 -13.94
CA LEU EA 108 22.74 20.38 -12.58
C LEU EA 108 22.94 18.86 -12.67
N GLN EA 109 24.03 18.35 -12.08
CA GLN EA 109 24.32 16.89 -11.94
C GLN EA 109 24.08 16.46 -10.49
N SER FA 4 35.44 72.07 -41.49
CA SER FA 4 34.21 71.19 -41.35
C SER FA 4 33.95 70.33 -42.60
N ILE FA 5 33.57 69.05 -42.40
CA ILE FA 5 33.13 68.12 -43.49
C ILE FA 5 31.59 68.03 -43.50
N HIS FA 6 30.87 69.05 -43.03
CA HIS FA 6 29.41 69.23 -43.23
C HIS FA 6 29.11 70.49 -44.06
N SER FA 7 30.06 71.42 -44.16
CA SER FA 7 29.89 72.74 -44.86
C SER FA 7 31.19 73.17 -45.57
N ALA FA 11 30.26 78.16 -48.40
CA ALA FA 11 31.03 79.43 -48.49
C ALA FA 11 30.59 80.40 -47.39
N ALA FA 12 29.30 80.72 -47.32
CA ALA FA 12 28.72 81.79 -46.47
C ALA FA 12 28.73 81.39 -44.98
N VAL FA 13 29.43 82.16 -44.16
CA VAL FA 13 29.36 82.10 -42.66
C VAL FA 13 28.46 83.23 -42.17
N HIS FA 14 27.48 82.93 -41.32
CA HIS FA 14 26.53 83.92 -40.76
C HIS FA 14 26.74 84.06 -39.24
N ASN FA 15 26.30 85.19 -38.70
CA ASN FA 15 26.25 85.48 -37.25
C ASN FA 15 24.84 85.16 -36.79
N VAL FA 16 24.64 83.93 -36.34
CA VAL FA 16 23.28 83.42 -35.97
C VAL FA 16 23.07 83.71 -34.50
N PRO FA 17 22.00 84.45 -34.15
CA PRO FA 17 21.65 84.67 -32.75
C PRO FA 17 21.39 83.34 -32.02
N LEU FA 18 22.11 83.09 -30.92
CA LEU FA 18 21.96 81.89 -30.07
C LEU FA 18 20.48 81.62 -29.76
N SER FA 19 19.67 82.67 -29.68
CA SER FA 19 18.25 82.61 -29.27
C SER FA 19 17.34 82.07 -30.38
N VAL FA 20 17.81 81.85 -31.62
CA VAL FA 20 16.95 81.30 -32.71
C VAL FA 20 17.34 79.85 -33.04
N LEU FA 21 18.53 79.43 -32.62
CA LEU FA 21 18.98 78.01 -32.74
C LEU FA 21 18.09 77.15 -31.84
N ILE FA 22 17.46 76.12 -32.42
CA ILE FA 22 16.75 75.03 -31.72
C ILE FA 22 17.76 73.92 -31.46
N ARG FA 23 18.06 73.61 -30.19
CA ARG FA 23 18.92 72.46 -29.80
C ARG FA 23 18.05 71.48 -29.02
N PRO FA 24 17.42 70.51 -29.70
CA PRO FA 24 16.44 69.65 -29.06
C PRO FA 24 17.03 68.36 -28.46
N LEU FA 25 18.32 68.12 -28.69
CA LEU FA 25 19.03 66.94 -28.13
C LEU FA 25 19.83 67.42 -26.92
N PRO FA 26 19.68 66.77 -25.74
CA PRO FA 26 20.42 67.19 -24.55
C PRO FA 26 21.93 67.00 -24.80
N SER FA 27 22.75 67.89 -24.25
CA SER FA 27 24.23 67.90 -24.38
C SER FA 27 24.89 67.31 -23.11
N VAL FA 28 25.81 66.36 -23.29
CA VAL FA 28 26.70 65.85 -22.20
C VAL FA 28 28.07 66.52 -22.37
N LEU FA 29 28.27 67.64 -21.68
CA LEU FA 29 29.43 68.57 -21.86
C LEU FA 29 30.50 68.28 -20.80
N ASP FA 30 31.75 68.10 -21.22
CA ASP FA 30 32.93 67.95 -20.32
C ASP FA 30 33.44 69.35 -19.95
N PRO FA 31 33.07 69.95 -18.79
CA PRO FA 31 33.29 71.38 -18.56
C PRO FA 31 34.73 71.85 -18.71
N ALA FA 32 35.69 70.92 -18.71
CA ALA FA 32 37.13 71.15 -19.05
C ALA FA 32 37.24 71.67 -20.49
N LYS FA 33 36.61 70.96 -21.44
CA LYS FA 33 36.63 71.29 -22.90
C LYS FA 33 35.87 72.60 -23.14
N VAL FA 34 34.79 72.86 -22.39
CA VAL FA 34 33.99 74.12 -22.48
C VAL FA 34 34.91 75.28 -22.09
N GLN FA 35 35.44 75.26 -20.84
CA GLN FA 35 36.34 76.29 -20.27
C GLN FA 35 37.51 76.53 -21.23
N SER FA 36 38.10 75.46 -21.77
CA SER FA 36 39.22 75.49 -22.74
C SER FA 36 38.85 76.32 -23.99
N LEU FA 37 37.68 76.04 -24.60
CA LEU FA 37 37.17 76.73 -25.81
C LEU FA 37 36.83 78.19 -25.47
N VAL FA 38 36.24 78.45 -24.30
CA VAL FA 38 35.87 79.82 -23.83
C VAL FA 38 37.10 80.73 -23.96
N ASP FA 39 38.28 80.21 -23.61
CA ASP FA 39 39.56 80.96 -23.64
C ASP FA 39 39.98 81.15 -25.10
N THR FA 40 39.94 80.10 -25.91
CA THR FA 40 40.32 80.13 -27.36
C THR FA 40 39.42 81.11 -28.11
N ILE FA 41 38.19 81.37 -27.64
CA ILE FA 41 37.22 82.30 -28.29
C ILE FA 41 37.63 83.76 -28.00
N ARG FA 42 37.98 84.06 -26.74
CA ARG FA 42 38.45 85.41 -26.29
C ARG FA 42 39.83 85.69 -26.91
N GLU FA 43 40.75 84.73 -26.85
CA GLU FA 43 42.16 84.86 -27.32
C GLU FA 43 42.22 84.85 -28.85
N ASP FA 44 41.59 83.87 -29.52
CA ASP FA 44 41.76 83.64 -30.97
C ASP FA 44 40.45 83.19 -31.60
N PRO FA 45 39.44 84.08 -31.80
CA PRO FA 45 38.20 83.71 -32.49
C PRO FA 45 38.37 82.86 -33.76
N ASP FA 46 39.36 83.15 -34.61
CA ASP FA 46 39.50 82.48 -35.94
C ASP FA 46 40.02 81.03 -35.77
N SER FA 47 40.40 80.61 -34.58
CA SER FA 47 40.73 79.19 -34.25
C SER FA 47 39.47 78.32 -34.41
N VAL FA 48 38.34 78.79 -33.85
CA VAL FA 48 37.08 78.00 -33.60
C VAL FA 48 36.25 77.98 -34.88
N PRO FA 49 36.08 76.82 -35.56
CA PRO FA 49 35.20 76.76 -36.73
C PRO FA 49 33.80 77.28 -36.41
N PRO FA 50 33.04 77.69 -37.43
CA PRO FA 50 31.61 77.99 -37.24
C PRO FA 50 30.86 76.66 -37.08
N ILE FA 51 29.74 76.66 -36.35
CA ILE FA 51 28.89 75.45 -36.16
C ILE FA 51 28.06 75.22 -37.43
N ASP FA 52 27.56 74.01 -37.63
CA ASP FA 52 26.72 73.65 -38.80
C ASP FA 52 25.27 73.64 -38.31
N VAL FA 53 24.44 74.55 -38.81
CA VAL FA 53 23.00 74.55 -38.42
C VAL FA 53 22.20 74.16 -39.66
N LEU FA 54 21.16 73.35 -39.47
CA LEU FA 54 20.22 72.92 -40.52
C LEU FA 54 19.13 73.98 -40.58
N TRP FA 55 18.93 74.54 -41.77
CA TRP FA 55 17.84 75.50 -42.07
C TRP FA 55 16.73 74.72 -42.76
N ILE FA 56 15.59 74.58 -42.09
CA ILE FA 56 14.45 73.74 -42.56
C ILE FA 56 13.23 74.65 -42.66
N LYS FA 57 12.54 74.59 -43.81
CA LYS FA 57 11.28 75.32 -44.08
C LYS FA 57 10.11 74.44 -43.67
N GLY FA 58 9.14 74.99 -42.94
CA GLY FA 58 7.87 74.33 -42.59
C GLY FA 58 6.93 74.23 -43.80
N ALA FA 59 5.72 73.68 -43.58
CA ALA FA 59 4.73 73.40 -44.65
C ALA FA 59 4.15 74.71 -45.19
N GLN FA 60 4.13 75.78 -44.37
CA GLN FA 60 3.65 77.14 -44.74
C GLN FA 60 4.84 78.11 -44.87
N GLY FA 61 6.06 77.61 -45.04
CA GLY FA 61 7.24 78.44 -45.36
C GLY FA 61 7.93 79.02 -44.13
N GLY FA 62 7.45 78.74 -42.92
CA GLY FA 62 8.10 79.17 -41.66
C GLY FA 62 9.53 78.66 -41.58
N ASP FA 63 10.48 79.50 -41.13
CA ASP FA 63 11.90 79.14 -41.04
C ASP FA 63 12.23 78.56 -39.67
N TYR FA 64 12.99 77.46 -39.63
CA TYR FA 64 13.51 76.84 -38.38
C TYR FA 64 15.00 76.53 -38.53
N PHE FA 65 15.78 76.88 -37.50
CA PHE FA 65 17.25 76.69 -37.49
C PHE FA 65 17.62 75.71 -36.37
N TYR FA 66 18.08 74.53 -36.75
CA TYR FA 66 18.33 73.38 -35.86
C TYR FA 66 19.85 73.24 -35.70
N SER FA 67 20.34 73.21 -34.46
CA SER FA 67 21.76 72.92 -34.12
C SER FA 67 21.81 71.60 -33.35
N PHE FA 68 22.43 70.59 -33.93
CA PHE FA 68 22.60 69.23 -33.34
C PHE FA 68 24.05 69.02 -32.93
N GLY FA 69 24.96 69.81 -33.49
CA GLY FA 69 26.42 69.67 -33.34
C GLY FA 69 27.00 70.88 -32.68
N GLY FA 70 28.35 70.98 -32.66
CA GLY FA 70 29.11 72.01 -31.94
C GLY FA 70 28.62 72.16 -30.50
N CYS FA 71 28.41 71.05 -29.81
CA CYS FA 71 27.81 71.00 -28.44
C CYS FA 71 28.68 71.85 -27.51
N HIS FA 72 30.00 71.64 -27.55
CA HIS FA 72 30.99 72.37 -26.70
C HIS FA 72 31.09 73.82 -27.17
N ARG FA 73 31.31 74.07 -28.46
CA ARG FA 73 31.36 75.43 -29.04
C ARG FA 73 30.12 76.24 -28.62
N TYR FA 74 28.91 75.70 -28.78
CA TYR FA 74 27.66 76.42 -28.42
C TYR FA 74 27.73 76.80 -26.93
N ALA FA 75 28.12 75.84 -26.08
CA ALA FA 75 28.15 76.00 -24.60
C ALA FA 75 29.10 77.14 -24.23
N ALA FA 76 30.24 77.23 -24.92
CA ALA FA 76 31.29 78.25 -24.74
C ALA FA 76 30.72 79.64 -25.02
N TYR FA 77 30.15 79.87 -26.20
CA TYR FA 77 29.51 81.16 -26.58
C TYR FA 77 28.36 81.47 -25.62
N GLN FA 78 27.69 80.46 -25.06
CA GLN FA 78 26.57 80.66 -24.09
C GLN FA 78 27.14 81.21 -22.77
N GLN FA 79 28.25 80.64 -22.29
CA GLN FA 79 28.97 81.08 -21.06
C GLN FA 79 29.40 82.55 -21.21
N LEU FA 80 30.01 82.92 -22.35
CA LEU FA 80 30.44 84.30 -22.69
C LEU FA 80 29.22 85.20 -23.01
N GLN FA 81 28.01 84.77 -22.64
CA GLN FA 81 26.71 85.46 -22.90
C GLN FA 81 26.74 86.26 -24.20
N ARG FA 82 27.33 85.71 -25.28
CA ARG FA 82 27.34 86.31 -26.64
C ARG FA 82 25.92 86.31 -27.23
N GLU FA 83 25.63 87.26 -28.11
CA GLU FA 83 24.30 87.42 -28.76
C GLU FA 83 24.24 86.45 -29.95
N THR FA 84 25.36 86.27 -30.66
CA THR FA 84 25.47 85.43 -31.88
C THR FA 84 26.68 84.51 -31.83
N ILE FA 85 26.62 83.47 -32.68
CA ILE FA 85 27.71 82.49 -32.94
C ILE FA 85 27.93 82.42 -34.44
N PRO FA 86 29.20 82.40 -34.90
CA PRO FA 86 29.51 82.06 -36.29
C PRO FA 86 28.95 80.66 -36.64
N ALA FA 87 28.23 80.57 -37.75
CA ALA FA 87 27.59 79.31 -38.22
C ALA FA 87 27.49 79.27 -39.74
N LYS FA 88 27.68 78.10 -40.34
CA LYS FA 88 27.34 77.81 -41.75
C LYS FA 88 25.94 77.20 -41.77
N LEU FA 89 25.05 77.75 -42.60
CA LEU FA 89 23.67 77.23 -42.79
C LEU FA 89 23.69 76.17 -43.89
N VAL FA 90 23.01 75.04 -43.65
CA VAL FA 90 22.78 73.97 -44.64
C VAL FA 90 21.28 73.81 -44.78
N GLN FA 91 20.75 74.17 -45.95
CA GLN FA 91 19.30 74.02 -46.22
C GLN FA 91 19.02 72.52 -46.26
N SER FA 92 17.93 72.08 -45.64
CA SER FA 92 17.61 70.64 -45.50
C SER FA 92 16.09 70.46 -45.51
N THR FA 93 15.67 69.20 -45.48
CA THR FA 93 14.26 68.80 -45.68
C THR FA 93 13.68 68.38 -44.34
N LEU FA 94 12.35 68.28 -44.25
CA LEU FA 94 11.67 67.76 -43.04
C LEU FA 94 12.04 66.28 -42.86
N SER FA 95 12.40 65.59 -43.94
CA SER FA 95 12.76 64.15 -43.94
C SER FA 95 14.16 63.93 -43.36
N ASP FA 96 15.08 64.87 -43.59
CA ASP FA 96 16.41 64.89 -42.92
C ASP FA 96 16.17 65.01 -41.41
N LEU FA 97 15.27 65.90 -40.97
CA LEU FA 97 15.06 66.20 -39.53
C LEU FA 97 14.56 64.94 -38.80
N ARG FA 98 13.84 64.06 -39.51
CA ARG FA 98 13.20 62.86 -38.91
C ARG FA 98 14.27 61.87 -38.45
N VAL FA 99 15.43 61.88 -39.08
CA VAL FA 99 16.61 61.02 -38.74
C VAL FA 99 17.13 61.39 -37.35
N TYR FA 100 17.00 62.66 -36.97
CA TYR FA 100 17.57 63.19 -35.70
C TYR FA 100 16.56 63.04 -34.57
N LEU FA 101 15.26 63.22 -34.85
CA LEU FA 101 14.20 63.43 -33.81
C LEU FA 101 13.21 62.26 -33.73
N GLY FA 102 13.14 61.42 -34.75
CA GLY FA 102 12.19 60.28 -34.77
C GLY FA 102 10.78 60.76 -34.50
N ALA FA 103 10.14 60.22 -33.47
CA ALA FA 103 8.71 60.50 -33.18
C ALA FA 103 8.59 61.81 -32.40
N SER FA 104 9.71 62.47 -32.10
CA SER FA 104 9.74 63.86 -31.55
C SER FA 104 9.71 64.89 -32.69
N THR FA 105 9.92 64.48 -33.94
CA THR FA 105 9.86 65.36 -35.14
C THR FA 105 8.52 66.09 -35.12
N PRO FA 106 8.50 67.45 -35.07
CA PRO FA 106 7.25 68.18 -35.06
C PRO FA 106 6.73 68.40 -36.48
N ASP FA 107 5.45 68.77 -36.58
CA ASP FA 107 4.76 69.06 -37.87
C ASP FA 107 4.98 70.54 -38.16
N LEU FA 108 6.15 70.87 -38.72
CA LEU FA 108 6.62 72.27 -38.84
C LEU FA 108 5.73 73.02 -39.84
N GLN FA 109 5.26 74.21 -39.43
CA GLN FA 109 4.47 75.13 -40.29
C GLN FA 109 5.37 76.32 -40.71
N MET GA 3 -43.23 -13.82 -27.01
CA MET GA 3 -42.48 -14.76 -27.89
C MET GA 3 -41.05 -14.26 -28.12
N SER GA 4 -40.59 -13.20 -27.41
CA SER GA 4 -39.33 -12.41 -27.60
C SER GA 4 -39.12 -11.96 -29.07
N ILE GA 5 -38.72 -10.69 -29.27
CA ILE GA 5 -38.31 -10.15 -30.61
C ILE GA 5 -36.78 -10.12 -30.73
N HIS GA 6 -36.06 -10.97 -29.99
CA HIS GA 6 -34.61 -11.25 -30.18
C HIS GA 6 -34.38 -12.71 -30.63
N SER GA 7 -35.33 -13.61 -30.35
CA SER GA 7 -35.17 -15.08 -30.59
C SER GA 7 -36.50 -15.75 -30.97
N GLY GA 8 -37.42 -15.03 -31.62
CA GLY GA 8 -38.67 -15.60 -32.18
C GLY GA 8 -38.40 -16.69 -33.22
N ARG GA 9 -37.52 -16.41 -34.20
CA ARG GA 9 -37.12 -17.29 -35.32
C ARG GA 9 -36.04 -18.30 -34.89
N ILE GA 10 -35.95 -18.71 -33.60
CA ILE GA 10 -34.96 -19.68 -33.04
C ILE GA 10 -35.70 -20.75 -32.23
N ALA GA 11 -35.73 -21.98 -32.72
CA ALA GA 11 -36.37 -23.15 -32.08
C ALA GA 11 -35.76 -23.38 -30.68
N ALA GA 12 -34.43 -23.57 -30.61
CA ALA GA 12 -33.73 -24.28 -29.53
C ALA GA 12 -33.66 -23.44 -28.25
N VAL GA 13 -34.25 -23.96 -27.18
CA VAL GA 13 -34.09 -23.45 -25.77
C VAL GA 13 -33.07 -24.34 -25.05
N HIS GA 14 -32.06 -23.74 -24.42
CA HIS GA 14 -31.01 -24.47 -23.68
C HIS GA 14 -31.10 -24.16 -22.18
N ASN GA 15 -30.54 -25.07 -21.38
CA ASN GA 15 -30.38 -24.91 -19.91
C ASN GA 15 -28.95 -24.43 -19.69
N VAL GA 16 -28.80 -23.10 -19.64
CA VAL GA 16 -27.47 -22.45 -19.55
C VAL GA 16 -27.14 -22.28 -18.07
N PRO GA 17 -26.00 -22.85 -17.62
CA PRO GA 17 -25.56 -22.63 -16.24
C PRO GA 17 -25.33 -21.14 -15.94
N LEU GA 18 -26.00 -20.61 -14.91
CA LEU GA 18 -25.88 -19.20 -14.47
C LEU GA 18 -24.40 -18.78 -14.38
N SER GA 19 -23.51 -19.72 -14.06
CA SER GA 19 -22.08 -19.48 -13.81
C SER GA 19 -21.28 -19.24 -15.10
N VAL GA 20 -21.85 -19.42 -16.30
CA VAL GA 20 -21.09 -19.19 -17.58
C VAL GA 20 -21.61 -17.93 -18.29
N LEU GA 21 -22.78 -17.45 -17.91
CA LEU GA 21 -23.32 -16.15 -18.38
C LEU GA 21 -22.42 -15.02 -17.85
N ILE GA 22 -21.89 -14.20 -18.75
CA ILE GA 22 -21.20 -12.93 -18.48
C ILE GA 22 -22.24 -11.82 -18.47
N ARG GA 23 -22.47 -11.17 -17.34
CA ARG GA 23 -23.41 -10.02 -17.23
C ARG GA 23 -22.60 -8.78 -16.85
N PRO GA 24 -22.07 -8.02 -17.84
CA PRO GA 24 -21.11 -6.96 -17.56
C PRO GA 24 -21.74 -5.59 -17.34
N LEU GA 25 -23.06 -5.47 -17.56
CA LEU GA 25 -23.79 -4.20 -17.34
C LEU GA 25 -24.53 -4.31 -16.00
N PRO GA 26 -24.35 -3.33 -15.08
CA PRO GA 26 -24.96 -3.42 -13.76
C PRO GA 26 -26.49 -3.37 -13.91
N SER GA 27 -27.21 -4.08 -13.04
CA SER GA 27 -28.70 -4.20 -13.02
C SER GA 27 -29.28 -3.30 -11.92
N VAL GA 28 -30.27 -2.47 -12.26
CA VAL GA 28 -31.11 -1.73 -11.27
C VAL GA 28 -32.44 -2.49 -11.15
N LEU GA 29 -32.53 -3.39 -10.17
CA LEU GA 29 -33.66 -4.36 -10.01
C LEU GA 29 -34.69 -3.82 -9.01
N ASP GA 30 -35.97 -3.83 -9.39
CA ASP GA 30 -37.14 -3.49 -8.52
C ASP GA 30 -37.54 -4.73 -7.72
N PRO GA 31 -37.09 -4.91 -6.45
CA PRO GA 31 -37.19 -6.22 -5.78
C PRO GA 31 -38.61 -6.77 -5.69
N ALA GA 32 -39.63 -5.93 -5.93
CA ALA GA 32 -41.05 -6.34 -6.08
C ALA GA 32 -41.19 -7.28 -7.28
N LYS GA 33 -40.65 -6.88 -8.45
CA LYS GA 33 -40.74 -7.65 -9.72
C LYS GA 33 -39.91 -8.93 -9.59
N VAL GA 34 -38.76 -8.89 -8.88
CA VAL GA 34 -37.89 -10.08 -8.63
C VAL GA 34 -38.70 -11.10 -7.83
N GLN GA 35 -39.17 -10.71 -6.63
CA GLN GA 35 -39.95 -11.55 -5.69
C GLN GA 35 -41.16 -12.15 -6.43
N SER GA 36 -41.85 -11.32 -7.24
CA SER GA 36 -43.02 -11.72 -8.06
C SER GA 36 -42.65 -12.88 -9.02
N LEU GA 37 -41.55 -12.75 -9.76
CA LEU GA 37 -41.06 -13.76 -10.74
C LEU GA 37 -40.60 -15.01 -9.99
N VAL GA 38 -39.93 -14.86 -8.84
CA VAL GA 38 -39.43 -16.00 -8.01
C VAL GA 38 -40.58 -16.97 -7.75
N ASP GA 39 -41.78 -16.42 -7.48
CA ASP GA 39 -43.00 -17.21 -7.17
C ASP GA 39 -43.50 -17.88 -8.46
N THR GA 40 -43.58 -17.13 -9.57
CA THR GA 40 -44.06 -17.63 -10.88
C THR GA 40 -43.12 -18.76 -11.38
N ILE GA 41 -41.86 -18.79 -10.95
CA ILE GA 41 -40.86 -19.83 -11.37
C ILE GA 41 -41.13 -21.14 -10.61
N ARG GA 42 -41.38 -21.05 -9.30
CA ARG GA 42 -41.72 -22.21 -8.41
C ARG GA 42 -43.11 -22.75 -8.81
N GLU GA 43 -44.10 -21.86 -8.98
CA GLU GA 43 -45.51 -22.22 -9.28
C GLU GA 43 -45.65 -22.70 -10.74
N ASP GA 44 -45.14 -21.95 -11.71
CA ASP GA 44 -45.39 -22.19 -13.17
C ASP GA 44 -44.15 -21.85 -13.99
N PRO GA 45 -43.09 -22.70 -13.99
CA PRO GA 45 -41.90 -22.48 -14.82
C PRO GA 45 -42.17 -22.02 -16.26
N ASP GA 46 -43.16 -22.62 -16.94
CA ASP GA 46 -43.40 -22.38 -18.40
C ASP GA 46 -44.06 -21.01 -18.63
N SER GA 47 -44.43 -20.29 -17.58
CA SER GA 47 -44.89 -18.87 -17.67
C SER GA 47 -43.73 -17.98 -18.16
N VAL GA 48 -42.53 -18.17 -17.57
CA VAL GA 48 -41.35 -17.25 -17.67
C VAL GA 48 -40.60 -17.55 -18.97
N PRO GA 49 -40.57 -16.62 -19.96
CA PRO GA 49 -39.79 -16.83 -21.17
C PRO GA 49 -38.33 -17.16 -20.85
N PRO GA 50 -37.62 -17.84 -21.77
CA PRO GA 50 -36.18 -17.99 -21.64
C PRO GA 50 -35.50 -16.65 -21.96
N ILE GA 51 -34.34 -16.38 -21.36
CA ILE GA 51 -33.55 -15.14 -21.58
C ILE GA 51 -32.83 -15.25 -22.93
N ASP GA 52 -32.43 -14.12 -23.49
CA ASP GA 52 -31.68 -14.07 -24.78
C ASP GA 52 -30.21 -13.88 -24.44
N VAL GA 53 -29.36 -14.86 -24.73
CA VAL GA 53 -27.90 -14.69 -24.49
C VAL GA 53 -27.21 -14.64 -25.86
N LEU GA 54 -26.20 -13.78 -25.98
CA LEU GA 54 -25.34 -13.68 -27.17
C LEU GA 54 -24.21 -14.68 -27.02
N TRP GA 55 -24.05 -15.55 -27.99
CA TRP GA 55 -22.94 -16.51 -28.10
C TRP GA 55 -21.92 -15.95 -29.07
N ILE GA 56 -20.75 -15.60 -28.56
CA ILE GA 56 -19.67 -14.93 -29.34
C ILE GA 56 -18.42 -15.80 -29.25
N LYS GA 57 -17.81 -16.09 -30.41
CA LYS GA 57 -16.55 -16.87 -30.54
C LYS GA 57 -15.38 -15.90 -30.48
N GLY GA 58 -14.34 -16.19 -29.69
CA GLY GA 58 -13.08 -15.46 -29.66
C GLY GA 58 -12.22 -15.71 -30.89
N ALA GA 59 -11.03 -15.11 -30.94
CA ALA GA 59 -10.11 -15.15 -32.11
C ALA GA 59 -9.54 -16.56 -32.28
N GLN GA 60 -9.42 -17.32 -31.18
CA GLN GA 60 -8.92 -18.72 -31.17
C GLN GA 60 -10.07 -19.68 -30.90
N GLY GA 61 -11.32 -19.29 -31.12
CA GLY GA 61 -12.49 -20.19 -31.08
C GLY GA 61 -13.07 -20.40 -29.68
N GLY GA 62 -12.53 -19.74 -28.66
CA GLY GA 62 -13.10 -19.77 -27.29
C GLY GA 62 -14.55 -19.30 -27.28
N ASP GA 63 -15.43 -19.97 -26.54
CA ASP GA 63 -16.88 -19.61 -26.48
C ASP GA 63 -17.11 -18.63 -25.32
N TYR GA 64 -17.90 -17.59 -25.54
CA TYR GA 64 -18.35 -16.62 -24.50
C TYR GA 64 -19.85 -16.38 -24.63
N PHE GA 65 -20.55 -16.43 -23.50
CA PHE GA 65 -22.02 -16.26 -23.42
C PHE GA 65 -22.33 -15.01 -22.62
N TYR GA 66 -22.89 -14.01 -23.30
CA TYR GA 66 -23.14 -12.64 -22.79
C TYR GA 66 -24.65 -12.52 -22.55
N SER GA 67 -25.06 -12.13 -21.34
CA SER GA 67 -26.46 -11.82 -20.98
C SER GA 67 -26.55 -10.34 -20.63
N PHE GA 68 -27.26 -9.57 -21.44
CA PHE GA 68 -27.47 -8.11 -21.28
C PHE GA 68 -28.92 -7.85 -20.84
N GLY GA 69 -29.80 -8.82 -21.04
CA GLY GA 69 -31.25 -8.72 -20.82
C GLY GA 69 -31.69 -9.70 -19.74
N GLY GA 70 -33.01 -9.85 -19.59
CA GLY GA 70 -33.66 -10.65 -18.55
C GLY GA 70 -33.08 -10.39 -17.18
N CYS GA 71 -32.91 -9.12 -16.85
CA CYS GA 71 -32.23 -8.63 -15.61
C CYS GA 71 -32.99 -9.19 -14.42
N HIS GA 72 -34.32 -9.08 -14.42
CA HIS GA 72 -35.22 -9.54 -13.33
C HIS GA 72 -35.26 -11.07 -13.31
N ARG GA 73 -35.53 -11.69 -14.46
CA ARG GA 73 -35.54 -13.18 -14.61
C ARG GA 73 -34.23 -13.76 -14.06
N TYR GA 74 -33.07 -13.26 -14.47
CA TYR GA 74 -31.76 -13.77 -14.00
C TYR GA 74 -31.70 -13.70 -12.47
N ALA GA 75 -32.10 -12.55 -11.91
CA ALA GA 75 -32.03 -12.26 -10.46
C ALA GA 75 -32.87 -13.29 -9.69
N ALA GA 76 -34.06 -13.60 -10.23
CA ALA GA 76 -35.03 -14.58 -9.68
C ALA GA 76 -34.39 -15.97 -9.59
N TYR GA 77 -33.88 -16.51 -10.70
CA TYR GA 77 -33.21 -17.84 -10.73
C TYR GA 77 -31.97 -17.81 -9.82
N GLN GA 78 -31.34 -16.65 -9.63
CA GLN GA 78 -30.16 -16.52 -8.73
C GLN GA 78 -30.58 -16.68 -7.28
N GLN GA 79 -31.70 -16.03 -6.89
CA GLN GA 79 -32.31 -16.11 -5.53
C GLN GA 79 -32.66 -17.58 -5.22
N LEU GA 80 -33.32 -18.29 -6.15
CA LEU GA 80 -33.68 -19.72 -6.02
C LEU GA 80 -32.45 -20.63 -6.17
N GLN GA 81 -31.24 -20.07 -6.05
CA GLN GA 81 -29.93 -20.78 -6.20
C GLN GA 81 -30.02 -21.94 -7.22
N ARG GA 82 -30.70 -21.73 -8.35
CA ARG GA 82 -30.78 -22.70 -9.48
C ARG GA 82 -29.40 -22.80 -10.16
N GLU GA 83 -29.09 -23.95 -10.75
CA GLU GA 83 -27.78 -24.21 -11.43
C GLU GA 83 -27.83 -23.63 -12.84
N THR GA 84 -29.00 -23.72 -13.49
CA THR GA 84 -29.24 -23.28 -14.89
C THR GA 84 -30.51 -22.43 -15.01
N ILE GA 85 -30.57 -21.69 -16.12
CA ILE GA 85 -31.73 -20.87 -16.55
C ILE GA 85 -32.04 -21.24 -18.00
N PRO GA 86 -33.34 -21.41 -18.33
CA PRO GA 86 -33.76 -21.50 -19.73
C PRO GA 86 -33.33 -20.25 -20.52
N ALA GA 87 -32.68 -20.45 -21.67
CA ALA GA 87 -32.16 -19.36 -22.54
C ALA GA 87 -32.17 -19.78 -24.01
N LYS GA 88 -32.46 -18.83 -24.90
CA LYS GA 88 -32.26 -18.96 -26.36
C LYS GA 88 -30.91 -18.32 -26.69
N LEU GA 89 -30.04 -19.06 -27.39
CA LEU GA 89 -28.71 -18.56 -27.81
C LEU GA 89 -28.84 -17.88 -29.18
N VAL GA 90 -28.21 -16.72 -29.32
CA VAL GA 90 -28.12 -15.96 -30.60
C VAL GA 90 -26.63 -15.79 -30.89
N GLN GA 91 -26.16 -16.46 -31.95
CA GLN GA 91 -24.74 -16.36 -32.36
C GLN GA 91 -24.54 -14.94 -32.86
N SER GA 92 -23.43 -14.30 -32.48
CA SER GA 92 -23.16 -12.88 -32.81
C SER GA 92 -21.66 -12.68 -33.00
N THR GA 93 -21.28 -11.47 -33.39
CA THR GA 93 -19.90 -11.13 -33.82
C THR GA 93 -19.24 -10.32 -32.71
N LEU GA 94 -17.92 -10.18 -32.76
CA LEU GA 94 -17.18 -9.32 -31.82
C LEU GA 94 -17.58 -7.85 -32.05
N SER GA 95 -18.04 -7.52 -33.26
CA SER GA 95 -18.44 -6.14 -33.66
C SER GA 95 -19.81 -5.79 -33.06
N ASP GA 96 -20.71 -6.76 -32.93
CA ASP GA 96 -21.99 -6.60 -32.18
C ASP GA 96 -21.63 -6.25 -30.72
N LEU GA 97 -20.67 -6.95 -30.12
CA LEU GA 97 -20.35 -6.82 -28.68
C LEU GA 97 -19.85 -5.40 -28.39
N ARG GA 98 -19.20 -4.76 -29.36
CA ARG GA 98 -18.56 -3.43 -29.19
C ARG GA 98 -19.64 -2.36 -28.95
N VAL GA 99 -20.84 -2.56 -29.49
CA VAL GA 99 -22.02 -1.66 -29.32
C VAL GA 99 -22.45 -1.63 -27.85
N TYR GA 100 -22.25 -2.73 -27.12
CA TYR GA 100 -22.73 -2.88 -25.73
C TYR GA 100 -21.66 -2.37 -24.76
N LEU GA 101 -20.37 -2.61 -25.06
CA LEU GA 101 -19.25 -2.51 -24.09
C LEU GA 101 -18.29 -1.35 -24.40
N GLY GA 102 -18.31 -0.83 -25.63
CA GLY GA 102 -17.41 0.26 -26.04
C GLY GA 102 -15.97 -0.10 -25.73
N ALA GA 103 -15.28 0.72 -24.95
CA ALA GA 103 -13.84 0.57 -24.68
C ALA GA 103 -13.62 -0.48 -23.58
N SER GA 104 -14.70 -1.04 -23.03
CA SER GA 104 -14.66 -2.20 -22.10
C SER GA 104 -14.66 -3.52 -22.89
N THR GA 105 -14.95 -3.49 -24.19
CA THR GA 105 -14.92 -4.68 -25.08
C THR GA 105 -13.56 -5.36 -24.94
N PRO GA 106 -13.50 -6.64 -24.50
CA PRO GA 106 -12.23 -7.33 -24.36
C PRO GA 106 -11.76 -7.94 -25.68
N ASP GA 107 -10.49 -8.31 -25.72
CA ASP GA 107 -9.86 -8.95 -26.90
C ASP GA 107 -10.06 -10.47 -26.76
N LEU GA 108 -11.24 -10.96 -27.13
CA LEU GA 108 -11.68 -12.34 -26.82
C LEU GA 108 -10.82 -13.35 -27.58
N GLN GA 109 -10.29 -14.35 -26.88
CA GLN GA 109 -9.51 -15.48 -27.47
C GLN GA 109 -10.39 -16.75 -27.44
N ALA HA 12 -11.18 49.57 4.63
CA ALA HA 12 -12.59 49.91 5.03
C ALA HA 12 -13.43 48.63 5.19
N VAL HA 13 -13.90 48.37 6.40
CA VAL HA 13 -14.94 47.34 6.73
C VAL HA 13 -16.29 48.02 6.87
N HIS HA 14 -17.31 47.53 6.19
CA HIS HA 14 -18.69 48.09 6.23
C HIS HA 14 -19.66 47.10 6.87
N ASN HA 15 -20.76 47.63 7.38
CA ASN HA 15 -21.89 46.84 7.94
C ASN HA 15 -22.93 46.74 6.84
N VAL HA 16 -22.85 45.66 6.07
CA VAL HA 16 -23.71 45.45 4.87
C VAL HA 16 -24.96 44.71 5.34
N PRO HA 17 -26.15 45.29 5.09
CA PRO HA 17 -27.40 44.60 5.39
C PRO HA 17 -27.52 43.29 4.61
N LEU HA 18 -27.73 42.17 5.33
CA LEU HA 18 -27.91 40.81 4.75
C LEU HA 18 -28.89 40.85 3.59
N SER HA 19 -29.88 41.75 3.64
CA SER HA 19 -31.00 41.82 2.68
C SER HA 19 -30.59 42.47 1.36
N VAL HA 20 -29.38 43.02 1.20
CA VAL HA 20 -28.94 43.63 -0.10
C VAL HA 20 -27.88 42.76 -0.79
N LEU HA 21 -27.25 41.85 -0.04
CA LEU HA 21 -26.31 40.86 -0.58
C LEU HA 21 -27.07 39.91 -1.51
N ILE HA 22 -26.61 39.79 -2.76
CA ILE HA 22 -27.03 38.76 -3.74
C ILE HA 22 -26.10 37.58 -3.57
N ARG HA 23 -26.61 36.42 -3.16
CA ARG HA 23 -25.85 35.14 -3.09
C ARG HA 23 -26.48 34.20 -4.10
N PRO HA 24 -25.98 34.16 -5.36
CA PRO HA 24 -26.63 33.41 -6.42
C PRO HA 24 -26.12 31.97 -6.55
N LEU HA 25 -25.11 31.59 -5.78
CA LEU HA 25 -24.54 30.22 -5.80
C LEU HA 25 -25.10 29.45 -4.62
N PRO HA 26 -25.68 28.25 -4.83
CA PRO HA 26 -26.23 27.47 -3.71
C PRO HA 26 -25.09 27.07 -2.75
N SER HA 27 -25.38 27.04 -1.44
CA SER HA 27 -24.40 26.73 -0.37
C SER HA 27 -24.58 25.29 0.12
N VAL HA 28 -23.48 24.52 0.19
CA VAL HA 28 -23.41 23.20 0.88
C VAL HA 28 -22.74 23.45 2.23
N LEU HA 29 -23.55 23.66 3.28
CA LEU HA 29 -23.09 24.10 4.63
C LEU HA 29 -22.96 22.88 5.56
N ASP HA 30 -21.82 22.74 6.23
CA ASP HA 30 -21.56 21.71 7.28
C ASP HA 30 -22.07 22.26 8.61
N PRO HA 31 -23.30 21.91 9.08
CA PRO HA 31 -23.96 22.65 10.17
C PRO HA 31 -23.14 22.69 11.48
N ALA HA 32 -22.11 21.83 11.60
CA ALA HA 32 -21.10 21.87 12.68
C ALA HA 32 -20.35 23.20 12.65
N LYS HA 33 -19.83 23.59 11.46
CA LYS HA 33 -19.02 24.82 11.26
C LYS HA 33 -19.93 26.04 11.43
N VAL HA 34 -21.21 25.96 11.02
CA VAL HA 34 -22.21 27.06 11.18
C VAL HA 34 -22.41 27.31 12.68
N GLN HA 35 -22.85 26.28 13.41
CA GLN HA 35 -23.11 26.30 14.87
C GLN HA 35 -21.88 26.85 15.60
N SER HA 36 -20.68 26.37 15.23
CA SER HA 36 -19.37 26.79 15.78
C SER HA 36 -19.18 28.31 15.65
N LEU HA 37 -19.40 28.86 14.44
CA LEU HA 37 -19.24 30.30 14.15
C LEU HA 37 -20.32 31.11 14.88
N VAL HA 38 -21.55 30.60 14.95
CA VAL HA 38 -22.70 31.27 15.64
C VAL HA 38 -22.26 31.63 17.06
N ASP HA 39 -21.52 30.73 17.72
CA ASP HA 39 -21.04 30.90 19.12
C ASP HA 39 -19.93 31.94 19.15
N THR HA 40 -18.95 31.84 18.22
CA THR HA 40 -17.82 32.80 18.11
C THR HA 40 -18.36 34.22 17.84
N ASP HA 44 -20.13 37.14 19.50
CA ASP HA 44 -18.65 37.30 19.58
C ASP HA 44 -18.08 37.65 18.21
N PRO HA 45 -18.23 38.90 17.70
CA PRO HA 45 -17.63 39.30 16.42
C PRO HA 45 -16.20 38.80 16.17
N ASP HA 46 -15.31 38.92 17.19
CA ASP HA 46 -13.85 38.61 17.00
C ASP HA 46 -13.61 37.10 16.89
N VAL HA 48 -14.10 36.25 13.66
CA VAL HA 48 -14.58 35.96 12.28
C VAL HA 48 -14.24 37.17 11.39
N PRO HA 49 -13.34 37.01 10.38
CA PRO HA 49 -13.09 38.08 9.41
C PRO HA 49 -14.39 38.54 8.75
N PRO HA 50 -14.40 39.76 8.19
CA PRO HA 50 -15.52 40.22 7.37
C PRO HA 50 -15.50 39.47 6.03
N ILE HA 51 -16.67 39.30 5.41
CA ILE HA 51 -16.80 38.59 4.09
C ILE HA 51 -16.35 39.55 2.98
N ASP HA 52 -16.02 39.02 1.81
CA ASP HA 52 -15.66 39.83 0.62
C ASP HA 52 -16.89 39.96 -0.27
N VAL HA 53 -17.43 41.17 -0.44
CA VAL HA 53 -18.56 41.35 -1.40
C VAL HA 53 -18.05 42.17 -2.58
N LEU HA 54 -18.48 41.78 -3.78
CA LEU HA 54 -18.19 42.49 -5.04
C LEU HA 54 -19.26 43.55 -5.21
N TRP HA 55 -18.84 44.80 -5.36
CA TRP HA 55 -19.74 45.95 -5.67
C TRP HA 55 -19.64 46.23 -7.15
N ILE HA 56 -20.72 45.98 -7.88
CA ILE HA 56 -20.75 46.07 -9.36
C ILE HA 56 -21.83 47.09 -9.75
N LYS HA 57 -21.47 48.04 -10.61
CA LYS HA 57 -22.41 49.05 -11.18
C LYS HA 57 -22.99 48.49 -12.47
N GLY HA 58 -24.31 48.58 -12.64
CA GLY HA 58 -25.02 48.22 -13.89
C GLY HA 58 -24.79 49.25 -15.00
N ALA HA 59 -25.44 49.06 -16.16
CA ALA HA 59 -25.24 49.88 -17.38
C ALA HA 59 -25.80 51.28 -17.17
N GLN HA 60 -26.81 51.44 -16.29
CA GLN HA 60 -27.43 52.74 -15.94
C GLN HA 60 -27.03 53.18 -14.53
N GLY HA 61 -25.94 52.61 -13.98
CA GLY HA 61 -25.37 53.07 -12.69
C GLY HA 61 -26.00 52.41 -11.47
N GLY HA 62 -27.00 51.52 -11.63
CA GLY HA 62 -27.61 50.76 -10.52
C GLY HA 62 -26.57 49.98 -9.73
N ASP HA 63 -26.65 49.99 -8.40
CA ASP HA 63 -25.66 49.29 -7.53
C ASP HA 63 -26.12 47.85 -7.25
N TYR HA 64 -25.20 46.89 -7.33
CA TYR HA 64 -25.44 45.47 -6.96
C TYR HA 64 -24.28 44.97 -6.09
N PHE HA 65 -24.62 44.28 -5.00
CA PHE HA 65 -23.62 43.73 -4.03
C PHE HA 65 -23.72 42.21 -4.04
N TYR HA 66 -22.67 41.55 -4.52
CA TYR HA 66 -22.60 40.09 -4.77
C TYR HA 66 -21.73 39.48 -3.68
N SER HA 67 -22.23 38.48 -2.96
CA SER HA 67 -21.45 37.66 -2.00
C SER HA 67 -21.36 36.22 -2.53
N PHE HA 68 -20.15 35.78 -2.84
CA PHE HA 68 -19.83 34.43 -3.36
C PHE HA 68 -19.14 33.60 -2.27
N GLY HA 69 -18.56 34.30 -1.28
CA GLY HA 69 -17.71 33.72 -0.23
C GLY HA 69 -18.35 33.87 1.13
N GLY HA 70 -17.64 33.44 2.17
CA GLY HA 70 -18.12 33.34 3.56
C GLY HA 70 -19.49 32.70 3.63
N CYS HA 71 -19.65 31.57 2.97
CA CYS HA 71 -20.88 30.73 2.93
C CYS HA 71 -21.31 30.42 4.36
N HIS HA 72 -20.38 29.96 5.19
CA HIS HA 72 -20.61 29.57 6.61
C HIS HA 72 -20.88 30.82 7.45
N ARG HA 73 -19.99 31.82 7.38
CA ARG HA 73 -20.15 33.12 8.08
C ARG HA 73 -21.53 33.70 7.78
N TYR HA 74 -21.95 33.81 6.51
CA TYR HA 74 -23.26 34.39 6.14
C TYR HA 74 -24.37 33.60 6.85
N ALA HA 75 -24.29 32.27 6.81
CA ALA HA 75 -25.32 31.35 7.36
C ALA HA 75 -25.47 31.60 8.87
N ALA HA 76 -24.34 31.81 9.55
CA ALA HA 76 -24.25 32.08 11.01
C ALA HA 76 -25.01 33.38 11.35
N TYR HA 77 -24.66 34.51 10.72
CA TYR HA 77 -25.32 35.81 10.92
C TYR HA 77 -26.81 35.68 10.53
N GLN HA 78 -27.17 34.81 9.60
CA GLN HA 78 -28.60 34.61 9.18
C GLN HA 78 -29.36 33.92 10.32
N GLN HA 79 -28.77 32.89 10.94
CA GLN HA 79 -29.34 32.15 12.11
C GLN HA 79 -29.60 33.14 13.26
N LEU HA 80 -28.62 33.98 13.59
CA LEU HA 80 -28.70 35.04 14.65
C LEU HA 80 -29.60 36.21 14.19
N GLN HA 81 -30.41 36.01 13.14
CA GLN HA 81 -31.30 37.02 12.50
C GLN HA 81 -30.73 38.45 12.63
N ARG HA 82 -29.44 38.63 12.41
CA ARG HA 82 -28.76 39.97 12.39
C ARG HA 82 -29.24 40.78 11.17
N GLU HA 83 -29.22 42.10 11.28
CA GLU HA 83 -29.63 43.04 10.21
C GLU HA 83 -28.46 43.20 9.22
N THR HA 84 -27.23 43.22 9.74
CA THR HA 84 -26.00 43.45 8.93
C THR HA 84 -24.90 42.44 9.28
N ILE HA 85 -23.93 42.33 8.36
CA ILE HA 85 -22.69 41.51 8.49
C ILE HA 85 -21.51 42.40 8.15
N PRO HA 86 -20.41 42.34 8.94
CA PRO HA 86 -19.15 42.94 8.56
C PRO HA 86 -18.66 42.39 7.22
N ALA HA 87 -18.30 43.30 6.29
CA ALA HA 87 -17.82 42.97 4.93
C ALA HA 87 -16.82 44.01 4.41
N LYS HA 88 -15.83 43.57 3.65
CA LYS HA 88 -14.96 44.46 2.83
C LYS HA 88 -15.54 44.49 1.41
N LEU HA 89 -15.80 45.69 0.89
CA LEU HA 89 -16.36 45.87 -0.47
C LEU HA 89 -15.19 45.99 -1.46
N VAL HA 90 -15.30 45.29 -2.59
CA VAL HA 90 -14.33 45.34 -3.71
C VAL HA 90 -15.09 45.76 -4.94
N GLN HA 91 -14.82 46.95 -5.45
CA GLN HA 91 -15.46 47.45 -6.70
C GLN HA 91 -14.97 46.56 -7.82
N SER HA 92 -15.86 46.13 -8.72
CA SER HA 92 -15.53 45.18 -9.80
C SER HA 92 -16.39 45.47 -11.03
N THR HA 93 -16.14 44.75 -12.11
CA THR HA 93 -16.73 45.00 -13.44
C THR HA 93 -17.79 43.93 -13.71
N LEU HA 94 -18.65 44.15 -14.69
CA LEU HA 94 -19.64 43.13 -15.14
C LEU HA 94 -18.88 41.95 -15.74
N SER HA 95 -17.65 42.14 -16.23
CA SER HA 95 -16.81 41.10 -16.87
C SER HA 95 -16.21 40.18 -15.80
N ASP HA 96 -15.87 40.71 -14.62
CA ASP HA 96 -15.48 39.90 -13.44
C ASP HA 96 -16.67 38.98 -13.08
N LEU HA 97 -17.89 39.50 -13.07
CA LEU HA 97 -19.09 38.76 -12.60
C LEU HA 97 -19.34 37.55 -13.51
N ARG HA 98 -18.96 37.64 -14.80
CA ARG HA 98 -19.23 36.61 -15.81
C ARG HA 98 -18.41 35.34 -15.48
N VAL HA 99 -17.26 35.48 -14.82
CA VAL HA 99 -16.39 34.37 -14.37
C VAL HA 99 -17.12 33.51 -13.34
N TYR HA 100 -18.00 34.11 -12.56
CA TYR HA 100 -18.70 33.43 -11.44
C TYR HA 100 -20.00 32.79 -11.94
N LEU HA 101 -20.70 33.45 -12.87
CA LEU HA 101 -22.12 33.15 -13.21
C LEU HA 101 -22.28 32.56 -14.62
N GLY HA 102 -21.30 32.74 -15.49
CA GLY HA 102 -21.36 32.27 -16.89
C GLY HA 102 -22.62 32.77 -17.56
N ALA HA 103 -23.44 31.87 -18.07
CA ALA HA 103 -24.65 32.20 -18.86
C ALA HA 103 -25.80 32.55 -17.92
N SER HA 104 -25.60 32.49 -16.61
CA SER HA 104 -26.54 32.99 -15.58
C SER HA 104 -26.29 34.49 -15.30
N THR HA 105 -25.17 35.05 -15.78
CA THR HA 105 -24.84 36.49 -15.63
C THR HA 105 -26.00 37.32 -16.16
N PRO HA 106 -26.64 38.18 -15.35
CA PRO HA 106 -27.74 39.00 -15.82
C PRO HA 106 -27.24 40.29 -16.48
N ASP HA 107 -28.11 40.95 -17.24
CA ASP HA 107 -27.81 42.20 -17.95
C ASP HA 107 -28.09 43.37 -17.00
N LEU HA 108 -27.14 43.65 -16.12
CA LEU HA 108 -27.36 44.57 -14.96
C LEU HA 108 -27.58 46.00 -15.47
N GLN HA 109 -28.64 46.66 -14.98
CA GLN HA 109 -28.96 48.08 -15.24
C GLN HA 109 -28.66 48.90 -13.97
N MET IA 3 46.09 65.37 -43.42
CA MET IA 3 46.32 63.95 -42.96
C MET IA 3 45.12 63.06 -43.37
N SER IA 4 45.27 62.30 -44.47
CA SER IA 4 44.36 61.30 -45.11
C SER IA 4 43.18 60.82 -44.23
N ILE IA 5 41.99 60.63 -44.82
CA ILE IA 5 40.79 60.05 -44.12
C ILE IA 5 40.66 58.55 -44.48
N HIS IA 6 41.74 57.87 -44.86
CA HIS IA 6 41.81 56.39 -44.97
C HIS IA 6 42.81 55.81 -43.94
N SER IA 7 43.74 56.63 -43.43
CA SER IA 7 44.85 56.18 -42.56
C SER IA 7 45.23 57.24 -41.51
N GLY IA 8 44.30 58.09 -41.08
CA GLY IA 8 44.51 59.07 -40.00
C GLY IA 8 44.91 58.44 -38.68
N ARG IA 9 44.15 57.45 -38.22
CA ARG IA 9 44.36 56.74 -36.92
C ARG IA 9 45.28 55.52 -37.16
N ILE IA 10 46.31 55.66 -38.03
CA ILE IA 10 47.41 54.66 -38.28
C ILE IA 10 48.76 55.40 -38.17
N ALA IA 11 49.54 55.10 -37.14
CA ALA IA 11 50.88 55.70 -36.87
C ALA IA 11 51.80 55.46 -38.07
N ALA IA 12 52.01 54.19 -38.45
CA ALA IA 12 53.20 53.73 -39.22
C ALA IA 12 53.11 54.13 -40.69
N VAL IA 13 54.07 54.94 -41.14
CA VAL IA 13 54.34 55.23 -42.59
C VAL IA 13 55.54 54.38 -43.01
N HIS IA 14 55.42 53.67 -44.12
CA HIS IA 14 56.50 52.79 -44.65
C HIS IA 14 57.02 53.32 -45.98
N ASN IA 15 58.24 52.91 -46.32
CA ASN IA 15 58.88 53.17 -47.64
C ASN IA 15 58.66 51.93 -48.48
N VAL IA 16 57.57 51.95 -49.25
CA VAL IA 16 57.12 50.77 -50.05
C VAL IA 16 57.78 50.87 -51.41
N PRO IA 17 58.55 49.84 -51.83
CA PRO IA 17 59.12 49.80 -53.17
C PRO IA 17 58.02 49.84 -54.24
N LEU IA 18 58.10 50.81 -55.16
CA LEU IA 18 57.16 50.98 -56.30
C LEU IA 18 56.92 49.64 -57.00
N SER IA 19 57.93 48.77 -57.02
CA SER IA 19 57.90 47.49 -57.78
C SER IA 19 57.06 46.41 -57.09
N VAL IA 20 56.55 46.61 -55.87
CA VAL IA 20 55.69 45.57 -55.19
C VAL IA 20 54.24 46.03 -55.13
N LEU IA 21 53.98 47.33 -55.33
CA LEU IA 21 52.61 47.88 -55.46
C LEU IA 21 51.97 47.31 -56.73
N ILE IA 22 50.80 46.68 -56.59
CA ILE IA 22 49.91 46.26 -57.69
C ILE IA 22 48.94 47.41 -57.95
N ARG IA 23 48.99 48.01 -59.13
CA ARG IA 23 48.02 49.05 -59.58
C ARG IA 23 47.25 48.48 -60.75
N PRO IA 24 46.10 47.81 -60.50
CA PRO IA 24 45.37 47.09 -61.55
C PRO IA 24 44.32 47.96 -62.27
N LEU IA 25 44.10 49.18 -61.80
CA LEU IA 25 43.14 50.13 -62.43
C LEU IA 25 43.95 51.10 -63.28
N PRO IA 26 43.60 51.29 -64.58
CA PRO IA 26 44.35 52.20 -65.43
C PRO IA 26 44.19 53.64 -64.89
N SER IA 27 45.24 54.46 -65.02
CA SER IA 27 45.28 55.86 -64.51
C SER IA 27 45.07 56.85 -65.67
N VAL IA 28 44.13 57.78 -65.49
CA VAL IA 28 43.91 58.92 -66.45
C VAL IA 28 44.54 60.16 -65.80
N LEU IA 29 45.82 60.44 -66.12
CA LEU IA 29 46.69 61.41 -65.43
C LEU IA 29 46.70 62.72 -66.22
N ASP IA 30 46.45 63.85 -65.55
CA ASP IA 30 46.56 65.23 -66.10
C ASP IA 30 48.02 65.68 -65.95
N PRO IA 31 48.89 65.56 -67.00
CA PRO IA 31 50.34 65.67 -66.82
C PRO IA 31 50.80 67.00 -66.18
N ALA IA 32 49.92 68.01 -66.15
CA ALA IA 32 50.10 69.28 -65.39
C ALA IA 32 50.25 68.98 -63.90
N LYS IA 33 49.30 68.20 -63.34
CA LYS IA 33 49.26 67.83 -61.89
C LYS IA 33 50.44 66.92 -61.55
N VAL IA 34 50.84 66.03 -62.47
CA VAL IA 34 52.02 65.12 -62.30
C VAL IA 34 53.27 65.99 -62.16
N GLN IA 35 53.57 66.81 -63.19
CA GLN IA 35 54.74 67.73 -63.26
C GLN IA 35 54.77 68.60 -62.00
N SER IA 36 53.61 69.13 -61.59
CA SER IA 36 53.43 69.98 -60.38
C SER IA 36 53.90 69.23 -59.12
N LEU IA 37 53.45 68.00 -58.92
CA LEU IA 37 53.81 67.14 -57.75
C LEU IA 37 55.29 66.76 -57.80
N VAL IA 38 55.82 66.46 -59.00
CA VAL IA 38 57.26 66.09 -59.20
C VAL IA 38 58.13 67.16 -58.55
N ASP IA 39 57.75 68.43 -58.71
CA ASP IA 39 58.50 69.61 -58.18
C ASP IA 39 58.33 69.66 -56.66
N THR IA 40 57.11 69.52 -56.16
CA THR IA 40 56.78 69.55 -54.70
C THR IA 40 57.52 68.41 -53.98
N ILE IA 41 57.86 67.31 -54.67
CA ILE IA 41 58.57 66.13 -54.08
C ILE IA 41 60.06 66.48 -53.90
N ARG IA 42 60.68 67.09 -54.92
CA ARG IA 42 62.10 67.54 -54.89
C ARG IA 42 62.26 68.70 -53.90
N GLU IA 43 61.36 69.70 -53.96
CA GLU IA 43 61.42 70.94 -53.15
C GLU IA 43 61.01 70.63 -51.70
N ASP IA 44 59.89 69.96 -51.46
CA ASP IA 44 59.29 69.79 -50.10
C ASP IA 44 58.65 68.41 -49.94
N PRO IA 45 59.43 67.31 -49.80
CA PRO IA 45 58.86 65.97 -49.59
C PRO IA 45 57.70 65.90 -48.61
N ASP IA 46 57.78 66.60 -47.46
CA ASP IA 46 56.76 66.45 -46.36
C ASP IA 46 55.45 67.15 -46.71
N SER IA 47 55.38 67.89 -47.82
CA SER IA 47 54.11 68.44 -48.38
C SER IA 47 53.19 67.30 -48.79
N VAL IA 48 53.73 66.29 -49.51
CA VAL IA 48 52.98 65.21 -50.23
C VAL IA 48 52.62 64.11 -49.23
N PRO IA 49 51.31 63.91 -48.89
CA PRO IA 49 50.93 62.80 -48.02
C PRO IA 49 51.46 61.46 -48.55
N PRO IA 50 51.57 60.45 -47.67
CA PRO IA 50 51.86 59.09 -48.13
C PRO IA 50 50.58 58.53 -48.78
N ILE IA 51 50.73 57.60 -49.74
CA ILE IA 51 49.58 56.94 -50.42
C ILE IA 51 49.00 55.88 -49.48
N ASP IA 52 47.75 55.49 -49.71
CA ASP IA 52 47.07 54.44 -48.91
C ASP IA 52 47.14 53.14 -49.71
N VAL IA 53 47.87 52.14 -49.23
CA VAL IA 53 47.92 50.83 -49.94
C VAL IA 53 47.19 49.82 -49.07
N LEU IA 54 46.41 48.94 -49.73
CA LEU IA 54 45.71 47.83 -49.07
C LEU IA 54 46.66 46.65 -49.02
N TRP IA 55 46.89 46.14 -47.82
CA TRP IA 55 47.71 44.93 -47.59
C TRP IA 55 46.76 43.76 -47.40
N ILE IA 56 46.75 42.84 -48.34
CA ILE IA 56 45.78 41.71 -48.40
C ILE IA 56 46.58 40.42 -48.38
N LYS IA 57 46.19 39.51 -47.48
CA LYS IA 57 46.77 38.15 -47.35
C LYS IA 57 45.97 37.19 -48.24
N GLY IA 58 46.66 36.38 -49.03
CA GLY IA 58 46.05 35.28 -49.82
C GLY IA 58 45.58 34.12 -48.95
N ALA IA 59 45.06 33.06 -49.58
CA ALA IA 59 44.47 31.88 -48.90
C ALA IA 59 45.57 31.07 -48.19
N GLN IA 60 46.82 31.14 -48.68
CA GLN IA 60 48.00 30.45 -48.09
C GLN IA 60 48.93 31.48 -47.42
N GLY IA 61 48.44 32.68 -47.11
CA GLY IA 61 49.18 33.68 -46.32
C GLY IA 61 50.11 34.57 -47.15
N GLY IA 62 50.19 34.37 -48.48
CA GLY IA 62 50.97 35.23 -49.39
C GLY IA 62 50.58 36.70 -49.26
N ASP IA 63 51.54 37.61 -49.26
CA ASP IA 63 51.27 39.07 -49.08
C ASP IA 63 51.09 39.74 -50.45
N TYR IA 64 50.08 40.60 -50.58
CA TYR IA 64 49.84 41.44 -51.78
C TYR IA 64 49.55 42.88 -51.36
N PHE IA 65 50.18 43.84 -52.04
CA PHE IA 65 50.04 45.29 -51.73
C PHE IA 65 49.40 45.99 -52.92
N TYR IA 66 48.17 46.47 -52.74
CA TYR IA 66 47.30 47.03 -53.80
C TYR IA 66 47.26 48.54 -53.60
N SER IA 67 47.57 49.30 -54.67
CA SER IA 67 47.44 50.78 -54.72
C SER IA 67 46.37 51.13 -55.74
N PHE IA 68 45.26 51.71 -55.27
CA PHE IA 68 44.10 52.13 -56.10
C PHE IA 68 44.06 53.65 -56.19
N GLY IA 69 44.73 54.33 -55.26
CA GLY IA 69 44.68 55.79 -55.06
C GLY IA 69 46.06 56.38 -55.27
N GLY IA 70 46.20 57.68 -54.98
CA GLY IA 70 47.42 58.47 -55.23
C GLY IA 70 47.91 58.28 -56.65
N CYS IA 71 47.00 58.31 -57.63
CA CYS IA 71 47.29 58.06 -59.06
C CYS IA 71 48.39 59.03 -59.53
N HIS IA 72 48.23 60.31 -59.21
CA HIS IA 72 49.16 61.41 -59.59
C HIS IA 72 50.46 61.26 -58.77
N ARG IA 73 50.36 61.16 -57.46
CA ARG IA 73 51.54 60.94 -56.56
C ARG IA 73 52.38 59.77 -57.06
N TYR IA 74 51.78 58.61 -57.33
CA TYR IA 74 52.53 57.41 -57.81
C TYR IA 74 53.28 57.77 -59.09
N ALA IA 75 52.59 58.43 -60.03
CA ALA IA 75 53.13 58.79 -61.37
C ALA IA 75 54.36 59.68 -61.20
N ALA IA 76 54.29 60.63 -60.26
CA ALA IA 76 55.37 61.59 -59.92
C ALA IA 76 56.62 60.83 -59.45
N TYR IA 77 56.51 59.99 -58.43
CA TYR IA 77 57.63 59.16 -57.90
C TYR IA 77 58.15 58.23 -59.01
N GLN IA 78 57.29 57.82 -59.95
CA GLN IA 78 57.72 56.93 -61.09
C GLN IA 78 58.60 57.73 -62.05
N GLN IA 79 58.22 58.98 -62.37
CA GLN IA 79 58.99 59.91 -63.24
C GLN IA 79 60.38 60.14 -62.63
N LEU IA 80 60.46 60.43 -61.33
CA LEU IA 80 61.72 60.63 -60.55
C LEU IA 80 62.45 59.30 -60.34
N GLN IA 81 62.09 58.25 -61.09
CA GLN IA 81 62.63 56.85 -61.01
C GLN IA 81 63.06 56.50 -59.58
N ARG IA 82 62.27 56.87 -58.57
CA ARG IA 82 62.50 56.52 -57.13
C ARG IA 82 62.29 55.02 -56.92
N GLU IA 83 62.99 54.43 -55.94
CA GLU IA 83 62.91 52.98 -55.58
C GLU IA 83 61.65 52.77 -54.74
N THR IA 84 61.34 53.73 -53.85
CA THR IA 84 60.21 53.62 -52.88
C THR IA 84 59.37 54.90 -52.85
N ILE IA 85 58.15 54.74 -52.32
CA ILE IA 85 57.16 55.83 -52.06
C ILE IA 85 56.71 55.70 -50.62
N PRO IA 86 56.62 56.84 -49.87
CA PRO IA 86 55.95 56.85 -48.58
C PRO IA 86 54.49 56.38 -48.72
N ALA IA 87 54.09 55.44 -47.86
CA ALA IA 87 52.72 54.83 -47.88
C ALA IA 87 52.31 54.40 -46.47
N LYS IA 88 51.02 54.56 -46.15
CA LYS IA 88 50.40 53.97 -44.94
C LYS IA 88 49.71 52.67 -45.40
N LEU IA 89 50.01 51.55 -44.71
CA LEU IA 89 49.40 50.24 -45.01
C LEU IA 89 48.10 50.09 -44.24
N VAL IA 90 47.06 49.58 -44.91
CA VAL IA 90 45.75 49.25 -44.29
C VAL IA 90 45.52 47.76 -44.58
N GLN IA 91 45.54 46.94 -43.55
CA GLN IA 91 45.25 45.50 -43.68
C GLN IA 91 43.79 45.37 -44.09
N SER IA 92 43.49 44.51 -45.05
CA SER IA 92 42.12 44.34 -45.60
C SER IA 92 41.91 42.90 -46.03
N THR IA 93 40.70 42.59 -46.47
CA THR IA 93 40.23 41.21 -46.75
C THR IA 93 40.16 41.02 -48.26
N LEU IA 94 40.07 39.78 -48.71
CA LEU IA 94 39.86 39.45 -50.14
C LEU IA 94 38.47 39.97 -50.57
N SER IA 95 37.53 40.13 -49.63
CA SER IA 95 36.14 40.59 -49.90
C SER IA 95 36.12 42.10 -50.13
N ASP IA 96 36.99 42.86 -49.46
CA ASP IA 96 37.21 44.30 -49.74
C ASP IA 96 37.71 44.42 -51.19
N LEU IA 97 38.65 43.57 -51.61
CA LEU IA 97 39.31 43.68 -52.94
C LEU IA 97 38.27 43.48 -54.05
N ARG IA 98 37.23 42.69 -53.80
CA ARG IA 98 36.21 42.32 -54.81
C ARG IA 98 35.39 43.57 -55.21
N VAL IA 99 35.26 44.54 -54.31
CA VAL IA 99 34.57 45.83 -54.55
C VAL IA 99 35.31 46.64 -55.62
N TYR IA 100 36.63 46.49 -55.71
CA TYR IA 100 37.49 47.29 -56.61
C TYR IA 100 37.60 46.59 -57.97
N LEU IA 101 37.66 45.26 -58.00
CA LEU IA 101 38.11 44.47 -59.19
C LEU IA 101 36.96 43.64 -59.81
N GLY IA 102 35.88 43.40 -59.06
CA GLY IA 102 34.76 42.60 -59.56
C GLY IA 102 35.24 41.25 -60.05
N ALA IA 103 34.96 40.93 -61.31
CA ALA IA 103 35.26 39.61 -61.90
C ALA IA 103 36.73 39.54 -62.33
N SER IA 104 37.49 40.63 -62.16
CA SER IA 104 38.97 40.67 -62.33
C SER IA 104 39.68 40.26 -61.03
N THR IA 105 38.96 40.19 -59.91
CA THR IA 105 39.51 39.77 -58.59
C THR IA 105 40.18 38.41 -58.76
N PRO IA 106 41.50 38.29 -58.49
CA PRO IA 106 42.18 37.01 -58.64
C PRO IA 106 42.02 36.13 -57.38
N ASP IA 107 42.32 34.84 -57.53
CA ASP IA 107 42.22 33.85 -56.43
C ASP IA 107 43.55 33.85 -55.68
N LEU IA 108 43.73 34.82 -54.77
CA LEU IA 108 45.05 35.12 -54.15
C LEU IA 108 45.46 33.95 -53.25
N GLN IA 109 46.70 33.48 -53.43
CA GLN IA 109 47.33 32.42 -52.58
C GLN IA 109 48.40 33.09 -51.67
N PRO JA 2 24.11 48.65 -112.03
CA PRO JA 2 24.16 48.91 -110.57
C PRO JA 2 22.83 49.38 -109.92
N MET JA 3 21.76 48.57 -110.01
CA MET JA 3 20.35 48.99 -109.73
C MET JA 3 19.82 48.39 -108.41
N SER JA 4 19.88 49.18 -107.33
CA SER JA 4 19.38 49.00 -105.92
C SER JA 4 18.43 47.80 -105.70
N ILE JA 5 18.56 47.11 -104.57
CA ILE JA 5 17.64 46.01 -104.11
C ILE JA 5 16.65 46.56 -103.06
N HIS JA 6 16.36 47.86 -103.07
CA HIS JA 6 15.24 48.48 -102.31
C HIS JA 6 14.19 49.07 -103.28
N SER JA 7 14.58 49.34 -104.54
CA SER JA 7 13.73 50.02 -105.55
C SER JA 7 13.97 49.48 -106.97
N GLY JA 8 14.39 48.22 -107.13
CA GLY JA 8 14.56 47.56 -108.44
C GLY JA 8 13.25 47.50 -109.23
N ARG JA 9 12.16 47.01 -108.61
CA ARG JA 9 10.83 46.85 -109.27
C ARG JA 9 10.00 48.13 -109.09
N ILE JA 10 10.63 49.32 -109.15
CA ILE JA 10 10.00 50.68 -109.14
C ILE JA 10 10.54 51.50 -110.31
N ALA JA 11 9.71 51.80 -111.31
CA ALA JA 11 10.06 52.59 -112.52
C ALA JA 11 10.58 53.98 -112.09
N ALA JA 12 9.79 54.75 -111.34
CA ALA JA 12 9.91 56.23 -111.27
C ALA JA 12 11.11 56.66 -110.41
N VAL JA 13 12.06 57.35 -111.01
CA VAL JA 13 13.16 58.10 -110.34
C VAL JA 13 12.78 59.58 -110.38
N HIS JA 14 12.86 60.27 -109.24
CA HIS JA 14 12.51 61.71 -109.11
C HIS JA 14 13.75 62.54 -108.78
N ASN JA 15 13.67 63.83 -109.06
CA ASN JA 15 14.66 64.85 -108.68
C ASN JA 15 14.15 65.50 -107.41
N VAL JA 16 14.58 64.95 -106.27
CA VAL JA 16 14.09 65.37 -104.94
C VAL JA 16 15.00 66.48 -104.44
N PRO JA 17 14.42 67.66 -104.13
CA PRO JA 17 15.20 68.75 -103.53
C PRO JA 17 15.81 68.32 -102.18
N LEU JA 18 17.13 68.46 -102.06
CA LEU JA 18 17.91 68.11 -100.84
C LEU JA 18 17.20 68.66 -99.58
N SER JA 19 16.54 69.80 -99.71
CA SER JA 19 15.96 70.57 -98.58
C SER JA 19 14.65 69.94 -98.08
N VAL JA 20 14.07 68.92 -98.74
CA VAL JA 20 12.81 68.29 -98.24
C VAL JA 20 13.06 66.89 -97.69
N LEU JA 21 14.24 66.31 -98.00
CA LEU JA 21 14.69 65.04 -97.38
C LEU JA 21 14.92 65.28 -95.89
N ILE JA 22 14.27 64.46 -95.05
CA ILE JA 22 14.54 64.36 -93.59
C ILE JA 22 15.60 63.29 -93.40
N ARG JA 23 16.78 63.64 -92.90
CA ARG JA 23 17.86 62.68 -92.56
C ARG JA 23 18.09 62.74 -91.05
N PRO JA 24 17.37 61.93 -90.26
CA PRO JA 24 17.36 62.07 -88.81
C PRO JA 24 18.42 61.23 -88.09
N LEU JA 25 19.16 60.41 -88.83
CA LEU JA 25 20.25 59.57 -88.27
C LEU JA 25 21.57 60.27 -88.57
N PRO JA 26 22.44 60.51 -87.55
CA PRO JA 26 23.70 61.23 -87.80
C PRO JA 26 24.59 60.38 -88.72
N SER JA 27 25.36 61.04 -89.61
CA SER JA 27 26.24 60.38 -90.61
C SER JA 27 27.71 60.40 -90.13
N VAL JA 28 28.39 59.25 -90.15
CA VAL JA 28 29.87 59.13 -90.01
C VAL JA 28 30.45 58.96 -91.42
N LEU JA 29 30.86 60.07 -92.04
CA LEU JA 29 31.29 60.13 -93.46
C LEU JA 29 32.82 60.08 -93.54
N ASP JA 30 33.36 59.18 -94.37
CA ASP JA 30 34.81 59.06 -94.66
C ASP JA 30 35.13 60.03 -95.82
N PRO JA 31 35.65 61.26 -95.57
CA PRO JA 31 35.68 62.31 -96.59
C PRO JA 31 36.42 61.91 -97.87
N ALA JA 32 37.21 60.84 -97.84
CA ALA JA 32 37.83 60.19 -99.04
C ALA JA 32 36.73 59.69 -100.00
N LYS JA 33 35.75 58.94 -99.47
CA LYS JA 33 34.63 58.35 -100.25
C LYS JA 33 33.72 59.47 -100.75
N VAL JA 34 33.53 60.55 -99.97
CA VAL JA 34 32.72 61.75 -100.37
C VAL JA 34 33.39 62.38 -101.59
N GLN JA 35 34.64 62.82 -101.44
CA GLN JA 35 35.47 63.48 -102.50
C GLN JA 35 35.46 62.60 -103.75
N SER JA 36 35.64 61.28 -103.60
CA SER JA 36 35.62 60.27 -104.69
C SER JA 36 34.31 60.33 -105.48
N LEU JA 37 33.16 60.32 -104.78
CA LEU JA 37 31.81 60.35 -105.39
C LEU JA 37 31.56 61.72 -106.04
N VAL JA 38 32.02 62.81 -105.42
CA VAL JA 38 31.87 64.20 -105.94
C VAL JA 38 32.40 64.23 -107.39
N ASP JA 39 33.51 63.54 -107.65
CA ASP JA 39 34.18 63.49 -108.96
C ASP JA 39 33.34 62.63 -109.91
N THR JA 40 32.89 61.46 -109.46
CA THR JA 40 32.05 60.51 -110.26
C THR JA 40 30.73 61.18 -110.65
N ILE JA 41 30.25 62.17 -109.89
CA ILE JA 41 28.97 62.90 -110.16
C ILE JA 41 29.18 63.90 -111.30
N ARG JA 42 30.30 64.66 -111.26
CA ARG JA 42 30.68 65.65 -112.32
C ARG JA 42 31.05 64.90 -113.60
N GLU JA 43 31.86 63.84 -113.50
CA GLU JA 43 32.39 63.06 -114.65
C GLU JA 43 31.29 62.17 -115.24
N ASP JA 44 30.58 61.39 -114.44
CA ASP JA 44 29.63 60.34 -114.93
C ASP JA 44 28.41 60.26 -114.02
N PRO JA 45 27.46 61.22 -114.07
CA PRO JA 45 26.21 61.12 -113.29
C PRO JA 45 25.53 59.75 -113.27
N ASP JA 46 25.48 59.03 -114.40
CA ASP JA 46 24.70 57.77 -114.51
C ASP JA 46 25.42 56.61 -113.80
N SER JA 47 26.65 56.81 -113.32
CA SER JA 47 27.37 55.83 -112.46
C SER JA 47 26.63 55.70 -111.12
N VAL JA 48 26.23 56.83 -110.51
CA VAL JA 48 25.75 56.94 -109.09
C VAL JA 48 24.27 56.58 -109.04
N PRO JA 49 23.88 55.45 -108.40
CA PRO JA 49 22.47 55.13 -108.28
C PRO JA 49 21.69 56.28 -107.63
N PRO JA 50 20.35 56.33 -107.81
CA PRO JA 50 19.52 57.22 -107.03
C PRO JA 50 19.40 56.68 -105.60
N ILE JA 51 19.21 57.54 -104.61
CA ILE JA 51 19.04 57.14 -103.19
C ILE JA 51 17.62 56.61 -102.99
N ASP JA 52 17.40 55.81 -101.96
CA ASP JA 52 16.05 55.25 -101.64
C ASP JA 52 15.46 56.10 -100.52
N VAL JA 53 14.38 56.83 -100.80
CA VAL JA 53 13.72 57.65 -99.75
C VAL JA 53 12.36 57.01 -99.46
N LEU JA 54 11.98 56.98 -98.19
CA LEU JA 54 10.68 56.49 -97.71
C LEU JA 54 9.71 57.68 -97.78
N TRP JA 55 8.61 57.49 -98.49
CA TRP JA 55 7.50 58.47 -98.56
C TRP JA 55 6.41 58.00 -97.61
N ILE JA 56 6.20 58.76 -96.54
CA ILE JA 56 5.24 58.39 -95.45
C ILE JA 56 4.22 59.51 -95.35
N LYS JA 57 2.93 59.16 -95.36
CA LYS JA 57 1.80 60.09 -95.17
C LYS JA 57 1.47 60.15 -93.68
N GLY JA 58 1.32 61.37 -93.12
CA GLY JA 58 0.87 61.59 -91.73
C GLY JA 58 -0.61 61.29 -91.55
N ALA JA 59 -1.14 61.52 -90.33
CA ALA JA 59 -2.52 61.18 -89.94
C ALA JA 59 -3.52 62.10 -90.65
N GLN JA 60 -3.10 63.31 -91.04
CA GLN JA 60 -3.94 64.30 -91.78
C GLN JA 60 -3.45 64.42 -93.23
N GLY JA 61 -2.70 63.44 -93.74
CA GLY JA 61 -2.31 63.37 -95.17
C GLY JA 61 -1.04 64.15 -95.49
N GLY JA 62 -0.41 64.82 -94.53
CA GLY JA 62 0.87 65.54 -94.72
C GLY JA 62 1.94 64.60 -95.27
N ASP JA 63 2.74 65.06 -96.25
CA ASP JA 63 3.79 64.20 -96.88
C ASP JA 63 5.11 64.40 -96.13
N TYR JA 64 5.83 63.30 -95.87
CA TYR JA 64 7.20 63.32 -95.30
C TYR JA 64 8.11 62.38 -96.10
N PHE JA 65 9.30 62.87 -96.45
CA PHE JA 65 10.30 62.12 -97.24
C PHE JA 65 11.55 61.90 -96.39
N TYR JA 66 11.78 60.64 -96.02
CA TYR JA 66 12.82 60.20 -95.07
C TYR JA 66 13.94 59.54 -95.87
N SER JA 67 15.18 60.00 -95.69
CA SER JA 67 16.40 59.39 -96.28
C SER JA 67 17.28 58.87 -95.14
N PHE JA 68 17.44 57.54 -95.10
CA PHE JA 68 18.21 56.82 -94.06
C PHE JA 68 19.51 56.30 -94.66
N GLY JA 69 19.58 56.22 -95.98
CA GLY JA 69 20.68 55.62 -96.74
C GLY JA 69 21.33 56.66 -97.62
N GLY JA 70 22.22 56.21 -98.52
CA GLY JA 70 23.02 57.06 -99.41
C GLY JA 70 23.70 58.17 -98.67
N CYS JA 71 24.31 57.86 -97.52
CA CYS JA 71 24.92 58.84 -96.57
C CYS JA 71 26.02 59.59 -97.35
N HIS JA 72 26.88 58.85 -98.06
CA HIS JA 72 28.01 59.40 -98.85
C HIS JA 72 27.47 60.13 -100.08
N ARG JA 73 26.60 59.49 -100.88
CA ARG JA 73 25.95 60.11 -102.06
C ARG JA 73 25.32 61.45 -101.65
N TYR JA 74 24.51 61.50 -100.60
CA TYR JA 74 23.85 62.74 -100.17
C TYR JA 74 24.91 63.82 -99.90
N ALA JA 75 25.97 63.45 -99.17
CA ALA JA 75 27.06 64.37 -98.74
C ALA JA 75 27.73 64.99 -99.97
N ALA JA 76 27.94 64.16 -101.01
CA ALA JA 76 28.56 64.55 -102.30
C ALA JA 76 27.70 65.63 -102.99
N TYR JA 77 26.42 65.37 -103.23
CA TYR JA 77 25.48 66.35 -103.84
C TYR JA 77 25.38 67.60 -102.96
N GLN JA 78 25.56 67.47 -101.64
CA GLN JA 78 25.53 68.64 -100.72
C GLN JA 78 26.76 69.53 -100.94
N GLN JA 79 27.95 68.92 -101.08
CA GLN JA 79 29.23 69.60 -101.37
C GLN JA 79 29.10 70.38 -102.68
N LEU JA 80 28.60 69.75 -103.75
CA LEU JA 80 28.35 70.35 -105.09
C LEU JA 80 27.16 71.32 -105.04
N GLN JA 81 26.73 71.76 -103.85
CA GLN JA 81 25.55 72.63 -103.60
C GLN JA 81 24.46 72.47 -104.67
N ARG JA 82 24.16 71.22 -105.08
CA ARG JA 82 23.07 70.87 -106.03
C ARG JA 82 21.72 71.15 -105.33
N GLU JA 83 20.68 71.44 -106.12
CA GLU JA 83 19.33 71.78 -105.61
C GLU JA 83 18.58 70.47 -105.33
N THR JA 84 18.81 69.46 -106.19
CA THR JA 84 18.13 68.14 -106.15
C THR JA 84 19.13 66.99 -106.28
N ILE JA 85 18.67 65.81 -105.86
CA ILE JA 85 19.36 64.49 -105.97
C ILE JA 85 18.40 63.51 -106.62
N PRO JA 86 18.87 62.69 -107.58
CA PRO JA 86 18.09 61.55 -108.06
C PRO JA 86 17.75 60.61 -106.90
N ALA JA 87 16.47 60.23 -106.79
CA ALA JA 87 15.95 59.34 -105.73
C ALA JA 87 14.75 58.53 -106.21
N LYS JA 88 14.67 57.27 -105.78
CA LYS JA 88 13.47 56.41 -105.99
C LYS JA 88 12.67 56.47 -104.69
N LEU JA 89 11.37 56.78 -104.80
CA LEU JA 89 10.45 56.88 -103.64
C LEU JA 89 9.85 55.49 -103.38
N VAL JA 90 9.79 55.09 -102.11
CA VAL JA 90 9.13 53.86 -101.63
C VAL JA 90 8.07 54.29 -100.62
N GLN JA 91 6.80 54.11 -100.99
CA GLN JA 91 5.68 54.45 -100.08
C GLN JA 91 5.78 53.49 -98.90
N SER JA 92 5.59 53.99 -97.68
CA SER JA 92 5.76 53.18 -96.45
C SER JA 92 4.80 53.66 -95.38
N THR JA 93 4.78 52.96 -94.26
CA THR JA 93 3.80 53.17 -93.16
C THR JA 93 4.50 53.86 -92.00
N LEU JA 94 3.74 54.40 -91.06
CA LEU JA 94 4.29 54.99 -89.82
C LEU JA 94 4.96 53.87 -89.00
N SER JA 95 4.52 52.63 -89.16
CA SER JA 95 5.02 51.45 -88.41
C SER JA 95 6.39 51.02 -88.94
N ASP JA 96 6.64 51.17 -90.24
CA ASP JA 96 7.99 51.01 -90.85
C ASP JA 96 8.93 52.02 -90.20
N LEU JA 97 8.51 53.27 -90.05
CA LEU JA 97 9.37 54.39 -89.58
C LEU JA 97 9.83 54.11 -88.14
N ARG JA 98 9.01 53.39 -87.36
CA ARG JA 98 9.26 53.13 -85.91
C ARG JA 98 10.50 52.24 -85.75
N VAL JA 99 10.77 51.38 -86.74
CA VAL JA 99 11.96 50.47 -86.78
C VAL JA 99 13.24 51.30 -86.84
N TYR JA 100 13.20 52.48 -87.46
CA TYR JA 100 14.40 53.31 -87.72
C TYR JA 100 14.62 54.27 -86.54
N LEU JA 101 13.53 54.78 -85.94
CA LEU JA 101 13.58 55.96 -85.03
C LEU JA 101 13.25 55.59 -83.57
N GLY JA 102 12.60 54.44 -83.34
CA GLY JA 102 12.22 54.04 -81.98
C GLY JA 102 11.43 55.13 -81.29
N ALA JA 103 11.91 55.58 -80.13
CA ALA JA 103 11.20 56.56 -79.29
C ALA JA 103 11.41 57.98 -79.82
N SER JA 104 12.18 58.15 -80.89
CA SER JA 104 12.33 59.42 -81.64
C SER JA 104 11.23 59.54 -82.72
N THR JA 105 10.52 58.44 -83.02
CA THR JA 105 9.42 58.43 -84.03
C THR JA 105 8.42 59.53 -83.67
N PRO JA 106 8.17 60.51 -84.54
CA PRO JA 106 7.20 61.57 -84.25
C PRO JA 106 5.78 61.12 -84.63
N ASP JA 107 4.79 61.85 -84.11
CA ASP JA 107 3.35 61.63 -84.38
C ASP JA 107 3.00 62.43 -85.63
N LEU JA 108 3.28 61.87 -86.80
CA LEU JA 108 3.22 62.62 -88.09
C LEU JA 108 1.78 63.01 -88.42
N GLN JA 109 1.57 64.30 -88.75
CA GLN JA 109 0.27 64.86 -89.20
C GLN JA 109 0.32 65.13 -90.71
N MET KA 3 -30.26 -10.82 -100.87
CA MET KA 3 -29.01 -11.56 -100.45
C MET KA 3 -28.20 -10.73 -99.42
N SER KA 4 -28.32 -11.11 -98.15
CA SER KA 4 -27.67 -10.66 -96.88
C SER KA 4 -26.71 -9.47 -97.02
N ILE KA 5 -26.79 -8.50 -96.07
CA ILE KA 5 -25.84 -7.36 -95.94
C ILE KA 5 -24.80 -7.65 -94.85
N HIS KA 6 -24.53 -8.92 -94.54
CA HIS KA 6 -23.35 -9.35 -93.71
C HIS KA 6 -22.37 -10.18 -94.56
N SER KA 7 -22.84 -10.78 -95.66
CA SER KA 7 -22.06 -11.76 -96.47
C SER KA 7 -22.37 -11.65 -97.97
N GLY KA 8 -22.76 -10.47 -98.48
CA GLY KA 8 -23.02 -10.26 -99.91
C GLY KA 8 -21.79 -10.51 -100.79
N ARG KA 9 -20.65 -9.90 -100.46
CA ARG KA 9 -19.39 -10.07 -101.27
C ARG KA 9 -18.56 -11.21 -100.67
N ILE KA 10 -19.21 -12.33 -100.31
CA ILE KA 10 -18.59 -13.65 -99.90
C ILE KA 10 -19.23 -14.77 -100.73
N ALA KA 11 -18.44 -15.37 -101.64
CA ALA KA 11 -18.87 -16.46 -102.54
C ALA KA 11 -19.37 -17.64 -101.70
N ALA KA 12 -18.52 -18.17 -100.82
CA ALA KA 12 -18.58 -19.58 -100.32
C ALA KA 12 -19.71 -19.75 -99.30
N VAL KA 13 -20.66 -20.63 -99.64
CA VAL KA 13 -21.70 -21.15 -98.70
C VAL KA 13 -21.24 -22.54 -98.24
N HIS KA 14 -21.24 -22.78 -96.92
CA HIS KA 14 -20.85 -24.08 -96.33
C HIS KA 14 -22.04 -24.77 -95.67
N ASN KA 15 -21.92 -26.08 -95.53
CA ASN KA 15 -22.87 -26.94 -94.78
C ASN KA 15 -22.29 -27.12 -93.39
N VAL KA 16 -22.70 -26.24 -92.47
CA VAL KA 16 -22.14 -26.19 -91.09
C VAL KA 16 -23.00 -27.10 -90.24
N PRO KA 17 -22.40 -28.11 -89.58
CA PRO KA 17 -23.13 -28.94 -88.63
C PRO KA 17 -23.72 -28.10 -87.48
N LEU KA 18 -25.03 -28.21 -87.27
CA LEU KA 18 -25.78 -27.49 -86.21
C LEU KA 18 -25.05 -27.60 -84.87
N SER KA 19 -24.36 -28.73 -84.65
CA SER KA 19 -23.72 -29.08 -83.36
C SER KA 19 -22.41 -28.31 -83.12
N VAL KA 20 -21.88 -27.54 -84.07
CA VAL KA 20 -20.61 -26.77 -83.86
C VAL KA 20 -20.90 -25.27 -83.79
N LEU KA 21 -22.08 -24.84 -84.22
CA LEU KA 21 -22.55 -23.44 -84.04
C LEU KA 21 -22.75 -23.19 -82.55
N ILE KA 22 -22.11 -22.14 -82.02
CA ILE KA 22 -22.32 -21.59 -80.66
C ILE KA 22 -23.40 -20.52 -80.77
N ARG KA 23 -24.55 -20.72 -80.14
CA ARG KA 23 -25.64 -19.70 -80.06
C ARG KA 23 -25.80 -19.32 -78.60
N PRO KA 24 -25.08 -18.28 -78.12
CA PRO KA 24 -25.04 -17.95 -76.70
C PRO KA 24 -26.13 -16.95 -76.26
N LEU KA 25 -26.88 -16.40 -77.21
CA LEU KA 25 -27.99 -15.45 -76.92
C LEU KA 25 -29.29 -16.22 -77.02
N PRO KA 26 -30.16 -16.18 -75.98
CA PRO KA 26 -31.42 -16.91 -76.03
C PRO KA 26 -32.31 -16.34 -77.15
N SER KA 27 -33.11 -17.19 -77.77
CA SER KA 27 -34.04 -16.87 -78.89
C SER KA 27 -35.48 -16.74 -78.39
N VAL KA 28 -36.18 -15.68 -78.77
CA VAL KA 28 -37.66 -15.50 -78.60
C VAL KA 28 -38.29 -15.81 -79.96
N LEU KA 29 -38.72 -17.06 -80.16
CA LEU KA 29 -39.19 -17.58 -81.47
C LEU KA 29 -40.72 -17.55 -81.53
N ASP KA 30 -41.29 -16.97 -82.60
CA ASP KA 30 -42.74 -16.97 -82.91
C ASP KA 30 -43.07 -18.27 -83.67
N PRO KA 31 -43.57 -19.34 -82.99
CA PRO KA 31 -43.61 -20.68 -83.60
C PRO KA 31 -44.38 -20.75 -84.93
N ALA KA 32 -45.18 -19.73 -85.24
CA ALA KA 32 -45.83 -19.53 -86.57
C ALA KA 32 -44.77 -19.39 -87.66
N LYS KA 33 -43.78 -18.50 -87.44
CA LYS KA 33 -42.67 -18.20 -88.40
C LYS KA 33 -41.76 -19.43 -88.52
N VAL KA 34 -41.54 -20.17 -87.42
CA VAL KA 34 -40.72 -21.43 -87.42
C VAL KA 34 -41.41 -22.45 -88.32
N GLN KA 35 -42.65 -22.81 -88.01
CA GLN KA 35 -43.50 -23.80 -88.75
C GLN KA 35 -43.53 -23.40 -90.23
N SER KA 36 -43.71 -22.11 -90.53
CA SER KA 36 -43.75 -21.53 -91.89
C SER KA 36 -42.45 -21.84 -92.65
N LEU KA 37 -41.29 -21.59 -92.04
CA LEU KA 37 -39.95 -21.82 -92.64
C LEU KA 37 -39.70 -23.33 -92.80
N VAL KA 38 -40.12 -24.14 -91.82
CA VAL KA 38 -39.96 -25.63 -91.84
C VAL KA 38 -40.53 -26.15 -93.17
N ASP KA 39 -41.66 -25.60 -93.61
CA ASP KA 39 -42.36 -26.01 -94.85
C ASP KA 39 -41.57 -25.53 -96.06
N THR KA 40 -41.13 -24.26 -96.05
CA THR KA 40 -40.34 -23.64 -97.16
C THR KA 40 -39.01 -24.40 -97.33
N ILE KA 41 -38.49 -25.06 -96.29
CA ILE KA 41 -37.20 -25.81 -96.34
C ILE KA 41 -37.42 -27.15 -97.05
N ARG KA 42 -38.51 -27.87 -96.73
CA ARG KA 42 -38.91 -29.15 -97.36
C ARG KA 42 -39.32 -28.90 -98.81
N GLU KA 43 -40.15 -27.88 -99.06
CA GLU KA 43 -40.72 -27.55 -100.40
C GLU KA 43 -39.65 -26.92 -101.29
N ASP KA 44 -38.93 -25.89 -100.81
CA ASP KA 44 -38.02 -25.07 -101.65
C ASP KA 44 -36.78 -24.65 -100.87
N PRO KA 45 -35.80 -25.55 -100.61
CA PRO KA 45 -34.55 -25.19 -99.92
C PRO KA 45 -33.91 -23.87 -100.39
N ASP KA 46 -33.88 -23.59 -101.69
CA ASP KA 46 -33.14 -22.43 -102.26
C ASP KA 46 -33.87 -21.11 -102.00
N SER KA 47 -35.09 -21.15 -101.44
CA SER KA 47 -35.83 -19.95 -100.94
C SER KA 47 -35.05 -19.33 -99.76
N VAL KA 48 -34.60 -20.18 -98.81
CA VAL KA 48 -34.10 -19.78 -97.45
C VAL KA 48 -32.63 -19.40 -97.57
N PRO KA 49 -32.25 -18.10 -97.37
CA PRO KA 49 -30.84 -17.74 -97.37
C PRO KA 49 -30.04 -18.58 -96.39
N PRO KA 50 -28.70 -18.67 -96.58
CA PRO KA 50 -27.84 -19.25 -95.56
C PRO KA 50 -27.71 -18.25 -94.40
N ILE KA 51 -27.47 -18.76 -93.18
CA ILE KA 51 -27.25 -17.91 -91.97
C ILE KA 51 -25.84 -17.32 -92.02
N ASP KA 52 -25.62 -16.23 -91.28
CA ASP KA 52 -24.26 -15.61 -91.18
C ASP KA 52 -23.66 -16.08 -89.87
N VAL KA 53 -22.56 -16.82 -89.92
CA VAL KA 53 -21.85 -17.23 -88.68
C VAL KA 53 -20.52 -16.49 -88.65
N LEU KA 54 -20.12 -16.04 -87.47
CA LEU KA 54 -18.81 -15.40 -87.22
C LEU KA 54 -17.81 -16.52 -86.92
N TRP KA 55 -16.73 -16.56 -87.69
CA TRP KA 55 -15.61 -17.49 -87.49
C TRP KA 55 -14.51 -16.73 -86.77
N ILE KA 56 -14.24 -17.10 -85.53
CA ILE KA 56 -13.28 -16.39 -84.64
C ILE KA 56 -12.21 -17.40 -84.21
N LYS KA 57 -10.94 -17.01 -84.37
CA LYS KA 57 -9.77 -17.82 -83.95
C LYS KA 57 -9.41 -17.42 -82.52
N GLY KA 58 -9.19 -18.40 -81.64
CA GLY KA 58 -8.71 -18.17 -80.26
C GLY KA 58 -7.23 -17.79 -80.23
N ALA KA 59 -6.67 -17.60 -79.04
CA ALA KA 59 -5.29 -17.10 -78.82
C ALA KA 59 -4.27 -18.17 -79.26
N GLN KA 60 -4.64 -19.45 -79.21
CA GLN KA 60 -3.81 -20.60 -79.62
C GLN KA 60 -4.34 -21.21 -80.94
N GLY KA 61 -5.13 -20.46 -81.71
CA GLY KA 61 -5.55 -20.86 -83.07
C GLY KA 61 -6.80 -21.73 -83.11
N GLY KA 62 -7.40 -22.07 -81.96
CA GLY KA 62 -8.65 -22.83 -81.88
C GLY KA 62 -9.77 -22.15 -82.67
N ASP KA 63 -10.57 -22.91 -83.42
CA ASP KA 63 -11.67 -22.32 -84.24
C ASP KA 63 -12.97 -22.31 -83.42
N TYR KA 64 -13.71 -21.20 -83.48
CA TYR KA 64 -15.07 -21.06 -82.89
C TYR KA 64 -16.02 -20.44 -83.90
N PHE KA 65 -17.21 -21.03 -84.04
CA PHE KA 65 -18.25 -20.58 -84.99
C PHE KA 65 -19.47 -20.11 -84.20
N TYR KA 66 -19.73 -18.80 -84.24
CA TYR KA 66 -20.77 -18.11 -83.44
C TYR KA 66 -21.93 -17.76 -84.37
N SER KA 67 -23.15 -18.18 -84.02
CA SER KA 67 -24.41 -17.79 -84.71
C SER KA 67 -25.24 -16.93 -83.76
N PHE KA 68 -25.43 -15.66 -84.13
CA PHE KA 68 -26.20 -14.65 -83.36
C PHE KA 68 -27.51 -14.37 -84.10
N GLY KA 69 -27.58 -14.71 -85.38
CA GLY KA 69 -28.70 -14.39 -86.28
C GLY KA 69 -29.37 -15.66 -86.76
N GLY KA 70 -30.26 -15.53 -87.75
CA GLY KA 70 -31.10 -16.59 -88.31
C GLY KA 70 -31.76 -17.42 -87.23
N CYS KA 71 -32.33 -16.75 -86.23
CA CYS KA 71 -32.92 -17.37 -85.01
C CYS KA 71 -34.00 -18.36 -85.45
N HIS KA 72 -34.89 -17.91 -86.34
CA HIS KA 72 -36.04 -18.70 -86.87
C HIS KA 72 -35.51 -19.80 -87.80
N ARG KA 73 -34.68 -19.45 -88.78
CA ARG KA 73 -34.04 -20.42 -89.70
C ARG KA 73 -33.36 -21.54 -88.91
N TYR KA 74 -32.53 -21.23 -87.92
CA TYR KA 74 -31.82 -22.26 -87.12
C TYR KA 74 -32.86 -23.18 -86.48
N ALA KA 75 -33.90 -22.61 -85.88
CA ALA KA 75 -34.96 -23.35 -85.14
C ALA KA 75 -35.65 -24.35 -86.08
N ALA KA 76 -35.91 -23.91 -87.32
CA ALA KA 76 -36.55 -24.72 -88.39
C ALA KA 76 -35.70 -25.95 -88.71
N TYR KA 77 -34.42 -25.77 -89.06
CA TYR KA 77 -33.48 -26.89 -89.36
C TYR KA 77 -33.34 -27.77 -88.12
N GLN KA 78 -33.48 -27.23 -86.90
CA GLN KA 78 -33.39 -28.03 -85.65
C GLN KA 78 -34.61 -28.95 -85.53
N GLN KA 79 -35.81 -28.43 -85.82
CA GLN KA 79 -37.09 -29.19 -85.82
C GLN KA 79 -36.99 -30.36 -86.82
N LEU KA 80 -36.52 -30.10 -88.04
CA LEU KA 80 -36.30 -31.11 -89.11
C LEU KA 80 -35.10 -32.01 -88.79
N GLN KA 81 -34.62 -32.01 -87.54
CA GLN KA 81 -33.43 -32.77 -87.04
C GLN KA 81 -32.37 -32.93 -88.14
N ARG KA 82 -32.10 -31.89 -88.95
CA ARG KA 82 -31.03 -31.87 -89.98
C ARG KA 82 -29.65 -31.88 -89.29
N GLU KA 83 -28.63 -32.42 -89.96
CA GLU KA 83 -27.25 -32.54 -89.43
C GLU KA 83 -26.54 -31.19 -89.64
N THR KA 84 -26.82 -30.52 -90.76
CA THR KA 84 -26.17 -29.26 -91.18
C THR KA 84 -27.19 -28.21 -91.65
N ILE KA 85 -26.74 -26.96 -91.65
CA ILE KA 85 -27.46 -25.77 -92.16
C ILE KA 85 -26.55 -25.03 -93.13
N PRO KA 86 -27.07 -24.59 -94.30
CA PRO KA 86 -26.35 -23.65 -95.15
C PRO KA 86 -25.99 -22.36 -94.38
N ALA KA 87 -24.72 -21.95 -94.45
CA ALA KA 87 -24.17 -20.76 -93.76
C ALA KA 87 -23.02 -20.13 -94.55
N LYS KA 88 -22.94 -18.80 -94.53
CA LYS KA 88 -21.76 -18.04 -95.00
C LYS KA 88 -20.92 -17.72 -93.77
N LEU KA 89 -19.63 -18.05 -93.81
CA LEU KA 89 -18.67 -17.75 -92.70
C LEU KA 89 -18.06 -16.36 -92.91
N VAL KA 90 -18.00 -15.57 -91.85
CA VAL KA 90 -17.38 -14.21 -91.85
C VAL KA 90 -16.30 -14.23 -90.76
N GLN KA 91 -15.03 -14.15 -91.18
CA GLN KA 91 -13.91 -14.13 -90.24
C GLN KA 91 -14.01 -12.84 -89.42
N SER KA 92 -13.81 -12.93 -88.12
CA SER KA 92 -13.94 -11.77 -87.21
C SER KA 92 -12.96 -11.89 -86.05
N THR KA 93 -12.92 -10.87 -85.20
CA THR KA 93 -11.91 -10.72 -84.14
C THR KA 93 -12.56 -11.03 -82.78
N LEU KA 94 -11.75 -11.25 -81.76
CA LEU KA 94 -12.24 -11.43 -80.37
C LEU KA 94 -12.87 -10.12 -79.91
N SER KA 95 -12.48 -8.98 -80.48
CA SER KA 95 -12.98 -7.62 -80.10
C SER KA 95 -14.38 -7.40 -80.67
N ASP KA 96 -14.67 -7.95 -81.85
CA ASP KA 96 -16.05 -7.98 -82.42
C ASP KA 96 -16.93 -8.76 -81.44
N LEU KA 97 -16.48 -9.90 -80.94
CA LEU KA 97 -17.30 -10.82 -80.10
C LEU KA 97 -17.71 -10.12 -78.79
N ARG KA 98 -16.88 -9.20 -78.30
CA ARG KA 98 -17.09 -8.51 -77.00
C ARG KA 98 -18.34 -7.62 -77.07
N VAL KA 99 -18.66 -7.11 -78.26
CA VAL KA 99 -19.86 -6.26 -78.53
C VAL KA 99 -21.13 -7.08 -78.30
N TYR KA 100 -21.08 -8.38 -78.54
CA TYR KA 100 -22.26 -9.27 -78.48
C TYR KA 100 -22.43 -9.82 -77.07
N LEU KA 101 -21.33 -10.13 -76.37
CA LEU KA 101 -21.32 -10.97 -75.13
C LEU KA 101 -20.96 -10.17 -73.88
N GLY KA 102 -20.33 -9.00 -74.03
CA GLY KA 102 -19.93 -8.18 -72.88
C GLY KA 102 -19.10 -8.99 -71.91
N ALA KA 103 -19.54 -9.06 -70.65
CA ALA KA 103 -18.77 -9.72 -69.57
C ALA KA 103 -18.95 -11.23 -69.62
N SER KA 104 -19.76 -11.74 -70.56
CA SER KA 104 -19.87 -13.19 -70.86
C SER KA 104 -18.82 -13.62 -71.89
N THR KA 105 -18.14 -12.67 -72.54
CA THR KA 105 -17.09 -12.96 -73.56
C THR KA 105 -16.04 -13.87 -72.93
N PRO KA 106 -15.80 -15.08 -73.48
CA PRO KA 106 -14.79 -15.96 -72.93
C PRO KA 106 -13.40 -15.63 -73.48
N ASP KA 107 -12.37 -16.15 -72.80
CA ASP KA 107 -10.95 -15.97 -73.19
C ASP KA 107 -10.62 -17.14 -74.12
N LEU KA 108 -10.95 -17.00 -75.40
CA LEU KA 108 -10.91 -18.11 -76.38
C LEU KA 108 -9.46 -18.54 -76.63
N GLN KA 109 -9.21 -19.85 -76.55
CA GLN KA 109 -7.90 -20.48 -76.86
C GLN KA 109 -8.00 -21.19 -78.21
N ALA LA 11 -53.73 4.30 -27.76
CA ALA LA 11 -54.96 3.81 -27.07
C ALA LA 11 -56.11 3.68 -28.08
N ALA LA 12 -56.46 4.77 -28.76
CA ALA LA 12 -57.76 4.98 -29.45
C ALA LA 12 -57.83 4.16 -30.74
N VAL LA 13 -58.79 3.23 -30.81
CA VAL LA 13 -59.20 2.51 -32.05
C VAL LA 13 -60.46 3.18 -32.62
N HIS LA 14 -60.45 3.52 -33.90
CA HIS LA 14 -61.60 4.17 -34.59
C HIS LA 14 -62.20 3.24 -35.64
N ASN LA 15 -63.46 3.51 -35.97
CA ASN LA 15 -64.21 2.82 -37.05
C ASN LA 15 -64.12 3.72 -38.27
N VAL LA 16 -63.10 3.47 -39.10
CA VAL LA 16 -62.80 4.32 -40.28
C VAL LA 16 -63.56 3.77 -41.46
N PRO LA 17 -64.41 4.59 -42.10
CA PRO LA 17 -65.10 4.16 -43.32
C PRO LA 17 -64.09 3.81 -44.43
N LEU LA 18 -64.19 2.59 -44.97
CA LEU LA 18 -63.35 2.09 -46.10
C LEU LA 18 -63.28 3.13 -47.21
N SER LA 19 -64.34 3.92 -47.39
CA SER LA 19 -64.48 4.88 -48.52
C SER LA 19 -63.65 6.16 -48.30
N VAL LA 20 -63.02 6.38 -47.15
CA VAL LA 20 -62.16 7.60 -46.94
C VAL LA 20 -60.67 7.24 -46.91
N LEU LA 21 -60.36 5.96 -46.73
CA LEU LA 21 -58.98 5.44 -46.82
C LEU LA 21 -58.50 5.60 -48.26
N ILE LA 22 -57.35 6.27 -48.44
CA ILE LA 22 -56.58 6.34 -49.71
C ILE LA 22 -55.58 5.18 -49.68
N ARG LA 23 -55.70 4.23 -50.61
CA ARG LA 23 -54.74 3.11 -50.77
C ARG LA 23 -54.07 3.26 -52.14
N PRO LA 24 -52.95 3.99 -52.23
CA PRO LA 24 -52.35 4.33 -53.52
C PRO LA 24 -51.32 3.30 -54.04
N LEU LA 25 -50.99 2.30 -53.21
CA LEU LA 25 -50.02 1.24 -53.62
C LEU LA 25 -50.82 0.01 -54.01
N PRO LA 26 -50.59 -0.57 -55.21
CA PRO LA 26 -51.37 -1.72 -55.65
C PRO LA 26 -51.10 -2.92 -54.73
N SER LA 27 -52.11 -3.75 -54.48
CA SER LA 27 -52.04 -4.93 -53.57
C SER LA 27 -51.90 -6.22 -54.38
N VAL LA 28 -50.90 -7.05 -54.06
CA VAL LA 28 -50.76 -8.44 -54.56
C VAL LA 28 -51.26 -9.38 -53.45
N LEU LA 29 -52.55 -9.75 -53.51
CA LEU LA 29 -53.26 -10.48 -52.43
C LEU LA 29 -53.29 -11.98 -52.74
N ASP LA 30 -52.91 -12.82 -51.78
CA ASP LA 30 -53.02 -14.30 -51.85
C ASP LA 30 -54.42 -14.71 -51.40
N PRO LA 31 -55.41 -14.95 -52.32
CA PRO LA 31 -56.83 -15.05 -51.94
C PRO LA 31 -57.11 -16.11 -50.87
N ALA LA 32 -56.18 -17.03 -50.61
CA ALA LA 32 -56.20 -17.98 -49.48
C ALA LA 32 -56.20 -17.22 -48.15
N LYS LA 33 -55.25 -16.27 -47.99
CA LYS LA 33 -55.09 -15.46 -46.74
C LYS LA 33 -56.29 -14.52 -46.58
N VAL LA 34 -56.84 -14.00 -47.69
CA VAL LA 34 -58.05 -13.12 -47.68
C VAL LA 34 -59.22 -13.93 -47.12
N GLN LA 35 -59.57 -15.04 -47.79
CA GLN LA 35 -60.68 -15.97 -47.44
C GLN LA 35 -60.53 -16.38 -45.96
N SER LA 36 -59.31 -16.72 -45.54
CA SER LA 36 -58.96 -17.12 -44.15
C SER LA 36 -59.36 -16.02 -43.15
N LEU LA 37 -58.96 -14.77 -43.42
CA LEU LA 37 -59.26 -13.59 -42.55
C LEU LA 37 -60.77 -13.28 -42.56
N VAL LA 38 -61.41 -13.40 -43.73
CA VAL LA 38 -62.88 -13.13 -43.89
C VAL LA 38 -63.64 -13.96 -42.84
N ASP LA 39 -63.20 -15.21 -42.62
CA ASP LA 39 -63.84 -16.15 -41.67
C ASP LA 39 -63.54 -15.70 -40.23
N THR LA 40 -62.28 -15.37 -39.94
CA THR LA 40 -61.83 -14.92 -38.59
C THR LA 40 -62.56 -13.63 -38.20
N ILE LA 41 -63.00 -12.82 -39.17
CA ILE LA 41 -63.72 -11.53 -38.93
C ILE LA 41 -65.16 -11.81 -38.51
N ARG LA 42 -65.85 -12.72 -39.21
CA ARG LA 42 -67.24 -13.17 -38.91
C ARG LA 42 -67.26 -13.94 -37.59
N GLU LA 43 -66.33 -14.88 -37.41
CA GLU LA 43 -66.25 -15.79 -36.22
C GLU LA 43 -65.75 -15.01 -34.99
N ASP LA 44 -64.64 -14.28 -35.10
CA ASP LA 44 -63.95 -13.66 -33.93
C ASP LA 44 -63.36 -12.31 -34.30
N PRO LA 45 -64.17 -11.23 -34.44
CA PRO LA 45 -63.67 -9.89 -34.72
C PRO LA 45 -62.43 -9.47 -33.90
N ASP LA 46 -62.37 -9.78 -32.60
CA ASP LA 46 -61.29 -9.28 -31.70
C ASP LA 46 -59.98 -10.02 -31.94
N SER LA 47 -59.96 -11.06 -32.78
CA SER LA 47 -58.72 -11.73 -33.25
C SER LA 47 -57.90 -10.75 -34.10
N VAL LA 48 -58.55 -10.04 -35.04
CA VAL LA 48 -57.94 -9.27 -36.17
C VAL LA 48 -57.52 -7.89 -35.65
N PRO LA 49 -56.21 -7.59 -35.58
CA PRO LA 49 -55.79 -6.24 -35.15
C PRO LA 49 -56.42 -5.17 -36.03
N PRO LA 50 -56.52 -3.92 -35.52
CA PRO LA 50 -56.92 -2.80 -36.35
C PRO LA 50 -55.75 -2.43 -37.28
N ILE LA 51 -56.04 -1.88 -38.45
CA ILE LA 51 -54.99 -1.45 -39.43
C ILE LA 51 -54.39 -0.12 -38.93
N ASP LA 52 -53.21 0.22 -39.43
CA ASP LA 52 -52.54 1.51 -39.10
C ASP LA 52 -52.79 2.45 -40.28
N VAL LA 53 -53.53 3.54 -40.08
CA VAL LA 53 -53.71 4.54 -41.16
C VAL LA 53 -52.94 5.80 -40.74
N LEU LA 54 -52.28 6.43 -41.70
CA LEU LA 54 -51.56 7.69 -41.52
C LEU LA 54 -52.56 8.81 -41.75
N TRP LA 55 -52.71 9.69 -40.77
CA TRP LA 55 -53.55 10.90 -40.84
C TRP LA 55 -52.63 12.07 -41.14
N ILE LA 56 -52.74 12.64 -42.33
CA ILE LA 56 -51.83 13.67 -42.86
C ILE LA 56 -52.65 14.91 -43.18
N LYS LA 57 -52.20 16.06 -42.66
CA LYS LA 57 -52.81 17.39 -42.91
C LYS LA 57 -52.12 17.99 -44.13
N GLY LA 58 -52.90 18.52 -45.10
CA GLY LA 58 -52.38 19.26 -46.26
C GLY LA 58 -51.85 20.65 -45.86
N ALA LA 59 -51.45 21.45 -46.85
CA ALA LA 59 -50.83 22.79 -46.65
C ALA LA 59 -51.86 23.78 -46.10
N GLN LA 60 -53.15 23.57 -46.40
CA GLN LA 60 -54.29 24.40 -45.92
C GLN LA 60 -55.10 23.66 -44.84
N GLY LA 61 -54.54 22.61 -44.24
CA GLY LA 61 -55.17 21.89 -43.11
C GLY LA 61 -56.19 20.82 -43.53
N GLY LA 62 -56.40 20.61 -44.83
CA GLY LA 62 -57.24 19.50 -45.35
C GLY LA 62 -56.80 18.14 -44.81
N ASP LA 63 -57.75 17.29 -44.42
CA ASP LA 63 -57.43 15.96 -43.81
C ASP LA 63 -57.36 14.89 -44.91
N TYR LA 64 -56.34 14.02 -44.84
CA TYR LA 64 -56.18 12.84 -45.72
C TYR LA 64 -55.81 11.61 -44.88
N PHE LA 65 -56.45 10.47 -45.15
CA PHE LA 65 -56.23 9.20 -44.41
C PHE LA 65 -55.67 8.16 -45.38
N TYR LA 66 -54.40 7.79 -45.17
CA TYR LA 66 -53.61 6.92 -46.07
C TYR LA 66 -53.48 5.55 -45.41
N SER LA 67 -53.85 4.49 -46.13
CA SER LA 67 -53.64 3.07 -45.71
C SER LA 67 -52.64 2.43 -46.67
N PHE LA 68 -51.48 2.06 -46.16
CA PHE LA 68 -50.38 1.42 -46.93
C PHE LA 68 -50.26 -0.05 -46.52
N GLY LA 69 -50.79 -0.39 -45.33
CA GLY LA 69 -50.62 -1.70 -44.70
C GLY LA 69 -51.96 -2.37 -44.55
N GLY LA 70 -51.98 -3.50 -43.83
CA GLY LA 70 -53.17 -4.39 -43.68
C GLY LA 70 -53.79 -4.69 -45.03
N CYS LA 71 -53.00 -5.01 -46.04
CA CYS LA 71 -53.44 -5.24 -47.44
C CYS LA 71 -54.51 -6.35 -47.44
N HIS LA 72 -54.23 -7.46 -46.75
CA HIS LA 72 -55.13 -8.64 -46.63
C HIS LA 72 -56.34 -8.28 -45.76
N ARG LA 73 -56.13 -7.78 -44.51
CA ARG LA 73 -57.24 -7.32 -43.63
C ARG LA 73 -58.17 -6.36 -44.39
N TYR LA 74 -57.68 -5.33 -45.12
CA TYR LA 74 -58.54 -4.37 -45.87
C TYR LA 74 -59.37 -5.16 -46.89
N ALA LA 75 -58.75 -6.07 -47.62
CA ALA LA 75 -59.37 -6.87 -48.71
C ALA LA 75 -60.53 -7.68 -48.13
N ALA LA 76 -60.33 -8.26 -46.95
CA ALA LA 76 -61.31 -9.09 -46.19
C ALA LA 76 -62.56 -8.24 -45.87
N TYR LA 77 -62.40 -7.10 -45.20
CA TYR LA 77 -63.51 -6.18 -44.87
C TYR LA 77 -64.17 -5.67 -46.16
N GLN LA 78 -63.44 -5.58 -47.27
CA GLN LA 78 -64.00 -5.14 -48.58
C GLN LA 78 -64.92 -6.23 -49.14
N GLN LA 79 -64.50 -7.50 -49.07
CA GLN LA 79 -65.28 -8.68 -49.49
C GLN LA 79 -66.60 -8.74 -48.71
N LEU LA 80 -66.54 -8.59 -47.37
CA LEU LA 80 -67.71 -8.55 -46.46
C LEU LA 80 -68.50 -7.23 -46.62
N GLN LA 81 -68.27 -6.49 -47.70
CA GLN LA 81 -68.86 -5.14 -48.02
C GLN LA 81 -69.20 -4.36 -46.73
N ARG LA 82 -68.31 -4.38 -45.73
CA ARG LA 82 -68.43 -3.59 -44.47
C ARG LA 82 -68.26 -2.10 -44.79
N GLU LA 83 -68.89 -1.23 -43.99
CA GLU LA 83 -68.88 0.24 -44.19
C GLU LA 83 -67.59 0.79 -43.58
N THR LA 84 -67.15 0.21 -42.46
CA THR LA 84 -65.96 0.63 -41.69
C THR LA 84 -65.04 -0.54 -41.33
N ILE LA 85 -63.80 -0.20 -41.01
CA ILE LA 85 -62.75 -1.11 -40.51
C ILE LA 85 -62.17 -0.51 -39.23
N PRO LA 86 -61.95 -1.33 -38.18
CA PRO LA 86 -61.16 -0.91 -37.02
C PRO LA 86 -59.75 -0.48 -37.47
N ALA LA 87 -59.32 0.70 -37.01
CA ALA LA 87 -58.00 1.30 -37.35
C ALA LA 87 -57.48 2.16 -36.19
N LYS LA 88 -56.16 2.16 -36.00
CA LYS LA 88 -55.46 3.17 -35.16
C LYS LA 88 -54.95 4.26 -36.12
N LEU LA 89 -55.26 5.52 -35.81
CA LEU LA 89 -54.76 6.69 -36.58
C LEU LA 89 -53.41 7.12 -36.03
N VAL LA 90 -52.46 7.41 -36.92
CA VAL LA 90 -51.12 7.94 -36.57
C VAL LA 90 -50.97 9.24 -37.33
N GLN LA 91 -50.95 10.37 -36.62
CA GLN LA 91 -50.73 11.69 -37.23
C GLN LA 91 -49.31 11.69 -37.80
N SER LA 92 -49.13 12.21 -39.01
CA SER LA 92 -47.84 12.21 -39.71
C SER LA 92 -47.74 13.43 -40.61
N THR LA 93 -46.59 13.61 -41.24
CA THR LA 93 -46.21 14.83 -42.00
C THR LA 93 -46.27 14.52 -43.48
N LEU LA 94 -46.28 15.55 -44.33
CA LEU LA 94 -46.20 15.38 -45.80
C LEU LA 94 -44.82 14.77 -46.16
N SER LA 95 -43.82 14.95 -45.31
CA SER LA 95 -42.43 14.44 -45.53
C SER LA 95 -42.36 12.94 -45.25
N ASP LA 96 -43.13 12.44 -44.29
CA ASP LA 96 -43.32 10.98 -44.06
C ASP LA 96 -43.93 10.38 -45.33
N LEU LA 97 -44.94 11.02 -45.92
CA LEU LA 97 -45.71 10.48 -47.08
C LEU LA 97 -44.77 10.30 -48.28
N ARG LA 98 -43.74 11.14 -48.39
CA ARG LA 98 -42.82 11.17 -49.56
C ARG LA 98 -42.00 9.87 -49.60
N VAL LA 99 -41.76 9.25 -48.45
CA VAL LA 99 -41.04 7.95 -48.29
C VAL LA 99 -41.83 6.82 -48.98
N TYR LA 100 -43.15 6.93 -48.99
CA TYR LA 100 -44.05 5.86 -49.50
C TYR LA 100 -44.29 6.07 -51.00
N LEU LA 101 -44.41 7.33 -51.45
CA LEU LA 101 -44.98 7.67 -52.79
C LEU LA 101 -43.92 8.26 -53.75
N GLY LA 102 -42.80 8.75 -53.22
CA GLY LA 102 -41.74 9.37 -54.04
C GLY LA 102 -42.32 10.48 -54.91
N ALA LA 103 -42.16 10.38 -56.21
CA ALA LA 103 -42.55 11.44 -57.17
C ALA LA 103 -44.05 11.30 -57.49
N SER LA 104 -44.73 10.31 -56.91
CA SER LA 104 -46.21 10.19 -56.95
C SER LA 104 -46.85 10.99 -55.79
N THR LA 105 -46.05 11.44 -54.81
CA THR LA 105 -46.53 12.26 -53.67
C THR LA 105 -47.27 13.46 -54.22
N PRO LA 106 -48.58 13.66 -53.90
CA PRO LA 106 -49.32 14.81 -54.40
C PRO LA 106 -49.09 16.04 -53.51
N ASP LA 107 -49.46 17.21 -54.03
CA ASP LA 107 -49.29 18.51 -53.34
C ASP LA 107 -50.55 18.77 -52.51
N LEU LA 108 -50.63 18.13 -51.34
CA LEU LA 108 -51.88 18.06 -50.53
C LEU LA 108 -52.20 19.45 -49.99
N GLN LA 109 -53.46 19.86 -50.15
CA GLN LA 109 -54.02 21.11 -49.58
C GLN LA 109 -54.95 20.73 -48.42
N MET MA 3 26.00 38.39 -110.32
CA MET MA 3 27.20 37.76 -109.72
C MET MA 3 26.81 36.73 -108.62
N SER MA 4 25.56 36.23 -108.67
CA SER MA 4 24.82 35.44 -107.61
C SER MA 4 24.90 36.11 -106.22
N ILE MA 5 23.76 36.12 -105.47
CA ILE MA 5 23.67 36.58 -104.05
C ILE MA 5 23.65 35.37 -103.11
N HIS MA 6 24.21 34.22 -103.52
CA HIS MA 6 24.52 33.06 -102.64
C HIS MA 6 26.03 32.83 -102.55
N SER MA 7 26.81 33.31 -103.53
CA SER MA 7 28.27 33.04 -103.66
C SER MA 7 29.04 34.23 -104.24
N GLY MA 8 28.58 35.47 -104.01
CA GLY MA 8 29.27 36.70 -104.45
C GLY MA 8 30.66 36.85 -103.87
N ARG MA 9 30.81 36.70 -102.55
CA ARG MA 9 32.09 36.85 -101.81
C ARG MA 9 32.83 35.49 -101.77
N ILE MA 10 32.76 34.68 -102.86
CA ILE MA 10 33.52 33.41 -103.08
C ILE MA 10 34.17 33.47 -104.47
N ALA MA 11 35.50 33.57 -104.51
CA ALA MA 11 36.32 33.63 -105.75
C ALA MA 11 36.05 32.37 -106.60
N ALA MA 12 36.26 31.18 -106.03
CA ALA MA 12 36.54 29.92 -106.76
C ALA MA 12 35.27 29.37 -107.44
N VAL MA 13 35.33 29.25 -108.76
CA VAL MA 13 34.38 28.48 -109.61
C VAL MA 13 35.01 27.13 -109.93
N HIS MA 14 34.30 26.04 -109.73
CA HIS MA 14 34.78 24.66 -110.01
C HIS MA 14 33.97 24.04 -111.14
N ASN MA 15 34.56 23.03 -111.78
CA ASN MA 15 33.92 22.17 -112.80
C ASN MA 15 33.45 20.91 -112.09
N VAL MA 16 32.21 20.94 -111.62
CA VAL MA 16 31.63 19.85 -110.80
C VAL MA 16 30.98 18.85 -111.74
N PRO MA 17 31.41 17.58 -111.69
CA PRO MA 17 30.76 16.54 -112.48
C PRO MA 17 29.28 16.40 -112.12
N LEU MA 18 28.39 16.51 -113.12
CA LEU MA 18 26.92 16.37 -112.98
C LEU MA 18 26.59 15.11 -112.16
N SER MA 19 27.41 14.08 -112.25
CA SER MA 19 27.18 12.75 -111.63
C SER MA 19 27.44 12.75 -110.12
N VAL MA 20 27.98 13.82 -109.51
CA VAL MA 20 28.21 13.85 -108.03
C VAL MA 20 27.24 14.82 -107.35
N LEU MA 21 26.61 15.71 -108.11
CA LEU MA 21 25.54 16.60 -107.62
C LEU MA 21 24.34 15.74 -107.23
N ILE MA 22 23.87 15.88 -105.98
CA ILE MA 22 22.59 15.33 -105.46
C ILE MA 22 21.52 16.39 -105.71
N ARG MA 23 20.53 16.10 -106.56
CA ARG MA 23 19.36 17.00 -106.78
C ARG MA 23 18.11 16.28 -106.31
N PRO MA 24 17.72 16.42 -105.03
CA PRO MA 24 16.67 15.60 -104.44
C PRO MA 24 15.27 16.23 -104.56
N LEU MA 25 15.18 17.45 -105.06
CA LEU MA 25 13.88 18.15 -105.25
C LEU MA 25 13.50 18.03 -106.72
N PRO MA 26 12.26 17.57 -107.03
CA PRO MA 26 11.83 17.46 -108.42
C PRO MA 26 11.79 18.87 -109.05
N SER MA 27 12.11 18.96 -110.34
CA SER MA 27 12.17 20.22 -111.13
C SER MA 27 10.93 20.35 -112.02
N VAL MA 28 10.27 21.52 -112.00
CA VAL MA 28 9.19 21.88 -112.95
C VAL MA 28 9.79 22.82 -114.00
N LEU MA 29 10.27 22.25 -115.12
CA LEU MA 29 11.10 22.95 -116.15
C LEU MA 29 10.20 23.38 -117.31
N ASP MA 30 10.29 24.66 -117.71
CA ASP MA 30 9.61 25.23 -118.90
C ASP MA 30 10.50 24.98 -120.12
N PRO MA 31 10.29 23.92 -120.94
CA PRO MA 31 11.29 23.48 -121.92
C PRO MA 31 11.73 24.56 -122.92
N ALA MA 32 10.97 25.66 -123.02
CA ALA MA 32 11.34 26.88 -123.76
C ALA MA 32 12.62 27.49 -123.17
N LYS MA 33 12.64 27.69 -121.84
CA LYS MA 33 13.78 28.30 -121.09
C LYS MA 33 14.98 27.35 -121.13
N VAL MA 34 14.75 26.03 -121.08
CA VAL MA 34 15.83 24.98 -121.18
C VAL MA 34 16.51 25.13 -122.55
N GLN MA 35 15.73 24.96 -123.63
CA GLN MA 35 16.20 25.05 -125.04
C GLN MA 35 16.95 26.37 -125.25
N SER MA 36 16.41 27.48 -124.73
CA SER MA 36 17.00 28.84 -124.80
C SER MA 36 18.41 28.85 -124.18
N LEU MA 37 18.57 28.30 -122.98
CA LEU MA 37 19.87 28.25 -122.24
C LEU MA 37 20.84 27.30 -122.96
N VAL MA 38 20.35 26.17 -123.49
CA VAL MA 38 21.17 25.17 -124.23
C VAL MA 38 21.95 25.90 -125.33
N ASP MA 39 21.30 26.85 -126.00
CA ASP MA 39 21.90 27.64 -127.12
C ASP MA 39 22.92 28.62 -126.55
N THR MA 40 22.57 29.35 -125.49
CA THR MA 40 23.45 30.34 -124.82
C THR MA 40 24.71 29.66 -124.27
N ILE MA 41 24.65 28.35 -123.97
CA ILE MA 41 25.81 27.57 -123.41
C ILE MA 41 26.79 27.24 -124.56
N ARG MA 42 26.28 26.81 -125.72
CA ARG MA 42 27.08 26.50 -126.94
C ARG MA 42 27.65 27.80 -127.51
N GLU MA 43 26.83 28.84 -127.63
CA GLU MA 43 27.20 30.15 -128.25
C GLU MA 43 28.11 30.95 -127.31
N ASP MA 44 27.73 31.12 -126.02
CA ASP MA 44 28.42 32.04 -125.08
C ASP MA 44 28.43 31.45 -123.66
N PRO MA 45 29.28 30.43 -123.38
CA PRO MA 45 29.43 29.90 -122.02
C PRO MA 45 29.49 30.94 -120.89
N ASP MA 46 30.22 32.05 -121.07
CA ASP MA 46 30.47 33.04 -119.99
C ASP MA 46 29.22 33.89 -119.71
N SER MA 47 28.15 33.77 -120.50
CA SER MA 47 26.81 34.36 -120.22
C SER MA 47 26.22 33.74 -118.93
N VAL MA 48 26.28 32.40 -118.84
CA VAL MA 48 25.52 31.56 -117.85
C VAL MA 48 26.28 31.53 -116.53
N PRO MA 49 25.76 32.12 -115.44
CA PRO MA 49 26.41 32.02 -114.13
C PRO MA 49 26.66 30.56 -113.75
N PRO MA 50 27.63 30.31 -112.85
CA PRO MA 50 27.77 28.98 -112.26
C PRO MA 50 26.64 28.76 -111.25
N ILE MA 51 26.24 27.51 -111.03
CA ILE MA 51 25.18 27.14 -110.05
C ILE MA 51 25.78 27.18 -108.64
N ASP MA 52 24.93 27.29 -107.62
CA ASP MA 52 25.37 27.29 -106.20
C ASP MA 52 25.13 25.88 -105.66
N VAL MA 53 26.19 25.16 -105.31
CA VAL MA 53 26.01 23.81 -104.68
C VAL MA 53 26.45 23.91 -103.22
N LEU MA 54 25.69 23.26 -102.34
CA LEU MA 54 25.99 23.15 -100.90
C LEU MA 54 26.93 21.96 -100.72
N TRP MA 55 28.07 22.20 -100.10
CA TRP MA 55 29.04 21.15 -99.72
C TRP MA 55 28.84 20.86 -98.24
N ILE MA 56 28.35 19.67 -97.92
CA ILE MA 56 27.97 19.27 -96.54
C ILE MA 56 28.79 18.03 -96.17
N LYS MA 57 29.42 18.08 -94.99
CA LYS MA 57 30.18 16.95 -94.41
C LYS MA 57 29.24 16.12 -93.54
N GLY MA 58 29.26 14.79 -93.70
CA GLY MA 58 28.54 13.83 -92.84
C GLY MA 58 29.15 13.72 -91.46
N ALA MA 59 28.61 12.83 -90.61
CA ALA MA 59 29.00 12.65 -89.19
C ALA MA 59 30.40 12.03 -89.10
N GLN MA 60 30.82 11.26 -90.12
CA GLN MA 60 32.17 10.64 -90.21
C GLN MA 60 33.01 11.34 -91.29
N GLY MA 61 32.66 12.57 -91.69
CA GLY MA 61 33.48 13.41 -92.58
C GLY MA 61 33.25 13.14 -94.07
N GLY MA 62 32.36 12.21 -94.43
CA GLY MA 62 31.97 11.96 -95.85
C GLY MA 62 31.48 13.22 -96.54
N ASP MA 63 31.89 13.45 -97.78
CA ASP MA 63 31.52 14.68 -98.54
C ASP MA 63 30.24 14.43 -99.35
N TYR MA 64 29.30 15.38 -99.33
CA TYR MA 64 28.07 15.38 -100.15
C TYR MA 64 27.87 16.76 -100.80
N PHE MA 65 27.54 16.77 -102.10
CA PHE MA 65 27.34 18.01 -102.88
C PHE MA 65 25.88 18.09 -103.35
N TYR MA 66 25.14 19.05 -102.81
CA TYR MA 66 23.67 19.20 -102.98
C TYR MA 66 23.43 20.38 -103.92
N SER MA 67 22.66 20.18 -104.99
CA SER MA 67 22.18 21.25 -105.90
C SER MA 67 20.66 21.35 -105.78
N PHE MA 68 20.18 22.48 -105.29
CA PHE MA 68 18.73 22.79 -105.09
C PHE MA 68 18.29 23.84 -106.11
N GLY MA 69 19.26 24.58 -106.68
CA GLY MA 69 19.04 25.74 -107.54
C GLY MA 69 19.53 25.48 -108.94
N GLY MA 70 19.49 26.50 -109.79
CA GLY MA 70 19.87 26.43 -111.22
C GLY MA 70 19.17 25.27 -111.91
N CYS MA 71 17.88 25.11 -111.67
CA CYS MA 71 17.04 23.98 -112.16
C CYS MA 71 17.14 23.94 -113.69
N HIS MA 72 16.97 25.10 -114.35
CA HIS MA 72 17.01 25.24 -115.83
C HIS MA 72 18.44 25.04 -116.33
N ARG MA 73 19.40 25.77 -115.75
CA ARG MA 73 20.85 25.64 -116.09
C ARG MA 73 21.26 24.16 -116.02
N TYR MA 74 20.98 23.45 -114.92
CA TYR MA 74 21.37 22.03 -114.76
C TYR MA 74 20.78 21.21 -115.91
N ALA MA 75 19.50 21.43 -116.21
CA ALA MA 75 18.73 20.68 -117.25
C ALA MA 75 19.41 20.85 -118.61
N ALA MA 76 19.85 22.08 -118.90
CA ALA MA 76 20.54 22.47 -120.15
C ALA MA 76 21.84 21.67 -120.32
N TYR MA 77 22.74 21.73 -119.33
CA TYR MA 77 24.02 20.97 -119.34
C TYR MA 77 23.73 19.46 -119.40
N GLN MA 78 22.59 19.01 -118.86
CA GLN MA 78 22.21 17.56 -118.90
C GLN MA 78 21.84 17.17 -120.34
N GLN MA 79 21.08 18.02 -121.04
CA GLN MA 79 20.67 17.84 -122.47
C GLN MA 79 21.93 17.74 -123.34
N LEU MA 80 22.88 18.67 -123.17
CA LEU MA 80 24.19 18.71 -123.88
C LEU MA 80 25.12 17.58 -123.40
N GLN MA 81 24.58 16.57 -122.69
CA GLN MA 81 25.31 15.43 -122.07
C GLN MA 81 26.73 15.81 -121.66
N ARG MA 82 26.94 17.00 -121.07
CA ARG MA 82 28.24 17.48 -120.54
C ARG MA 82 28.63 16.64 -119.31
N GLU MA 83 29.94 16.50 -119.07
CA GLU MA 83 30.49 15.73 -117.92
C GLU MA 83 30.42 16.62 -116.67
N THR MA 84 30.65 17.93 -116.82
CA THR MA 84 30.72 18.90 -115.68
C THR MA 84 29.91 20.16 -115.97
N ILE MA 85 29.59 20.88 -114.89
CA ILE MA 85 28.92 22.21 -114.89
C ILE MA 85 29.74 23.15 -114.01
N PRO MA 86 29.96 24.40 -114.48
CA PRO MA 86 30.50 25.46 -113.62
C PRO MA 86 29.62 25.66 -112.38
N ALA MA 87 30.23 25.65 -111.19
CA ALA MA 87 29.54 25.80 -109.89
C ALA MA 87 30.43 26.48 -108.85
N LYS MA 88 29.84 27.33 -107.99
CA LYS MA 88 30.49 27.85 -106.77
C LYS MA 88 30.04 26.97 -105.61
N LEU MA 89 30.99 26.46 -104.83
CA LEU MA 89 30.71 25.60 -103.63
C LEU MA 89 30.53 26.50 -102.40
N VAL MA 90 29.51 26.21 -101.60
CA VAL MA 90 29.22 26.90 -100.31
C VAL MA 90 29.19 25.81 -99.23
N GLN MA 91 30.17 25.84 -98.33
CA GLN MA 91 30.22 24.88 -97.20
C GLN MA 91 29.02 25.17 -96.31
N SER MA 92 28.32 24.14 -95.85
CA SER MA 92 27.11 24.28 -95.02
C SER MA 92 27.00 23.11 -94.03
N THR MA 93 25.99 23.15 -93.18
CA THR MA 93 25.83 22.23 -92.03
C THR MA 93 24.71 21.25 -92.35
N LEU MA 94 24.62 20.16 -91.59
CA LEU MA 94 23.51 19.18 -91.71
C LEU MA 94 22.20 19.88 -91.32
N SER MA 95 22.26 20.93 -90.49
CA SER MA 95 21.08 21.67 -89.98
C SER MA 95 20.52 22.60 -91.07
N ASP MA 96 21.39 23.16 -91.93
CA ASP MA 96 20.98 23.90 -93.14
C ASP MA 96 20.18 22.93 -94.04
N LEU MA 97 20.67 21.71 -94.22
CA LEU MA 97 20.07 20.73 -95.17
C LEU MA 97 18.64 20.37 -94.74
N ARG MA 98 18.36 20.41 -93.43
CA ARG MA 98 17.06 20.00 -92.86
C ARG MA 98 15.95 20.97 -93.31
N VAL MA 99 16.31 22.23 -93.57
CA VAL MA 99 15.39 23.30 -94.06
C VAL MA 99 14.87 22.92 -95.46
N TYR MA 100 15.67 22.23 -96.25
CA TYR MA 100 15.35 21.92 -97.66
C TYR MA 100 14.57 20.60 -97.74
N LEU MA 101 14.91 19.61 -96.90
CA LEU MA 101 14.49 18.19 -97.06
C LEU MA 101 13.51 17.75 -95.97
N GLY MA 102 13.43 18.46 -94.85
CA GLY MA 102 12.55 18.07 -93.73
C GLY MA 102 12.80 16.64 -93.32
N ALA MA 103 11.76 15.81 -93.35
CA ALA MA 103 11.82 14.42 -92.86
C ALA MA 103 12.43 13.51 -93.93
N SER MA 104 12.78 14.05 -95.10
CA SER MA 104 13.57 13.36 -96.15
C SER MA 104 15.08 13.53 -95.89
N THR MA 105 15.48 14.43 -94.99
CA THR MA 105 16.90 14.65 -94.61
C THR MA 105 17.51 13.32 -94.20
N PRO MA 106 18.57 12.84 -94.88
CA PRO MA 106 19.19 11.57 -94.52
C PRO MA 106 20.22 11.75 -93.39
N ASP MA 107 20.59 10.63 -92.78
CA ASP MA 107 21.58 10.60 -91.66
C ASP MA 107 22.97 10.48 -92.27
N LEU MA 108 23.52 11.59 -92.74
CA LEU MA 108 24.74 11.60 -93.59
C LEU MA 108 25.95 11.15 -92.74
N GLN MA 109 26.71 10.19 -93.28
CA GLN MA 109 27.98 9.69 -92.68
C GLN MA 109 29.16 10.23 -93.51
N MET NA 3 -34.87 -1.77 -104.47
CA MET NA 3 -35.60 -0.67 -103.76
C MET NA 3 -34.70 -0.02 -102.68
N SER NA 4 -34.10 1.13 -103.02
CA SER NA 4 -33.31 2.12 -102.23
C SER NA 4 -33.33 1.92 -100.70
N ILE NA 5 -32.20 2.13 -100.02
CA ILE NA 5 -32.08 2.11 -98.52
C ILE NA 5 -32.06 3.57 -97.99
N HIS NA 6 -32.64 4.53 -98.72
CA HIS NA 6 -32.95 5.90 -98.22
C HIS NA 6 -34.47 6.13 -98.17
N SER NA 7 -35.25 5.36 -98.94
CA SER NA 7 -36.71 5.57 -99.12
C SER NA 7 -37.46 4.23 -99.28
N GLY NA 8 -36.96 3.15 -98.68
CA GLY NA 8 -37.62 1.84 -98.63
C GLY NA 8 -39.00 1.89 -97.98
N ARG NA 9 -39.12 2.51 -96.79
CA ARG NA 9 -40.39 2.59 -96.01
C ARG NA 9 -41.20 3.84 -96.44
N ILE NA 10 -41.14 4.25 -97.73
CA ILE NA 10 -41.90 5.39 -98.32
C ILE NA 10 -42.59 4.92 -99.61
N ALA NA 11 -43.92 4.83 -99.59
CA ALA NA 11 -44.76 4.41 -100.75
C ALA NA 11 -44.51 5.37 -101.94
N ALA NA 12 -44.71 6.67 -101.73
CA ALA NA 12 -45.04 7.67 -102.77
C ALA NA 12 -43.81 8.01 -103.63
N VAL NA 13 -43.91 7.72 -104.93
CA VAL NA 13 -42.98 8.23 -105.99
C VAL NA 13 -43.64 9.43 -106.67
N HIS NA 14 -42.92 10.54 -106.81
CA HIS NA 14 -43.43 11.77 -107.45
C HIS NA 14 -42.65 12.06 -108.74
N ASN NA 15 -43.28 12.84 -109.62
CA ASN NA 15 -42.66 13.40 -110.84
C ASN NA 15 -42.19 14.81 -110.49
N VAL NA 16 -40.94 14.91 -110.08
CA VAL NA 16 -40.34 16.19 -109.59
C VAL NA 16 -39.73 16.90 -110.78
N PRO NA 17 -40.16 18.14 -111.07
CA PRO NA 17 -39.56 18.93 -112.13
C PRO NA 17 -38.06 19.16 -111.86
N LEU NA 18 -37.20 18.80 -112.83
CA LEU NA 18 -35.72 18.97 -112.76
C LEU NA 18 -35.37 20.39 -112.31
N SER NA 19 -36.21 21.37 -112.64
CA SER NA 19 -35.96 22.80 -112.40
C SER NA 19 -36.18 23.21 -110.95
N VAL NA 20 -36.69 22.34 -110.06
CA VAL NA 20 -36.88 22.70 -108.62
C VAL NA 20 -35.88 21.96 -107.73
N LEU NA 21 -35.26 20.90 -108.25
CA LEU NA 21 -34.17 20.17 -107.55
C LEU NA 21 -32.96 21.09 -107.44
N ILE NA 22 -32.47 21.29 -106.22
CA ILE NA 22 -31.17 21.96 -105.90
C ILE NA 22 -30.10 20.87 -105.86
N ARG NA 23 -29.13 20.90 -106.76
CA ARG NA 23 -27.96 19.98 -106.73
C ARG NA 23 -26.70 20.80 -106.50
N PRO NA 24 -26.30 21.02 -105.24
CA PRO NA 24 -25.25 21.97 -104.91
C PRO NA 24 -23.84 21.34 -104.86
N LEU NA 25 -23.75 20.01 -105.03
CA LEU NA 25 -22.46 19.29 -105.03
C LEU NA 25 -22.06 19.02 -106.47
N PRO NA 26 -20.82 19.37 -106.88
CA PRO NA 26 -20.39 19.11 -108.25
C PRO NA 26 -20.35 17.58 -108.48
N SER NA 27 -20.67 17.16 -109.69
CA SER NA 27 -20.75 15.74 -110.14
C SER NA 27 -19.52 15.41 -110.99
N VAL NA 28 -18.83 14.29 -110.69
CA VAL NA 28 -17.82 13.67 -111.59
C VAL NA 28 -18.53 12.49 -112.28
N LEU NA 29 -19.05 12.73 -113.49
CA LEU NA 29 -19.89 11.78 -114.27
C LEU NA 29 -19.01 11.04 -115.29
N ASP NA 30 -19.11 9.71 -115.32
CA ASP NA 30 -18.45 8.84 -116.32
C ASP NA 30 -19.33 8.73 -117.57
N PRO NA 31 -19.13 9.52 -118.64
CA PRO NA 31 -20.16 9.73 -119.66
C PRO NA 31 -20.63 8.43 -120.34
N ALA NA 32 -19.87 7.34 -120.19
CA ALA NA 32 -20.25 5.95 -120.57
C ALA NA 32 -21.51 5.53 -119.81
N LYS NA 33 -21.52 5.70 -118.47
CA LYS NA 33 -22.64 5.30 -117.57
C LYS NA 33 -23.85 6.21 -117.84
N VAL NA 34 -23.62 7.51 -118.16
CA VAL NA 34 -24.70 8.48 -118.51
C VAL NA 34 -25.39 7.99 -119.78
N GLN NA 35 -24.64 7.86 -120.88
CA GLN NA 35 -25.11 7.40 -122.22
C GLN NA 35 -25.87 6.08 -122.05
N SER NA 36 -25.32 5.14 -121.27
CA SER NA 36 -25.91 3.81 -120.96
C SER NA 36 -27.31 3.97 -120.35
N LEU NA 37 -27.46 4.81 -119.33
CA LEU NA 37 -28.75 5.06 -118.62
C LEU NA 37 -29.72 5.79 -119.55
N VAL NA 38 -29.24 6.73 -120.37
CA VAL NA 38 -30.07 7.51 -121.33
C VAL NA 38 -30.87 6.51 -122.18
N ASP NA 39 -30.23 5.41 -122.60
CA ASP NA 39 -30.84 4.36 -123.45
C ASP NA 39 -31.85 3.56 -122.63
N THR NA 40 -31.48 3.14 -121.42
CA THR NA 40 -32.35 2.36 -120.50
C THR NA 40 -33.60 3.17 -120.14
N ILE NA 41 -33.55 4.51 -120.18
CA ILE NA 41 -34.70 5.41 -119.86
C ILE NA 41 -35.70 5.42 -121.02
N ARG NA 42 -35.19 5.53 -122.26
CA ARG NA 42 -36.01 5.52 -123.52
C ARG NA 42 -36.60 4.10 -123.71
N GLU NA 43 -35.77 3.06 -123.55
CA GLU NA 43 -36.15 1.64 -123.78
C GLU NA 43 -37.05 1.13 -122.64
N ASP NA 44 -36.66 1.32 -121.38
CA ASP NA 44 -37.33 0.68 -120.20
C ASP NA 44 -37.32 1.64 -118.99
N PRO NA 45 -38.16 2.71 -118.98
CA PRO NA 45 -38.25 3.60 -117.81
C PRO NA 45 -38.29 2.90 -116.44
N ASP NA 46 -39.03 1.79 -116.29
CA ASP NA 46 -39.26 1.14 -114.97
C ASP NA 46 -38.00 0.38 -114.51
N SER NA 47 -36.95 0.27 -115.32
CA SER NA 47 -35.62 -0.24 -114.91
C SER NA 47 -35.00 0.69 -113.87
N VAL NA 48 -35.04 2.01 -114.12
CA VAL NA 48 -34.26 3.07 -113.41
C VAL NA 48 -35.01 3.46 -112.13
N PRO NA 49 -34.47 3.16 -110.92
CA PRO NA 49 -35.10 3.61 -109.68
C PRO NA 49 -35.35 5.12 -109.69
N PRO NA 50 -36.29 5.59 -108.86
CA PRO NA 50 -36.44 7.03 -108.64
C PRO NA 50 -35.29 7.51 -107.74
N ILE NA 51 -34.89 8.78 -107.88
CA ILE NA 51 -33.81 9.39 -107.05
C ILE NA 51 -34.38 9.74 -105.67
N ASP NA 52 -33.52 9.91 -104.67
CA ASP NA 52 -33.93 10.31 -103.31
C ASP NA 52 -33.68 11.80 -103.17
N VAL NA 53 -34.73 12.60 -102.99
CA VAL NA 53 -34.54 14.06 -102.74
C VAL NA 53 -34.96 14.35 -101.30
N LEU NA 54 -34.19 15.22 -100.64
CA LEU NA 54 -34.48 15.72 -99.28
C LEU NA 54 -35.40 16.91 -99.42
N TRP NA 55 -36.54 16.86 -98.75
CA TRP NA 55 -37.50 17.99 -98.63
C TRP NA 55 -37.26 18.67 -97.30
N ILE NA 56 -36.76 19.90 -97.33
CA ILE NA 56 -36.35 20.67 -96.13
C ILE NA 56 -37.16 21.97 -96.10
N LYS NA 57 -37.76 22.25 -94.94
CA LYS NA 57 -38.54 23.50 -94.67
C LYS NA 57 -37.57 24.54 -94.10
N GLY NA 58 -37.62 25.76 -94.62
CA GLY NA 58 -36.87 26.93 -94.08
C GLY NA 58 -37.45 27.43 -92.77
N ALA NA 59 -36.89 28.52 -92.23
CA ALA NA 59 -37.25 29.10 -90.90
C ALA NA 59 -38.66 29.70 -90.95
N GLN NA 60 -39.09 30.16 -92.14
CA GLN NA 60 -40.44 30.75 -92.37
C GLN NA 60 -41.30 29.79 -93.20
N GLY NA 61 -40.96 28.49 -93.25
CA GLY NA 61 -41.80 27.46 -93.86
C GLY NA 61 -41.62 27.29 -95.37
N GLY NA 62 -40.73 28.06 -96.00
CA GLY NA 62 -40.37 27.91 -97.43
C GLY NA 62 -39.89 26.50 -97.73
N ASP NA 63 -40.34 25.91 -98.85
CA ASP NA 63 -39.98 24.53 -99.24
C ASP NA 63 -38.72 24.53 -100.11
N TYR NA 64 -37.78 23.61 -99.85
CA TYR NA 64 -36.57 23.39 -100.68
C TYR NA 64 -36.37 21.88 -100.92
N PHE NA 65 -36.06 21.52 -102.16
CA PHE NA 65 -35.88 20.10 -102.58
C PHE NA 65 -34.43 19.91 -103.03
N TYR NA 66 -33.67 19.13 -102.26
CA TYR NA 66 -32.21 18.94 -102.41
C TYR NA 66 -31.99 17.54 -103.00
N SER NA 67 -31.24 17.44 -104.10
CA SER NA 67 -30.77 16.15 -104.68
C SER NA 67 -29.25 16.07 -104.56
N PHE NA 68 -28.76 15.11 -103.78
CA PHE NA 68 -27.32 14.87 -103.52
C PHE NA 68 -26.86 13.60 -104.23
N GLY NA 69 -27.81 12.74 -104.59
CA GLY NA 69 -27.57 11.41 -105.17
C GLY NA 69 -28.13 11.31 -106.56
N GLY NA 70 -28.16 10.10 -107.12
CA GLY NA 70 -28.57 9.80 -108.50
C GLY NA 70 -27.89 10.72 -109.49
N CYS NA 71 -26.58 10.92 -109.33
CA CYS NA 71 -25.77 11.89 -110.12
C CYS NA 71 -25.90 11.53 -111.60
N HIS NA 72 -25.74 10.23 -111.93
CA HIS NA 72 -25.81 9.70 -113.31
C HIS NA 72 -27.26 9.75 -113.82
N ARG NA 73 -28.20 9.20 -113.05
CA ARG NA 73 -29.65 9.24 -113.38
C ARG NA 73 -30.08 10.68 -113.69
N TYR NA 74 -29.77 11.66 -112.84
CA TYR NA 74 -30.16 13.06 -113.06
C TYR NA 74 -29.61 13.53 -114.41
N ALA NA 75 -28.33 13.25 -114.67
CA ALA NA 75 -27.60 13.70 -115.87
C ALA NA 75 -28.29 13.17 -117.12
N ALA NA 76 -28.73 11.90 -117.07
CA ALA NA 76 -29.44 11.18 -118.16
C ALA NA 76 -30.75 11.90 -118.50
N TYR NA 77 -31.64 12.10 -117.52
CA TYR NA 77 -32.93 12.82 -117.72
C TYR NA 77 -32.64 14.26 -118.19
N GLN NA 78 -31.51 14.86 -117.81
CA GLN NA 78 -31.15 16.24 -118.23
C GLN NA 78 -30.80 16.24 -119.73
N GLN NA 79 -30.03 15.24 -120.19
CA GLN NA 79 -29.66 15.05 -121.62
C GLN NA 79 -30.93 14.90 -122.46
N LEU NA 80 -31.87 14.05 -122.04
CA LEU NA 80 -33.19 13.81 -122.71
C LEU NA 80 -34.13 15.02 -122.51
N GLN NA 81 -33.60 16.18 -122.09
CA GLN NA 81 -34.33 17.44 -121.78
C GLN NA 81 -35.75 17.15 -121.26
N ARG NA 82 -35.92 16.16 -120.38
CA ARG NA 82 -37.21 15.82 -119.71
C ARG NA 82 -37.59 16.95 -118.74
N GLU NA 83 -38.89 17.13 -118.50
CA GLU NA 83 -39.44 18.20 -117.61
C GLU NA 83 -39.32 17.72 -116.16
N THR NA 84 -39.55 16.43 -115.92
CA THR NA 84 -39.56 15.79 -114.58
C THR NA 84 -38.74 14.50 -114.54
N ILE NA 85 -38.40 14.10 -113.31
CA ILE NA 85 -37.71 12.83 -112.98
C ILE NA 85 -38.51 12.15 -111.87
N PRO NA 86 -38.73 10.82 -111.96
CA PRO NA 86 -39.23 10.04 -110.83
C PRO NA 86 -38.32 10.19 -109.60
N ALA NA 87 -38.90 10.51 -108.44
CA ALA NA 87 -38.18 10.72 -107.17
C ALA NA 87 -39.04 10.36 -105.95
N LYS NA 88 -38.42 9.79 -104.92
CA LYS NA 88 -39.03 9.62 -103.57
C LYS NA 88 -38.57 10.80 -102.71
N LEU NA 89 -39.51 11.50 -102.08
CA LEU NA 89 -39.22 12.63 -101.15
C LEU NA 89 -39.00 12.11 -99.73
N VAL NA 90 -37.97 12.61 -99.06
CA VAL NA 90 -37.66 12.31 -97.63
C VAL NA 90 -37.62 13.63 -96.88
N GLN NA 91 -38.58 13.86 -96.00
CA GLN NA 91 -38.62 15.09 -95.17
C GLN NA 91 -37.41 15.06 -94.25
N SER NA 92 -36.71 16.18 -94.10
CA SER NA 92 -35.49 16.27 -93.26
C SER NA 92 -35.36 17.68 -92.67
N THR NA 93 -34.33 17.89 -91.86
CA THR NA 93 -34.14 19.10 -91.03
C THR NA 93 -33.04 19.96 -91.66
N LEU NA 94 -32.94 21.20 -91.26
CA LEU NA 94 -31.82 22.11 -91.67
C LEU NA 94 -30.51 21.56 -91.09
N SER NA 95 -30.56 20.79 -89.99
CA SER NA 95 -29.38 20.21 -89.31
C SER NA 95 -28.83 19.02 -90.11
N ASP NA 96 -29.71 18.24 -90.75
CA ASP NA 96 -29.31 17.19 -91.71
C ASP NA 96 -28.53 17.86 -92.86
N LEU NA 97 -29.02 18.98 -93.38
CA LEU NA 97 -28.45 19.65 -94.58
C LEU NA 97 -27.02 20.10 -94.28
N ARG NA 98 -26.71 20.43 -93.03
CA ARG NA 98 -25.39 21.00 -92.62
C ARG NA 98 -24.30 19.93 -92.79
N VAL NA 99 -24.65 18.65 -92.68
CA VAL NA 99 -23.74 17.48 -92.86
C VAL NA 99 -23.25 17.44 -94.32
N TYR NA 100 -24.07 17.89 -95.27
CA TYR NA 100 -23.76 17.80 -96.71
C TYR NA 100 -22.99 19.04 -97.17
N LEU NA 101 -23.31 20.22 -96.62
CA LEU NA 101 -22.90 21.54 -97.19
C LEU NA 101 -21.90 22.28 -96.30
N GLY NA 102 -21.81 21.91 -95.02
CA GLY NA 102 -20.91 22.59 -94.07
C GLY NA 102 -21.14 24.08 -94.07
N ALA NA 103 -20.11 24.86 -94.35
CA ALA NA 103 -20.15 26.34 -94.28
C ALA NA 103 -20.78 26.91 -95.54
N SER NA 104 -21.16 26.06 -96.50
CA SER NA 104 -21.97 26.43 -97.70
C SER NA 104 -23.47 26.36 -97.37
N THR NA 105 -23.85 25.74 -96.24
CA THR NA 105 -25.27 25.62 -95.80
C THR NA 105 -25.87 27.03 -95.76
N PRO NA 106 -26.95 27.30 -96.53
CA PRO NA 106 -27.56 28.62 -96.51
C PRO NA 106 -28.57 28.76 -95.36
N ASP NA 107 -28.94 30.00 -95.05
CA ASP NA 107 -29.90 30.32 -93.97
C ASP NA 107 -31.30 30.28 -94.57
N LEU NA 108 -31.86 29.09 -94.70
CA LEU NA 108 -33.10 28.86 -95.50
C LEU NA 108 -34.28 29.53 -94.80
N GLN NA 109 -35.07 30.30 -95.56
CA GLN NA 109 -36.33 30.96 -95.10
C GLN NA 109 -37.51 30.21 -95.71
#